data_8JMM
#
_entry.id   8JMM
#
loop_
_entity.id
_entity.type
_entity.pdbx_description
1 polymer 'Spike glycoprotein'
2 polymer '7F3 Fv'
3 polymer 'GW01 Fv'
#
loop_
_entity_poly.entity_id
_entity_poly.type
_entity_poly.pdbx_seq_one_letter_code
_entity_poly.pdbx_strand_id
1 'polypeptide(L)'
;MPMGSLQPLATLYLLGMLVASVLAQCVNLITRTQSYTNSFTRGVYYPDKVFRSSVLHSTQDLFLPFFSNVTWFHAIHVSG
TNGTKRFDNPVLPFNDGVYFASTEKSNIIRGWIFGTTLDSKTQSLLIVNNATNVVIKVCEFQFCNDPFLDVYQKNNKSWM
ESEFRVYSSANNCTFEYVSQPFLMDLEGKEGNFKNLREFVFKNIDGYFKIYSKHTPINLERDLPQGFSALEPLVDLPIGI
NITRFQTLLALHRSYLTPGDSSSGWTAGAAAYYVGYLQPRTFLLKYNENGTITDAVDCALDPLSETKCTLKSFTVEKGIY
QTSNFRVQPTESIVRFPNITNLCPFHEVFNATTFASVYAWNRKRISNCVADYSVIYNFAPFFAFKCYGVSPTKLNDLCFT
NVYADSFVIRGNEVSQIAPGQTGNIADYNYKLPDDFTGCVIAWNSNKLDSKPSGNYNYLYRLFRKSKLKPFERDISTEIY
QAGNKPCNGVAGSNCYSPLQSYGFRPTYGVGHQPYRVVVLSFELLHAPATVCGPKKSTNLVKNKCVNFNFNGLTGTGVLT
ESNKKFLPFQQFGRDIADTTDAVRDPQTLEILDITPCSFGGVSVITPGTNTSNQVAVLYQGVNCTEVPVAIHADQLTPTW
RVYSTGSNVFQTRAGCLIGAEYVNNSYECDIPIGAGICASYQTQTKSHGSASSVASQSIIAYTMSLGAENSVAYSNNSIA
IPTNFTISVTTEILPVSMTKTSVDCTMYICGDSTECSNLLLQYGSFCTQLKRALTGIAVEQDKNTQEVFAQVKQIYKTPP
IKYFGGFNFSQILPDPSKPSKRSPIEDLLFNKVTLADAGFIKQYGDCLGDIAARDLICAQKFNGLTVLPPLLTDEMIAQY
TSALLAGTITSGWTFGAGPALQIPFPMQMAYRFNGIGVTQNVLYENQKLIANQFNSAIGKIQDSLSSTPSALGKLQDVVN
HNAQALNTLVKQLSSKFGAISSVLNDILSRLDPPEAEVQIDRLITGRLQSLQTYVTQQLIRAAEIRASANLAATKMSECV
LGQSKRVDFCGKGYHLMSFPQSAPHGVVFLHVTYVPAQEKNFTTAPAICHDGKAHFPREGVFVSNGTHWFVTQRNFYEPQ
IITTDNTFVSGNCDVVIGIVNNTVYDPLQPELDSFKEELDKYFKNHTSPDVDLGDISGINASVVNIQKEIDRLNEVAKNL
NESLIDLQELGKYEQGSGYIPEAPRDGQAYVRKDGEWVFLSTFLSGLEVLFQGPGGWSHPQFEKGGGSGGGSGGSAWSHP
QFEKGGSHHHHHHHH
;
A,B,C,D,E,F
2 'polypeptide(L)'
;EIVLTQSPATLSLSPGERATLSCRASQSVSSYLAWYQQKPGQAPRLLIYDASNRATGIPARFSGSGSGTDFTLTISSLEP
EDFAVYYCQQRSNWPQYTFGQGTKLEIKGGGGSGGGGSGGGGSEVQLVESGGGLVKPGRSLRLSCTASGFTFGDYAMSWF
RQAPGKGLEWVGFIRSKAYGGTTEYAASVKGRFTISRDDSKSIAYLQMNSLKTEDTAVYYCTRDRYARYDILTGLSPAGA
DYFYYAMDVWGQGTTVTVSS
;
H,J,N,P,R,L
3 'polypeptide(L)'
;QSVLTQPPSASGTPGQRVTISCSGSSSNIGSNTVNWYQQLPGTAPKLLIYSNNQRPSGVPDRFSGSKSGTSASLAISGLQ
SEDEADYYCAAWDDSLNWVFGGGTKLTVLGGGGSGGGGSGGGGSEVQLVESGGGVVQPGGSLRLSCAASGFRFDDHAMHW
VRQAPGKGLEWVSVISGDGGSTYYADSVKGRFSISRDDSKNSLYLQMNSLRTEDTALYYCAKDRSYGPPDVFNYEYGMDV
WGQGTTVTVSSGS
;
I,K,M,O,Q,G
#
# COMPACT_ATOMS: atom_id res chain seq x y z
N SER A 35 -69.93 89.23 -16.42
CA SER A 35 -70.06 90.67 -16.27
C SER A 35 -71.50 91.06 -15.92
N TYR A 36 -71.68 91.61 -14.72
CA TYR A 36 -73.00 92.03 -14.26
C TYR A 36 -73.03 93.45 -13.72
N THR A 37 -71.92 93.99 -13.24
CA THR A 37 -71.87 95.34 -12.70
C THR A 37 -70.51 95.94 -12.99
N ASN A 38 -70.32 97.18 -12.57
CA ASN A 38 -69.08 97.92 -12.80
C ASN A 38 -68.58 98.52 -11.49
N SER A 39 -67.25 98.62 -11.38
CA SER A 39 -66.58 99.21 -10.22
C SER A 39 -66.04 100.57 -10.64
N PHE A 40 -66.69 101.63 -10.16
CA PHE A 40 -66.34 102.99 -10.54
C PHE A 40 -64.93 103.37 -10.10
N THR A 41 -64.71 103.45 -8.78
CA THR A 41 -63.42 103.86 -8.25
C THR A 41 -63.01 103.02 -7.04
N ARG A 42 -63.45 101.77 -6.99
CA ARG A 42 -63.11 100.87 -5.90
C ARG A 42 -62.05 99.89 -6.36
N GLY A 43 -61.20 99.47 -5.42
CA GLY A 43 -60.15 98.51 -5.74
C GLY A 43 -58.75 99.08 -5.56
N VAL A 44 -58.60 100.05 -4.67
CA VAL A 44 -57.31 100.69 -4.41
C VAL A 44 -56.91 100.38 -2.97
N TYR A 45 -55.67 99.95 -2.79
CA TYR A 45 -55.12 99.63 -1.49
C TYR A 45 -53.77 100.31 -1.31
N TYR A 46 -53.26 100.26 -0.09
CA TYR A 46 -51.94 100.81 0.20
C TYR A 46 -50.86 99.89 -0.36
N PRO A 47 -50.04 100.33 -1.31
CA PRO A 47 -49.02 99.43 -1.87
C PRO A 47 -47.87 99.17 -0.93
N ASP A 48 -47.62 100.06 0.03
CA ASP A 48 -46.52 99.90 0.97
C ASP A 48 -46.87 100.60 2.28
N LYS A 49 -45.95 100.49 3.23
CA LYS A 49 -46.13 101.10 4.55
C LYS A 49 -45.28 102.35 4.70
N VAL A 50 -45.14 103.11 3.62
CA VAL A 50 -44.34 104.32 3.59
C VAL A 50 -45.27 105.50 3.86
N PHE A 51 -44.99 106.24 4.94
CA PHE A 51 -45.80 107.40 5.28
C PHE A 51 -45.52 108.55 4.32
N ARG A 52 -46.57 109.01 3.64
CA ARG A 52 -46.48 110.10 2.70
C ARG A 52 -47.52 111.16 3.04
N SER A 53 -47.09 112.42 3.05
CA SER A 53 -47.93 113.54 3.45
C SER A 53 -47.92 114.61 2.36
N SER A 54 -49.09 114.84 1.76
CA SER A 54 -49.28 115.92 0.78
C SER A 54 -48.33 115.78 -0.41
N VAL A 55 -48.12 114.54 -0.87
CA VAL A 55 -47.28 114.26 -2.02
C VAL A 55 -48.04 113.35 -2.98
N LEU A 56 -47.49 113.23 -4.18
CA LEU A 56 -48.03 112.34 -5.21
C LEU A 56 -46.99 111.31 -5.58
N HIS A 57 -47.39 110.04 -5.54
CA HIS A 57 -46.47 108.93 -5.80
C HIS A 57 -47.10 107.97 -6.80
N SER A 58 -46.27 107.47 -7.72
CA SER A 58 -46.68 106.50 -8.71
C SER A 58 -46.04 105.15 -8.40
N THR A 59 -46.86 104.10 -8.35
CA THR A 59 -46.41 102.77 -7.99
C THR A 59 -46.91 101.78 -9.04
N GLN A 60 -45.99 101.01 -9.61
CA GLN A 60 -46.33 99.99 -10.59
C GLN A 60 -46.58 98.68 -9.85
N ASP A 61 -47.84 98.39 -9.56
CA ASP A 61 -48.21 97.19 -8.82
C ASP A 61 -49.58 96.72 -9.29
N LEU A 62 -49.97 95.54 -8.83
CA LEU A 62 -51.23 94.93 -9.23
C LEU A 62 -52.37 95.64 -8.52
N PHE A 63 -53.12 96.45 -9.26
CA PHE A 63 -54.30 97.14 -8.75
C PHE A 63 -55.52 96.77 -9.57
N LEU A 64 -56.65 97.41 -9.28
CA LEU A 64 -57.89 97.18 -9.99
C LEU A 64 -58.19 98.36 -10.90
N PRO A 65 -58.30 98.15 -12.22
CA PRO A 65 -58.56 99.28 -13.12
C PRO A 65 -59.93 99.90 -12.86
N PHE A 66 -59.99 101.23 -12.95
CA PHE A 66 -61.24 101.93 -12.76
C PHE A 66 -62.18 101.70 -13.94
N PHE A 67 -63.47 101.63 -13.65
CA PHE A 67 -64.52 101.42 -14.64
C PHE A 67 -64.25 100.14 -15.45
N SER A 68 -64.18 99.04 -14.70
CA SER A 68 -63.93 97.72 -15.26
C SER A 68 -65.11 96.79 -14.93
N ASN A 69 -65.04 95.58 -15.46
CA ASN A 69 -66.08 94.59 -15.27
C ASN A 69 -65.77 93.75 -14.03
N VAL A 70 -66.72 93.67 -13.10
CA VAL A 70 -66.59 92.89 -11.88
C VAL A 70 -67.80 91.95 -11.85
N THR A 71 -67.54 90.65 -11.88
CA THR A 71 -68.61 89.67 -11.90
C THR A 71 -69.38 89.67 -10.58
N TRP A 72 -70.69 89.85 -10.68
CA TRP A 72 -71.58 89.87 -9.51
C TRP A 72 -72.24 88.52 -9.30
N PHE A 73 -71.44 87.51 -8.93
CA PHE A 73 -71.95 86.17 -8.71
C PHE A 73 -72.88 86.12 -7.50
N HIS A 74 -74.08 85.57 -7.68
CA HIS A 74 -75.08 85.46 -6.63
C HIS A 74 -75.42 83.99 -6.45
N ALA A 75 -75.18 83.46 -5.25
CA ALA A 75 -75.42 82.03 -4.99
C ALA A 75 -76.29 81.91 -3.73
N ILE A 76 -77.60 81.88 -3.94
CA ILE A 76 -78.56 81.76 -2.85
C ILE A 76 -79.50 80.58 -3.04
N HIS A 77 -79.10 79.56 -3.80
CA HIS A 77 -79.95 78.42 -4.12
C HIS A 77 -80.52 77.76 -2.88
N VAL A 78 -79.66 77.33 -1.96
CA VAL A 78 -80.10 76.67 -0.74
C VAL A 78 -79.92 77.61 0.45
N SER A 79 -80.96 77.75 1.27
CA SER A 79 -80.92 78.58 2.45
C SER A 79 -82.02 78.15 3.41
N GLY A 80 -81.82 78.46 4.69
CA GLY A 80 -82.79 78.17 5.73
C GLY A 80 -82.63 76.81 6.38
N THR A 81 -82.36 75.77 5.59
CA THR A 81 -82.23 74.41 6.10
C THR A 81 -80.74 74.06 6.27
N ASN A 82 -80.47 72.80 6.59
CA ASN A 82 -79.11 72.32 6.77
C ASN A 82 -78.82 71.26 5.72
N GLY A 83 -77.66 70.62 5.84
CA GLY A 83 -77.26 69.61 4.89
C GLY A 83 -77.03 70.21 3.51
N THR A 84 -77.60 69.54 2.51
CA THR A 84 -77.50 69.96 1.11
C THR A 84 -76.03 70.14 0.70
N LYS A 85 -75.26 69.05 0.73
CA LYS A 85 -73.83 69.10 0.44
C LYS A 85 -73.57 69.20 -1.06
N ARG A 86 -74.62 69.47 -1.84
CA ARG A 86 -74.45 69.59 -3.30
C ARG A 86 -75.34 70.74 -3.79
N PHE A 87 -74.78 71.95 -3.84
CA PHE A 87 -75.45 73.07 -4.47
C PHE A 87 -74.81 73.35 -5.83
N ASP A 88 -75.18 74.46 -6.47
CA ASP A 88 -74.69 74.75 -7.80
C ASP A 88 -73.80 76.00 -7.83
N ASN A 89 -72.48 75.80 -7.82
CA ASN A 89 -71.53 76.89 -7.95
C ASN A 89 -70.21 76.37 -8.54
N PRO A 90 -69.62 77.10 -9.48
CA PRO A 90 -68.34 76.65 -10.06
C PRO A 90 -67.13 77.14 -9.29
N VAL A 91 -65.94 76.70 -9.68
CA VAL A 91 -64.70 77.16 -9.07
C VAL A 91 -64.21 78.39 -9.82
N LEU A 92 -63.59 79.32 -9.10
CA LEU A 92 -63.15 80.56 -9.71
C LEU A 92 -61.63 80.58 -9.85
N PRO A 93 -61.10 81.00 -10.99
CA PRO A 93 -59.64 81.05 -11.16
C PRO A 93 -59.04 82.24 -10.46
N PHE A 94 -57.74 82.12 -10.15
CA PHE A 94 -56.97 83.16 -9.47
C PHE A 94 -55.65 83.33 -10.20
N ASN A 95 -55.63 84.23 -11.18
CA ASN A 95 -54.44 84.44 -12.00
C ASN A 95 -53.38 85.21 -11.23
N ASP A 96 -53.69 86.46 -10.84
CA ASP A 96 -52.75 87.29 -10.10
C ASP A 96 -53.37 88.00 -8.90
N GLY A 97 -54.68 88.22 -8.88
CA GLY A 97 -55.30 88.90 -7.78
C GLY A 97 -56.76 89.16 -8.07
N VAL A 98 -57.56 89.18 -7.00
CA VAL A 98 -59.00 89.36 -7.10
C VAL A 98 -59.46 90.39 -6.09
N TYR A 99 -60.53 91.09 -6.44
CA TYR A 99 -61.20 92.03 -5.56
C TYR A 99 -62.52 91.45 -5.09
N PHE A 100 -62.62 91.21 -3.78
CA PHE A 100 -63.77 90.51 -3.22
C PHE A 100 -64.56 91.49 -2.35
N ALA A 101 -65.62 92.05 -2.90
CA ALA A 101 -66.57 92.85 -2.15
C ALA A 101 -67.85 92.04 -1.95
N SER A 102 -68.53 92.31 -0.83
CA SER A 102 -69.73 91.56 -0.48
C SER A 102 -70.68 92.36 0.40
N THR A 103 -71.97 92.29 0.10
CA THR A 103 -72.99 92.97 0.88
C THR A 103 -73.76 92.03 1.79
N GLU A 104 -73.12 90.97 2.29
CA GLU A 104 -73.76 90.02 3.20
C GLU A 104 -74.25 90.73 4.46
N LYS A 105 -75.42 90.32 4.95
CA LYS A 105 -76.02 91.05 6.07
C LYS A 105 -75.43 90.64 7.40
N SER A 106 -75.66 89.40 7.84
CA SER A 106 -75.20 89.01 9.18
C SER A 106 -74.06 88.00 9.15
N ASN A 107 -74.27 86.83 8.53
CA ASN A 107 -73.30 85.75 8.61
C ASN A 107 -73.18 84.98 7.30
N ILE A 108 -73.58 85.59 6.17
CA ILE A 108 -73.58 84.86 4.90
C ILE A 108 -72.16 84.47 4.50
N ILE A 109 -71.27 85.46 4.40
CA ILE A 109 -69.89 85.19 4.02
C ILE A 109 -69.09 84.83 5.28
N ARG A 110 -68.57 83.60 5.31
CA ARG A 110 -67.83 83.12 6.47
C ARG A 110 -66.55 82.42 6.04
N GLY A 111 -65.80 83.03 5.12
CA GLY A 111 -64.50 82.51 4.76
C GLY A 111 -64.28 82.26 3.29
N TRP A 112 -63.08 81.80 2.94
CA TRP A 112 -62.72 81.51 1.56
C TRP A 112 -61.89 80.23 1.52
N ILE A 113 -61.69 79.72 0.31
CA ILE A 113 -60.88 78.53 0.09
C ILE A 113 -59.97 78.76 -1.12
N PHE A 114 -58.67 78.55 -0.93
CA PHE A 114 -57.68 78.76 -1.98
C PHE A 114 -56.99 77.44 -2.32
N GLY A 115 -56.14 77.49 -3.33
CA GLY A 115 -55.42 76.32 -3.78
C GLY A 115 -55.24 76.34 -5.29
N THR A 116 -54.58 75.31 -5.79
CA THR A 116 -54.37 75.12 -7.22
C THR A 116 -54.92 73.81 -7.74
N THR A 117 -54.77 72.72 -6.98
CA THR A 117 -55.33 71.43 -7.35
C THR A 117 -56.57 71.05 -6.53
N LEU A 118 -56.59 71.41 -5.25
CA LEU A 118 -57.77 71.23 -4.38
C LEU A 118 -58.13 69.76 -4.17
N ASP A 119 -57.30 68.84 -4.66
CA ASP A 119 -57.57 67.42 -4.44
C ASP A 119 -56.29 66.75 -3.93
N SER A 120 -56.08 66.84 -2.62
CA SER A 120 -55.02 66.14 -1.89
C SER A 120 -53.68 66.08 -2.62
N LYS A 121 -53.27 67.18 -3.26
CA LYS A 121 -52.00 67.19 -3.97
C LYS A 121 -51.19 68.44 -3.67
N THR A 122 -51.87 69.53 -3.28
CA THR A 122 -51.19 70.78 -3.02
C THR A 122 -51.82 71.44 -1.80
N GLN A 123 -51.04 72.33 -1.16
CA GLN A 123 -51.52 73.03 0.01
C GLN A 123 -52.64 73.99 -0.37
N SER A 124 -53.46 74.33 0.63
CA SER A 124 -54.59 75.23 0.43
C SER A 124 -54.55 76.38 1.42
N LEU A 125 -55.60 77.18 1.47
CA LEU A 125 -55.64 78.31 2.40
C LEU A 125 -57.06 78.58 2.86
N LEU A 126 -57.41 78.10 4.04
CA LEU A 126 -58.75 78.33 4.57
C LEU A 126 -58.75 79.58 5.46
N ILE A 127 -59.70 80.48 5.18
CA ILE A 127 -59.85 81.71 5.93
C ILE A 127 -61.25 81.75 6.52
N VAL A 128 -61.77 80.57 6.89
CA VAL A 128 -63.11 80.42 7.42
C VAL A 128 -63.33 81.38 8.59
N ASN A 129 -64.39 82.19 8.50
CA ASN A 129 -64.70 83.19 9.52
C ASN A 129 -65.55 82.55 10.62
N ASN A 130 -65.51 83.19 11.79
CA ASN A 130 -66.16 82.69 12.99
C ASN A 130 -66.17 83.79 14.03
N ALA A 131 -67.04 83.66 15.03
CA ALA A 131 -67.15 84.65 16.08
C ALA A 131 -65.86 84.71 16.90
N THR A 132 -65.33 85.92 17.05
CA THR A 132 -64.22 86.26 17.95
C THR A 132 -62.90 85.66 17.51
N ASN A 133 -62.91 84.83 16.47
CA ASN A 133 -61.68 84.21 15.97
C ASN A 133 -61.91 83.76 14.54
N VAL A 134 -60.83 83.77 13.75
CA VAL A 134 -60.87 83.33 12.37
C VAL A 134 -59.78 82.28 12.15
N VAL A 135 -60.19 81.06 11.80
CA VAL A 135 -59.22 79.98 11.64
C VAL A 135 -58.47 80.15 10.32
N ILE A 136 -57.14 80.12 10.40
CA ILE A 136 -56.28 80.19 9.22
C ILE A 136 -55.35 78.99 9.24
N LYS A 137 -55.29 78.29 8.11
CA LYS A 137 -54.48 77.08 8.01
C LYS A 137 -54.05 76.83 6.57
N VAL A 138 -52.83 76.33 6.38
CA VAL A 138 -52.29 76.07 5.06
C VAL A 138 -52.06 74.57 4.92
N CYS A 139 -52.92 73.78 5.54
CA CYS A 139 -52.79 72.33 5.50
C CYS A 139 -53.29 71.80 4.15
N GLU A 140 -52.66 70.73 3.68
CA GLU A 140 -53.03 70.11 2.41
C GLU A 140 -53.98 68.95 2.66
N PHE A 141 -55.14 68.97 2.00
CA PHE A 141 -56.12 67.90 2.11
C PHE A 141 -57.08 67.98 0.94
N GLN A 142 -58.03 67.04 0.91
CA GLN A 142 -59.00 66.92 -0.17
C GLN A 142 -60.21 67.79 0.10
N PHE A 143 -60.73 68.42 -0.95
CA PHE A 143 -61.92 69.25 -0.88
C PHE A 143 -63.08 68.55 -1.60
N CYS A 144 -64.25 69.15 -1.51
CA CYS A 144 -65.42 68.71 -2.26
C CYS A 144 -65.78 69.76 -3.30
N ASN A 145 -66.64 69.37 -4.26
CA ASN A 145 -66.99 70.27 -5.34
C ASN A 145 -67.83 71.45 -4.86
N ASP A 146 -68.43 71.37 -3.68
CA ASP A 146 -69.25 72.43 -3.11
C ASP A 146 -68.95 72.56 -1.62
N PRO A 147 -67.89 73.27 -1.26
CA PRO A 147 -67.57 73.44 0.18
C PRO A 147 -68.51 74.45 0.82
N PHE A 148 -68.88 74.17 2.08
CA PHE A 148 -69.73 75.05 2.85
C PHE A 148 -69.58 74.70 4.33
N LEU A 149 -69.98 75.64 5.18
CA LEU A 149 -69.92 75.46 6.62
C LEU A 149 -71.34 75.24 7.16
N ASP A 150 -71.55 74.10 7.81
CA ASP A 150 -72.85 73.72 8.33
C ASP A 150 -72.85 73.88 9.85
N VAL A 151 -73.75 74.70 10.36
CA VAL A 151 -73.89 74.89 11.82
C VAL A 151 -75.21 74.25 12.21
N TYR A 152 -75.13 73.28 13.12
CA TYR A 152 -76.31 72.53 13.53
C TYR A 152 -77.12 73.27 14.60
N GLN A 153 -76.47 73.92 15.55
CA GLN A 153 -77.14 74.59 16.67
C GLN A 153 -78.03 73.62 17.43
N MET A 160 -68.47 73.03 19.14
CA MET A 160 -69.89 73.08 18.80
C MET A 160 -70.20 74.28 17.92
N GLU A 161 -71.46 74.35 17.46
CA GLU A 161 -71.94 75.43 16.61
C GLU A 161 -71.11 75.55 15.34
N SER A 162 -70.53 74.44 14.88
CA SER A 162 -69.69 74.43 13.69
C SER A 162 -69.45 73.01 13.21
N GLU A 163 -68.80 72.86 12.06
CA GLU A 163 -68.49 71.55 11.52
C GLU A 163 -67.30 71.62 10.57
N PHE A 164 -66.99 70.51 9.91
CA PHE A 164 -65.87 70.43 8.99
C PHE A 164 -66.32 69.74 7.70
N ARG A 165 -67.48 70.16 7.17
CA ARG A 165 -68.01 69.60 5.94
C ARG A 165 -67.20 69.98 4.71
N VAL A 166 -66.26 70.92 4.84
CA VAL A 166 -65.45 71.37 3.71
C VAL A 166 -64.50 70.25 3.29
N TYR A 167 -63.77 69.70 4.25
CA TYR A 167 -62.78 68.67 3.99
C TYR A 167 -63.18 67.34 4.63
N SER A 168 -62.57 66.26 4.14
CA SER A 168 -62.86 64.94 4.66
C SER A 168 -61.81 64.47 5.65
N SER A 169 -60.55 64.86 5.42
CA SER A 169 -59.46 64.44 6.30
C SER A 169 -58.39 65.51 6.39
N ALA A 170 -57.22 65.16 6.91
CA ALA A 170 -56.13 66.11 7.08
C ALA A 170 -54.78 65.48 6.76
N ASN A 171 -53.71 66.27 6.86
CA ASN A 171 -52.37 65.78 6.57
C ASN A 171 -51.34 66.65 7.27
N ASN A 172 -50.08 66.58 6.84
CA ASN A 172 -49.01 67.38 7.44
C ASN A 172 -49.26 68.84 7.13
N CYS A 173 -49.61 69.62 8.16
CA CYS A 173 -49.88 71.05 8.01
C CYS A 173 -48.56 71.80 8.12
N THR A 174 -48.31 72.67 7.16
CA THR A 174 -47.06 73.43 7.09
C THR A 174 -47.15 74.80 7.76
N PHE A 175 -48.35 75.29 8.05
CA PHE A 175 -48.50 76.61 8.65
C PHE A 175 -49.88 76.69 9.30
N GLU A 176 -49.94 77.42 10.41
CA GLU A 176 -51.20 77.65 11.12
C GLU A 176 -51.12 79.00 11.81
N TYR A 177 -52.28 79.64 11.95
CA TYR A 177 -52.35 80.96 12.56
C TYR A 177 -53.68 81.14 13.30
N VAL A 178 -53.61 81.43 14.60
CA VAL A 178 -54.82 81.67 15.38
C VAL A 178 -55.53 82.91 14.89
N SER A 179 -54.84 84.05 14.88
CA SER A 179 -55.40 85.32 14.43
C SER A 179 -56.68 85.68 15.16
N GLN A 180 -56.58 85.91 16.47
CA GLN A 180 -57.70 86.25 17.32
C GLN A 180 -58.52 87.42 16.77
N PRO A 181 -57.88 88.54 16.33
CA PRO A 181 -58.67 89.60 15.70
C PRO A 181 -59.32 89.14 14.40
N PHE A 182 -60.64 89.07 14.38
CA PHE A 182 -61.36 88.57 13.22
C PHE A 182 -61.32 89.59 12.08
N LEU A 183 -61.20 89.08 10.86
CA LEU A 183 -61.17 89.93 9.68
C LEU A 183 -62.57 90.45 9.36
N MET A 184 -63.50 89.55 9.10
CA MET A 184 -64.87 89.94 8.82
C MET A 184 -65.56 90.42 10.10
N ASP A 185 -66.17 91.60 10.01
CA ASP A 185 -66.79 92.25 11.15
C ASP A 185 -68.31 92.17 11.03
N LEU A 186 -69.00 92.67 12.05
CA LEU A 186 -70.46 92.64 12.09
C LEU A 186 -71.01 93.99 12.55
N GLU A 187 -72.30 94.03 12.83
CA GLU A 187 -72.95 95.27 13.28
C GLU A 187 -72.44 95.67 14.67
N PHE A 193 -79.05 101.71 7.43
CA PHE A 193 -77.72 101.81 6.84
C PHE A 193 -77.00 100.46 6.88
N LYS A 194 -76.66 99.94 5.71
CA LYS A 194 -75.97 98.66 5.61
C LYS A 194 -74.47 98.86 5.78
N ASN A 195 -73.69 97.81 5.51
CA ASN A 195 -72.24 97.87 5.65
C ASN A 195 -71.60 97.04 4.56
N LEU A 196 -70.65 97.63 3.84
CA LEU A 196 -69.94 96.96 2.75
C LEU A 196 -68.51 96.66 3.17
N ARG A 197 -68.08 95.42 2.91
CA ARG A 197 -66.73 94.98 3.22
C ARG A 197 -66.07 94.46 1.95
N GLU A 198 -64.88 95.00 1.65
CA GLU A 198 -64.13 94.61 0.46
C GLU A 198 -62.83 93.93 0.88
N PHE A 199 -62.37 93.01 0.04
CA PHE A 199 -61.17 92.24 0.32
C PHE A 199 -60.33 92.14 -0.94
N VAL A 200 -59.04 92.45 -0.84
CA VAL A 200 -58.11 92.36 -1.94
C VAL A 200 -57.07 91.29 -1.62
N PHE A 201 -57.01 90.25 -2.44
CA PHE A 201 -56.08 89.15 -2.27
C PHE A 201 -55.14 89.10 -3.46
N LYS A 202 -53.86 88.88 -3.19
CA LYS A 202 -52.83 88.81 -4.22
C LYS A 202 -52.03 87.52 -4.08
N ASN A 203 -51.06 87.35 -4.97
CA ASN A 203 -50.24 86.15 -4.99
C ASN A 203 -48.74 86.47 -5.01
N ILE A 204 -48.27 87.34 -4.11
CA ILE A 204 -46.87 87.72 -4.04
C ILE A 204 -46.04 86.48 -3.71
N ASP A 205 -44.74 86.52 -4.04
CA ASP A 205 -43.83 85.39 -3.88
C ASP A 205 -43.89 84.79 -2.48
N GLY A 206 -43.83 85.63 -1.45
CA GLY A 206 -43.79 85.15 -0.09
C GLY A 206 -44.99 85.51 0.75
N TYR A 207 -45.60 86.66 0.48
CA TYR A 207 -46.72 87.12 1.30
C TYR A 207 -48.02 87.04 0.50
N PHE A 208 -49.14 87.00 1.23
CA PHE A 208 -50.44 86.93 0.58
C PHE A 208 -51.07 88.32 0.48
N LYS A 209 -50.69 89.23 1.37
CA LYS A 209 -51.13 90.62 1.34
C LYS A 209 -52.65 90.74 1.39
N ILE A 210 -53.27 90.33 2.49
CA ILE A 210 -54.71 90.42 2.68
C ILE A 210 -55.04 91.86 3.05
N TYR A 211 -55.75 92.55 2.17
CA TYR A 211 -56.22 93.90 2.41
C TYR A 211 -57.72 93.88 2.69
N SER A 212 -58.15 94.79 3.57
CA SER A 212 -59.55 94.85 3.97
C SER A 212 -59.88 96.27 4.39
N LYS A 213 -61.18 96.58 4.34
CA LYS A 213 -61.70 97.88 4.77
C LYS A 213 -63.21 97.77 4.90
N HIS A 214 -63.75 98.36 5.96
CA HIS A 214 -65.17 98.29 6.27
C HIS A 214 -65.74 99.71 6.25
N THR A 215 -66.61 99.99 5.29
CA THR A 215 -67.22 101.30 5.17
C THR A 215 -68.74 101.19 5.11
N PRO A 216 -69.47 102.08 5.76
CA PRO A 216 -70.93 102.02 5.71
C PRO A 216 -71.46 102.57 4.40
N ILE A 217 -72.50 101.93 3.87
CA ILE A 217 -73.12 102.33 2.62
C ILE A 217 -74.60 102.60 2.85
N ASN A 218 -75.19 103.39 1.95
CA ASN A 218 -76.60 103.74 2.04
C ASN A 218 -77.38 103.57 0.75
N LEU A 219 -76.72 103.45 -0.41
CA LEU A 219 -77.45 103.30 -1.66
C LEU A 219 -78.09 101.92 -1.77
N GLU A 220 -77.36 100.88 -1.35
CA GLU A 220 -77.86 99.50 -1.32
C GLU A 220 -78.24 98.98 -2.70
N ARG A 221 -77.73 99.61 -3.76
CA ARG A 221 -78.00 99.17 -5.12
C ARG A 221 -76.82 98.41 -5.68
N ASP A 222 -75.65 99.07 -5.74
CA ASP A 222 -74.44 98.45 -6.24
C ASP A 222 -73.23 99.05 -5.54
N LEU A 223 -72.04 98.83 -6.09
CA LEU A 223 -70.82 99.42 -5.55
C LEU A 223 -70.93 100.94 -5.56
N PRO A 224 -71.01 101.60 -4.42
CA PRO A 224 -71.26 103.06 -4.42
C PRO A 224 -70.05 103.84 -4.93
N GLN A 225 -70.31 105.08 -5.30
CA GLN A 225 -69.26 105.97 -5.77
C GLN A 225 -68.56 106.62 -4.59
N GLY A 226 -67.24 106.63 -4.63
CA GLY A 226 -66.42 107.15 -3.55
C GLY A 226 -65.12 106.38 -3.46
N PHE A 227 -64.07 107.09 -3.07
CA PHE A 227 -62.71 106.54 -3.04
C PHE A 227 -62.40 106.11 -1.60
N SER A 228 -62.23 104.80 -1.40
CA SER A 228 -61.87 104.24 -0.10
C SER A 228 -60.72 103.27 -0.29
N ALA A 229 -59.70 103.41 0.56
CA ALA A 229 -58.52 102.55 0.51
C ALA A 229 -58.65 101.42 1.51
N LEU A 230 -57.89 100.35 1.26
CA LEU A 230 -57.90 99.16 2.10
C LEU A 230 -56.58 99.09 2.86
N GLU A 231 -56.67 99.11 4.19
CA GLU A 231 -55.49 99.04 5.03
C GLU A 231 -55.04 97.59 5.19
N PRO A 232 -53.74 97.29 5.10
CA PRO A 232 -53.28 95.91 5.28
C PRO A 232 -53.52 95.40 6.70
N LEU A 233 -53.90 94.13 6.82
CA LEU A 233 -54.15 93.52 8.12
C LEU A 233 -53.16 92.41 8.45
N VAL A 234 -53.04 91.40 7.58
CA VAL A 234 -52.14 90.28 7.84
C VAL A 234 -51.40 89.90 6.56
N ASP A 235 -50.09 89.69 6.68
CA ASP A 235 -49.27 89.26 5.56
C ASP A 235 -48.69 87.88 5.88
N LEU A 236 -49.39 86.85 5.42
CA LEU A 236 -48.98 85.48 5.71
C LEU A 236 -47.70 85.14 4.95
N PRO A 237 -46.60 84.83 5.64
CA PRO A 237 -45.34 84.48 4.97
C PRO A 237 -45.26 83.02 4.51
N ILE A 238 -46.26 82.61 3.73
CA ILE A 238 -46.32 81.23 3.24
C ILE A 238 -46.15 81.26 1.73
N GLY A 239 -45.27 80.40 1.22
CA GLY A 239 -45.05 80.32 -0.21
C GLY A 239 -45.90 79.24 -0.84
N ILE A 240 -46.81 79.61 -1.73
CA ILE A 240 -47.70 78.66 -2.39
C ILE A 240 -48.20 79.26 -3.70
N ASN A 241 -48.24 78.46 -4.76
CA ASN A 241 -48.70 78.89 -6.07
C ASN A 241 -50.20 78.63 -6.17
N ILE A 242 -50.98 79.62 -5.73
CA ILE A 242 -52.44 79.49 -5.75
C ILE A 242 -52.97 80.00 -7.08
N THR A 243 -53.75 79.16 -7.76
CA THR A 243 -54.34 79.53 -9.04
C THR A 243 -55.84 79.26 -9.06
N ARG A 244 -56.47 79.23 -7.87
CA ARG A 244 -57.90 78.94 -7.76
C ARG A 244 -58.42 79.38 -6.40
N PHE A 245 -59.63 79.96 -6.37
CA PHE A 245 -60.24 80.38 -5.12
C PHE A 245 -61.74 80.16 -5.20
N GLN A 246 -62.38 80.12 -4.03
CA GLN A 246 -63.81 79.92 -3.94
C GLN A 246 -64.34 80.39 -2.59
N THR A 247 -65.42 81.16 -2.60
CA THR A 247 -66.00 81.68 -1.37
C THR A 247 -66.72 80.57 -0.61
N LEU A 248 -67.08 80.88 0.64
CA LEU A 248 -67.79 79.95 1.51
C LEU A 248 -69.03 80.62 2.07
N LEU A 249 -70.13 79.87 2.10
CA LEU A 249 -71.40 80.37 2.63
C LEU A 249 -71.90 79.42 3.72
N ALA A 250 -72.66 79.98 4.65
CA ALA A 250 -73.21 79.22 5.77
C ALA A 250 -74.70 78.99 5.56
N LEU A 251 -75.26 78.11 6.40
CA LEU A 251 -76.69 77.76 6.37
C LEU A 251 -77.21 77.82 7.80
N HIS A 252 -78.07 78.80 8.07
CA HIS A 252 -78.66 79.01 9.39
C HIS A 252 -77.58 79.16 10.47
N ALA A 269 -79.47 87.96 -1.35
CA ALA A 269 -78.84 88.15 -0.05
C ALA A 269 -77.37 87.78 -0.08
N ALA A 270 -77.07 86.63 -0.68
CA ALA A 270 -75.70 86.13 -0.76
C ALA A 270 -74.95 86.76 -1.92
N ALA A 271 -74.86 88.09 -1.92
CA ALA A 271 -74.16 88.80 -2.98
C ALA A 271 -72.69 88.95 -2.64
N TYR A 272 -71.82 88.66 -3.62
CA TYR A 272 -70.38 88.79 -3.43
C TYR A 272 -69.76 89.10 -4.79
N TYR A 273 -68.88 90.10 -4.82
CA TYR A 273 -68.24 90.49 -6.07
C TYR A 273 -66.87 89.83 -6.19
N VAL A 274 -66.47 89.56 -7.43
CA VAL A 274 -65.17 88.93 -7.70
C VAL A 274 -64.51 89.62 -8.88
N GLY A 275 -63.53 90.50 -8.60
CA GLY A 275 -62.85 91.26 -9.66
C GLY A 275 -61.51 90.64 -10.02
N TYR A 276 -60.68 91.35 -10.80
CA TYR A 276 -59.38 90.81 -11.25
C TYR A 276 -58.31 91.91 -11.27
N LEU A 277 -57.21 91.72 -10.53
CA LEU A 277 -56.15 92.76 -10.45
C LEU A 277 -55.27 92.72 -11.70
N GLN A 278 -54.90 93.88 -12.22
CA GLN A 278 -54.04 93.96 -13.43
C GLN A 278 -52.83 94.85 -13.11
N PRO A 279 -51.63 94.62 -13.70
CA PRO A 279 -50.49 95.51 -13.48
C PRO A 279 -50.76 96.89 -14.08
N ARG A 280 -51.24 97.83 -13.25
CA ARG A 280 -51.63 99.16 -13.79
C ARG A 280 -50.86 100.26 -13.08
N THR A 281 -50.70 101.41 -13.75
CA THR A 281 -49.97 102.54 -13.17
C THR A 281 -50.99 103.52 -12.59
N PHE A 282 -50.86 103.82 -11.30
CA PHE A 282 -51.75 104.75 -10.62
C PHE A 282 -50.97 105.89 -9.99
N LEU A 283 -51.66 107.00 -9.77
CA LEU A 283 -51.10 108.19 -9.15
C LEU A 283 -51.85 108.44 -7.84
N LEU A 284 -51.30 107.94 -6.74
CA LEU A 284 -51.96 108.02 -5.45
C LEU A 284 -51.73 109.39 -4.82
N LYS A 285 -52.82 109.98 -4.31
CA LYS A 285 -52.76 111.25 -3.60
C LYS A 285 -52.87 111.01 -2.10
N TYR A 286 -51.86 111.46 -1.37
CA TYR A 286 -51.79 111.25 0.08
C TYR A 286 -52.14 112.56 0.78
N ASN A 287 -52.98 112.47 1.81
CA ASN A 287 -53.37 113.64 2.57
C ASN A 287 -52.26 114.02 3.56
N GLU A 288 -52.54 115.07 4.34
CA GLU A 288 -51.55 115.54 5.31
C GLU A 288 -51.34 114.54 6.43
N ASN A 289 -52.37 113.74 6.73
CA ASN A 289 -52.27 112.77 7.82
C ASN A 289 -51.83 111.39 7.35
N GLY A 290 -51.64 111.20 6.04
CA GLY A 290 -51.16 109.94 5.52
C GLY A 290 -52.20 109.02 4.92
N THR A 291 -53.43 109.50 4.70
CA THR A 291 -54.49 108.70 4.10
C THR A 291 -54.64 109.06 2.63
N ILE A 292 -54.94 108.04 1.82
CA ILE A 292 -55.09 108.25 0.39
C ILE A 292 -56.49 108.76 0.10
N THR A 293 -56.59 109.87 -0.62
CA THR A 293 -57.86 110.51 -0.92
C THR A 293 -58.37 110.22 -2.33
N ASP A 294 -57.47 110.05 -3.29
CA ASP A 294 -57.87 109.80 -4.67
C ASP A 294 -56.71 109.17 -5.41
N ALA A 295 -57.01 108.57 -6.57
CA ALA A 295 -56.01 107.96 -7.42
C ALA A 295 -56.37 108.23 -8.88
N VAL A 296 -55.42 107.98 -9.77
CA VAL A 296 -55.59 108.24 -11.19
C VAL A 296 -55.06 107.06 -12.01
N ASP A 297 -55.97 106.37 -12.70
CA ASP A 297 -55.56 105.28 -13.59
C ASP A 297 -55.02 105.86 -14.89
N CYS A 298 -53.70 105.78 -15.08
CA CYS A 298 -53.06 106.46 -16.21
C CYS A 298 -53.47 105.84 -17.55
N ALA A 299 -53.84 104.56 -17.56
CA ALA A 299 -54.19 103.86 -18.79
C ALA A 299 -55.70 103.79 -19.00
N LEU A 300 -56.46 104.69 -18.39
CA LEU A 300 -57.91 104.71 -18.55
C LEU A 300 -58.33 105.66 -19.65
N ASP A 301 -57.97 106.94 -19.50
CA ASP A 301 -58.31 107.98 -20.46
C ASP A 301 -57.13 108.89 -20.72
N PRO A 302 -57.11 109.60 -21.84
CA PRO A 302 -55.98 110.51 -22.13
C PRO A 302 -55.79 111.61 -21.08
N LEU A 303 -56.88 112.10 -20.49
CA LEU A 303 -56.75 113.11 -19.45
C LEU A 303 -56.03 112.56 -18.23
N SER A 304 -56.34 111.33 -17.83
CA SER A 304 -55.62 110.72 -16.71
C SER A 304 -54.15 110.49 -17.06
N GLU A 305 -53.86 110.17 -18.32
CA GLU A 305 -52.47 109.99 -18.74
C GLU A 305 -51.72 111.32 -18.69
N THR A 306 -52.38 112.42 -19.05
CA THR A 306 -51.77 113.74 -18.90
C THR A 306 -51.54 114.07 -17.44
N LYS A 307 -52.51 113.74 -16.58
CA LYS A 307 -52.34 113.97 -15.15
C LYS A 307 -51.15 113.18 -14.60
N CYS A 308 -50.97 111.95 -15.07
CA CYS A 308 -49.83 111.16 -14.62
C CYS A 308 -48.51 111.69 -15.17
N THR A 309 -48.53 112.18 -16.41
CA THR A 309 -47.30 112.71 -17.01
C THR A 309 -46.80 113.93 -16.25
N LEU A 310 -47.68 114.90 -16.03
CA LEU A 310 -47.33 116.10 -15.26
C LEU A 310 -47.25 115.84 -13.77
N LYS A 311 -47.67 114.66 -13.31
CA LYS A 311 -47.65 114.30 -11.90
C LYS A 311 -48.44 115.31 -11.06
N SER A 312 -49.66 115.58 -11.50
CA SER A 312 -50.53 116.52 -10.81
C SER A 312 -51.97 116.25 -11.21
N PHE A 313 -52.89 116.52 -10.28
CA PHE A 313 -54.31 116.32 -10.52
C PHE A 313 -54.95 117.46 -11.30
N THR A 314 -54.28 118.60 -11.40
CA THR A 314 -54.79 119.76 -12.13
C THR A 314 -53.88 120.03 -13.33
N VAL A 315 -54.41 119.84 -14.52
CA VAL A 315 -53.67 120.07 -15.77
C VAL A 315 -54.05 121.44 -16.31
N GLU A 316 -53.05 122.22 -16.68
CA GLU A 316 -53.27 123.56 -17.21
C GLU A 316 -53.71 123.48 -18.67
N LYS A 317 -53.83 124.63 -19.32
CA LYS A 317 -54.25 124.70 -20.71
C LYS A 317 -53.02 124.64 -21.61
N GLY A 318 -52.93 123.59 -22.42
CA GLY A 318 -51.82 123.44 -23.33
C GLY A 318 -51.75 122.03 -23.87
N ILE A 319 -50.73 121.80 -24.70
CA ILE A 319 -50.49 120.51 -25.33
C ILE A 319 -49.36 119.82 -24.57
N TYR A 320 -49.58 118.57 -24.18
CA TYR A 320 -48.61 117.80 -23.41
C TYR A 320 -48.49 116.41 -24.01
N GLN A 321 -47.27 115.99 -24.33
CA GLN A 321 -47.04 114.66 -24.85
C GLN A 321 -47.09 113.63 -23.72
N THR A 322 -47.70 112.48 -24.00
CA THR A 322 -47.88 111.43 -23.00
C THR A 322 -47.16 110.14 -23.35
N SER A 323 -47.34 109.64 -24.58
CA SER A 323 -46.71 108.38 -24.98
C SER A 323 -46.38 108.40 -26.47
N ASN A 324 -46.09 107.23 -27.03
CA ASN A 324 -45.73 107.12 -28.44
C ASN A 324 -46.60 106.05 -29.09
N PHE A 325 -47.24 106.43 -30.20
CA PHE A 325 -48.11 105.50 -30.96
C PHE A 325 -47.25 104.49 -31.71
N ARG A 326 -47.75 103.25 -31.86
CA ARG A 326 -47.00 102.21 -32.63
C ARG A 326 -47.99 101.12 -33.06
N VAL A 327 -48.07 100.83 -34.37
CA VAL A 327 -48.92 99.71 -34.83
C VAL A 327 -48.15 98.40 -34.58
N GLN A 328 -48.81 97.39 -34.00
CA GLN A 328 -48.08 96.14 -33.63
C GLN A 328 -48.09 95.15 -34.81
N PRO A 329 -46.92 94.62 -35.22
CA PRO A 329 -46.84 93.62 -36.29
C PRO A 329 -47.36 92.25 -35.84
N THR A 330 -47.81 91.40 -36.78
CA THR A 330 -48.42 90.11 -36.37
C THR A 330 -47.83 88.93 -37.15
N GLU A 331 -48.33 88.65 -38.37
CA GLU A 331 -47.88 87.46 -39.14
C GLU A 331 -46.35 87.44 -39.29
N SER A 332 -45.68 86.49 -38.64
CA SER A 332 -44.22 86.34 -38.82
C SER A 332 -43.96 85.55 -40.11
N ILE A 333 -43.67 86.25 -41.21
CA ILE A 333 -43.49 85.57 -42.52
C ILE A 333 -42.18 84.77 -42.50
N VAL A 334 -42.28 83.44 -42.39
CA VAL A 334 -41.05 82.59 -42.45
C VAL A 334 -40.85 82.19 -43.91
N ARG A 335 -40.55 83.16 -44.78
CA ARG A 335 -40.35 82.91 -46.20
C ARG A 335 -39.00 82.23 -46.41
N PHE A 336 -38.99 81.18 -47.25
CA PHE A 336 -37.78 80.45 -47.56
C PHE A 336 -37.83 79.96 -49.01
N PRO A 337 -36.69 79.77 -49.64
CA PRO A 337 -36.68 79.35 -51.05
C PRO A 337 -37.17 77.92 -51.23
N ASN A 338 -37.08 77.46 -52.49
CA ASN A 338 -37.50 76.10 -52.83
C ASN A 338 -36.73 75.07 -52.02
N ILE A 339 -37.27 73.85 -52.01
CA ILE A 339 -36.60 72.69 -51.43
C ILE A 339 -36.50 71.64 -52.52
N THR A 340 -35.38 71.61 -53.23
CA THR A 340 -35.20 70.73 -54.38
C THR A 340 -34.10 69.71 -54.18
N ASN A 341 -32.93 70.13 -53.70
CA ASN A 341 -31.77 69.23 -53.56
C ASN A 341 -31.93 68.43 -52.26
N LEU A 342 -32.84 67.46 -52.31
CA LEU A 342 -33.05 66.59 -51.16
C LEU A 342 -31.98 65.50 -51.12
N CYS A 343 -31.65 65.06 -49.91
CA CYS A 343 -30.66 64.01 -49.74
C CYS A 343 -31.19 62.68 -50.25
N PRO A 344 -30.39 61.90 -50.97
CA PRO A 344 -30.85 60.62 -51.53
C PRO A 344 -30.95 59.52 -50.47
N PHE A 345 -31.91 59.67 -49.57
CA PHE A 345 -32.16 58.66 -48.55
C PHE A 345 -32.88 57.44 -49.09
N HIS A 346 -33.38 57.50 -50.32
CA HIS A 346 -34.08 56.37 -50.92
C HIS A 346 -33.15 55.25 -51.37
N GLU A 347 -31.87 55.55 -51.60
CA GLU A 347 -30.91 54.56 -52.04
C GLU A 347 -30.12 53.95 -50.89
N VAL A 348 -30.46 54.27 -49.65
CA VAL A 348 -29.75 53.74 -48.49
C VAL A 348 -30.57 52.64 -47.84
N PHE A 349 -31.89 52.83 -47.80
CA PHE A 349 -32.80 51.88 -47.17
C PHE A 349 -33.44 50.90 -48.13
N ASN A 350 -33.81 51.34 -49.34
CA ASN A 350 -34.45 50.48 -50.32
C ASN A 350 -33.48 50.02 -51.41
N ALA A 351 -32.22 49.78 -51.07
CA ALA A 351 -31.25 49.33 -52.04
C ALA A 351 -31.52 47.90 -52.46
N THR A 352 -30.96 47.52 -53.61
CA THR A 352 -31.17 46.16 -54.12
C THR A 352 -30.33 45.15 -53.36
N THR A 353 -29.07 45.46 -53.09
CA THR A 353 -28.16 44.58 -52.37
C THR A 353 -27.79 45.19 -51.03
N PHE A 354 -26.98 44.46 -50.27
CA PHE A 354 -26.54 44.90 -48.95
C PHE A 354 -25.14 44.35 -48.70
N ALA A 355 -24.59 44.69 -47.54
CA ALA A 355 -23.26 44.28 -47.13
C ALA A 355 -23.34 43.43 -45.86
N SER A 356 -22.18 43.08 -45.33
CA SER A 356 -22.09 42.27 -44.13
C SER A 356 -21.73 43.16 -42.93
N VAL A 357 -21.66 42.54 -41.75
CA VAL A 357 -21.41 43.31 -40.54
C VAL A 357 -19.94 43.67 -40.36
N TYR A 358 -19.02 42.91 -40.98
CA TYR A 358 -17.61 43.25 -40.86
C TYR A 358 -17.27 44.49 -41.69
N ALA A 359 -18.04 44.77 -42.73
CA ALA A 359 -17.90 45.98 -43.52
C ALA A 359 -18.95 47.01 -43.08
N TRP A 360 -18.84 48.21 -43.62
CA TRP A 360 -19.74 49.29 -43.27
C TRP A 360 -20.51 49.84 -44.46
N ASN A 361 -19.87 49.97 -45.62
CA ASN A 361 -20.49 50.56 -46.81
C ASN A 361 -21.06 51.93 -46.50
N ARG A 362 -20.25 52.74 -45.83
CA ARG A 362 -20.67 54.07 -45.39
C ARG A 362 -20.78 55.00 -46.59
N LYS A 363 -22.01 55.33 -46.97
CA LYS A 363 -22.29 56.25 -48.07
C LYS A 363 -22.76 57.56 -47.44
N ARG A 364 -21.81 58.46 -47.20
CA ARG A 364 -22.13 59.72 -46.57
C ARG A 364 -22.97 60.60 -47.50
N ILE A 365 -23.73 61.51 -46.90
CA ILE A 365 -24.55 62.46 -47.63
C ILE A 365 -24.25 63.85 -47.11
N SER A 366 -24.16 64.82 -48.02
CA SER A 366 -23.85 66.20 -47.66
C SER A 366 -24.24 67.10 -48.82
N ASN A 367 -24.06 68.40 -48.64
CA ASN A 367 -24.32 69.42 -49.65
C ASN A 367 -25.79 69.45 -50.08
N CYS A 368 -26.68 68.84 -49.29
CA CYS A 368 -28.09 68.78 -49.61
C CYS A 368 -28.90 68.86 -48.33
N VAL A 369 -30.11 69.42 -48.45
CA VAL A 369 -30.99 69.51 -47.29
C VAL A 369 -31.54 68.14 -46.96
N ALA A 370 -31.43 67.74 -45.69
CA ALA A 370 -31.87 66.42 -45.25
C ALA A 370 -33.29 66.52 -44.70
N ASP A 371 -34.22 65.83 -45.35
CA ASP A 371 -35.61 65.77 -44.93
C ASP A 371 -35.81 64.47 -44.17
N TYR A 372 -35.88 64.57 -42.84
CA TYR A 372 -36.03 63.39 -42.00
C TYR A 372 -37.50 63.00 -41.86
N SER A 373 -38.19 62.84 -42.99
CA SER A 373 -39.57 62.42 -42.98
C SER A 373 -39.91 61.39 -44.05
N VAL A 374 -38.96 61.02 -44.91
CA VAL A 374 -39.21 60.04 -45.96
C VAL A 374 -38.92 58.61 -45.51
N ILE A 375 -38.09 58.43 -44.47
CA ILE A 375 -37.76 57.09 -44.00
C ILE A 375 -38.97 56.40 -43.39
N TYR A 376 -39.99 57.15 -42.99
CA TYR A 376 -41.21 56.58 -42.43
C TYR A 376 -42.17 56.06 -43.49
N ASN A 377 -41.81 56.14 -44.78
CA ASN A 377 -42.67 55.69 -45.86
C ASN A 377 -42.04 54.58 -46.69
N PHE A 378 -40.81 54.16 -46.36
CA PHE A 378 -40.17 53.09 -47.12
C PHE A 378 -40.67 51.72 -46.68
N ALA A 379 -40.48 51.39 -45.40
CA ALA A 379 -40.90 50.10 -44.86
C ALA A 379 -41.04 50.24 -43.36
N PRO A 380 -41.96 49.50 -42.74
CA PRO A 380 -42.11 49.58 -41.28
C PRO A 380 -40.88 49.01 -40.57
N PHE A 381 -40.30 49.82 -39.69
CA PHE A 381 -39.11 49.44 -38.95
C PHE A 381 -39.49 48.74 -37.64
N PHE A 382 -38.49 48.08 -37.05
CA PHE A 382 -38.68 47.38 -35.79
C PHE A 382 -37.86 47.97 -34.65
N ALA A 383 -36.99 48.93 -34.92
CA ALA A 383 -36.18 49.56 -33.88
C ALA A 383 -35.80 50.96 -34.36
N PHE A 384 -36.09 51.96 -33.53
CA PHE A 384 -35.79 53.36 -33.87
C PHE A 384 -35.45 54.08 -32.57
N LYS A 385 -34.16 54.16 -32.27
CA LYS A 385 -33.66 54.77 -31.04
C LYS A 385 -32.66 55.86 -31.40
N CYS A 386 -33.00 57.10 -31.08
CA CYS A 386 -32.11 58.23 -31.32
C CYS A 386 -31.41 58.61 -30.02
N TYR A 387 -30.08 58.53 -30.02
CA TYR A 387 -29.26 58.85 -28.86
C TYR A 387 -28.81 60.31 -28.95
N GLY A 388 -29.22 61.11 -27.97
CA GLY A 388 -28.85 62.51 -27.91
C GLY A 388 -29.76 63.44 -28.70
N VAL A 389 -30.48 62.92 -29.69
CA VAL A 389 -31.36 63.75 -30.50
C VAL A 389 -32.79 63.19 -30.42
N SER A 390 -33.72 63.85 -31.10
CA SER A 390 -35.12 63.45 -31.10
C SER A 390 -35.57 63.10 -32.52
N PRO A 391 -36.44 62.10 -32.67
CA PRO A 391 -36.90 61.72 -34.02
C PRO A 391 -37.71 62.80 -34.72
N THR A 392 -38.17 63.83 -34.01
CA THR A 392 -38.97 64.88 -34.61
C THR A 392 -38.28 66.22 -34.73
N LYS A 393 -37.30 66.50 -33.86
CA LYS A 393 -36.59 67.78 -33.88
C LYS A 393 -35.32 67.75 -34.70
N LEU A 394 -35.21 66.83 -35.68
CA LEU A 394 -34.07 66.82 -36.57
C LEU A 394 -34.26 67.71 -37.79
N ASN A 395 -35.49 68.14 -38.07
CA ASN A 395 -35.76 68.97 -39.23
C ASN A 395 -35.38 70.42 -39.03
N ASP A 396 -35.00 70.81 -37.81
CA ASP A 396 -34.59 72.18 -37.51
C ASP A 396 -33.19 72.21 -36.90
N LEU A 397 -32.30 71.39 -37.43
CA LEU A 397 -30.92 71.32 -36.96
C LEU A 397 -29.97 71.31 -38.16
N CYS A 398 -28.83 71.95 -38.00
CA CYS A 398 -27.81 72.05 -39.04
C CYS A 398 -26.57 71.27 -38.62
N PHE A 399 -26.15 70.34 -39.47
CA PHE A 399 -24.97 69.52 -39.23
C PHE A 399 -23.94 69.73 -40.33
N THR A 400 -22.73 69.27 -40.09
CA THR A 400 -21.63 69.42 -41.04
C THR A 400 -21.42 68.19 -41.91
N ASN A 401 -21.67 67.00 -41.38
CA ASN A 401 -21.50 65.77 -42.15
C ASN A 401 -22.36 64.68 -41.54
N VAL A 402 -23.16 64.03 -42.38
CA VAL A 402 -24.07 62.97 -41.95
C VAL A 402 -23.64 61.68 -42.64
N TYR A 403 -23.30 60.67 -41.84
CA TYR A 403 -22.87 59.37 -42.36
C TYR A 403 -24.00 58.36 -42.23
N ALA A 404 -24.03 57.40 -43.16
CA ALA A 404 -25.07 56.38 -43.20
C ALA A 404 -24.42 55.04 -43.53
N ASP A 405 -24.19 54.23 -42.51
CA ASP A 405 -23.64 52.90 -42.68
C ASP A 405 -24.75 51.87 -42.63
N SER A 406 -24.64 50.84 -43.48
CA SER A 406 -25.66 49.80 -43.58
C SER A 406 -24.99 48.43 -43.52
N PHE A 407 -25.57 47.52 -42.75
CA PHE A 407 -25.03 46.18 -42.60
C PHE A 407 -26.12 45.26 -42.08
N VAL A 408 -25.95 43.96 -42.34
CA VAL A 408 -26.88 42.93 -41.91
C VAL A 408 -26.35 42.30 -40.63
N ILE A 409 -27.23 42.10 -39.64
CA ILE A 409 -26.85 41.53 -38.36
C ILE A 409 -27.95 40.58 -37.90
N ARG A 410 -27.60 39.70 -36.98
CA ARG A 410 -28.55 38.72 -36.46
C ARG A 410 -29.53 39.40 -35.50
N GLY A 411 -30.70 38.78 -35.34
CA GLY A 411 -31.72 39.34 -34.47
C GLY A 411 -31.29 39.43 -33.02
N ASN A 412 -30.63 38.39 -32.52
CA ASN A 412 -30.13 38.40 -31.15
C ASN A 412 -28.94 39.33 -30.96
N GLU A 413 -28.41 39.90 -32.05
CA GLU A 413 -27.26 40.79 -31.98
C GLU A 413 -27.62 42.25 -32.20
N VAL A 414 -28.92 42.57 -32.32
CA VAL A 414 -29.32 43.96 -32.52
C VAL A 414 -29.14 44.76 -31.23
N SER A 415 -29.38 44.12 -30.07
CA SER A 415 -29.26 44.81 -28.80
C SER A 415 -27.82 45.21 -28.48
N GLN A 416 -26.85 44.64 -29.18
CA GLN A 416 -25.45 45.00 -28.95
C GLN A 416 -25.04 46.30 -29.65
N ILE A 417 -25.90 46.84 -30.51
CA ILE A 417 -25.60 48.09 -31.22
C ILE A 417 -26.12 49.21 -30.34
N ALA A 418 -25.29 49.67 -29.41
CA ALA A 418 -25.66 50.73 -28.49
C ALA A 418 -24.39 51.36 -27.95
N PRO A 419 -24.40 52.67 -27.67
CA PRO A 419 -23.20 53.33 -27.11
C PRO A 419 -22.88 52.77 -25.73
N GLY A 420 -21.68 52.19 -25.61
CA GLY A 420 -21.25 51.61 -24.36
C GLY A 420 -21.84 50.24 -24.10
N GLN A 421 -21.71 49.35 -25.09
CA GLN A 421 -22.24 47.99 -24.99
C GLN A 421 -21.16 47.01 -25.41
N THR A 422 -21.09 45.89 -24.70
CA THR A 422 -20.13 44.83 -24.98
C THR A 422 -20.83 43.61 -25.54
N GLY A 423 -20.06 42.79 -26.25
CA GLY A 423 -20.61 41.58 -26.84
C GLY A 423 -19.69 41.06 -27.93
N ASN A 424 -20.17 40.02 -28.61
CA ASN A 424 -19.39 39.40 -29.68
C ASN A 424 -19.30 40.32 -30.89
N ILE A 425 -20.38 41.04 -31.19
CA ILE A 425 -20.43 41.92 -32.35
C ILE A 425 -20.28 43.39 -31.96
N ALA A 426 -20.27 43.68 -30.65
CA ALA A 426 -20.13 45.05 -30.17
C ALA A 426 -18.71 45.43 -29.82
N ASP A 427 -17.77 44.48 -29.84
CA ASP A 427 -16.38 44.75 -29.51
C ASP A 427 -15.40 44.30 -30.59
N TYR A 428 -15.85 43.61 -31.64
CA TYR A 428 -14.96 43.12 -32.67
C TYR A 428 -15.45 43.41 -34.08
N ASN A 429 -16.64 43.97 -34.24
CA ASN A 429 -17.17 44.29 -35.56
C ASN A 429 -17.61 45.75 -35.66
N TYR A 430 -18.15 46.32 -34.59
CA TYR A 430 -18.60 47.72 -34.60
C TYR A 430 -18.55 48.24 -33.19
N LYS A 431 -17.69 49.25 -32.95
CA LYS A 431 -17.52 49.85 -31.63
C LYS A 431 -18.12 51.25 -31.67
N LEU A 432 -19.23 51.44 -30.95
CA LEU A 432 -19.85 52.76 -30.92
C LEU A 432 -19.26 53.59 -29.77
N PRO A 433 -19.00 54.88 -30.02
CA PRO A 433 -18.45 55.73 -28.95
C PRO A 433 -19.48 56.02 -27.88
N ASP A 434 -18.97 56.36 -26.69
CA ASP A 434 -19.84 56.66 -25.57
C ASP A 434 -20.58 57.99 -25.75
N ASP A 435 -20.10 58.85 -26.65
CA ASP A 435 -20.72 60.14 -26.92
C ASP A 435 -21.37 60.16 -28.31
N PHE A 436 -21.96 59.03 -28.70
CA PHE A 436 -22.60 58.94 -30.01
C PHE A 436 -23.88 59.76 -30.04
N THR A 437 -24.02 60.59 -31.07
CA THR A 437 -25.19 61.45 -31.26
C THR A 437 -25.84 61.09 -32.59
N GLY A 438 -26.86 60.25 -32.55
CA GLY A 438 -27.54 59.87 -33.78
C GLY A 438 -28.66 58.89 -33.48
N CYS A 439 -29.24 58.36 -34.55
CA CYS A 439 -30.34 57.42 -34.47
C CYS A 439 -29.90 56.05 -34.97
N VAL A 440 -30.58 55.01 -34.50
CA VAL A 440 -30.32 53.64 -34.88
C VAL A 440 -31.58 53.06 -35.51
N ILE A 441 -31.50 52.68 -36.78
CA ILE A 441 -32.63 52.14 -37.52
C ILE A 441 -32.35 50.66 -37.79
N ALA A 442 -33.32 49.81 -37.44
CA ALA A 442 -33.20 48.37 -37.66
C ALA A 442 -34.54 47.83 -38.11
N TRP A 443 -34.51 46.87 -39.03
CA TRP A 443 -35.72 46.27 -39.57
C TRP A 443 -35.37 44.91 -40.17
N ASN A 444 -36.28 43.95 -40.00
CA ASN A 444 -36.05 42.60 -40.48
C ASN A 444 -36.14 42.54 -42.00
N SER A 445 -35.32 41.68 -42.60
CA SER A 445 -35.28 41.47 -44.04
C SER A 445 -35.30 39.98 -44.35
N ASN A 446 -36.19 39.24 -43.68
CA ASN A 446 -36.28 37.80 -43.90
C ASN A 446 -36.87 37.47 -45.27
N LYS A 447 -37.70 38.35 -45.81
CA LYS A 447 -38.33 38.11 -47.11
C LYS A 447 -37.39 38.36 -48.29
N LEU A 448 -36.19 38.86 -48.04
CA LEU A 448 -35.25 39.15 -49.11
C LEU A 448 -33.85 38.57 -48.89
N ASP A 449 -33.50 38.18 -47.67
CA ASP A 449 -32.16 37.67 -47.36
C ASP A 449 -32.26 36.32 -46.67
N SER A 450 -33.10 35.42 -47.18
CA SER A 450 -33.24 34.10 -46.59
C SER A 450 -33.68 33.14 -47.70
N LYS A 451 -32.74 32.34 -48.21
CA LYS A 451 -33.02 31.36 -49.24
C LYS A 451 -33.16 29.97 -48.64
N PRO A 452 -33.92 29.08 -49.27
CA PRO A 452 -34.16 27.75 -48.68
C PRO A 452 -32.89 26.94 -48.47
N SER A 453 -31.84 27.19 -49.26
CA SER A 453 -30.59 26.46 -49.14
C SER A 453 -29.57 27.18 -48.25
N GLY A 454 -29.95 28.28 -47.63
CA GLY A 454 -29.04 29.02 -46.78
C GLY A 454 -28.12 29.95 -47.54
N ASN A 455 -27.96 31.17 -47.05
CA ASN A 455 -27.11 32.18 -47.67
C ASN A 455 -25.89 32.39 -46.79
N TYR A 456 -24.71 32.05 -47.31
CA TYR A 456 -23.46 32.19 -46.60
C TYR A 456 -22.65 33.39 -47.07
N ASN A 457 -23.31 34.41 -47.65
CA ASN A 457 -22.61 35.59 -48.13
C ASN A 457 -22.37 36.62 -47.04
N TYR A 458 -23.12 36.56 -45.94
CA TYR A 458 -22.95 37.49 -44.82
C TYR A 458 -21.94 36.91 -43.84
N LEU A 459 -20.80 37.57 -43.71
CA LEU A 459 -19.73 37.10 -42.84
C LEU A 459 -19.62 38.00 -41.62
N TYR A 460 -19.17 37.41 -40.50
CA TYR A 460 -18.97 38.15 -39.27
C TYR A 460 -17.65 37.70 -38.64
N ARG A 461 -16.92 38.64 -38.07
CA ARG A 461 -15.65 38.34 -37.40
C ARG A 461 -15.93 37.93 -35.96
N LEU A 462 -15.30 36.84 -35.52
CA LEU A 462 -15.59 36.25 -34.22
C LEU A 462 -14.73 36.86 -33.11
N PHE A 463 -13.41 36.76 -33.24
CA PHE A 463 -12.51 37.16 -32.16
C PHE A 463 -11.15 37.50 -32.73
N ARG A 464 -10.54 38.55 -32.20
CA ARG A 464 -9.21 38.99 -32.59
C ARG A 464 -8.31 39.06 -31.36
N LYS A 465 -7.04 39.40 -31.59
CA LYS A 465 -6.10 39.57 -30.49
C LYS A 465 -6.38 40.81 -29.66
N SER A 466 -7.13 41.77 -30.22
CA SER A 466 -7.46 43.00 -29.51
C SER A 466 -8.88 43.41 -29.89
N LYS A 467 -9.35 44.48 -29.28
CA LYS A 467 -10.69 45.01 -29.53
C LYS A 467 -10.64 46.20 -30.47
N LEU A 468 -11.69 46.38 -31.25
CA LEU A 468 -11.76 47.49 -32.19
C LEU A 468 -12.03 48.80 -31.45
N LYS A 469 -11.24 49.82 -31.78
CA LYS A 469 -11.49 51.15 -31.25
C LYS A 469 -12.71 51.77 -31.93
N PRO A 470 -13.34 52.77 -31.30
CA PRO A 470 -14.49 53.41 -31.92
C PRO A 470 -14.14 54.01 -33.27
N PHE A 471 -15.05 53.81 -34.23
CA PHE A 471 -14.91 54.32 -35.60
C PHE A 471 -13.64 53.78 -36.26
N GLU A 472 -13.59 52.45 -36.39
CA GLU A 472 -12.51 51.78 -37.09
C GLU A 472 -13.07 50.64 -37.92
N ARG A 473 -12.47 50.43 -39.09
CA ARG A 473 -12.92 49.41 -40.03
C ARG A 473 -11.70 48.68 -40.57
N ASP A 474 -11.69 47.36 -40.42
CA ASP A 474 -10.58 46.51 -40.86
C ASP A 474 -11.12 45.37 -41.71
N ILE A 475 -10.59 45.22 -42.91
CA ILE A 475 -10.98 44.15 -43.81
C ILE A 475 -9.85 43.15 -44.02
N SER A 476 -8.98 43.01 -43.02
CA SER A 476 -7.86 42.08 -43.12
C SER A 476 -8.36 40.64 -43.03
N THR A 477 -7.88 39.80 -43.95
CA THR A 477 -8.25 38.38 -43.99
C THR A 477 -7.15 37.48 -43.46
N GLU A 478 -6.41 37.94 -42.45
CA GLU A 478 -5.34 37.14 -41.86
C GLU A 478 -5.95 36.00 -41.05
N ILE A 479 -5.58 34.77 -41.39
CA ILE A 479 -6.14 33.61 -40.71
C ILE A 479 -5.61 33.56 -39.27
N TYR A 480 -6.54 33.41 -38.32
CA TYR A 480 -6.17 33.43 -36.92
C TYR A 480 -5.45 32.14 -36.53
N GLN A 481 -4.51 32.28 -35.59
CA GLN A 481 -3.72 31.16 -35.09
C GLN A 481 -4.13 30.90 -33.64
N ALA A 482 -4.93 29.84 -33.44
CA ALA A 482 -5.42 29.46 -32.12
C ALA A 482 -4.63 28.25 -31.65
N GLY A 483 -3.49 28.50 -31.01
CA GLY A 483 -2.67 27.43 -30.50
C GLY A 483 -1.23 27.91 -30.32
N ASN A 484 -0.34 26.92 -30.18
CA ASN A 484 1.08 27.20 -29.99
C ASN A 484 1.92 26.87 -31.21
N LYS A 485 1.34 26.24 -32.24
CA LYS A 485 2.07 25.89 -33.44
C LYS A 485 1.83 26.92 -34.54
N PRO A 486 2.86 27.31 -35.27
CA PRO A 486 2.69 28.33 -36.32
C PRO A 486 1.81 27.80 -37.46
N CYS A 487 0.94 28.69 -37.94
CA CYS A 487 0.04 28.37 -39.04
C CYS A 487 0.53 29.09 -40.29
N ASN A 488 0.85 28.32 -41.32
CA ASN A 488 1.40 28.87 -42.56
C ASN A 488 0.30 29.20 -43.57
N GLY A 489 -0.68 29.97 -43.14
CA GLY A 489 -1.75 30.41 -44.02
C GLY A 489 -2.56 29.30 -44.64
N VAL A 490 -2.80 28.23 -43.88
CA VAL A 490 -3.57 27.09 -44.36
C VAL A 490 -4.62 26.71 -43.32
N ALA A 491 -5.77 26.25 -43.79
CA ALA A 491 -6.85 25.84 -42.89
C ALA A 491 -6.57 24.42 -42.39
N GLY A 492 -6.50 24.27 -41.06
CA GLY A 492 -6.24 22.96 -40.48
C GLY A 492 -7.09 22.69 -39.25
N SER A 493 -6.47 22.08 -38.24
CA SER A 493 -7.18 21.74 -37.00
C SER A 493 -7.15 22.89 -36.00
N ASN A 494 -5.96 23.34 -35.64
CA ASN A 494 -5.81 24.42 -34.66
C ASN A 494 -5.85 25.80 -35.30
N CYS A 495 -5.76 25.90 -36.62
CA CYS A 495 -5.79 27.18 -37.32
C CYS A 495 -7.20 27.44 -37.82
N TYR A 496 -7.78 28.56 -37.39
CA TYR A 496 -9.16 28.89 -37.71
C TYR A 496 -9.23 30.21 -38.46
N SER A 497 -10.18 30.31 -39.37
CA SER A 497 -10.37 31.55 -40.11
C SER A 497 -11.16 32.54 -39.25
N PRO A 498 -10.82 33.84 -39.32
CA PRO A 498 -11.53 34.83 -38.50
C PRO A 498 -12.93 35.14 -38.98
N LEU A 499 -13.24 34.89 -40.24
CA LEU A 499 -14.55 35.22 -40.81
C LEU A 499 -15.43 33.97 -40.83
N GLN A 500 -16.63 34.09 -40.25
CA GLN A 500 -17.60 33.01 -40.23
C GLN A 500 -18.91 33.51 -40.83
N SER A 501 -19.68 32.58 -41.39
CA SER A 501 -20.94 32.90 -42.03
C SER A 501 -22.12 32.69 -41.07
N TYR A 502 -23.23 33.35 -41.38
CA TYR A 502 -24.44 33.26 -40.57
C TYR A 502 -25.28 32.04 -40.93
N GLY A 503 -25.56 31.85 -42.21
CA GLY A 503 -26.41 30.76 -42.65
C GLY A 503 -27.88 31.02 -42.35
N PHE A 504 -28.43 32.06 -42.95
CA PHE A 504 -29.81 32.44 -42.72
C PHE A 504 -30.75 31.55 -43.54
N ARG A 505 -31.75 30.98 -42.86
CA ARG A 505 -32.74 30.13 -43.50
C ARG A 505 -34.14 30.59 -43.12
N PRO A 506 -35.10 30.48 -44.05
CA PRO A 506 -36.47 30.92 -43.72
C PRO A 506 -37.17 30.04 -42.70
N THR A 507 -36.71 28.80 -42.51
CA THR A 507 -37.33 27.90 -41.55
C THR A 507 -36.94 28.23 -40.11
N TYR A 508 -35.91 29.04 -39.89
CA TYR A 508 -35.51 29.40 -38.54
C TYR A 508 -36.51 30.36 -37.93
N GLY A 509 -36.67 30.25 -36.61
CA GLY A 509 -37.59 31.10 -35.89
C GLY A 509 -37.08 32.52 -35.75
N VAL A 510 -37.90 33.35 -35.11
CA VAL A 510 -37.55 34.74 -34.90
C VAL A 510 -36.38 34.83 -33.94
N GLY A 511 -35.33 35.54 -34.35
CA GLY A 511 -34.13 35.68 -33.53
C GLY A 511 -32.86 35.40 -34.31
N HIS A 512 -32.96 34.52 -35.32
CA HIS A 512 -31.83 34.19 -36.17
C HIS A 512 -32.06 34.65 -37.61
N GLN A 513 -32.90 35.67 -37.80
CA GLN A 513 -33.24 36.21 -39.11
C GLN A 513 -32.37 37.42 -39.43
N PRO A 514 -32.18 37.73 -40.71
CA PRO A 514 -31.38 38.91 -41.05
C PRO A 514 -32.09 40.20 -40.69
N TYR A 515 -31.35 41.11 -40.07
CA TYR A 515 -31.85 42.42 -39.68
C TYR A 515 -30.92 43.49 -40.24
N ARG A 516 -31.39 44.22 -41.26
CA ARG A 516 -30.61 45.28 -41.86
C ARG A 516 -30.64 46.50 -40.94
N VAL A 517 -29.46 46.92 -40.46
CA VAL A 517 -29.33 48.03 -39.53
C VAL A 517 -28.68 49.19 -40.25
N VAL A 518 -29.30 50.36 -40.17
CA VAL A 518 -28.79 51.59 -40.77
C VAL A 518 -28.55 52.58 -39.64
N VAL A 519 -27.29 52.75 -39.26
CA VAL A 519 -26.91 53.64 -38.17
C VAL A 519 -26.59 55.01 -38.75
N LEU A 520 -27.29 56.03 -38.27
CA LEU A 520 -27.08 57.41 -38.71
C LEU A 520 -26.31 58.18 -37.64
N SER A 521 -25.22 58.83 -38.05
CA SER A 521 -24.38 59.60 -37.15
C SER A 521 -24.38 61.06 -37.57
N PHE A 522 -23.96 61.92 -36.65
CA PHE A 522 -23.90 63.36 -36.89
C PHE A 522 -22.65 63.93 -36.25
N GLU A 523 -21.95 64.78 -37.00
CA GLU A 523 -20.72 65.41 -36.52
C GLU A 523 -20.78 66.91 -36.79
N LEU A 524 -20.05 67.66 -35.97
CA LEU A 524 -19.97 69.12 -36.08
C LEU A 524 -18.49 69.48 -36.18
N LEU A 525 -17.98 69.52 -37.41
CA LEU A 525 -16.58 69.83 -37.66
C LEU A 525 -16.39 71.34 -37.77
N HIS A 526 -15.20 71.76 -38.17
CA HIS A 526 -14.93 73.20 -38.32
C HIS A 526 -15.47 73.75 -39.63
N ALA A 527 -15.76 72.89 -40.59
CA ALA A 527 -16.31 73.33 -41.86
C ALA A 527 -17.75 73.82 -41.66
N PRO A 528 -18.20 74.77 -42.47
CA PRO A 528 -19.59 75.26 -42.34
C PRO A 528 -20.59 74.15 -42.64
N ALA A 529 -21.78 74.29 -42.08
CA ALA A 529 -22.83 73.30 -42.26
C ALA A 529 -23.30 73.27 -43.71
N THR A 530 -23.18 72.10 -44.35
CA THR A 530 -23.63 71.91 -45.72
C THR A 530 -24.92 71.09 -45.82
N VAL A 531 -25.37 70.46 -44.74
CA VAL A 531 -26.60 69.69 -44.72
C VAL A 531 -27.44 70.19 -43.55
N CYS A 532 -28.66 70.63 -43.85
CA CYS A 532 -29.57 71.16 -42.85
C CYS A 532 -30.96 70.54 -43.05
N GLY A 533 -31.91 70.98 -42.22
CA GLY A 533 -33.25 70.49 -42.30
C GLY A 533 -34.11 71.31 -43.25
N PRO A 534 -35.30 70.82 -43.55
CA PRO A 534 -36.19 71.55 -44.47
C PRO A 534 -36.74 72.81 -43.83
N LYS A 535 -36.63 73.93 -44.55
CA LYS A 535 -37.18 75.20 -44.10
C LYS A 535 -38.52 75.44 -44.81
N LYS A 536 -39.58 75.58 -44.01
CA LYS A 536 -40.91 75.78 -44.57
C LYS A 536 -41.14 77.26 -44.90
N SER A 537 -42.02 77.51 -45.87
CA SER A 537 -42.36 78.85 -46.32
C SER A 537 -43.85 79.09 -46.15
N THR A 538 -44.19 80.27 -45.64
CA THR A 538 -45.57 80.66 -45.42
C THR A 538 -46.02 81.62 -46.52
N ASN A 539 -47.23 82.16 -46.37
CA ASN A 539 -47.77 83.10 -47.33
C ASN A 539 -47.06 84.44 -47.24
N LEU A 540 -47.42 85.37 -48.12
CA LEU A 540 -46.80 86.68 -48.21
C LEU A 540 -47.89 87.74 -48.27
N VAL A 541 -48.19 88.36 -47.14
CA VAL A 541 -49.15 89.46 -47.08
C VAL A 541 -48.39 90.77 -47.21
N LYS A 542 -48.67 91.53 -48.28
CA LYS A 542 -47.91 92.74 -48.56
C LYS A 542 -48.43 93.93 -47.78
N ASN A 543 -49.69 94.30 -47.99
CA ASN A 543 -50.25 95.55 -47.45
C ASN A 543 -50.66 95.34 -45.99
N LYS A 544 -49.65 95.12 -45.14
CA LYS A 544 -49.85 94.99 -43.71
C LYS A 544 -48.50 95.03 -43.02
N CYS A 545 -48.43 95.80 -41.93
CA CYS A 545 -47.22 95.85 -41.11
C CYS A 545 -47.10 94.54 -40.32
N VAL A 546 -46.22 93.66 -40.78
CA VAL A 546 -46.03 92.36 -40.17
C VAL A 546 -44.53 92.05 -40.13
N ASN A 547 -44.19 90.99 -39.40
CA ASN A 547 -42.82 90.54 -39.31
C ASN A 547 -42.42 89.77 -40.56
N PHE A 548 -41.14 89.85 -40.92
CA PHE A 548 -40.62 89.18 -42.09
C PHE A 548 -39.23 88.61 -41.77
N ASN A 549 -38.92 87.47 -42.39
CA ASN A 549 -37.63 86.80 -42.20
C ASN A 549 -37.21 86.23 -43.55
N PHE A 550 -36.40 87.00 -44.29
CA PHE A 550 -35.90 86.59 -45.59
C PHE A 550 -34.44 86.15 -45.43
N ASN A 551 -34.28 84.89 -45.01
CA ASN A 551 -32.97 84.26 -44.83
C ASN A 551 -32.09 85.07 -43.87
N GLY A 552 -32.59 85.21 -42.64
CA GLY A 552 -31.89 85.89 -41.57
C GLY A 552 -32.29 87.34 -41.38
N LEU A 553 -32.80 87.99 -42.42
CA LEU A 553 -33.20 89.39 -42.34
C LEU A 553 -34.51 89.47 -41.57
N THR A 554 -34.42 89.70 -40.26
CA THR A 554 -35.58 89.77 -39.38
C THR A 554 -35.84 91.23 -39.02
N GLY A 555 -37.09 91.65 -39.14
CA GLY A 555 -37.46 93.02 -38.81
C GLY A 555 -38.95 93.22 -38.96
N THR A 556 -39.36 94.47 -38.78
CA THR A 556 -40.76 94.85 -38.88
C THR A 556 -40.93 95.93 -39.95
N GLY A 557 -42.11 95.97 -40.54
CA GLY A 557 -42.41 96.95 -41.55
C GLY A 557 -43.48 96.46 -42.50
N VAL A 558 -43.78 97.29 -43.49
CA VAL A 558 -44.78 97.00 -44.51
C VAL A 558 -44.06 96.70 -45.82
N LEU A 559 -44.51 95.65 -46.50
CA LEU A 559 -43.93 95.25 -47.78
C LEU A 559 -44.80 95.79 -48.90
N THR A 560 -44.22 96.65 -49.74
CA THR A 560 -44.93 97.27 -50.85
C THR A 560 -44.20 97.00 -52.15
N GLU A 561 -44.95 97.04 -53.25
CA GLU A 561 -44.39 96.82 -54.58
C GLU A 561 -43.45 97.96 -54.96
N SER A 562 -42.15 97.68 -55.02
CA SER A 562 -41.16 98.67 -55.37
C SER A 562 -40.98 98.74 -56.88
N ASN A 563 -40.26 99.77 -57.33
CA ASN A 563 -39.98 99.97 -58.75
C ASN A 563 -38.50 99.80 -59.08
N LYS A 564 -37.70 99.33 -58.12
CA LYS A 564 -36.27 99.16 -58.36
C LYS A 564 -36.02 97.96 -59.27
N LYS A 565 -34.79 97.89 -59.79
CA LYS A 565 -34.37 96.82 -60.70
C LYS A 565 -33.08 96.23 -60.14
N PHE A 566 -33.20 95.13 -59.41
CA PHE A 566 -32.03 94.49 -58.80
C PHE A 566 -31.26 93.69 -59.84
N LEU A 567 -29.94 93.74 -59.72
CA LEU A 567 -29.10 92.91 -60.58
C LEU A 567 -29.29 91.44 -60.22
N PRO A 568 -29.07 90.53 -61.18
CA PRO A 568 -29.40 89.12 -60.92
C PRO A 568 -28.37 88.41 -60.03
N PHE A 569 -27.87 89.12 -59.03
CA PHE A 569 -27.12 88.48 -57.95
C PHE A 569 -27.44 89.07 -56.59
N GLN A 570 -28.38 90.01 -56.49
CA GLN A 570 -28.69 90.67 -55.24
C GLN A 570 -29.76 89.91 -54.47
N GLN A 571 -29.79 90.13 -53.16
CA GLN A 571 -30.82 89.56 -52.29
C GLN A 571 -31.66 90.63 -51.61
N PHE A 572 -31.03 91.62 -50.99
CA PHE A 572 -31.72 92.72 -50.32
C PHE A 572 -30.96 94.01 -50.56
N GLY A 573 -31.47 95.09 -49.98
CA GLY A 573 -30.85 96.40 -50.13
C GLY A 573 -31.05 97.29 -48.93
N ARG A 574 -30.08 98.16 -48.66
CA ARG A 574 -30.11 99.06 -47.52
C ARG A 574 -30.38 100.49 -47.99
N ASP A 575 -30.62 101.36 -47.01
CA ASP A 575 -30.95 102.75 -47.26
C ASP A 575 -29.72 103.63 -47.04
N ILE A 576 -29.92 104.94 -47.05
CA ILE A 576 -28.82 105.90 -46.90
C ILE A 576 -28.10 105.73 -45.57
N ALA A 577 -28.84 105.46 -44.49
CA ALA A 577 -28.27 105.37 -43.15
C ALA A 577 -28.05 103.91 -42.73
N ASP A 578 -27.74 103.04 -43.69
CA ASP A 578 -27.45 101.63 -43.45
C ASP A 578 -28.62 100.95 -42.71
N THR A 579 -29.80 101.07 -43.32
CA THR A 579 -31.02 100.46 -42.79
C THR A 579 -31.71 99.69 -43.91
N THR A 580 -32.16 98.48 -43.60
CA THR A 580 -32.80 97.63 -44.61
C THR A 580 -34.14 98.21 -45.01
N ASP A 581 -34.28 98.52 -46.30
CA ASP A 581 -35.54 99.06 -46.83
C ASP A 581 -35.97 98.37 -48.12
N ALA A 582 -35.28 97.33 -48.56
CA ALA A 582 -35.65 96.62 -49.78
C ALA A 582 -35.13 95.20 -49.70
N VAL A 583 -35.92 94.26 -50.22
CA VAL A 583 -35.56 92.85 -50.24
C VAL A 583 -36.30 92.17 -51.38
N ARG A 584 -35.66 91.17 -51.96
CA ARG A 584 -36.26 90.37 -53.02
C ARG A 584 -36.58 88.98 -52.48
N ASP A 585 -37.85 88.60 -52.56
CA ASP A 585 -38.29 87.30 -52.07
C ASP A 585 -37.65 86.19 -52.88
N PRO A 586 -36.87 85.27 -52.26
CA PRO A 586 -36.24 84.17 -53.00
C PRO A 586 -37.21 83.03 -53.33
N GLN A 587 -38.39 83.39 -53.82
CA GLN A 587 -39.36 82.44 -54.33
C GLN A 587 -39.69 82.69 -55.80
N THR A 588 -40.06 83.93 -56.12
CA THR A 588 -40.26 84.37 -57.50
C THR A 588 -39.62 85.75 -57.62
N LEU A 589 -38.90 85.97 -58.73
CA LEU A 589 -38.17 87.22 -58.93
C LEU A 589 -39.12 88.41 -58.89
N GLU A 590 -39.02 89.21 -57.83
CA GLU A 590 -39.89 90.36 -57.64
C GLU A 590 -39.31 91.23 -56.53
N ILE A 591 -39.20 92.53 -56.79
CA ILE A 591 -38.66 93.45 -55.80
C ILE A 591 -39.76 93.84 -54.81
N LEU A 592 -39.37 94.14 -53.58
CA LEU A 592 -40.32 94.50 -52.53
C LEU A 592 -39.70 95.58 -51.66
N ASP A 593 -40.38 96.72 -51.55
CA ASP A 593 -39.93 97.80 -50.69
C ASP A 593 -40.33 97.53 -49.25
N ILE A 594 -39.46 97.93 -48.33
CA ILE A 594 -39.70 97.73 -46.89
C ILE A 594 -39.85 99.12 -46.28
N THR A 595 -41.10 99.57 -46.16
CA THR A 595 -41.30 100.84 -45.45
C THR A 595 -41.55 100.56 -43.97
N PRO A 596 -41.02 101.41 -43.08
CA PRO A 596 -41.18 101.17 -41.65
C PRO A 596 -42.64 101.18 -41.24
N CYS A 597 -42.94 100.42 -40.18
CA CYS A 597 -44.29 100.36 -39.64
C CYS A 597 -44.71 101.73 -39.12
N SER A 598 -45.97 102.09 -39.34
CA SER A 598 -46.48 103.40 -38.96
C SER A 598 -46.38 103.61 -37.46
N PHE A 599 -45.55 104.55 -37.03
CA PHE A 599 -45.38 104.89 -35.63
C PHE A 599 -45.35 106.41 -35.48
N GLY A 600 -45.12 106.87 -34.25
CA GLY A 600 -45.07 108.30 -33.99
C GLY A 600 -45.23 108.60 -32.53
N GLY A 601 -45.79 109.78 -32.25
CA GLY A 601 -46.02 110.21 -30.89
C GLY A 601 -47.34 110.91 -30.70
N VAL A 602 -48.06 110.57 -29.65
CA VAL A 602 -49.38 111.14 -29.37
C VAL A 602 -49.21 112.42 -28.59
N SER A 603 -50.18 113.32 -28.71
CA SER A 603 -50.19 114.59 -28.00
C SER A 603 -51.62 114.95 -27.66
N VAL A 604 -51.90 115.06 -26.36
CA VAL A 604 -53.25 115.37 -25.88
C VAL A 604 -53.35 116.87 -25.65
N ILE A 605 -54.40 117.48 -26.19
CA ILE A 605 -54.65 118.90 -26.07
C ILE A 605 -55.70 119.08 -24.98
N THR A 606 -55.25 119.50 -23.79
CA THR A 606 -56.15 119.70 -22.66
C THR A 606 -56.40 121.18 -22.44
N PRO A 607 -57.63 121.67 -22.63
CA PRO A 607 -57.95 123.08 -22.41
C PRO A 607 -58.19 123.44 -20.94
N GLY A 608 -57.27 122.99 -20.08
CA GLY A 608 -57.38 123.25 -18.66
C GLY A 608 -58.37 122.36 -17.95
N THR A 609 -58.06 121.98 -16.70
CA THR A 609 -58.94 121.13 -15.92
C THR A 609 -60.03 121.93 -15.21
N ASN A 610 -59.76 123.19 -14.86
CA ASN A 610 -60.74 124.02 -14.16
C ASN A 610 -61.90 124.44 -15.04
N THR A 611 -61.86 124.16 -16.34
CA THR A 611 -62.90 124.54 -17.27
C THR A 611 -63.73 123.37 -17.74
N SER A 612 -63.10 122.32 -18.28
CA SER A 612 -63.82 121.16 -18.78
C SER A 612 -62.86 119.98 -18.87
N ASN A 613 -63.42 118.78 -18.86
CA ASN A 613 -62.64 117.55 -18.97
C ASN A 613 -62.69 116.96 -20.37
N GLN A 614 -62.99 117.77 -21.38
CA GLN A 614 -63.03 117.33 -22.76
C GLN A 614 -61.70 117.66 -23.43
N VAL A 615 -60.93 116.62 -23.75
CA VAL A 615 -59.61 116.78 -24.33
C VAL A 615 -59.62 116.20 -25.74
N ALA A 616 -58.55 116.49 -26.49
CA ALA A 616 -58.37 115.98 -27.84
C ALA A 616 -56.94 115.48 -28.00
N VAL A 617 -56.81 114.38 -28.74
CA VAL A 617 -55.52 113.72 -28.96
C VAL A 617 -55.02 114.07 -30.35
N LEU A 618 -53.70 114.15 -30.49
CA LEU A 618 -53.05 114.47 -31.76
C LEU A 618 -52.04 113.37 -32.07
N TYR A 619 -52.24 112.66 -33.18
CA TYR A 619 -51.35 111.61 -33.62
C TYR A 619 -50.36 112.20 -34.62
N GLN A 620 -49.20 112.61 -34.13
CA GLN A 620 -48.18 113.25 -34.97
C GLN A 620 -47.62 112.23 -35.96
N GLY A 621 -47.71 112.54 -37.25
CA GLY A 621 -47.18 111.70 -38.31
C GLY A 621 -48.21 110.77 -38.91
N VAL A 622 -49.26 110.43 -38.16
CA VAL A 622 -50.28 109.52 -38.65
C VAL A 622 -51.17 110.23 -39.66
N ASN A 623 -51.53 109.51 -40.73
CA ASN A 623 -52.40 110.04 -41.78
C ASN A 623 -53.87 109.75 -41.52
N CYS A 624 -54.26 109.60 -40.24
CA CYS A 624 -55.62 109.28 -39.81
C CYS A 624 -56.13 107.96 -40.37
N THR A 625 -55.25 107.12 -40.91
CA THR A 625 -55.63 105.83 -41.48
C THR A 625 -55.02 104.66 -40.72
N GLU A 626 -54.33 104.91 -39.60
CA GLU A 626 -53.72 103.86 -38.81
C GLU A 626 -54.19 103.84 -37.36
N VAL A 627 -54.94 104.84 -36.91
CA VAL A 627 -55.43 104.85 -35.53
C VAL A 627 -56.59 103.87 -35.40
N PRO A 628 -56.53 102.90 -34.47
CA PRO A 628 -57.58 101.91 -34.26
C PRO A 628 -58.91 102.55 -33.86
N SER A 647 -65.48 113.30 -31.74
CA SER A 647 -64.85 112.36 -32.65
C SER A 647 -64.92 112.84 -34.09
N ASN A 648 -64.26 113.96 -34.36
CA ASN A 648 -64.23 114.56 -35.68
C ASN A 648 -62.84 114.34 -36.27
N VAL A 649 -62.73 113.36 -37.16
CA VAL A 649 -61.44 113.03 -37.78
C VAL A 649 -61.06 114.14 -38.76
N PHE A 650 -59.85 114.67 -38.62
CA PHE A 650 -59.34 115.71 -39.50
C PHE A 650 -57.84 115.54 -39.65
N GLN A 651 -57.36 115.57 -40.89
CA GLN A 651 -55.96 115.38 -41.20
C GLN A 651 -55.29 116.73 -41.40
N THR A 652 -54.26 117.01 -40.61
CA THR A 652 -53.48 118.23 -40.71
C THR A 652 -52.11 117.92 -41.29
N ARG A 653 -51.35 118.98 -41.57
CA ARG A 653 -49.99 118.84 -42.08
C ARG A 653 -48.96 118.57 -40.99
N ALA A 654 -49.41 118.36 -39.75
CA ALA A 654 -48.53 118.04 -38.64
C ALA A 654 -48.89 116.73 -37.95
N GLY A 655 -49.95 116.07 -38.36
CA GLY A 655 -50.37 114.83 -37.76
C GLY A 655 -51.87 114.64 -37.92
N CYS A 656 -52.43 113.76 -37.10
CA CYS A 656 -53.86 113.47 -37.11
C CYS A 656 -54.47 113.93 -35.79
N LEU A 657 -55.36 114.92 -35.86
CA LEU A 657 -56.02 115.45 -34.68
C LEU A 657 -57.40 114.80 -34.54
N ILE A 658 -57.62 114.14 -33.41
CA ILE A 658 -58.88 113.44 -33.13
C ILE A 658 -59.48 114.07 -31.88
N GLY A 659 -60.60 114.77 -32.06
CA GLY A 659 -61.29 115.37 -30.94
C GLY A 659 -61.76 116.78 -31.20
N ALA A 660 -61.29 117.39 -32.30
CA ALA A 660 -61.65 118.75 -32.65
C ALA A 660 -62.12 118.80 -34.10
N GLU A 661 -62.80 119.89 -34.45
CA GLU A 661 -63.30 120.12 -35.79
C GLU A 661 -62.70 121.41 -36.34
N TYR A 662 -62.49 121.43 -37.66
CA TYR A 662 -61.86 122.58 -38.32
C TYR A 662 -62.95 123.59 -38.69
N VAL A 663 -62.87 124.77 -38.08
CA VAL A 663 -63.82 125.85 -38.36
C VAL A 663 -63.18 126.80 -39.36
N ASN A 664 -64.02 127.43 -40.19
CA ASN A 664 -63.51 128.35 -41.21
C ASN A 664 -62.98 129.65 -40.61
N ASN A 665 -63.49 130.06 -39.46
CA ASN A 665 -63.06 131.31 -38.85
C ASN A 665 -61.63 131.18 -38.32
N SER A 666 -60.90 132.29 -38.41
CA SER A 666 -59.50 132.35 -37.98
C SER A 666 -59.42 133.24 -36.74
N TYR A 667 -59.03 132.66 -35.62
CA TYR A 667 -58.87 133.38 -34.36
C TYR A 667 -57.39 133.44 -33.98
N GLU A 668 -57.11 133.97 -32.80
CA GLU A 668 -55.76 134.05 -32.29
C GLU A 668 -55.33 132.68 -31.76
N CYS A 669 -54.05 132.37 -31.96
CA CYS A 669 -53.52 131.06 -31.59
C CYS A 669 -53.45 130.94 -30.07
N ASP A 670 -54.38 130.15 -29.50
CA ASP A 670 -54.39 129.93 -28.05
C ASP A 670 -53.51 128.75 -27.67
N ILE A 671 -53.77 127.59 -28.25
CA ILE A 671 -52.99 126.38 -28.01
C ILE A 671 -52.25 126.02 -29.30
N PRO A 672 -50.92 126.04 -29.32
CA PRO A 672 -50.20 125.71 -30.56
C PRO A 672 -50.26 124.22 -30.85
N ILE A 673 -50.53 123.89 -32.11
CA ILE A 673 -50.59 122.50 -32.57
C ILE A 673 -49.43 122.19 -33.50
N GLY A 674 -49.32 122.90 -34.61
CA GLY A 674 -48.25 122.67 -35.56
C GLY A 674 -48.63 123.02 -36.99
N ALA A 675 -47.69 123.58 -37.75
CA ALA A 675 -47.89 123.94 -39.15
C ALA A 675 -49.06 124.91 -39.30
N GLY A 676 -49.11 125.90 -38.41
CA GLY A 676 -50.14 126.93 -38.43
C GLY A 676 -51.42 126.55 -37.72
N ILE A 677 -51.67 125.26 -37.52
CA ILE A 677 -52.89 124.83 -36.85
C ILE A 677 -52.83 125.21 -35.37
N CYS A 678 -53.94 125.71 -34.85
CA CYS A 678 -54.04 126.12 -33.46
C CYS A 678 -55.36 125.65 -32.87
N ALA A 679 -55.40 125.54 -31.55
CA ALA A 679 -56.57 125.07 -30.83
C ALA A 679 -57.02 126.10 -29.81
N SER A 680 -58.30 126.01 -29.43
CA SER A 680 -58.88 126.90 -28.45
C SER A 680 -60.12 126.22 -27.87
N TYR A 681 -60.81 126.91 -26.97
CA TYR A 681 -62.02 126.42 -26.33
C TYR A 681 -63.10 127.49 -26.48
N GLN A 682 -63.91 127.36 -27.53
CA GLN A 682 -64.96 128.34 -27.82
C GLN A 682 -66.22 127.60 -28.22
N THR A 683 -67.36 128.26 -28.01
CA THR A 683 -68.65 127.69 -28.36
C THR A 683 -68.78 127.47 -29.86
N SER A 696 -72.94 125.08 -27.10
CA SER A 696 -72.13 123.87 -26.99
C SER A 696 -70.65 124.21 -26.94
N GLN A 697 -70.03 123.96 -25.78
CA GLN A 697 -68.61 124.23 -25.58
C GLN A 697 -67.80 123.00 -25.99
N SER A 698 -66.89 123.19 -26.93
CA SER A 698 -66.05 122.11 -27.42
C SER A 698 -64.74 122.70 -27.94
N ILE A 699 -63.85 121.82 -28.41
CA ILE A 699 -62.57 122.22 -28.96
C ILE A 699 -62.69 122.29 -30.47
N ILE A 700 -62.27 123.41 -31.06
CA ILE A 700 -62.34 123.63 -32.49
C ILE A 700 -60.94 123.93 -33.02
N ALA A 701 -60.66 123.48 -34.23
CA ALA A 701 -59.39 123.74 -34.89
C ALA A 701 -59.54 124.87 -35.90
N TYR A 702 -58.46 125.65 -36.06
CA TYR A 702 -58.50 126.81 -36.92
C TYR A 702 -57.08 127.26 -37.23
N THR A 703 -56.92 127.95 -38.36
CA THR A 703 -55.64 128.54 -38.70
C THR A 703 -55.49 129.88 -37.99
N MET A 704 -54.35 130.09 -37.34
CA MET A 704 -54.13 131.31 -36.59
C MET A 704 -54.08 132.53 -37.51
N SER A 705 -54.62 133.64 -37.03
CA SER A 705 -54.63 134.89 -37.76
C SER A 705 -53.46 135.76 -37.31
N LEU A 706 -52.72 136.31 -38.27
CA LEU A 706 -51.57 137.13 -37.95
C LEU A 706 -51.95 138.51 -37.43
N GLY A 707 -53.18 138.93 -37.61
CA GLY A 707 -53.63 140.23 -37.14
C GLY A 707 -54.61 140.83 -38.11
N ALA A 708 -55.00 142.06 -37.81
CA ALA A 708 -55.93 142.78 -38.66
C ALA A 708 -55.23 143.25 -39.94
N GLU A 709 -56.03 143.43 -40.99
CA GLU A 709 -55.53 143.85 -42.31
C GLU A 709 -55.79 145.34 -42.46
N ASN A 710 -54.81 146.14 -42.05
CA ASN A 710 -54.90 147.59 -42.16
C ASN A 710 -54.39 148.04 -43.53
N SER A 711 -55.05 149.05 -44.09
CA SER A 711 -54.71 149.59 -45.42
C SER A 711 -54.35 151.06 -45.26
N VAL A 712 -53.06 151.35 -45.28
CA VAL A 712 -52.60 152.73 -45.17
C VAL A 712 -52.86 153.44 -46.50
N ALA A 713 -53.62 154.54 -46.45
CA ALA A 713 -53.95 155.31 -47.64
C ALA A 713 -52.74 156.14 -48.06
N TYR A 714 -51.83 155.50 -48.79
CA TYR A 714 -50.61 156.15 -49.24
C TYR A 714 -50.92 157.12 -50.37
N SER A 715 -50.38 158.33 -50.29
CA SER A 715 -50.56 159.34 -51.33
C SER A 715 -49.32 160.22 -51.38
N ASN A 716 -49.11 160.83 -52.55
CA ASN A 716 -47.94 161.68 -52.75
C ASN A 716 -48.08 163.03 -52.06
N ASN A 717 -49.29 163.42 -51.67
CA ASN A 717 -49.53 164.71 -51.03
C ASN A 717 -50.45 164.55 -49.83
N SER A 718 -50.21 163.52 -49.02
CA SER A 718 -50.99 163.26 -47.82
C SER A 718 -50.07 162.78 -46.71
N ILE A 719 -50.17 163.41 -45.54
CA ILE A 719 -49.36 163.05 -44.39
C ILE A 719 -50.26 163.04 -43.16
N ALA A 720 -49.89 162.23 -42.17
CA ALA A 720 -50.63 162.10 -40.93
C ALA A 720 -49.78 162.64 -39.79
N ILE A 721 -50.16 163.79 -39.25
CA ILE A 721 -49.47 164.42 -38.13
C ILE A 721 -50.34 164.24 -36.89
N PRO A 722 -49.83 163.63 -35.82
CA PRO A 722 -50.66 163.42 -34.63
C PRO A 722 -50.92 164.73 -33.89
N THR A 723 -52.06 164.76 -33.21
CA THR A 723 -52.47 165.93 -32.43
C THR A 723 -52.44 165.72 -30.93
N ASN A 724 -52.59 164.48 -30.46
CA ASN A 724 -52.57 164.14 -29.06
C ASN A 724 -51.50 163.10 -28.79
N PHE A 725 -51.37 162.70 -27.53
CA PHE A 725 -50.38 161.72 -27.11
C PHE A 725 -50.93 160.91 -25.95
N THR A 726 -50.27 159.79 -25.67
CA THR A 726 -50.68 158.90 -24.58
C THR A 726 -49.43 158.26 -24.01
N ILE A 727 -49.02 158.72 -22.82
CA ILE A 727 -47.84 158.17 -22.17
C ILE A 727 -48.18 156.79 -21.62
N SER A 728 -47.45 155.77 -22.07
CA SER A 728 -47.65 154.40 -21.65
C SER A 728 -46.40 153.87 -20.98
N VAL A 729 -46.58 153.08 -19.92
CA VAL A 729 -45.49 152.48 -19.17
C VAL A 729 -45.59 150.97 -19.31
N THR A 730 -44.58 150.37 -19.92
CA THR A 730 -44.52 148.92 -20.13
C THR A 730 -43.54 148.30 -19.16
N THR A 731 -43.55 146.96 -19.13
CA THR A 731 -42.67 146.18 -18.27
C THR A 731 -41.93 145.14 -19.09
N GLU A 732 -40.77 144.71 -18.57
CA GLU A 732 -39.96 143.71 -19.24
C GLU A 732 -39.21 142.91 -18.17
N ILE A 733 -39.46 141.61 -18.13
CA ILE A 733 -38.85 140.73 -17.13
C ILE A 733 -37.56 140.16 -17.69
N LEU A 734 -36.47 140.34 -16.96
CA LEU A 734 -35.16 139.82 -17.37
C LEU A 734 -34.47 139.23 -16.14
N PRO A 735 -34.16 137.94 -16.13
CA PRO A 735 -33.42 137.37 -14.99
C PRO A 735 -32.01 137.91 -14.92
N VAL A 736 -31.43 137.85 -13.72
CA VAL A 736 -30.08 138.30 -13.46
C VAL A 736 -29.18 137.16 -13.00
N SER A 737 -29.59 136.42 -11.98
CA SER A 737 -28.81 135.32 -11.44
C SER A 737 -29.75 134.14 -11.20
N MET A 738 -29.16 133.05 -10.71
CA MET A 738 -29.90 131.83 -10.41
C MET A 738 -29.44 131.31 -9.05
N THR A 739 -29.89 130.10 -8.71
CA THR A 739 -29.54 129.52 -7.42
C THR A 739 -28.09 129.05 -7.42
N LYS A 740 -27.32 129.51 -6.44
CA LYS A 740 -25.93 129.10 -6.29
C LYS A 740 -25.88 127.77 -5.55
N THR A 741 -25.30 126.75 -6.18
CA THR A 741 -25.25 125.41 -5.63
C THR A 741 -23.81 124.89 -5.66
N SER A 742 -23.52 123.95 -4.77
CA SER A 742 -22.21 123.31 -4.70
C SER A 742 -22.40 121.88 -4.19
N VAL A 743 -21.85 120.92 -4.90
CA VAL A 743 -22.01 119.52 -4.58
C VAL A 743 -20.70 118.95 -4.07
N ASP A 744 -20.78 117.80 -3.42
CA ASP A 744 -19.61 117.09 -2.91
C ASP A 744 -19.36 115.86 -3.77
N CYS A 745 -18.12 115.73 -4.25
CA CYS A 745 -17.74 114.61 -5.11
C CYS A 745 -17.41 113.36 -4.32
N THR A 746 -17.52 113.40 -2.99
CA THR A 746 -17.25 112.24 -2.15
C THR A 746 -18.47 111.77 -1.37
N MET A 747 -19.26 112.70 -0.82
CA MET A 747 -20.45 112.31 -0.06
C MET A 747 -21.58 111.85 -0.97
N TYR A 748 -21.80 112.56 -2.07
CA TYR A 748 -22.85 112.16 -3.00
C TYR A 748 -22.51 110.86 -3.72
N ILE A 749 -21.23 110.64 -4.00
CA ILE A 749 -20.82 109.42 -4.70
C ILE A 749 -20.72 108.25 -3.72
N CYS A 750 -20.05 108.46 -2.59
CA CYS A 750 -19.88 107.43 -1.56
C CYS A 750 -20.73 107.84 -0.35
N GLY A 751 -21.81 107.09 -0.12
CA GLY A 751 -22.67 107.38 1.00
C GLY A 751 -22.24 106.72 2.30
N ASP A 752 -21.58 107.48 3.17
CA ASP A 752 -21.13 107.03 4.48
C ASP A 752 -20.24 105.78 4.39
N SER A 753 -19.47 105.65 3.32
CA SER A 753 -18.60 104.50 3.14
C SER A 753 -17.14 104.91 3.25
N THR A 754 -16.29 103.92 3.50
CA THR A 754 -14.84 104.14 3.63
C THR A 754 -14.04 103.53 2.49
N GLU A 755 -14.31 102.28 2.12
CA GLU A 755 -13.59 101.66 1.01
C GLU A 755 -14.04 102.21 -0.33
N CYS A 756 -15.22 102.84 -0.39
CA CYS A 756 -15.68 103.47 -1.62
C CYS A 756 -14.78 104.63 -2.02
N SER A 757 -14.37 105.45 -1.04
CA SER A 757 -13.49 106.58 -1.34
C SER A 757 -12.09 106.14 -1.73
N ASN A 758 -11.69 104.92 -1.36
CA ASN A 758 -10.38 104.42 -1.75
C ASN A 758 -10.32 104.15 -3.25
N LEU A 759 -11.38 103.57 -3.81
CA LEU A 759 -11.46 103.34 -5.24
C LEU A 759 -12.00 104.54 -6.01
N LEU A 760 -12.60 105.52 -5.32
CA LEU A 760 -13.06 106.72 -5.98
C LEU A 760 -11.89 107.56 -6.49
N LEU A 761 -10.80 107.61 -5.73
CA LEU A 761 -9.63 108.38 -6.13
C LEU A 761 -8.83 107.72 -7.24
N GLN A 762 -9.03 106.42 -7.49
CA GLN A 762 -8.31 105.70 -8.53
C GLN A 762 -9.09 105.60 -9.83
N TYR A 763 -10.37 105.98 -9.85
CA TYR A 763 -11.18 105.87 -11.05
C TYR A 763 -10.96 107.04 -12.01
N GLY A 764 -10.07 107.96 -11.70
CA GLY A 764 -9.79 109.11 -12.52
C GLY A 764 -9.73 110.37 -11.69
N SER A 765 -9.67 111.51 -12.37
CA SER A 765 -9.58 112.82 -11.74
C SER A 765 -10.86 113.64 -11.91
N PHE A 766 -12.01 112.98 -12.00
CA PHE A 766 -13.27 113.67 -12.18
C PHE A 766 -13.92 114.02 -10.84
N CYS A 767 -13.16 114.68 -9.98
CA CYS A 767 -13.68 115.20 -8.72
C CYS A 767 -13.18 116.58 -8.35
N THR A 768 -12.11 117.08 -8.98
CA THR A 768 -11.59 118.41 -8.71
C THR A 768 -12.02 119.45 -9.73
N GLN A 769 -12.29 119.03 -10.97
CA GLN A 769 -12.73 119.97 -12.00
C GLN A 769 -14.18 120.40 -11.82
N LEU A 770 -15.03 119.51 -11.29
CA LEU A 770 -16.44 119.86 -11.09
C LEU A 770 -16.62 120.85 -9.95
N LYS A 771 -15.84 120.71 -8.87
CA LYS A 771 -15.91 121.69 -7.78
C LYS A 771 -15.43 123.06 -8.25
N ARG A 772 -14.36 123.11 -9.03
CA ARG A 772 -13.91 124.39 -9.59
C ARG A 772 -14.92 124.95 -10.57
N ALA A 773 -15.60 124.10 -11.33
CA ALA A 773 -16.63 124.57 -12.25
C ALA A 773 -17.79 125.20 -11.48
N LEU A 774 -18.24 124.55 -10.41
CA LEU A 774 -19.30 125.12 -9.58
C LEU A 774 -18.86 126.40 -8.89
N THR A 775 -17.61 126.48 -8.44
CA THR A 775 -17.09 127.72 -7.86
C THR A 775 -17.08 128.84 -8.89
N GLY A 776 -16.65 128.55 -10.11
CA GLY A 776 -16.71 129.54 -11.17
C GLY A 776 -18.11 129.96 -11.51
N ILE A 777 -19.06 129.02 -11.48
CA ILE A 777 -20.46 129.36 -11.71
C ILE A 777 -20.97 130.31 -10.62
N ALA A 778 -20.61 130.03 -9.36
CA ALA A 778 -21.02 130.91 -8.28
C ALA A 778 -20.40 132.29 -8.41
N VAL A 779 -19.11 132.35 -8.77
CA VAL A 779 -18.46 133.64 -8.96
C VAL A 779 -19.10 134.41 -10.11
N GLU A 780 -19.50 133.71 -11.16
CA GLU A 780 -20.17 134.35 -12.29
C GLU A 780 -21.54 134.88 -11.89
N GLN A 781 -22.30 134.10 -11.11
CA GLN A 781 -23.60 134.56 -10.65
C GLN A 781 -23.48 135.76 -9.72
N ASP A 782 -22.42 135.82 -8.92
CA ASP A 782 -22.18 136.99 -8.09
C ASP A 782 -21.76 138.20 -8.91
N LYS A 783 -20.88 138.00 -9.89
CA LYS A 783 -20.43 139.10 -10.75
C LYS A 783 -21.58 139.67 -11.58
N ASN A 784 -22.53 138.82 -11.98
CA ASN A 784 -23.69 139.32 -12.70
C ASN A 784 -24.49 140.31 -11.86
N THR A 785 -24.83 139.93 -10.63
CA THR A 785 -25.53 140.84 -9.73
C THR A 785 -24.69 142.06 -9.37
N GLN A 786 -23.36 141.91 -9.33
CA GLN A 786 -22.49 143.04 -9.04
C GLN A 786 -22.41 144.04 -10.19
N GLU A 787 -22.51 143.57 -11.44
CA GLU A 787 -22.40 144.44 -12.60
C GLU A 787 -23.75 144.95 -13.09
N VAL A 788 -24.85 144.30 -12.73
CA VAL A 788 -26.18 144.73 -13.15
C VAL A 788 -26.73 145.84 -12.26
N PHE A 789 -26.66 145.65 -10.94
CA PHE A 789 -27.22 146.64 -10.01
C PHE A 789 -26.19 147.65 -9.54
N ALA A 790 -25.01 147.18 -9.11
CA ALA A 790 -23.97 148.08 -8.59
C ALA A 790 -23.21 148.70 -9.77
N GLN A 791 -23.83 149.71 -10.37
CA GLN A 791 -23.25 150.45 -11.47
C GLN A 791 -22.87 151.88 -11.11
N VAL A 792 -23.15 152.31 -9.88
CA VAL A 792 -22.81 153.66 -9.43
C VAL A 792 -22.06 153.56 -8.12
N LYS A 793 -21.26 154.59 -7.83
CA LYS A 793 -20.47 154.63 -6.60
C LYS A 793 -21.21 155.32 -5.47
N GLN A 794 -21.96 156.38 -5.77
CA GLN A 794 -22.68 157.14 -4.75
C GLN A 794 -24.08 156.55 -4.54
N ILE A 795 -24.44 156.35 -3.28
CA ILE A 795 -25.77 155.85 -2.92
C ILE A 795 -26.65 157.07 -2.67
N TYR A 796 -27.42 157.45 -3.68
CA TYR A 796 -28.27 158.62 -3.57
C TYR A 796 -29.52 158.30 -2.76
N LYS A 797 -30.05 159.34 -2.10
CA LYS A 797 -31.24 159.21 -1.28
C LYS A 797 -32.28 160.24 -1.71
N THR A 798 -33.54 159.87 -1.58
CA THR A 798 -34.61 160.77 -1.99
C THR A 798 -34.76 161.91 -0.99
N PRO A 799 -35.10 163.11 -1.46
CA PRO A 799 -35.32 164.24 -0.55
C PRO A 799 -36.53 163.99 0.34
N PRO A 800 -36.65 164.72 1.46
CA PRO A 800 -37.84 164.53 2.32
C PRO A 800 -39.14 164.86 1.61
N ILE A 801 -39.18 165.98 0.89
CA ILE A 801 -40.38 166.33 0.13
C ILE A 801 -40.49 165.43 -1.09
N LYS A 802 -41.71 165.13 -1.51
CA LYS A 802 -41.98 164.24 -2.63
C LYS A 802 -42.90 164.92 -3.64
N TYR A 803 -42.62 166.18 -3.94
CA TYR A 803 -43.37 166.94 -4.94
C TYR A 803 -42.44 167.16 -6.14
N PHE A 804 -42.44 166.18 -7.05
CA PHE A 804 -41.58 166.24 -8.23
C PHE A 804 -42.34 166.81 -9.42
N GLY A 805 -42.79 168.05 -9.26
CA GLY A 805 -43.50 168.73 -10.33
C GLY A 805 -44.89 168.21 -10.60
N GLY A 806 -45.46 167.42 -9.68
CA GLY A 806 -46.78 166.86 -9.86
C GLY A 806 -46.83 165.40 -10.25
N PHE A 807 -45.71 164.70 -10.25
CA PHE A 807 -45.64 163.29 -10.61
C PHE A 807 -45.57 162.46 -9.33
N ASN A 808 -46.46 161.47 -9.22
CA ASN A 808 -46.55 160.63 -8.03
C ASN A 808 -45.70 159.38 -8.23
N PHE A 809 -44.64 159.25 -7.43
CA PHE A 809 -43.74 158.10 -7.48
C PHE A 809 -43.88 157.20 -6.26
N SER A 810 -45.07 157.15 -5.65
CA SER A 810 -45.26 156.36 -4.45
C SER A 810 -45.25 154.86 -4.72
N GLN A 811 -45.38 154.46 -5.99
CA GLN A 811 -45.40 153.03 -6.33
C GLN A 811 -44.02 152.46 -6.60
N ILE A 812 -43.03 153.31 -6.89
CA ILE A 812 -41.69 152.84 -7.18
C ILE A 812 -40.69 153.19 -6.08
N LEU A 813 -40.85 154.33 -5.42
CA LEU A 813 -39.96 154.67 -4.32
C LEU A 813 -40.19 153.73 -3.14
N PRO A 814 -39.13 153.42 -2.39
CA PRO A 814 -39.29 152.49 -1.26
C PRO A 814 -40.14 153.08 -0.15
N ASP A 815 -40.89 152.20 0.51
CA ASP A 815 -41.78 152.61 1.59
C ASP A 815 -41.06 152.45 2.93
N PRO A 816 -40.77 153.52 3.65
CA PRO A 816 -40.06 153.38 4.93
C PRO A 816 -40.92 152.85 6.07
N SER A 817 -42.23 152.80 5.91
CA SER A 817 -43.13 152.35 6.97
C SER A 817 -43.28 150.83 6.98
N LYS A 818 -42.14 150.12 6.99
CA LYS A 818 -42.12 148.67 7.05
C LYS A 818 -40.70 148.20 7.36
N PRO A 819 -40.54 147.02 7.98
CA PRO A 819 -39.18 146.56 8.32
C PRO A 819 -38.37 146.10 7.13
N SER A 820 -38.93 146.11 5.92
CA SER A 820 -38.20 145.68 4.73
C SER A 820 -37.68 146.83 3.89
N LYS A 821 -38.34 147.99 3.92
CA LYS A 821 -37.94 149.17 3.16
C LYS A 821 -37.86 148.85 1.67
N ARG A 822 -39.02 148.51 1.10
CA ARG A 822 -39.12 148.12 -0.30
C ARG A 822 -40.36 148.74 -0.92
N SER A 823 -40.32 148.86 -2.24
CA SER A 823 -41.44 149.41 -2.98
C SER A 823 -42.60 148.41 -3.00
N PRO A 824 -43.85 148.91 -3.01
CA PRO A 824 -44.99 147.97 -3.09
C PRO A 824 -44.98 147.11 -4.34
N ILE A 825 -44.52 147.65 -5.47
CA ILE A 825 -44.35 146.82 -6.66
C ILE A 825 -43.32 145.73 -6.42
N GLU A 826 -42.21 146.08 -5.76
CA GLU A 826 -41.22 145.08 -5.39
C GLU A 826 -41.79 144.07 -4.39
N ASP A 827 -42.66 144.52 -3.49
CA ASP A 827 -43.29 143.60 -2.55
C ASP A 827 -44.19 142.61 -3.27
N LEU A 828 -44.94 143.08 -4.28
CA LEU A 828 -45.78 142.18 -5.06
C LEU A 828 -44.95 141.23 -5.91
N LEU A 829 -43.82 141.69 -6.45
CA LEU A 829 -42.95 140.84 -7.24
C LEU A 829 -42.23 139.81 -6.37
N PHE A 830 -42.01 140.12 -5.10
CA PHE A 830 -41.32 139.19 -4.20
C PHE A 830 -42.27 138.19 -3.57
N ASN A 831 -43.53 138.56 -3.35
CA ASN A 831 -44.53 137.68 -2.76
C ASN A 831 -45.21 136.79 -3.79
N LYS A 832 -44.70 136.75 -5.03
CA LYS A 832 -45.26 135.92 -6.09
C LYS A 832 -44.25 134.99 -6.73
N VAL A 833 -42.99 135.40 -6.85
CA VAL A 833 -41.97 134.55 -7.45
C VAL A 833 -41.42 133.57 -6.42
N PHE A 862 -30.46 117.25 0.30
CA PHE A 862 -29.75 117.29 1.56
C PHE A 862 -28.87 116.05 1.75
N ASN A 863 -28.44 115.46 0.65
CA ASN A 863 -27.56 114.30 0.65
C ASN A 863 -26.25 114.61 -0.08
N GLY A 864 -25.70 115.79 0.18
CA GLY A 864 -24.50 116.26 -0.49
C GLY A 864 -24.67 117.57 -1.24
N LEU A 865 -25.85 118.15 -1.27
CA LEU A 865 -26.11 119.40 -1.97
C LEU A 865 -26.07 120.54 -0.97
N THR A 866 -25.21 121.52 -1.22
CA THR A 866 -25.04 122.69 -0.34
C THR A 866 -25.39 123.93 -1.15
N VAL A 867 -26.56 124.49 -0.89
CA VAL A 867 -27.00 125.71 -1.59
C VAL A 867 -26.31 126.90 -0.95
N LEU A 868 -25.59 127.67 -1.77
CA LEU A 868 -24.88 128.82 -1.24
C LEU A 868 -25.71 130.09 -1.41
N PRO A 869 -25.78 130.93 -0.39
CA PRO A 869 -26.54 132.18 -0.51
C PRO A 869 -25.78 133.20 -1.35
N PRO A 870 -26.50 134.09 -2.03
CA PRO A 870 -25.82 135.11 -2.84
C PRO A 870 -25.03 136.08 -1.98
N LEU A 871 -24.10 136.78 -2.63
CA LEU A 871 -23.27 137.75 -1.93
C LEU A 871 -24.08 138.99 -1.57
N LEU A 872 -24.85 139.51 -2.52
CA LEU A 872 -25.68 140.69 -2.30
C LEU A 872 -27.09 140.24 -1.93
N THR A 873 -27.52 140.57 -0.72
CA THR A 873 -28.84 140.18 -0.25
C THR A 873 -29.90 141.07 -0.89
N ASP A 874 -31.17 140.79 -0.54
CA ASP A 874 -32.27 141.56 -1.10
C ASP A 874 -32.25 143.01 -0.62
N GLU A 875 -31.76 143.25 0.60
CA GLU A 875 -31.71 144.61 1.12
C GLU A 875 -30.71 145.46 0.33
N MET A 876 -29.57 144.88 -0.03
CA MET A 876 -28.58 145.62 -0.81
C MET A 876 -29.11 145.91 -2.21
N ILE A 877 -29.81 144.95 -2.82
CA ILE A 877 -30.40 145.18 -4.12
C ILE A 877 -31.47 146.27 -4.06
N ALA A 878 -32.28 146.27 -2.98
CA ALA A 878 -33.28 147.32 -2.82
C ALA A 878 -32.64 148.69 -2.64
N GLN A 879 -31.55 148.76 -1.86
CA GLN A 879 -30.85 150.03 -1.70
C GLN A 879 -30.23 150.49 -3.02
N TYR A 880 -29.68 149.58 -3.80
CA TYR A 880 -29.15 149.94 -5.12
C TYR A 880 -30.24 150.46 -6.04
N THR A 881 -31.39 149.79 -6.08
CA THR A 881 -32.51 150.26 -6.89
C THR A 881 -33.03 151.62 -6.44
N SER A 882 -33.12 151.85 -5.12
CA SER A 882 -33.53 153.15 -4.61
C SER A 882 -32.52 154.24 -4.95
N ALA A 883 -31.22 153.96 -4.86
CA ALA A 883 -30.21 154.93 -5.24
C ALA A 883 -30.28 155.25 -6.73
N LEU A 884 -30.46 154.23 -7.58
CA LEU A 884 -30.62 154.48 -9.00
C LEU A 884 -31.87 155.29 -9.30
N LEU A 885 -32.97 155.01 -8.61
CA LEU A 885 -34.20 155.79 -8.79
C LEU A 885 -34.00 157.24 -8.37
N ALA A 886 -33.32 157.47 -7.25
CA ALA A 886 -33.06 158.84 -6.81
C ALA A 886 -32.15 159.57 -7.79
N GLY A 887 -31.12 158.90 -8.30
CA GLY A 887 -30.26 159.53 -9.28
C GLY A 887 -30.93 159.78 -10.61
N THR A 888 -31.91 158.97 -10.98
CA THR A 888 -32.65 159.20 -12.22
C THR A 888 -33.68 160.30 -12.07
N ILE A 889 -34.28 160.44 -10.88
CA ILE A 889 -35.29 161.48 -10.69
C ILE A 889 -34.65 162.84 -10.42
N THR A 890 -33.68 162.92 -9.52
CA THR A 890 -33.12 164.20 -9.09
C THR A 890 -32.00 164.70 -9.98
N SER A 891 -31.38 163.85 -10.79
CA SER A 891 -30.27 164.28 -11.62
C SER A 891 -30.50 163.91 -13.08
N GLY A 892 -31.30 162.90 -13.33
CA GLY A 892 -31.59 162.47 -14.69
C GLY A 892 -30.54 161.47 -15.19
N TRP A 893 -29.70 161.90 -16.12
CA TRP A 893 -28.63 161.08 -16.66
C TRP A 893 -27.25 161.64 -16.33
N THR A 894 -27.18 162.71 -15.54
CA THR A 894 -25.88 163.30 -15.20
C THR A 894 -25.11 162.48 -14.17
N PHE A 895 -25.80 161.66 -13.37
CA PHE A 895 -25.14 160.84 -12.36
C PHE A 895 -24.52 159.57 -12.95
N GLY A 896 -24.83 159.23 -14.20
CA GLY A 896 -24.26 158.08 -14.85
C GLY A 896 -23.10 158.38 -15.77
N ALA A 897 -22.71 159.64 -15.92
CA ALA A 897 -21.60 160.02 -16.77
C ALA A 897 -20.72 161.07 -16.10
N GLY A 898 -20.64 161.03 -14.77
CA GLY A 898 -19.85 161.98 -14.02
C GLY A 898 -20.51 162.37 -12.71
N PRO A 899 -20.30 163.62 -12.29
CA PRO A 899 -20.90 164.09 -11.04
C PRO A 899 -22.39 164.30 -11.18
N ALA A 900 -23.10 164.14 -10.07
CA ALA A 900 -24.55 164.31 -10.05
C ALA A 900 -24.90 165.78 -10.14
N LEU A 901 -25.68 166.15 -11.15
CA LEU A 901 -26.10 167.53 -11.37
C LEU A 901 -27.59 167.64 -11.06
N GLN A 902 -27.93 168.46 -10.07
CA GLN A 902 -29.33 168.63 -9.70
C GLN A 902 -30.10 169.32 -10.82
N ILE A 903 -31.35 168.90 -11.02
CA ILE A 903 -32.18 169.43 -12.08
C ILE A 903 -33.65 169.14 -11.76
N PRO A 904 -34.54 170.12 -11.91
CA PRO A 904 -35.97 169.84 -11.65
C PRO A 904 -36.52 168.82 -12.64
N PHE A 905 -37.44 168.01 -12.14
CA PHE A 905 -38.11 166.98 -12.95
C PHE A 905 -38.89 167.59 -14.13
N PRO A 906 -39.63 168.69 -13.94
CA PRO A 906 -40.27 169.30 -15.11
C PRO A 906 -39.27 169.80 -16.15
N MET A 907 -38.05 170.14 -15.75
CA MET A 907 -37.03 170.50 -16.72
C MET A 907 -36.30 169.27 -17.27
N GLN A 908 -36.23 168.19 -16.50
CA GLN A 908 -35.67 166.95 -17.02
C GLN A 908 -36.56 166.36 -18.11
N MET A 909 -37.88 166.40 -17.90
CA MET A 909 -38.80 165.94 -18.94
C MET A 909 -38.75 166.81 -20.19
N ALA A 910 -38.45 168.10 -20.05
CA ALA A 910 -38.33 168.96 -21.22
C ALA A 910 -37.13 168.56 -22.07
N TYR A 911 -36.03 168.15 -21.43
CA TYR A 911 -34.87 167.70 -22.18
C TYR A 911 -35.10 166.30 -22.75
N ARG A 912 -35.83 165.46 -22.02
CA ARG A 912 -36.12 164.11 -22.51
C ARG A 912 -37.10 164.11 -23.67
N PHE A 913 -37.98 165.12 -23.75
CA PHE A 913 -38.92 165.19 -24.86
C PHE A 913 -38.27 165.73 -26.13
N ASN A 914 -37.25 166.57 -26.00
CA ASN A 914 -36.57 167.12 -27.17
C ASN A 914 -35.69 166.11 -27.88
N GLY A 915 -35.49 164.92 -27.30
CA GLY A 915 -34.66 163.91 -27.93
C GLY A 915 -35.40 163.07 -28.95
N ILE A 916 -36.73 163.09 -28.90
CA ILE A 916 -37.55 162.32 -29.83
C ILE A 916 -38.15 163.18 -30.94
N GLY A 917 -38.00 164.50 -30.89
CA GLY A 917 -38.50 165.41 -31.90
C GLY A 917 -39.54 166.39 -31.37
N VAL A 918 -40.22 166.03 -30.29
CA VAL A 918 -41.25 166.90 -29.72
C VAL A 918 -40.59 168.07 -28.99
N THR A 919 -41.06 169.28 -29.27
CA THR A 919 -40.52 170.45 -28.60
C THR A 919 -40.93 170.47 -27.13
N GLN A 920 -40.19 171.25 -26.34
CA GLN A 920 -40.42 171.31 -24.90
C GLN A 920 -41.65 172.12 -24.53
N ASN A 921 -42.17 172.95 -25.44
CA ASN A 921 -43.34 173.76 -25.13
C ASN A 921 -44.58 172.92 -24.88
N VAL A 922 -44.72 171.78 -25.57
CA VAL A 922 -45.87 170.90 -25.34
C VAL A 922 -45.87 170.41 -23.89
N LEU A 923 -44.69 170.14 -23.33
CA LEU A 923 -44.62 169.72 -21.95
C LEU A 923 -45.04 170.83 -21.00
N TYR A 924 -44.51 172.05 -21.21
CA TYR A 924 -44.87 173.15 -20.33
C TYR A 924 -46.33 173.55 -20.49
N GLU A 925 -46.97 173.13 -21.58
CA GLU A 925 -48.39 173.40 -21.77
C GLU A 925 -49.31 172.30 -21.23
N ASN A 926 -48.87 171.04 -21.25
CA ASN A 926 -49.73 169.93 -20.85
C ASN A 926 -49.05 169.07 -19.78
N GLN A 927 -48.28 169.71 -18.89
CA GLN A 927 -47.67 168.99 -17.77
C GLN A 927 -48.73 168.31 -16.91
N LYS A 928 -49.88 168.95 -16.70
CA LYS A 928 -50.92 168.33 -15.89
C LYS A 928 -51.44 167.05 -16.52
N LEU A 929 -51.76 167.08 -17.82
CA LEU A 929 -52.23 165.89 -18.50
C LEU A 929 -51.16 164.81 -18.54
N ILE A 930 -49.90 165.20 -18.74
CA ILE A 930 -48.82 164.22 -18.79
C ILE A 930 -48.64 163.55 -17.44
N ALA A 931 -48.72 164.32 -16.35
CA ALA A 931 -48.61 163.75 -15.03
C ALA A 931 -49.79 162.85 -14.71
N ASN A 932 -51.00 163.25 -15.10
CA ASN A 932 -52.17 162.39 -14.89
C ASN A 932 -52.03 161.07 -15.65
N GLN A 933 -51.59 161.12 -16.90
CA GLN A 933 -51.41 159.89 -17.67
C GLN A 933 -50.30 159.02 -17.09
N PHE A 934 -49.21 159.64 -16.62
CA PHE A 934 -48.13 158.87 -16.01
C PHE A 934 -48.61 158.19 -14.73
N ASN A 935 -49.37 158.90 -13.90
CA ASN A 935 -49.90 158.28 -12.69
C ASN A 935 -50.87 157.16 -13.02
N SER A 936 -51.76 157.36 -14.00
CA SER A 936 -52.68 156.31 -14.39
C SER A 936 -51.99 155.10 -14.97
N ALA A 937 -50.86 155.29 -15.67
CA ALA A 937 -50.11 154.17 -16.21
C ALA A 937 -49.31 153.44 -15.15
N ILE A 938 -48.78 154.17 -14.17
CA ILE A 938 -48.04 153.53 -13.08
C ILE A 938 -48.98 152.76 -12.16
N GLY A 939 -50.19 153.29 -11.94
CA GLY A 939 -51.14 152.60 -11.08
C GLY A 939 -51.61 151.27 -11.63
N LYS A 940 -51.67 151.14 -12.95
CA LYS A 940 -52.11 149.90 -13.57
C LYS A 940 -51.03 148.83 -13.63
N ILE A 941 -49.77 149.19 -13.36
CA ILE A 941 -48.69 148.21 -13.42
C ILE A 941 -48.89 147.14 -12.35
N GLN A 942 -49.22 147.55 -11.12
CA GLN A 942 -49.47 146.58 -10.06
C GLN A 942 -50.67 145.69 -10.38
N ASP A 943 -51.74 146.27 -10.93
CA ASP A 943 -52.91 145.47 -11.29
C ASP A 943 -52.58 144.46 -12.38
N SER A 944 -51.77 144.87 -13.37
CA SER A 944 -51.39 143.96 -14.44
C SER A 944 -50.47 142.85 -13.94
N LEU A 945 -49.58 143.17 -13.00
CA LEU A 945 -48.69 142.16 -12.45
C LEU A 945 -49.39 141.22 -11.47
N SER A 946 -50.48 141.67 -10.85
CA SER A 946 -51.20 140.83 -9.90
C SER A 946 -52.26 139.97 -10.58
N SER A 947 -52.98 140.53 -11.55
CA SER A 947 -54.05 139.78 -12.21
C SER A 947 -53.51 138.71 -13.13
N THR A 948 -52.37 138.97 -13.79
CA THR A 948 -51.79 138.03 -14.72
C THR A 948 -50.73 137.20 -14.01
N PRO A 949 -50.96 135.91 -13.74
CA PRO A 949 -49.93 135.09 -13.07
C PRO A 949 -48.78 134.69 -13.97
N SER A 950 -48.92 134.86 -15.30
CA SER A 950 -47.87 134.49 -16.24
C SER A 950 -46.94 135.65 -16.57
N ALA A 951 -47.06 136.77 -15.84
CA ALA A 951 -46.18 137.91 -16.09
C ALA A 951 -44.76 137.63 -15.59
N LEU A 952 -44.64 136.89 -14.49
CA LEU A 952 -43.35 136.52 -13.92
C LEU A 952 -42.92 135.11 -14.31
N GLY A 953 -43.32 134.66 -15.51
CA GLY A 953 -42.97 133.31 -15.94
C GLY A 953 -41.49 133.14 -16.20
N LYS A 954 -40.81 134.22 -16.60
CA LYS A 954 -39.37 134.13 -16.85
C LYS A 954 -38.59 133.94 -15.55
N LEU A 955 -39.07 134.53 -14.46
CA LEU A 955 -38.44 134.32 -13.16
C LEU A 955 -38.76 132.95 -12.56
N GLN A 956 -39.93 132.39 -12.88
CA GLN A 956 -40.29 131.04 -12.44
C GLN A 956 -39.62 129.96 -13.27
N ASP A 957 -38.95 130.32 -14.37
CA ASP A 957 -38.28 129.35 -15.22
C ASP A 957 -36.85 129.08 -14.79
N VAL A 958 -36.18 130.04 -14.14
CA VAL A 958 -34.82 129.84 -13.65
C VAL A 958 -34.79 129.23 -12.26
N VAL A 959 -35.93 129.14 -11.59
CA VAL A 959 -36.01 128.55 -10.26
C VAL A 959 -36.57 127.13 -10.29
N ASN A 960 -37.62 126.87 -11.08
CA ASN A 960 -38.17 125.53 -11.16
C ASN A 960 -37.22 124.57 -11.86
N HIS A 961 -36.43 125.07 -12.80
CA HIS A 961 -35.47 124.21 -13.49
C HIS A 961 -34.39 123.71 -12.56
N ASN A 962 -33.88 124.58 -11.69
CA ASN A 962 -32.87 124.15 -10.72
C ASN A 962 -33.43 123.14 -9.74
N ALA A 963 -34.68 123.36 -9.28
CA ALA A 963 -35.29 122.40 -8.36
C ALA A 963 -35.53 121.06 -9.04
N GLN A 964 -35.97 121.07 -10.30
CA GLN A 964 -36.16 119.82 -11.04
C GLN A 964 -34.83 119.11 -11.25
N ALA A 965 -33.76 119.84 -11.56
CA ALA A 965 -32.46 119.22 -11.74
C ALA A 965 -31.96 118.59 -10.44
N LEU A 966 -32.13 119.29 -9.32
CA LEU A 966 -31.73 118.74 -8.03
C LEU A 966 -32.55 117.50 -7.67
N ASN A 967 -33.86 117.54 -7.92
CA ASN A 967 -34.70 116.39 -7.63
C ASN A 967 -34.31 115.19 -8.50
N THR A 968 -34.00 115.43 -9.78
CA THR A 968 -33.56 114.34 -10.64
C THR A 968 -32.22 113.78 -10.20
N LEU A 969 -31.28 114.66 -9.80
CA LEU A 969 -29.99 114.20 -9.35
C LEU A 969 -30.10 113.39 -8.07
N VAL A 970 -31.05 113.75 -7.19
CA VAL A 970 -31.25 112.98 -5.97
C VAL A 970 -31.94 111.66 -6.26
N LYS A 971 -32.93 111.66 -7.15
CA LYS A 971 -33.67 110.45 -7.44
C LYS A 971 -32.84 109.44 -8.22
N GLN A 972 -31.86 109.91 -9.00
CA GLN A 972 -31.03 109.02 -9.80
C GLN A 972 -30.12 108.14 -8.95
N LEU A 973 -30.01 108.39 -7.64
CA LEU A 973 -29.22 107.53 -6.78
C LEU A 973 -29.88 106.17 -6.59
N SER A 974 -31.22 106.14 -6.56
CA SER A 974 -31.96 104.90 -6.39
C SER A 974 -32.22 104.24 -7.75
N SER A 975 -31.11 103.99 -8.46
CA SER A 975 -31.17 103.38 -9.78
C SER A 975 -29.96 102.47 -9.94
N LYS A 976 -30.21 101.19 -10.23
CA LYS A 976 -29.13 100.23 -10.39
C LYS A 976 -28.44 100.44 -11.73
N PHE A 977 -27.11 100.59 -11.68
CA PHE A 977 -26.29 100.74 -12.88
C PHE A 977 -25.59 99.44 -13.26
N GLY A 978 -26.15 98.30 -12.86
CA GLY A 978 -25.54 97.02 -13.15
C GLY A 978 -25.23 96.23 -11.90
N ALA A 979 -25.92 96.54 -10.80
CA ALA A 979 -25.72 95.88 -9.52
C ALA A 979 -27.02 95.19 -9.09
N ILE A 980 -26.92 94.43 -8.00
CA ILE A 980 -28.10 93.72 -7.50
C ILE A 980 -29.05 94.67 -6.80
N SER A 981 -28.55 95.78 -6.25
CA SER A 981 -29.36 96.74 -5.55
C SER A 981 -28.68 98.11 -5.63
N SER A 982 -29.21 99.08 -4.89
CA SER A 982 -28.67 100.43 -4.87
C SER A 982 -27.95 100.78 -3.58
N VAL A 983 -28.34 100.21 -2.44
CA VAL A 983 -27.68 100.50 -1.18
C VAL A 983 -26.29 99.88 -1.19
N LEU A 984 -25.29 100.69 -0.83
CA LEU A 984 -23.91 100.20 -0.83
C LEU A 984 -23.69 99.20 0.30
N ASN A 985 -24.29 99.44 1.48
CA ASN A 985 -24.10 98.53 2.59
C ASN A 985 -24.71 97.17 2.31
N ASP A 986 -25.86 97.11 1.65
CA ASP A 986 -26.46 95.84 1.31
C ASP A 986 -25.59 95.04 0.34
N ILE A 987 -24.99 95.72 -0.64
CA ILE A 987 -24.11 95.03 -1.59
C ILE A 987 -22.84 94.55 -0.89
N LEU A 988 -22.29 95.37 0.01
CA LEU A 988 -21.07 94.98 0.71
C LEU A 988 -21.31 93.88 1.73
N SER A 989 -22.52 93.75 2.26
CA SER A 989 -22.82 92.72 3.24
C SER A 989 -23.26 91.41 2.59
N ARG A 990 -24.07 91.49 1.54
CA ARG A 990 -24.59 90.30 0.88
C ARG A 990 -23.60 89.68 -0.10
N LEU A 991 -22.45 90.31 -0.33
CA LEU A 991 -21.45 89.82 -1.26
C LEU A 991 -20.07 89.96 -0.62
N ASP A 992 -19.06 89.48 -1.33
CA ASP A 992 -17.67 89.56 -0.92
C ASP A 992 -16.95 90.66 -1.69
N PRO A 993 -15.86 91.19 -1.14
CA PRO A 993 -15.15 92.31 -1.78
C PRO A 993 -14.74 92.00 -3.22
N PRO A 994 -14.14 90.83 -3.51
CA PRO A 994 -13.72 90.59 -4.90
C PRO A 994 -14.88 90.56 -5.89
N GLU A 995 -16.09 90.25 -5.42
CA GLU A 995 -17.26 90.33 -6.29
C GLU A 995 -17.95 91.68 -6.21
N ALA A 996 -17.95 92.33 -5.04
CA ALA A 996 -18.58 93.64 -4.90
C ALA A 996 -17.80 94.70 -5.65
N GLU A 997 -16.53 94.45 -5.96
CA GLU A 997 -15.74 95.39 -6.76
C GLU A 997 -16.19 95.44 -8.21
N VAL A 998 -16.93 94.45 -8.68
CA VAL A 998 -17.48 94.47 -10.03
C VAL A 998 -18.71 95.36 -10.12
N GLN A 999 -19.44 95.49 -9.01
CA GLN A 999 -20.65 96.31 -9.00
C GLN A 999 -20.38 97.74 -8.53
N ILE A 1000 -19.46 97.93 -7.58
CA ILE A 1000 -19.19 99.28 -7.10
C ILE A 1000 -18.50 100.11 -8.17
N ASP A 1001 -17.67 99.49 -9.01
CA ASP A 1001 -17.02 100.22 -10.09
C ASP A 1001 -18.00 100.67 -11.18
N ARG A 1002 -19.13 99.99 -11.31
CA ARG A 1002 -20.18 100.45 -12.21
C ARG A 1002 -21.10 101.46 -11.55
N LEU A 1003 -21.36 101.31 -10.25
CA LEU A 1003 -22.17 102.30 -9.53
C LEU A 1003 -21.48 103.65 -9.49
N ILE A 1004 -20.17 103.67 -9.19
CA ILE A 1004 -19.43 104.92 -9.18
C ILE A 1004 -19.36 105.52 -10.57
N THR A 1005 -19.26 104.70 -11.61
CA THR A 1005 -19.27 105.20 -12.98
C THR A 1005 -20.60 105.85 -13.33
N GLY A 1006 -21.72 105.19 -13.00
CA GLY A 1006 -23.02 105.79 -13.24
C GLY A 1006 -23.24 107.08 -12.48
N ARG A 1007 -22.85 107.12 -11.21
CA ARG A 1007 -22.99 108.33 -10.42
C ARG A 1007 -22.11 109.47 -10.91
N LEU A 1008 -20.88 109.16 -11.33
CA LEU A 1008 -20.01 110.20 -11.88
C LEU A 1008 -20.54 110.71 -13.21
N GLN A 1009 -21.11 109.82 -14.04
CA GLN A 1009 -21.72 110.27 -15.29
C GLN A 1009 -22.93 111.14 -15.03
N SER A 1010 -23.74 110.79 -14.02
CA SER A 1010 -24.88 111.64 -13.67
C SER A 1010 -24.42 113.00 -13.17
N LEU A 1011 -23.38 113.05 -12.33
CA LEU A 1011 -22.87 114.32 -11.85
C LEU A 1011 -22.29 115.15 -12.98
N GLN A 1012 -21.60 114.51 -13.93
CA GLN A 1012 -21.07 115.23 -15.08
C GLN A 1012 -22.19 115.78 -15.95
N THR A 1013 -23.27 115.01 -16.14
CA THR A 1013 -24.42 115.51 -16.89
C THR A 1013 -25.05 116.71 -16.18
N TYR A 1014 -25.15 116.63 -14.85
CA TYR A 1014 -25.69 117.76 -14.09
C TYR A 1014 -24.82 119.00 -14.24
N VAL A 1015 -23.49 118.83 -14.18
CA VAL A 1015 -22.58 119.97 -14.33
C VAL A 1015 -22.68 120.55 -15.74
N THR A 1016 -22.80 119.69 -16.75
CA THR A 1016 -22.93 120.18 -18.12
C THR A 1016 -24.23 120.96 -18.30
N GLN A 1017 -25.34 120.46 -17.76
CA GLN A 1017 -26.60 121.19 -17.84
C GLN A 1017 -26.52 122.52 -17.08
N GLN A 1018 -25.85 122.53 -15.92
CA GLN A 1018 -25.67 123.77 -15.18
C GLN A 1018 -24.84 124.78 -15.96
N LEU A 1019 -23.80 124.34 -16.67
CA LEU A 1019 -23.01 125.26 -17.47
C LEU A 1019 -23.81 125.78 -18.66
N ILE A 1020 -24.59 124.91 -19.31
CA ILE A 1020 -25.41 125.35 -20.43
C ILE A 1020 -26.44 126.37 -19.97
N ARG A 1021 -27.00 126.17 -18.76
CA ARG A 1021 -27.96 127.13 -18.23
C ARG A 1021 -27.27 128.43 -17.81
N ALA A 1022 -26.07 128.34 -17.22
CA ALA A 1022 -25.33 129.52 -16.81
C ALA A 1022 -24.91 130.37 -18.01
N ALA A 1023 -24.69 129.75 -19.17
CA ALA A 1023 -24.40 130.54 -20.36
C ALA A 1023 -25.56 131.47 -20.70
N GLU A 1024 -26.79 130.94 -20.75
CA GLU A 1024 -27.95 131.77 -21.01
C GLU A 1024 -28.20 132.75 -19.87
N ILE A 1025 -27.89 132.37 -18.64
CA ILE A 1025 -28.03 133.28 -17.51
C ILE A 1025 -27.08 134.47 -17.66
N ARG A 1026 -25.85 134.20 -18.10
CA ARG A 1026 -24.89 135.29 -18.33
C ARG A 1026 -25.32 136.17 -19.48
N ALA A 1027 -25.86 135.57 -20.54
CA ALA A 1027 -26.38 136.36 -21.66
C ALA A 1027 -27.51 137.29 -21.21
N SER A 1028 -28.45 136.74 -20.43
CA SER A 1028 -29.56 137.55 -19.93
C SER A 1028 -29.08 138.64 -18.97
N ALA A 1029 -28.08 138.33 -18.14
CA ALA A 1029 -27.54 139.34 -17.23
C ALA A 1029 -26.84 140.46 -17.98
N ASN A 1030 -26.09 140.12 -19.03
CA ASN A 1030 -25.47 141.14 -19.85
C ASN A 1030 -26.51 142.00 -20.56
N LEU A 1031 -27.57 141.38 -21.08
CA LEU A 1031 -28.64 142.16 -21.71
C LEU A 1031 -29.32 143.08 -20.70
N ALA A 1032 -29.56 142.58 -19.48
CA ALA A 1032 -30.19 143.40 -18.46
C ALA A 1032 -29.29 144.55 -18.03
N ALA A 1033 -27.99 144.32 -17.92
CA ALA A 1033 -27.07 145.40 -17.59
C ALA A 1033 -27.00 146.44 -18.70
N THR A 1034 -26.98 146.00 -19.97
CA THR A 1034 -27.00 146.94 -21.08
C THR A 1034 -28.27 147.77 -21.07
N LYS A 1035 -29.42 147.15 -20.81
CA LYS A 1035 -30.67 147.91 -20.73
C LYS A 1035 -30.65 148.88 -19.56
N MET A 1036 -30.15 148.44 -18.39
CA MET A 1036 -30.05 149.34 -17.24
C MET A 1036 -29.16 150.54 -17.54
N SER A 1037 -28.08 150.34 -18.28
CA SER A 1037 -27.17 151.42 -18.60
C SER A 1037 -27.66 152.32 -19.72
N GLU A 1038 -28.52 151.81 -20.61
CA GLU A 1038 -28.96 152.60 -21.75
C GLU A 1038 -30.33 153.26 -21.55
N CYS A 1039 -31.16 152.74 -20.66
CA CYS A 1039 -32.50 153.28 -20.45
C CYS A 1039 -32.63 154.07 -19.15
N VAL A 1040 -31.96 153.65 -18.09
CA VAL A 1040 -32.02 154.31 -16.79
C VAL A 1040 -30.95 155.37 -16.66
N LEU A 1041 -29.72 155.07 -17.10
CA LEU A 1041 -28.62 156.02 -17.03
C LEU A 1041 -28.62 157.02 -18.20
N GLY A 1042 -29.66 157.03 -19.01
CA GLY A 1042 -29.73 157.95 -20.12
C GLY A 1042 -30.89 157.62 -21.03
N GLN A 1043 -31.04 158.45 -22.07
CA GLN A 1043 -32.11 158.29 -23.06
C GLN A 1043 -31.52 157.68 -24.32
N SER A 1044 -31.99 156.51 -24.70
CA SER A 1044 -31.53 155.80 -25.88
C SER A 1044 -32.55 155.92 -27.00
N LYS A 1045 -32.05 156.00 -28.23
CA LYS A 1045 -32.91 156.11 -29.41
C LYS A 1045 -33.14 154.77 -30.09
N ARG A 1046 -32.70 153.67 -29.49
CA ARG A 1046 -32.88 152.35 -30.07
C ARG A 1046 -34.35 151.93 -29.96
N VAL A 1047 -34.95 151.55 -31.09
CA VAL A 1047 -36.35 151.17 -31.11
C VAL A 1047 -36.53 149.81 -30.45
N ASP A 1048 -37.57 149.70 -29.61
CA ASP A 1048 -37.99 148.47 -28.96
C ASP A 1048 -37.04 148.06 -27.84
N PHE A 1049 -35.93 148.79 -27.71
CA PHE A 1049 -34.96 148.46 -26.66
C PHE A 1049 -35.47 148.87 -25.29
N CYS A 1050 -35.75 150.17 -25.12
CA CYS A 1050 -36.30 150.68 -23.85
C CYS A 1050 -37.83 150.76 -23.95
N GLY A 1051 -38.45 149.62 -24.23
CA GLY A 1051 -39.88 149.53 -24.38
C GLY A 1051 -40.34 149.81 -25.80
N LYS A 1052 -41.63 149.58 -26.02
CA LYS A 1052 -42.24 149.77 -27.33
C LYS A 1052 -42.71 151.22 -27.45
N GLY A 1053 -41.97 152.03 -28.20
CA GLY A 1053 -42.28 153.42 -28.43
C GLY A 1053 -41.07 154.29 -28.22
N TYR A 1054 -41.30 155.60 -28.23
CA TYR A 1054 -40.23 156.57 -28.00
C TYR A 1054 -39.82 156.53 -26.53
N HIS A 1055 -38.58 156.15 -26.27
CA HIS A 1055 -38.11 156.01 -24.89
C HIS A 1055 -38.04 157.38 -24.21
N LEU A 1056 -38.68 157.48 -23.05
CA LEU A 1056 -38.62 158.68 -22.23
C LEU A 1056 -37.92 158.44 -20.91
N MET A 1057 -38.38 157.48 -20.11
CA MET A 1057 -37.77 157.17 -18.83
C MET A 1057 -37.81 155.67 -18.60
N SER A 1058 -37.11 155.23 -17.56
CA SER A 1058 -37.10 153.83 -17.16
C SER A 1058 -36.72 153.75 -15.69
N PHE A 1059 -37.52 153.03 -14.91
CA PHE A 1059 -37.30 152.92 -13.47
C PHE A 1059 -37.07 151.46 -13.11
N PRO A 1060 -35.91 151.11 -12.56
CA PRO A 1060 -35.65 149.71 -12.21
C PRO A 1060 -36.37 149.30 -10.94
N GLN A 1061 -36.81 148.04 -10.92
CA GLN A 1061 -37.49 147.47 -9.77
C GLN A 1061 -36.85 146.12 -9.43
N SER A 1062 -36.49 145.94 -8.17
CA SER A 1062 -35.85 144.70 -7.74
C SER A 1062 -36.83 143.53 -7.84
N ALA A 1063 -36.29 142.36 -8.15
CA ALA A 1063 -37.08 141.14 -8.30
C ALA A 1063 -36.23 139.97 -7.87
N PRO A 1064 -36.83 138.91 -7.34
CA PRO A 1064 -36.06 137.72 -6.95
C PRO A 1064 -35.34 137.08 -8.13
N HIS A 1065 -34.01 137.10 -8.09
CA HIS A 1065 -33.18 136.54 -9.16
C HIS A 1065 -33.53 137.15 -10.52
N GLY A 1066 -33.69 138.47 -10.54
CA GLY A 1066 -34.02 139.15 -11.78
C GLY A 1066 -34.13 140.64 -11.55
N VAL A 1067 -34.54 141.34 -12.61
CA VAL A 1067 -34.72 142.78 -12.57
C VAL A 1067 -35.88 143.15 -13.49
N VAL A 1068 -36.65 144.15 -13.10
CA VAL A 1068 -37.83 144.61 -13.84
C VAL A 1068 -37.62 146.07 -14.21
N PHE A 1069 -37.82 146.38 -15.49
CA PHE A 1069 -37.69 147.74 -16.00
C PHE A 1069 -39.06 148.28 -16.36
N LEU A 1070 -39.38 149.47 -15.86
CA LEU A 1070 -40.63 150.15 -16.17
C LEU A 1070 -40.33 151.21 -17.23
N HIS A 1071 -40.34 150.79 -18.49
CA HIS A 1071 -40.02 151.68 -19.60
C HIS A 1071 -41.18 152.63 -19.85
N VAL A 1072 -40.90 153.93 -19.82
CA VAL A 1072 -41.90 154.95 -20.12
C VAL A 1072 -41.76 155.32 -21.59
N THR A 1073 -42.81 155.04 -22.37
CA THR A 1073 -42.80 155.25 -23.81
C THR A 1073 -43.75 156.37 -24.20
N TYR A 1074 -43.47 157.00 -25.33
CA TYR A 1074 -44.29 158.08 -25.88
C TYR A 1074 -45.03 157.54 -27.09
N VAL A 1075 -46.32 157.31 -26.96
CA VAL A 1075 -47.17 156.77 -28.01
C VAL A 1075 -48.12 157.87 -28.47
N PRO A 1076 -47.97 158.40 -29.67
CA PRO A 1076 -48.91 159.43 -30.16
C PRO A 1076 -50.29 158.83 -30.38
N ALA A 1077 -51.28 159.71 -30.40
CA ALA A 1077 -52.67 159.30 -30.59
C ALA A 1077 -53.45 160.45 -31.22
N GLN A 1078 -54.64 160.11 -31.71
CA GLN A 1078 -55.56 161.07 -32.33
C GLN A 1078 -54.90 161.80 -33.49
N GLU A 1079 -54.50 161.02 -34.50
CA GLU A 1079 -53.89 161.58 -35.69
C GLU A 1079 -54.95 162.06 -36.67
N LYS A 1080 -54.59 163.04 -37.49
CA LYS A 1080 -55.48 163.61 -38.49
C LYS A 1080 -54.79 163.62 -39.84
N ASN A 1081 -55.61 163.72 -40.90
CA ASN A 1081 -55.11 163.73 -42.27
C ASN A 1081 -54.91 165.16 -42.74
N PHE A 1082 -53.76 165.41 -43.37
CA PHE A 1082 -53.43 166.73 -43.89
C PHE A 1082 -52.79 166.58 -45.25
N THR A 1083 -52.76 167.69 -45.99
CA THR A 1083 -52.14 167.74 -47.30
C THR A 1083 -50.75 168.35 -47.17
N THR A 1084 -49.74 167.62 -47.65
CA THR A 1084 -48.35 168.03 -47.53
C THR A 1084 -47.79 168.44 -48.89
N ALA A 1085 -46.57 168.98 -48.86
CA ALA A 1085 -45.87 169.41 -50.07
C ALA A 1085 -44.39 169.43 -49.78
N PRO A 1086 -43.53 169.15 -50.78
CA PRO A 1086 -42.09 169.18 -50.54
C PRO A 1086 -41.58 170.55 -50.12
N ALA A 1087 -41.87 171.58 -50.89
CA ALA A 1087 -41.41 172.93 -50.60
C ALA A 1087 -42.38 173.93 -51.23
N ILE A 1088 -42.07 175.21 -51.05
CA ILE A 1088 -42.86 176.30 -51.61
C ILE A 1088 -41.96 177.19 -52.45
N CYS A 1089 -42.58 178.09 -53.21
CA CYS A 1089 -41.86 178.97 -54.13
C CYS A 1089 -42.54 180.34 -54.08
N HIS A 1090 -42.08 181.21 -53.18
CA HIS A 1090 -42.67 182.55 -53.06
C HIS A 1090 -42.06 183.52 -54.06
N ASP A 1091 -40.77 183.82 -53.91
CA ASP A 1091 -40.07 184.75 -54.80
C ASP A 1091 -39.22 184.00 -55.82
N GLY A 1092 -39.86 183.11 -56.56
CA GLY A 1092 -39.17 182.31 -57.56
C GLY A 1092 -38.11 181.38 -57.03
N LYS A 1093 -37.90 181.34 -55.71
CA LYS A 1093 -36.89 180.50 -55.09
C LYS A 1093 -37.54 179.54 -54.10
N ALA A 1094 -36.95 178.35 -53.99
CA ALA A 1094 -37.51 177.31 -53.14
C ALA A 1094 -37.22 177.60 -51.67
N HIS A 1095 -38.10 177.09 -50.80
CA HIS A 1095 -37.94 177.23 -49.35
C HIS A 1095 -38.23 175.89 -48.71
N PHE A 1096 -37.20 175.27 -48.14
CA PHE A 1096 -37.37 173.97 -47.50
C PHE A 1096 -37.48 174.12 -45.98
N PRO A 1097 -38.31 173.30 -45.35
CA PRO A 1097 -38.46 173.39 -43.88
C PRO A 1097 -37.17 173.01 -43.18
N ARG A 1098 -36.78 173.84 -42.21
CA ARG A 1098 -35.58 173.55 -41.43
C ARG A 1098 -35.82 172.40 -40.45
N GLU A 1099 -36.79 172.58 -39.54
CA GLU A 1099 -37.21 171.52 -38.62
C GLU A 1099 -38.74 171.56 -38.57
N GLY A 1100 -39.38 170.79 -39.45
CA GLY A 1100 -40.82 170.77 -39.48
C GLY A 1100 -41.33 170.10 -40.75
N VAL A 1101 -42.59 170.35 -41.06
CA VAL A 1101 -43.24 169.78 -42.24
C VAL A 1101 -44.33 170.74 -42.70
N PHE A 1102 -44.38 170.98 -44.01
CA PHE A 1102 -45.40 171.84 -44.59
C PHE A 1102 -46.72 171.09 -44.67
N VAL A 1103 -47.73 171.60 -43.98
CA VAL A 1103 -49.06 170.99 -43.96
C VAL A 1103 -50.07 171.99 -44.49
N SER A 1104 -51.24 171.48 -44.87
CA SER A 1104 -52.32 172.30 -45.40
C SER A 1104 -53.65 171.72 -44.95
N ASN A 1105 -54.42 172.52 -44.20
CA ASN A 1105 -55.74 172.09 -43.76
C ASN A 1105 -56.80 172.24 -44.84
N GLY A 1106 -56.47 172.80 -45.99
CA GLY A 1106 -57.42 172.94 -47.07
C GLY A 1106 -57.36 174.30 -47.74
N THR A 1107 -57.04 175.34 -46.97
CA THR A 1107 -56.97 176.71 -47.49
C THR A 1107 -55.59 177.32 -47.37
N HIS A 1108 -54.97 177.23 -46.20
CA HIS A 1108 -53.67 177.84 -45.95
C HIS A 1108 -52.61 176.76 -45.76
N TRP A 1109 -51.35 177.18 -45.87
CA TRP A 1109 -50.20 176.31 -45.69
C TRP A 1109 -49.43 176.73 -44.45
N PHE A 1110 -49.28 175.82 -43.50
CA PHE A 1110 -48.57 176.06 -42.25
C PHE A 1110 -47.41 175.10 -42.13
N VAL A 1111 -46.74 175.14 -40.98
CA VAL A 1111 -45.61 174.27 -40.68
C VAL A 1111 -45.77 173.73 -39.26
N THR A 1112 -45.81 172.42 -39.13
CA THR A 1112 -45.98 171.75 -37.84
C THR A 1112 -44.77 170.87 -37.56
N GLN A 1113 -44.74 170.32 -36.35
CA GLN A 1113 -43.66 169.42 -35.96
C GLN A 1113 -43.85 168.05 -36.61
N ARG A 1114 -42.84 167.20 -36.45
CA ARG A 1114 -42.86 165.85 -37.00
C ARG A 1114 -43.57 164.85 -36.09
N ASN A 1115 -43.88 165.23 -34.85
CA ASN A 1115 -44.55 164.35 -33.93
C ASN A 1115 -45.69 165.01 -33.15
N PHE A 1116 -46.00 166.27 -33.44
CA PHE A 1116 -47.08 166.97 -32.75
C PHE A 1116 -47.59 168.09 -33.64
N TYR A 1117 -48.90 168.15 -33.82
CA TYR A 1117 -49.51 169.15 -34.69
C TYR A 1117 -49.50 170.51 -33.98
N GLU A 1118 -48.61 171.40 -34.41
CA GLU A 1118 -48.52 172.75 -33.87
C GLU A 1118 -48.56 173.72 -35.04
N PRO A 1119 -49.73 174.25 -35.37
CA PRO A 1119 -49.84 175.13 -36.54
C PRO A 1119 -49.12 176.45 -36.32
N GLN A 1120 -48.16 176.74 -37.21
CA GLN A 1120 -47.39 177.98 -37.17
C GLN A 1120 -47.27 178.53 -38.58
N ILE A 1121 -47.18 179.86 -38.67
CA ILE A 1121 -47.04 180.50 -39.97
C ILE A 1121 -45.65 180.24 -40.53
N ILE A 1122 -45.56 180.22 -41.86
CA ILE A 1122 -44.29 179.97 -42.55
C ILE A 1122 -43.54 181.29 -42.63
N THR A 1123 -42.44 181.40 -41.88
CA THR A 1123 -41.61 182.60 -41.84
C THR A 1123 -40.25 182.30 -42.44
N THR A 1124 -39.38 183.32 -42.46
CA THR A 1124 -38.04 183.20 -42.98
C THR A 1124 -37.05 182.68 -41.94
N ASP A 1125 -37.52 182.30 -40.76
CA ASP A 1125 -36.66 181.77 -39.71
C ASP A 1125 -36.65 180.25 -39.64
N ASN A 1126 -37.74 179.60 -40.03
CA ASN A 1126 -37.83 178.15 -40.01
C ASN A 1126 -37.67 177.54 -41.40
N THR A 1127 -37.30 178.34 -42.40
CA THR A 1127 -37.10 177.86 -43.75
C THR A 1127 -35.78 178.38 -44.28
N PHE A 1128 -35.21 177.65 -45.24
CA PHE A 1128 -33.95 178.04 -45.87
C PHE A 1128 -34.07 177.85 -47.37
N VAL A 1129 -33.45 178.75 -48.12
CA VAL A 1129 -33.49 178.74 -49.58
C VAL A 1129 -32.38 177.86 -50.11
N SER A 1130 -32.70 177.03 -51.10
CA SER A 1130 -31.70 176.13 -51.71
C SER A 1130 -32.12 175.90 -53.16
N GLY A 1131 -31.47 176.59 -54.08
CA GLY A 1131 -31.76 176.43 -55.49
C GLY A 1131 -33.02 177.15 -55.91
N ASN A 1132 -33.38 176.94 -57.18
CA ASN A 1132 -34.56 177.56 -57.76
C ASN A 1132 -35.67 176.52 -57.91
N CYS A 1133 -36.83 176.97 -58.39
CA CYS A 1133 -38.02 176.14 -58.47
C CYS A 1133 -38.15 175.50 -59.85
N ASP A 1134 -37.17 174.64 -60.17
CA ASP A 1134 -37.19 173.92 -61.44
C ASP A 1134 -36.73 172.47 -61.32
N VAL A 1135 -36.41 171.98 -60.13
CA VAL A 1135 -35.92 170.62 -59.97
C VAL A 1135 -36.75 169.81 -58.97
N VAL A 1136 -37.45 170.45 -58.04
CA VAL A 1136 -38.26 169.72 -57.07
C VAL A 1136 -39.60 169.37 -57.68
N ILE A 1137 -39.99 168.10 -57.58
CA ILE A 1137 -41.23 167.61 -58.15
C ILE A 1137 -42.31 167.70 -57.07
N GLY A 1138 -43.38 168.44 -57.37
CA GLY A 1138 -44.49 168.60 -56.45
C GLY A 1138 -44.50 169.90 -55.66
N ILE A 1139 -43.66 170.86 -56.02
CA ILE A 1139 -43.61 172.12 -55.29
C ILE A 1139 -44.84 172.95 -55.60
N VAL A 1140 -45.37 173.62 -54.57
CA VAL A 1140 -46.57 174.43 -54.70
C VAL A 1140 -46.20 175.90 -54.47
N ASN A 1141 -47.15 176.77 -54.78
CA ASN A 1141 -46.97 178.21 -54.62
C ASN A 1141 -47.57 178.68 -53.31
N ASN A 1142 -46.81 179.48 -52.57
CA ASN A 1142 -47.26 180.02 -51.29
C ASN A 1142 -46.44 181.27 -50.99
N THR A 1143 -46.88 182.03 -50.00
CA THR A 1143 -46.23 183.28 -49.60
C THR A 1143 -45.67 183.14 -48.20
N VAL A 1144 -44.44 183.57 -48.02
CA VAL A 1144 -43.77 183.51 -46.72
C VAL A 1144 -43.99 184.83 -45.99
N TYR A 1145 -43.82 184.80 -44.67
CA TYR A 1145 -43.98 185.97 -43.82
C TYR A 1145 -42.62 186.39 -43.30
N ASP A 1146 -42.04 187.42 -43.91
CA ASP A 1146 -40.76 187.94 -43.46
C ASP A 1146 -40.98 188.94 -42.32
N PRO A 1147 -40.43 188.70 -41.13
CA PRO A 1147 -40.72 189.58 -39.99
C PRO A 1147 -40.05 190.94 -40.07
N LEU A 1148 -39.35 191.22 -41.17
CA LEU A 1148 -38.65 192.48 -41.35
C LEU A 1148 -39.49 193.52 -42.09
N GLN A 1149 -40.37 193.09 -42.98
CA GLN A 1149 -41.19 194.04 -43.74
C GLN A 1149 -42.15 194.83 -42.85
N PRO A 1150 -43.00 194.21 -42.01
CA PRO A 1150 -43.92 195.02 -41.22
C PRO A 1150 -43.25 195.81 -40.11
N GLU A 1151 -42.02 195.46 -39.72
CA GLU A 1151 -41.31 196.17 -38.67
C GLU A 1151 -40.35 197.22 -39.22
N LEU A 1152 -40.45 197.55 -40.51
CA LEU A 1152 -39.60 198.56 -41.12
C LEU A 1152 -40.35 199.77 -41.65
N ASP A 1153 -41.56 199.60 -42.18
CA ASP A 1153 -42.31 200.74 -42.70
C ASP A 1153 -42.82 201.65 -41.59
N SER A 1154 -42.96 201.15 -40.37
CA SER A 1154 -43.43 201.96 -39.25
C SER A 1154 -42.32 202.84 -38.70
N SER B 35 6.89 110.59 25.34
CA SER B 35 6.64 111.98 25.00
C SER B 35 7.55 112.91 25.81
N TYR B 36 8.69 113.27 25.23
CA TYR B 36 9.65 114.16 25.88
C TYR B 36 10.02 115.38 25.06
N THR B 37 10.04 115.28 23.73
CA THR B 37 10.39 116.40 22.88
C THR B 37 9.44 116.40 21.68
N ASN B 38 9.68 117.29 20.73
CA ASN B 38 8.85 117.43 19.55
C ASN B 38 9.74 117.56 18.31
N SER B 39 9.23 117.03 17.20
CA SER B 39 9.91 117.11 15.90
C SER B 39 9.18 118.16 15.07
N PHE B 40 9.82 119.32 14.89
CA PHE B 40 9.21 120.42 14.17
C PHE B 40 8.93 120.07 12.72
N THR B 41 9.98 119.78 11.94
CA THR B 41 9.82 119.47 10.53
C THR B 41 10.78 118.38 10.08
N ARG B 42 11.18 117.50 10.97
CA ARG B 42 12.13 116.43 10.66
C ARG B 42 11.38 115.16 10.30
N GLY B 43 11.97 114.40 9.38
CA GLY B 43 11.40 113.12 8.99
C GLY B 43 10.75 113.09 7.62
N VAL B 44 11.34 113.81 6.66
CA VAL B 44 10.83 113.85 5.29
C VAL B 44 11.85 113.19 4.37
N TYR B 45 11.43 112.14 3.68
CA TYR B 45 12.29 111.38 2.78
C TYR B 45 11.74 111.42 1.37
N TYR B 46 12.55 110.93 0.43
CA TYR B 46 12.13 110.86 -0.96
C TYR B 46 11.06 109.79 -1.11
N PRO B 47 9.83 110.13 -1.51
CA PRO B 47 8.77 109.11 -1.60
C PRO B 47 8.95 108.15 -2.76
N ASP B 48 9.78 108.48 -3.74
CA ASP B 48 9.99 107.62 -4.90
C ASP B 48 11.38 107.89 -5.46
N LYS B 49 11.64 107.33 -6.64
CA LYS B 49 12.94 107.46 -7.32
C LYS B 49 12.80 108.20 -8.63
N VAL B 50 12.03 109.29 -8.65
CA VAL B 50 11.77 110.07 -9.86
C VAL B 50 12.41 111.43 -9.69
N PHE B 51 13.18 111.86 -10.70
CA PHE B 51 13.81 113.17 -10.68
C PHE B 51 12.78 114.24 -11.02
N ARG B 52 12.66 115.24 -10.16
CA ARG B 52 11.75 116.36 -10.36
C ARG B 52 12.51 117.66 -10.19
N SER B 53 12.30 118.59 -11.12
CA SER B 53 13.01 119.87 -11.14
C SER B 53 12.00 121.00 -11.25
N SER B 54 11.95 121.84 -10.20
CA SER B 54 11.09 123.03 -10.19
C SER B 54 9.62 122.67 -10.39
N VAL B 55 9.15 121.65 -9.67
CA VAL B 55 7.77 121.21 -9.75
C VAL B 55 7.36 120.63 -8.40
N LEU B 56 6.12 120.88 -8.01
CA LEU B 56 5.57 120.38 -6.75
C LEU B 56 4.84 119.06 -7.00
N HIS B 57 5.04 118.12 -6.07
CA HIS B 57 4.45 116.78 -6.18
C HIS B 57 3.71 116.44 -4.90
N SER B 58 2.54 115.82 -5.06
CA SER B 58 1.72 115.36 -3.94
C SER B 58 1.58 113.85 -4.01
N THR B 59 1.91 113.18 -2.92
CA THR B 59 1.86 111.72 -2.85
C THR B 59 1.29 111.28 -1.51
N GLN B 60 0.66 110.11 -1.50
CA GLN B 60 0.08 109.53 -0.29
C GLN B 60 0.98 108.38 0.15
N ASP B 61 1.81 108.63 1.16
CA ASP B 61 2.72 107.62 1.67
C ASP B 61 2.93 107.86 3.16
N LEU B 62 3.58 106.89 3.81
CA LEU B 62 3.81 106.95 5.25
C LEU B 62 4.95 107.93 5.53
N PHE B 63 4.63 109.08 6.11
CA PHE B 63 5.60 110.09 6.51
C PHE B 63 5.43 110.42 7.99
N LEU B 64 6.29 111.29 8.49
CA LEU B 64 6.21 111.73 9.87
C LEU B 64 5.48 113.06 9.95
N PRO B 65 4.36 113.15 10.68
CA PRO B 65 3.63 114.42 10.76
C PRO B 65 4.45 115.50 11.44
N PHE B 66 4.31 116.73 10.94
CA PHE B 66 5.03 117.86 11.51
C PHE B 66 4.45 118.22 12.88
N PHE B 67 5.33 118.65 13.78
CA PHE B 67 4.95 119.04 15.14
C PHE B 67 4.21 117.90 15.85
N SER B 68 4.86 116.74 15.87
CA SER B 68 4.31 115.55 16.50
C SER B 68 5.14 115.17 17.72
N ASN B 69 4.62 114.23 18.50
CA ASN B 69 5.26 113.76 19.72
C ASN B 69 6.25 112.65 19.36
N VAL B 70 7.52 112.86 19.69
CA VAL B 70 8.57 111.85 19.50
C VAL B 70 9.16 111.52 20.86
N THR B 71 9.43 110.23 21.08
CA THR B 71 9.94 109.77 22.36
C THR B 71 11.45 109.92 22.40
N TRP B 72 11.94 110.69 23.38
CA TRP B 72 13.38 110.91 23.55
C TRP B 72 13.91 109.93 24.60
N PHE B 73 14.01 108.66 24.19
CA PHE B 73 14.51 107.60 25.05
C PHE B 73 15.98 107.79 25.37
N HIS B 74 16.31 107.90 26.66
CA HIS B 74 17.68 108.06 27.12
C HIS B 74 18.00 106.91 28.08
N ALA B 75 18.93 106.05 27.68
CA ALA B 75 19.28 104.87 28.49
C ALA B 75 20.80 104.83 28.63
N ILE B 76 21.30 105.38 29.74
CA ILE B 76 22.73 105.39 29.99
C ILE B 76 23.08 104.66 31.30
N HIS B 77 22.19 103.78 31.77
CA HIS B 77 22.36 103.07 33.03
C HIS B 77 23.69 102.32 33.09
N VAL B 78 23.90 101.41 32.14
CA VAL B 78 25.14 100.62 32.12
C VAL B 78 26.13 101.32 31.20
N SER B 79 27.23 101.81 31.76
CA SER B 79 28.26 102.50 31.00
C SER B 79 29.57 102.45 31.77
N GLY B 80 30.68 102.57 31.03
CA GLY B 80 31.99 102.56 31.63
C GLY B 80 32.62 101.19 31.71
N THR B 81 31.84 100.20 32.12
CA THR B 81 32.30 98.82 32.26
C THR B 81 31.69 97.94 31.17
N ASN B 82 32.10 96.68 31.17
CA ASN B 82 31.59 95.72 30.20
C ASN B 82 30.78 94.63 30.89
N GLY B 83 30.19 93.73 30.10
CA GLY B 83 29.37 92.69 30.68
C GLY B 83 28.09 93.25 31.27
N THR B 84 27.59 92.52 32.28
CA THR B 84 26.37 92.89 32.99
C THR B 84 25.21 93.14 32.03
N LYS B 85 24.80 92.09 31.31
CA LYS B 85 23.74 92.22 30.31
C LYS B 85 22.35 92.29 30.95
N ARG B 86 22.13 93.21 31.88
CA ARG B 86 20.82 93.36 32.52
C ARG B 86 20.65 94.83 32.89
N PHE B 87 20.00 95.59 32.01
CA PHE B 87 19.71 97.00 32.24
C PHE B 87 18.18 97.22 32.20
N ASP B 88 17.76 98.47 32.28
CA ASP B 88 16.34 98.83 32.31
C ASP B 88 15.98 99.46 30.97
N ASN B 89 15.58 98.63 30.01
CA ASN B 89 15.15 99.09 28.70
C ASN B 89 14.20 98.07 28.10
N PRO B 90 12.93 98.42 27.90
CA PRO B 90 11.97 97.45 27.35
C PRO B 90 11.93 97.45 25.83
N VAL B 91 11.14 96.55 25.25
CA VAL B 91 11.02 96.46 23.80
C VAL B 91 10.02 97.50 23.30
N LEU B 92 10.13 97.84 22.02
CA LEU B 92 9.28 98.86 21.42
C LEU B 92 8.54 98.28 20.24
N PRO B 93 7.24 98.55 20.10
CA PRO B 93 6.48 98.00 18.97
C PRO B 93 6.82 98.70 17.66
N PHE B 94 6.50 98.03 16.56
CA PHE B 94 6.74 98.53 15.21
C PHE B 94 5.46 98.29 14.40
N ASN B 95 4.56 99.26 14.40
CA ASN B 95 3.28 99.10 13.71
C ASN B 95 3.45 99.31 12.21
N ASP B 96 3.86 100.50 11.79
CA ASP B 96 4.06 100.82 10.39
C ASP B 96 5.44 101.36 10.07
N GLY B 97 6.12 102.02 11.01
CA GLY B 97 7.43 102.59 10.77
C GLY B 97 7.88 103.48 11.90
N VAL B 98 9.18 103.66 12.05
CA VAL B 98 9.74 104.45 13.14
C VAL B 98 10.77 105.42 12.57
N TYR B 99 10.85 106.60 13.17
CA TYR B 99 11.86 107.60 12.83
C TYR B 99 12.91 107.62 13.92
N PHE B 100 14.12 107.16 13.59
CA PHE B 100 15.20 107.02 14.57
C PHE B 100 16.21 108.15 14.35
N ALA B 101 16.26 109.09 15.27
CA ALA B 101 17.26 110.14 15.28
C ALA B 101 18.16 109.96 16.50
N SER B 102 19.46 110.19 16.30
CA SER B 102 20.44 109.96 17.35
C SER B 102 21.49 111.05 17.33
N THR B 103 21.75 111.64 18.51
CA THR B 103 22.76 112.67 18.68
C THR B 103 24.00 112.15 19.37
N GLU B 104 24.40 110.91 19.09
CA GLU B 104 25.55 110.29 19.73
C GLU B 104 26.83 111.06 19.46
N LYS B 105 27.88 110.79 20.24
CA LYS B 105 29.16 111.47 20.03
C LYS B 105 30.09 110.66 19.13
N SER B 106 30.48 109.46 19.56
CA SER B 106 31.32 108.63 18.72
C SER B 106 30.68 107.28 18.38
N ASN B 107 30.38 106.47 19.39
CA ASN B 107 29.93 105.10 19.13
C ASN B 107 28.88 104.58 20.10
N ILE B 108 28.14 105.45 20.82
CA ILE B 108 27.29 104.95 21.90
C ILE B 108 26.12 104.15 21.34
N ILE B 109 25.77 104.36 20.07
CA ILE B 109 24.71 103.61 19.42
C ILE B 109 25.34 102.72 18.36
N ARG B 110 24.94 101.45 18.31
CA ARG B 110 25.60 100.47 17.46
C ARG B 110 24.57 99.56 16.77
N GLY B 111 23.52 100.14 16.22
CA GLY B 111 22.60 99.43 15.35
C GLY B 111 21.25 99.19 16.01
N TRP B 112 20.45 98.37 15.32
CA TRP B 112 19.09 98.08 15.75
C TRP B 112 18.77 96.62 15.49
N ILE B 113 17.64 96.17 16.02
CA ILE B 113 17.14 94.81 15.82
C ILE B 113 15.66 94.90 15.47
N PHE B 114 15.18 93.97 14.64
CA PHE B 114 13.78 93.92 14.25
C PHE B 114 13.26 92.49 14.38
N GLY B 115 11.96 92.36 14.27
CA GLY B 115 11.31 91.05 14.37
C GLY B 115 9.91 91.20 14.91
N THR B 116 9.25 90.05 15.06
CA THR B 116 7.91 89.99 15.62
C THR B 116 7.83 89.17 16.90
N THR B 117 8.45 87.98 16.91
CA THR B 117 8.47 87.13 18.10
C THR B 117 9.78 87.21 18.86
N LEU B 118 10.91 87.29 18.15
CA LEU B 118 12.25 87.47 18.70
C LEU B 118 12.70 86.33 19.61
N ASP B 119 11.95 85.23 19.69
CA ASP B 119 12.34 84.08 20.52
C ASP B 119 12.23 82.81 19.69
N SER B 120 13.27 82.52 18.90
CA SER B 120 13.43 81.27 18.17
C SER B 120 12.15 80.85 17.45
N LYS B 121 11.43 81.83 16.91
CA LYS B 121 10.19 81.54 16.19
C LYS B 121 10.03 82.27 14.87
N THR B 122 10.79 83.32 14.59
CA THR B 122 10.66 84.06 13.34
C THR B 122 11.99 84.72 13.02
N GLN B 123 12.20 85.00 11.74
CA GLN B 123 13.40 85.68 11.30
C GLN B 123 13.47 87.09 11.88
N SER B 124 14.69 87.61 11.99
CA SER B 124 14.94 88.92 12.56
C SER B 124 15.78 89.75 11.58
N LEU B 125 16.24 90.91 12.05
CA LEU B 125 17.05 91.80 11.23
C LEU B 125 18.14 92.38 12.13
N LEU B 126 19.37 91.91 11.96
CA LEU B 126 20.50 92.35 12.77
C LEU B 126 21.27 93.42 12.00
N ILE B 127 21.45 94.58 12.65
CA ILE B 127 22.10 95.73 12.01
C ILE B 127 23.32 96.13 12.82
N VAL B 128 24.00 95.14 13.40
CA VAL B 128 25.22 95.41 14.17
C VAL B 128 26.21 96.18 13.33
N ASN B 129 26.69 97.30 13.86
CA ASN B 129 27.62 98.17 13.17
C ASN B 129 29.03 97.93 13.70
N ASN B 130 30.00 97.98 12.78
CA ASN B 130 31.39 97.75 13.13
C ASN B 130 32.28 98.61 12.24
N ALA B 131 33.58 98.35 12.31
CA ALA B 131 34.57 99.18 11.63
C ALA B 131 34.47 99.03 10.11
N THR B 132 34.14 100.13 9.45
CA THR B 132 34.13 100.25 7.98
C THR B 132 33.19 99.26 7.31
N ASN B 133 32.14 98.82 7.99
CA ASN B 133 31.14 97.92 7.42
C ASN B 133 29.94 97.85 8.35
N VAL B 134 28.82 97.39 7.79
CA VAL B 134 27.58 97.19 8.55
C VAL B 134 27.06 95.81 8.18
N VAL B 135 27.38 94.81 9.00
CA VAL B 135 26.95 93.44 8.73
C VAL B 135 25.46 93.32 8.97
N ILE B 136 24.77 92.67 8.04
CA ILE B 136 23.33 92.47 8.12
C ILE B 136 23.05 90.98 8.23
N LYS B 137 22.32 90.60 9.28
CA LYS B 137 21.95 89.20 9.51
C LYS B 137 20.44 89.08 9.59
N VAL B 138 19.87 88.28 8.70
CA VAL B 138 18.44 88.02 8.66
C VAL B 138 18.14 86.58 9.06
N CYS B 139 19.00 86.00 9.91
CA CYS B 139 18.80 84.62 10.34
C CYS B 139 17.84 84.56 11.51
N GLU B 140 17.32 83.36 11.78
CA GLU B 140 16.36 83.15 12.86
C GLU B 140 17.09 82.65 14.10
N PHE B 141 16.95 83.39 15.20
CA PHE B 141 17.54 82.98 16.48
C PHE B 141 16.84 83.71 17.60
N GLN B 142 17.00 83.18 18.81
CA GLN B 142 16.35 83.72 20.00
C GLN B 142 17.24 84.77 20.64
N PHE B 143 16.64 85.92 21.00
CA PHE B 143 17.34 87.02 21.62
C PHE B 143 17.20 86.95 23.14
N CYS B 144 18.05 87.71 23.83
CA CYS B 144 17.98 87.83 25.27
C CYS B 144 17.16 89.07 25.66
N ASN B 145 16.88 89.18 26.96
CA ASN B 145 16.07 90.30 27.45
C ASN B 145 16.83 91.62 27.39
N ASP B 146 18.16 91.59 27.28
CA ASP B 146 18.97 92.80 27.21
C ASP B 146 20.07 92.60 26.16
N PRO B 147 19.74 92.78 24.88
CA PRO B 147 20.76 92.62 23.84
C PRO B 147 21.74 93.79 23.84
N PHE B 148 23.03 93.46 23.70
CA PHE B 148 24.07 94.47 23.67
C PHE B 148 25.32 93.86 23.05
N LEU B 149 26.24 94.74 22.64
CA LEU B 149 27.52 94.33 22.08
C LEU B 149 28.62 94.62 23.10
N ASP B 150 29.44 93.60 23.38
CA ASP B 150 30.52 93.71 24.36
C ASP B 150 31.84 93.92 23.62
N VAL B 151 32.65 94.84 24.13
CA VAL B 151 33.95 95.15 23.54
C VAL B 151 34.99 94.71 24.56
N TYR B 152 35.60 93.55 24.30
CA TYR B 152 36.59 93.01 25.23
C TYR B 152 37.94 93.70 25.08
N GLN B 153 38.35 93.97 23.84
CA GLN B 153 39.65 94.55 23.53
C GLN B 153 40.80 93.73 24.12
N MET B 160 38.12 89.73 18.05
CA MET B 160 38.47 90.79 19.00
C MET B 160 37.59 92.02 18.80
N GLU B 161 37.29 92.71 19.91
CA GLU B 161 36.40 93.87 19.91
C GLU B 161 35.04 93.54 19.30
N SER B 162 34.56 92.32 19.53
CA SER B 162 33.27 91.89 19.03
C SER B 162 32.83 90.67 19.82
N GLU B 163 31.52 90.44 19.83
CA GLU B 163 30.94 89.31 20.55
C GLU B 163 29.62 88.95 19.88
N PHE B 164 28.95 87.93 20.42
CA PHE B 164 27.67 87.47 19.89
C PHE B 164 26.65 87.27 21.00
N ARG B 165 26.80 88.00 22.12
CA ARG B 165 25.91 87.83 23.27
C ARG B 165 24.50 88.31 22.99
N VAL B 166 24.25 88.91 21.81
CA VAL B 166 22.90 89.32 21.46
C VAL B 166 22.00 88.10 21.30
N TYR B 167 22.52 87.04 20.70
CA TYR B 167 21.79 85.80 20.47
C TYR B 167 22.50 84.65 21.17
N SER B 168 21.94 83.46 21.03
CA SER B 168 22.46 82.26 21.67
C SER B 168 22.87 81.17 20.67
N SER B 169 22.15 81.05 19.56
CA SER B 169 22.43 80.00 18.59
C SER B 169 22.08 80.54 17.20
N ALA B 170 21.98 79.63 16.23
CA ALA B 170 21.67 80.00 14.85
C ALA B 170 20.71 78.97 14.27
N ASN B 171 20.28 79.22 13.04
CA ASN B 171 19.34 78.35 12.34
C ASN B 171 19.51 78.58 10.84
N ASN B 172 18.53 78.14 10.05
CA ASN B 172 18.56 78.34 8.61
C ASN B 172 18.44 79.82 8.27
N CYS B 173 19.50 80.40 7.70
CA CYS B 173 19.49 81.81 7.33
C CYS B 173 18.99 81.96 5.90
N THR B 174 18.12 82.95 5.68
CA THR B 174 17.53 83.16 4.36
C THR B 174 18.12 84.33 3.60
N PHE B 175 18.90 85.20 4.26
CA PHE B 175 19.45 86.36 3.61
C PHE B 175 20.74 86.78 4.33
N GLU B 176 21.67 87.33 3.56
CA GLU B 176 22.93 87.79 4.10
C GLU B 176 23.44 88.94 3.23
N TYR B 177 23.88 90.01 3.88
CA TYR B 177 24.35 91.20 3.17
C TYR B 177 25.60 91.72 3.86
N VAL B 178 26.72 91.75 3.13
CA VAL B 178 27.96 92.27 3.70
C VAL B 178 27.84 93.77 3.94
N SER B 179 27.46 94.52 2.90
CA SER B 179 27.26 95.97 2.97
C SER B 179 28.53 96.67 3.46
N GLN B 180 29.56 96.57 2.63
CA GLN B 180 30.84 97.19 2.93
C GLN B 180 30.74 98.69 3.21
N PRO B 181 30.00 99.51 2.43
CA PRO B 181 29.85 100.92 2.80
C PRO B 181 29.07 101.06 4.10
N PHE B 182 29.70 101.68 5.10
CA PHE B 182 29.09 101.82 6.41
C PHE B 182 27.94 102.83 6.36
N LEU B 183 26.86 102.52 7.07
CA LEU B 183 25.72 103.42 7.11
C LEU B 183 26.02 104.64 7.97
N MET B 184 26.36 104.42 9.23
CA MET B 184 26.69 105.51 10.13
C MET B 184 28.08 106.05 9.85
N ASP B 185 28.21 107.36 9.96
CA ASP B 185 29.46 108.06 9.68
C ASP B 185 30.28 108.20 10.96
N LEU B 186 31.51 108.68 10.81
CA LEU B 186 32.42 108.89 11.93
C LEU B 186 33.15 110.20 11.75
N GLU B 187 33.43 110.86 12.87
CA GLU B 187 34.12 112.15 12.85
C GLU B 187 35.57 111.98 12.42
N PHE B 193 31.25 121.53 16.94
CA PHE B 193 30.09 121.20 16.12
C PHE B 193 29.82 119.70 16.12
N LYS B 194 28.66 119.31 16.61
CA LYS B 194 28.27 117.91 16.67
C LYS B 194 27.61 117.51 15.35
N ASN B 195 27.11 116.27 15.29
CA ASN B 195 26.45 115.76 14.10
C ASN B 195 25.20 115.00 14.50
N LEU B 196 24.20 115.01 13.63
CA LEU B 196 22.95 114.32 13.85
C LEU B 196 22.77 113.20 12.84
N ARG B 197 22.36 112.03 13.33
CA ARG B 197 22.14 110.86 12.49
C ARG B 197 20.66 110.49 12.53
N GLU B 198 20.01 110.59 11.36
CA GLU B 198 18.58 110.32 11.25
C GLU B 198 18.37 109.07 10.41
N PHE B 199 17.42 108.24 10.83
CA PHE B 199 17.10 107.00 10.13
C PHE B 199 15.59 106.82 10.09
N VAL B 200 15.11 106.31 8.95
CA VAL B 200 13.68 106.05 8.75
C VAL B 200 13.53 104.62 8.26
N PHE B 201 12.70 103.85 8.97
CA PHE B 201 12.48 102.44 8.66
C PHE B 201 11.01 102.22 8.33
N LYS B 202 10.75 101.44 7.29
CA LYS B 202 9.39 101.18 6.83
C LYS B 202 9.13 99.68 6.82
N ASN B 203 7.87 99.33 6.54
CA ASN B 203 7.43 97.94 6.57
C ASN B 203 6.75 97.53 5.26
N ILE B 204 7.37 97.87 4.13
CA ILE B 204 6.80 97.53 2.83
C ILE B 204 6.75 96.01 2.67
N ASP B 205 5.95 95.56 1.71
CA ASP B 205 5.66 94.14 1.48
C ASP B 205 6.93 93.31 1.34
N GLY B 206 7.86 93.73 0.49
CA GLY B 206 9.08 92.98 0.30
C GLY B 206 10.33 93.74 0.67
N TYR B 207 10.28 95.06 0.55
CA TYR B 207 11.46 95.88 0.78
C TYR B 207 11.39 96.58 2.14
N PHE B 208 12.56 96.99 2.63
CA PHE B 208 12.65 97.70 3.90
C PHE B 208 12.84 99.19 3.72
N LYS B 209 13.55 99.60 2.66
CA LYS B 209 13.74 101.00 2.29
C LYS B 209 14.38 101.79 3.43
N ILE B 210 15.64 101.43 3.71
CA ILE B 210 16.43 102.11 4.73
C ILE B 210 16.75 103.52 4.26
N TYR B 211 16.36 104.52 5.04
CA TYR B 211 16.67 105.91 4.77
C TYR B 211 17.65 106.44 5.82
N SER B 212 18.49 107.38 5.40
CA SER B 212 19.48 107.96 6.30
C SER B 212 19.95 109.29 5.74
N LYS B 213 20.49 110.12 6.64
CA LYS B 213 21.02 111.43 6.29
C LYS B 213 21.85 111.94 7.45
N HIS B 214 23.05 112.44 7.13
CA HIS B 214 23.97 112.96 8.13
C HIS B 214 24.19 114.44 7.89
N THR B 215 23.84 115.27 8.87
CA THR B 215 23.99 116.71 8.78
C THR B 215 24.60 117.26 10.05
N PRO B 216 25.49 118.25 9.94
CA PRO B 216 26.09 118.82 11.16
C PRO B 216 25.11 119.72 11.89
N ILE B 217 25.21 119.72 13.22
CA ILE B 217 24.33 120.49 14.08
C ILE B 217 25.18 121.34 15.02
N ASN B 218 24.60 122.44 15.50
CA ASN B 218 25.28 123.32 16.43
C ASN B 218 24.42 123.76 17.61
N LEU B 219 23.12 123.47 17.61
CA LEU B 219 22.27 123.86 18.72
C LEU B 219 22.52 123.00 19.95
N GLU B 220 22.62 121.68 19.76
CA GLU B 220 22.91 120.70 20.80
C GLU B 220 21.87 120.67 21.92
N ARG B 221 20.71 121.29 21.70
CA ARG B 221 19.65 121.28 22.71
C ARG B 221 18.62 120.20 22.41
N ASP B 222 18.04 120.22 21.22
CA ASP B 222 17.05 119.24 20.80
C ASP B 222 17.15 119.11 19.28
N LEU B 223 16.10 118.56 18.67
CA LEU B 223 16.03 118.46 17.21
C LEU B 223 16.11 119.85 16.60
N PRO B 224 17.16 120.15 15.84
CA PRO B 224 17.33 121.51 15.31
C PRO B 224 16.28 121.84 14.25
N GLN B 225 15.91 123.12 14.21
CA GLN B 225 14.96 123.58 13.21
C GLN B 225 15.63 123.69 11.85
N GLY B 226 14.93 123.21 10.83
CA GLY B 226 15.45 123.20 9.48
C GLY B 226 14.96 121.99 8.71
N PHE B 227 14.95 122.10 7.39
CA PHE B 227 14.45 121.06 6.50
C PHE B 227 15.62 120.40 5.81
N SER B 228 15.74 119.07 5.96
CA SER B 228 16.79 118.30 5.31
C SER B 228 16.18 117.03 4.74
N ALA B 229 16.53 116.72 3.49
CA ALA B 229 16.00 115.54 2.83
C ALA B 229 16.72 114.28 3.31
N LEU B 230 16.00 113.16 3.26
CA LEU B 230 16.51 111.87 3.70
C LEU B 230 16.71 111.00 2.46
N GLU B 231 17.97 110.76 2.10
CA GLU B 231 18.27 110.02 0.88
C GLU B 231 18.29 108.53 1.17
N PRO B 232 17.66 107.70 0.33
CA PRO B 232 17.73 106.25 0.52
C PRO B 232 19.13 105.73 0.26
N LEU B 233 19.48 104.64 0.95
CA LEU B 233 20.78 104.01 0.81
C LEU B 233 20.68 102.61 0.21
N VAL B 234 19.91 101.73 0.83
CA VAL B 234 19.79 100.34 0.38
C VAL B 234 18.34 99.90 0.53
N ASP B 235 17.89 99.06 -0.40
CA ASP B 235 16.53 98.49 -0.37
C ASP B 235 16.69 96.98 -0.28
N LEU B 236 16.65 96.46 0.94
CA LEU B 236 16.83 95.04 1.17
C LEU B 236 15.52 94.30 0.96
N PRO B 237 15.45 93.35 0.01
CA PRO B 237 14.22 92.57 -0.20
C PRO B 237 14.00 91.52 0.89
N ILE B 238 13.50 91.99 2.04
CA ILE B 238 13.27 91.15 3.21
C ILE B 238 11.78 91.15 3.48
N GLY B 239 11.09 90.09 3.06
CA GLY B 239 9.68 89.94 3.33
C GLY B 239 9.41 89.18 4.61
N ILE B 240 9.11 89.90 5.69
CA ILE B 240 8.87 89.28 6.99
C ILE B 240 8.04 90.23 7.82
N ASN B 241 7.26 89.69 8.75
CA ASN B 241 6.41 90.46 9.65
C ASN B 241 7.30 91.08 10.72
N ILE B 242 7.26 92.41 10.83
CA ILE B 242 8.04 93.15 11.81
C ILE B 242 7.07 93.96 12.66
N THR B 243 6.94 93.57 13.94
CA THR B 243 6.03 94.27 14.84
C THR B 243 6.71 94.67 16.15
N ARG B 244 8.03 94.58 16.22
CA ARG B 244 8.76 94.91 17.44
C ARG B 244 10.23 95.14 17.10
N PHE B 245 10.79 96.22 17.64
CA PHE B 245 12.18 96.56 17.37
C PHE B 245 12.85 96.98 18.67
N GLN B 246 14.18 96.84 18.70
CA GLN B 246 14.99 97.22 19.83
C GLN B 246 16.40 97.51 19.35
N THR B 247 16.96 98.63 19.78
CA THR B 247 18.29 99.04 19.32
C THR B 247 19.37 98.46 20.23
N LEU B 248 20.62 98.64 19.84
CA LEU B 248 21.76 98.11 20.56
C LEU B 248 22.62 99.25 21.10
N LEU B 249 23.28 98.99 22.23
CA LEU B 249 24.17 99.96 22.86
C LEU B 249 25.55 99.35 23.01
N ALA B 250 26.58 100.20 22.97
CA ALA B 250 27.97 99.79 23.08
C ALA B 250 28.50 100.13 24.46
N LEU B 251 29.37 99.27 24.98
CA LEU B 251 29.99 99.44 26.29
C LEU B 251 31.51 99.48 26.10
N HIS B 252 32.07 100.67 26.16
CA HIS B 252 33.52 100.88 26.03
C HIS B 252 34.06 100.28 24.72
N ALA B 269 24.36 110.08 27.52
CA ALA B 269 25.20 109.97 26.33
C ALA B 269 24.50 109.16 25.25
N ALA B 270 23.72 108.16 25.68
CA ALA B 270 23.01 107.28 24.75
C ALA B 270 21.59 107.81 24.50
N ALA B 271 21.53 109.04 24.00
CA ALA B 271 20.27 109.69 23.68
C ALA B 271 19.88 109.38 22.24
N TYR B 272 18.65 108.90 22.05
CA TYR B 272 18.16 108.56 20.72
C TYR B 272 16.65 108.78 20.68
N TYR B 273 16.18 109.33 19.56
CA TYR B 273 14.77 109.61 19.38
C TYR B 273 14.09 108.44 18.67
N VAL B 274 12.82 108.22 19.02
CA VAL B 274 12.03 107.10 18.49
C VAL B 274 10.74 107.68 17.93
N GLY B 275 10.60 107.72 16.60
CA GLY B 275 9.40 108.33 15.98
C GLY B 275 8.41 107.29 15.49
N TYR B 276 7.36 107.71 14.78
CA TYR B 276 6.33 106.78 14.26
C TYR B 276 5.69 107.33 12.98
N LEU B 277 5.76 106.57 11.87
CA LEU B 277 5.24 107.06 10.56
C LEU B 277 3.71 106.96 10.51
N GLN B 278 3.10 107.62 9.52
CA GLN B 278 1.63 107.90 9.50
C GLN B 278 1.20 108.21 8.06
N PRO B 279 0.09 107.63 7.56
CA PRO B 279 -0.40 107.91 6.20
C PRO B 279 -0.86 109.36 6.05
N ARG B 280 -0.02 110.21 5.44
CA ARG B 280 -0.37 111.65 5.34
C ARG B 280 -0.06 112.17 3.93
N THR B 281 -0.78 113.21 3.49
CA THR B 281 -0.53 113.83 2.19
C THR B 281 0.43 114.99 2.38
N PHE B 282 1.49 115.02 1.57
CA PHE B 282 2.50 116.06 1.66
C PHE B 282 2.73 116.71 0.30
N LEU B 283 3.18 117.96 0.33
CA LEU B 283 3.48 118.74 -0.86
C LEU B 283 4.96 119.08 -0.82
N LEU B 284 5.79 118.20 -1.40
CA LEU B 284 7.23 118.38 -1.37
C LEU B 284 7.68 119.30 -2.49
N LYS B 285 8.61 120.19 -2.18
CA LYS B 285 9.16 121.14 -3.14
C LYS B 285 10.52 120.65 -3.62
N TYR B 286 10.67 120.48 -4.92
CA TYR B 286 11.90 120.02 -5.53
C TYR B 286 12.64 121.19 -6.15
N ASN B 287 13.95 121.28 -5.89
CA ASN B 287 14.76 122.35 -6.44
C ASN B 287 15.09 122.07 -7.90
N GLU B 288 15.82 123.00 -8.51
CA GLU B 288 16.18 122.85 -9.92
C GLU B 288 17.14 121.68 -10.13
N ASN B 289 17.92 121.34 -9.09
CA ASN B 289 18.86 120.23 -9.20
C ASN B 289 18.28 118.90 -8.71
N GLY B 290 17.07 118.90 -8.18
CA GLY B 290 16.43 117.68 -7.73
C GLY B 290 16.45 117.44 -6.24
N THR B 291 16.83 118.43 -5.44
CA THR B 291 16.89 118.29 -3.99
C THR B 291 15.63 118.86 -3.36
N ILE B 292 15.10 118.15 -2.36
CA ILE B 292 13.89 118.59 -1.68
C ILE B 292 14.24 119.75 -0.75
N THR B 293 13.54 120.87 -0.91
CA THR B 293 13.81 122.06 -0.12
C THR B 293 12.79 122.29 1.00
N ASP B 294 11.54 121.90 0.81
CA ASP B 294 10.51 122.11 1.82
C ASP B 294 9.35 121.17 1.54
N ALA B 295 8.57 120.91 2.59
CA ALA B 295 7.38 120.08 2.48
C ALA B 295 6.26 120.71 3.30
N VAL B 296 5.03 120.28 3.02
CA VAL B 296 3.84 120.82 3.67
C VAL B 296 2.93 119.67 4.05
N ASP B 297 2.60 119.57 5.34
CA ASP B 297 1.66 118.57 5.82
C ASP B 297 0.26 119.13 5.71
N CYS B 298 -0.54 118.54 4.82
CA CYS B 298 -1.86 119.09 4.51
C CYS B 298 -2.84 118.97 5.66
N ALA B 299 -2.67 117.97 6.54
CA ALA B 299 -3.57 117.76 7.66
C ALA B 299 -3.02 118.35 8.95
N LEU B 300 -2.16 119.36 8.84
CA LEU B 300 -1.58 120.01 10.02
C LEU B 300 -2.37 121.26 10.41
N ASP B 301 -2.50 122.21 9.50
CA ASP B 301 -3.20 123.47 9.74
C ASP B 301 -4.02 123.82 8.52
N PRO B 302 -5.07 124.63 8.68
CA PRO B 302 -5.89 125.01 7.51
C PRO B 302 -5.11 125.72 6.42
N LEU B 303 -4.10 126.51 6.78
CA LEU B 303 -3.28 127.18 5.78
C LEU B 303 -2.51 126.17 4.94
N SER B 304 -1.97 125.13 5.58
CA SER B 304 -1.30 124.08 4.83
C SER B 304 -2.27 123.32 3.94
N GLU B 305 -3.51 123.14 4.39
CA GLU B 305 -4.51 122.48 3.54
C GLU B 305 -4.85 123.34 2.33
N THR B 306 -4.92 124.66 2.51
CA THR B 306 -5.14 125.55 1.37
C THR B 306 -3.96 125.50 0.41
N LYS B 307 -2.74 125.45 0.96
CA LYS B 307 -1.56 125.34 0.10
C LYS B 307 -1.56 124.04 -0.69
N CYS B 308 -2.01 122.95 -0.08
CA CYS B 308 -2.10 121.68 -0.79
C CYS B 308 -3.19 121.71 -1.85
N THR B 309 -4.32 122.34 -1.54
CA THR B 309 -5.42 122.42 -2.50
C THR B 309 -5.01 123.25 -3.72
N LEU B 310 -4.36 124.39 -3.48
CA LEU B 310 -3.89 125.23 -4.57
C LEU B 310 -2.59 124.74 -5.18
N LYS B 311 -1.93 123.76 -4.56
CA LYS B 311 -0.66 123.21 -5.05
C LYS B 311 0.39 124.29 -5.23
N SER B 312 0.50 125.18 -4.24
CA SER B 312 1.46 126.27 -4.29
C SER B 312 1.78 126.71 -2.86
N PHE B 313 3.05 127.04 -2.63
CA PHE B 313 3.47 127.51 -1.31
C PHE B 313 2.99 128.93 -1.02
N THR B 314 2.52 129.65 -2.03
CA THR B 314 2.03 131.01 -1.87
C THR B 314 0.54 131.05 -2.15
N VAL B 315 -0.22 131.60 -1.20
CA VAL B 315 -1.68 131.71 -1.32
C VAL B 315 -2.03 133.19 -1.44
N GLU B 316 -2.92 133.50 -2.38
CA GLU B 316 -3.35 134.88 -2.60
C GLU B 316 -4.54 135.21 -1.71
N LYS B 317 -5.11 136.39 -1.92
CA LYS B 317 -6.26 136.85 -1.15
C LYS B 317 -7.54 136.28 -1.77
N GLY B 318 -8.30 135.57 -0.96
CA GLY B 318 -9.54 134.99 -1.44
C GLY B 318 -10.01 133.88 -0.52
N ILE B 319 -11.15 133.29 -0.90
CA ILE B 319 -11.77 132.19 -0.16
C ILE B 319 -11.67 130.94 -1.02
N TYR B 320 -11.13 129.87 -0.43
CA TYR B 320 -10.92 128.61 -1.14
C TYR B 320 -11.47 127.47 -0.30
N GLN B 321 -12.17 126.54 -0.96
CA GLN B 321 -12.66 125.35 -0.28
C GLN B 321 -11.57 124.29 -0.20
N THR B 322 -11.51 123.60 0.92
CA THR B 322 -10.46 122.60 1.15
C THR B 322 -11.01 121.19 1.35
N SER B 323 -12.01 121.02 2.20
CA SER B 323 -12.56 119.69 2.48
C SER B 323 -14.05 119.85 2.80
N ASN B 324 -14.63 118.80 3.37
CA ASN B 324 -16.04 118.76 3.71
C ASN B 324 -16.20 118.33 5.17
N PHE B 325 -16.83 119.18 5.99
CA PHE B 325 -17.01 118.87 7.44
C PHE B 325 -18.19 117.90 7.61
N ARG B 326 -18.06 116.95 8.54
CA ARG B 326 -19.18 116.02 8.84
C ARG B 326 -19.00 115.44 10.24
N VAL B 327 -20.05 115.49 11.08
CA VAL B 327 -19.98 114.86 12.44
C VAL B 327 -20.06 113.35 12.23
N GLN B 328 -19.22 112.58 12.94
CA GLN B 328 -19.19 111.11 12.72
C GLN B 328 -20.19 110.39 13.63
N PRO B 329 -21.12 109.59 13.06
CA PRO B 329 -22.10 108.84 13.85
C PRO B 329 -21.46 107.65 14.59
N THR B 330 -21.98 107.30 15.77
CA THR B 330 -21.25 106.38 16.68
C THR B 330 -22.15 105.23 17.15
N GLU B 331 -23.07 105.49 18.10
CA GLU B 331 -23.89 104.40 18.68
C GLU B 331 -24.89 103.85 17.66
N SER B 332 -24.81 102.56 17.34
CA SER B 332 -25.81 101.95 16.43
C SER B 332 -27.03 101.52 17.24
N ILE B 333 -28.19 102.16 17.01
CA ILE B 333 -29.43 101.73 17.72
C ILE B 333 -30.04 100.55 16.97
N VAL B 334 -29.61 99.32 17.29
CA VAL B 334 -30.23 98.10 16.66
C VAL B 334 -31.58 97.91 17.34
N ARG B 335 -32.61 98.63 16.88
CA ARG B 335 -33.93 98.56 17.56
C ARG B 335 -34.78 97.44 16.98
N PHE B 336 -35.10 96.44 17.80
CA PHE B 336 -35.98 95.37 17.34
C PHE B 336 -37.17 95.25 18.28
N PRO B 337 -38.29 94.72 17.79
CA PRO B 337 -39.49 94.62 18.62
C PRO B 337 -39.34 93.61 19.75
N ASN B 338 -40.45 93.40 20.46
CA ASN B 338 -40.49 92.46 21.58
C ASN B 338 -40.06 91.06 21.12
N ILE B 339 -39.53 90.27 22.06
CA ILE B 339 -39.26 88.86 21.83
C ILE B 339 -40.18 88.06 22.75
N THR B 340 -41.35 87.69 22.24
CA THR B 340 -42.34 86.99 23.05
C THR B 340 -42.83 85.68 22.45
N ASN B 341 -42.87 85.54 21.13
CA ASN B 341 -43.37 84.32 20.51
C ASN B 341 -42.25 83.29 20.38
N LEU B 342 -41.73 82.82 21.51
CA LEU B 342 -40.64 81.85 21.49
C LEU B 342 -41.14 80.50 20.99
N CYS B 343 -40.20 79.72 20.45
CA CYS B 343 -40.53 78.39 19.94
C CYS B 343 -40.82 77.44 21.10
N PRO B 344 -41.72 76.47 20.90
CA PRO B 344 -42.02 75.51 21.97
C PRO B 344 -40.87 74.56 22.24
N PHE B 345 -40.18 74.77 23.38
CA PHE B 345 -39.06 73.93 23.77
C PHE B 345 -39.19 73.34 25.17
N HIS B 346 -40.20 73.74 25.96
CA HIS B 346 -40.35 73.29 27.33
C HIS B 346 -41.08 71.95 27.43
N GLU B 347 -41.54 71.39 26.31
CA GLU B 347 -42.24 70.11 26.32
C GLU B 347 -41.60 69.15 25.34
N VAL B 348 -40.61 69.63 24.57
CA VAL B 348 -39.92 68.76 23.63
C VAL B 348 -38.73 68.09 24.30
N PHE B 349 -37.92 68.87 25.00
CA PHE B 349 -36.72 68.35 25.68
C PHE B 349 -37.01 67.84 27.09
N ASN B 350 -38.16 68.18 27.67
CA ASN B 350 -38.50 67.76 29.03
C ASN B 350 -39.89 67.13 29.04
N ALA B 351 -40.16 66.24 28.11
CA ALA B 351 -41.44 65.55 28.05
C ALA B 351 -41.49 64.42 29.08
N THR B 352 -42.61 63.70 29.07
CA THR B 352 -42.83 62.61 30.02
C THR B 352 -42.39 61.25 29.49
N THR B 353 -42.94 60.81 28.35
CA THR B 353 -42.62 59.51 27.79
C THR B 353 -42.37 59.67 26.30
N PHE B 354 -41.14 59.39 25.87
CA PHE B 354 -40.81 59.43 24.45
C PHE B 354 -41.23 58.13 23.77
N ALA B 355 -41.06 58.10 22.45
CA ALA B 355 -41.38 56.92 21.66
C ALA B 355 -40.13 56.04 21.55
N SER B 356 -40.22 54.99 20.74
CA SER B 356 -39.11 54.09 20.54
C SER B 356 -38.23 54.58 19.39
N VAL B 357 -37.26 53.76 18.99
CA VAL B 357 -36.33 54.17 17.95
C VAL B 357 -36.90 53.99 16.55
N TYR B 358 -37.89 53.10 16.38
CA TYR B 358 -38.51 52.93 15.07
C TYR B 358 -39.47 54.08 14.74
N ALA B 359 -39.96 54.78 15.75
CA ALA B 359 -40.79 55.96 15.56
C ALA B 359 -39.96 57.21 15.76
N TRP B 360 -40.49 58.34 15.30
CA TRP B 360 -39.79 59.62 15.38
C TRP B 360 -40.52 60.65 16.21
N ASN B 361 -41.85 60.76 16.06
CA ASN B 361 -42.64 61.79 16.72
C ASN B 361 -42.09 63.18 16.41
N ARG B 362 -41.72 63.38 15.14
CA ARG B 362 -41.09 64.62 14.69
C ARG B 362 -42.10 65.75 14.73
N LYS B 363 -41.98 66.63 15.72
CA LYS B 363 -42.85 67.79 15.88
C LYS B 363 -42.18 68.98 15.20
N ARG B 364 -42.69 69.36 14.04
CA ARG B 364 -42.12 70.48 13.31
C ARG B 364 -42.39 71.79 14.05
N ILE B 365 -41.35 72.60 14.19
CA ILE B 365 -41.43 73.87 14.92
C ILE B 365 -41.12 75.00 13.95
N SER B 366 -42.06 75.94 13.82
CA SER B 366 -41.90 77.07 12.92
C SER B 366 -42.83 78.18 13.38
N ASN B 367 -42.87 79.26 12.59
CA ASN B 367 -43.74 80.41 12.83
C ASN B 367 -43.44 81.11 14.16
N CYS B 368 -42.27 80.83 14.75
CA CYS B 368 -41.89 81.42 16.02
C CYS B 368 -40.38 81.63 16.03
N VAL B 369 -39.95 82.57 16.87
CA VAL B 369 -38.52 82.84 17.02
C VAL B 369 -37.90 81.78 17.92
N ALA B 370 -36.76 81.24 17.48
CA ALA B 370 -36.09 80.15 18.18
C ALA B 370 -34.97 80.73 19.04
N ASP B 371 -35.06 80.53 20.34
CA ASP B 371 -34.05 80.97 21.30
C ASP B 371 -33.31 79.73 21.78
N TYR B 372 -32.13 79.50 21.21
CA TYR B 372 -31.34 78.31 21.54
C TYR B 372 -30.52 78.55 22.81
N SER B 373 -31.18 78.96 23.88
CA SER B 373 -30.52 79.17 25.16
C SER B 373 -31.29 78.60 26.35
N VAL B 374 -32.56 78.24 26.18
CA VAL B 374 -33.34 77.66 27.28
C VAL B 374 -33.11 76.17 27.42
N ILE B 375 -32.61 75.51 26.36
CA ILE B 375 -32.36 74.07 26.43
C ILE B 375 -31.24 73.74 27.40
N TYR B 376 -30.38 74.70 27.72
CA TYR B 376 -29.30 74.50 28.69
C TYR B 376 -29.77 74.57 30.13
N ASN B 377 -31.05 74.87 30.37
CA ASN B 377 -31.59 75.00 31.72
C ASN B 377 -32.67 73.95 32.00
N PHE B 378 -32.63 72.82 31.31
CA PHE B 378 -33.61 71.76 31.49
C PHE B 378 -33.02 70.52 32.16
N ALA B 379 -31.94 69.98 31.60
CA ALA B 379 -31.30 68.79 32.15
C ALA B 379 -29.86 68.75 31.68
N PRO B 380 -28.93 68.25 32.49
CA PRO B 380 -27.53 68.17 32.05
C PRO B 380 -27.33 67.16 30.92
N PHE B 381 -27.00 67.66 29.73
CA PHE B 381 -26.83 66.78 28.58
C PHE B 381 -25.47 66.10 28.63
N PHE B 382 -25.38 64.97 27.93
CA PHE B 382 -24.14 64.20 27.84
C PHE B 382 -23.54 64.19 26.44
N ALA B 383 -24.27 64.69 25.44
CA ALA B 383 -23.76 64.74 24.07
C ALA B 383 -24.42 65.90 23.36
N PHE B 384 -23.63 66.84 22.87
CA PHE B 384 -24.12 68.05 22.20
C PHE B 384 -23.43 68.23 20.86
N LYS B 385 -23.37 67.15 20.09
CA LYS B 385 -22.75 67.22 18.77
C LYS B 385 -23.60 68.05 17.82
N CYS B 386 -22.95 68.92 17.05
CA CYS B 386 -23.60 69.87 16.16
C CYS B 386 -22.96 69.86 14.79
N TYR B 387 -22.81 68.66 14.22
CA TYR B 387 -22.20 68.52 12.90
C TYR B 387 -22.85 69.43 11.88
N GLY B 388 -22.06 70.37 11.34
CA GLY B 388 -22.55 71.27 10.32
C GLY B 388 -22.57 72.73 10.74
N VAL B 389 -22.97 72.99 11.98
CA VAL B 389 -23.09 74.35 12.50
C VAL B 389 -22.33 74.44 13.82
N SER B 390 -22.43 75.62 14.45
CA SER B 390 -21.80 75.86 15.73
C SER B 390 -22.87 76.12 16.80
N PRO B 391 -22.70 75.58 18.01
CA PRO B 391 -23.72 75.80 19.05
C PRO B 391 -23.88 77.25 19.44
N THR B 392 -22.79 78.01 19.51
CA THR B 392 -22.89 79.41 19.90
C THR B 392 -23.54 80.26 18.82
N LYS B 393 -23.28 79.92 17.54
CA LYS B 393 -23.82 80.68 16.42
C LYS B 393 -25.14 80.08 15.94
N LEU B 394 -26.13 80.09 16.84
CA LEU B 394 -27.47 79.62 16.53
C LEU B 394 -28.55 80.66 16.74
N ASN B 395 -28.30 81.70 17.53
CA ASN B 395 -29.28 82.75 17.79
C ASN B 395 -29.24 83.87 16.76
N ASP B 396 -28.54 83.66 15.65
CA ASP B 396 -28.43 84.67 14.60
C ASP B 396 -28.85 84.18 13.22
N LEU B 397 -28.72 82.89 12.94
CA LEU B 397 -29.07 82.35 11.63
C LEU B 397 -30.59 82.22 11.50
N CYS B 398 -31.05 82.22 10.26
CA CYS B 398 -32.47 82.10 9.93
C CYS B 398 -32.68 80.88 9.06
N PHE B 399 -33.67 80.06 9.44
CA PHE B 399 -33.99 78.84 8.71
C PHE B 399 -35.46 78.86 8.34
N THR B 400 -35.83 77.96 7.41
CA THR B 400 -37.21 77.89 6.93
C THR B 400 -38.05 76.90 7.70
N ASN B 401 -37.45 75.81 8.20
CA ASN B 401 -38.20 74.80 8.94
C ASN B 401 -37.24 74.08 9.87
N VAL B 402 -37.62 73.99 11.15
CA VAL B 402 -36.81 73.31 12.16
C VAL B 402 -37.64 72.16 12.73
N TYR B 403 -37.08 70.96 12.68
CA TYR B 403 -37.73 69.75 13.17
C TYR B 403 -37.08 69.30 14.47
N ALA B 404 -37.87 68.61 15.29
CA ALA B 404 -37.40 68.12 16.59
C ALA B 404 -37.97 66.72 16.80
N ASP B 405 -37.12 65.71 16.58
CA ASP B 405 -37.49 64.32 16.79
C ASP B 405 -36.78 63.78 18.03
N SER B 406 -37.49 62.95 18.80
CA SER B 406 -36.97 62.39 20.03
C SER B 406 -37.23 60.89 20.07
N PHE B 407 -36.29 60.15 20.62
CA PHE B 407 -36.41 58.69 20.72
C PHE B 407 -35.42 58.18 21.76
N VAL B 408 -35.65 56.96 22.23
CA VAL B 408 -34.80 56.32 23.22
C VAL B 408 -33.90 55.32 22.53
N ILE B 409 -32.62 55.33 22.89
CA ILE B 409 -31.62 54.44 22.29
C ILE B 409 -30.66 53.98 23.38
N ARG B 410 -29.98 52.87 23.10
CA ARG B 410 -29.04 52.31 24.06
C ARG B 410 -27.76 53.15 24.09
N GLY B 411 -27.04 53.06 25.22
CA GLY B 411 -25.82 53.83 25.37
C GLY B 411 -24.74 53.44 24.37
N ASN B 412 -24.59 52.14 24.12
CA ASN B 412 -23.62 51.67 23.14
C ASN B 412 -24.03 51.98 21.70
N GLU B 413 -25.24 52.49 21.49
CA GLU B 413 -25.74 52.80 20.15
C GLU B 413 -25.81 54.28 19.88
N VAL B 414 -25.31 55.12 20.80
CA VAL B 414 -25.34 56.56 20.59
C VAL B 414 -24.31 56.98 19.53
N SER B 415 -23.18 56.27 19.46
CA SER B 415 -22.14 56.62 18.50
C SER B 415 -22.54 56.35 17.06
N GLN B 416 -23.64 55.61 16.84
CA GLN B 416 -24.11 55.33 15.48
C GLN B 416 -24.94 56.46 14.91
N ILE B 417 -25.35 57.42 15.73
CA ILE B 417 -26.16 58.56 15.26
C ILE B 417 -25.18 59.64 14.82
N ALA B 418 -24.75 59.57 13.56
CA ALA B 418 -23.81 60.52 13.02
C ALA B 418 -23.94 60.51 11.50
N PRO B 419 -23.74 61.65 10.84
CA PRO B 419 -23.83 61.68 9.37
C PRO B 419 -22.73 60.83 8.74
N GLY B 420 -23.15 59.79 8.02
CA GLY B 420 -22.21 58.88 7.39
C GLY B 420 -21.66 57.85 8.34
N GLN B 421 -22.54 57.19 9.08
CA GLN B 421 -22.16 56.17 10.05
C GLN B 421 -23.07 54.97 9.91
N THR B 422 -22.49 53.78 9.91
CA THR B 422 -23.23 52.54 9.78
C THR B 422 -23.33 51.83 11.13
N GLY B 423 -24.26 50.89 11.21
CA GLY B 423 -24.47 50.16 12.44
C GLY B 423 -25.81 49.45 12.41
N ASN B 424 -26.09 48.78 13.53
CA ASN B 424 -27.36 48.04 13.65
C ASN B 424 -28.53 48.99 13.75
N ILE B 425 -28.36 50.12 14.43
CA ILE B 425 -29.43 51.10 14.61
C ILE B 425 -29.18 52.34 13.75
N ALA B 426 -28.19 52.27 12.85
CA ALA B 426 -27.87 53.38 11.96
C ALA B 426 -28.23 53.13 10.51
N ASP B 427 -28.62 51.90 10.16
CA ASP B 427 -28.99 51.57 8.78
C ASP B 427 -30.39 50.98 8.66
N TYR B 428 -31.06 50.67 9.77
CA TYR B 428 -32.39 50.07 9.74
C TYR B 428 -33.40 50.78 10.63
N ASN B 429 -32.98 51.76 11.40
CA ASN B 429 -33.88 52.52 12.27
C ASN B 429 -33.80 54.01 12.04
N TYR B 430 -32.62 54.54 11.73
CA TYR B 430 -32.46 55.98 11.50
C TYR B 430 -31.23 56.18 10.63
N LYS B 431 -31.42 56.72 9.44
CA LYS B 431 -30.35 56.97 8.49
C LYS B 431 -30.14 58.47 8.35
N LEU B 432 -28.97 58.94 8.74
CA LEU B 432 -28.69 60.37 8.63
C LEU B 432 -27.99 60.68 7.31
N PRO B 433 -28.39 61.73 6.61
CA PRO B 433 -27.75 62.08 5.34
C PRO B 433 -26.34 62.61 5.56
N ASP B 434 -25.53 62.50 4.50
CA ASP B 434 -24.15 62.97 4.56
C ASP B 434 -24.06 64.50 4.59
N ASP B 435 -25.12 65.20 4.21
CA ASP B 435 -25.16 66.66 4.20
C ASP B 435 -26.06 67.19 5.31
N PHE B 436 -26.08 66.50 6.45
CA PHE B 436 -26.91 66.91 7.58
C PHE B 436 -26.28 68.10 8.29
N THR B 437 -27.09 69.13 8.52
CA THR B 437 -26.65 70.35 9.21
C THR B 437 -27.57 70.57 10.40
N GLY B 438 -27.12 70.18 11.58
CA GLY B 438 -27.92 70.34 12.78
C GLY B 438 -27.16 69.84 13.99
N CYS B 439 -27.85 69.90 15.13
CA CYS B 439 -27.28 69.47 16.41
C CYS B 439 -27.94 68.17 16.86
N VAL B 440 -27.18 67.39 17.63
CA VAL B 440 -27.65 66.13 18.20
C VAL B 440 -27.53 66.24 19.71
N ILE B 441 -28.66 66.17 20.40
CA ILE B 441 -28.72 66.29 21.85
C ILE B 441 -29.09 64.93 22.44
N ALA B 442 -28.25 64.44 23.35
CA ALA B 442 -28.47 63.15 24.00
C ALA B 442 -28.16 63.29 25.48
N TRP B 443 -28.97 62.61 26.30
CA TRP B 443 -28.79 62.65 27.75
C TRP B 443 -29.43 61.40 28.35
N ASN B 444 -28.77 60.85 29.37
CA ASN B 444 -29.24 59.63 30.01
C ASN B 444 -30.51 59.90 30.81
N SER B 445 -31.40 58.91 30.82
CA SER B 445 -32.66 59.00 31.56
C SER B 445 -32.91 57.70 32.32
N ASN B 446 -31.87 57.18 32.97
CA ASN B 446 -32.01 55.93 33.72
C ASN B 446 -32.88 56.10 34.96
N LYS B 447 -32.97 57.32 35.49
CA LYS B 447 -33.76 57.58 36.69
C LYS B 447 -35.26 57.68 36.39
N LEU B 448 -35.66 57.64 35.12
CA LEU B 448 -37.06 57.75 34.75
C LEU B 448 -37.56 56.66 33.81
N ASP B 449 -36.66 55.93 33.13
CA ASP B 449 -37.05 54.92 32.17
C ASP B 449 -36.35 53.59 32.47
N SER B 450 -36.34 53.19 33.73
CA SER B 450 -35.73 51.93 34.14
C SER B 450 -36.43 51.43 35.39
N LYS B 451 -37.28 50.41 35.22
CA LYS B 451 -37.99 49.80 36.34
C LYS B 451 -37.32 48.50 36.77
N PRO B 452 -37.43 48.14 38.05
CA PRO B 452 -36.73 46.93 38.52
C PRO B 452 -37.13 45.65 37.80
N SER B 453 -38.35 45.57 37.29
CA SER B 453 -38.82 44.39 36.58
C SER B 453 -38.59 44.47 35.08
N GLY B 454 -37.91 45.50 34.60
CA GLY B 454 -37.65 45.64 33.18
C GLY B 454 -38.81 46.24 32.40
N ASN B 455 -38.51 47.18 31.51
CA ASN B 455 -39.51 47.85 30.70
C ASN B 455 -39.33 47.42 29.25
N TYR B 456 -40.32 46.73 28.70
CA TYR B 456 -40.29 46.25 27.32
C TYR B 456 -41.12 47.12 26.39
N ASN B 457 -41.32 48.39 26.73
CA ASN B 457 -42.10 49.29 25.90
C ASN B 457 -41.29 49.94 24.79
N TYR B 458 -39.95 49.86 24.85
CA TYR B 458 -39.09 50.43 23.83
C TYR B 458 -38.66 49.33 22.88
N LEU B 459 -39.07 49.44 21.62
CA LEU B 459 -38.78 48.45 20.60
C LEU B 459 -37.77 48.99 19.60
N TYR B 460 -36.94 48.08 19.06
CA TYR B 460 -35.98 48.43 18.03
C TYR B 460 -36.01 47.38 16.93
N ARG B 461 -35.97 47.83 15.68
CA ARG B 461 -35.97 46.93 14.55
C ARG B 461 -34.57 46.40 14.31
N LEU B 462 -34.44 45.08 14.15
CA LEU B 462 -33.13 44.45 14.08
C LEU B 462 -32.58 44.48 12.66
N PHE B 463 -33.30 43.88 11.71
CA PHE B 463 -32.77 43.71 10.37
C PHE B 463 -33.92 43.55 9.39
N ARG B 464 -33.78 44.15 8.22
CA ARG B 464 -34.76 44.08 7.14
C ARG B 464 -34.08 43.56 5.88
N LYS B 465 -34.89 43.40 4.82
CA LYS B 465 -34.35 42.96 3.54
C LYS B 465 -33.52 44.04 2.84
N SER B 466 -33.66 45.29 3.27
CA SER B 466 -32.90 46.39 2.67
C SER B 466 -32.59 47.40 3.76
N LYS B 467 -31.84 48.45 3.39
CA LYS B 467 -31.45 49.50 4.30
C LYS B 467 -32.33 50.73 4.11
N LEU B 468 -32.55 51.46 5.20
CA LEU B 468 -33.37 52.67 5.15
C LEU B 468 -32.60 53.81 4.50
N LYS B 469 -33.26 54.50 3.56
CA LYS B 469 -32.69 55.68 2.96
C LYS B 469 -32.74 56.84 3.95
N PRO B 470 -31.94 57.88 3.75
CA PRO B 470 -31.97 59.03 4.66
C PRO B 470 -33.36 59.66 4.72
N PHE B 471 -33.78 59.99 5.95
CA PHE B 471 -35.08 60.62 6.21
C PHE B 471 -36.23 59.74 5.72
N GLU B 472 -36.32 58.54 6.31
CA GLU B 472 -37.41 57.62 6.05
C GLU B 472 -37.88 56.99 7.35
N ARG B 473 -39.18 56.76 7.45
CA ARG B 473 -39.80 56.22 8.65
C ARG B 473 -40.83 55.17 8.24
N ASP B 474 -40.67 53.95 8.74
CA ASP B 474 -41.57 52.84 8.43
C ASP B 474 -42.04 52.21 9.74
N ILE B 475 -43.35 52.12 9.91
CA ILE B 475 -43.95 51.51 11.09
C ILE B 475 -44.65 50.19 10.73
N SER B 476 -44.19 49.54 9.67
CA SER B 476 -44.81 48.29 9.25
C SER B 476 -44.48 47.17 10.23
N THR B 477 -45.49 46.40 10.63
CA THR B 477 -45.33 45.30 11.57
C THR B 477 -45.33 43.94 10.88
N GLU B 478 -44.80 43.88 9.65
CA GLU B 478 -44.75 42.62 8.92
C GLU B 478 -43.72 41.70 9.55
N ILE B 479 -44.15 40.52 9.98
CA ILE B 479 -43.26 39.58 10.63
C ILE B 479 -42.24 39.06 9.64
N TYR B 480 -40.96 39.13 10.01
CA TYR B 480 -39.88 38.72 9.11
C TYR B 480 -39.85 37.21 8.94
N GLN B 481 -39.46 36.77 7.75
CA GLN B 481 -39.37 35.36 7.40
C GLN B 481 -37.89 35.03 7.21
N ALA B 482 -37.31 34.30 8.16
CA ALA B 482 -35.90 33.90 8.13
C ALA B 482 -35.83 32.41 7.84
N GLY B 483 -35.81 32.06 6.56
CA GLY B 483 -35.72 30.67 6.17
C GLY B 483 -36.26 30.48 4.76
N ASN B 484 -36.54 29.22 4.44
CA ASN B 484 -37.08 28.86 3.14
C ASN B 484 -38.55 28.47 3.17
N LYS B 485 -39.14 28.34 4.35
CA LYS B 485 -40.55 27.98 4.47
C LYS B 485 -41.42 29.21 4.68
N PRO B 486 -42.56 29.29 4.01
CA PRO B 486 -43.43 30.48 4.15
C PRO B 486 -43.97 30.59 5.57
N CYS B 487 -44.02 31.83 6.06
CA CYS B 487 -44.55 32.14 7.39
C CYS B 487 -45.90 32.83 7.23
N ASN B 488 -46.95 32.19 7.74
CA ASN B 488 -48.31 32.70 7.60
C ASN B 488 -48.70 33.61 8.76
N GLY B 489 -47.84 34.59 9.05
CA GLY B 489 -48.11 35.57 10.09
C GLY B 489 -48.23 35.00 11.48
N VAL B 490 -47.43 33.98 11.81
CA VAL B 490 -47.44 33.35 13.12
C VAL B 490 -46.01 33.21 13.60
N ALA B 491 -45.80 33.42 14.90
CA ALA B 491 -44.46 33.30 15.48
C ALA B 491 -44.12 31.82 15.66
N GLY B 492 -42.99 31.41 15.09
CA GLY B 492 -42.56 30.02 15.20
C GLY B 492 -41.08 29.86 15.43
N SER B 493 -40.49 28.81 14.86
CA SER B 493 -39.06 28.56 15.04
C SER B 493 -38.23 29.37 14.05
N ASN B 494 -38.59 29.33 12.77
CA ASN B 494 -37.86 30.03 11.74
C ASN B 494 -38.42 31.42 11.44
N CYS B 495 -39.61 31.74 11.94
CA CYS B 495 -40.24 33.03 11.72
C CYS B 495 -40.01 33.92 12.93
N TYR B 496 -39.44 35.10 12.70
CA TYR B 496 -39.07 36.01 13.78
C TYR B 496 -39.71 37.37 13.57
N SER B 497 -40.08 38.01 14.68
CA SER B 497 -40.65 39.34 14.62
C SER B 497 -39.55 40.38 14.39
N PRO B 498 -39.81 41.41 13.57
CA PRO B 498 -38.75 42.40 13.30
C PRO B 498 -38.51 43.35 14.46
N LEU B 499 -39.48 43.55 15.35
CA LEU B 499 -39.35 44.48 16.46
C LEU B 499 -38.95 43.71 17.71
N GLN B 500 -37.84 44.12 18.32
CA GLN B 500 -37.35 43.53 19.55
C GLN B 500 -37.28 44.59 20.64
N SER B 501 -37.50 44.18 21.88
CA SER B 501 -37.50 45.10 23.01
C SER B 501 -36.10 45.22 23.60
N TYR B 502 -35.88 46.32 24.32
CA TYR B 502 -34.60 46.58 24.97
C TYR B 502 -34.50 45.90 26.33
N GLY B 503 -35.49 46.09 27.20
CA GLY B 503 -35.44 45.54 28.54
C GLY B 503 -34.48 46.28 29.44
N PHE B 504 -34.75 47.56 29.68
CA PHE B 504 -33.89 48.39 30.52
C PHE B 504 -34.12 48.07 31.99
N ARG B 505 -33.04 47.82 32.72
CA ARG B 505 -33.10 47.53 34.15
C ARG B 505 -32.10 48.42 34.88
N PRO B 506 -32.42 48.85 36.11
CA PRO B 506 -31.49 49.69 36.85
C PRO B 506 -30.24 48.95 37.32
N THR B 507 -30.27 47.62 37.36
CA THR B 507 -29.09 46.85 37.77
C THR B 507 -28.04 46.79 36.68
N TYR B 508 -28.40 47.10 35.44
CA TYR B 508 -27.43 47.08 34.35
C TYR B 508 -26.45 48.26 34.50
N GLY B 509 -25.21 48.03 34.10
CA GLY B 509 -24.19 49.06 34.19
C GLY B 509 -24.37 50.14 33.15
N VAL B 510 -23.45 51.10 33.18
CA VAL B 510 -23.48 52.22 32.23
C VAL B 510 -23.18 51.67 30.84
N GLY B 511 -24.08 51.97 29.89
CA GLY B 511 -23.92 51.48 28.54
C GLY B 511 -25.20 50.85 28.01
N HIS B 512 -26.00 50.29 28.90
CA HIS B 512 -27.29 49.70 28.56
C HIS B 512 -28.46 50.50 29.14
N GLN B 513 -28.22 51.75 29.51
CA GLN B 513 -29.23 52.61 30.09
C GLN B 513 -29.96 53.39 29.00
N PRO B 514 -31.19 53.82 29.25
CA PRO B 514 -31.92 54.60 28.23
C PRO B 514 -31.30 55.98 28.05
N TYR B 515 -30.99 56.32 26.80
CA TYR B 515 -30.42 57.61 26.44
C TYR B 515 -31.40 58.29 25.47
N ARG B 516 -32.09 59.31 25.96
CA ARG B 516 -33.02 60.07 25.13
C ARG B 516 -32.25 60.98 24.20
N VAL B 517 -32.38 60.74 22.89
CA VAL B 517 -31.67 61.51 21.87
C VAL B 517 -32.67 62.40 21.16
N VAL B 518 -32.36 63.69 21.09
CA VAL B 518 -33.20 64.68 20.42
C VAL B 518 -32.36 65.28 19.30
N VAL B 519 -32.64 64.85 18.06
CA VAL B 519 -31.89 65.33 16.90
C VAL B 519 -32.63 66.52 16.30
N LEU B 520 -31.93 67.64 16.15
CA LEU B 520 -32.48 68.85 15.56
C LEU B 520 -31.95 69.02 14.15
N SER B 521 -32.85 69.20 13.20
CA SER B 521 -32.50 69.37 11.79
C SER B 521 -32.88 70.77 11.33
N PHE B 522 -32.21 71.24 10.28
CA PHE B 522 -32.44 72.55 9.71
C PHE B 522 -32.48 72.44 8.19
N GLU B 523 -33.48 73.09 7.59
CA GLU B 523 -33.66 73.07 6.15
C GLU B 523 -33.87 74.48 5.63
N LEU B 524 -33.49 74.71 4.38
CA LEU B 524 -33.65 75.99 3.70
C LEU B 524 -34.47 75.76 2.44
N LEU B 525 -35.79 75.84 2.58
CA LEU B 525 -36.70 75.62 1.46
C LEU B 525 -36.93 76.93 0.71
N HIS B 526 -37.87 76.92 -0.23
CA HIS B 526 -38.18 78.12 -1.01
C HIS B 526 -39.12 79.06 -0.27
N ALA B 527 -39.86 78.58 0.72
CA ALA B 527 -40.76 79.43 1.47
C ALA B 527 -39.96 80.41 2.33
N PRO B 528 -40.52 81.58 2.64
CA PRO B 528 -39.80 82.53 3.49
C PRO B 528 -39.54 81.96 4.88
N ALA B 529 -38.47 82.42 5.50
CA ALA B 529 -38.09 81.94 6.83
C ALA B 529 -39.12 82.39 7.86
N THR B 530 -39.81 81.42 8.46
CA THR B 530 -40.77 81.70 9.52
C THR B 530 -40.18 81.56 10.91
N VAL B 531 -38.98 81.02 11.05
CA VAL B 531 -38.30 80.88 12.33
C VAL B 531 -36.94 81.54 12.20
N CYS B 532 -36.64 82.47 13.11
CA CYS B 532 -35.39 83.21 13.07
C CYS B 532 -34.82 83.25 14.49
N GLY B 533 -33.72 83.98 14.66
CA GLY B 533 -33.06 84.09 15.94
C GLY B 533 -33.59 85.26 16.76
N PRO B 534 -33.24 85.28 18.04
CA PRO B 534 -33.67 86.39 18.91
C PRO B 534 -32.88 87.67 18.65
N LYS B 535 -33.28 88.45 17.66
CA LYS B 535 -32.62 89.72 17.35
C LYS B 535 -32.59 90.61 18.60
N LYS B 536 -31.39 91.08 18.94
CA LYS B 536 -31.20 91.86 20.16
C LYS B 536 -31.81 93.25 20.04
N SER B 537 -31.75 94.03 21.10
CA SER B 537 -32.30 95.38 21.12
C SER B 537 -31.35 96.26 21.93
N THR B 538 -31.51 97.58 21.78
CA THR B 538 -30.68 98.54 22.49
C THR B 538 -31.54 99.66 23.08
N ASN B 539 -30.90 100.70 23.60
CA ASN B 539 -31.59 101.83 24.20
C ASN B 539 -31.73 102.95 23.18
N LEU B 540 -32.95 103.47 23.07
CA LEU B 540 -33.25 104.56 22.14
C LEU B 540 -32.76 105.86 22.75
N VAL B 541 -31.64 106.36 22.24
CA VAL B 541 -31.06 107.60 22.75
C VAL B 541 -31.83 108.79 22.19
N LYS B 542 -31.59 109.97 22.77
CA LYS B 542 -32.28 111.18 22.34
C LYS B 542 -31.65 111.75 21.07
N ASN B 543 -31.95 113.02 20.78
CA ASN B 543 -31.45 113.68 19.58
C ASN B 543 -29.93 113.72 19.54
N LYS B 544 -29.34 112.95 18.62
CA LYS B 544 -27.89 112.91 18.45
C LYS B 544 -27.55 112.22 17.13
N CYS B 545 -26.55 112.73 16.42
CA CYS B 545 -26.14 112.11 15.16
C CYS B 545 -25.44 110.79 15.41
N VAL B 546 -26.18 109.68 15.28
CA VAL B 546 -25.67 108.33 15.50
C VAL B 546 -26.30 107.42 14.46
N ASN B 547 -25.91 106.15 14.50
CA ASN B 547 -26.48 105.16 13.59
C ASN B 547 -27.81 104.64 14.14
N PHE B 548 -28.58 103.98 13.27
CA PHE B 548 -29.86 103.41 13.65
C PHE B 548 -30.22 102.30 12.69
N ASN B 549 -30.90 101.28 13.21
CA ASN B 549 -31.33 100.12 12.42
C ASN B 549 -32.72 99.72 12.92
N PHE B 550 -33.76 100.23 12.25
CA PHE B 550 -35.14 99.91 12.60
C PHE B 550 -35.66 98.87 11.63
N ASN B 551 -35.32 97.61 11.91
CA ASN B 551 -35.76 96.46 11.12
C ASN B 551 -35.36 96.60 9.65
N GLY B 552 -34.06 96.67 9.42
CA GLY B 552 -33.50 96.75 8.09
C GLY B 552 -33.14 98.16 7.64
N LEU B 553 -33.79 99.18 8.20
CA LEU B 553 -33.51 100.56 7.81
C LEU B 553 -32.18 101.01 8.41
N THR B 554 -31.10 100.86 7.66
CA THR B 554 -29.76 101.22 8.11
C THR B 554 -29.37 102.57 7.51
N GLY B 555 -28.89 103.47 8.36
CA GLY B 555 -28.48 104.79 7.89
C GLY B 555 -27.98 105.62 9.04
N THR B 556 -27.65 106.87 8.73
CA THR B 556 -27.15 107.83 9.71
C THR B 556 -28.08 109.04 9.76
N GLY B 557 -28.10 109.68 10.92
CA GLY B 557 -28.94 110.85 11.10
C GLY B 557 -29.18 111.11 12.58
N VAL B 558 -30.06 112.07 12.83
CA VAL B 558 -30.42 112.48 14.18
C VAL B 558 -31.89 112.12 14.41
N LEU B 559 -32.16 111.39 15.49
CA LEU B 559 -33.51 110.97 15.84
C LEU B 559 -34.11 112.01 16.80
N THR B 560 -35.01 112.83 16.27
CA THR B 560 -35.64 113.90 17.04
C THR B 560 -37.12 113.63 17.17
N GLU B 561 -37.72 114.23 18.21
CA GLU B 561 -39.15 114.09 18.46
C GLU B 561 -39.97 114.80 17.38
N SER B 562 -40.73 114.04 16.60
CA SER B 562 -41.53 114.60 15.53
C SER B 562 -42.91 114.98 16.05
N ASN B 563 -43.76 115.48 15.15
CA ASN B 563 -45.13 115.86 15.48
C ASN B 563 -46.14 115.24 14.52
N LYS B 564 -45.71 114.30 13.68
CA LYS B 564 -46.61 113.67 12.72
C LYS B 564 -47.54 112.68 13.41
N LYS B 565 -48.45 112.11 12.63
CA LYS B 565 -49.41 111.13 13.14
C LYS B 565 -49.47 109.99 12.13
N PHE B 566 -48.76 108.91 12.45
CA PHE B 566 -48.73 107.74 11.55
C PHE B 566 -49.97 106.88 11.74
N LEU B 567 -50.47 106.35 10.64
CA LEU B 567 -51.60 105.44 10.71
C LEU B 567 -51.14 104.11 11.31
N PRO B 568 -52.04 103.38 11.98
CA PRO B 568 -51.62 102.19 12.72
C PRO B 568 -51.36 100.98 11.82
N PHE B 569 -50.78 101.21 10.65
CA PHE B 569 -50.28 100.11 9.83
C PHE B 569 -48.95 100.40 9.16
N GLN B 570 -48.33 101.55 9.44
CA GLN B 570 -47.07 101.94 8.84
C GLN B 570 -46.01 102.11 9.91
N GLN B 571 -44.74 102.02 9.51
CA GLN B 571 -43.62 102.17 10.41
C GLN B 571 -42.74 103.35 10.03
N PHE B 572 -42.32 103.45 8.78
CA PHE B 572 -41.44 104.51 8.31
C PHE B 572 -42.11 105.32 7.21
N GLY B 573 -41.44 106.39 6.80
CA GLY B 573 -41.95 107.27 5.78
C GLY B 573 -40.85 108.00 5.02
N ARG B 574 -41.11 108.32 3.75
CA ARG B 574 -40.13 108.99 2.90
C ARG B 574 -40.60 110.40 2.56
N ASP B 575 -39.63 111.23 2.17
CA ASP B 575 -39.89 112.62 1.82
C ASP B 575 -40.19 112.73 0.33
N ILE B 576 -40.17 113.97 -0.19
CA ILE B 576 -40.50 114.22 -1.59
C ILE B 576 -39.58 113.52 -2.57
N ALA B 577 -38.36 113.21 -2.17
CA ALA B 577 -37.38 112.61 -3.05
C ALA B 577 -37.01 111.19 -2.61
N ASP B 578 -37.97 110.48 -2.01
CA ASP B 578 -37.78 109.10 -1.56
C ASP B 578 -36.60 108.99 -0.60
N THR B 579 -36.59 109.85 0.42
CA THR B 579 -35.55 109.86 1.44
C THR B 579 -36.19 109.59 2.79
N THR B 580 -35.68 108.58 3.49
CA THR B 580 -36.21 108.19 4.78
C THR B 580 -35.89 109.25 5.82
N ASP B 581 -36.90 109.99 6.27
CA ASP B 581 -36.73 111.01 7.31
C ASP B 581 -37.70 110.84 8.46
N ALA B 582 -38.40 109.70 8.54
CA ALA B 582 -39.34 109.47 9.62
C ALA B 582 -39.52 107.96 9.79
N VAL B 583 -39.61 107.52 11.04
CA VAL B 583 -39.79 106.11 11.35
C VAL B 583 -40.40 106.01 12.73
N ARG B 584 -41.17 104.94 12.95
CA ARG B 584 -41.76 104.66 14.25
C ARG B 584 -41.10 103.43 14.84
N ASP B 585 -40.56 103.57 16.05
CA ASP B 585 -39.88 102.46 16.71
C ASP B 585 -40.88 101.37 17.06
N PRO B 586 -40.72 100.14 16.59
CA PRO B 586 -41.66 99.07 16.95
C PRO B 586 -41.39 98.52 18.35
N GLN B 587 -41.17 99.41 19.32
CA GLN B 587 -41.02 99.03 20.72
C GLN B 587 -42.07 99.70 21.59
N THR B 588 -42.20 101.03 21.49
CA THR B 588 -43.25 101.79 22.16
C THR B 588 -43.76 102.81 21.16
N LEU B 589 -45.09 102.93 21.05
CA LEU B 589 -45.69 103.81 20.07
C LEU B 589 -45.25 105.26 20.29
N GLU B 590 -44.46 105.78 19.36
CA GLU B 590 -43.91 107.13 19.47
C GLU B 590 -43.34 107.54 18.12
N ILE B 591 -43.68 108.74 17.66
CA ILE B 591 -43.16 109.22 16.38
C ILE B 591 -41.71 109.69 16.56
N LEU B 592 -40.93 109.58 15.48
CA LEU B 592 -39.53 109.96 15.51
C LEU B 592 -39.15 110.56 14.17
N ASP B 593 -38.56 111.75 14.20
CA ASP B 593 -38.07 112.40 12.98
C ASP B 593 -36.60 112.05 12.77
N ILE B 594 -36.23 111.90 11.51
CA ILE B 594 -34.85 111.55 11.13
C ILE B 594 -34.31 112.73 10.33
N THR B 595 -33.61 113.64 11.00
CA THR B 595 -32.95 114.71 10.26
C THR B 595 -31.49 114.32 9.99
N PRO B 596 -30.96 114.69 8.82
CA PRO B 596 -29.60 114.27 8.48
C PRO B 596 -28.56 114.84 9.44
N CYS B 597 -27.43 114.14 9.54
CA CYS B 597 -26.35 114.58 10.40
C CYS B 597 -25.78 115.90 9.89
N SER B 598 -25.09 116.61 10.79
CA SER B 598 -24.48 117.88 10.44
C SER B 598 -23.35 117.68 9.44
N PHE B 599 -23.51 118.21 8.23
CA PHE B 599 -22.52 118.07 7.18
C PHE B 599 -22.36 119.43 6.50
N GLY B 600 -21.52 119.48 5.47
CA GLY B 600 -21.28 120.70 4.74
C GLY B 600 -19.83 120.90 4.37
N GLY B 601 -19.55 121.94 3.58
CA GLY B 601 -18.20 122.24 3.17
C GLY B 601 -17.57 123.33 4.01
N VAL B 602 -16.23 123.30 4.05
CA VAL B 602 -15.46 124.26 4.84
C VAL B 602 -14.76 125.22 3.90
N SER B 603 -14.47 126.41 4.41
CA SER B 603 -13.77 127.45 3.66
C SER B 603 -12.82 128.17 4.60
N VAL B 604 -11.61 128.42 4.12
CA VAL B 604 -10.57 129.08 4.91
C VAL B 604 -10.35 130.48 4.33
N ILE B 605 -10.54 131.50 5.17
CA ILE B 605 -10.31 132.89 4.77
C ILE B 605 -8.83 133.20 4.99
N THR B 606 -8.08 133.29 3.90
CA THR B 606 -6.65 133.53 3.96
C THR B 606 -6.33 134.92 3.43
N PRO B 607 -5.83 135.82 4.27
CA PRO B 607 -5.45 137.16 3.77
C PRO B 607 -4.23 137.16 2.87
N GLY B 608 -3.65 136.01 2.58
CA GLY B 608 -2.48 135.94 1.72
C GLY B 608 -1.22 135.61 2.49
N THR B 609 -0.39 134.74 1.93
CA THR B 609 0.87 134.34 2.57
C THR B 609 2.00 135.30 2.21
N ASN B 610 1.78 136.58 2.46
CA ASN B 610 2.78 137.60 2.17
C ASN B 610 2.98 138.61 3.29
N THR B 611 2.00 138.82 4.17
CA THR B 611 2.14 139.81 5.25
C THR B 611 1.77 139.18 6.59
N SER B 612 1.04 138.07 6.56
CA SER B 612 0.62 137.39 7.78
C SER B 612 0.27 135.95 7.45
N ASN B 613 0.25 135.12 8.49
CA ASN B 613 -0.08 133.70 8.35
C ASN B 613 -1.36 133.32 9.07
N GLN B 614 -2.00 134.26 9.76
CA GLN B 614 -3.25 133.96 10.47
C GLN B 614 -4.40 133.88 9.49
N VAL B 615 -5.17 132.80 9.58
CA VAL B 615 -6.30 132.56 8.70
C VAL B 615 -7.56 132.38 9.55
N ALA B 616 -8.68 132.16 8.88
CA ALA B 616 -9.97 131.98 9.55
C ALA B 616 -10.78 130.96 8.77
N VAL B 617 -11.31 129.96 9.48
CA VAL B 617 -12.08 128.88 8.89
C VAL B 617 -13.55 129.27 8.87
N LEU B 618 -14.29 128.78 7.88
CA LEU B 618 -15.71 129.05 7.71
C LEU B 618 -16.43 127.73 7.47
N TYR B 619 -17.26 127.33 8.43
CA TYR B 619 -18.06 126.11 8.31
C TYR B 619 -19.42 126.47 7.75
N GLN B 620 -19.56 126.32 6.43
CA GLN B 620 -20.80 126.69 5.74
C GLN B 620 -21.89 125.68 6.06
N GLY B 621 -22.98 126.14 6.67
CA GLY B 621 -24.11 125.30 6.94
C GLY B 621 -24.35 125.03 8.42
N VAL B 622 -23.28 124.95 9.20
CA VAL B 622 -23.43 124.63 10.62
C VAL B 622 -23.91 125.86 11.38
N ASN B 623 -24.42 125.63 12.59
CA ASN B 623 -24.94 126.66 13.47
C ASN B 623 -24.02 126.90 14.66
N CYS B 624 -22.71 126.74 14.44
CA CYS B 624 -21.67 126.91 15.45
C CYS B 624 -21.85 125.97 16.65
N THR B 625 -22.68 124.95 16.54
CA THR B 625 -22.97 124.04 17.65
C THR B 625 -22.47 122.62 17.42
N GLU B 626 -21.89 122.33 16.25
CA GLU B 626 -21.38 121.01 15.95
C GLU B 626 -19.88 120.99 15.64
N VAL B 627 -19.24 122.14 15.57
CA VAL B 627 -17.79 122.17 15.29
C VAL B 627 -17.04 121.75 16.55
N PRO B 628 -16.15 120.75 16.47
CA PRO B 628 -15.36 120.29 17.62
C PRO B 628 -14.45 121.37 18.19
N SER B 647 -10.45 132.03 20.27
CA SER B 647 -11.14 132.14 18.99
C SER B 647 -12.31 133.12 19.07
N ASN B 648 -12.84 133.50 17.92
CA ASN B 648 -13.96 134.43 17.81
C ASN B 648 -15.07 133.74 17.01
N VAL B 649 -15.93 133.02 17.70
CA VAL B 649 -17.03 132.31 17.05
C VAL B 649 -18.18 133.28 16.82
N PHE B 650 -18.62 133.37 15.56
CA PHE B 650 -19.72 134.25 15.18
C PHE B 650 -20.57 133.54 14.15
N GLN B 651 -21.88 133.47 14.40
CA GLN B 651 -22.81 132.79 13.51
C GLN B 651 -23.37 133.79 12.50
N THR B 652 -23.17 133.51 11.21
CA THR B 652 -23.69 134.31 10.13
C THR B 652 -24.82 133.56 9.44
N ARG B 653 -25.43 134.21 8.45
CA ARG B 653 -26.49 133.59 7.66
C ARG B 653 -25.96 132.67 6.57
N ALA B 654 -24.64 132.52 6.46
CA ALA B 654 -24.04 131.62 5.48
C ALA B 654 -23.22 130.52 6.11
N GLY B 655 -22.84 130.65 7.38
CA GLY B 655 -22.05 129.63 8.04
C GLY B 655 -21.43 130.19 9.31
N CYS B 656 -20.64 129.34 9.96
CA CYS B 656 -19.95 129.72 11.18
C CYS B 656 -18.54 130.16 10.88
N LEU B 657 -18.18 131.36 11.31
CA LEU B 657 -16.86 131.93 11.09
C LEU B 657 -16.11 131.93 12.42
N ILE B 658 -15.08 131.09 12.53
CA ILE B 658 -14.28 130.96 13.73
C ILE B 658 -12.87 131.45 13.41
N GLY B 659 -12.49 132.59 14.00
CA GLY B 659 -11.17 133.14 13.79
C GLY B 659 -11.17 134.63 13.58
N ALA B 660 -12.31 135.19 13.19
CA ALA B 660 -12.45 136.62 12.94
C ALA B 660 -13.58 137.18 13.79
N GLU B 661 -13.44 138.45 14.16
CA GLU B 661 -14.44 139.15 14.94
C GLU B 661 -15.34 139.98 14.02
N TYR B 662 -16.59 140.14 14.44
CA TYR B 662 -17.60 140.84 13.64
C TYR B 662 -17.67 142.29 14.14
N VAL B 663 -16.97 143.18 13.43
CA VAL B 663 -17.05 144.59 13.76
C VAL B 663 -18.32 145.18 13.14
N ASN B 664 -18.79 146.27 13.74
CA ASN B 664 -20.02 146.93 13.29
C ASN B 664 -19.73 148.19 12.48
N ASN B 665 -18.67 148.15 11.67
CA ASN B 665 -18.30 149.23 10.78
C ASN B 665 -18.62 148.84 9.35
N SER B 666 -18.27 149.70 8.39
CA SER B 666 -18.56 149.45 6.99
C SER B 666 -17.35 149.83 6.15
N TYR B 667 -16.87 148.87 5.36
CA TYR B 667 -15.75 149.10 4.44
C TYR B 667 -16.06 148.38 3.13
N GLU B 668 -15.07 148.39 2.22
CA GLU B 668 -15.22 147.70 0.96
C GLU B 668 -15.03 146.21 1.14
N CYS B 669 -15.73 145.44 0.30
CA CYS B 669 -15.67 143.98 0.40
C CYS B 669 -14.36 143.49 -0.20
N ASP B 670 -13.43 143.09 0.67
CA ASP B 670 -12.15 142.56 0.22
C ASP B 670 -12.21 141.07 -0.07
N ILE B 671 -12.77 140.29 0.86
CA ILE B 671 -12.92 138.85 0.68
C ILE B 671 -14.41 138.50 0.78
N PRO B 672 -15.04 138.10 -0.32
CA PRO B 672 -16.48 137.79 -0.28
C PRO B 672 -16.74 136.49 0.46
N ILE B 673 -17.43 136.59 1.60
CA ILE B 673 -17.80 135.41 2.38
C ILE B 673 -19.16 134.88 1.98
N GLY B 674 -20.15 135.77 1.88
CA GLY B 674 -21.49 135.37 1.51
C GLY B 674 -22.55 135.94 2.43
N ALA B 675 -23.78 136.05 1.92
CA ALA B 675 -24.92 136.59 2.68
C ALA B 675 -24.63 137.98 3.22
N GLY B 676 -23.89 138.79 2.46
CA GLY B 676 -23.58 140.14 2.87
C GLY B 676 -22.40 140.28 3.81
N ILE B 677 -21.68 139.19 4.08
CA ILE B 677 -20.53 139.21 4.98
C ILE B 677 -19.26 139.32 4.16
N CYS B 678 -18.34 140.18 4.58
CA CYS B 678 -17.07 140.39 3.90
C CYS B 678 -15.96 140.48 4.92
N ALA B 679 -14.80 139.92 4.59
CA ALA B 679 -13.65 139.90 5.48
C ALA B 679 -12.50 140.70 4.88
N SER B 680 -11.64 141.20 5.76
CA SER B 680 -10.47 141.96 5.34
C SER B 680 -9.45 141.96 6.48
N TYR B 681 -8.20 142.14 6.12
CA TYR B 681 -7.09 142.17 7.07
C TYR B 681 -6.72 143.63 7.30
N GLN B 682 -7.24 144.21 8.38
CA GLN B 682 -7.03 145.62 8.69
C GLN B 682 -6.56 145.75 10.14
N THR B 683 -5.80 146.82 10.40
CA THR B 683 -5.23 147.03 11.72
C THR B 683 -6.32 147.28 12.75
N GLN B 684 -6.26 146.54 13.86
CA GLN B 684 -7.25 146.67 14.93
C GLN B 684 -7.16 148.04 15.60
N SER B 696 -1.63 145.40 16.72
CA SER B 696 -1.93 144.07 16.21
C SER B 696 -2.92 144.14 15.06
N GLN B 697 -2.72 143.28 14.06
CA GLN B 697 -3.57 143.22 12.88
C GLN B 697 -4.13 141.81 12.73
N SER B 698 -5.44 141.69 12.63
CA SER B 698 -6.11 140.40 12.51
C SER B 698 -7.23 140.52 11.49
N ILE B 699 -7.95 139.41 11.30
CA ILE B 699 -9.06 139.36 10.35
C ILE B 699 -10.32 139.87 11.03
N ILE B 700 -11.05 140.74 10.32
CA ILE B 700 -12.28 141.32 10.83
C ILE B 700 -13.43 140.91 9.92
N ALA B 701 -14.65 141.05 10.44
CA ALA B 701 -15.86 140.75 9.70
C ALA B 701 -16.83 141.92 9.83
N TYR B 702 -17.49 142.25 8.72
CA TYR B 702 -18.39 143.39 8.69
C TYR B 702 -19.31 143.28 7.48
N THR B 703 -20.36 144.09 7.48
CA THR B 703 -21.26 144.18 6.35
C THR B 703 -20.69 145.16 5.33
N MET B 704 -20.60 144.71 4.07
CA MET B 704 -20.02 145.55 3.03
C MET B 704 -20.87 146.80 2.79
N SER B 705 -20.21 147.92 2.51
CA SER B 705 -20.90 149.16 2.24
C SER B 705 -21.08 149.34 0.73
N LEU B 706 -22.27 149.78 0.34
CA LEU B 706 -22.60 149.98 -1.06
C LEU B 706 -22.10 151.30 -1.62
N GLY B 707 -21.46 152.13 -0.79
CA GLY B 707 -20.96 153.40 -1.24
C GLY B 707 -21.27 154.53 -0.28
N ALA B 708 -20.86 155.75 -0.63
CA ALA B 708 -21.13 156.90 0.21
C ALA B 708 -22.58 157.35 0.07
N GLU B 709 -23.14 157.85 1.17
CA GLU B 709 -24.53 158.30 1.21
C GLU B 709 -24.57 159.76 0.80
N ASN B 710 -24.77 160.00 -0.49
CA ASN B 710 -24.86 161.36 -1.03
C ASN B 710 -26.32 161.77 -1.13
N SER B 711 -26.58 163.04 -0.86
CA SER B 711 -27.93 163.60 -0.87
C SER B 711 -27.96 164.79 -1.83
N VAL B 712 -28.48 164.58 -3.03
CA VAL B 712 -28.60 165.65 -4.01
C VAL B 712 -29.75 166.57 -3.60
N ALA B 713 -29.46 167.86 -3.47
CA ALA B 713 -30.47 168.83 -3.09
C ALA B 713 -31.40 169.11 -4.26
N TYR B 714 -32.52 168.40 -4.32
CA TYR B 714 -33.49 168.55 -5.40
C TYR B 714 -34.41 169.73 -5.07
N SER B 715 -34.35 170.77 -5.89
CA SER B 715 -35.21 171.94 -5.75
C SER B 715 -35.92 172.23 -7.06
N ASN B 716 -37.09 172.83 -6.95
CA ASN B 716 -37.89 173.17 -8.12
C ASN B 716 -37.42 174.43 -8.83
N ASN B 717 -36.48 175.17 -8.26
CA ASN B 717 -35.95 176.38 -8.86
C ASN B 717 -34.44 176.43 -8.70
N SER B 718 -33.78 175.30 -8.93
CA SER B 718 -32.33 175.20 -8.81
C SER B 718 -31.81 174.17 -9.79
N ILE B 719 -30.75 174.52 -10.52
CA ILE B 719 -30.12 173.62 -11.48
C ILE B 719 -28.61 173.69 -11.28
N ALA B 720 -27.93 172.61 -11.66
CA ALA B 720 -26.48 172.50 -11.53
C ALA B 720 -25.88 172.44 -12.93
N ILE B 721 -25.27 173.54 -13.36
CA ILE B 721 -24.59 173.63 -14.65
C ILE B 721 -23.10 173.59 -14.42
N PRO B 722 -22.37 172.64 -15.01
CA PRO B 722 -20.93 172.56 -14.79
C PRO B 722 -20.18 173.71 -15.46
N THR B 723 -19.00 174.01 -14.93
CA THR B 723 -18.16 175.08 -15.43
C THR B 723 -16.83 174.60 -15.99
N ASN B 724 -16.33 173.45 -15.55
CA ASN B 724 -15.06 172.93 -16.06
C ASN B 724 -15.26 171.51 -16.58
N PHE B 725 -14.17 170.89 -17.04
CA PHE B 725 -14.24 169.55 -17.59
C PHE B 725 -12.89 168.86 -17.42
N THR B 726 -12.95 167.54 -17.24
CA THR B 726 -11.76 166.71 -17.07
C THR B 726 -11.85 165.53 -18.01
N ILE B 727 -11.03 165.55 -19.07
CA ILE B 727 -11.02 164.45 -20.02
C ILE B 727 -10.33 163.25 -19.38
N SER B 728 -11.05 162.13 -19.29
CA SER B 728 -10.54 160.92 -18.68
C SER B 728 -10.53 159.79 -19.72
N VAL B 729 -9.51 158.95 -19.66
CA VAL B 729 -9.36 157.81 -20.55
C VAL B 729 -9.36 156.53 -19.71
N THR B 730 -10.20 155.58 -20.10
CA THR B 730 -10.31 154.31 -19.41
C THR B 730 -9.93 153.16 -20.34
N THR B 731 -9.80 151.97 -19.76
CA THR B 731 -9.42 150.78 -20.51
C THR B 731 -10.43 149.67 -20.24
N GLU B 732 -10.62 148.79 -21.23
CA GLU B 732 -11.52 147.67 -21.11
C GLU B 732 -10.89 146.46 -21.80
N ILE B 733 -10.82 145.34 -21.09
CA ILE B 733 -10.20 144.12 -21.59
C ILE B 733 -11.30 143.21 -22.15
N LEU B 734 -11.09 142.71 -23.37
CA LEU B 734 -12.03 141.81 -24.01
C LEU B 734 -11.30 140.73 -24.78
N PRO B 735 -11.41 139.46 -24.38
CA PRO B 735 -10.76 138.39 -25.14
C PRO B 735 -11.40 138.21 -26.51
N VAL B 736 -10.55 137.95 -27.50
CA VAL B 736 -11.00 137.75 -28.88
C VAL B 736 -11.05 136.27 -29.24
N SER B 737 -9.93 135.55 -29.05
CA SER B 737 -9.85 134.14 -29.38
C SER B 737 -9.09 133.41 -28.29
N MET B 738 -9.02 132.08 -28.42
CA MET B 738 -8.31 131.26 -27.46
C MET B 738 -7.31 130.36 -28.16
N THR B 739 -6.71 129.42 -27.41
CA THR B 739 -5.71 128.54 -27.99
C THR B 739 -6.36 127.51 -28.91
N LYS B 740 -5.84 127.42 -30.13
CA LYS B 740 -6.33 126.44 -31.10
C LYS B 740 -5.66 125.10 -30.83
N THR B 741 -6.46 124.07 -30.56
CA THR B 741 -5.94 122.75 -30.23
C THR B 741 -6.69 121.69 -31.02
N SER B 742 -6.04 120.55 -31.20
CA SER B 742 -6.63 119.40 -31.88
C SER B 742 -6.03 118.13 -31.29
N VAL B 743 -6.89 117.12 -31.09
CA VAL B 743 -6.46 115.87 -30.48
C VAL B 743 -6.49 114.78 -31.54
N ASP B 744 -5.73 113.71 -31.28
CA ASP B 744 -5.69 112.54 -32.16
C ASP B 744 -6.47 111.42 -31.47
N CYS B 745 -7.62 111.07 -32.03
CA CYS B 745 -8.48 110.06 -31.43
C CYS B 745 -7.93 108.64 -31.56
N THR B 746 -6.85 108.46 -32.35
CA THR B 746 -6.21 107.16 -32.48
C THR B 746 -4.90 107.06 -31.72
N MET B 747 -4.36 108.19 -31.23
CA MET B 747 -3.12 108.20 -30.47
C MET B 747 -3.32 108.44 -28.99
N TYR B 748 -4.10 109.44 -28.60
CA TYR B 748 -4.37 109.67 -27.19
C TYR B 748 -5.21 108.55 -26.60
N ILE B 749 -6.07 107.92 -27.39
CA ILE B 749 -6.90 106.83 -26.89
C ILE B 749 -6.14 105.52 -26.95
N CYS B 750 -5.38 105.30 -28.03
CA CYS B 750 -4.57 104.10 -28.21
C CYS B 750 -3.10 104.52 -28.29
N GLY B 751 -2.36 104.31 -27.21
CA GLY B 751 -0.97 104.70 -27.18
C GLY B 751 -0.03 103.62 -27.66
N ASP B 752 0.38 103.71 -28.93
CA ASP B 752 1.33 102.79 -29.55
C ASP B 752 0.87 101.33 -29.46
N SER B 753 -0.43 101.10 -29.43
CA SER B 753 -0.98 99.75 -29.33
C SER B 753 -1.69 99.38 -30.63
N THR B 754 -1.45 98.17 -31.12
CA THR B 754 -2.07 97.70 -32.34
C THR B 754 -3.39 96.97 -32.10
N GLU B 755 -3.56 96.35 -30.92
CA GLU B 755 -4.82 95.69 -30.61
C GLU B 755 -5.88 96.71 -30.20
N CYS B 756 -5.46 97.87 -29.70
CA CYS B 756 -6.40 98.90 -29.29
C CYS B 756 -7.09 99.52 -30.50
N SER B 757 -6.35 99.74 -31.59
CA SER B 757 -6.94 100.36 -32.77
C SER B 757 -7.90 99.42 -33.48
N ASN B 758 -7.74 98.11 -33.29
CA ASN B 758 -8.66 97.16 -33.92
C ASN B 758 -10.04 97.22 -33.27
N LEU B 759 -10.10 97.47 -31.97
CA LEU B 759 -11.37 97.58 -31.27
C LEU B 759 -11.87 99.01 -31.17
N LEU B 760 -11.02 100.01 -31.44
CA LEU B 760 -11.48 101.40 -31.42
C LEU B 760 -12.54 101.65 -32.48
N LEU B 761 -12.45 100.97 -33.64
CA LEU B 761 -13.41 101.17 -34.72
C LEU B 761 -14.73 100.44 -34.49
N GLN B 762 -14.92 99.82 -33.33
CA GLN B 762 -16.15 99.08 -33.04
C GLN B 762 -17.17 99.89 -32.24
N TYR B 763 -16.75 101.00 -31.64
CA TYR B 763 -17.65 101.82 -30.83
C TYR B 763 -18.47 102.80 -31.67
N GLY B 764 -18.19 102.93 -32.95
CA GLY B 764 -18.97 103.80 -33.82
C GLY B 764 -18.21 105.00 -34.32
N SER B 765 -18.90 106.13 -34.50
CA SER B 765 -18.33 107.35 -35.02
C SER B 765 -17.90 108.32 -33.93
N PHE B 766 -17.50 107.79 -32.76
CA PHE B 766 -17.07 108.65 -31.66
C PHE B 766 -15.72 109.31 -31.92
N CYS B 767 -14.93 108.80 -32.86
CA CYS B 767 -13.64 109.39 -33.17
C CYS B 767 -13.68 110.37 -34.34
N THR B 768 -14.74 110.36 -35.14
CA THR B 768 -14.81 111.24 -36.31
C THR B 768 -15.56 112.54 -36.02
N GLN B 769 -16.45 112.56 -35.02
CA GLN B 769 -17.20 113.78 -34.73
C GLN B 769 -16.39 114.78 -33.91
N LEU B 770 -15.52 114.29 -33.02
CA LEU B 770 -14.71 115.19 -32.19
C LEU B 770 -13.66 115.93 -33.00
N LYS B 771 -13.06 115.28 -34.00
CA LYS B 771 -12.11 115.98 -34.86
C LYS B 771 -12.79 117.08 -35.66
N ARG B 772 -13.98 116.81 -36.19
CA ARG B 772 -14.72 117.86 -36.89
C ARG B 772 -15.15 118.96 -35.93
N ALA B 773 -15.50 118.62 -34.70
CA ALA B 773 -15.85 119.64 -33.72
C ALA B 773 -14.67 120.55 -33.42
N LEU B 774 -13.48 119.97 -33.23
CA LEU B 774 -12.29 120.78 -33.00
C LEU B 774 -11.90 121.60 -34.23
N THR B 775 -12.10 121.06 -35.43
CA THR B 775 -11.84 121.84 -36.64
C THR B 775 -12.79 123.04 -36.73
N GLY B 776 -14.07 122.82 -36.42
CA GLY B 776 -15.01 123.93 -36.37
C GLY B 776 -14.66 124.95 -35.31
N ILE B 777 -14.17 124.49 -34.16
CA ILE B 777 -13.73 125.40 -33.12
C ILE B 777 -12.56 126.26 -33.62
N ALA B 778 -11.60 125.63 -34.30
CA ALA B 778 -10.47 126.39 -34.83
C ALA B 778 -10.91 127.39 -35.89
N VAL B 779 -11.84 126.98 -36.76
CA VAL B 779 -12.36 127.90 -37.78
C VAL B 779 -13.09 129.06 -37.12
N GLU B 780 -13.83 128.81 -36.04
CA GLU B 780 -14.52 129.88 -35.34
C GLU B 780 -13.52 130.84 -34.68
N GLN B 781 -12.47 130.29 -34.07
CA GLN B 781 -11.45 131.14 -33.45
C GLN B 781 -10.73 131.99 -34.48
N ASP B 782 -10.50 131.45 -35.68
CA ASP B 782 -9.90 132.25 -36.74
C ASP B 782 -10.86 133.31 -37.28
N LYS B 783 -12.13 132.96 -37.45
CA LYS B 783 -13.11 133.93 -37.92
C LYS B 783 -13.33 135.06 -36.92
N ASN B 784 -13.21 134.78 -35.62
CA ASN B 784 -13.31 135.84 -34.63
C ASN B 784 -12.22 136.88 -34.81
N THR B 785 -10.97 136.43 -34.93
CA THR B 785 -9.88 137.38 -35.16
C THR B 785 -9.98 138.05 -36.52
N GLN B 786 -10.58 137.37 -37.50
CA GLN B 786 -10.75 137.97 -38.82
C GLN B 786 -11.81 139.06 -38.82
N GLU B 787 -12.85 138.91 -38.00
CA GLU B 787 -13.95 139.87 -37.95
C GLU B 787 -13.75 140.97 -36.92
N VAL B 788 -12.89 140.76 -35.92
CA VAL B 788 -12.66 141.77 -34.88
C VAL B 788 -11.67 142.82 -35.34
N PHE B 789 -10.53 142.41 -35.89
CA PHE B 789 -9.49 143.35 -36.29
C PHE B 789 -9.59 143.75 -37.76
N ALA B 790 -9.72 142.77 -38.65
CA ALA B 790 -9.78 143.03 -40.09
C ALA B 790 -11.19 143.51 -40.45
N GLN B 791 -11.43 144.80 -40.22
CA GLN B 791 -12.70 145.43 -40.53
C GLN B 791 -12.60 146.46 -41.65
N VAL B 792 -11.40 146.76 -42.11
CA VAL B 792 -11.18 147.73 -43.18
C VAL B 792 -10.34 147.09 -44.27
N LYS B 793 -10.47 147.62 -45.49
CA LYS B 793 -9.72 147.10 -46.64
C LYS B 793 -8.40 147.82 -46.84
N GLN B 794 -8.38 149.13 -46.60
CA GLN B 794 -7.17 149.92 -46.80
C GLN B 794 -6.32 149.93 -45.53
N ILE B 795 -5.02 149.76 -45.71
CA ILE B 795 -4.06 149.78 -44.60
C ILE B 795 -3.48 151.19 -44.56
N TYR B 796 -4.06 152.03 -43.71
CA TYR B 796 -3.62 153.41 -43.62
C TYR B 796 -2.30 153.52 -42.86
N LYS B 797 -1.51 154.54 -43.19
CA LYS B 797 -0.23 154.77 -42.57
C LYS B 797 -0.17 156.20 -42.04
N THR B 798 0.48 156.38 -40.90
CA THR B 798 0.59 157.70 -40.30
C THR B 798 1.54 158.58 -41.11
N PRO B 799 1.26 159.87 -41.20
CA PRO B 799 2.16 160.79 -41.90
C PRO B 799 3.50 160.89 -41.19
N PRO B 800 4.54 161.37 -41.87
CA PRO B 800 5.83 161.52 -41.19
C PRO B 800 5.79 162.49 -40.01
N ILE B 801 5.18 163.66 -40.20
CA ILE B 801 5.03 164.60 -39.10
C ILE B 801 3.98 164.09 -38.12
N LYS B 802 4.17 164.40 -36.85
CA LYS B 802 3.29 163.93 -35.78
C LYS B 802 2.84 165.09 -34.91
N TYR B 803 2.44 166.19 -35.55
CA TYR B 803 1.92 167.37 -34.86
C TYR B 803 0.42 167.42 -35.12
N PHE B 804 -0.34 166.73 -34.28
CA PHE B 804 -1.79 166.66 -34.42
C PHE B 804 -2.47 167.71 -33.53
N GLY B 805 -2.11 168.97 -33.77
CA GLY B 805 -2.69 170.07 -33.03
C GLY B 805 -2.28 170.14 -31.57
N GLY B 806 -1.18 169.49 -31.20
CA GLY B 806 -0.71 169.51 -29.83
C GLY B 806 -0.98 168.25 -29.03
N PHE B 807 -1.57 167.22 -29.65
CA PHE B 807 -1.87 165.97 -28.97
C PHE B 807 -0.73 164.99 -29.21
N ASN B 808 -0.23 164.39 -28.14
CA ASN B 808 0.91 163.47 -28.20
C ASN B 808 0.40 162.04 -28.22
N PHE B 809 0.60 161.35 -29.35
CA PHE B 809 0.18 159.96 -29.51
C PHE B 809 1.38 159.01 -29.53
N SER B 810 2.48 159.38 -28.87
CA SER B 810 3.68 158.55 -28.92
C SER B 810 3.53 157.26 -28.13
N GLN B 811 2.47 157.13 -27.33
CA GLN B 811 2.30 155.93 -26.52
C GLN B 811 1.42 154.89 -27.22
N ILE B 812 0.54 155.31 -28.12
CA ILE B 812 -0.36 154.40 -28.81
C ILE B 812 0.10 154.09 -30.24
N LEU B 813 0.83 155.00 -30.88
CA LEU B 813 1.33 154.72 -32.22
C LEU B 813 2.46 153.70 -32.16
N PRO B 814 2.61 152.87 -33.20
CA PRO B 814 3.68 151.87 -33.18
C PRO B 814 5.05 152.52 -33.26
N ASP B 815 6.00 151.95 -32.51
CA ASP B 815 7.36 152.47 -32.47
C ASP B 815 8.19 151.80 -33.54
N PRO B 816 8.64 152.51 -34.57
CA PRO B 816 9.42 151.88 -35.64
C PRO B 816 10.86 151.57 -35.25
N SER B 817 11.33 152.04 -34.10
CA SER B 817 12.72 151.82 -33.69
C SER B 817 12.86 150.53 -32.88
N LYS B 818 12.37 149.43 -33.46
CA LYS B 818 12.46 148.11 -32.86
C LYS B 818 12.08 147.05 -33.88
N PRO B 819 12.59 145.81 -33.76
CA PRO B 819 12.26 144.78 -34.75
C PRO B 819 10.85 144.25 -34.65
N SER B 820 10.03 144.73 -33.71
CA SER B 820 8.67 144.26 -33.55
C SER B 820 7.64 145.21 -34.15
N LYS B 821 7.93 146.50 -34.22
CA LYS B 821 7.03 147.51 -34.76
C LYS B 821 5.68 147.48 -34.04
N ARG B 822 5.73 147.77 -32.74
CA ARG B 822 4.56 147.74 -31.88
C ARG B 822 4.58 148.93 -30.93
N SER B 823 3.39 149.27 -30.44
CA SER B 823 3.27 150.36 -29.49
C SER B 823 3.86 149.96 -28.13
N PRO B 824 4.44 150.91 -27.39
CA PRO B 824 4.98 150.56 -26.07
C PRO B 824 3.93 150.04 -25.10
N ILE B 825 2.69 150.56 -25.16
CA ILE B 825 1.63 150.02 -24.33
C ILE B 825 1.31 148.58 -24.75
N GLU B 826 1.31 148.32 -26.06
CA GLU B 826 1.12 146.95 -26.55
C GLU B 826 2.27 146.05 -26.12
N ASP B 827 3.50 146.60 -26.06
CA ASP B 827 4.63 145.81 -25.60
C ASP B 827 4.49 145.48 -24.11
N LEU B 828 4.00 146.43 -23.32
CA LEU B 828 3.76 146.16 -21.90
C LEU B 828 2.65 145.15 -21.71
N LEU B 829 1.61 145.21 -22.53
CA LEU B 829 0.52 144.24 -22.43
C LEU B 829 0.94 142.85 -22.91
N PHE B 830 1.90 142.78 -23.84
CA PHE B 830 2.37 141.49 -24.35
C PHE B 830 3.42 140.86 -23.45
N ASN B 831 4.23 141.67 -22.76
CA ASN B 831 5.26 141.16 -21.86
C ASN B 831 4.72 140.84 -20.47
N LYS B 832 3.40 140.83 -20.29
CA LYS B 832 2.79 140.51 -19.02
C LYS B 832 1.77 139.38 -19.09
N VAL B 833 1.02 139.26 -20.18
CA VAL B 833 0.04 138.20 -20.33
C VAL B 833 0.73 136.90 -20.71
N PHE B 862 1.74 116.60 -24.77
CA PHE B 862 2.44 116.36 -26.03
C PHE B 862 2.43 114.88 -26.41
N ASN B 863 1.32 114.21 -26.10
CA ASN B 863 1.12 112.80 -26.41
C ASN B 863 -0.10 112.62 -27.31
N GLY B 864 -0.24 113.49 -28.31
CA GLY B 864 -1.39 113.45 -29.20
C GLY B 864 -2.07 114.79 -29.30
N LEU B 865 -1.53 115.80 -28.63
CA LEU B 865 -2.07 117.14 -28.63
C LEU B 865 -1.25 118.00 -29.58
N THR B 866 -1.91 118.61 -30.56
CA THR B 866 -1.27 119.46 -31.56
C THR B 866 -1.87 120.85 -31.48
N VAL B 867 -1.10 121.80 -30.94
CA VAL B 867 -1.56 123.17 -30.81
C VAL B 867 -1.40 123.87 -32.16
N LEU B 868 -2.50 124.35 -32.72
CA LEU B 868 -2.45 125.02 -34.01
C LEU B 868 -2.17 126.51 -33.80
N PRO B 869 -1.23 127.08 -34.56
CA PRO B 869 -0.94 128.50 -34.46
C PRO B 869 -2.05 129.32 -35.11
N PRO B 870 -2.31 130.53 -34.63
CA PRO B 870 -3.36 131.36 -35.24
C PRO B 870 -3.00 131.75 -36.66
N LEU B 871 -4.03 132.01 -37.46
CA LEU B 871 -3.83 132.41 -38.85
C LEU B 871 -3.17 133.78 -38.92
N LEU B 872 -3.76 134.77 -38.28
CA LEU B 872 -3.21 136.12 -38.23
C LEU B 872 -2.21 136.20 -37.09
N THR B 873 -0.94 136.44 -37.43
CA THR B 873 0.11 136.53 -36.42
C THR B 873 0.02 137.86 -35.69
N ASP B 874 0.90 138.03 -34.69
CA ASP B 874 0.92 139.27 -33.92
C ASP B 874 1.31 140.47 -34.77
N GLU B 875 2.14 140.26 -35.78
CA GLU B 875 2.53 141.37 -36.65
C GLU B 875 1.35 141.88 -37.46
N MET B 876 0.52 140.98 -37.97
CA MET B 876 -0.65 141.40 -38.73
C MET B 876 -1.67 142.11 -37.84
N ILE B 877 -1.84 141.64 -36.60
CA ILE B 877 -2.72 142.31 -35.67
C ILE B 877 -2.20 143.70 -35.33
N ALA B 878 -0.88 143.84 -35.15
CA ALA B 878 -0.30 145.15 -34.89
C ALA B 878 -0.48 146.08 -36.07
N GLN B 879 -0.30 145.58 -37.29
CA GLN B 879 -0.52 146.41 -38.48
C GLN B 879 -1.98 146.82 -38.61
N TYR B 880 -2.91 145.91 -38.29
CA TYR B 880 -4.33 146.27 -38.31
C TYR B 880 -4.65 147.34 -37.27
N THR B 881 -4.14 147.20 -36.04
CA THR B 881 -4.37 148.19 -35.01
C THR B 881 -3.71 149.53 -35.32
N SER B 882 -2.59 149.53 -36.04
CA SER B 882 -1.97 150.78 -36.47
C SER B 882 -2.73 151.44 -37.61
N ALA B 883 -3.25 150.65 -38.56
CA ALA B 883 -4.04 151.21 -39.65
C ALA B 883 -5.35 151.79 -39.12
N LEU B 884 -6.02 151.09 -38.19
CA LEU B 884 -7.23 151.62 -37.59
C LEU B 884 -6.95 152.89 -36.81
N LEU B 885 -5.83 152.95 -36.10
CA LEU B 885 -5.45 154.15 -35.36
C LEU B 885 -5.19 155.32 -36.30
N ALA B 886 -4.48 155.07 -37.40
CA ALA B 886 -4.22 156.13 -38.38
C ALA B 886 -5.50 156.61 -39.03
N GLY B 887 -6.43 155.69 -39.34
CA GLY B 887 -7.71 156.09 -39.88
C GLY B 887 -8.58 156.86 -38.91
N THR B 888 -8.49 156.54 -37.62
CA THR B 888 -9.25 157.27 -36.61
C THR B 888 -8.66 158.65 -36.35
N ILE B 889 -7.33 158.78 -36.46
CA ILE B 889 -6.71 160.08 -36.22
C ILE B 889 -6.84 161.00 -37.43
N THR B 890 -6.52 160.50 -38.62
CA THR B 890 -6.46 161.35 -39.81
C THR B 890 -7.81 161.51 -40.51
N SER B 891 -8.75 160.60 -40.30
CA SER B 891 -10.03 160.68 -41.00
C SER B 891 -11.19 160.72 -40.02
N GLY B 892 -10.99 160.19 -38.82
CA GLY B 892 -12.05 160.17 -37.81
C GLY B 892 -12.98 158.97 -37.98
N TRP B 893 -14.17 159.21 -38.52
CA TRP B 893 -15.13 158.16 -38.78
C TRP B 893 -15.48 158.02 -40.25
N THR B 894 -14.87 158.83 -41.13
CA THR B 894 -15.17 158.76 -42.55
C THR B 894 -14.59 157.51 -43.22
N PHE B 895 -13.56 156.92 -42.64
CA PHE B 895 -12.94 155.72 -43.19
C PHE B 895 -13.70 154.45 -42.86
N GLY B 896 -14.69 154.52 -41.97
CA GLY B 896 -15.51 153.38 -41.63
C GLY B 896 -16.86 153.34 -42.29
N ALA B 897 -17.21 154.36 -43.08
CA ALA B 897 -18.48 154.39 -43.79
C ALA B 897 -18.30 154.87 -45.22
N GLY B 898 -17.16 154.59 -45.83
CA GLY B 898 -16.88 155.02 -47.18
C GLY B 898 -15.41 155.36 -47.37
N PRO B 899 -15.14 156.29 -48.28
CA PRO B 899 -13.74 156.67 -48.54
C PRO B 899 -13.18 157.51 -47.40
N ALA B 900 -11.86 157.37 -47.20
CA ALA B 900 -11.18 158.11 -46.15
C ALA B 900 -11.09 159.58 -46.51
N LEU B 901 -11.72 160.44 -45.71
CA LEU B 901 -11.73 161.88 -45.92
C LEU B 901 -10.78 162.52 -44.93
N GLN B 902 -9.78 163.24 -45.44
CA GLN B 902 -8.82 163.91 -44.57
C GLN B 902 -9.51 165.02 -43.78
N ILE B 903 -9.11 165.18 -42.52
CA ILE B 903 -9.71 166.18 -41.64
C ILE B 903 -8.72 166.50 -40.52
N PRO B 904 -8.51 167.77 -40.20
CA PRO B 904 -7.62 168.11 -39.08
C PRO B 904 -8.16 167.57 -37.76
N PHE B 905 -7.24 167.14 -36.90
CA PHE B 905 -7.60 166.61 -35.58
C PHE B 905 -8.28 167.66 -34.70
N PRO B 906 -7.84 168.92 -34.70
CA PRO B 906 -8.60 169.94 -33.94
C PRO B 906 -10.03 170.11 -34.46
N MET B 907 -10.28 169.82 -35.73
CA MET B 907 -11.66 169.85 -36.24
C MET B 907 -12.41 168.56 -35.95
N GLN B 908 -11.72 167.42 -35.97
CA GLN B 908 -12.35 166.16 -35.56
C GLN B 908 -12.82 166.23 -34.12
N MET B 909 -11.99 166.81 -33.23
CA MET B 909 -12.38 167.01 -31.85
C MET B 909 -13.55 167.98 -31.70
N ALA B 910 -13.61 169.04 -32.49
CA ALA B 910 -14.74 169.96 -32.44
C ALA B 910 -16.02 169.30 -32.91
N TYR B 911 -15.91 168.43 -33.92
CA TYR B 911 -17.09 167.70 -34.39
C TYR B 911 -17.54 166.67 -33.35
N ARG B 912 -16.61 165.99 -32.70
CA ARG B 912 -16.98 165.01 -31.68
C ARG B 912 -17.54 165.67 -30.42
N PHE B 913 -17.09 166.88 -30.11
CA PHE B 913 -17.64 167.60 -28.95
C PHE B 913 -19.05 168.11 -29.23
N ASN B 914 -19.38 168.37 -30.50
CA ASN B 914 -20.69 168.89 -30.88
C ASN B 914 -21.78 167.82 -30.84
N GLY B 915 -21.44 166.59 -30.47
CA GLY B 915 -22.41 165.53 -30.41
C GLY B 915 -22.88 165.22 -29.00
N ILE B 916 -22.15 165.72 -28.00
CA ILE B 916 -22.51 165.51 -26.61
C ILE B 916 -23.23 166.70 -25.99
N GLY B 917 -23.27 167.84 -26.69
CA GLY B 917 -23.95 169.01 -26.18
C GLY B 917 -23.07 170.23 -26.10
N VAL B 918 -21.78 170.02 -25.81
CA VAL B 918 -20.85 171.15 -25.68
C VAL B 918 -20.59 171.74 -27.05
N THR B 919 -20.65 173.06 -27.16
CA THR B 919 -20.36 173.72 -28.42
C THR B 919 -18.89 173.61 -28.76
N GLN B 920 -18.58 173.80 -30.04
CA GLN B 920 -17.20 173.64 -30.50
C GLN B 920 -16.30 174.78 -30.06
N ASN B 921 -16.88 175.93 -29.68
CA ASN B 921 -16.06 177.07 -29.27
C ASN B 921 -15.26 176.77 -28.01
N VAL B 922 -15.80 175.97 -27.10
CA VAL B 922 -15.07 175.60 -25.90
C VAL B 922 -13.79 174.86 -26.25
N LEU B 923 -13.84 174.02 -27.29
CA LEU B 923 -12.63 173.34 -27.74
C LEU B 923 -11.63 174.33 -28.33
N TYR B 924 -12.10 175.25 -29.17
CA TYR B 924 -11.18 176.22 -29.77
C TYR B 924 -10.64 177.19 -28.72
N GLU B 925 -11.23 177.20 -27.53
CA GLU B 925 -10.71 178.04 -26.45
C GLU B 925 -9.80 177.29 -25.49
N ASN B 926 -10.03 175.99 -25.27
CA ASN B 926 -9.27 175.23 -24.29
C ASN B 926 -8.61 174.01 -24.93
N GLN B 927 -8.21 174.12 -26.19
CA GLN B 927 -7.48 173.04 -26.84
C GLN B 927 -6.20 172.69 -26.09
N LYS B 928 -5.50 173.69 -25.56
CA LYS B 928 -4.27 173.42 -24.81
C LYS B 928 -4.55 172.59 -23.57
N LEU B 929 -5.55 172.98 -22.78
CA LEU B 929 -5.90 172.24 -21.58
C LEU B 929 -6.38 170.83 -21.91
N ILE B 930 -7.17 170.70 -22.99
CA ILE B 930 -7.65 169.38 -23.38
C ILE B 930 -6.50 168.47 -23.81
N ALA B 931 -5.55 169.02 -24.56
CA ALA B 931 -4.38 168.23 -24.97
C ALA B 931 -3.54 167.85 -23.77
N ASN B 932 -3.35 168.76 -22.82
CA ASN B 932 -2.59 168.43 -21.62
C ASN B 932 -3.27 167.34 -20.81
N GLN B 933 -4.59 167.42 -20.64
CA GLN B 933 -5.31 166.38 -19.91
C GLN B 933 -5.27 165.04 -20.64
N PHE B 934 -5.37 165.07 -21.97
CA PHE B 934 -5.29 163.82 -22.73
C PHE B 934 -3.91 163.19 -22.60
N ASN B 935 -2.84 164.00 -22.68
CA ASN B 935 -1.50 163.47 -22.52
C ASN B 935 -1.29 162.91 -21.11
N SER B 936 -1.80 163.62 -20.09
CA SER B 936 -1.68 163.13 -18.73
C SER B 936 -2.45 161.83 -18.51
N ALA B 937 -3.61 161.67 -19.14
CA ALA B 937 -4.37 160.44 -19.03
C ALA B 937 -3.70 159.28 -19.77
N ILE B 938 -3.16 159.55 -20.96
CA ILE B 938 -2.45 158.51 -21.69
C ILE B 938 -1.19 158.08 -20.94
N GLY B 939 -0.53 159.02 -20.26
CA GLY B 939 0.64 158.67 -19.48
C GLY B 939 0.30 157.83 -18.26
N LYS B 940 -0.84 158.11 -17.63
CA LYS B 940 -1.27 157.36 -16.46
C LYS B 940 -1.89 156.01 -16.81
N ILE B 941 -2.40 155.84 -18.04
CA ILE B 941 -2.95 154.55 -18.45
C ILE B 941 -1.88 153.46 -18.37
N GLN B 942 -0.68 153.74 -18.89
CA GLN B 942 0.39 152.76 -18.84
C GLN B 942 0.82 152.46 -17.41
N ASP B 943 0.90 153.48 -16.56
CA ASP B 943 1.25 153.26 -15.16
C ASP B 943 0.21 152.43 -14.44
N SER B 944 -1.08 152.65 -14.74
CA SER B 944 -2.13 151.86 -14.10
C SER B 944 -2.13 150.42 -14.61
N LEU B 945 -1.82 150.23 -15.89
CA LEU B 945 -1.74 148.87 -16.43
C LEU B 945 -0.51 148.12 -15.95
N SER B 946 0.56 148.83 -15.61
CA SER B 946 1.78 148.18 -15.14
C SER B 946 1.76 147.91 -13.64
N SER B 947 1.27 148.88 -12.85
CA SER B 947 1.28 148.72 -11.40
C SER B 947 0.25 147.69 -10.94
N THR B 948 -0.87 147.58 -11.65
CA THR B 948 -1.92 146.65 -11.27
C THR B 948 -1.75 145.34 -12.04
N PRO B 949 -1.36 144.25 -11.38
CA PRO B 949 -1.22 142.97 -12.10
C PRO B 949 -2.54 142.30 -12.42
N SER B 950 -3.64 142.71 -11.79
CA SER B 950 -4.94 142.12 -12.01
C SER B 950 -5.73 142.83 -13.11
N ALA B 951 -5.11 143.77 -13.82
CA ALA B 951 -5.80 144.46 -14.90
C ALA B 951 -5.98 143.55 -16.11
N LEU B 952 -5.04 142.64 -16.34
CA LEU B 952 -5.11 141.69 -17.44
C LEU B 952 -5.62 140.32 -16.99
N GLY B 953 -6.50 140.29 -15.98
CA GLY B 953 -7.00 139.03 -15.49
C GLY B 953 -7.91 138.32 -16.47
N LYS B 954 -8.56 139.08 -17.37
CA LYS B 954 -9.42 138.45 -18.37
C LYS B 954 -8.60 137.72 -19.41
N LEU B 955 -7.42 138.25 -19.76
CA LEU B 955 -6.55 137.56 -20.71
C LEU B 955 -5.83 136.39 -20.05
N GLN B 956 -5.60 136.46 -18.74
CA GLN B 956 -5.00 135.37 -17.99
C GLN B 956 -6.01 134.29 -17.60
N ASP B 957 -7.25 134.41 -18.05
CA ASP B 957 -8.29 133.43 -17.74
C ASP B 957 -8.57 132.47 -18.89
N VAL B 958 -8.41 132.91 -20.14
CA VAL B 958 -8.63 132.04 -21.28
C VAL B 958 -7.40 131.24 -21.67
N VAL B 959 -6.27 131.48 -21.02
CA VAL B 959 -5.04 130.76 -21.32
C VAL B 959 -4.78 129.74 -20.22
N ASN B 960 -5.05 130.12 -18.97
CA ASN B 960 -4.85 129.20 -17.85
C ASN B 960 -5.88 128.08 -17.85
N HIS B 961 -7.10 128.37 -18.31
CA HIS B 961 -8.13 127.33 -18.36
C HIS B 961 -7.77 126.25 -19.38
N ASN B 962 -7.28 126.66 -20.56
CA ASN B 962 -6.88 125.68 -21.56
C ASN B 962 -5.70 124.83 -21.08
N ALA B 963 -4.74 125.47 -20.42
CA ALA B 963 -3.60 124.73 -19.88
C ALA B 963 -4.03 123.75 -18.80
N GLN B 964 -4.94 124.18 -17.92
CA GLN B 964 -5.44 123.27 -16.88
C GLN B 964 -6.20 122.10 -17.49
N ALA B 965 -7.03 122.37 -18.51
CA ALA B 965 -7.75 121.29 -19.18
C ALA B 965 -6.80 120.31 -19.85
N LEU B 966 -5.77 120.80 -20.53
CA LEU B 966 -4.80 119.91 -21.17
C LEU B 966 -4.04 119.10 -20.13
N ASN B 967 -3.64 119.73 -19.01
CA ASN B 967 -2.94 119.01 -17.96
C ASN B 967 -3.82 117.92 -17.36
N THR B 968 -5.10 118.22 -17.13
CA THR B 968 -6.01 117.21 -16.60
C THR B 968 -6.22 116.08 -17.60
N LEU B 969 -6.38 116.41 -18.88
CA LEU B 969 -6.57 115.38 -19.90
C LEU B 969 -5.35 114.47 -20.01
N VAL B 970 -4.15 115.04 -19.83
CA VAL B 970 -2.94 114.21 -19.89
C VAL B 970 -2.78 113.39 -18.62
N LYS B 971 -3.11 113.96 -17.46
CA LYS B 971 -2.94 113.25 -16.20
C LYS B 971 -3.96 112.13 -16.04
N GLN B 972 -5.13 112.25 -16.66
CA GLN B 972 -6.17 111.23 -16.53
C GLN B 972 -5.80 109.92 -17.23
N LEU B 973 -4.71 109.90 -18.02
CA LEU B 973 -4.29 108.66 -18.65
C LEU B 973 -3.81 107.65 -17.62
N SER B 974 -3.10 108.13 -16.58
CA SER B 974 -2.61 107.25 -15.53
C SER B 974 -3.68 107.04 -14.46
N SER B 975 -4.81 106.51 -14.90
CA SER B 975 -5.96 106.25 -14.01
C SER B 975 -6.65 104.99 -14.50
N LYS B 976 -6.84 104.04 -13.58
CA LYS B 976 -7.49 102.78 -13.93
C LYS B 976 -9.00 102.96 -14.02
N PHE B 977 -9.56 102.62 -15.18
CA PHE B 977 -10.99 102.67 -15.41
C PHE B 977 -11.66 101.31 -15.27
N GLY B 978 -11.05 100.41 -14.50
CA GLY B 978 -11.58 99.07 -14.32
C GLY B 978 -10.60 98.00 -14.75
N ALA B 979 -9.32 98.33 -14.75
CA ALA B 979 -8.26 97.41 -15.13
C ALA B 979 -7.27 97.26 -13.98
N ILE B 980 -6.31 96.35 -14.17
CA ILE B 980 -5.31 96.12 -13.15
C ILE B 980 -4.29 97.24 -13.11
N SER B 981 -4.09 97.93 -14.24
CA SER B 981 -3.12 99.02 -14.31
C SER B 981 -3.57 99.96 -15.43
N SER B 982 -2.68 100.89 -15.79
CA SER B 982 -2.95 101.87 -16.85
C SER B 982 -2.14 101.66 -18.10
N VAL B 983 -0.93 101.08 -18.00
CA VAL B 983 -0.11 100.83 -19.17
C VAL B 983 -0.70 99.70 -19.99
N LEU B 984 -0.85 99.93 -21.30
CA LEU B 984 -1.43 98.90 -22.16
C LEU B 984 -0.48 97.72 -22.35
N ASN B 985 0.82 98.00 -22.47
CA ASN B 985 1.79 96.94 -22.65
C ASN B 985 1.85 96.02 -21.43
N ASP B 986 1.78 96.58 -20.22
CA ASP B 986 1.77 95.76 -19.02
C ASP B 986 0.55 94.84 -18.98
N ILE B 987 -0.62 95.34 -19.36
CA ILE B 987 -1.81 94.51 -19.36
C ILE B 987 -1.74 93.44 -20.44
N LEU B 988 -1.20 93.78 -21.61
CA LEU B 988 -1.06 92.80 -22.69
C LEU B 988 0.00 91.73 -22.39
N SER B 989 1.01 92.06 -21.59
CA SER B 989 2.05 91.10 -21.26
C SER B 989 1.68 90.23 -20.06
N ARG B 990 1.12 90.83 -19.01
CA ARG B 990 0.78 90.12 -17.80
C ARG B 990 -0.52 89.33 -17.89
N LEU B 991 -1.27 89.48 -18.98
CA LEU B 991 -2.54 88.78 -19.16
C LEU B 991 -2.61 88.21 -20.56
N ASP B 992 -3.69 87.49 -20.83
CA ASP B 992 -3.97 86.89 -22.12
C ASP B 992 -5.04 87.69 -22.85
N PRO B 993 -5.09 87.60 -24.17
CA PRO B 993 -6.07 88.40 -24.94
C PRO B 993 -7.50 88.18 -24.50
N PRO B 994 -7.98 86.94 -24.33
CA PRO B 994 -9.39 86.78 -23.96
C PRO B 994 -9.74 87.38 -22.61
N GLU B 995 -8.76 87.57 -21.72
CA GLU B 995 -9.01 88.25 -20.47
C GLU B 995 -8.72 89.75 -20.54
N ALA B 996 -7.71 90.15 -21.31
CA ALA B 996 -7.37 91.57 -21.44
C ALA B 996 -8.43 92.31 -22.24
N GLU B 997 -9.24 91.59 -23.01
CA GLU B 997 -10.32 92.22 -23.77
C GLU B 997 -11.46 92.68 -22.87
N VAL B 998 -11.50 92.23 -21.61
CA VAL B 998 -12.52 92.73 -20.70
C VAL B 998 -12.10 94.06 -20.09
N GLN B 999 -10.79 94.27 -19.94
CA GLN B 999 -10.29 95.51 -19.35
C GLN B 999 -10.01 96.58 -20.39
N ILE B 1000 -9.55 96.21 -21.59
CA ILE B 1000 -9.25 97.21 -22.60
C ILE B 1000 -10.53 97.91 -23.08
N ASP B 1001 -11.66 97.22 -23.09
CA ASP B 1001 -12.92 97.87 -23.43
C ASP B 1001 -13.32 98.93 -22.42
N ARG B 1002 -13.22 98.64 -21.12
CA ARG B 1002 -13.46 99.65 -20.11
C ARG B 1002 -12.48 100.79 -20.19
N LEU B 1003 -11.21 100.51 -20.48
CA LEU B 1003 -10.22 101.58 -20.59
C LEU B 1003 -10.53 102.50 -21.77
N ILE B 1004 -10.84 101.93 -22.94
CA ILE B 1004 -11.12 102.75 -24.10
C ILE B 1004 -12.44 103.50 -23.91
N THR B 1005 -13.40 102.91 -23.21
CA THR B 1005 -14.65 103.61 -22.89
C THR B 1005 -14.40 104.80 -21.98
N GLY B 1006 -13.60 104.62 -20.92
CA GLY B 1006 -13.25 105.74 -20.06
C GLY B 1006 -12.50 106.84 -20.78
N ARG B 1007 -11.55 106.46 -21.64
CA ARG B 1007 -10.81 107.45 -22.42
C ARG B 1007 -11.70 108.20 -23.40
N LEU B 1008 -12.61 107.51 -24.08
CA LEU B 1008 -13.54 108.19 -24.98
C LEU B 1008 -14.48 109.11 -24.22
N GLN B 1009 -14.92 108.70 -23.02
CA GLN B 1009 -15.75 109.56 -22.20
C GLN B 1009 -14.99 110.81 -21.74
N SER B 1010 -13.72 110.64 -21.36
CA SER B 1010 -12.92 111.80 -20.98
C SER B 1010 -12.70 112.74 -22.15
N LEU B 1011 -12.44 112.20 -23.35
CA LEU B 1011 -12.26 113.04 -24.52
C LEU B 1011 -13.56 113.76 -24.89
N GLN B 1012 -14.69 113.08 -24.76
CA GLN B 1012 -15.98 113.73 -25.01
C GLN B 1012 -16.25 114.84 -24.00
N THR B 1013 -15.90 114.62 -22.72
CA THR B 1013 -16.04 115.68 -21.73
C THR B 1013 -15.15 116.86 -22.06
N TYR B 1014 -13.92 116.59 -22.50
CA TYR B 1014 -13.03 117.68 -22.91
C TYR B 1014 -13.60 118.46 -24.08
N VAL B 1015 -14.15 117.77 -25.07
CA VAL B 1015 -14.73 118.45 -26.23
C VAL B 1015 -15.95 119.27 -25.82
N THR B 1016 -16.77 118.74 -24.91
CA THR B 1016 -17.94 119.48 -24.44
C THR B 1016 -17.52 120.74 -23.69
N GLN B 1017 -16.51 120.64 -22.81
CA GLN B 1017 -16.01 121.81 -22.11
C GLN B 1017 -15.41 122.82 -23.09
N GLN B 1018 -14.70 122.36 -24.11
CA GLN B 1018 -14.16 123.26 -25.12
C GLN B 1018 -15.27 123.97 -25.88
N LEU B 1019 -16.36 123.28 -26.20
CA LEU B 1019 -17.47 123.93 -26.88
C LEU B 1019 -18.17 124.95 -25.98
N ILE B 1020 -18.36 124.61 -24.70
CA ILE B 1020 -18.97 125.55 -23.76
C ILE B 1020 -18.10 126.79 -23.61
N ARG B 1021 -16.77 126.61 -23.61
CA ARG B 1021 -15.88 127.76 -23.52
C ARG B 1021 -15.87 128.56 -24.81
N ALA B 1022 -15.90 127.89 -25.97
CA ALA B 1022 -15.92 128.58 -27.25
C ALA B 1022 -17.20 129.37 -27.46
N ALA B 1023 -18.31 128.95 -26.84
CA ALA B 1023 -19.53 129.78 -26.90
C ALA B 1023 -19.31 131.15 -26.26
N GLU B 1024 -18.76 131.17 -25.04
CA GLU B 1024 -18.46 132.44 -24.39
C GLU B 1024 -17.37 133.21 -25.12
N ILE B 1025 -16.41 132.49 -25.72
CA ILE B 1025 -15.38 133.17 -26.51
C ILE B 1025 -15.99 133.87 -27.71
N ARG B 1026 -16.95 133.22 -28.38
CA ARG B 1026 -17.62 133.84 -29.52
C ARG B 1026 -18.47 135.02 -29.06
N ALA B 1027 -19.14 134.90 -27.93
CA ALA B 1027 -19.91 136.03 -27.40
C ALA B 1027 -19.00 137.22 -27.12
N SER B 1028 -17.86 136.98 -26.46
CA SER B 1028 -16.92 138.06 -26.17
C SER B 1028 -16.32 138.65 -27.45
N ALA B 1029 -16.05 137.82 -28.46
CA ALA B 1029 -15.52 138.34 -29.71
C ALA B 1029 -16.54 139.19 -30.44
N ASN B 1030 -17.82 138.78 -30.42
CA ASN B 1030 -18.86 139.61 -31.01
C ASN B 1030 -19.02 140.92 -30.27
N LEU B 1031 -18.97 140.89 -28.93
CA LEU B 1031 -19.05 142.13 -28.17
C LEU B 1031 -17.86 143.05 -28.48
N ALA B 1032 -16.66 142.47 -28.60
CA ALA B 1032 -15.47 143.27 -28.91
C ALA B 1032 -15.56 143.87 -30.31
N ALA B 1033 -16.08 143.11 -31.27
CA ALA B 1033 -16.25 143.65 -32.62
C ALA B 1033 -17.30 144.76 -32.65
N THR B 1034 -18.39 144.58 -31.91
CA THR B 1034 -19.40 145.63 -31.83
C THR B 1034 -18.82 146.90 -31.22
N LYS B 1035 -18.04 146.76 -30.14
CA LYS B 1035 -17.40 147.93 -29.54
C LYS B 1035 -16.40 148.58 -30.49
N MET B 1036 -15.60 147.77 -31.19
CA MET B 1036 -14.65 148.31 -32.16
C MET B 1036 -15.36 149.09 -33.26
N SER B 1037 -16.52 148.61 -33.70
CA SER B 1037 -17.27 149.27 -34.77
C SER B 1037 -18.04 150.49 -34.29
N GLU B 1038 -18.43 150.53 -33.01
CA GLU B 1038 -19.26 151.63 -32.53
C GLU B 1038 -18.46 152.73 -31.82
N CYS B 1039 -17.25 152.44 -31.34
CA CYS B 1039 -16.46 153.43 -30.63
C CYS B 1039 -15.28 153.95 -31.44
N VAL B 1040 -14.65 153.11 -32.23
CA VAL B 1040 -13.49 153.50 -33.03
C VAL B 1040 -13.90 154.00 -34.40
N LEU B 1041 -14.82 153.30 -35.06
CA LEU B 1041 -15.30 153.69 -36.39
C LEU B 1041 -16.33 154.81 -36.33
N GLY B 1042 -16.61 155.35 -35.16
CA GLY B 1042 -17.58 156.43 -35.05
C GLY B 1042 -17.86 156.75 -33.60
N GLN B 1043 -18.72 157.74 -33.41
CA GLN B 1043 -19.13 158.19 -32.09
C GLN B 1043 -20.49 157.60 -31.75
N SER B 1044 -20.57 156.87 -30.64
CA SER B 1044 -21.79 156.23 -30.20
C SER B 1044 -22.36 156.96 -29.00
N LYS B 1045 -23.68 157.12 -28.99
CA LYS B 1045 -24.39 157.79 -27.89
C LYS B 1045 -24.82 156.83 -26.80
N ARG B 1046 -24.46 155.55 -26.90
CA ARG B 1046 -24.85 154.58 -25.88
C ARG B 1046 -24.07 154.82 -24.60
N VAL B 1047 -24.78 154.92 -23.48
CA VAL B 1047 -24.15 155.19 -22.20
C VAL B 1047 -23.41 153.94 -21.71
N ASP B 1048 -22.20 154.15 -21.20
CA ASP B 1048 -21.37 153.12 -20.56
C ASP B 1048 -20.80 152.14 -21.59
N PHE B 1049 -21.23 152.26 -22.84
CA PHE B 1049 -20.73 151.36 -23.88
C PHE B 1049 -19.28 151.66 -24.23
N CYS B 1050 -19.00 152.88 -24.68
CA CYS B 1050 -17.64 153.31 -24.99
C CYS B 1050 -17.01 154.02 -23.79
N GLY B 1051 -16.96 153.30 -22.68
CA GLY B 1051 -16.44 153.84 -21.45
C GLY B 1051 -17.48 154.57 -20.62
N LYS B 1052 -17.09 154.92 -19.40
CA LYS B 1052 -17.97 155.60 -18.46
C LYS B 1052 -17.87 157.11 -18.70
N GLY B 1053 -18.92 157.68 -19.27
CA GLY B 1053 -19.00 159.09 -19.56
C GLY B 1053 -19.40 159.33 -20.99
N TYR B 1054 -19.36 160.60 -21.40
CA TYR B 1054 -19.68 160.99 -22.77
C TYR B 1054 -18.56 160.52 -23.70
N HIS B 1055 -18.89 159.59 -24.60
CA HIS B 1055 -17.89 159.02 -25.49
C HIS B 1055 -17.35 160.08 -26.45
N LEU B 1056 -16.02 160.22 -26.50
CA LEU B 1056 -15.37 161.12 -27.42
C LEU B 1056 -14.52 160.37 -28.44
N MET B 1057 -13.57 159.55 -27.99
CA MET B 1057 -12.70 158.80 -28.89
C MET B 1057 -12.44 157.42 -28.29
N SER B 1058 -11.82 156.56 -29.10
CA SER B 1058 -11.45 155.22 -28.67
C SER B 1058 -10.33 154.72 -29.56
N PHE B 1059 -9.23 154.29 -28.95
CA PHE B 1059 -8.05 153.84 -29.69
C PHE B 1059 -7.81 152.37 -29.40
N PRO B 1060 -7.90 151.48 -30.39
CA PRO B 1060 -7.67 150.06 -30.14
C PRO B 1060 -6.19 149.72 -30.10
N GLN B 1061 -5.89 148.66 -29.35
CA GLN B 1061 -4.52 148.18 -29.21
C GLN B 1061 -4.51 146.66 -29.26
N SER B 1062 -3.42 146.09 -29.76
CA SER B 1062 -3.28 144.66 -29.83
C SER B 1062 -2.99 144.07 -28.46
N ALA B 1063 -3.46 142.84 -28.24
CA ALA B 1063 -3.28 142.15 -26.98
C ALA B 1063 -3.24 140.65 -27.24
N PRO B 1064 -2.50 139.89 -26.44
CA PRO B 1064 -2.46 138.43 -26.64
C PRO B 1064 -3.82 137.78 -26.40
N HIS B 1065 -4.42 137.23 -27.46
CA HIS B 1065 -5.72 136.58 -27.39
C HIS B 1065 -6.79 137.53 -26.85
N GLY B 1066 -6.74 138.78 -27.29
CA GLY B 1066 -7.70 139.77 -26.85
C GLY B 1066 -7.46 141.10 -27.52
N VAL B 1067 -8.25 142.09 -27.12
CA VAL B 1067 -8.17 143.43 -27.64
C VAL B 1067 -8.43 144.41 -26.50
N VAL B 1068 -7.70 145.54 -26.52
CA VAL B 1068 -7.81 146.56 -25.48
C VAL B 1068 -8.26 147.85 -26.12
N PHE B 1069 -9.30 148.46 -25.57
CA PHE B 1069 -9.85 149.72 -26.05
C PHE B 1069 -9.54 150.83 -25.06
N LEU B 1070 -9.02 151.95 -25.56
CA LEU B 1070 -8.74 153.12 -24.73
C LEU B 1070 -9.85 154.14 -24.99
N HIS B 1071 -10.95 154.00 -24.26
CA HIS B 1071 -12.10 154.88 -24.44
C HIS B 1071 -11.82 156.25 -23.84
N VAL B 1072 -11.94 157.29 -24.65
CA VAL B 1072 -11.77 158.67 -24.20
C VAL B 1072 -13.14 159.21 -23.87
N THR B 1073 -13.38 159.52 -22.60
CA THR B 1073 -14.68 159.97 -22.12
C THR B 1073 -14.60 161.43 -21.71
N TYR B 1074 -15.78 162.04 -21.57
CA TYR B 1074 -15.92 163.44 -21.18
C TYR B 1074 -16.64 163.48 -19.83
N VAL B 1075 -15.91 163.89 -18.79
CA VAL B 1075 -16.44 163.96 -17.44
C VAL B 1075 -16.41 165.41 -16.98
N PRO B 1076 -17.57 166.06 -16.80
CA PRO B 1076 -17.56 167.45 -16.32
C PRO B 1076 -17.07 167.52 -14.88
N ALA B 1077 -16.63 168.72 -14.49
CA ALA B 1077 -16.13 168.95 -13.15
C ALA B 1077 -16.34 170.41 -12.78
N GLN B 1078 -16.21 170.69 -11.48
CA GLN B 1078 -16.35 172.04 -10.92
C GLN B 1078 -17.72 172.64 -11.28
N GLU B 1079 -18.76 171.97 -10.80
CA GLU B 1079 -20.13 172.41 -11.03
C GLU B 1079 -20.54 173.44 -9.98
N LYS B 1080 -21.46 174.33 -10.37
CA LYS B 1080 -21.95 175.37 -9.49
C LYS B 1080 -23.48 175.30 -9.43
N ASN B 1081 -24.03 176.04 -8.47
CA ASN B 1081 -25.47 176.08 -8.26
C ASN B 1081 -26.05 177.38 -8.82
N PHE B 1082 -27.14 177.26 -9.56
CA PHE B 1082 -27.79 178.42 -10.16
C PHE B 1082 -29.31 178.25 -10.04
N THR B 1083 -30.02 179.36 -10.19
CA THR B 1083 -31.47 179.39 -10.14
C THR B 1083 -32.02 179.29 -11.55
N THR B 1084 -32.85 178.28 -11.80
CA THR B 1084 -33.41 178.04 -13.12
C THR B 1084 -34.88 178.44 -13.16
N ALA B 1085 -35.45 178.42 -14.37
CA ALA B 1085 -36.84 178.77 -14.59
C ALA B 1085 -37.32 178.12 -15.87
N PRO B 1086 -38.58 177.69 -15.95
CA PRO B 1086 -39.08 177.09 -17.19
C PRO B 1086 -38.98 178.01 -18.39
N ALA B 1087 -39.59 179.20 -18.29
CA ALA B 1087 -39.60 180.16 -19.37
C ALA B 1087 -39.68 181.57 -18.80
N ILE B 1088 -39.70 182.56 -19.69
CA ILE B 1088 -39.79 183.96 -19.31
C ILE B 1088 -41.00 184.57 -20.02
N CYS B 1089 -41.35 185.78 -19.59
CA CYS B 1089 -42.52 186.49 -20.12
C CYS B 1089 -42.10 187.94 -20.39
N HIS B 1090 -41.78 188.25 -21.64
CA HIS B 1090 -41.33 189.60 -21.98
C HIS B 1090 -42.51 190.54 -22.21
N ASP B 1091 -43.33 190.25 -23.21
CA ASP B 1091 -44.46 191.10 -23.60
C ASP B 1091 -45.75 190.28 -23.66
N GLY B 1092 -45.97 189.47 -22.62
CA GLY B 1092 -47.17 188.65 -22.55
C GLY B 1092 -47.04 187.29 -23.19
N LYS B 1093 -46.00 187.04 -23.98
CA LYS B 1093 -45.77 185.75 -24.60
C LYS B 1093 -44.62 185.03 -23.91
N ALA B 1094 -44.66 183.70 -23.93
CA ALA B 1094 -43.68 182.87 -23.26
C ALA B 1094 -42.56 182.51 -24.22
N HIS B 1095 -41.33 182.88 -23.85
CA HIS B 1095 -40.16 182.54 -24.66
C HIS B 1095 -39.49 181.31 -24.08
N PHE B 1096 -39.32 180.28 -24.92
CA PHE B 1096 -38.69 179.05 -24.48
C PHE B 1096 -37.30 178.91 -25.11
N PRO B 1097 -36.33 178.38 -24.36
CA PRO B 1097 -34.97 178.22 -24.93
C PRO B 1097 -34.95 177.22 -26.07
N ARG B 1098 -34.28 177.61 -27.16
CA ARG B 1098 -34.16 176.70 -28.30
C ARG B 1098 -33.16 175.60 -28.00
N GLU B 1099 -31.90 175.97 -27.73
CA GLU B 1099 -30.86 175.03 -27.30
C GLU B 1099 -30.11 175.68 -26.15
N GLY B 1100 -30.56 175.42 -24.92
CA GLY B 1100 -29.92 175.99 -23.76
C GLY B 1100 -30.80 175.84 -22.53
N VAL B 1101 -30.53 176.68 -21.54
CA VAL B 1101 -31.25 176.66 -20.27
C VAL B 1101 -31.20 178.05 -19.65
N PHE B 1102 -32.34 178.52 -19.17
CA PHE B 1102 -32.42 179.81 -18.50
C PHE B 1102 -31.89 179.67 -17.07
N VAL B 1103 -30.75 180.30 -16.80
CA VAL B 1103 -30.14 180.27 -15.47
C VAL B 1103 -29.97 181.70 -14.99
N SER B 1104 -29.85 181.85 -13.67
CA SER B 1104 -29.70 183.15 -13.04
C SER B 1104 -28.64 183.08 -11.96
N ASN B 1105 -27.95 184.20 -11.75
CA ASN B 1105 -26.95 184.34 -10.70
C ASN B 1105 -27.46 185.23 -9.58
N GLY B 1106 -28.76 185.22 -9.33
CA GLY B 1106 -29.37 186.04 -8.30
C GLY B 1106 -29.93 187.37 -8.77
N THR B 1107 -29.16 188.10 -9.59
CA THR B 1107 -29.57 189.42 -10.06
C THR B 1107 -30.12 189.37 -11.48
N HIS B 1108 -29.33 188.86 -12.43
CA HIS B 1108 -29.72 188.83 -13.84
C HIS B 1108 -30.03 187.40 -14.28
N TRP B 1109 -30.63 187.30 -15.46
CA TRP B 1109 -30.99 186.02 -16.05
C TRP B 1109 -30.25 185.86 -17.38
N PHE B 1110 -29.51 184.77 -17.51
CA PHE B 1110 -28.74 184.47 -18.70
C PHE B 1110 -29.15 183.09 -19.23
N VAL B 1111 -28.56 182.71 -20.36
CA VAL B 1111 -28.80 181.42 -21.00
C VAL B 1111 -27.46 180.74 -21.20
N THR B 1112 -27.33 179.51 -20.74
CA THR B 1112 -26.09 178.75 -20.87
C THR B 1112 -26.35 177.42 -21.57
N GLN B 1113 -25.33 176.58 -21.67
CA GLN B 1113 -25.46 175.28 -22.31
C GLN B 1113 -25.84 174.22 -21.28
N ARG B 1114 -26.23 173.06 -21.79
CA ARG B 1114 -26.63 171.95 -20.92
C ARG B 1114 -25.44 171.19 -20.34
N ASN B 1115 -24.22 171.46 -20.80
CA ASN B 1115 -23.05 170.78 -20.30
C ASN B 1115 -21.87 171.70 -20.03
N PHE B 1116 -22.02 173.00 -20.22
CA PHE B 1116 -20.93 173.95 -19.99
C PHE B 1116 -21.53 175.32 -19.71
N TYR B 1117 -21.08 175.95 -18.63
CA TYR B 1117 -21.60 177.26 -18.23
C TYR B 1117 -20.99 178.33 -19.11
N GLU B 1118 -21.78 178.84 -20.05
CA GLU B 1118 -21.37 179.93 -20.95
C GLU B 1118 -22.41 181.03 -20.86
N PRO B 1119 -22.15 182.06 -20.05
CA PRO B 1119 -23.16 183.12 -19.86
C PRO B 1119 -23.35 183.93 -21.14
N GLN B 1120 -24.59 183.97 -21.63
CA GLN B 1120 -24.94 184.72 -22.82
C GLN B 1120 -26.24 185.47 -22.56
N ILE B 1121 -26.41 186.61 -23.24
CA ILE B 1121 -27.62 187.40 -23.11
C ILE B 1121 -28.78 186.68 -23.80
N ILE B 1122 -29.98 186.85 -23.23
CA ILE B 1122 -31.19 186.21 -23.76
C ILE B 1122 -31.69 187.08 -24.91
N THR B 1123 -31.41 186.67 -26.14
CA THR B 1123 -31.84 187.41 -27.32
C THR B 1123 -33.04 186.70 -27.98
N THR B 1124 -33.49 187.25 -29.10
CA THR B 1124 -34.59 186.69 -29.86
C THR B 1124 -34.15 185.66 -30.90
N ASP B 1125 -32.88 185.27 -30.87
CA ASP B 1125 -32.34 184.29 -31.81
C ASP B 1125 -32.24 182.90 -31.22
N ASN B 1126 -31.99 182.78 -29.91
CA ASN B 1126 -31.89 181.50 -29.24
C ASN B 1126 -33.17 181.13 -28.50
N THR B 1127 -34.26 181.87 -28.73
CA THR B 1127 -35.53 181.61 -28.10
C THR B 1127 -36.63 181.64 -29.16
N PHE B 1128 -37.74 180.98 -28.84
CA PHE B 1128 -38.88 180.93 -29.74
C PHE B 1128 -40.16 181.17 -28.94
N VAL B 1129 -41.13 181.81 -29.58
CA VAL B 1129 -42.40 182.15 -28.95
C VAL B 1129 -43.37 180.99 -29.13
N SER B 1130 -44.04 180.59 -28.04
CA SER B 1130 -45.01 179.50 -28.08
C SER B 1130 -46.04 179.77 -26.99
N GLY B 1131 -47.21 180.29 -27.41
CA GLY B 1131 -48.28 180.56 -26.48
C GLY B 1131 -48.03 181.80 -25.64
N ASN B 1132 -48.92 182.01 -24.69
CA ASN B 1132 -48.86 183.15 -23.78
C ASN B 1132 -48.48 182.66 -22.38
N CYS B 1133 -48.42 183.61 -21.44
CA CYS B 1133 -47.97 183.33 -20.07
C CYS B 1133 -49.17 183.05 -19.17
N ASP B 1134 -49.89 181.96 -19.48
CA ASP B 1134 -51.04 181.57 -18.67
C ASP B 1134 -51.13 180.08 -18.42
N VAL B 1135 -50.22 179.27 -18.97
CA VAL B 1135 -50.28 177.82 -18.79
C VAL B 1135 -49.00 177.22 -18.22
N VAL B 1136 -47.85 177.88 -18.35
CA VAL B 1136 -46.60 177.34 -17.82
C VAL B 1136 -46.50 177.67 -16.34
N ILE B 1137 -46.23 176.67 -15.52
CA ILE B 1137 -46.13 176.83 -14.07
C ILE B 1137 -44.68 177.15 -13.73
N GLY B 1138 -44.47 178.27 -13.04
CA GLY B 1138 -43.15 178.69 -12.64
C GLY B 1138 -42.49 179.72 -13.54
N ILE B 1139 -43.23 180.32 -14.47
CA ILE B 1139 -42.65 181.30 -15.39
C ILE B 1139 -42.37 182.60 -14.64
N VAL B 1140 -41.22 183.21 -14.94
CA VAL B 1140 -40.83 184.46 -14.32
C VAL B 1140 -40.81 185.56 -15.38
N ASN B 1141 -40.67 186.79 -14.91
CA ASN B 1141 -40.62 187.95 -15.79
C ASN B 1141 -39.18 188.36 -16.09
N ASN B 1142 -38.94 188.69 -17.36
CA ASN B 1142 -37.61 189.10 -17.81
C ASN B 1142 -37.80 189.81 -19.14
N THR B 1143 -36.77 190.54 -19.56
CA THR B 1143 -36.78 191.30 -20.80
C THR B 1143 -35.73 190.72 -21.75
N VAL B 1144 -36.15 190.48 -22.99
CA VAL B 1144 -35.27 189.93 -24.02
C VAL B 1144 -34.60 191.07 -24.76
N TYR B 1145 -33.49 190.77 -25.42
CA TYR B 1145 -32.72 191.75 -26.19
C TYR B 1145 -32.90 191.45 -27.68
N ASP B 1146 -33.75 192.24 -28.33
CA ASP B 1146 -33.96 192.08 -29.76
C ASP B 1146 -32.91 192.86 -30.53
N PRO B 1147 -32.08 192.21 -31.36
CA PRO B 1147 -30.99 192.92 -32.04
C PRO B 1147 -31.45 193.87 -33.14
N LEU B 1148 -32.76 194.04 -33.35
CA LEU B 1148 -33.26 194.90 -34.41
C LEU B 1148 -33.57 196.32 -33.95
N GLN B 1149 -34.01 196.48 -32.70
CA GLN B 1149 -34.34 197.81 -32.20
C GLN B 1149 -33.14 198.74 -32.12
N PRO B 1150 -32.00 198.36 -31.51
CA PRO B 1150 -30.87 199.30 -31.45
C PRO B 1150 -30.21 199.55 -32.80
N GLU B 1151 -30.44 198.68 -33.79
CA GLU B 1151 -29.87 198.85 -35.12
C GLU B 1151 -30.84 199.47 -36.11
N LEU B 1152 -31.96 200.00 -35.63
CA LEU B 1152 -32.97 200.63 -36.48
C LEU B 1152 -33.12 202.12 -36.22
N ASP B 1153 -33.04 202.54 -34.95
CA ASP B 1153 -33.19 203.96 -34.63
C ASP B 1153 -31.99 204.79 -35.08
N SER B 1154 -30.84 204.16 -35.29
CA SER B 1154 -29.65 204.88 -35.73
C SER B 1154 -29.69 205.13 -37.23
N SER C 35 7.23 91.13 -61.88
CA SER C 35 6.65 92.40 -62.32
C SER C 35 6.88 92.61 -63.82
N TYR C 36 5.80 92.57 -64.59
CA TYR C 36 5.88 92.75 -66.04
C TYR C 36 4.90 93.79 -66.58
N THR C 37 3.80 94.06 -65.89
CA THR C 37 2.81 95.03 -66.35
C THR C 37 2.14 95.64 -65.12
N ASN C 38 1.20 96.55 -65.37
CA ASN C 38 0.49 97.25 -64.33
C ASN C 38 -1.01 97.19 -64.56
N SER C 39 -1.76 97.20 -63.46
CA SER C 39 -3.22 97.17 -63.49
C SER C 39 -3.71 98.57 -63.05
N PHE C 40 -4.22 99.33 -64.03
CA PHE C 40 -4.63 100.70 -63.78
C PHE C 40 -5.79 100.78 -62.80
N THR C 41 -6.96 100.27 -63.20
CA THR C 41 -8.16 100.36 -62.36
C THR C 41 -8.95 99.05 -62.38
N ARG C 42 -8.28 97.92 -62.58
CA ARG C 42 -8.92 96.62 -62.60
C ARG C 42 -8.67 95.90 -61.28
N GLY C 43 -9.64 95.08 -60.85
CA GLY C 43 -9.51 94.33 -59.63
C GLY C 43 -10.52 94.72 -58.58
N VAL C 44 -11.69 95.19 -59.01
CA VAL C 44 -12.76 95.59 -58.11
C VAL C 44 -13.95 94.68 -58.32
N TYR C 45 -14.51 94.17 -57.22
CA TYR C 45 -15.65 93.28 -57.26
C TYR C 45 -16.71 93.77 -56.27
N TYR C 46 -17.87 93.16 -56.32
CA TYR C 46 -18.94 93.47 -55.38
C TYR C 46 -18.62 92.86 -54.01
N PRO C 47 -18.45 93.66 -52.96
CA PRO C 47 -18.10 93.08 -51.66
C PRO C 47 -19.25 92.36 -50.98
N ASP C 48 -20.50 92.72 -51.32
CA ASP C 48 -21.65 92.09 -50.70
C ASP C 48 -22.81 92.09 -51.70
N LYS C 49 -23.93 91.53 -51.26
CA LYS C 49 -25.13 91.43 -52.09
C LYS C 49 -26.19 92.42 -51.65
N VAL C 50 -25.75 93.62 -51.24
CA VAL C 50 -26.63 94.68 -50.78
C VAL C 50 -26.85 95.64 -51.94
N PHE C 51 -28.10 95.87 -52.30
CA PHE C 51 -28.42 96.80 -53.38
C PHE C 51 -28.25 98.24 -52.90
N ARG C 52 -27.42 99.00 -53.62
CA ARG C 52 -27.17 100.39 -53.31
C ARG C 52 -27.38 101.23 -54.56
N SER C 53 -28.10 102.34 -54.40
CA SER C 53 -28.47 103.20 -55.52
C SER C 53 -28.06 104.64 -55.22
N SER C 54 -27.15 105.17 -56.03
CA SER C 54 -26.74 106.58 -55.96
C SER C 54 -26.20 106.95 -54.57
N VAL C 55 -25.42 106.05 -53.98
CA VAL C 55 -24.80 106.28 -52.69
C VAL C 55 -23.31 105.94 -52.78
N LEU C 56 -22.58 106.35 -51.75
CA LEU C 56 -21.16 106.05 -51.63
C LEU C 56 -20.92 105.26 -50.36
N HIS C 57 -20.27 104.10 -50.50
CA HIS C 57 -20.03 103.20 -49.39
C HIS C 57 -18.57 102.79 -49.34
N SER C 58 -18.03 102.73 -48.12
CA SER C 58 -16.66 102.30 -47.89
C SER C 58 -16.68 100.93 -47.22
N THR C 59 -15.90 99.99 -47.78
CA THR C 59 -15.86 98.62 -47.28
C THR C 59 -14.41 98.21 -47.09
N GLN C 60 -14.07 97.74 -45.89
CA GLN C 60 -12.74 97.25 -45.59
C GLN C 60 -12.68 95.76 -45.90
N ASP C 61 -12.20 95.42 -47.10
CA ASP C 61 -12.13 94.04 -47.52
C ASP C 61 -10.92 93.88 -48.44
N LEU C 62 -10.62 92.63 -48.78
CA LEU C 62 -9.47 92.30 -49.62
C LEU C 62 -9.79 92.68 -51.07
N PHE C 63 -9.18 93.75 -51.54
CA PHE C 63 -9.31 94.21 -52.92
C PHE C 63 -7.93 94.28 -53.57
N LEU C 64 -7.90 94.77 -54.81
CA LEU C 64 -6.66 94.92 -55.56
C LEU C 64 -6.30 96.40 -55.62
N PRO C 65 -5.13 96.80 -55.13
CA PRO C 65 -4.77 98.23 -55.15
C PRO C 65 -4.58 98.72 -56.58
N PHE C 66 -5.03 99.96 -56.81
CA PHE C 66 -4.88 100.56 -58.13
C PHE C 66 -3.42 100.92 -58.41
N PHE C 67 -3.04 100.78 -59.67
CA PHE C 67 -1.67 101.06 -60.14
C PHE C 67 -0.66 100.24 -59.34
N SER C 68 -0.84 98.92 -59.39
CA SER C 68 0.03 97.97 -58.71
C SER C 68 0.66 97.03 -59.72
N ASN C 69 1.67 96.29 -59.26
CA ASN C 69 2.39 95.35 -60.11
C ASN C 69 1.62 94.04 -60.22
N VAL C 70 1.44 93.59 -61.47
CA VAL C 70 0.77 92.32 -61.73
C VAL C 70 1.67 91.46 -62.61
N THR C 71 2.05 90.29 -62.11
CA THR C 71 2.95 89.41 -62.85
C THR C 71 2.27 88.86 -64.09
N TRP C 72 2.88 89.12 -65.24
CA TRP C 72 2.36 88.66 -66.53
C TRP C 72 3.05 87.37 -66.97
N PHE C 73 2.81 86.28 -66.24
CA PHE C 73 3.41 85.00 -66.55
C PHE C 73 2.91 84.46 -67.89
N HIS C 74 3.84 84.08 -68.76
CA HIS C 74 3.52 83.54 -70.08
C HIS C 74 4.13 82.15 -70.20
N ALA C 75 3.30 81.15 -70.41
CA ALA C 75 3.78 79.76 -70.47
C ALA C 75 3.27 79.14 -71.78
N ILE C 76 4.08 79.25 -72.82
CA ILE C 76 3.73 78.70 -74.13
C ILE C 76 4.81 77.75 -74.65
N HIS C 77 5.61 77.16 -73.77
CA HIS C 77 6.71 76.27 -74.16
C HIS C 77 6.23 75.14 -75.06
N VAL C 78 5.20 74.41 -74.63
CA VAL C 78 4.64 73.33 -75.44
C VAL C 78 3.35 73.80 -76.08
N SER C 79 3.29 73.76 -77.40
CA SER C 79 2.12 74.18 -78.15
C SER C 79 2.01 73.35 -79.43
N GLY C 80 0.76 73.17 -79.89
CA GLY C 80 0.48 72.42 -81.08
C GLY C 80 0.45 70.92 -80.90
N THR C 81 1.45 70.36 -80.22
CA THR C 81 1.51 68.92 -79.98
C THR C 81 0.77 68.56 -78.70
N ASN C 82 0.78 67.29 -78.34
CA ASN C 82 0.16 66.86 -77.08
C ASN C 82 1.14 65.93 -76.36
N GLY C 83 0.71 65.35 -75.26
CA GLY C 83 1.66 64.63 -74.43
C GLY C 83 2.50 65.62 -73.63
N THR C 84 3.81 65.34 -73.62
CA THR C 84 4.79 66.22 -72.98
C THR C 84 4.41 66.52 -71.54
N LYS C 85 4.40 65.50 -70.68
CA LYS C 85 3.95 65.62 -69.30
C LYS C 85 4.99 66.33 -68.44
N ARG C 86 6.01 66.92 -69.06
CA ARG C 86 7.02 67.66 -68.31
C ARG C 86 7.35 68.94 -69.06
N PHE C 87 6.63 70.02 -68.74
CA PHE C 87 6.98 71.35 -69.24
C PHE C 87 7.60 72.17 -68.11
N ASP C 88 7.82 73.47 -68.34
CA ASP C 88 8.50 74.29 -67.35
C ASP C 88 7.61 75.39 -66.81
N ASN C 89 7.07 75.19 -65.60
CA ASN C 89 6.31 76.22 -64.90
C ASN C 89 6.37 75.98 -63.40
N PRO C 90 6.53 77.04 -62.60
CA PRO C 90 6.58 76.87 -61.15
C PRO C 90 5.21 76.95 -60.50
N VAL C 91 5.15 76.69 -59.20
CA VAL C 91 3.90 76.79 -58.45
C VAL C 91 3.77 78.21 -57.91
N LEU C 92 2.53 78.69 -57.81
CA LEU C 92 2.30 80.06 -57.37
C LEU C 92 1.70 80.08 -55.97
N PRO C 93 2.18 80.95 -55.08
CA PRO C 93 1.61 81.01 -53.73
C PRO C 93 0.29 81.77 -53.71
N PHE C 94 -0.51 81.46 -52.70
CA PHE C 94 -1.83 82.07 -52.50
C PHE C 94 -1.93 82.50 -51.04
N ASN C 95 -1.54 83.74 -50.76
CA ASN C 95 -1.54 84.24 -49.39
C ASN C 95 -2.96 84.56 -48.92
N ASP C 96 -3.62 85.51 -49.58
CA ASP C 96 -4.98 85.90 -49.22
C ASP C 96 -5.92 86.03 -50.41
N GLY C 97 -5.42 86.28 -51.61
CA GLY C 97 -6.28 86.43 -52.76
C GLY C 97 -5.46 86.85 -53.96
N VAL C 98 -5.93 86.41 -55.14
CA VAL C 98 -5.24 86.66 -56.39
C VAL C 98 -6.23 87.15 -57.44
N TYR C 99 -5.74 87.98 -58.35
CA TYR C 99 -6.51 88.47 -59.48
C TYR C 99 -6.03 87.79 -60.76
N PHE C 100 -6.91 87.01 -61.37
CA PHE C 100 -6.51 86.17 -62.51
C PHE C 100 -7.23 86.69 -63.76
N ALA C 101 -6.52 87.49 -64.54
CA ALA C 101 -6.97 87.91 -65.86
C ALA C 101 -6.21 87.14 -66.94
N SER C 102 -6.88 86.93 -68.07
CA SER C 102 -6.28 86.14 -69.14
C SER C 102 -6.85 86.52 -70.50
N THR C 103 -5.98 86.66 -71.50
CA THR C 103 -6.39 86.98 -72.85
C THR C 103 -6.35 85.76 -73.77
N GLU C 104 -6.63 84.56 -73.23
CA GLU C 104 -6.66 83.35 -74.02
C GLU C 104 -7.68 83.44 -75.14
N LYS C 105 -7.35 82.89 -76.31
CA LYS C 105 -8.22 83.08 -77.47
C LYS C 105 -9.40 82.11 -77.46
N SER C 106 -9.14 80.81 -77.63
CA SER C 106 -10.24 79.86 -77.73
C SER C 106 -10.35 78.92 -76.52
N ASN C 107 -9.30 78.16 -76.23
CA ASN C 107 -9.37 77.13 -75.20
C ASN C 107 -8.09 77.01 -74.39
N ILE C 108 -7.27 78.07 -74.37
CA ILE C 108 -5.98 77.97 -73.69
C ILE C 108 -6.17 77.75 -72.19
N ILE C 109 -7.00 78.57 -71.55
CA ILE C 109 -7.25 78.44 -70.12
C ILE C 109 -8.44 77.51 -69.92
N ARG C 110 -8.19 76.36 -69.31
CA ARG C 110 -9.24 75.37 -69.09
C ARG C 110 -9.18 74.81 -67.67
N GLY C 111 -9.04 75.70 -66.69
CA GLY C 111 -9.11 75.27 -65.30
C GLY C 111 -7.99 75.77 -64.41
N TRP C 112 -8.12 75.48 -63.11
CA TRP C 112 -7.11 75.86 -62.12
C TRP C 112 -6.95 74.73 -61.12
N ILE C 113 -5.90 74.84 -60.30
CA ILE C 113 -5.61 73.85 -59.27
C ILE C 113 -5.21 74.58 -57.99
N PHE C 114 -5.86 74.24 -56.89
CA PHE C 114 -5.60 74.86 -55.59
C PHE C 114 -5.13 73.80 -54.60
N GLY C 115 -4.74 74.26 -53.42
CA GLY C 115 -4.26 73.38 -52.37
C GLY C 115 -3.16 74.05 -51.58
N THR C 116 -2.67 73.33 -50.57
CA THR C 116 -1.56 73.80 -49.73
C THR C 116 -0.37 72.85 -49.76
N THR C 117 -0.60 71.53 -49.76
CA THR C 117 0.47 70.56 -49.87
C THR C 117 0.55 69.91 -51.23
N LEU C 118 -0.58 69.66 -51.90
CA LEU C 118 -0.63 69.17 -53.27
C LEU C 118 -0.05 67.78 -53.42
N ASP C 119 0.33 67.13 -52.32
CA ASP C 119 0.86 65.77 -52.40
C ASP C 119 0.12 64.90 -51.37
N SER C 120 -1.05 64.40 -51.79
CA SER C 120 -1.84 63.40 -51.05
C SER C 120 -1.87 63.62 -49.54
N LYS C 121 -2.01 64.88 -49.09
CA LYS C 121 -2.05 65.15 -47.66
C LYS C 121 -3.17 66.12 -47.31
N THR C 122 -3.58 66.96 -48.26
CA THR C 122 -4.61 67.95 -48.01
C THR C 122 -5.54 68.03 -49.20
N GLN C 123 -6.76 68.52 -48.95
CA GLN C 123 -7.74 68.65 -50.01
C GLN C 123 -7.30 69.71 -51.02
N SER C 124 -7.82 69.59 -52.24
CA SER C 124 -7.48 70.51 -53.31
C SER C 124 -8.75 71.09 -53.93
N LEU C 125 -8.61 71.81 -55.04
CA LEU C 125 -9.77 72.40 -55.70
C LEU C 125 -9.55 72.47 -57.20
N LEU C 126 -10.10 71.52 -57.94
CA LEU C 126 -9.98 71.52 -59.39
C LEU C 126 -11.16 72.25 -60.03
N ILE C 127 -10.85 73.16 -60.95
CA ILE C 127 -11.85 73.94 -61.64
C ILE C 127 -11.70 73.70 -63.15
N VAL C 128 -11.29 72.48 -63.51
CA VAL C 128 -11.06 72.10 -64.91
C VAL C 128 -12.27 72.47 -65.76
N ASN C 129 -12.03 73.17 -66.86
CA ASN C 129 -13.10 73.70 -67.68
C ASN C 129 -13.15 73.00 -69.04
N ASN C 130 -14.35 72.69 -69.51
CA ASN C 130 -14.55 72.32 -70.90
C ASN C 130 -15.92 72.80 -71.33
N ALA C 131 -16.38 72.41 -72.52
CA ALA C 131 -17.62 72.91 -73.08
C ALA C 131 -18.83 72.60 -72.21
N THR C 132 -19.76 73.55 -72.11
CA THR C 132 -21.12 73.38 -71.62
C THR C 132 -21.21 73.17 -70.11
N ASN C 133 -20.09 73.04 -69.42
CA ASN C 133 -20.10 72.84 -67.97
C ASN C 133 -18.71 73.16 -67.40
N VAL C 134 -18.57 72.96 -66.09
CA VAL C 134 -17.30 73.17 -65.40
C VAL C 134 -17.19 72.15 -64.26
N VAL C 135 -16.09 71.39 -64.27
CA VAL C 135 -15.89 70.38 -63.24
C VAL C 135 -15.39 71.04 -61.97
N ILE C 136 -16.03 70.72 -60.85
CA ILE C 136 -15.64 71.21 -59.53
C ILE C 136 -15.56 70.04 -58.57
N LYS C 137 -14.46 69.95 -57.85
CA LYS C 137 -14.24 68.85 -56.91
C LYS C 137 -13.21 69.24 -55.85
N VAL C 138 -13.45 68.83 -54.60
CA VAL C 138 -12.56 69.16 -53.49
C VAL C 138 -11.97 67.87 -52.94
N CYS C 139 -11.72 66.91 -53.83
CA CYS C 139 -11.14 65.63 -53.43
C CYS C 139 -9.64 65.78 -53.19
N GLU C 140 -9.13 65.02 -52.23
CA GLU C 140 -7.72 65.04 -51.88
C GLU C 140 -6.99 63.92 -52.62
N PHE C 141 -5.92 64.27 -53.34
CA PHE C 141 -5.12 63.30 -54.05
C PHE C 141 -3.76 63.90 -54.40
N GLN C 142 -2.95 63.11 -55.08
CA GLN C 142 -1.59 63.51 -55.44
C GLN C 142 -1.58 64.20 -56.79
N PHE C 143 -0.76 65.24 -56.90
CA PHE C 143 -0.58 66.00 -58.14
C PHE C 143 0.81 65.71 -58.72
N CYS C 144 1.06 66.27 -59.89
CA CYS C 144 2.37 66.23 -60.53
C CYS C 144 2.95 67.64 -60.56
N ASN C 145 4.26 67.72 -60.85
CA ASN C 145 4.92 69.01 -60.86
C ASN C 145 4.45 69.92 -61.99
N ASP C 146 3.82 69.36 -63.02
CA ASP C 146 3.31 70.12 -64.16
C ASP C 146 1.95 69.55 -64.57
N PRO C 147 0.88 69.99 -63.91
CA PRO C 147 -0.46 69.51 -64.28
C PRO C 147 -0.94 70.15 -65.58
N PHE C 148 -1.64 69.35 -66.38
CA PHE C 148 -2.21 69.83 -67.63
C PHE C 148 -3.30 68.85 -68.06
N LEU C 149 -4.15 69.32 -68.98
CA LEU C 149 -5.23 68.52 -69.53
C LEU C 149 -4.91 68.12 -70.96
N ASP C 150 -4.90 66.82 -71.22
CA ASP C 150 -4.54 66.27 -72.52
C ASP C 150 -5.79 65.77 -73.23
N VAL C 151 -6.09 66.33 -74.39
CA VAL C 151 -7.24 65.89 -75.20
C VAL C 151 -6.66 65.19 -76.42
N TYR C 152 -7.05 63.93 -76.59
CA TYR C 152 -6.51 63.13 -77.70
C TYR C 152 -7.24 63.35 -79.01
N GLN C 153 -8.57 63.50 -78.97
CA GLN C 153 -9.40 63.62 -80.16
C GLN C 153 -9.19 62.45 -81.11
N MET C 160 -14.77 60.80 -73.33
CA MET C 160 -13.87 61.05 -74.45
C MET C 160 -13.52 62.53 -74.53
N GLU C 161 -12.59 62.86 -75.45
CA GLU C 161 -12.14 64.23 -75.68
C GLU C 161 -11.59 64.86 -74.39
N SER C 162 -11.05 64.03 -73.50
CA SER C 162 -10.52 64.51 -72.22
C SER C 162 -9.68 63.43 -71.55
N GLU C 163 -9.02 63.78 -70.44
CA GLU C 163 -8.21 62.82 -69.71
C GLU C 163 -8.07 63.26 -68.26
N PHE C 164 -7.23 62.55 -67.50
CA PHE C 164 -7.00 62.83 -66.09
C PHE C 164 -5.50 62.80 -65.81
N ARG C 165 -4.72 63.45 -66.68
CA ARG C 165 -3.28 63.52 -66.51
C ARG C 165 -2.85 64.37 -65.33
N VAL C 166 -3.77 65.13 -64.72
CA VAL C 166 -3.44 66.00 -63.60
C VAL C 166 -3.13 65.15 -62.37
N TYR C 167 -4.01 64.22 -62.04
CA TYR C 167 -3.87 63.38 -60.85
C TYR C 167 -3.65 61.93 -61.26
N SER C 168 -3.21 61.13 -60.27
CA SER C 168 -2.92 59.72 -60.51
C SER C 168 -4.01 58.82 -59.93
N SER C 169 -4.59 59.22 -58.80
CA SER C 169 -5.61 58.43 -58.14
C SER C 169 -6.64 59.30 -57.43
N ALA C 170 -7.46 58.69 -56.58
CA ALA C 170 -8.51 59.42 -55.88
C ALA C 170 -8.59 59.01 -54.41
N ASN C 171 -9.49 59.64 -53.66
CA ASN C 171 -9.66 59.35 -52.24
C ASN C 171 -11.05 59.76 -51.78
N ASN C 172 -11.23 59.89 -50.47
CA ASN C 172 -12.53 60.24 -49.89
C ASN C 172 -12.83 61.70 -50.22
N CYS C 173 -13.61 61.92 -51.28
CA CYS C 173 -13.99 63.27 -51.70
C CYS C 173 -15.03 63.80 -50.72
N THR C 174 -14.78 65.00 -50.20
CA THR C 174 -15.66 65.63 -49.22
C THR C 174 -16.65 66.59 -49.84
N PHE C 175 -16.49 66.96 -51.11
CA PHE C 175 -17.39 67.91 -51.74
C PHE C 175 -17.30 67.73 -53.26
N GLU C 176 -18.44 67.91 -53.92
CA GLU C 176 -18.51 67.84 -55.37
C GLU C 176 -19.65 68.73 -55.84
N TYR C 177 -19.47 69.29 -57.05
CA TYR C 177 -20.46 70.21 -57.60
C TYR C 177 -20.50 70.10 -59.13
N VAL C 178 -21.68 69.77 -59.67
CA VAL C 178 -21.83 69.69 -61.12
C VAL C 178 -21.64 71.06 -61.76
N SER C 179 -22.43 72.04 -61.34
CA SER C 179 -22.34 73.42 -61.83
C SER C 179 -22.46 73.46 -63.35
N GLN C 180 -23.62 73.09 -63.88
CA GLN C 180 -23.88 73.08 -65.32
C GLN C 180 -23.53 74.41 -65.99
N PRO C 181 -23.92 75.59 -65.42
CA PRO C 181 -23.47 76.84 -66.03
C PRO C 181 -21.96 77.01 -65.96
N PHE C 182 -21.31 77.07 -67.12
CA PHE C 182 -19.86 77.15 -67.16
C PHE C 182 -19.39 78.55 -66.80
N LEU C 183 -18.26 78.62 -66.09
CA LEU C 183 -17.67 79.90 -65.71
C LEU C 183 -16.97 80.54 -66.88
N MET C 184 -15.96 79.87 -67.43
CA MET C 184 -15.24 80.38 -68.59
C MET C 184 -16.11 80.26 -69.84
N ASP C 185 -16.23 81.37 -70.56
CA ASP C 185 -17.09 81.46 -71.73
C ASP C 185 -16.23 81.48 -73.00
N LEU C 186 -16.91 81.54 -74.15
CA LEU C 186 -16.23 81.56 -75.44
C LEU C 186 -16.85 82.60 -76.36
N GLU C 187 -16.49 82.56 -77.64
CA GLU C 187 -17.03 83.51 -78.62
C GLU C 187 -18.52 83.27 -78.83
N PHE C 193 -12.20 92.11 -82.63
CA PHE C 193 -12.42 92.40 -81.22
C PHE C 193 -12.25 91.15 -80.36
N LYS C 194 -11.26 91.18 -79.46
CA LYS C 194 -11.00 90.06 -78.58
C LYS C 194 -11.93 90.09 -77.37
N ASN C 195 -11.66 89.24 -76.38
CA ASN C 195 -12.48 89.19 -75.17
C ASN C 195 -11.58 88.90 -73.98
N LEU C 196 -11.71 89.70 -72.93
CA LEU C 196 -10.91 89.56 -71.72
C LEU C 196 -11.79 89.05 -70.58
N ARG C 197 -11.30 88.05 -69.87
CA ARG C 197 -11.99 87.47 -68.73
C ARG C 197 -11.10 87.53 -67.50
N GLU C 198 -11.63 88.09 -66.42
CA GLU C 198 -10.90 88.24 -65.17
C GLU C 198 -11.57 87.41 -64.08
N PHE C 199 -10.75 86.93 -63.15
CA PHE C 199 -11.23 86.07 -62.08
C PHE C 199 -10.58 86.51 -60.77
N VAL C 200 -11.40 86.69 -59.74
CA VAL C 200 -10.93 87.05 -58.40
C VAL C 200 -11.24 85.91 -57.45
N PHE C 201 -10.20 85.36 -56.84
CA PHE C 201 -10.32 84.25 -55.90
C PHE C 201 -9.82 84.70 -54.54
N LYS C 202 -10.54 84.33 -53.49
CA LYS C 202 -10.20 84.69 -52.12
C LYS C 202 -10.16 83.43 -51.25
N ASN C 203 -9.84 83.63 -49.97
CA ASN C 203 -9.74 82.53 -49.03
C ASN C 203 -10.56 82.76 -47.76
N ILE C 204 -11.83 83.14 -47.90
CA ILE C 204 -12.71 83.39 -46.75
C ILE C 204 -12.85 82.10 -45.95
N ASP C 205 -13.23 82.22 -44.68
CA ASP C 205 -13.33 81.10 -43.76
C ASP C 205 -14.15 79.94 -44.33
N GLY C 206 -15.33 80.23 -44.86
CA GLY C 206 -16.19 79.18 -45.36
C GLY C 206 -16.44 79.21 -46.85
N TYR C 207 -16.44 80.39 -47.44
CA TYR C 207 -16.73 80.51 -48.86
C TYR C 207 -15.46 80.85 -49.65
N PHE C 208 -15.48 80.51 -50.94
CA PHE C 208 -14.33 80.78 -51.80
C PHE C 208 -14.51 82.11 -52.54
N LYS C 209 -15.76 82.51 -52.76
CA LYS C 209 -16.09 83.80 -53.38
C LYS C 209 -15.45 83.94 -54.77
N ILE C 210 -15.86 83.11 -55.71
CA ILE C 210 -15.36 83.16 -57.08
C ILE C 210 -16.09 84.30 -57.80
N TYR C 211 -15.34 85.33 -58.16
CA TYR C 211 -15.85 86.45 -58.93
C TYR C 211 -15.37 86.37 -60.37
N SER C 212 -16.22 86.82 -61.29
CA SER C 212 -15.90 86.75 -62.71
C SER C 212 -16.65 87.86 -63.44
N LYS C 213 -16.13 88.20 -64.62
CA LYS C 213 -16.74 89.20 -65.50
C LYS C 213 -16.09 89.10 -66.86
N HIS C 214 -16.91 89.18 -67.90
CA HIS C 214 -16.46 89.04 -69.28
C HIS C 214 -16.75 90.34 -70.02
N THR C 215 -15.69 91.04 -70.43
CA THR C 215 -15.84 92.30 -71.14
C THR C 215 -15.02 92.28 -72.43
N PRO C 216 -15.57 92.83 -73.53
CA PRO C 216 -14.81 92.84 -74.78
C PRO C 216 -13.75 93.94 -74.77
N ILE C 217 -12.59 93.63 -75.35
CA ILE C 217 -11.48 94.57 -75.41
C ILE C 217 -11.07 94.75 -76.86
N ASN C 218 -10.41 95.88 -77.12
CA ASN C 218 -9.96 96.21 -78.48
C ASN C 218 -8.50 96.65 -78.56
N LEU C 219 -7.86 97.03 -77.45
CA LEU C 219 -6.47 97.47 -77.52
C LEU C 219 -5.53 96.31 -77.80
N GLU C 220 -5.77 95.17 -77.17
CA GLU C 220 -5.01 93.93 -77.38
C GLU C 220 -3.53 94.10 -77.03
N ARG C 221 -3.19 95.09 -76.19
CA ARG C 221 -1.82 95.29 -75.77
C ARG C 221 -1.63 94.83 -74.33
N ASP C 222 -2.40 95.39 -73.41
CA ASP C 222 -2.33 95.03 -72.00
C ASP C 222 -3.69 95.20 -71.35
N LEU C 223 -3.73 95.21 -70.02
CA LEU C 223 -4.98 95.45 -69.29
C LEU C 223 -5.52 96.83 -69.65
N PRO C 224 -6.66 96.92 -70.35
CA PRO C 224 -7.13 98.22 -70.82
C PRO C 224 -7.62 99.10 -69.68
N GLN C 225 -7.70 100.40 -69.96
CA GLN C 225 -8.19 101.37 -68.99
C GLN C 225 -9.71 101.41 -69.00
N GLY C 226 -10.30 101.38 -67.82
CA GLY C 226 -11.74 101.35 -67.66
C GLY C 226 -12.11 100.57 -66.42
N PHE C 227 -13.20 101.00 -65.78
CA PHE C 227 -13.64 100.43 -64.51
C PHE C 227 -14.74 99.41 -64.79
N SER C 228 -14.45 98.14 -64.49
CA SER C 228 -15.41 97.05 -64.64
C SER C 228 -15.42 96.22 -63.36
N ALA C 229 -16.60 95.93 -62.86
CA ALA C 229 -16.77 95.15 -61.65
C ALA C 229 -17.04 93.68 -62.00
N LEU C 230 -16.78 92.81 -61.03
CA LEU C 230 -16.95 91.37 -61.20
C LEU C 230 -18.14 90.92 -60.36
N GLU C 231 -19.14 90.34 -61.01
CA GLU C 231 -20.33 89.87 -60.32
C GLU C 231 -20.07 88.48 -59.74
N PRO C 232 -20.50 88.22 -58.49
CA PRO C 232 -20.29 86.88 -57.91
C PRO C 232 -21.10 85.81 -58.64
N LEU C 233 -20.50 84.63 -58.81
CA LEU C 233 -21.15 83.52 -59.50
C LEU C 233 -21.42 82.35 -58.57
N VAL C 234 -20.39 81.82 -57.91
CA VAL C 234 -20.55 80.65 -57.04
C VAL C 234 -19.75 80.84 -55.77
N ASP C 235 -20.37 80.58 -54.62
CA ASP C 235 -19.71 80.65 -53.33
C ASP C 235 -19.68 79.25 -52.72
N LEU C 236 -18.57 78.55 -52.95
CA LEU C 236 -18.45 77.18 -52.49
C LEU C 236 -18.30 77.15 -50.97
N PRO C 237 -19.24 76.53 -50.24
CA PRO C 237 -19.17 76.46 -48.77
C PRO C 237 -18.26 75.35 -48.25
N ILE C 238 -17.01 75.35 -48.71
CA ILE C 238 -16.04 74.34 -48.31
C ILE C 238 -14.95 75.03 -47.51
N GLY C 239 -14.60 74.45 -46.36
CA GLY C 239 -13.55 75.01 -45.53
C GLY C 239 -12.22 74.33 -45.81
N ILE C 240 -11.24 75.10 -46.27
CA ILE C 240 -9.91 74.56 -46.59
C ILE C 240 -8.89 75.70 -46.57
N ASN C 241 -7.72 75.43 -46.00
CA ASN C 241 -6.66 76.42 -45.89
C ASN C 241 -5.77 76.31 -47.13
N ILE C 242 -6.17 77.00 -48.19
CA ILE C 242 -5.41 76.96 -49.44
C ILE C 242 -4.33 78.03 -49.42
N THR C 243 -3.09 77.61 -49.66
CA THR C 243 -1.95 78.54 -49.68
C THR C 243 -1.13 78.37 -50.96
N ARG C 244 -1.74 77.83 -52.01
CA ARG C 244 -1.04 77.61 -53.27
C ARG C 244 -2.03 77.41 -54.41
N PHE C 245 -1.74 77.96 -55.58
CA PHE C 245 -2.61 77.82 -56.74
C PHE C 245 -1.74 77.69 -57.99
N GLN C 246 -2.34 77.17 -59.05
CA GLN C 246 -1.65 76.99 -60.32
C GLN C 246 -2.65 76.83 -61.46
N THR C 247 -2.45 77.56 -62.56
CA THR C 247 -3.35 77.50 -63.69
C THR C 247 -3.17 76.21 -64.48
N LEU C 248 -4.11 75.94 -65.37
CA LEU C 248 -4.10 74.75 -66.21
C LEU C 248 -4.21 75.17 -67.67
N LEU C 249 -3.42 74.52 -68.52
CA LEU C 249 -3.43 74.78 -69.96
C LEU C 249 -3.67 73.48 -70.71
N ALA C 250 -4.28 73.60 -71.88
CA ALA C 250 -4.59 72.46 -72.73
C ALA C 250 -3.63 72.39 -73.92
N LEU C 251 -3.68 71.25 -74.61
CA LEU C 251 -2.84 70.99 -75.78
C LEU C 251 -3.75 70.42 -76.88
N HIS C 252 -3.94 71.21 -77.93
CA HIS C 252 -4.80 70.83 -79.05
C HIS C 252 -6.21 70.46 -78.60
N ALA C 269 0.39 83.80 -76.73
CA ALA C 269 -0.97 83.27 -76.78
C ALA C 269 -1.45 82.89 -75.39
N ALA C 270 -0.66 82.10 -74.68
CA ALA C 270 -1.02 81.63 -73.35
C ALA C 270 -0.72 82.69 -72.29
N ALA C 271 -1.34 83.86 -72.42
CA ALA C 271 -1.12 84.93 -71.45
C ALA C 271 -2.15 84.86 -70.34
N TYR C 272 -1.67 84.99 -69.10
CA TYR C 272 -2.55 84.98 -67.93
C TYR C 272 -1.90 85.83 -66.85
N TYR C 273 -2.69 86.71 -66.23
CA TYR C 273 -2.19 87.58 -65.19
C TYR C 273 -2.46 86.98 -63.81
N VAL C 274 -1.55 87.26 -62.88
CA VAL C 274 -1.69 86.76 -61.51
C VAL C 274 -1.36 87.87 -60.53
N GLY C 275 -2.40 88.53 -59.99
CA GLY C 275 -2.19 89.66 -59.06
C GLY C 275 -2.30 89.21 -57.61
N TYR C 276 -2.32 90.16 -56.67
CA TYR C 276 -2.37 89.82 -55.22
C TYR C 276 -3.28 90.78 -54.46
N LEU C 277 -4.33 90.26 -53.82
CA LEU C 277 -5.31 91.12 -53.11
C LEU C 277 -4.72 91.61 -51.78
N GLN C 278 -4.98 92.87 -51.43
CA GLN C 278 -4.49 93.45 -50.15
C GLN C 278 -5.67 94.09 -49.43
N PRO C 279 -5.71 94.12 -48.07
CA PRO C 279 -6.79 94.79 -47.34
C PRO C 279 -6.71 96.32 -47.49
N ARG C 280 -7.28 96.86 -48.57
CA ARG C 280 -7.21 98.32 -48.80
C ARG C 280 -8.60 98.93 -48.67
N THR C 281 -8.67 100.20 -48.29
CA THR C 281 -9.99 100.89 -48.14
C THR C 281 -10.38 101.48 -49.50
N PHE C 282 -11.60 101.20 -49.96
CA PHE C 282 -12.10 101.75 -51.21
C PHE C 282 -13.43 102.47 -50.99
N LEU C 283 -13.71 103.41 -51.90
CA LEU C 283 -14.95 104.18 -51.89
C LEU C 283 -15.71 103.86 -53.16
N LEU C 284 -16.64 102.90 -53.07
CA LEU C 284 -17.39 102.43 -54.23
C LEU C 284 -18.54 103.37 -54.55
N LYS C 285 -18.68 103.69 -55.83
CA LYS C 285 -19.77 104.50 -56.32
C LYS C 285 -20.80 103.64 -57.04
N TYR C 286 -22.04 103.68 -56.54
CA TYR C 286 -23.12 102.85 -57.08
C TYR C 286 -24.04 103.72 -57.92
N ASN C 287 -24.41 103.23 -59.09
CA ASN C 287 -25.30 103.97 -59.98
C ASN C 287 -26.75 103.82 -59.50
N GLU C 288 -27.66 104.44 -60.27
CA GLU C 288 -29.07 104.39 -59.90
C GLU C 288 -29.64 102.99 -60.03
N ASN C 289 -29.06 102.18 -60.92
CA ASN C 289 -29.55 100.82 -61.13
C ASN C 289 -28.82 99.78 -60.30
N GLY C 290 -27.80 100.18 -59.53
CA GLY C 290 -27.10 99.28 -58.65
C GLY C 290 -25.77 98.77 -59.16
N THR C 291 -25.24 99.32 -60.24
CA THR C 291 -23.94 98.91 -60.77
C THR C 291 -22.85 99.87 -60.31
N ILE C 292 -21.68 99.32 -60.03
CA ILE C 292 -20.56 100.13 -59.57
C ILE C 292 -19.89 100.79 -60.77
N THR C 293 -19.76 102.11 -60.73
CA THR C 293 -19.19 102.87 -61.83
C THR C 293 -17.74 103.25 -61.62
N ASP C 294 -17.33 103.49 -60.38
CA ASP C 294 -15.95 103.89 -60.09
C ASP C 294 -15.66 103.59 -58.62
N ALA C 295 -14.37 103.59 -58.29
CA ALA C 295 -13.92 103.38 -56.92
C ALA C 295 -12.72 104.28 -56.67
N VAL C 296 -12.36 104.41 -55.39
CA VAL C 296 -11.27 105.28 -54.97
C VAL C 296 -10.39 104.56 -53.96
N ASP C 297 -9.14 104.30 -54.32
CA ASP C 297 -8.20 103.69 -53.39
C ASP C 297 -7.66 104.75 -52.45
N CYS C 298 -8.12 104.72 -51.19
CA CYS C 298 -7.80 105.80 -50.25
C CYS C 298 -6.33 105.85 -49.90
N ALA C 299 -5.62 104.72 -49.98
CA ALA C 299 -4.22 104.65 -49.63
C ALA C 299 -3.30 104.71 -50.85
N LEU C 300 -3.78 105.29 -51.95
CA LEU C 300 -2.99 105.41 -53.16
C LEU C 300 -2.30 106.77 -53.23
N ASP C 301 -3.08 107.84 -53.20
CA ASP C 301 -2.59 109.20 -53.27
C ASP C 301 -3.31 110.10 -52.27
N PRO C 302 -2.72 111.22 -51.88
CA PRO C 302 -3.40 112.12 -50.93
C PRO C 302 -4.73 112.64 -51.42
N LEU C 303 -4.89 112.86 -52.73
CA LEU C 303 -6.17 113.31 -53.25
C LEU C 303 -7.25 112.26 -53.05
N SER C 304 -6.93 110.99 -53.28
CA SER C 304 -7.90 109.93 -53.02
C SER C 304 -8.22 109.82 -51.53
N GLU C 305 -7.24 110.08 -50.67
CA GLU C 305 -7.50 110.05 -49.23
C GLU C 305 -8.42 111.19 -48.83
N THR C 306 -8.27 112.37 -49.46
CA THR C 306 -9.20 113.47 -49.20
C THR C 306 -10.59 113.13 -49.71
N LYS C 307 -10.67 112.47 -50.87
CA LYS C 307 -11.97 112.05 -51.39
C LYS C 307 -12.65 111.07 -50.45
N CYS C 308 -11.87 110.17 -49.84
CA CYS C 308 -12.44 109.21 -48.90
C CYS C 308 -12.83 109.88 -47.59
N THR C 309 -12.06 110.89 -47.17
CA THR C 309 -12.37 111.58 -45.92
C THR C 309 -13.70 112.31 -46.02
N LEU C 310 -13.87 113.12 -47.06
CA LEU C 310 -15.13 113.83 -47.29
C LEU C 310 -16.23 112.92 -47.82
N LYS C 311 -15.90 111.69 -48.18
CA LYS C 311 -16.85 110.72 -48.73
C LYS C 311 -17.56 111.29 -49.96
N SER C 312 -16.75 111.78 -50.90
CA SER C 312 -17.26 112.35 -52.13
C SER C 312 -16.17 112.31 -53.19
N PHE C 313 -16.58 112.15 -54.45
CA PHE C 313 -15.65 112.13 -55.57
C PHE C 313 -15.20 113.52 -55.99
N THR C 314 -15.91 114.57 -55.58
CA THR C 314 -15.56 115.94 -55.91
C THR C 314 -15.19 116.68 -54.64
N VAL C 315 -13.91 117.04 -54.51
CA VAL C 315 -13.40 117.77 -53.36
C VAL C 315 -13.37 119.25 -53.69
N GLU C 316 -13.83 120.08 -52.77
CA GLU C 316 -13.88 121.52 -52.97
C GLU C 316 -12.49 122.12 -52.71
N LYS C 317 -12.41 123.45 -52.70
CA LYS C 317 -11.15 124.14 -52.48
C LYS C 317 -10.99 124.46 -51.00
N GLY C 318 -9.97 123.89 -50.38
CA GLY C 318 -9.72 124.12 -48.98
C GLY C 318 -8.72 123.12 -48.42
N ILE C 319 -8.49 123.23 -47.12
CA ILE C 319 -7.58 122.35 -46.39
C ILE C 319 -8.42 121.34 -45.61
N TYR C 320 -8.10 120.06 -45.79
CA TYR C 320 -8.84 118.97 -45.13
C TYR C 320 -7.84 117.99 -44.53
N GLN C 321 -8.02 117.70 -43.25
CA GLN C 321 -7.17 116.72 -42.59
C GLN C 321 -7.65 115.31 -42.89
N THR C 322 -6.70 114.40 -43.14
CA THR C 322 -7.03 113.03 -43.50
C THR C 322 -6.47 112.00 -42.52
N SER C 323 -5.23 112.17 -42.08
CA SER C 323 -4.61 111.20 -41.18
C SER C 323 -3.62 111.88 -40.24
N ASN C 324 -2.78 111.09 -39.57
CA ASN C 324 -1.80 111.63 -38.63
C ASN C 324 -0.45 110.98 -38.92
N PHE C 325 0.56 111.81 -39.21
CA PHE C 325 1.94 111.30 -39.50
C PHE C 325 2.57 110.75 -38.22
N ARG C 326 3.40 109.70 -38.35
CA ARG C 326 4.10 109.12 -37.17
C ARG C 326 5.38 108.43 -37.63
N VAL C 327 6.49 108.65 -36.92
CA VAL C 327 7.75 107.91 -37.24
C VAL C 327 7.73 106.60 -36.43
N GLN C 328 8.06 105.47 -37.06
CA GLN C 328 7.94 104.16 -36.36
C GLN C 328 9.25 103.81 -35.66
N PRO C 329 9.23 103.45 -34.35
CA PRO C 329 10.44 103.03 -33.63
C PRO C 329 10.89 101.62 -34.01
N THR C 330 12.17 101.31 -33.82
CA THR C 330 12.69 99.98 -34.27
C THR C 330 13.54 99.30 -33.20
N GLU C 331 14.86 99.49 -33.20
CA GLU C 331 15.78 98.78 -32.27
C GLU C 331 15.27 98.86 -30.82
N SER C 332 14.75 97.75 -30.28
CA SER C 332 14.32 97.74 -28.86
C SER C 332 15.56 97.63 -27.96
N ILE C 333 16.02 98.75 -27.40
CA ILE C 333 17.24 98.75 -26.54
C ILE C 333 16.92 98.08 -25.20
N VAL C 334 17.26 96.79 -25.07
CA VAL C 334 17.07 96.10 -23.77
C VAL C 334 18.41 96.19 -23.03
N ARG C 335 18.73 97.35 -22.48
CA ARG C 335 20.01 97.53 -21.81
C ARG C 335 19.83 97.30 -20.31
N PHE C 336 20.77 96.60 -19.70
CA PHE C 336 20.74 96.23 -18.30
C PHE C 336 22.10 96.46 -17.67
N PRO C 337 22.16 96.55 -16.33
CA PRO C 337 23.46 96.77 -15.67
C PRO C 337 24.39 95.57 -15.79
N ASN C 338 25.55 95.66 -15.13
CA ASN C 338 26.52 94.58 -15.13
C ASN C 338 25.91 93.29 -14.58
N ILE C 339 26.54 92.17 -14.93
CA ILE C 339 26.21 90.88 -14.32
C ILE C 339 27.42 90.47 -13.49
N THR C 340 27.41 90.85 -12.21
CA THR C 340 28.53 90.60 -11.31
C THR C 340 28.20 89.70 -10.13
N ASN C 341 26.98 89.78 -9.60
CA ASN C 341 26.57 88.93 -8.48
C ASN C 341 26.13 87.57 -8.99
N LEU C 342 27.10 86.86 -9.58
CA LEU C 342 26.84 85.53 -10.14
C LEU C 342 26.48 84.55 -9.03
N CYS C 343 25.46 83.74 -9.30
CA CYS C 343 25.04 82.73 -8.33
C CYS C 343 26.11 81.65 -8.21
N PRO C 344 26.43 81.21 -7.00
CA PRO C 344 27.46 80.18 -6.83
C PRO C 344 27.01 78.83 -7.35
N PHE C 345 27.55 78.40 -8.49
CA PHE C 345 27.25 77.10 -9.07
C PHE C 345 28.44 76.17 -9.16
N HIS C 346 29.66 76.69 -9.26
CA HIS C 346 30.86 75.86 -9.28
C HIS C 346 31.33 75.54 -7.86
N GLU C 347 30.40 75.08 -7.03
CA GLU C 347 30.68 74.67 -5.66
C GLU C 347 30.17 73.28 -5.34
N VAL C 348 29.03 72.89 -5.91
CA VAL C 348 28.45 71.57 -5.64
C VAL C 348 28.77 70.56 -6.72
N PHE C 349 28.80 70.97 -7.99
CA PHE C 349 29.05 70.05 -9.09
C PHE C 349 30.47 69.50 -9.12
N ASN C 350 31.46 70.29 -8.68
CA ASN C 350 32.85 69.86 -8.63
C ASN C 350 33.40 69.94 -7.21
N ALA C 351 32.63 69.47 -6.24
CA ALA C 351 33.05 69.48 -4.84
C ALA C 351 34.02 68.33 -4.57
N THR C 352 34.87 68.51 -3.57
CA THR C 352 35.84 67.49 -3.22
C THR C 352 35.18 66.30 -2.52
N THR C 353 34.44 66.57 -1.45
CA THR C 353 33.75 65.54 -0.69
C THR C 353 32.25 65.72 -0.77
N PHE C 354 31.53 64.61 -0.75
CA PHE C 354 30.08 64.59 -0.80
C PHE C 354 29.52 63.81 0.39
N ALA C 355 28.20 63.77 0.48
CA ALA C 355 27.49 63.05 1.53
C ALA C 355 26.82 61.80 0.96
N SER C 356 26.19 61.03 1.83
CA SER C 356 25.51 59.82 1.44
C SER C 356 24.09 60.13 0.98
N VAL C 357 23.30 59.09 0.73
CA VAL C 357 21.94 59.27 0.22
C VAL C 357 20.92 59.50 1.32
N TYR C 358 21.20 59.08 2.57
CA TYR C 358 20.28 59.33 3.65
C TYR C 358 20.25 60.80 4.07
N ALA C 359 21.35 61.52 3.83
CA ALA C 359 21.41 62.95 4.06
C ALA C 359 21.20 63.69 2.74
N TRP C 360 21.17 65.01 2.81
CA TRP C 360 20.96 65.84 1.64
C TRP C 360 22.07 66.86 1.38
N ASN C 361 22.62 67.47 2.44
CA ASN C 361 23.66 68.49 2.30
C ASN C 361 23.20 69.62 1.38
N ARG C 362 22.14 70.29 1.81
CA ARG C 362 21.54 71.34 1.01
C ARG C 362 22.48 72.53 0.86
N LYS C 363 22.46 73.14 -0.32
CA LYS C 363 23.29 74.30 -0.66
C LYS C 363 22.42 75.40 -1.23
N ARG C 364 21.34 75.72 -0.51
CA ARG C 364 20.37 76.73 -0.94
C ARG C 364 21.07 78.04 -1.30
N ILE C 365 20.81 78.51 -2.51
CA ILE C 365 21.41 79.73 -3.03
C ILE C 365 20.31 80.72 -3.36
N SER C 366 20.58 82.01 -3.12
CA SER C 366 19.61 83.07 -3.39
C SER C 366 20.36 84.39 -3.42
N ASN C 367 19.60 85.48 -3.59
CA ASN C 367 20.11 86.85 -3.59
C ASN C 367 21.12 87.10 -4.71
N CYS C 368 21.17 86.23 -5.72
CA CYS C 368 22.10 86.35 -6.81
C CYS C 368 21.44 85.87 -8.10
N VAL C 369 21.85 86.48 -9.21
CA VAL C 369 21.33 86.08 -10.52
C VAL C 369 21.89 84.73 -10.90
N ALA C 370 21.02 83.78 -11.24
CA ALA C 370 21.41 82.42 -11.56
C ALA C 370 21.69 82.30 -13.05
N ASP C 371 22.90 81.87 -13.40
CA ASP C 371 23.28 81.64 -14.80
C ASP C 371 23.30 80.12 -15.02
N TYR C 372 22.24 79.60 -15.61
CA TYR C 372 22.10 78.16 -15.84
C TYR C 372 22.87 77.66 -17.05
N SER C 373 23.78 78.46 -17.60
CA SER C 373 24.59 78.06 -18.74
C SER C 373 25.99 77.63 -18.34
N VAL C 374 26.43 77.92 -17.12
CA VAL C 374 27.77 77.53 -16.68
C VAL C 374 27.82 76.08 -16.23
N ILE C 375 26.68 75.46 -15.93
CA ILE C 375 26.68 74.08 -15.47
C ILE C 375 27.07 73.10 -16.57
N TYR C 376 27.00 73.52 -17.83
CA TYR C 376 27.36 72.66 -18.94
C TYR C 376 28.87 72.57 -19.16
N ASN C 377 29.68 73.24 -18.33
CA ASN C 377 31.12 73.21 -18.47
C ASN C 377 31.84 72.67 -17.23
N PHE C 378 31.09 72.27 -16.20
CA PHE C 378 31.73 71.75 -14.99
C PHE C 378 32.19 70.31 -15.17
N ALA C 379 31.30 69.43 -15.63
CA ALA C 379 31.61 68.03 -15.82
C ALA C 379 30.63 67.44 -16.80
N PRO C 380 31.02 66.45 -17.60
CA PRO C 380 30.08 65.82 -18.55
C PRO C 380 28.99 65.04 -17.84
N PHE C 381 27.75 65.53 -17.93
CA PHE C 381 26.63 64.89 -17.26
C PHE C 381 26.13 63.71 -18.08
N PHE C 382 25.53 62.74 -17.39
CA PHE C 382 24.95 61.57 -18.02
C PHE C 382 23.44 61.51 -17.93
N ALA C 383 22.82 62.32 -17.06
CA ALA C 383 21.36 62.36 -16.95
C ALA C 383 20.96 63.79 -16.63
N PHE C 384 20.13 64.38 -17.50
CA PHE C 384 19.69 65.77 -17.33
C PHE C 384 18.22 65.83 -17.73
N LYS C 385 17.33 65.73 -16.75
CA LYS C 385 15.89 65.76 -16.97
C LYS C 385 15.28 66.84 -16.10
N CYS C 386 14.60 67.80 -16.72
CA CYS C 386 13.95 68.90 -16.01
C CYS C 386 12.45 68.61 -15.98
N TYR C 387 11.97 68.12 -14.83
CA TYR C 387 10.57 67.79 -14.66
C TYR C 387 9.76 69.06 -14.41
N GLY C 388 8.93 69.45 -15.38
CA GLY C 388 8.08 70.61 -15.24
C GLY C 388 8.61 71.85 -15.94
N VAL C 389 9.92 72.06 -15.86
CA VAL C 389 10.55 73.23 -16.47
C VAL C 389 11.33 72.78 -17.69
N SER C 390 11.79 73.77 -18.47
CA SER C 390 12.56 73.51 -19.68
C SER C 390 14.03 73.82 -19.45
N PRO C 391 14.93 73.04 -20.05
CA PRO C 391 16.37 73.30 -19.85
C PRO C 391 16.83 74.64 -20.38
N THR C 392 16.18 75.18 -21.41
CA THR C 392 16.57 76.45 -22.01
C THR C 392 15.78 77.63 -21.48
N LYS C 393 14.58 77.40 -20.97
CA LYS C 393 13.73 78.47 -20.47
C LYS C 393 13.99 78.82 -19.00
N LEU C 394 15.15 78.44 -18.46
CA LEU C 394 15.49 78.79 -17.09
C LEU C 394 16.12 80.17 -16.97
N ASN C 395 16.59 80.74 -18.08
CA ASN C 395 17.27 82.03 -18.05
C ASN C 395 16.31 83.21 -18.09
N ASP C 396 15.02 82.97 -18.37
CA ASP C 396 14.02 84.02 -18.45
C ASP C 396 12.90 83.78 -17.45
N LEU C 397 13.24 83.25 -16.28
CA LEU C 397 12.27 83.01 -15.23
C LEU C 397 12.83 83.51 -13.90
N CYS C 398 11.93 83.96 -13.03
CA CYS C 398 12.29 84.48 -11.72
C CYS C 398 11.71 83.57 -10.64
N PHE C 399 12.58 83.13 -9.72
CA PHE C 399 12.18 82.26 -8.63
C PHE C 399 12.52 82.91 -7.30
N THR C 400 11.89 82.41 -6.23
CA THR C 400 12.08 82.95 -4.90
C THR C 400 13.05 82.14 -4.05
N ASN C 401 13.21 80.85 -4.31
CA ASN C 401 14.08 80.01 -3.52
C ASN C 401 14.58 78.87 -4.39
N VAL C 402 15.90 78.72 -4.48
CA VAL C 402 16.53 77.67 -5.27
C VAL C 402 17.40 76.84 -4.33
N TYR C 403 17.18 75.52 -4.34
CA TYR C 403 17.93 74.60 -3.50
C TYR C 403 18.86 73.76 -4.36
N ALA C 404 19.93 73.25 -3.75
CA ALA C 404 20.92 72.43 -4.43
C ALA C 404 21.39 71.35 -3.45
N ASP C 405 20.94 70.13 -3.67
CA ASP C 405 21.31 68.99 -2.85
C ASP C 405 22.13 68.00 -3.66
N SER C 406 23.12 67.38 -3.03
CA SER C 406 24.01 66.43 -3.67
C SER C 406 24.13 65.18 -2.82
N PHE C 407 24.20 64.03 -3.49
CA PHE C 407 24.33 62.75 -2.80
C PHE C 407 24.84 61.72 -3.79
N VAL C 408 25.42 60.64 -3.25
CA VAL C 408 25.94 59.53 -4.04
C VAL C 408 24.94 58.39 -4.02
N ILE C 409 24.65 57.84 -5.20
CA ILE C 409 23.68 56.76 -5.33
C ILE C 409 24.22 55.74 -6.33
N ARG C 410 23.66 54.53 -6.26
CA ARG C 410 24.08 53.45 -7.14
C ARG C 410 23.56 53.69 -8.56
N GLY C 411 24.20 53.03 -9.53
CA GLY C 411 23.80 53.19 -10.91
C GLY C 411 22.40 52.66 -11.19
N ASN C 412 22.07 51.49 -10.63
CA ASN C 412 20.74 50.91 -10.81
C ASN C 412 19.67 51.62 -10.00
N GLU C 413 20.03 52.62 -9.19
CA GLU C 413 19.08 53.35 -8.35
C GLU C 413 18.84 54.76 -8.86
N VAL C 414 19.38 55.13 -10.02
CA VAL C 414 19.17 56.47 -10.55
C VAL C 414 17.75 56.61 -11.09
N SER C 415 17.18 55.54 -11.63
CA SER C 415 15.83 55.59 -12.18
C SER C 415 14.76 55.79 -11.12
N GLN C 416 15.08 55.62 -9.84
CA GLN C 416 14.13 55.82 -8.76
C GLN C 416 13.98 57.29 -8.38
N ILE C 417 14.83 58.17 -8.89
CA ILE C 417 14.77 59.60 -8.58
C ILE C 417 13.84 60.22 -9.62
N ALA C 418 12.54 60.20 -9.33
CA ALA C 418 11.54 60.75 -10.24
C ALA C 418 10.31 61.10 -9.43
N PRO C 419 9.57 62.15 -9.83
CA PRO C 419 8.34 62.52 -9.10
C PRO C 419 7.30 61.42 -9.23
N GLY C 420 6.94 60.82 -8.09
CA GLY C 420 5.98 59.75 -8.07
C GLY C 420 6.56 58.41 -8.46
N GLN C 421 7.67 58.04 -7.83
CA GLN C 421 8.35 56.78 -8.10
C GLN C 421 8.61 56.05 -6.79
N THR C 422 8.40 54.74 -6.81
CA THR C 422 8.60 53.90 -5.64
C THR C 422 9.87 53.07 -5.80
N GLY C 423 10.41 52.62 -4.69
CA GLY C 423 11.61 51.82 -4.69
C GLY C 423 12.28 51.82 -3.33
N ASN C 424 13.41 51.13 -3.28
CA ASN C 424 14.16 51.03 -2.02
C ASN C 424 14.79 52.37 -1.65
N ILE C 425 15.28 53.13 -2.62
CA ILE C 425 15.90 54.41 -2.35
C ILE C 425 14.97 55.51 -2.86
N ALA C 426 13.68 55.19 -2.98
CA ALA C 426 12.68 56.15 -3.40
C ALA C 426 11.57 56.36 -2.39
N ASP C 427 11.49 55.55 -1.33
CA ASP C 427 10.47 55.70 -0.31
C ASP C 427 11.02 55.78 1.11
N TYR C 428 12.32 55.55 1.31
CA TYR C 428 12.91 55.60 2.63
C TYR C 428 14.17 56.44 2.71
N ASN C 429 14.63 57.00 1.59
CA ASN C 429 15.81 57.85 1.58
C ASN C 429 15.55 59.21 0.94
N TYR C 430 14.71 59.27 -0.08
CA TYR C 430 14.41 60.54 -0.74
C TYR C 430 13.05 60.40 -1.42
N LYS C 431 12.07 61.16 -0.95
CA LYS C 431 10.71 61.12 -1.49
C LYS C 431 10.46 62.41 -2.26
N LEU C 432 10.31 62.30 -3.57
CA LEU C 432 10.05 63.49 -4.38
C LEU C 432 8.54 63.73 -4.49
N PRO C 433 8.10 64.97 -4.39
CA PRO C 433 6.67 65.27 -4.51
C PRO C 433 6.17 65.08 -5.94
N ASP C 434 4.87 64.88 -6.05
CA ASP C 434 4.25 64.70 -7.36
C ASP C 434 4.21 66.00 -8.16
N ASP C 435 4.37 67.14 -7.51
CA ASP C 435 4.37 68.45 -8.17
C ASP C 435 5.76 69.06 -8.17
N PHE C 436 6.78 68.24 -8.35
CA PHE C 436 8.16 68.74 -8.34
C PHE C 436 8.44 69.51 -9.62
N THR C 437 9.01 70.70 -9.48
CA THR C 437 9.35 71.57 -10.61
C THR C 437 10.85 71.88 -10.53
N GLY C 438 11.65 71.10 -11.25
CA GLY C 438 13.09 71.33 -11.25
C GLY C 438 13.77 70.37 -12.18
N CYS C 439 15.11 70.40 -12.14
CA CYS C 439 15.95 69.56 -12.98
C CYS C 439 16.71 68.55 -12.12
N VAL C 440 17.06 67.42 -12.74
CA VAL C 440 17.81 66.35 -12.08
C VAL C 440 19.10 66.15 -12.86
N ILE C 441 20.22 66.36 -12.19
CA ILE C 441 21.55 66.24 -12.79
C ILE C 441 22.24 65.04 -12.15
N ALA C 442 22.72 64.12 -12.99
CA ALA C 442 23.42 62.93 -12.51
C ALA C 442 24.60 62.65 -13.43
N TRP C 443 25.71 62.19 -12.83
CA TRP C 443 26.91 61.89 -13.58
C TRP C 443 27.76 60.91 -12.78
N ASN C 444 28.41 59.99 -13.50
CA ASN C 444 29.21 58.97 -12.85
C ASN C 444 30.49 59.58 -12.27
N SER C 445 30.92 59.05 -11.13
CA SER C 445 32.12 59.51 -10.45
C SER C 445 32.95 58.32 -9.98
N ASN C 446 33.11 57.32 -10.85
CA ASN C 446 33.87 56.13 -10.50
C ASN C 446 35.36 56.41 -10.40
N LYS C 447 35.86 57.46 -11.07
CA LYS C 447 37.27 57.77 -11.04
C LYS C 447 37.70 58.52 -9.78
N LEU C 448 36.76 58.86 -8.90
CA LEU C 448 37.08 59.61 -7.68
C LEU C 448 36.48 59.01 -6.41
N ASP C 449 35.48 58.14 -6.50
CA ASP C 449 34.82 57.57 -5.34
C ASP C 449 34.81 56.05 -5.43
N SER C 450 35.96 55.47 -5.78
CA SER C 450 36.08 54.02 -5.87
C SER C 450 37.54 53.64 -5.61
N LYS C 451 37.81 53.11 -4.40
CA LYS C 451 39.15 52.68 -4.04
C LYS C 451 39.26 51.15 -4.16
N PRO C 452 40.48 50.65 -4.42
CA PRO C 452 40.61 49.19 -4.63
C PRO C 452 40.18 48.35 -3.44
N SER C 453 40.40 48.82 -2.22
CA SER C 453 40.02 48.08 -1.02
C SER C 453 38.57 48.32 -0.61
N GLY C 454 37.80 49.05 -1.42
CA GLY C 454 36.41 49.31 -1.09
C GLY C 454 36.22 50.45 -0.12
N ASN C 455 35.26 51.33 -0.40
CA ASN C 455 34.95 52.47 0.45
C ASN C 455 33.59 52.27 1.10
N TYR C 456 33.55 52.35 2.42
CA TYR C 456 32.32 52.17 3.18
C TYR C 456 31.84 53.46 3.83
N ASN C 457 32.22 54.61 3.29
CA ASN C 457 31.79 55.89 3.83
C ASN C 457 30.43 56.34 3.34
N TYR C 458 29.90 55.70 2.29
CA TYR C 458 28.59 56.04 1.76
C TYR C 458 27.56 55.04 2.30
N LEU C 459 26.58 55.55 3.03
CA LEU C 459 25.56 54.73 3.67
C LEU C 459 24.20 54.96 3.01
N TYR C 460 23.32 53.99 3.20
CA TYR C 460 21.95 54.09 2.70
C TYR C 460 21.02 53.37 3.66
N ARG C 461 19.86 53.97 3.93
CA ARG C 461 18.88 53.37 4.82
C ARG C 461 18.03 52.37 4.03
N LEU C 462 17.84 51.19 4.62
CA LEU C 462 17.19 50.08 3.91
C LEU C 462 15.67 50.10 4.09
N PHE C 463 15.21 50.05 5.33
CA PHE C 463 13.78 49.92 5.59
C PHE C 463 13.47 50.43 6.99
N ARG C 464 12.34 51.13 7.12
CA ARG C 464 11.87 51.67 8.38
C ARG C 464 10.45 51.17 8.66
N LYS C 465 9.92 51.55 9.82
CA LYS C 465 8.55 51.19 10.17
C LYS C 465 7.53 51.96 9.35
N SER C 466 7.92 53.05 8.71
CA SER C 466 7.02 53.85 7.89
C SER C 466 7.81 54.41 6.71
N LYS C 467 7.09 55.12 5.84
CA LYS C 467 7.69 55.72 4.65
C LYS C 467 7.91 57.20 4.86
N LEU C 468 8.95 57.73 4.21
CA LEU C 468 9.27 59.15 4.33
C LEU C 468 8.30 59.99 3.51
N LYS C 469 7.77 61.03 4.14
CA LYS C 469 6.93 61.98 3.43
C LYS C 469 7.79 62.86 2.53
N PRO C 470 7.19 63.47 1.51
CA PRO C 470 7.97 64.35 0.62
C PRO C 470 8.64 65.48 1.38
N PHE C 471 9.91 65.73 1.03
CA PHE C 471 10.72 66.78 1.65
C PHE C 471 10.85 66.57 3.16
N GLU C 472 11.45 65.44 3.52
CA GLU C 472 11.76 65.11 4.90
C GLU C 472 13.16 64.49 4.97
N ARG C 473 13.90 64.86 6.01
CA ARG C 473 15.27 64.39 6.21
C ARG C 473 15.44 63.96 7.66
N ASP C 474 15.85 62.71 7.86
CA ASP C 474 16.04 62.17 9.20
C ASP C 474 17.42 61.54 9.30
N ILE C 475 18.18 61.94 10.30
CA ILE C 475 19.51 61.41 10.55
C ILE C 475 19.54 60.58 11.83
N SER C 476 18.40 60.01 12.22
CA SER C 476 18.34 59.21 13.43
C SER C 476 19.08 57.89 13.24
N THR C 477 19.91 57.52 14.22
CA THR C 477 20.68 56.29 14.18
C THR C 477 20.10 55.23 15.11
N GLU C 478 18.78 55.19 15.24
CA GLU C 478 18.14 54.19 16.09
C GLU C 478 18.24 52.81 15.43
N ILE C 479 18.82 51.86 16.16
CA ILE C 479 19.02 50.52 15.61
C ILE C 479 17.66 49.83 15.47
N TYR C 480 17.41 49.26 14.28
CA TYR C 480 16.14 48.62 14.01
C TYR C 480 16.02 47.30 14.77
N GLN C 481 14.80 46.97 15.16
CA GLN C 481 14.49 45.74 15.89
C GLN C 481 13.67 44.84 14.97
N ALA C 482 14.34 43.85 14.38
CA ALA C 482 13.70 42.92 13.45
C ALA C 482 13.46 41.60 14.19
N GLY C 483 12.34 41.53 14.90
CA GLY C 483 11.98 40.34 15.62
C GLY C 483 10.99 40.65 16.73
N ASN C 484 10.83 39.68 17.62
CA ASN C 484 9.91 39.81 18.75
C ASN C 484 10.64 39.99 20.08
N LYS C 485 11.96 39.88 20.12
CA LYS C 485 12.71 40.05 21.36
C LYS C 485 13.28 41.46 21.44
N PRO C 486 13.28 42.06 22.63
CA PRO C 486 13.78 43.44 22.76
C PRO C 486 15.28 43.51 22.50
N CYS C 487 15.68 44.56 21.79
CA CYS C 487 17.08 44.83 21.49
C CYS C 487 17.54 46.01 22.32
N ASN C 488 18.46 45.76 23.25
CA ASN C 488 18.92 46.78 24.18
C ASN C 488 20.09 47.58 23.60
N GLY C 489 19.91 48.09 22.39
CA GLY C 489 20.92 48.94 21.78
C GLY C 489 22.25 48.25 21.52
N VAL C 490 22.21 46.96 21.17
CA VAL C 490 23.41 46.18 20.90
C VAL C 490 23.21 45.43 19.59
N ALA C 491 24.30 45.30 18.82
CA ALA C 491 24.25 44.58 17.55
C ALA C 491 24.27 43.08 17.82
N GLY C 492 23.26 42.38 17.32
CA GLY C 492 23.18 40.94 17.53
C GLY C 492 22.71 40.19 16.30
N SER C 493 21.99 39.09 16.51
CA SER C 493 21.51 38.28 15.39
C SER C 493 20.25 38.87 14.78
N ASN C 494 19.19 39.02 15.58
CA ASN C 494 17.93 39.55 15.10
C ASN C 494 17.88 41.06 15.07
N CYS C 495 18.82 41.75 15.72
CA CYS C 495 18.86 43.20 15.77
C CYS C 495 19.81 43.71 14.70
N TYR C 496 19.26 44.37 13.68
CA TYR C 496 20.03 44.84 12.53
C TYR C 496 20.12 46.36 12.55
N SER C 497 21.24 46.87 12.04
CA SER C 497 21.44 48.31 11.93
C SER C 497 20.72 48.85 10.70
N PRO C 498 20.09 50.02 10.80
CA PRO C 498 19.35 50.56 9.64
C PRO C 498 20.26 51.11 8.55
N LEU C 499 21.49 51.49 8.87
CA LEU C 499 22.40 52.08 7.90
C LEU C 499 23.32 51.01 7.34
N GLN C 500 23.31 50.85 6.02
CA GLN C 500 24.17 49.90 5.33
C GLN C 500 25.05 50.64 4.34
N SER C 501 26.26 50.13 4.14
CA SER C 501 27.22 50.75 3.24
C SER C 501 27.10 50.17 1.84
N TYR C 502 27.64 50.90 0.87
CA TYR C 502 27.62 50.49 -0.54
C TYR C 502 28.78 49.58 -0.88
N GLY C 503 30.00 49.98 -0.57
CA GLY C 503 31.18 49.21 -0.91
C GLY C 503 31.52 49.31 -2.38
N PHE C 504 31.86 50.52 -2.84
CA PHE C 504 32.19 50.75 -4.24
C PHE C 504 33.61 50.28 -4.53
N ARG C 505 33.76 49.47 -5.57
CA ARG C 505 35.06 48.96 -5.99
C ARG C 505 35.27 49.19 -7.48
N PRO C 506 36.50 49.48 -7.91
CA PRO C 506 36.74 49.69 -9.35
C PRO C 506 36.61 48.44 -10.19
N THR C 507 36.65 47.25 -9.57
CA THR C 507 36.52 46.01 -10.33
C THR C 507 35.08 45.69 -10.69
N TYR C 508 34.10 46.36 -10.06
CA TYR C 508 32.71 46.13 -10.38
C TYR C 508 32.35 46.74 -11.72
N GLY C 509 31.42 46.10 -12.42
CA GLY C 509 30.98 46.58 -13.71
C GLY C 509 30.07 47.79 -13.61
N VAL C 510 29.64 48.27 -14.77
CA VAL C 510 28.75 49.42 -14.82
C VAL C 510 27.40 49.05 -14.23
N GLY C 511 26.94 49.84 -13.26
CA GLY C 511 25.68 49.57 -12.60
C GLY C 511 25.78 49.68 -11.09
N HIS C 512 26.96 49.36 -10.55
CA HIS C 512 27.22 49.47 -9.12
C HIS C 512 28.28 50.53 -8.82
N GLN C 513 28.45 51.50 -9.71
CA GLN C 513 29.42 52.57 -9.57
C GLN C 513 28.79 53.78 -8.91
N PRO C 514 29.58 54.62 -8.25
CA PRO C 514 29.02 55.82 -7.62
C PRO C 514 28.53 56.83 -8.67
N TYR C 515 27.35 57.38 -8.41
CA TYR C 515 26.74 58.38 -9.28
C TYR C 515 26.33 59.57 -8.42
N ARG C 516 27.03 60.70 -8.60
CA ARG C 516 26.71 61.92 -7.88
C ARG C 516 25.51 62.60 -8.52
N VAL C 517 24.41 62.69 -7.78
CA VAL C 517 23.16 63.27 -8.28
C VAL C 517 22.98 64.63 -7.64
N VAL C 518 22.72 65.64 -8.47
CA VAL C 518 22.51 67.01 -8.01
C VAL C 518 21.09 67.40 -8.43
N VAL C 519 20.16 67.36 -7.48
CA VAL C 519 18.77 67.69 -7.75
C VAL C 519 18.53 69.15 -7.41
N LEU C 520 18.00 69.90 -8.38
CA LEU C 520 17.70 71.32 -8.21
C LEU C 520 16.20 71.51 -8.16
N SER C 521 15.72 72.25 -7.16
CA SER C 521 14.31 72.52 -6.98
C SER C 521 14.05 74.02 -7.07
N PHE C 522 12.79 74.38 -7.23
CA PHE C 522 12.37 75.77 -7.34
C PHE C 522 11.06 75.95 -6.59
N GLU C 523 10.96 77.05 -5.84
CA GLU C 523 9.78 77.37 -5.07
C GLU C 523 9.36 78.80 -5.34
N LEU C 524 8.06 79.07 -5.14
CA LEU C 524 7.49 80.40 -5.33
C LEU C 524 6.77 80.79 -4.04
N LEU C 525 7.52 81.42 -3.13
CA LEU C 525 6.99 81.83 -1.84
C LEU C 525 6.36 83.22 -1.95
N HIS C 526 5.99 83.80 -0.80
CA HIS C 526 5.40 85.13 -0.80
C HIS C 526 6.43 86.23 -0.90
N ALA C 527 7.69 85.93 -0.57
CA ALA C 527 8.74 86.93 -0.65
C ALA C 527 9.06 87.24 -2.12
N PRO C 528 9.50 88.46 -2.41
CA PRO C 528 9.85 88.80 -3.80
C PRO C 528 11.01 87.95 -4.31
N ALA C 529 11.06 87.78 -5.63
CA ALA C 529 12.10 86.96 -6.24
C ALA C 529 13.47 87.63 -6.10
N THR C 530 14.40 86.92 -5.47
CA THR C 530 15.76 87.42 -5.31
C THR C 530 16.76 86.74 -6.24
N VAL C 531 16.37 85.66 -6.92
CA VAL C 531 17.24 84.94 -7.86
C VAL C 531 16.50 84.84 -9.19
N CYS C 532 17.14 85.30 -10.26
CA CYS C 532 16.55 85.29 -11.59
C CYS C 532 17.62 84.93 -12.61
N GLY C 533 17.23 84.95 -13.87
CA GLY C 533 18.13 84.62 -14.96
C GLY C 533 18.97 85.81 -15.39
N PRO C 534 20.01 85.56 -16.20
CA PRO C 534 20.88 86.65 -16.64
C PRO C 534 20.20 87.52 -17.68
N LYS C 535 20.25 88.83 -17.47
CA LYS C 535 19.68 89.80 -18.39
C LYS C 535 20.79 90.38 -19.26
N LYS C 536 20.75 90.06 -20.55
CA LYS C 536 21.77 90.52 -21.50
C LYS C 536 21.39 91.89 -22.03
N SER C 537 22.41 92.73 -22.25
CA SER C 537 22.21 94.08 -22.76
C SER C 537 22.47 94.12 -24.26
N THR C 538 22.20 95.27 -24.87
CA THR C 538 22.39 95.46 -26.30
C THR C 538 23.08 96.81 -26.50
N ASN C 539 23.14 97.26 -27.75
CA ASN C 539 23.74 98.53 -28.10
C ASN C 539 22.77 99.67 -27.79
N LEU C 540 23.33 100.87 -27.62
CA LEU C 540 22.56 102.05 -27.25
C LEU C 540 22.70 103.08 -28.37
N VAL C 541 21.70 103.15 -29.24
CA VAL C 541 21.64 104.17 -30.29
C VAL C 541 20.88 105.37 -29.75
N LYS C 542 21.50 106.56 -29.87
CA LYS C 542 20.95 107.76 -29.27
C LYS C 542 20.07 108.55 -30.25
N ASN C 543 20.65 108.98 -31.37
CA ASN C 543 19.96 109.88 -32.30
C ASN C 543 19.09 109.07 -33.27
N LYS C 544 18.06 108.45 -32.69
CA LYS C 544 17.09 107.69 -33.46
C LYS C 544 15.90 107.36 -32.56
N CYS C 545 14.69 107.55 -33.09
CA CYS C 545 13.47 107.18 -32.38
C CYS C 545 13.33 105.66 -32.38
N VAL C 546 13.66 105.04 -31.26
CA VAL C 546 13.62 103.59 -31.11
C VAL C 546 13.05 103.24 -29.75
N ASN C 547 12.64 101.98 -29.61
CA ASN C 547 12.13 101.49 -28.34
C ASN C 547 13.26 101.31 -27.34
N PHE C 548 12.94 101.48 -26.06
CA PHE C 548 13.91 101.34 -24.99
C PHE C 548 13.24 100.64 -23.81
N ASN C 549 14.08 100.01 -22.98
CA ASN C 549 13.60 99.30 -21.80
C ASN C 549 14.70 99.34 -20.75
N PHE C 550 14.55 100.24 -19.77
CA PHE C 550 15.51 100.39 -18.69
C PHE C 550 14.85 99.88 -17.40
N ASN C 551 14.99 98.58 -17.16
CA ASN C 551 14.46 97.92 -15.96
C ASN C 551 12.95 98.15 -15.83
N GLY C 552 12.23 97.74 -16.88
CA GLY C 552 10.79 97.83 -16.90
C GLY C 552 10.24 99.10 -17.53
N LEU C 553 11.02 100.17 -17.59
CA LEU C 553 10.57 101.43 -18.18
C LEU C 553 10.49 101.27 -19.69
N THR C 554 9.30 101.03 -20.20
CA THR C 554 9.07 100.80 -21.62
C THR C 554 8.40 102.03 -22.24
N GLY C 555 8.91 102.46 -23.39
CA GLY C 555 8.35 103.60 -24.07
C GLY C 555 9.05 103.82 -25.39
N THR C 556 8.64 104.90 -26.07
CA THR C 556 9.21 105.27 -27.36
C THR C 556 9.68 106.71 -27.31
N GLY C 557 10.68 107.01 -28.12
CA GLY C 557 11.22 108.35 -28.20
C GLY C 557 12.67 108.31 -28.63
N VAL C 558 13.29 109.49 -28.61
CA VAL C 558 14.69 109.67 -28.98
C VAL C 558 15.48 109.97 -27.73
N LEU C 559 16.64 109.33 -27.58
CA LEU C 559 17.52 109.52 -26.43
C LEU C 559 18.60 110.54 -26.82
N THR C 560 18.52 111.72 -26.21
CA THR C 560 19.46 112.80 -26.49
C THR C 560 20.26 113.14 -25.25
N GLU C 561 21.47 113.67 -25.46
CA GLU C 561 22.33 114.05 -24.36
C GLU C 561 21.76 115.23 -23.58
N SER C 562 21.37 114.97 -22.32
CA SER C 562 20.79 116.00 -21.47
C SER C 562 21.88 116.67 -20.63
N ASN C 563 21.52 117.83 -20.09
CA ASN C 563 22.41 118.59 -19.23
C ASN C 563 22.00 118.55 -17.76
N LYS C 564 21.02 117.72 -17.42
CA LYS C 564 20.56 117.62 -16.04
C LYS C 564 21.60 116.92 -15.18
N LYS C 565 21.46 117.08 -13.87
CA LYS C 565 22.35 116.49 -12.88
C LYS C 565 21.50 115.68 -11.90
N PHE C 566 21.36 114.39 -12.18
CA PHE C 566 20.56 113.52 -11.33
C PHE C 566 21.30 113.23 -10.02
N LEU C 567 20.52 112.87 -9.01
CA LEU C 567 21.08 112.50 -7.72
C LEU C 567 21.74 111.13 -7.80
N PRO C 568 22.70 110.83 -6.91
CA PRO C 568 23.42 109.55 -6.98
C PRO C 568 22.52 108.33 -6.76
N PHE C 569 21.27 108.55 -6.35
CA PHE C 569 20.35 107.45 -6.12
C PHE C 569 19.11 107.53 -7.01
N GLN C 570 18.98 108.55 -7.85
CA GLN C 570 17.83 108.71 -8.72
C GLN C 570 18.19 108.31 -10.14
N GLN C 571 17.39 107.41 -10.72
CA GLN C 571 17.58 106.95 -12.09
C GLN C 571 16.48 107.44 -13.03
N PHE C 572 15.22 107.36 -12.60
CA PHE C 572 14.10 107.74 -13.45
C PHE C 572 13.92 109.26 -13.40
N GLY C 573 12.89 109.75 -14.11
CA GLY C 573 12.59 111.16 -14.14
C GLY C 573 11.32 111.47 -14.91
N ARG C 574 10.48 112.33 -14.36
CA ARG C 574 9.20 112.68 -14.97
C ARG C 574 9.02 114.19 -14.96
N ASP C 575 8.17 114.67 -15.86
CA ASP C 575 7.86 116.08 -15.98
C ASP C 575 6.65 116.41 -15.11
N ILE C 576 6.09 117.61 -15.29
CA ILE C 576 4.93 118.04 -14.51
C ILE C 576 3.70 117.19 -14.77
N ALA C 577 3.50 116.72 -16.00
CA ALA C 577 2.34 115.92 -16.36
C ALA C 577 2.57 114.43 -16.16
N ASP C 578 3.52 114.07 -15.29
CA ASP C 578 3.84 112.68 -14.98
C ASP C 578 4.21 111.89 -16.25
N THR C 579 5.08 112.48 -17.05
CA THR C 579 5.55 111.88 -18.29
C THR C 579 7.06 111.67 -18.20
N THR C 580 7.50 110.44 -18.46
CA THR C 580 8.91 110.11 -18.39
C THR C 580 9.65 110.75 -19.57
N ASP C 581 10.52 111.71 -19.28
CA ASP C 581 11.30 112.39 -20.30
C ASP C 581 12.80 112.40 -20.03
N ALA C 582 13.26 111.77 -18.94
CA ALA C 582 14.68 111.74 -18.63
C ALA C 582 14.99 110.50 -17.81
N VAL C 583 16.09 109.85 -18.14
CA VAL C 583 16.53 108.64 -17.43
C VAL C 583 18.01 108.45 -17.72
N ARG C 584 18.72 107.85 -16.76
CA ARG C 584 20.13 107.54 -16.92
C ARG C 584 20.31 106.08 -17.30
N ASP C 585 21.45 105.78 -17.92
CA ASP C 585 21.76 104.40 -18.30
C ASP C 585 22.20 103.62 -17.06
N PRO C 586 21.50 102.54 -16.70
CA PRO C 586 21.91 101.77 -15.51
C PRO C 586 23.25 101.07 -15.65
N GLN C 587 23.82 101.01 -16.86
CA GLN C 587 25.12 100.40 -17.09
C GLN C 587 26.27 101.40 -17.01
N THR C 588 26.08 102.60 -17.54
CA THR C 588 27.08 103.65 -17.51
C THR C 588 26.42 104.94 -17.05
N LEU C 589 27.05 105.62 -16.09
CA LEU C 589 26.46 106.82 -15.48
C LEU C 589 26.46 107.94 -16.51
N GLU C 590 25.30 108.15 -17.14
CA GLU C 590 25.17 109.19 -18.17
C GLU C 590 23.68 109.47 -18.35
N ILE C 591 23.29 110.73 -18.16
CA ILE C 591 21.89 111.11 -18.31
C ILE C 591 21.51 111.11 -19.79
N LEU C 592 20.23 110.82 -20.06
CA LEU C 592 19.72 110.75 -21.42
C LEU C 592 18.32 111.36 -21.44
N ASP C 593 18.16 112.47 -22.15
CA ASP C 593 16.85 113.09 -22.30
C ASP C 593 15.99 112.26 -23.25
N ILE C 594 14.72 112.07 -22.88
CA ILE C 594 13.79 111.28 -23.67
C ILE C 594 12.83 112.27 -24.34
N THR C 595 13.13 112.63 -25.58
CA THR C 595 12.15 113.45 -26.30
C THR C 595 11.20 112.55 -27.09
N PRO C 596 9.92 112.91 -27.15
CA PRO C 596 8.95 112.05 -27.85
C PRO C 596 9.29 111.89 -29.32
N CYS C 597 8.89 110.75 -29.88
CA CYS C 597 9.11 110.48 -31.29
C CYS C 597 8.35 111.48 -32.14
N SER C 598 8.85 111.73 -33.35
CA SER C 598 8.23 112.71 -34.23
C SER C 598 6.85 112.25 -34.66
N PHE C 599 5.84 113.08 -34.36
CA PHE C 599 4.47 112.78 -34.74
C PHE C 599 3.73 114.09 -35.01
N GLY C 600 2.64 113.98 -35.77
CA GLY C 600 1.85 115.15 -36.09
C GLY C 600 0.71 114.78 -37.00
N GLY C 601 -0.06 115.79 -37.38
CA GLY C 601 -1.20 115.64 -38.26
C GLY C 601 -0.89 116.18 -39.64
N VAL C 602 -1.40 115.50 -40.66
CA VAL C 602 -1.16 115.88 -42.04
C VAL C 602 -2.31 116.74 -42.53
N SER C 603 -2.06 117.53 -43.57
CA SER C 603 -3.06 118.39 -44.17
C SER C 603 -2.79 118.50 -45.66
N VAL C 604 -3.80 118.22 -46.46
CA VAL C 604 -3.67 118.26 -47.92
C VAL C 604 -4.32 119.53 -48.44
N ILE C 605 -3.52 120.39 -49.07
CA ILE C 605 -4.01 121.63 -49.66
C ILE C 605 -4.58 121.30 -51.04
N THR C 606 -5.90 121.12 -51.11
CA THR C 606 -6.56 120.76 -52.36
C THR C 606 -7.21 121.99 -52.97
N PRO C 607 -6.81 122.42 -54.16
CA PRO C 607 -7.45 123.58 -54.79
C PRO C 607 -8.82 123.28 -55.38
N GLY C 608 -9.30 122.04 -55.28
CA GLY C 608 -10.59 121.68 -55.83
C GLY C 608 -10.49 120.71 -56.99
N THR C 609 -11.39 119.74 -57.04
CA THR C 609 -11.40 118.74 -58.11
C THR C 609 -12.25 119.21 -59.28
N ASN C 610 -11.92 120.39 -59.81
CA ASN C 610 -12.62 120.94 -60.96
C ASN C 610 -11.71 121.49 -62.05
N THR C 611 -10.48 121.88 -61.75
CA THR C 611 -9.57 122.42 -62.74
C THR C 611 -8.18 121.79 -62.72
N SER C 612 -7.78 121.12 -61.64
CA SER C 612 -6.47 120.50 -61.56
C SER C 612 -6.51 119.40 -60.50
N ASN C 613 -5.56 118.48 -60.60
CA ASN C 613 -5.45 117.37 -59.66
C ASN C 613 -4.21 117.45 -58.79
N GLN C 614 -3.37 118.45 -58.97
CA GLN C 614 -2.16 118.59 -58.17
C GLN C 614 -2.51 119.17 -56.80
N VAL C 615 -2.06 118.49 -55.75
CA VAL C 615 -2.33 118.90 -54.38
C VAL C 615 -1.02 118.86 -53.59
N ALA C 616 -0.94 119.71 -52.57
CA ALA C 616 0.22 119.78 -51.70
C ALA C 616 -0.10 119.15 -50.35
N VAL C 617 0.93 118.64 -49.69
CA VAL C 617 0.81 117.97 -48.39
C VAL C 617 1.48 118.84 -47.33
N LEU C 618 0.78 119.07 -46.23
CA LEU C 618 1.29 119.89 -45.13
C LEU C 618 1.39 119.00 -43.88
N TYR C 619 2.62 118.77 -43.44
CA TYR C 619 2.87 117.99 -42.22
C TYR C 619 2.99 118.97 -41.06
N GLN C 620 1.90 119.12 -40.31
CA GLN C 620 1.85 120.08 -39.21
C GLN C 620 2.66 119.55 -38.03
N GLY C 621 3.73 120.25 -37.67
CA GLY C 621 4.55 119.93 -36.51
C GLY C 621 5.97 119.51 -36.87
N VAL C 622 6.15 118.86 -38.01
CA VAL C 622 7.47 118.36 -38.38
C VAL C 622 8.35 119.52 -38.85
N ASN C 623 9.66 119.27 -38.87
CA ASN C 623 10.66 120.26 -39.27
C ASN C 623 11.28 119.92 -40.62
N CYS C 624 10.51 119.29 -41.51
CA CYS C 624 10.96 118.88 -42.83
C CYS C 624 12.17 117.96 -42.77
N THR C 625 12.40 117.32 -41.62
CA THR C 625 13.57 116.46 -41.44
C THR C 625 13.20 115.03 -41.05
N GLU C 626 11.91 114.73 -40.90
CA GLU C 626 11.46 113.39 -40.55
C GLU C 626 10.51 112.78 -41.57
N VAL C 627 10.04 113.56 -42.54
CA VAL C 627 9.13 113.00 -43.56
C VAL C 627 9.94 112.15 -44.54
N PRO C 628 9.59 110.87 -44.75
CA PRO C 628 10.28 109.97 -45.67
C PRO C 628 10.26 110.48 -47.11
N SER C 647 8.45 118.17 -56.12
CA SER C 647 8.51 118.35 -54.67
C SER C 647 9.27 119.64 -54.32
N ASN C 648 8.62 120.50 -53.53
CA ASN C 648 9.20 121.78 -53.10
C ASN C 648 9.10 121.84 -51.58
N VAL C 649 10.13 121.32 -50.90
CA VAL C 649 10.13 121.31 -49.45
C VAL C 649 10.40 122.72 -48.94
N PHE C 650 9.52 123.21 -48.06
CA PHE C 650 9.65 124.53 -47.47
C PHE C 650 9.19 124.48 -46.03
N GLN C 651 10.02 124.97 -45.12
CA GLN C 651 9.73 124.94 -43.68
C GLN C 651 9.04 126.24 -43.29
N THR C 652 7.82 126.12 -42.78
CA THR C 652 7.07 127.26 -42.27
C THR C 652 7.02 127.21 -40.74
N ARG C 653 6.37 128.21 -40.16
CA ARG C 653 6.17 128.27 -38.72
C ARG C 653 4.98 127.46 -38.25
N ALA C 654 4.32 126.72 -39.15
CA ALA C 654 3.19 125.87 -38.81
C ALA C 654 3.36 124.43 -39.26
N GLY C 655 4.35 124.13 -40.09
CA GLY C 655 4.56 122.78 -40.56
C GLY C 655 5.42 122.79 -41.80
N CYS C 656 5.50 121.62 -42.44
CA CYS C 656 6.27 121.43 -43.66
C CYS C 656 5.30 121.29 -44.83
N LEU C 657 5.37 122.25 -45.76
CA LEU C 657 4.50 122.26 -46.94
C LEU C 657 5.29 121.68 -48.11
N ILE C 658 5.03 120.41 -48.42
CA ILE C 658 5.70 119.72 -49.51
C ILE C 658 4.73 119.64 -50.68
N GLY C 659 5.04 120.35 -51.76
CA GLY C 659 4.20 120.34 -52.95
C GLY C 659 4.01 121.71 -53.55
N ALA C 660 4.18 122.75 -52.75
CA ALA C 660 4.01 124.13 -53.19
C ALA C 660 5.31 124.90 -53.00
N GLU C 661 5.52 125.90 -53.85
CA GLU C 661 6.70 126.74 -53.80
C GLU C 661 6.36 128.08 -53.15
N TYR C 662 7.32 128.63 -52.42
CA TYR C 662 7.12 129.88 -51.68
C TYR C 662 7.50 131.04 -52.57
N VAL C 663 6.51 131.86 -52.94
CA VAL C 663 6.74 133.05 -53.75
C VAL C 663 6.77 134.26 -52.82
N ASN C 664 7.69 135.20 -53.09
CA ASN C 664 7.88 136.37 -52.25
C ASN C 664 6.88 137.48 -52.55
N ASN C 665 5.83 137.21 -53.32
CA ASN C 665 4.81 138.21 -53.62
C ASN C 665 3.79 138.25 -52.48
N SER C 666 2.71 138.99 -52.67
CA SER C 666 1.68 139.12 -51.64
C SER C 666 0.32 139.24 -52.32
N TYR C 667 -0.59 138.33 -51.97
CA TYR C 667 -1.95 138.36 -52.50
C TYR C 667 -2.96 138.12 -51.38
N GLU C 668 -4.23 137.96 -51.75
CA GLU C 668 -5.26 137.67 -50.76
C GLU C 668 -5.22 136.20 -50.37
N CYS C 669 -5.63 135.93 -49.13
CA CYS C 669 -5.61 134.57 -48.60
C CYS C 669 -6.74 133.76 -49.21
N ASP C 670 -6.38 132.79 -50.06
CA ASP C 670 -7.37 131.92 -50.70
C ASP C 670 -7.56 130.64 -49.89
N ILE C 671 -6.47 129.93 -49.62
CA ILE C 671 -6.53 128.70 -48.81
C ILE C 671 -5.75 128.93 -47.53
N PRO C 672 -6.42 128.99 -46.37
CA PRO C 672 -5.69 129.24 -45.11
C PRO C 672 -4.84 128.05 -44.72
N ILE C 673 -3.59 128.32 -44.37
CA ILE C 673 -2.64 127.31 -43.93
C ILE C 673 -2.31 127.47 -42.44
N GLY C 674 -1.95 128.68 -42.02
CA GLY C 674 -1.61 128.95 -40.63
C GLY C 674 -0.32 129.71 -40.52
N ALA C 675 -0.16 130.41 -39.40
CA ALA C 675 1.04 131.21 -39.11
C ALA C 675 1.30 132.25 -40.20
N GLY C 676 0.24 132.84 -40.75
CA GLY C 676 0.38 133.84 -41.78
C GLY C 676 0.67 133.31 -43.16
N ILE C 677 0.54 132.01 -43.39
CA ILE C 677 0.82 131.40 -44.68
C ILE C 677 -0.52 131.10 -45.36
N CYS C 678 -0.59 131.44 -46.65
CA CYS C 678 -1.79 131.21 -47.45
C CYS C 678 -1.39 130.68 -48.82
N ALA C 679 -2.22 129.79 -49.36
CA ALA C 679 -1.96 129.15 -50.64
C ALA C 679 -3.06 129.49 -51.63
N SER C 680 -2.73 129.39 -52.91
CA SER C 680 -3.67 129.65 -53.99
C SER C 680 -3.13 129.03 -55.26
N TYR C 681 -4.04 128.58 -56.11
CA TYR C 681 -3.69 127.97 -57.40
C TYR C 681 -3.69 129.06 -58.46
N GLN C 682 -2.50 129.56 -58.80
CA GLN C 682 -2.37 130.66 -59.76
C GLN C 682 -1.14 130.42 -60.61
N THR C 683 -1.18 130.90 -61.85
CA THR C 683 -0.08 130.74 -62.79
C THR C 683 1.20 131.42 -62.27
N SER C 696 2.19 126.79 -67.36
CA SER C 696 1.92 125.82 -66.30
C SER C 696 1.38 126.52 -65.06
N GLN C 697 0.41 125.87 -64.41
CA GLN C 697 -0.22 126.39 -63.21
C GLN C 697 -0.03 125.40 -62.06
N SER C 698 0.46 125.89 -60.93
CA SER C 698 0.73 125.06 -59.77
C SER C 698 0.35 125.82 -58.51
N ILE C 699 0.41 125.13 -57.38
CA ILE C 699 0.08 125.72 -56.09
C ILE C 699 1.29 126.48 -55.56
N ILE C 700 1.06 127.71 -55.10
CA ILE C 700 2.12 128.56 -54.58
C ILE C 700 1.80 128.90 -53.13
N ALA C 701 2.84 129.28 -52.39
CA ALA C 701 2.73 129.69 -51.01
C ALA C 701 3.26 131.11 -50.85
N TYR C 702 2.56 131.91 -50.06
CA TYR C 702 2.93 133.31 -49.87
C TYR C 702 2.30 133.83 -48.58
N THR C 703 2.83 134.97 -48.12
CA THR C 703 2.26 135.64 -46.95
C THR C 703 1.09 136.50 -47.40
N MET C 704 -0.05 136.34 -46.73
CA MET C 704 -1.24 137.08 -47.10
C MET C 704 -1.05 138.57 -46.86
N SER C 705 -1.61 139.38 -47.74
CA SER C 705 -1.55 140.83 -47.64
C SER C 705 -2.81 141.35 -46.94
N LEU C 706 -2.63 142.31 -46.05
CA LEU C 706 -3.73 142.88 -45.29
C LEU C 706 -4.49 143.95 -46.06
N GLY C 707 -4.06 144.29 -47.27
CA GLY C 707 -4.73 145.29 -48.07
C GLY C 707 -3.76 146.27 -48.71
N ALA C 708 -4.30 147.27 -49.41
CA ALA C 708 -3.47 148.26 -50.06
C ALA C 708 -2.98 149.29 -49.05
N GLU C 709 -1.73 149.73 -49.22
CA GLU C 709 -1.11 150.69 -48.32
C GLU C 709 -1.43 152.10 -48.82
N ASN C 710 -2.47 152.70 -48.25
CA ASN C 710 -2.88 154.05 -48.61
C ASN C 710 -2.32 155.04 -47.60
N SER C 711 -1.97 156.23 -48.08
CA SER C 711 -1.38 157.28 -47.26
C SER C 711 -2.29 158.50 -47.32
N VAL C 712 -3.09 158.70 -46.27
CA VAL C 712 -3.99 159.84 -46.20
C VAL C 712 -3.18 161.08 -45.83
N ALA C 713 -3.15 162.07 -46.72
CA ALA C 713 -2.44 163.30 -46.46
C ALA C 713 -3.12 164.08 -45.34
N TYR C 714 -2.38 164.39 -44.29
CA TYR C 714 -2.89 165.10 -43.13
C TYR C 714 -2.18 166.44 -43.01
N SER C 715 -2.95 167.52 -42.92
CA SER C 715 -2.43 168.87 -42.75
C SER C 715 -3.28 169.61 -41.72
N ASN C 716 -2.92 170.87 -41.48
CA ASN C 716 -3.65 171.68 -40.49
C ASN C 716 -4.78 172.46 -41.14
N ASN C 717 -4.72 172.68 -42.45
CA ASN C 717 -5.73 173.43 -43.19
C ASN C 717 -6.13 172.70 -44.46
N SER C 718 -6.35 171.39 -44.34
CA SER C 718 -6.74 170.55 -45.46
C SER C 718 -7.86 169.62 -45.03
N ILE C 719 -8.98 169.66 -45.75
CA ILE C 719 -10.13 168.82 -45.46
C ILE C 719 -10.68 168.28 -46.77
N ALA C 720 -11.30 167.10 -46.71
CA ALA C 720 -11.89 166.45 -47.86
C ALA C 720 -13.40 166.42 -47.70
N ILE C 721 -14.09 167.20 -48.52
CA ILE C 721 -15.56 167.27 -48.51
C ILE C 721 -16.07 166.57 -49.75
N PRO C 722 -16.93 165.56 -49.62
CA PRO C 722 -17.42 164.85 -50.81
C PRO C 722 -18.39 165.71 -51.61
N THR C 723 -18.40 165.47 -52.93
CA THR C 723 -19.28 166.20 -53.83
C THR C 723 -20.38 165.35 -54.44
N ASN C 724 -20.26 164.02 -54.39
CA ASN C 724 -21.26 163.12 -54.94
C ASN C 724 -21.49 161.98 -53.96
N PHE C 725 -22.36 161.05 -54.34
CA PHE C 725 -22.70 159.92 -53.49
C PHE C 725 -23.22 158.79 -54.34
N THR C 726 -23.07 157.57 -53.81
CA THR C 726 -23.52 156.36 -54.49
C THR C 726 -24.27 155.50 -53.47
N ILE C 727 -25.59 155.39 -53.64
CA ILE C 727 -26.40 154.58 -52.74
C ILE C 727 -26.13 153.10 -53.03
N SER C 728 -25.68 152.37 -52.02
CA SER C 728 -25.37 150.95 -52.13
C SER C 728 -26.26 150.16 -51.18
N VAL C 729 -26.71 149.00 -51.64
CA VAL C 729 -27.57 148.11 -50.86
C VAL C 729 -26.80 146.82 -50.60
N THR C 730 -26.60 146.48 -49.33
CA THR C 730 -25.89 145.29 -48.93
C THR C 730 -26.84 144.28 -48.31
N THR C 731 -26.40 143.02 -48.27
CA THR C 731 -27.19 141.93 -47.73
C THR C 731 -26.46 141.30 -46.55
N GLU C 732 -27.22 140.73 -45.62
CA GLU C 732 -26.67 140.06 -44.45
C GLU C 732 -27.51 138.84 -44.13
N ILE C 733 -26.85 137.71 -43.91
CA ILE C 733 -27.52 136.45 -43.63
C ILE C 733 -27.47 136.18 -42.12
N LEU C 734 -28.62 135.86 -41.55
CA LEU C 734 -28.72 135.57 -40.12
C LEU C 734 -29.71 134.43 -39.88
N PRO C 735 -29.25 133.29 -39.37
CA PRO C 735 -30.19 132.20 -39.05
C PRO C 735 -31.10 132.58 -37.90
N VAL C 736 -32.36 132.17 -38.00
CA VAL C 736 -33.38 132.44 -36.99
C VAL C 736 -33.67 131.19 -36.16
N SER C 737 -34.00 130.08 -36.83
CA SER C 737 -34.32 128.84 -36.15
C SER C 737 -33.67 127.67 -36.88
N MET C 738 -33.81 126.49 -36.30
CA MET C 738 -33.26 125.27 -36.91
C MET C 738 -34.32 124.19 -37.00
N THR C 739 -33.91 122.98 -37.38
CA THR C 739 -34.85 121.88 -37.53
C THR C 739 -35.32 121.39 -36.16
N LYS C 740 -36.63 121.33 -35.96
CA LYS C 740 -37.20 120.84 -34.73
C LYS C 740 -37.21 119.32 -34.75
N THR C 741 -36.54 118.70 -33.78
CA THR C 741 -36.40 117.25 -33.71
C THR C 741 -36.95 116.73 -32.40
N SER C 742 -37.35 115.46 -32.41
CA SER C 742 -37.86 114.78 -31.22
C SER C 742 -37.64 113.29 -31.39
N VAL C 743 -37.02 112.66 -30.41
CA VAL C 743 -36.70 111.25 -30.46
C VAL C 743 -37.48 110.51 -29.39
N ASP C 744 -37.66 109.21 -29.60
CA ASP C 744 -38.35 108.34 -28.65
C ASP C 744 -37.31 107.60 -27.83
N CYS C 745 -37.27 107.88 -26.53
CA CYS C 745 -36.28 107.25 -25.65
C CYS C 745 -36.57 105.79 -25.37
N THR C 746 -37.75 105.30 -25.75
CA THR C 746 -38.10 103.89 -25.59
C THR C 746 -38.01 103.10 -26.89
N MET C 747 -37.83 103.77 -28.03
CA MET C 747 -37.72 103.11 -29.32
C MET C 747 -36.29 103.13 -29.87
N TYR C 748 -35.62 104.29 -29.82
CA TYR C 748 -34.23 104.35 -30.28
C TYR C 748 -33.30 103.56 -29.38
N ILE C 749 -33.61 103.47 -28.09
CA ILE C 749 -32.78 102.71 -27.16
C ILE C 749 -33.16 101.23 -27.15
N CYS C 750 -34.47 100.94 -27.23
CA CYS C 750 -34.98 99.56 -27.25
C CYS C 750 -35.73 99.37 -28.56
N GLY C 751 -35.10 98.66 -29.50
CA GLY C 751 -35.72 98.42 -30.79
C GLY C 751 -36.56 97.15 -30.83
N ASP C 752 -37.87 97.30 -30.67
CA ASP C 752 -38.83 96.20 -30.73
C ASP C 752 -38.50 95.08 -29.75
N SER C 753 -37.91 95.41 -28.60
CA SER C 753 -37.55 94.42 -27.59
C SER C 753 -38.40 94.64 -26.34
N THR C 754 -38.90 93.54 -25.77
CA THR C 754 -39.71 93.61 -24.57
C THR C 754 -38.87 93.48 -23.30
N GLU C 755 -37.75 92.78 -23.35
CA GLU C 755 -36.88 92.66 -22.18
C GLU C 755 -36.02 93.91 -22.00
N CYS C 756 -35.86 94.72 -23.05
CA CYS C 756 -35.05 95.92 -22.96
C CYS C 756 -35.79 97.03 -22.21
N SER C 757 -37.11 97.11 -22.36
CA SER C 757 -37.88 98.15 -21.69
C SER C 757 -37.91 97.94 -20.18
N ASN C 758 -37.88 96.68 -19.73
CA ASN C 758 -37.86 96.42 -18.29
C ASN C 758 -36.56 96.88 -17.65
N LEU C 759 -35.46 96.81 -18.38
CA LEU C 759 -34.17 97.26 -17.84
C LEU C 759 -33.93 98.74 -18.09
N LEU C 760 -34.59 99.33 -19.09
CA LEU C 760 -34.43 100.77 -19.33
C LEU C 760 -34.94 101.60 -18.15
N LEU C 761 -35.98 101.12 -17.47
CA LEU C 761 -36.53 101.86 -16.34
C LEU C 761 -35.69 101.71 -15.07
N GLN C 762 -34.68 100.84 -15.07
CA GLN C 762 -33.84 100.64 -13.91
C GLN C 762 -32.71 101.65 -13.79
N TYR C 763 -32.46 102.44 -14.83
CA TYR C 763 -31.41 103.45 -14.81
C TYR C 763 -31.89 104.80 -14.29
N GLY C 764 -33.14 104.91 -13.86
CA GLY C 764 -33.65 106.14 -13.32
C GLY C 764 -34.50 106.94 -14.30
N SER C 765 -34.43 108.26 -14.21
CA SER C 765 -35.17 109.16 -15.07
C SER C 765 -34.33 109.70 -16.22
N PHE C 766 -33.42 108.88 -16.75
CA PHE C 766 -32.53 109.32 -17.83
C PHE C 766 -33.25 109.44 -19.16
N CYS C 767 -34.53 109.05 -19.24
CA CYS C 767 -35.29 109.14 -20.49
C CYS C 767 -36.24 110.33 -20.53
N THR C 768 -36.68 110.83 -19.38
CA THR C 768 -37.63 111.93 -19.35
C THR C 768 -36.96 113.30 -19.44
N GLN C 769 -35.78 113.46 -18.86
CA GLN C 769 -35.07 114.74 -18.93
C GLN C 769 -34.66 115.09 -20.35
N LEU C 770 -34.23 114.13 -21.15
CA LEU C 770 -33.90 114.40 -22.55
C LEU C 770 -35.13 114.78 -23.37
N LYS C 771 -36.28 114.14 -23.13
CA LYS C 771 -37.51 114.52 -23.80
C LYS C 771 -37.93 115.93 -23.40
N ARG C 772 -37.80 116.28 -22.11
CA ARG C 772 -38.11 117.64 -21.68
C ARG C 772 -37.14 118.64 -22.30
N ALA C 773 -35.87 118.28 -22.44
CA ALA C 773 -34.90 119.17 -23.08
C ALA C 773 -35.25 119.39 -24.54
N LEU C 774 -35.64 118.33 -25.25
CA LEU C 774 -36.07 118.48 -26.63
C LEU C 774 -37.33 119.31 -26.77
N THR C 775 -38.29 119.13 -25.86
CA THR C 775 -39.49 119.98 -25.87
C THR C 775 -39.15 121.44 -25.62
N GLY C 776 -38.24 121.71 -24.69
CA GLY C 776 -37.79 123.08 -24.47
C GLY C 776 -37.07 123.65 -25.67
N ILE C 777 -36.27 122.83 -26.36
CA ILE C 777 -35.61 123.29 -27.58
C ILE C 777 -36.64 123.64 -28.64
N ALA C 778 -37.69 122.82 -28.79
CA ALA C 778 -38.73 123.11 -29.77
C ALA C 778 -39.47 124.40 -29.41
N VAL C 779 -39.79 124.59 -28.13
CA VAL C 779 -40.46 125.81 -27.70
C VAL C 779 -39.57 127.02 -27.93
N GLU C 780 -38.26 126.89 -27.72
CA GLU C 780 -37.34 127.99 -27.97
C GLU C 780 -37.27 128.32 -29.46
N GLN C 781 -37.21 127.29 -30.31
CA GLN C 781 -37.17 127.53 -31.74
C GLN C 781 -38.47 128.19 -32.24
N ASP C 782 -39.60 127.83 -31.65
CA ASP C 782 -40.85 128.50 -31.98
C ASP C 782 -40.89 129.94 -31.49
N LYS C 783 -40.43 130.19 -30.26
CA LYS C 783 -40.41 131.55 -29.72
C LYS C 783 -39.46 132.46 -30.50
N ASN C 784 -38.36 131.91 -31.03
CA ASN C 784 -37.46 132.72 -31.84
C ASN C 784 -38.17 133.22 -33.09
N THR C 785 -38.84 132.34 -33.82
CA THR C 785 -39.58 132.76 -35.01
C THR C 785 -40.75 133.66 -34.65
N GLN C 786 -41.31 133.49 -33.45
CA GLN C 786 -42.41 134.36 -33.02
C GLN C 786 -41.93 135.76 -32.68
N GLU C 787 -40.71 135.90 -32.15
CA GLU C 787 -40.21 137.20 -31.74
C GLU C 787 -39.39 137.90 -32.82
N VAL C 788 -38.93 137.18 -33.83
CA VAL C 788 -38.14 137.76 -34.92
C VAL C 788 -39.04 138.40 -35.98
N PHE C 789 -40.06 137.68 -36.43
CA PHE C 789 -40.92 138.17 -37.49
C PHE C 789 -42.19 138.82 -36.97
N ALA C 790 -42.89 138.18 -36.04
CA ALA C 790 -44.14 138.71 -35.49
C ALA C 790 -43.82 139.78 -34.44
N GLN C 791 -43.52 140.97 -34.93
CA GLN C 791 -43.21 142.12 -34.08
C GLN C 791 -44.25 143.23 -34.19
N VAL C 792 -45.25 143.08 -35.06
CA VAL C 792 -46.30 144.07 -35.24
C VAL C 792 -47.65 143.38 -35.15
N LYS C 793 -48.67 144.15 -34.75
CA LYS C 793 -50.01 143.62 -34.62
C LYS C 793 -50.83 143.80 -35.89
N GLN C 794 -50.66 144.91 -36.59
CA GLN C 794 -51.40 145.19 -37.81
C GLN C 794 -50.67 144.63 -39.01
N ILE C 795 -51.40 143.89 -39.85
CA ILE C 795 -50.84 143.31 -41.06
C ILE C 795 -51.14 144.30 -42.19
N TYR C 796 -50.17 145.17 -42.46
CA TYR C 796 -50.34 146.19 -43.48
C TYR C 796 -50.27 145.60 -44.88
N LYS C 797 -50.98 146.23 -45.81
CA LYS C 797 -51.04 145.79 -47.20
C LYS C 797 -50.62 146.93 -48.10
N THR C 798 -49.95 146.59 -49.21
CA THR C 798 -49.50 147.60 -50.14
C THR C 798 -50.68 148.16 -50.94
N PRO C 799 -50.64 149.45 -51.25
CA PRO C 799 -51.71 150.05 -52.07
C PRO C 799 -51.73 149.46 -53.47
N PRO C 800 -52.84 149.62 -54.21
CA PRO C 800 -52.87 149.08 -55.57
C PRO C 800 -51.83 149.72 -56.48
N ILE C 801 -51.69 151.05 -56.44
CA ILE C 801 -50.67 151.72 -57.23
C ILE C 801 -49.30 151.48 -56.60
N LYS C 802 -48.28 151.41 -57.44
CA LYS C 802 -46.91 151.13 -57.01
C LYS C 802 -45.95 152.18 -57.53
N TYR C 803 -46.36 153.45 -57.43
CA TYR C 803 -45.54 154.59 -57.83
C TYR C 803 -45.15 155.34 -56.56
N PHE C 804 -44.06 154.92 -55.94
CA PHE C 804 -43.59 155.52 -54.69
C PHE C 804 -42.51 156.57 -54.97
N GLY C 805 -42.91 157.59 -55.74
CA GLY C 805 -41.99 158.66 -56.07
C GLY C 805 -40.90 158.30 -57.04
N GLY C 806 -41.05 157.20 -57.76
CA GLY C 806 -40.06 156.78 -58.73
C GLY C 806 -39.15 155.64 -58.28
N PHE C 807 -39.44 155.01 -57.15
CA PHE C 807 -38.63 153.90 -56.64
C PHE C 807 -39.33 152.59 -56.97
N ASN C 808 -38.63 151.71 -57.68
CA ASN C 808 -39.19 150.43 -58.13
C ASN C 808 -38.93 149.38 -57.04
N PHE C 809 -40.01 148.93 -56.40
CA PHE C 809 -39.93 147.90 -55.36
C PHE C 809 -40.45 146.55 -55.85
N SER C 810 -40.37 146.30 -57.16
CA SER C 810 -40.90 145.05 -57.70
C SER C 810 -40.06 143.83 -57.32
N GLN C 811 -38.83 144.04 -56.86
CA GLN C 811 -37.96 142.93 -56.48
C GLN C 811 -38.12 142.49 -55.03
N ILE C 812 -38.68 143.35 -54.17
CA ILE C 812 -38.84 143.02 -52.77
C ILE C 812 -40.30 142.80 -52.38
N LEU C 813 -41.24 143.53 -52.99
CA LEU C 813 -42.64 143.31 -52.70
C LEU C 813 -43.08 141.94 -53.22
N PRO C 814 -44.04 141.30 -52.55
CA PRO C 814 -44.49 139.98 -52.98
C PRO C 814 -45.18 140.03 -54.33
N ASP C 815 -44.95 139.00 -55.15
CA ASP C 815 -45.52 138.93 -56.48
C ASP C 815 -46.82 138.15 -56.42
N PRO C 816 -47.98 138.78 -56.69
CA PRO C 816 -49.25 138.05 -56.62
C PRO C 816 -49.51 137.12 -57.78
N SER C 817 -48.69 137.15 -58.83
CA SER C 817 -48.90 136.31 -60.01
C SER C 817 -48.24 134.94 -59.85
N LYS C 818 -48.55 134.27 -58.74
CA LYS C 818 -48.04 132.93 -58.45
C LYS C 818 -48.82 132.33 -57.28
N PRO C 819 -48.92 131.01 -57.19
CA PRO C 819 -49.69 130.39 -56.09
C PRO C 819 -49.01 130.49 -54.74
N SER C 820 -47.80 131.05 -54.66
CA SER C 820 -47.09 131.16 -53.39
C SER C 820 -47.12 132.56 -52.81
N LYS C 821 -47.28 133.59 -53.64
CA LYS C 821 -47.33 134.98 -53.20
C LYS C 821 -46.06 135.37 -52.43
N ARG C 822 -44.93 135.30 -53.14
CA ARG C 822 -43.63 135.58 -52.54
C ARG C 822 -42.80 136.44 -53.48
N SER C 823 -41.86 137.16 -52.90
CA SER C 823 -40.97 138.02 -53.68
C SER C 823 -39.99 137.17 -54.49
N PRO C 824 -39.60 137.62 -55.68
CA PRO C 824 -38.62 136.86 -56.47
C PRO C 824 -37.29 136.66 -55.76
N ILE C 825 -36.86 137.63 -54.95
CA ILE C 825 -35.66 137.43 -54.14
C ILE C 825 -35.89 136.32 -53.13
N GLU C 826 -37.06 136.30 -52.49
CA GLU C 826 -37.39 135.21 -51.58
C GLU C 826 -37.51 133.88 -52.33
N ASP C 827 -37.98 133.91 -53.58
CA ASP C 827 -38.05 132.69 -54.37
C ASP C 827 -36.65 132.15 -54.67
N LEU C 828 -35.70 133.04 -54.99
CA LEU C 828 -34.33 132.60 -55.22
C LEU C 828 -33.68 132.11 -53.94
N LEU C 829 -33.99 132.74 -52.80
CA LEU C 829 -33.44 132.30 -51.53
C LEU C 829 -34.03 130.97 -51.07
N PHE C 830 -35.25 130.66 -51.48
CA PHE C 830 -35.89 129.40 -51.10
C PHE C 830 -35.57 128.27 -52.06
N ASN C 831 -35.33 128.56 -53.34
CA ASN C 831 -34.99 127.56 -54.33
C ASN C 831 -33.50 127.23 -54.34
N LYS C 832 -32.75 127.73 -53.38
CA LYS C 832 -31.31 127.44 -53.29
C LYS C 832 -30.88 126.86 -51.95
N VAL C 833 -31.47 127.29 -50.83
CA VAL C 833 -31.11 126.75 -49.53
C VAL C 833 -31.77 125.39 -49.32
N PHE C 862 -35.00 107.49 -39.24
CA PHE C 862 -36.43 107.40 -38.98
C PHE C 862 -36.76 106.12 -38.20
N ASN C 863 -35.91 105.80 -37.23
CA ASN C 863 -36.05 104.62 -36.39
C ASN C 863 -36.41 104.99 -34.95
N GLY C 864 -37.23 106.02 -34.78
CA GLY C 864 -37.62 106.47 -33.47
C GLY C 864 -37.52 107.98 -33.30
N LEU C 865 -37.01 108.66 -34.31
CA LEU C 865 -36.86 110.11 -34.31
C LEU C 865 -37.83 110.73 -35.31
N THR C 866 -38.40 111.86 -34.94
CA THR C 866 -39.35 112.57 -35.78
C THR C 866 -38.87 114.00 -36.02
N VAL C 867 -39.47 114.64 -37.02
CA VAL C 867 -39.14 116.02 -37.40
C VAL C 867 -40.42 116.83 -37.22
N LEU C 868 -40.47 117.62 -36.15
CA LEU C 868 -41.65 118.43 -35.89
C LEU C 868 -41.65 119.66 -36.79
N PRO C 869 -42.78 119.97 -37.45
CA PRO C 869 -42.82 121.15 -38.30
C PRO C 869 -42.91 122.41 -37.46
N PRO C 870 -42.42 123.53 -37.97
CA PRO C 870 -42.51 124.79 -37.22
C PRO C 870 -43.95 125.26 -37.07
N LEU C 871 -44.17 126.08 -36.04
CA LEU C 871 -45.51 126.60 -35.80
C LEU C 871 -45.93 127.58 -36.88
N LEU C 872 -45.02 128.47 -37.30
CA LEU C 872 -45.28 129.44 -38.35
C LEU C 872 -44.74 128.91 -39.67
N THR C 873 -45.62 128.72 -40.64
CA THR C 873 -45.22 128.20 -41.94
C THR C 873 -44.56 129.31 -42.76
N ASP C 874 -44.13 128.94 -43.97
CA ASP C 874 -43.47 129.91 -44.84
C ASP C 874 -44.44 130.99 -45.32
N GLU C 875 -45.72 130.65 -45.48
CA GLU C 875 -46.69 131.64 -45.92
C GLU C 875 -46.89 132.73 -44.88
N MET C 876 -46.96 132.36 -43.60
CA MET C 876 -47.11 133.35 -42.54
C MET C 876 -45.87 134.23 -42.42
N ILE C 877 -44.68 133.65 -42.59
CA ILE C 877 -43.46 134.45 -42.58
C ILE C 877 -43.44 135.41 -43.75
N ALA C 878 -43.86 134.97 -44.93
CA ALA C 878 -43.92 135.85 -46.09
C ALA C 878 -44.93 136.98 -45.87
N GLN C 879 -46.08 136.67 -45.28
CA GLN C 879 -47.05 137.72 -44.98
C GLN C 879 -46.52 138.72 -43.96
N TYR C 880 -45.82 138.22 -42.93
CA TYR C 880 -45.19 139.13 -41.96
C TYR C 880 -44.16 140.04 -42.62
N THR C 881 -43.30 139.48 -43.47
CA THR C 881 -42.32 140.29 -44.19
C THR C 881 -42.97 141.30 -45.12
N SER C 882 -44.03 140.93 -45.84
CA SER C 882 -44.75 141.87 -46.68
C SER C 882 -45.41 142.98 -45.88
N ALA C 883 -45.99 142.66 -44.73
CA ALA C 883 -46.59 143.67 -43.87
C ALA C 883 -45.53 144.63 -43.33
N LEU C 884 -44.38 144.10 -42.92
CA LEU C 884 -43.29 144.96 -42.46
C LEU C 884 -42.78 145.85 -43.58
N LEU C 885 -42.66 145.31 -44.80
CA LEU C 885 -42.22 146.12 -45.93
C LEU C 885 -43.22 147.22 -46.24
N ALA C 886 -44.52 146.91 -46.22
CA ALA C 886 -45.53 147.92 -46.47
C ALA C 886 -45.53 148.99 -45.39
N GLY C 887 -45.34 148.60 -44.13
CA GLY C 887 -45.25 149.59 -43.07
C GLY C 887 -44.02 150.45 -43.15
N THR C 888 -42.91 149.89 -43.62
CA THR C 888 -41.69 150.67 -43.77
C THR C 888 -41.79 151.63 -44.96
N ILE C 889 -42.51 151.22 -46.01
CA ILE C 889 -42.64 152.10 -47.17
C ILE C 889 -43.68 153.20 -46.94
N THR C 890 -44.88 152.84 -46.46
CA THR C 890 -45.97 153.80 -46.36
C THR C 890 -45.95 154.62 -45.07
N SER C 891 -45.25 154.15 -44.03
CA SER C 891 -45.26 154.87 -42.76
C SER C 891 -43.84 155.20 -42.31
N GLY C 892 -42.87 154.39 -42.72
CA GLY C 892 -41.48 154.60 -42.32
C GLY C 892 -41.17 153.92 -40.99
N TRP C 893 -41.07 154.73 -39.93
CA TRP C 893 -40.83 154.21 -38.58
C TRP C 893 -41.97 154.50 -37.62
N THR C 894 -43.04 155.15 -38.08
CA THR C 894 -44.16 155.48 -37.20
C THR C 894 -44.99 154.25 -36.82
N PHE C 895 -44.96 153.20 -37.64
CA PHE C 895 -45.73 151.99 -37.35
C PHE C 895 -45.05 151.09 -36.34
N GLY C 896 -43.81 151.38 -35.95
CA GLY C 896 -43.11 150.62 -34.95
C GLY C 896 -43.07 151.25 -33.57
N ALA C 897 -43.66 152.43 -33.40
CA ALA C 897 -43.70 153.11 -32.11
C ALA C 897 -45.07 153.71 -31.84
N GLY C 898 -46.12 153.11 -32.39
CA GLY C 898 -47.47 153.61 -32.22
C GLY C 898 -48.33 153.39 -33.44
N PRO C 899 -49.25 154.31 -33.70
CA PRO C 899 -50.13 154.18 -34.86
C PRO C 899 -49.39 154.47 -36.16
N ALA C 900 -49.85 153.83 -37.23
CA ALA C 900 -49.25 154.02 -38.55
C ALA C 900 -49.62 155.39 -39.10
N LEU C 901 -48.63 156.23 -39.31
CA LEU C 901 -48.83 157.57 -39.85
C LEU C 901 -48.41 157.58 -41.31
N GLN C 902 -49.35 157.90 -42.19
CA GLN C 902 -49.05 157.95 -43.62
C GLN C 902 -48.06 159.07 -43.92
N ILE C 903 -47.15 158.81 -44.85
CA ILE C 903 -46.13 159.78 -45.23
C ILE C 903 -45.61 159.42 -46.62
N PRO C 904 -45.47 160.39 -47.52
CA PRO C 904 -44.92 160.09 -48.85
C PRO C 904 -43.48 159.59 -48.77
N PHE C 905 -43.13 158.69 -49.69
CA PHE C 905 -41.77 158.16 -49.72
C PHE C 905 -40.72 159.22 -49.99
N PRO C 906 -40.90 160.18 -50.90
CA PRO C 906 -39.88 161.25 -51.03
C PRO C 906 -39.74 162.09 -49.77
N MET C 907 -40.81 162.23 -48.98
CA MET C 907 -40.69 162.93 -47.71
C MET C 907 -40.10 162.05 -46.62
N GLN C 908 -40.30 160.74 -46.69
CA GLN C 908 -39.64 159.83 -45.76
C GLN C 908 -38.13 159.81 -46.00
N MET C 909 -37.72 159.80 -47.26
CA MET C 909 -36.30 159.88 -47.58
C MET C 909 -35.67 161.20 -47.14
N ALA C 910 -36.43 162.30 -47.18
CA ALA C 910 -35.90 163.58 -46.73
C ALA C 910 -35.64 163.56 -45.23
N TYR C 911 -36.49 162.89 -44.47
CA TYR C 911 -36.27 162.79 -43.03
C TYR C 911 -35.16 161.80 -42.71
N ARG C 912 -35.04 160.74 -43.50
CA ARG C 912 -33.97 159.76 -43.27
C ARG C 912 -32.61 160.31 -43.67
N PHE C 913 -32.58 161.29 -44.59
CA PHE C 913 -31.30 161.88 -44.98
C PHE C 913 -30.80 162.87 -43.93
N ASN C 914 -31.72 163.55 -43.23
CA ASN C 914 -31.33 164.51 -42.22
C ASN C 914 -30.76 163.86 -40.96
N GLY C 915 -30.85 162.53 -40.84
CA GLY C 915 -30.32 161.86 -39.67
C GLY C 915 -28.84 161.58 -39.72
N ILE C 916 -28.22 161.69 -40.90
CA ILE C 916 -26.80 161.42 -41.07
C ILE C 916 -26.00 162.69 -41.29
N GLY C 917 -26.66 163.85 -41.37
CA GLY C 917 -26.00 165.13 -41.56
C GLY C 917 -26.32 165.80 -42.88
N VAL C 918 -26.70 165.01 -43.89
CA VAL C 918 -27.01 165.57 -45.20
C VAL C 918 -28.36 166.27 -45.15
N THR C 919 -28.43 167.46 -45.71
CA THR C 919 -29.69 168.20 -45.74
C THR C 919 -30.66 167.56 -46.73
N GLN C 920 -31.94 167.93 -46.59
CA GLN C 920 -32.98 167.34 -47.42
C GLN C 920 -33.03 167.94 -48.82
N ASN C 921 -32.43 169.12 -49.03
CA ASN C 921 -32.48 169.76 -50.34
C ASN C 921 -31.75 168.94 -51.40
N VAL C 922 -30.67 168.25 -51.01
CA VAL C 922 -29.96 167.39 -51.96
C VAL C 922 -30.87 166.30 -52.49
N LEU C 923 -31.75 165.77 -51.64
CA LEU C 923 -32.71 164.77 -52.11
C LEU C 923 -33.72 165.40 -53.07
N TYR C 924 -34.26 166.57 -52.73
CA TYR C 924 -35.24 167.20 -53.61
C TYR C 924 -34.59 167.67 -54.90
N GLU C 925 -33.26 167.67 -54.97
CA GLU C 925 -32.58 168.04 -56.21
C GLU C 925 -32.15 166.82 -57.02
N ASN C 926 -31.82 165.70 -56.37
CA ASN C 926 -31.30 164.53 -57.07
C ASN C 926 -32.13 163.29 -56.78
N GLN C 927 -33.44 163.46 -56.60
CA GLN C 927 -34.34 162.32 -56.41
C GLN C 927 -34.25 161.34 -57.57
N LYS C 928 -34.16 161.84 -58.81
CA LYS C 928 -34.07 160.95 -59.95
C LYS C 928 -32.80 160.10 -59.91
N LEU C 929 -31.66 160.72 -59.64
CA LEU C 929 -30.41 159.97 -59.56
C LEU C 929 -30.43 158.98 -58.39
N ILE C 930 -31.00 159.38 -57.26
CA ILE C 930 -31.06 158.48 -56.11
C ILE C 930 -31.95 157.29 -56.40
N ALA C 931 -33.09 157.51 -57.08
CA ALA C 931 -33.97 156.41 -57.43
C ALA C 931 -33.31 155.49 -58.44
N ASN C 932 -32.60 156.05 -59.42
CA ASN C 932 -31.88 155.21 -60.38
C ASN C 932 -30.82 154.37 -59.71
N GLN C 933 -30.05 154.96 -58.79
CA GLN C 933 -29.03 154.20 -58.07
C GLN C 933 -29.64 153.12 -57.19
N PHE C 934 -30.76 153.45 -56.52
CA PHE C 934 -31.43 152.45 -55.69
C PHE C 934 -31.95 151.28 -56.52
N ASN C 935 -32.54 151.58 -57.69
CA ASN C 935 -33.00 150.50 -58.57
C ASN C 935 -31.84 149.67 -59.08
N SER C 936 -30.74 150.31 -59.48
CA SER C 936 -29.57 149.57 -59.96
C SER C 936 -28.94 148.72 -58.86
N ALA C 937 -28.98 149.17 -57.61
CA ALA C 937 -28.44 148.39 -56.50
C ALA C 937 -29.36 147.24 -56.11
N ILE C 938 -30.68 147.44 -56.19
CA ILE C 938 -31.62 146.37 -55.88
C ILE C 938 -31.59 145.30 -56.96
N GLY C 939 -31.41 145.70 -58.23
CA GLY C 939 -31.39 144.73 -59.30
C GLY C 939 -30.20 143.80 -59.23
N LYS C 940 -29.06 144.28 -58.71
CA LYS C 940 -27.87 143.46 -58.62
C LYS C 940 -27.89 142.52 -57.42
N ILE C 941 -28.83 142.68 -56.49
CA ILE C 941 -28.89 141.80 -55.32
C ILE C 941 -29.20 140.36 -55.75
N GLN C 942 -30.16 140.20 -56.65
CA GLN C 942 -30.50 138.86 -57.14
C GLN C 942 -29.33 138.24 -57.90
N ASP C 943 -28.63 139.03 -58.72
CA ASP C 943 -27.48 138.49 -59.45
C ASP C 943 -26.36 138.08 -58.50
N SER C 944 -26.13 138.88 -57.44
CA SER C 944 -25.09 138.53 -56.48
C SER C 944 -25.45 137.30 -55.68
N LEU C 945 -26.73 137.15 -55.34
CA LEU C 945 -27.17 135.97 -54.59
C LEU C 945 -27.23 134.72 -55.44
N SER C 946 -27.40 134.85 -56.76
CA SER C 946 -27.46 133.70 -57.64
C SER C 946 -26.09 133.26 -58.12
N SER C 947 -25.22 134.22 -58.46
CA SER C 947 -23.91 133.87 -59.00
C SER C 947 -23.00 133.30 -57.91
N THR C 948 -23.13 133.79 -56.67
CA THR C 948 -22.29 133.34 -55.58
C THR C 948 -23.03 132.29 -54.78
N PRO C 949 -22.65 131.01 -54.86
CA PRO C 949 -23.34 129.97 -54.07
C PRO C 949 -22.95 129.94 -52.61
N SER C 950 -21.89 130.65 -52.21
CA SER C 950 -21.43 130.67 -50.84
C SER C 950 -22.03 131.81 -50.03
N ALA C 951 -23.01 132.54 -50.59
CA ALA C 951 -23.65 133.63 -49.85
C ALA C 951 -24.66 133.10 -48.84
N LEU C 952 -25.32 131.99 -49.16
CA LEU C 952 -26.29 131.36 -48.27
C LEU C 952 -25.69 130.23 -47.45
N GLY C 953 -24.40 130.31 -47.13
CA GLY C 953 -23.76 129.26 -46.36
C GLY C 953 -24.23 129.21 -44.92
N LYS C 954 -24.60 130.35 -44.35
CA LYS C 954 -25.08 130.37 -42.97
C LYS C 954 -26.42 129.65 -42.83
N LEU C 955 -27.23 129.64 -43.90
CA LEU C 955 -28.50 128.92 -43.88
C LEU C 955 -28.34 127.45 -44.22
N GLN C 956 -27.34 127.10 -45.00
CA GLN C 956 -27.05 125.71 -45.32
C GLN C 956 -26.30 124.98 -44.21
N ASP C 957 -25.56 125.70 -43.37
CA ASP C 957 -24.81 125.08 -42.29
C ASP C 957 -25.69 124.58 -41.16
N VAL C 958 -26.70 125.35 -40.75
CA VAL C 958 -27.59 124.94 -39.67
C VAL C 958 -28.42 123.72 -40.03
N VAL C 959 -28.60 123.44 -41.32
CA VAL C 959 -29.29 122.23 -41.76
C VAL C 959 -28.33 121.07 -41.99
N ASN C 960 -27.14 121.33 -42.55
CA ASN C 960 -26.15 120.27 -42.74
C ASN C 960 -25.66 119.72 -41.41
N HIS C 961 -25.54 120.57 -40.39
CA HIS C 961 -25.13 120.10 -39.07
C HIS C 961 -26.20 119.17 -38.48
N ASN C 962 -27.47 119.55 -38.60
CA ASN C 962 -28.54 118.68 -38.10
C ASN C 962 -28.59 117.37 -38.87
N ALA C 963 -28.40 117.42 -40.19
CA ALA C 963 -28.40 116.20 -40.98
C ALA C 963 -27.25 115.28 -40.58
N GLN C 964 -26.05 115.85 -40.38
CA GLN C 964 -24.91 115.05 -39.95
C GLN C 964 -25.14 114.46 -38.56
N ALA C 965 -25.71 115.24 -37.66
CA ALA C 965 -25.99 114.73 -36.32
C ALA C 965 -27.00 113.58 -36.37
N LEU C 966 -28.06 113.71 -37.16
CA LEU C 966 -29.04 112.63 -37.28
C LEU C 966 -28.41 111.40 -37.91
N ASN C 967 -27.61 111.58 -38.96
CA ASN C 967 -26.96 110.44 -39.60
C ASN C 967 -26.01 109.72 -38.64
N THR C 968 -25.24 110.48 -37.85
CA THR C 968 -24.36 109.86 -36.88
C THR C 968 -25.13 109.13 -35.79
N LEU C 969 -26.23 109.74 -35.30
CA LEU C 969 -27.03 109.10 -34.26
C LEU C 969 -27.67 107.81 -34.76
N VAL C 970 -28.05 107.77 -36.05
CA VAL C 970 -28.62 106.56 -36.60
C VAL C 970 -27.54 105.51 -36.85
N LYS C 971 -26.38 105.92 -37.34
CA LYS C 971 -25.31 104.98 -37.65
C LYS C 971 -24.67 104.40 -36.40
N GLN C 972 -24.69 105.13 -35.29
CA GLN C 972 -24.06 104.65 -34.05
C GLN C 972 -24.76 103.44 -33.46
N LEU C 973 -25.95 103.09 -33.94
CA LEU C 973 -26.64 101.90 -33.45
C LEU C 973 -25.90 100.63 -33.86
N SER C 974 -25.30 100.63 -35.04
CA SER C 974 -24.55 99.47 -35.53
C SER C 974 -23.12 99.51 -35.02
N SER C 975 -22.99 99.52 -33.69
CA SER C 975 -21.70 99.57 -33.02
C SER C 975 -21.80 98.80 -31.72
N LYS C 976 -20.94 97.79 -31.56
CA LYS C 976 -20.95 96.97 -30.36
C LYS C 976 -20.31 97.73 -29.20
N PHE C 977 -21.06 97.86 -28.10
CA PHE C 977 -20.56 98.50 -26.88
C PHE C 977 -20.10 97.49 -25.84
N GLY C 978 -19.70 96.29 -26.29
CA GLY C 978 -19.28 95.26 -25.37
C GLY C 978 -20.10 93.99 -25.50
N ALA C 979 -20.72 93.80 -26.66
CA ALA C 979 -21.54 92.64 -26.94
C ALA C 979 -20.99 91.89 -28.15
N ILE C 980 -21.59 90.73 -28.43
CA ILE C 980 -21.13 89.92 -29.56
C ILE C 980 -21.63 90.50 -30.88
N SER C 981 -22.74 91.23 -30.85
CA SER C 981 -23.31 91.81 -32.06
C SER C 981 -24.12 93.05 -31.66
N SER C 982 -24.86 93.60 -32.62
CA SER C 982 -25.67 94.79 -32.40
C SER C 982 -27.17 94.51 -32.37
N VAL C 983 -27.63 93.50 -33.11
CA VAL C 983 -29.05 93.18 -33.13
C VAL C 983 -29.44 92.56 -31.79
N LEU C 984 -30.52 93.08 -31.19
CA LEU C 984 -30.97 92.57 -29.89
C LEU C 984 -31.56 91.17 -30.02
N ASN C 985 -32.30 90.91 -31.10
CA ASN C 985 -32.90 89.59 -31.30
C ASN C 985 -31.83 88.51 -31.46
N ASP C 986 -30.75 88.81 -32.19
CA ASP C 986 -29.68 87.84 -32.35
C ASP C 986 -29.01 87.52 -31.01
N ILE C 987 -28.81 88.53 -30.16
CA ILE C 987 -28.21 88.28 -28.85
C ILE C 987 -29.16 87.49 -27.97
N LEU C 988 -30.45 87.79 -28.02
CA LEU C 988 -31.42 87.06 -27.20
C LEU C 988 -31.62 85.63 -27.68
N SER C 989 -31.41 85.35 -28.96
CA SER C 989 -31.58 84.01 -29.50
C SER C 989 -30.32 83.16 -29.34
N ARG C 990 -29.16 83.74 -29.59
CA ARG C 990 -27.89 83.02 -29.54
C ARG C 990 -27.33 82.88 -28.13
N LEU C 991 -27.96 83.52 -27.14
CA LEU C 991 -27.50 83.46 -25.76
C LEU C 991 -28.70 83.27 -24.83
N ASP C 992 -28.39 83.05 -23.56
CA ASP C 992 -29.39 82.88 -22.51
C ASP C 992 -29.54 84.17 -21.71
N PRO C 993 -30.69 84.39 -21.08
CA PRO C 993 -30.93 85.64 -20.35
C PRO C 993 -29.87 85.94 -19.31
N PRO C 994 -29.49 84.98 -18.44
CA PRO C 994 -28.50 85.33 -17.40
C PRO C 994 -27.15 85.74 -17.95
N GLU C 995 -26.80 85.32 -19.17
CA GLU C 995 -25.58 85.77 -19.81
C GLU C 995 -25.80 87.01 -20.67
N ALA C 996 -26.95 87.10 -21.34
CA ALA C 996 -27.22 88.27 -22.18
C ALA C 996 -27.48 89.52 -21.33
N GLU C 997 -27.72 89.34 -20.02
CA GLU C 997 -27.89 90.48 -19.14
C GLU C 997 -26.62 91.31 -19.01
N VAL C 998 -25.45 90.71 -19.22
CA VAL C 998 -24.19 91.44 -19.15
C VAL C 998 -23.99 92.29 -20.39
N GLN C 999 -24.49 91.84 -21.54
CA GLN C 999 -24.33 92.58 -22.79
C GLN C 999 -25.42 93.62 -23.00
N ILE C 1000 -26.66 93.33 -22.62
CA ILE C 1000 -27.73 94.29 -22.84
C ILE C 1000 -27.57 95.50 -21.93
N ASP C 1001 -27.06 95.31 -20.72
CA ASP C 1001 -26.83 96.43 -19.81
C ASP C 1001 -25.72 97.35 -20.30
N ARG C 1002 -24.77 96.84 -21.08
CA ARG C 1002 -23.77 97.68 -21.70
C ARG C 1002 -24.26 98.33 -22.98
N LEU C 1003 -25.08 97.62 -23.76
CA LEU C 1003 -25.65 98.22 -24.97
C LEU C 1003 -26.59 99.36 -24.63
N ILE C 1004 -27.46 99.18 -23.64
CA ILE C 1004 -28.37 100.26 -23.25
C ILE C 1004 -27.59 101.45 -22.68
N THR C 1005 -26.50 101.19 -21.95
CA THR C 1005 -25.66 102.26 -21.44
C THR C 1005 -24.98 103.04 -22.57
N GLY C 1006 -24.43 102.34 -23.55
CA GLY C 1006 -23.84 103.01 -24.69
C GLY C 1006 -24.85 103.83 -25.49
N ARG C 1007 -26.05 103.28 -25.72
CA ARG C 1007 -27.09 104.02 -26.41
C ARG C 1007 -27.57 105.23 -25.63
N LEU C 1008 -27.71 105.12 -24.30
CA LEU C 1008 -28.10 106.26 -23.50
C LEU C 1008 -27.02 107.33 -23.50
N GLN C 1009 -25.75 106.92 -23.46
CA GLN C 1009 -24.66 107.89 -23.55
C GLN C 1009 -24.64 108.59 -24.90
N SER C 1010 -24.91 107.85 -25.99
CA SER C 1010 -24.98 108.47 -27.30
C SER C 1010 -26.13 109.47 -27.39
N LEU C 1011 -27.30 109.11 -26.84
CA LEU C 1011 -28.44 110.02 -26.85
C LEU C 1011 -28.16 111.25 -26.00
N GLN C 1012 -27.48 111.08 -24.86
CA GLN C 1012 -27.10 112.22 -24.04
C GLN C 1012 -26.12 113.13 -24.76
N THR C 1013 -25.16 112.55 -25.47
CA THR C 1013 -24.23 113.37 -26.27
C THR C 1013 -24.97 114.13 -27.35
N TYR C 1014 -25.94 113.48 -28.01
CA TYR C 1014 -26.74 114.15 -29.02
C TYR C 1014 -27.53 115.31 -28.42
N VAL C 1015 -28.14 115.11 -27.25
CA VAL C 1015 -28.90 116.17 -26.61
C VAL C 1015 -27.99 117.32 -26.20
N THR C 1016 -26.78 117.00 -25.71
CA THR C 1016 -25.85 118.04 -25.32
C THR C 1016 -25.41 118.87 -26.53
N GLN C 1017 -25.11 118.20 -27.65
CA GLN C 1017 -24.76 118.93 -28.87
C GLN C 1017 -25.93 119.77 -29.36
N GLN C 1018 -27.16 119.25 -29.27
CA GLN C 1018 -28.33 120.03 -29.67
C GLN C 1018 -28.50 121.26 -28.80
N LEU C 1019 -28.24 121.15 -27.49
CA LEU C 1019 -28.34 122.31 -26.61
C LEU C 1019 -27.25 123.33 -26.92
N ILE C 1020 -26.03 122.85 -27.16
CA ILE C 1020 -24.93 123.76 -27.50
C ILE C 1020 -25.24 124.50 -28.79
N ARG C 1021 -25.83 123.81 -29.77
CA ARG C 1021 -26.21 124.46 -31.02
C ARG C 1021 -27.38 125.42 -30.83
N ALA C 1022 -28.35 125.05 -29.99
CA ALA C 1022 -29.50 125.90 -29.75
C ALA C 1022 -29.10 127.17 -29.02
N ALA C 1023 -28.03 127.13 -28.22
CA ALA C 1023 -27.52 128.36 -27.62
C ALA C 1023 -27.11 129.37 -28.68
N GLU C 1024 -26.30 128.96 -29.65
CA GLU C 1024 -25.90 129.86 -30.73
C GLU C 1024 -27.08 130.24 -31.61
N ILE C 1025 -28.04 129.32 -31.78
CA ILE C 1025 -29.24 129.64 -32.55
C ILE C 1025 -30.03 130.74 -31.85
N ARG C 1026 -30.15 130.68 -30.52
CA ARG C 1026 -30.86 131.71 -29.78
C ARG C 1026 -30.10 133.04 -29.84
N ALA C 1027 -28.78 132.98 -29.76
CA ALA C 1027 -27.98 134.21 -29.89
C ALA C 1027 -28.19 134.86 -31.25
N SER C 1028 -28.15 134.06 -32.33
CA SER C 1028 -28.37 134.60 -33.67
C SER C 1028 -29.80 135.11 -33.83
N ALA C 1029 -30.78 134.44 -33.23
CA ALA C 1029 -32.16 134.91 -33.33
C ALA C 1029 -32.34 136.23 -32.59
N ASN C 1030 -31.71 136.38 -31.43
CA ASN C 1030 -31.77 137.65 -30.72
C ASN C 1030 -31.09 138.76 -31.50
N LEU C 1031 -29.94 138.47 -32.12
CA LEU C 1031 -29.27 139.48 -32.94
C LEU C 1031 -30.14 139.87 -34.14
N ALA C 1032 -30.79 138.90 -34.78
CA ALA C 1032 -31.66 139.18 -35.91
C ALA C 1032 -32.87 139.99 -35.49
N ALA C 1033 -33.44 139.70 -34.31
CA ALA C 1033 -34.57 140.48 -33.82
C ALA C 1033 -34.15 141.90 -33.49
N THR C 1034 -32.98 142.07 -32.89
CA THR C 1034 -32.47 143.42 -32.62
C THR C 1034 -32.27 144.21 -33.91
N LYS C 1035 -31.71 143.55 -34.93
CA LYS C 1035 -31.53 144.24 -36.22
C LYS C 1035 -32.87 144.57 -36.85
N MET C 1036 -33.84 143.65 -36.81
CA MET C 1036 -35.17 143.92 -37.35
C MET C 1036 -35.84 145.08 -36.64
N SER C 1037 -35.63 145.21 -35.34
CA SER C 1037 -36.23 146.30 -34.56
C SER C 1037 -35.50 147.62 -34.72
N GLU C 1038 -34.21 147.60 -35.03
CA GLU C 1038 -33.45 148.85 -35.14
C GLU C 1038 -33.37 149.38 -36.56
N CYS C 1039 -33.01 148.56 -37.54
CA CYS C 1039 -32.80 149.01 -38.91
C CYS C 1039 -34.09 149.14 -39.71
N VAL C 1040 -35.08 148.30 -39.45
CA VAL C 1040 -36.35 148.31 -40.19
C VAL C 1040 -37.37 149.22 -39.51
N LEU C 1041 -37.53 149.09 -38.20
CA LEU C 1041 -38.48 149.90 -37.45
C LEU C 1041 -37.96 151.27 -37.08
N GLY C 1042 -36.84 151.69 -37.67
CA GLY C 1042 -36.27 152.99 -37.36
C GLY C 1042 -34.97 153.19 -38.10
N GLN C 1043 -34.34 154.33 -37.83
CA GLN C 1043 -33.06 154.70 -38.42
C GLN C 1043 -32.01 154.65 -37.33
N SER C 1044 -31.31 153.52 -37.22
CA SER C 1044 -30.28 153.35 -36.21
C SER C 1044 -28.99 154.03 -36.66
N LYS C 1045 -28.37 154.76 -35.72
CA LYS C 1045 -27.12 155.46 -35.99
C LYS C 1045 -25.89 154.64 -35.62
N ARG C 1046 -26.06 153.36 -35.32
CA ARG C 1046 -24.94 152.51 -34.95
C ARG C 1046 -24.12 152.16 -36.20
N VAL C 1047 -22.81 152.34 -36.11
CA VAL C 1047 -21.93 152.09 -37.26
C VAL C 1047 -21.80 150.60 -37.48
N ASP C 1048 -21.89 150.19 -38.75
CA ASP C 1048 -21.68 148.82 -39.22
C ASP C 1048 -22.83 147.90 -38.81
N PHE C 1049 -23.76 148.41 -38.01
CA PHE C 1049 -24.88 147.59 -37.57
C PHE C 1049 -25.86 147.36 -38.72
N CYS C 1050 -26.38 148.44 -39.29
CA CYS C 1050 -27.30 148.34 -40.43
C CYS C 1050 -26.54 148.53 -41.75
N GLY C 1051 -25.64 147.60 -42.02
CA GLY C 1051 -24.81 147.65 -43.20
C GLY C 1051 -23.58 148.51 -43.03
N LYS C 1052 -22.72 148.47 -44.04
CA LYS C 1052 -21.47 149.23 -44.04
C LYS C 1052 -21.74 150.59 -44.67
N GLY C 1053 -21.88 151.61 -43.83
CA GLY C 1053 -22.13 152.96 -44.28
C GLY C 1053 -23.21 153.61 -43.44
N TYR C 1054 -23.61 154.80 -43.85
CA TYR C 1054 -24.66 155.54 -43.16
C TYR C 1054 -25.99 154.85 -43.43
N HIS C 1055 -26.63 154.36 -42.36
CA HIS C 1055 -27.88 153.63 -42.50
C HIS C 1055 -29.00 154.55 -42.99
N LEU C 1056 -29.65 154.14 -44.07
CA LEU C 1056 -30.81 154.88 -44.59
C LEU C 1056 -32.09 154.07 -44.48
N MET C 1057 -32.13 152.86 -45.05
CA MET C 1057 -33.30 152.01 -45.00
C MET C 1057 -32.87 150.56 -44.85
N SER C 1058 -33.86 149.69 -44.65
CA SER C 1058 -33.63 148.25 -44.54
C SER C 1058 -34.93 147.53 -44.86
N PHE C 1059 -34.84 146.46 -45.65
CA PHE C 1059 -36.00 145.72 -46.08
C PHE C 1059 -35.86 144.26 -45.66
N PRO C 1060 -36.78 143.72 -44.86
CA PRO C 1060 -36.68 142.32 -44.46
C PRO C 1060 -37.14 141.39 -45.55
N GLN C 1061 -36.46 140.24 -45.67
CA GLN C 1061 -36.77 139.23 -46.65
C GLN C 1061 -36.85 137.87 -45.97
N SER C 1062 -37.90 137.11 -46.26
CA SER C 1062 -38.06 135.80 -45.66
C SER C 1062 -37.04 134.81 -46.24
N ALA C 1063 -36.70 133.80 -45.43
CA ALA C 1063 -35.73 132.80 -45.82
C ALA C 1063 -35.99 131.55 -45.00
N PRO C 1064 -35.72 130.36 -45.55
CA PRO C 1064 -35.93 129.13 -44.79
C PRO C 1064 -34.95 129.03 -43.63
N HIS C 1065 -35.49 129.03 -42.41
CA HIS C 1065 -34.69 128.95 -41.19
C HIS C 1065 -33.70 130.11 -41.10
N GLY C 1066 -34.17 131.32 -41.40
CA GLY C 1066 -33.31 132.48 -41.35
C GLY C 1066 -34.04 133.72 -41.82
N VAL C 1067 -33.29 134.81 -41.89
CA VAL C 1067 -33.83 136.09 -42.34
C VAL C 1067 -32.71 136.86 -43.03
N VAL C 1068 -33.08 137.64 -44.04
CA VAL C 1068 -32.14 138.42 -44.84
C VAL C 1068 -32.54 139.89 -44.75
N PHE C 1069 -31.56 140.74 -44.46
CA PHE C 1069 -31.77 142.18 -44.36
C PHE C 1069 -31.08 142.87 -45.52
N LEU C 1070 -31.83 143.71 -46.25
CA LEU C 1070 -31.28 144.49 -47.36
C LEU C 1070 -31.03 145.91 -46.86
N HIS C 1071 -29.88 146.09 -46.22
CA HIS C 1071 -29.52 147.39 -45.66
C HIS C 1071 -29.14 148.36 -46.76
N VAL C 1072 -29.77 149.53 -46.76
CA VAL C 1072 -29.46 150.60 -47.70
C VAL C 1072 -28.51 151.57 -47.02
N THR C 1073 -27.30 151.68 -47.55
CA THR C 1073 -26.26 152.52 -46.97
C THR C 1073 -25.99 153.73 -47.85
N TYR C 1074 -25.41 154.76 -47.25
CA TYR C 1074 -25.06 156.00 -47.93
C TYR C 1074 -23.54 156.08 -47.98
N VAL C 1075 -22.97 155.85 -49.17
CA VAL C 1075 -21.53 155.86 -49.37
C VAL C 1075 -21.19 157.07 -50.23
N PRO C 1076 -20.55 158.10 -49.68
CA PRO C 1076 -20.16 159.24 -50.50
C PRO C 1076 -19.08 158.87 -51.51
N ALA C 1077 -18.96 159.69 -52.55
CA ALA C 1077 -17.97 159.47 -53.59
C ALA C 1077 -17.61 160.79 -54.23
N GLN C 1078 -16.53 160.77 -55.02
CA GLN C 1078 -16.04 161.94 -55.75
C GLN C 1078 -15.74 163.10 -54.79
N GLU C 1079 -14.81 162.85 -53.88
CA GLU C 1079 -14.38 163.86 -52.92
C GLU C 1079 -13.30 164.74 -53.52
N LYS C 1080 -13.23 165.97 -53.02
CA LYS C 1080 -12.26 166.95 -53.49
C LYS C 1080 -11.51 167.54 -52.30
N ASN C 1081 -10.36 168.15 -52.59
CA ASN C 1081 -9.52 168.76 -51.57
C ASN C 1081 -9.83 170.25 -51.44
N PHE C 1082 -10.02 170.71 -50.21
CA PHE C 1082 -10.31 172.11 -49.94
C PHE C 1082 -9.50 172.57 -48.75
N THR C 1083 -9.36 173.89 -48.62
CA THR C 1083 -8.64 174.50 -47.50
C THR C 1083 -9.64 174.91 -46.43
N THR C 1084 -9.42 174.42 -45.21
CA THR C 1084 -10.31 174.69 -44.09
C THR C 1084 -9.66 175.65 -43.10
N ALA C 1085 -10.46 176.08 -42.11
CA ALA C 1085 -9.99 176.98 -41.07
C ALA C 1085 -10.90 176.84 -39.86
N PRO C 1086 -10.38 176.96 -38.64
CA PRO C 1086 -11.23 176.85 -37.45
C PRO C 1086 -12.34 177.89 -37.43
N ALA C 1087 -11.96 179.17 -37.50
CA ALA C 1087 -12.92 180.26 -37.46
C ALA C 1087 -12.39 181.43 -38.28
N ILE C 1088 -13.18 182.50 -38.32
CA ILE C 1088 -12.82 183.71 -39.03
C ILE C 1088 -12.91 184.89 -38.07
N CYS C 1089 -12.35 186.03 -38.49
CA CYS C 1089 -12.30 187.23 -37.66
C CYS C 1089 -12.76 188.41 -38.52
N HIS C 1090 -14.04 188.76 -38.40
CA HIS C 1090 -14.59 189.85 -39.20
C HIS C 1090 -14.29 191.22 -38.56
N ASP C 1091 -14.82 191.44 -37.36
CA ASP C 1091 -14.68 192.72 -36.65
C ASP C 1091 -14.11 192.49 -35.26
N GLY C 1092 -13.06 191.70 -35.17
CA GLY C 1092 -12.42 191.41 -33.91
C GLY C 1092 -13.01 190.25 -33.13
N LYS C 1093 -14.14 189.72 -33.55
CA LYS C 1093 -14.77 188.58 -32.91
C LYS C 1093 -14.67 187.34 -33.80
N ALA C 1094 -14.72 186.18 -33.18
CA ALA C 1094 -14.56 184.90 -33.87
C ALA C 1094 -15.92 184.32 -34.19
N HIS C 1095 -16.16 184.05 -35.47
CA HIS C 1095 -17.40 183.45 -35.94
C HIS C 1095 -17.18 181.95 -36.15
N PHE C 1096 -18.01 181.14 -35.50
CA PHE C 1096 -17.90 179.69 -35.62
C PHE C 1096 -19.08 179.12 -36.39
N PRO C 1097 -18.87 178.11 -37.23
CA PRO C 1097 -19.98 177.53 -37.98
C PRO C 1097 -20.98 176.86 -37.06
N ARG C 1098 -22.28 177.09 -37.33
CA ARG C 1098 -23.33 176.46 -36.54
C ARG C 1098 -23.52 175.00 -36.94
N GLU C 1099 -23.84 174.75 -38.21
CA GLU C 1099 -23.93 173.40 -38.77
C GLU C 1099 -23.27 173.44 -40.14
N GLY C 1100 -21.97 173.16 -40.18
CA GLY C 1100 -21.24 173.18 -41.44
C GLY C 1100 -19.74 173.20 -41.19
N VAL C 1101 -19.02 173.62 -42.21
CA VAL C 1101 -17.56 173.69 -42.16
C VAL C 1101 -17.09 174.80 -43.09
N PHE C 1102 -16.19 175.64 -42.59
CA PHE C 1102 -15.61 176.71 -43.39
C PHE C 1102 -14.58 176.14 -44.35
N VAL C 1103 -14.86 176.22 -45.66
CA VAL C 1103 -13.96 175.71 -46.68
C VAL C 1103 -13.63 176.85 -47.63
N SER C 1104 -12.54 176.68 -48.37
CA SER C 1104 -12.06 177.67 -49.32
C SER C 1104 -11.59 176.98 -50.59
N ASN C 1105 -11.89 177.60 -51.73
CA ASN C 1105 -11.44 177.11 -53.03
C ASN C 1105 -10.19 177.83 -53.52
N GLY C 1106 -9.35 178.28 -52.61
CA GLY C 1106 -8.14 179.01 -52.95
C GLY C 1106 -8.26 180.52 -52.94
N THR C 1107 -9.34 181.06 -53.54
CA THR C 1107 -9.54 182.50 -53.62
C THR C 1107 -10.53 183.00 -52.58
N HIS C 1108 -11.74 182.45 -52.57
CA HIS C 1108 -12.79 182.87 -51.66
C HIS C 1108 -13.02 181.83 -50.58
N TRP C 1109 -13.86 182.19 -49.61
CA TRP C 1109 -14.22 181.31 -48.51
C TRP C 1109 -15.73 181.07 -48.53
N PHE C 1110 -16.12 179.83 -48.21
CA PHE C 1110 -17.53 179.44 -48.19
C PHE C 1110 -17.76 178.52 -47.01
N VAL C 1111 -19.00 178.04 -46.88
CA VAL C 1111 -19.39 177.12 -45.82
C VAL C 1111 -20.24 176.02 -46.45
N THR C 1112 -19.80 174.77 -46.30
CA THR C 1112 -20.49 173.62 -46.86
C THR C 1112 -20.90 172.67 -45.74
N GLN C 1113 -21.65 171.63 -46.12
CA GLN C 1113 -22.08 170.64 -45.16
C GLN C 1113 -20.93 169.71 -44.79
N ARG C 1114 -21.14 168.92 -43.73
CA ARG C 1114 -20.13 167.98 -43.27
C ARG C 1114 -20.12 166.69 -44.07
N ASN C 1115 -21.09 166.48 -44.97
CA ASN C 1115 -21.15 165.27 -45.78
C ASN C 1115 -21.50 165.55 -47.24
N PHE C 1116 -21.60 166.81 -47.65
CA PHE C 1116 -21.92 167.13 -49.03
C PHE C 1116 -21.44 168.55 -49.32
N TYR C 1117 -20.78 168.74 -50.46
CA TYR C 1117 -20.23 170.03 -50.84
C TYR C 1117 -21.36 170.90 -51.39
N GLU C 1118 -21.80 171.88 -50.59
CA GLU C 1118 -22.82 172.84 -50.99
C GLU C 1118 -22.29 174.24 -50.70
N PRO C 1119 -21.70 174.90 -51.69
CA PRO C 1119 -21.09 176.21 -51.45
C PRO C 1119 -22.15 177.27 -51.13
N GLN C 1120 -22.02 177.89 -49.96
CA GLN C 1120 -22.91 178.95 -49.53
C GLN C 1120 -22.09 180.09 -48.95
N ILE C 1121 -22.64 181.30 -49.05
CA ILE C 1121 -21.95 182.47 -48.52
C ILE C 1121 -21.98 182.45 -47.01
N ILE C 1122 -20.96 183.05 -46.38
CA ILE C 1122 -20.83 183.09 -44.94
C ILE C 1122 -21.64 184.29 -44.45
N THR C 1123 -22.82 184.02 -43.89
CA THR C 1123 -23.70 185.05 -43.38
C THR C 1123 -23.70 185.02 -41.85
N THR C 1124 -24.49 185.92 -41.27
CA THR C 1124 -24.62 186.02 -39.81
C THR C 1124 -25.73 185.12 -39.26
N ASP C 1125 -26.36 184.31 -40.11
CA ASP C 1125 -27.42 183.41 -39.67
C ASP C 1125 -26.92 182.01 -39.36
N ASN C 1126 -25.88 181.55 -40.04
CA ASN C 1126 -25.30 180.23 -39.80
C ASN C 1126 -24.03 180.29 -38.97
N THR C 1127 -23.75 181.45 -38.37
CA THR C 1127 -22.58 181.62 -37.52
C THR C 1127 -22.98 182.30 -36.22
N PHE C 1128 -22.21 182.03 -35.16
CA PHE C 1128 -22.46 182.62 -33.85
C PHE C 1128 -21.16 183.19 -33.31
N VAL C 1129 -21.28 184.28 -32.55
CA VAL C 1129 -20.14 184.98 -31.98
C VAL C 1129 -19.79 184.34 -30.65
N SER C 1130 -18.51 184.07 -30.44
CA SER C 1130 -18.04 183.47 -29.19
C SER C 1130 -16.59 183.89 -28.98
N GLY C 1131 -16.37 184.86 -28.09
CA GLY C 1131 -15.04 185.33 -27.78
C GLY C 1131 -14.45 186.19 -28.88
N ASN C 1132 -13.18 186.55 -28.69
CA ASN C 1132 -12.44 187.37 -29.63
C ASN C 1132 -11.38 186.53 -30.32
N CYS C 1133 -10.60 187.18 -31.19
CA CYS C 1133 -9.63 186.48 -32.03
C CYS C 1133 -8.25 186.49 -31.37
N ASP C 1134 -8.18 185.91 -30.17
CA ASP C 1134 -6.91 185.82 -29.46
C ASP C 1134 -6.70 184.48 -28.75
N VAL C 1135 -7.60 183.53 -28.89
CA VAL C 1135 -7.48 182.25 -28.20
C VAL C 1135 -7.54 181.11 -29.21
N VAL C 1136 -8.15 181.37 -30.37
CA VAL C 1136 -8.29 180.38 -31.42
C VAL C 1136 -7.02 180.37 -32.26
N ILE C 1137 -6.43 179.18 -32.43
CA ILE C 1137 -5.20 179.03 -33.19
C ILE C 1137 -5.56 178.58 -34.59
N GLY C 1138 -5.15 179.36 -35.59
CA GLY C 1138 -5.42 179.02 -36.98
C GLY C 1138 -6.53 179.86 -37.59
N ILE C 1139 -7.00 180.86 -36.84
CA ILE C 1139 -8.08 181.71 -37.33
C ILE C 1139 -7.57 182.61 -38.44
N VAL C 1140 -8.41 182.80 -39.46
CA VAL C 1140 -8.06 183.64 -40.60
C VAL C 1140 -8.98 184.86 -40.61
N ASN C 1141 -8.72 185.76 -41.55
CA ASN C 1141 -9.51 186.98 -41.71
C ASN C 1141 -10.46 186.82 -42.88
N ASN C 1142 -11.73 187.18 -42.66
CA ASN C 1142 -12.76 187.08 -43.69
C ASN C 1142 -13.90 188.02 -43.31
N THR C 1143 -14.71 188.37 -44.29
CA THR C 1143 -15.83 189.28 -44.11
C THR C 1143 -17.14 188.51 -44.24
N VAL C 1144 -18.05 188.73 -43.30
CA VAL C 1144 -19.35 188.05 -43.29
C VAL C 1144 -20.36 188.94 -44.01
N TYR C 1145 -21.43 188.31 -44.50
CA TYR C 1145 -22.49 189.01 -45.22
C TYR C 1145 -23.70 189.11 -44.31
N ASP C 1146 -23.88 190.28 -43.70
CA ASP C 1146 -25.03 190.52 -42.84
C ASP C 1146 -26.23 190.92 -43.67
N PRO C 1147 -27.33 190.18 -43.63
CA PRO C 1147 -28.47 190.47 -44.52
C PRO C 1147 -29.25 191.72 -44.14
N LEU C 1148 -28.77 192.47 -43.14
CA LEU C 1148 -29.47 193.66 -42.67
C LEU C 1148 -28.93 194.94 -43.29
N GLN C 1149 -27.63 195.01 -43.58
CA GLN C 1149 -27.06 196.24 -44.15
C GLN C 1149 -27.59 196.54 -45.55
N PRO C 1150 -27.58 195.61 -46.51
CA PRO C 1150 -28.10 195.96 -47.84
C PRO C 1150 -29.60 196.18 -47.88
N GLU C 1151 -30.34 195.70 -46.89
CA GLU C 1151 -31.79 195.87 -46.84
C GLU C 1151 -32.21 197.04 -45.94
N LEU C 1152 -31.27 197.91 -45.59
CA LEU C 1152 -31.55 199.06 -44.74
C LEU C 1152 -31.35 200.39 -45.44
N ASP C 1153 -30.33 200.51 -46.29
CA ASP C 1153 -30.08 201.76 -47.00
C ASP C 1153 -31.13 202.04 -48.07
N SER C 1154 -31.81 201.02 -48.57
CA SER C 1154 -32.82 201.21 -49.60
C SER C 1154 -34.16 201.60 -48.97
N SER D 35 56.36 -93.19 -19.56
CA SER D 35 56.91 -94.40 -19.00
C SER D 35 58.28 -94.72 -19.60
N TYR D 36 59.32 -94.70 -18.76
CA TYR D 36 60.68 -94.97 -19.19
C TYR D 36 61.42 -95.97 -18.32
N THR D 37 60.98 -96.19 -17.08
CA THR D 37 61.64 -97.13 -16.18
C THR D 37 60.59 -97.69 -15.22
N ASN D 38 61.05 -98.56 -14.32
CA ASN D 38 60.18 -99.22 -13.35
C ASN D 38 60.76 -99.11 -11.95
N SER D 39 59.87 -99.06 -10.97
CA SER D 39 60.25 -99.00 -9.55
C SER D 39 59.92 -100.35 -8.93
N PHE D 40 60.97 -101.12 -8.63
CA PHE D 40 60.80 -102.48 -8.11
C PHE D 40 60.12 -102.50 -6.75
N THR D 41 60.79 -101.96 -5.73
CA THR D 41 60.26 -101.98 -4.38
C THR D 41 60.50 -100.65 -3.66
N ARG D 42 60.55 -99.55 -4.40
CA ARG D 42 60.75 -98.23 -3.83
C ARG D 42 59.42 -97.48 -3.78
N GLY D 43 59.27 -96.61 -2.78
CA GLY D 43 58.06 -95.84 -2.63
C GLY D 43 57.29 -96.15 -1.37
N VAL D 44 57.99 -96.61 -0.34
CA VAL D 44 57.38 -96.95 0.94
C VAL D 44 57.89 -95.98 1.99
N TYR D 45 56.98 -95.43 2.78
CA TYR D 45 57.30 -94.51 3.86
C TYR D 45 56.60 -94.93 5.13
N TYR D 46 56.98 -94.29 6.24
CA TYR D 46 56.35 -94.56 7.52
C TYR D 46 54.97 -93.92 7.58
N PRO D 47 53.90 -94.69 7.79
CA PRO D 47 52.56 -94.09 7.79
C PRO D 47 52.26 -93.29 9.06
N ASP D 48 52.94 -93.58 10.16
CA ASP D 48 52.69 -92.89 11.42
C ASP D 48 53.97 -92.85 12.24
N LYS D 49 53.90 -92.19 13.38
CA LYS D 49 55.02 -92.06 14.30
C LYS D 49 54.85 -92.97 15.51
N VAL D 50 54.28 -94.15 15.29
CA VAL D 50 54.00 -95.11 16.36
C VAL D 50 55.07 -96.19 16.28
N PHE D 51 55.73 -96.46 17.40
CA PHE D 51 56.76 -97.47 17.45
C PHE D 51 56.14 -98.87 17.42
N ARG D 52 56.66 -99.72 16.55
CA ARG D 52 56.22 -101.11 16.44
C ARG D 52 57.45 -102.02 16.35
N SER D 53 57.44 -103.08 17.15
CA SER D 53 58.59 -103.97 17.27
C SER D 53 58.15 -105.40 16.99
N SER D 54 58.70 -105.99 15.93
CA SER D 54 58.49 -107.40 15.58
C SER D 54 57.00 -107.73 15.42
N VAL D 55 56.25 -106.80 14.81
CA VAL D 55 54.84 -107.00 14.53
C VAL D 55 54.58 -106.67 13.07
N LEU D 56 53.43 -107.13 12.58
CA LEU D 56 52.98 -106.87 11.22
C LEU D 56 51.73 -106.01 11.26
N HIS D 57 51.75 -104.90 10.52
CA HIS D 57 50.66 -103.95 10.51
C HIS D 57 50.26 -103.62 9.08
N SER D 58 48.95 -103.54 8.85
CA SER D 58 48.39 -103.19 7.55
C SER D 58 47.77 -101.80 7.65
N THR D 59 48.14 -100.92 6.71
CA THR D 59 47.68 -99.53 6.73
C THR D 59 47.13 -99.19 5.34
N GLN D 60 45.90 -98.71 5.29
CA GLN D 60 45.27 -98.27 4.04
C GLN D 60 45.57 -96.80 3.84
N ASP D 61 46.62 -96.51 3.07
CA ASP D 61 47.04 -95.14 2.82
C ASP D 61 47.63 -95.05 1.42
N LEU D 62 47.89 -93.81 0.99
CA LEU D 62 48.43 -93.55 -0.34
C LEU D 62 49.90 -93.95 -0.38
N PHE D 63 50.20 -95.06 -1.04
CA PHE D 63 51.56 -95.55 -1.22
C PHE D 63 51.85 -95.67 -2.72
N LEU D 64 53.04 -96.20 -3.03
CA LEU D 64 53.45 -96.41 -4.41
C LEU D 64 53.40 -97.90 -4.72
N PRO D 65 52.62 -98.33 -5.71
CA PRO D 65 52.54 -99.76 -6.02
C PRO D 65 53.86 -100.30 -6.54
N PHE D 66 54.19 -101.52 -6.11
CA PHE D 66 55.42 -102.17 -6.56
C PHE D 66 55.31 -102.57 -8.03
N PHE D 67 56.44 -102.48 -8.73
CA PHE D 67 56.54 -102.82 -10.15
C PHE D 67 55.52 -102.03 -10.97
N SER D 68 55.65 -100.71 -10.88
CA SER D 68 54.78 -99.78 -11.58
C SER D 68 55.62 -98.90 -12.52
N ASN D 69 54.93 -98.07 -13.28
CA ASN D 69 55.57 -97.18 -14.24
C ASN D 69 55.89 -95.84 -13.56
N VAL D 70 57.15 -95.43 -13.64
CA VAL D 70 57.62 -94.16 -13.08
C VAL D 70 58.28 -93.41 -14.22
N THR D 71 57.74 -92.24 -14.57
CA THR D 71 58.26 -91.45 -15.68
C THR D 71 59.65 -90.92 -15.35
N TRP D 72 60.61 -91.24 -16.22
CA TRP D 72 62.00 -90.79 -16.06
C TRP D 72 62.28 -89.54 -16.90
N PHE D 73 61.65 -88.42 -16.52
CA PHE D 73 61.84 -87.17 -17.23
C PHE D 73 63.27 -86.65 -17.10
N HIS D 74 63.90 -86.34 -18.22
CA HIS D 74 65.27 -85.83 -18.26
C HIS D 74 65.26 -84.48 -18.96
N ALA D 75 65.69 -83.44 -18.23
CA ALA D 75 65.66 -82.07 -18.78
C ALA D 75 67.06 -81.46 -18.61
N ILE D 76 67.90 -81.63 -19.63
CA ILE D 76 69.25 -81.10 -19.61
C ILE D 76 69.53 -80.20 -20.83
N HIS D 77 68.49 -79.62 -21.43
CA HIS D 77 68.63 -78.83 -22.65
C HIS D 77 69.66 -77.71 -22.50
N VAL D 78 69.50 -76.87 -21.48
CA VAL D 78 70.42 -75.76 -21.25
C VAL D 78 71.28 -76.04 -20.02
N SER D 79 72.59 -75.87 -20.15
CA SER D 79 73.52 -76.08 -19.06
C SER D 79 74.82 -75.34 -19.36
N GLY D 80 75.57 -75.06 -18.30
CA GLY D 80 76.85 -74.40 -18.39
C GLY D 80 76.80 -72.88 -18.37
N THR D 81 75.84 -72.28 -19.07
CA THR D 81 75.70 -70.83 -19.14
C THR D 81 74.59 -70.37 -18.20
N ASN D 82 74.27 -69.08 -18.26
CA ASN D 82 73.22 -68.50 -17.42
C ASN D 82 72.11 -67.99 -18.32
N GLY D 83 71.15 -67.28 -17.72
CA GLY D 83 70.02 -66.78 -18.47
C GLY D 83 69.13 -67.90 -18.99
N THR D 84 68.78 -67.79 -20.27
CA THR D 84 67.93 -68.76 -20.94
C THR D 84 66.63 -69.00 -20.17
N LYS D 85 65.81 -67.96 -20.05
CA LYS D 85 64.58 -68.01 -19.27
C LYS D 85 63.48 -68.76 -20.01
N ARG D 86 63.83 -69.44 -21.10
CA ARG D 86 62.84 -70.20 -21.86
C ARG D 86 63.48 -71.51 -22.33
N PHE D 87 63.34 -72.55 -21.51
CA PHE D 87 63.73 -73.89 -21.94
C PHE D 87 62.47 -74.71 -22.25
N ASP D 88 62.63 -76.01 -22.49
CA ASP D 88 61.51 -76.84 -22.89
C ASP D 88 61.15 -77.88 -21.83
N ASN D 89 60.13 -77.60 -21.03
CA ASN D 89 59.62 -78.55 -20.05
C ASN D 89 58.15 -78.23 -19.74
N PRO D 90 57.30 -79.26 -19.66
CA PRO D 90 55.89 -79.02 -19.34
C PRO D 90 55.61 -79.03 -17.85
N VAL D 91 54.38 -78.71 -17.47
CA VAL D 91 53.96 -78.75 -16.07
C VAL D 91 53.46 -80.16 -15.76
N LEU D 92 53.66 -80.59 -14.51
CA LEU D 92 53.26 -81.95 -14.15
C LEU D 92 52.06 -81.91 -13.22
N PRO D 93 51.06 -82.77 -13.43
CA PRO D 93 49.89 -82.79 -12.55
C PRO D 93 50.18 -83.48 -11.24
N PHE D 94 49.40 -83.12 -10.21
CA PHE D 94 49.53 -83.68 -8.86
C PHE D 94 48.13 -84.05 -8.39
N ASN D 95 47.74 -85.32 -8.61
CA ASN D 95 46.41 -85.77 -8.26
C ASN D 95 46.30 -86.04 -6.76
N ASP D 96 47.10 -86.98 -6.26
CA ASP D 96 47.08 -87.32 -4.83
C ASP D 96 48.46 -87.46 -4.22
N GLY D 97 49.49 -87.74 -4.99
CA GLY D 97 50.83 -87.90 -4.44
C GLY D 97 51.79 -88.37 -5.51
N VAL D 98 53.04 -87.94 -5.36
CA VAL D 98 54.07 -88.24 -6.33
C VAL D 98 55.33 -88.72 -5.60
N TYR D 99 56.07 -89.60 -6.26
CA TYR D 99 57.35 -90.09 -5.78
C TYR D 99 58.47 -89.47 -6.59
N PHE D 100 59.30 -88.67 -5.91
CA PHE D 100 60.32 -87.89 -6.60
C PHE D 100 61.69 -88.41 -6.18
N ALA D 101 62.27 -89.26 -7.03
CA ALA D 101 63.65 -89.68 -6.90
C ALA D 101 64.52 -88.97 -7.93
N SER D 102 65.78 -88.75 -7.56
CA SER D 102 66.69 -88.00 -8.43
C SER D 102 68.13 -88.39 -8.19
N THR D 103 68.89 -88.59 -9.27
CA THR D 103 70.31 -88.92 -9.20
C THR D 103 71.20 -87.73 -9.50
N GLU D 104 70.77 -86.51 -9.16
CA GLU D 104 71.56 -85.32 -9.37
C GLU D 104 72.89 -85.40 -8.63
N LYS D 105 73.95 -84.90 -9.26
CA LYS D 105 75.27 -85.09 -8.67
C LYS D 105 75.57 -84.06 -7.57
N SER D 106 75.70 -82.79 -7.93
CA SER D 106 76.08 -81.80 -6.93
C SER D 106 74.96 -80.83 -6.56
N ASN D 107 74.44 -80.08 -7.55
CA ASN D 107 73.48 -79.03 -7.27
C ASN D 107 72.38 -78.93 -8.32
N ILE D 108 72.15 -80.02 -9.07
CA ILE D 108 71.17 -79.95 -10.16
C ILE D 108 69.77 -79.68 -9.63
N ILE D 109 69.31 -80.51 -8.70
CA ILE D 109 67.98 -80.35 -8.12
C ILE D 109 68.07 -79.39 -6.94
N ARG D 110 67.40 -78.24 -7.05
CA ARG D 110 67.45 -77.23 -6.01
C ARG D 110 66.05 -76.69 -5.71
N GLY D 111 65.08 -77.60 -5.56
CA GLY D 111 63.77 -77.20 -5.11
C GLY D 111 62.62 -77.63 -5.99
N TRP D 112 61.40 -77.28 -5.59
CA TRP D 112 60.19 -77.64 -6.33
C TRP D 112 59.21 -76.47 -6.28
N ILE D 113 58.17 -76.56 -7.10
CA ILE D 113 57.13 -75.55 -7.15
C ILE D 113 55.77 -76.24 -7.22
N PHE D 114 54.86 -75.88 -6.32
CA PHE D 114 53.53 -76.46 -6.23
C PHE D 114 52.46 -75.40 -6.48
N GLY D 115 51.23 -75.85 -6.58
CA GLY D 115 50.11 -74.98 -6.84
C GLY D 115 49.05 -75.68 -7.67
N THR D 116 47.97 -74.95 -7.94
CA THR D 116 46.88 -75.45 -8.77
C THR D 116 46.70 -74.65 -10.05
N THR D 117 46.68 -73.32 -9.97
CA THR D 117 46.56 -72.46 -11.15
C THR D 117 47.86 -71.77 -11.51
N LEU D 118 48.70 -71.44 -10.53
CA LEU D 118 50.05 -70.93 -10.75
C LEU D 118 50.06 -69.57 -11.46
N ASP D 119 48.91 -68.90 -11.55
CA ASP D 119 48.87 -67.57 -12.15
C ASP D 119 48.12 -66.62 -11.21
N SER D 120 48.84 -66.09 -10.24
CA SER D 120 48.39 -65.03 -9.34
C SER D 120 46.94 -65.16 -8.89
N LYS D 121 46.50 -66.38 -8.58
CA LYS D 121 45.12 -66.59 -8.13
C LYS D 121 45.05 -67.49 -6.90
N THR D 122 46.06 -68.34 -6.71
CA THR D 122 46.06 -69.28 -5.60
C THR D 122 47.46 -69.36 -5.01
N GLN D 123 47.53 -69.81 -3.77
CA GLN D 123 48.80 -69.95 -3.09
C GLN D 123 49.64 -71.06 -3.72
N SER D 124 50.95 -70.96 -3.52
CA SER D 124 51.89 -71.94 -4.07
C SER D 124 52.77 -72.51 -2.96
N LEU D 125 53.79 -73.27 -3.32
CA LEU D 125 54.68 -73.85 -2.33
C LEU D 125 56.09 -74.00 -2.90
N LEU D 126 56.97 -73.05 -2.57
CA LEU D 126 58.35 -73.13 -3.03
C LEU D 126 59.22 -73.84 -1.99
N ILE D 127 59.97 -74.83 -2.45
CA ILE D 127 60.86 -75.60 -1.59
C ILE D 127 62.28 -75.47 -2.13
N VAL D 128 62.59 -74.31 -2.70
CA VAL D 128 63.88 -74.03 -3.31
C VAL D 128 65.01 -74.37 -2.34
N ASN D 129 65.96 -75.17 -2.80
CA ASN D 129 67.07 -75.62 -1.98
C ASN D 129 68.23 -74.63 -2.08
N ASN D 130 69.11 -74.68 -1.08
CA ASN D 130 70.19 -73.71 -0.95
C ASN D 130 71.22 -74.22 0.06
N ALA D 131 72.41 -73.64 0.06
CA ALA D 131 73.43 -74.01 1.02
C ALA D 131 72.99 -73.67 2.45
N THR D 132 73.04 -74.68 3.32
CA THR D 132 72.86 -74.56 4.76
C THR D 132 71.43 -74.19 5.16
N ASN D 133 70.56 -73.94 4.18
CA ASN D 133 69.18 -73.58 4.48
C ASN D 133 68.31 -73.91 3.28
N VAL D 134 67.00 -73.95 3.52
CA VAL D 134 66.03 -74.23 2.47
C VAL D 134 64.83 -73.30 2.64
N VAL D 135 64.58 -72.46 1.64
CA VAL D 135 63.49 -71.48 1.75
C VAL D 135 62.16 -72.17 1.50
N ILE D 136 61.22 -71.96 2.42
CA ILE D 136 59.86 -72.48 2.31
C ILE D 136 58.89 -71.31 2.46
N LYS D 137 57.96 -71.22 1.51
CA LYS D 137 57.00 -70.12 1.50
C LYS D 137 55.73 -70.51 0.78
N VAL D 138 54.58 -70.06 1.30
CA VAL D 138 53.28 -70.40 0.73
C VAL D 138 52.64 -69.10 0.22
N CYS D 139 53.46 -68.19 -0.25
CA CYS D 139 52.96 -66.92 -0.78
C CYS D 139 52.37 -67.11 -2.16
N GLU D 140 51.33 -66.33 -2.46
CA GLU D 140 50.65 -66.40 -3.76
C GLU D 140 51.22 -65.33 -4.69
N PHE D 141 51.67 -65.74 -5.87
CA PHE D 141 52.19 -64.82 -6.86
C PHE D 141 52.20 -65.50 -8.23
N GLN D 142 52.65 -64.74 -9.23
CA GLN D 142 52.67 -65.21 -10.61
C GLN D 142 53.95 -65.96 -10.91
N PHE D 143 53.85 -67.03 -11.69
CA PHE D 143 54.98 -67.84 -12.11
C PHE D 143 55.21 -67.63 -13.61
N CYS D 144 56.30 -68.21 -14.10
CA CYS D 144 56.61 -68.24 -15.52
C CYS D 144 56.49 -69.68 -16.02
N ASN D 145 56.43 -69.84 -17.35
CA ASN D 145 56.24 -71.16 -17.93
C ASN D 145 57.45 -72.05 -17.75
N ASP D 146 58.60 -71.49 -17.39
CA ASP D 146 59.84 -72.24 -17.17
C ASP D 146 60.58 -71.65 -15.97
N PRO D 147 60.19 -72.03 -14.75
CA PRO D 147 60.89 -71.50 -13.57
C PRO D 147 62.25 -72.17 -13.38
N PHE D 148 63.22 -71.38 -12.94
CA PHE D 148 64.57 -71.88 -12.68
C PHE D 148 65.28 -70.88 -11.77
N LEU D 149 66.34 -71.36 -11.13
CA LEU D 149 67.16 -70.54 -10.24
C LEU D 149 68.48 -70.20 -10.94
N ASP D 150 68.74 -68.89 -11.09
CA ASP D 150 69.93 -68.42 -11.78
C ASP D 150 70.92 -67.88 -10.76
N VAL D 151 72.12 -68.44 -10.73
CA VAL D 151 73.18 -67.98 -9.82
C VAL D 151 74.23 -67.33 -10.71
N TYR D 152 74.49 -66.05 -10.45
CA TYR D 152 75.44 -65.28 -11.26
C TYR D 152 76.89 -65.52 -10.85
N GLN D 153 77.17 -65.62 -9.54
CA GLN D 153 78.52 -65.74 -9.02
C GLN D 153 79.41 -64.59 -9.50
N MET D 160 73.25 -62.58 -2.25
CA MET D 160 74.11 -62.88 -3.40
C MET D 160 74.10 -64.37 -3.72
N GLU D 161 74.76 -64.73 -4.82
CA GLU D 161 74.87 -66.11 -5.28
C GLU D 161 73.49 -66.73 -5.49
N SER D 162 72.50 -65.91 -5.82
CA SER D 162 71.13 -66.38 -6.03
C SER D 162 70.29 -65.32 -6.71
N GLU D 163 69.06 -65.67 -7.07
CA GLU D 163 68.15 -64.72 -7.71
C GLU D 163 66.70 -65.12 -7.48
N PHE D 164 65.77 -64.41 -8.11
CA PHE D 164 64.34 -64.67 -7.98
C PHE D 164 63.71 -64.68 -9.37
N ARG D 165 64.33 -65.37 -10.31
CA ARG D 165 63.81 -65.47 -11.66
C ARG D 165 62.53 -66.31 -11.75
N VAL D 166 62.16 -67.02 -10.69
CA VAL D 166 60.96 -67.85 -10.69
C VAL D 166 59.72 -66.97 -10.73
N TYR D 167 59.65 -66.02 -9.81
CA TYR D 167 58.49 -65.14 -9.68
C TYR D 167 58.84 -63.70 -10.04
N SER D 168 57.81 -62.90 -10.28
CA SER D 168 58.02 -61.51 -10.67
C SER D 168 57.71 -60.56 -9.51
N SER D 169 56.71 -60.90 -8.70
CA SER D 169 56.31 -60.04 -7.59
C SER D 169 55.89 -60.86 -6.38
N ALA D 170 55.28 -60.21 -5.39
CA ALA D 170 54.86 -60.88 -4.17
C ALA D 170 53.47 -60.42 -3.73
N ASN D 171 52.96 -61.00 -2.64
CA ASN D 171 51.63 -60.67 -2.15
C ASN D 171 51.51 -61.02 -0.67
N ASN D 172 50.28 -61.12 -0.17
CA ASN D 172 50.04 -61.41 1.24
C ASN D 172 50.40 -62.87 1.51
N CYS D 173 51.62 -63.09 2.02
CA CYS D 173 52.10 -64.43 2.34
C CYS D 173 51.41 -64.89 3.62
N THR D 174 50.79 -66.07 3.56
CA THR D 174 50.05 -66.62 4.68
C THR D 174 50.86 -67.60 5.53
N PHE D 175 52.05 -67.99 5.08
CA PHE D 175 52.86 -68.94 5.82
C PHE D 175 54.31 -68.81 5.36
N GLU D 176 55.23 -68.97 6.32
CA GLU D 176 56.65 -68.93 6.04
C GLU D 176 57.36 -69.83 7.05
N TYR D 177 58.49 -70.40 6.61
CA TYR D 177 59.25 -71.32 7.45
C TYR D 177 60.73 -71.26 7.10
N VAL D 178 61.57 -70.93 8.09
CA VAL D 178 63.02 -70.90 7.85
C VAL D 178 63.55 -72.29 7.58
N SER D 179 63.35 -73.23 8.51
CA SER D 179 63.79 -74.60 8.37
C SER D 179 65.28 -74.68 8.09
N GLN D 180 66.10 -74.24 9.05
CA GLN D 180 67.56 -74.24 8.95
C GLN D 180 68.10 -75.60 8.49
N PRO D 181 67.66 -76.75 9.07
CA PRO D 181 68.12 -78.03 8.53
C PRO D 181 67.65 -78.25 7.10
N PHE D 182 68.60 -78.34 6.17
CA PHE D 182 68.26 -78.47 4.77
C PHE D 182 67.79 -79.88 4.46
N LEU D 183 66.79 -79.98 3.58
CA LEU D 183 66.26 -81.27 3.17
C LEU D 183 67.22 -81.98 2.23
N MET D 184 67.53 -81.37 1.09
CA MET D 184 68.47 -81.95 0.14
C MET D 184 69.89 -81.85 0.69
N ASP D 185 70.59 -82.98 0.68
CA ASP D 185 71.93 -83.08 1.24
C ASP D 185 72.95 -83.19 0.10
N LEU D 186 74.23 -83.23 0.48
CA LEU D 186 75.31 -83.31 -0.49
C LEU D 186 76.35 -84.34 -0.06
N GLU D 187 77.50 -84.36 -0.72
CA GLU D 187 78.57 -85.29 -0.39
C GLU D 187 79.17 -84.99 0.98
N PHE D 193 81.09 -94.15 -5.73
CA PHE D 193 79.78 -94.40 -5.16
C PHE D 193 78.92 -93.14 -5.18
N LYS D 194 77.81 -93.18 -5.90
CA LYS D 194 76.91 -92.03 -6.00
C LYS D 194 75.96 -92.00 -4.80
N ASN D 195 74.95 -91.14 -4.85
CA ASN D 195 73.98 -91.02 -3.77
C ASN D 195 72.61 -90.73 -4.37
N LEU D 196 71.62 -91.50 -3.96
CA LEU D 196 70.25 -91.35 -4.44
C LEU D 196 69.37 -90.79 -3.33
N ARG D 197 68.58 -89.78 -3.68
CA ARG D 197 67.64 -89.16 -2.75
C ARG D 197 66.23 -89.21 -3.32
N GLU D 198 65.31 -89.74 -2.52
CA GLU D 198 63.92 -89.88 -2.92
C GLU D 198 63.03 -89.00 -2.04
N PHE D 199 61.95 -88.52 -2.63
CA PHE D 199 61.03 -87.63 -1.93
C PHE D 199 59.60 -88.05 -2.23
N VAL D 200 58.80 -88.17 -1.18
CA VAL D 200 57.38 -88.53 -1.30
C VAL D 200 56.55 -87.34 -0.81
N PHE D 201 55.73 -86.80 -1.69
CA PHE D 201 54.87 -85.66 -1.37
C PHE D 201 53.42 -86.08 -1.52
N LYS D 202 52.59 -85.66 -0.57
CA LYS D 202 51.16 -85.98 -0.57
C LYS D 202 50.34 -84.71 -0.46
N ASN D 203 49.01 -84.88 -0.40
CA ASN D 203 48.10 -83.75 -0.32
C ASN D 203 47.06 -83.93 0.79
N ILE D 204 47.50 -84.24 2.01
CA ILE D 204 46.59 -84.43 3.14
C ILE D 204 45.89 -83.09 3.42
N ASP D 205 44.74 -83.15 4.11
CA ASP D 205 43.91 -81.99 4.37
C ASP D 205 44.68 -80.83 4.96
N GLY D 206 45.49 -81.08 5.98
CA GLY D 206 46.22 -80.02 6.63
C GLY D 206 47.73 -80.10 6.51
N TYR D 207 48.26 -81.31 6.47
CA TYR D 207 49.70 -81.48 6.41
C TYR D 207 50.15 -81.89 5.01
N PHE D 208 51.40 -81.57 4.68
CA PHE D 208 51.94 -81.91 3.37
C PHE D 208 52.68 -83.24 3.40
N LYS D 209 53.19 -83.62 4.59
CA LYS D 209 53.84 -84.91 4.79
C LYS D 209 55.02 -85.11 3.86
N ILE D 210 56.06 -84.30 3.98
CA ILE D 210 57.27 -84.40 3.18
C ILE D 210 58.11 -85.54 3.74
N TYR D 211 58.25 -86.61 2.96
CA TYR D 211 59.10 -87.73 3.31
C TYR D 211 60.39 -87.70 2.50
N SER D 212 61.47 -88.16 3.13
CA SER D 212 62.77 -88.15 2.48
C SER D 212 63.64 -89.25 3.06
N LYS D 213 64.64 -89.65 2.29
CA LYS D 213 65.62 -90.66 2.70
C LYS D 213 66.78 -90.62 1.73
N HIS D 214 68.00 -90.69 2.29
CA HIS D 214 69.23 -90.60 1.51
C HIS D 214 70.00 -91.90 1.68
N THR D 215 70.12 -92.65 0.59
CA THR D 215 70.83 -93.92 0.60
C THR D 215 71.89 -93.95 -0.50
N PRO D 216 73.07 -94.50 -0.22
CA PRO D 216 74.11 -94.58 -1.26
C PRO D 216 73.82 -95.71 -2.24
N ILE D 217 74.10 -95.46 -3.52
CA ILE D 217 73.87 -96.44 -4.57
C ILE D 217 75.18 -96.67 -5.32
N ASN D 218 75.25 -97.84 -5.97
CA ASN D 218 76.45 -98.21 -6.72
C ASN D 218 76.18 -98.72 -8.13
N LEU D 219 74.94 -99.08 -8.48
CA LEU D 219 74.66 -99.58 -9.82
C LEU D 219 74.73 -98.46 -10.85
N GLU D 220 74.18 -97.29 -10.51
CA GLU D 220 74.23 -96.10 -11.35
C GLU D 220 73.53 -96.30 -12.70
N ARG D 221 72.61 -97.28 -12.76
CA ARG D 221 71.86 -97.53 -14.00
C ARG D 221 70.43 -97.04 -13.86
N ASP D 222 69.73 -97.53 -12.85
CA ASP D 222 68.34 -97.14 -12.59
C ASP D 222 68.03 -97.25 -11.10
N LEU D 223 66.76 -97.23 -10.75
CA LEU D 223 66.35 -97.39 -9.36
C LEU D 223 66.81 -98.75 -8.85
N PRO D 224 67.75 -98.82 -7.92
CA PRO D 224 68.31 -100.12 -7.51
C PRO D 224 67.30 -100.95 -6.73
N GLN D 225 67.57 -102.25 -6.66
CA GLN D 225 66.73 -103.18 -5.93
C GLN D 225 67.11 -103.17 -4.45
N GLY D 226 66.09 -103.10 -3.60
CA GLY D 226 66.29 -103.01 -2.17
C GLY D 226 65.18 -102.18 -1.53
N PHE D 227 64.84 -102.55 -0.30
CA PHE D 227 63.73 -101.94 0.42
C PHE D 227 64.28 -100.86 1.36
N SER D 228 63.95 -99.60 1.08
CA SER D 228 64.32 -98.48 1.92
C SER D 228 63.10 -97.61 2.17
N ALA D 229 62.89 -97.28 3.44
CA ALA D 229 61.76 -96.46 3.85
C ALA D 229 62.19 -94.99 3.99
N LEU D 230 61.22 -94.10 3.86
CA LEU D 230 61.46 -92.66 3.93
C LEU D 230 60.97 -92.15 5.29
N GLU D 231 61.87 -91.54 6.05
CA GLU D 231 61.52 -91.01 7.36
C GLU D 231 60.91 -89.63 7.21
N PRO D 232 59.80 -89.32 7.88
CA PRO D 232 59.21 -87.98 7.80
C PRO D 232 60.12 -86.91 8.38
N LEU D 233 60.16 -85.74 7.72
CA LEU D 233 61.00 -84.64 8.17
C LEU D 233 60.19 -83.44 8.63
N VAL D 234 59.31 -82.92 7.78
CA VAL D 234 58.52 -81.73 8.11
C VAL D 234 57.09 -81.91 7.64
N ASP D 235 56.14 -81.59 8.51
CA ASP D 235 54.71 -81.64 8.18
C ASP D 235 54.15 -80.23 8.24
N LEU D 236 54.11 -79.57 7.09
CA LEU D 236 53.65 -78.19 7.02
C LEU D 236 52.15 -78.13 7.25
N PRO D 237 51.69 -77.45 8.31
CA PRO D 237 50.24 -77.34 8.60
C PRO D 237 49.55 -76.24 7.81
N ILE D 238 49.67 -76.30 6.48
CA ILE D 238 49.07 -75.30 5.59
C ILE D 238 48.01 -76.01 4.75
N GLY D 239 46.83 -75.40 4.66
CA GLY D 239 45.76 -75.96 3.86
C GLY D 239 45.73 -75.29 2.49
N ILE D 240 45.91 -76.10 1.43
CA ILE D 240 45.91 -75.58 0.06
C ILE D 240 45.59 -76.72 -0.89
N ASN D 241 44.76 -76.43 -1.90
CA ASN D 241 44.34 -77.42 -2.88
C ASN D 241 45.36 -77.43 -4.01
N ILE D 242 46.42 -78.21 -3.84
CA ILE D 242 47.47 -78.30 -4.84
C ILE D 242 47.14 -79.41 -5.83
N THR D 243 47.12 -79.08 -7.12
CA THR D 243 46.85 -80.05 -8.18
C THR D 243 47.89 -79.98 -9.29
N ARG D 244 49.07 -79.45 -8.98
CA ARG D 244 50.13 -79.31 -9.98
C ARG D 244 51.48 -79.10 -9.31
N PHE D 245 52.54 -79.66 -9.87
CA PHE D 245 53.88 -79.51 -9.32
C PHE D 245 54.88 -79.45 -10.47
N GLN D 246 56.08 -78.95 -10.17
CA GLN D 246 57.15 -78.84 -11.15
C GLN D 246 58.50 -78.68 -10.46
N THR D 247 59.50 -79.44 -10.92
CA THR D 247 60.82 -79.38 -10.31
C THR D 247 61.54 -78.11 -10.73
N LEU D 248 62.66 -77.84 -10.06
CA LEU D 248 63.50 -76.68 -10.32
C LEU D 248 64.93 -77.12 -10.55
N LEU D 249 65.58 -76.52 -11.53
CA LEU D 249 66.97 -76.81 -11.87
C LEU D 249 67.79 -75.53 -11.87
N ALA D 250 69.07 -75.65 -11.56
CA ALA D 250 69.98 -74.52 -11.53
C ALA D 250 70.89 -74.53 -12.75
N LEU D 251 71.60 -73.41 -12.94
CA LEU D 251 72.53 -73.23 -14.05
C LEU D 251 73.84 -72.67 -13.48
N HIS D 252 74.88 -73.50 -13.53
CA HIS D 252 76.21 -73.13 -13.05
C HIS D 252 76.18 -72.68 -11.59
N ALA D 269 72.45 -85.99 -16.88
CA ALA D 269 72.85 -85.53 -15.56
C ALA D 269 71.64 -85.09 -14.75
N ALA D 270 70.75 -84.34 -15.39
CA ALA D 270 69.56 -83.83 -14.70
C ALA D 270 68.44 -84.86 -14.71
N ALA D 271 68.70 -86.02 -14.11
CA ALA D 271 67.69 -87.07 -14.05
C ALA D 271 66.86 -86.93 -12.78
N TYR D 272 65.54 -87.04 -12.95
CA TYR D 272 64.62 -86.97 -11.81
C TYR D 272 63.39 -87.81 -12.14
N TYR D 273 63.04 -88.76 -11.27
CA TYR D 273 61.92 -89.70 -11.55
C TYR D 273 60.64 -89.14 -10.92
N VAL D 274 59.50 -89.37 -11.58
CA VAL D 274 58.19 -88.84 -11.06
C VAL D 274 57.13 -89.95 -11.10
N GLY D 275 56.81 -90.53 -9.94
CA GLY D 275 55.80 -91.60 -9.86
C GLY D 275 54.47 -91.06 -9.37
N TYR D 276 53.50 -91.94 -9.10
CA TYR D 276 52.14 -91.49 -8.67
C TYR D 276 51.60 -92.40 -7.57
N LEU D 277 51.21 -91.82 -6.43
CA LEU D 277 50.74 -92.63 -5.27
C LEU D 277 49.29 -93.09 -5.49
N GLN D 278 48.95 -94.30 -5.04
CA GLN D 278 47.59 -94.85 -5.22
C GLN D 278 47.10 -95.41 -3.89
N PRO D 279 45.77 -95.38 -3.58
CA PRO D 279 45.25 -95.99 -2.35
C PRO D 279 45.39 -97.52 -2.37
N ARG D 280 46.50 -98.05 -1.85
CA ARG D 280 46.74 -99.48 -1.89
C ARG D 280 46.88 -100.00 -0.47
N THR D 281 46.89 -101.33 -0.34
CA THR D 281 47.01 -102.00 0.94
C THR D 281 48.38 -102.68 1.02
N PHE D 282 49.15 -102.35 2.04
CA PHE D 282 50.47 -102.92 2.24
C PHE D 282 50.58 -103.57 3.62
N LEU D 283 51.51 -104.51 3.72
CA LEU D 283 51.78 -105.23 4.97
C LEU D 283 53.21 -104.91 5.39
N LEU D 284 53.37 -103.90 6.24
CA LEU D 284 54.68 -103.45 6.67
C LEU D 284 55.23 -104.35 7.77
N LYS D 285 56.49 -104.75 7.61
CA LYS D 285 57.19 -105.55 8.59
C LYS D 285 58.11 -104.67 9.41
N TYR D 286 57.90 -104.65 10.72
CA TYR D 286 58.67 -103.81 11.64
C TYR D 286 59.71 -104.67 12.35
N ASN D 287 60.95 -104.20 12.38
CA ASN D 287 62.02 -104.93 13.05
C ASN D 287 61.94 -104.71 14.56
N GLU D 288 62.89 -105.31 15.27
CA GLU D 288 62.91 -105.20 16.73
C GLU D 288 63.21 -103.78 17.18
N ASN D 289 63.95 -103.02 16.37
CA ASN D 289 64.30 -101.66 16.72
C ASN D 289 63.33 -100.62 16.17
N GLY D 290 62.34 -101.04 15.36
CA GLY D 290 61.33 -100.15 14.86
C GLY D 290 61.49 -99.70 13.42
N THR D 291 62.40 -100.31 12.66
CA THR D 291 62.60 -99.96 11.26
C THR D 291 61.86 -100.93 10.36
N ILE D 292 61.29 -100.41 9.28
CA ILE D 292 60.55 -101.24 8.34
C ILE D 292 61.54 -101.95 7.42
N THR D 293 61.47 -103.27 7.39
CA THR D 293 62.40 -104.08 6.60
C THR D 293 61.83 -104.51 5.25
N ASP D 294 60.52 -104.73 5.16
CA ASP D 294 59.92 -105.17 3.91
C ASP D 294 58.43 -104.84 3.96
N ALA D 295 57.80 -104.87 2.79
CA ALA D 295 56.37 -104.64 2.67
C ALA D 295 55.81 -105.58 1.60
N VAL D 296 54.49 -105.69 1.57
CA VAL D 296 53.81 -106.59 0.65
C VAL D 296 52.62 -105.88 0.01
N ASP D 297 52.69 -105.67 -1.31
CA ASP D 297 51.58 -105.07 -2.03
C ASP D 297 50.50 -106.13 -2.28
N CYS D 298 49.40 -106.03 -1.54
CA CYS D 298 48.40 -107.10 -1.56
C CYS D 298 47.71 -107.20 -2.91
N ALA D 299 47.62 -106.09 -3.67
CA ALA D 299 46.94 -106.07 -4.95
C ALA D 299 47.91 -106.20 -6.12
N LEU D 300 49.09 -106.78 -5.89
CA LEU D 300 50.07 -106.97 -6.96
C LEU D 300 49.94 -108.35 -7.57
N ASP D 301 50.10 -109.39 -6.77
CA ASP D 301 50.02 -110.78 -7.21
C ASP D 301 49.21 -111.61 -6.23
N PRO D 302 48.68 -112.76 -6.67
CA PRO D 302 47.89 -113.60 -5.74
C PRO D 302 48.68 -114.09 -4.54
N LEU D 303 49.99 -114.34 -4.70
CA LEU D 303 50.80 -114.75 -3.56
C LEU D 303 50.88 -113.66 -2.51
N SER D 304 51.04 -112.40 -2.92
CA SER D 304 51.04 -111.29 -1.97
C SER D 304 49.68 -111.15 -1.31
N GLU D 305 48.60 -111.42 -2.04
CA GLU D 305 47.27 -111.37 -1.43
C GLU D 305 47.09 -112.46 -0.40
N THR D 306 47.64 -113.65 -0.66
CA THR D 306 47.62 -114.71 0.36
C THR D 306 48.45 -114.32 1.57
N LYS D 307 49.60 -113.69 1.34
CA LYS D 307 50.42 -113.23 2.45
C LYS D 307 49.68 -112.20 3.30
N CYS D 308 48.92 -111.31 2.66
CA CYS D 308 48.16 -110.31 3.39
C CYS D 308 46.97 -110.94 4.12
N THR D 309 46.35 -111.95 3.52
CA THR D 309 45.22 -112.61 4.15
C THR D 309 45.63 -113.30 5.44
N LEU D 310 46.67 -114.12 5.38
CA LEU D 310 47.19 -114.80 6.58
C LEU D 310 47.98 -113.87 7.48
N LYS D 311 48.27 -112.66 7.03
CA LYS D 311 49.03 -111.68 7.80
C LYS D 311 50.39 -112.24 8.21
N SER D 312 51.11 -112.76 7.21
CA SER D 312 52.43 -113.33 7.44
C SER D 312 53.19 -113.36 6.12
N PHE D 313 54.51 -113.26 6.20
CA PHE D 313 55.37 -113.29 5.03
C PHE D 313 55.64 -114.71 4.53
N THR D 314 55.40 -115.72 5.36
CA THR D 314 55.62 -117.11 4.99
C THR D 314 54.28 -117.83 4.95
N VAL D 315 53.85 -118.24 3.76
CA VAL D 315 52.60 -118.95 3.57
C VAL D 315 52.88 -120.44 3.55
N GLU D 316 52.07 -121.20 4.27
CA GLU D 316 52.23 -122.65 4.36
C GLU D 316 51.63 -123.30 3.11
N LYS D 317 51.58 -124.64 3.10
CA LYS D 317 51.07 -125.39 1.97
C LYS D 317 49.59 -125.67 2.20
N GLY D 318 48.75 -125.13 1.33
CA GLY D 318 47.32 -125.35 1.44
C GLY D 318 46.55 -124.38 0.57
N ILE D 319 45.23 -124.47 0.67
CA ILE D 319 44.32 -123.62 -0.07
C ILE D 319 43.79 -122.55 0.86
N TYR D 320 43.90 -121.29 0.46
CA TYR D 320 43.48 -120.15 1.26
C TYR D 320 42.66 -119.20 0.40
N GLN D 321 41.47 -118.85 0.87
CA GLN D 321 40.64 -117.90 0.15
C GLN D 321 41.09 -116.48 0.46
N THR D 322 41.11 -115.64 -0.58
CA THR D 322 41.57 -114.27 -0.46
C THR D 322 40.49 -113.23 -0.74
N SER D 323 39.75 -113.38 -1.84
CA SER D 323 38.73 -112.41 -2.21
C SER D 323 37.57 -113.09 -2.93
N ASN D 324 36.72 -112.28 -3.58
CA ASN D 324 35.56 -112.81 -4.28
C ASN D 324 35.54 -112.22 -5.68
N PHE D 325 35.53 -113.09 -6.69
CA PHE D 325 35.46 -112.66 -8.08
C PHE D 325 34.11 -112.05 -8.37
N ARG D 326 34.09 -110.97 -9.17
CA ARG D 326 32.81 -110.34 -9.57
C ARG D 326 32.96 -109.72 -10.97
N VAL D 327 32.09 -110.07 -11.90
CA VAL D 327 32.12 -109.42 -13.26
C VAL D 327 31.40 -108.07 -13.14
N GLN D 328 32.01 -107.00 -13.67
CA GLN D 328 31.42 -105.65 -13.52
C GLN D 328 30.48 -105.34 -14.68
N PRO D 329 29.22 -104.93 -14.41
CA PRO D 329 28.26 -104.57 -15.47
C PRO D 329 28.61 -103.24 -16.15
N THR D 330 28.08 -102.99 -17.35
CA THR D 330 28.45 -101.75 -18.10
C THR D 330 27.21 -101.02 -18.62
N GLU D 331 26.68 -101.41 -19.79
CA GLU D 331 25.54 -100.69 -20.41
C GLU D 331 24.36 -100.59 -19.44
N SER D 332 23.85 -99.37 -19.22
CA SER D 332 22.64 -99.22 -18.36
C SER D 332 21.41 -99.12 -19.25
N ILE D 333 20.77 -100.26 -19.55
CA ILE D 333 19.57 -100.27 -20.44
C ILE D 333 18.39 -99.66 -19.71
N VAL D 334 18.14 -98.36 -19.90
CA VAL D 334 16.93 -97.72 -19.29
C VAL D 334 15.77 -97.97 -20.25
N ARG D 335 15.29 -99.21 -20.32
CA ARG D 335 14.23 -99.54 -21.32
C ARG D 335 12.87 -99.03 -20.85
N PHE D 336 12.28 -98.12 -21.61
CA PHE D 336 10.96 -97.54 -21.27
C PHE D 336 10.02 -97.74 -22.47
N PRO D 337 8.67 -97.73 -22.30
CA PRO D 337 7.75 -97.97 -23.42
C PRO D 337 7.64 -96.86 -24.47
N ASN D 338 6.67 -96.98 -25.39
CA ASN D 338 6.45 -95.97 -26.41
C ASN D 338 6.12 -94.62 -25.79
N ILE D 339 6.36 -93.55 -26.54
CA ILE D 339 5.92 -92.22 -26.15
C ILE D 339 4.96 -91.71 -27.22
N THR D 340 3.66 -91.93 -27.02
CA THR D 340 2.67 -91.60 -28.04
C THR D 340 1.58 -90.68 -27.50
N ASN D 341 1.26 -90.81 -26.21
CA ASN D 341 0.18 -90.03 -25.60
C ASN D 341 0.73 -88.68 -25.13
N LEU D 342 1.18 -87.89 -26.10
CA LEU D 342 1.72 -86.57 -25.79
C LEU D 342 0.61 -85.61 -25.38
N CYS D 343 0.98 -84.62 -24.57
CA CYS D 343 0.02 -83.63 -24.13
C CYS D 343 -0.37 -82.72 -25.29
N PRO D 344 -1.61 -82.23 -25.33
CA PRO D 344 -2.02 -81.34 -26.42
C PRO D 344 -1.34 -79.98 -26.34
N PHE D 345 -0.42 -79.73 -27.27
CA PHE D 345 0.29 -78.46 -27.33
C PHE D 345 0.21 -77.77 -28.69
N HIS D 346 -0.30 -78.45 -29.72
CA HIS D 346 -0.39 -77.89 -31.06
C HIS D 346 -1.54 -76.91 -31.22
N GLU D 347 -2.47 -76.87 -30.27
CA GLU D 347 -3.60 -75.93 -30.32
C GLU D 347 -3.65 -74.95 -29.17
N VAL D 348 -2.74 -75.04 -28.20
CA VAL D 348 -2.74 -74.08 -27.10
C VAL D 348 -1.85 -72.88 -27.44
N PHE D 349 -0.67 -73.14 -28.01
CA PHE D 349 0.26 -72.08 -28.36
C PHE D 349 0.06 -71.53 -29.76
N ASN D 350 -0.63 -72.26 -30.64
CA ASN D 350 -0.84 -71.85 -32.02
C ASN D 350 -2.32 -71.92 -32.37
N ALA D 351 -3.16 -71.38 -31.50
CA ALA D 351 -4.60 -71.35 -31.72
C ALA D 351 -4.96 -70.22 -32.69
N THR D 352 -6.26 -70.07 -32.93
CA THR D 352 -6.75 -69.06 -33.85
C THR D 352 -6.97 -67.71 -33.17
N THR D 353 -7.83 -67.66 -32.15
CA THR D 353 -8.16 -66.42 -31.46
C THR D 353 -8.14 -66.67 -29.97
N PHE D 354 -7.32 -65.90 -29.25
CA PHE D 354 -7.26 -65.99 -27.80
C PHE D 354 -8.33 -65.09 -27.18
N ALA D 355 -8.44 -65.15 -25.86
CA ALA D 355 -9.38 -64.31 -25.11
C ALA D 355 -8.69 -63.01 -24.74
N SER D 356 -9.33 -62.22 -23.88
CA SER D 356 -8.78 -60.94 -23.44
C SER D 356 -7.89 -61.18 -22.23
N VAL D 357 -7.46 -60.10 -21.57
CA VAL D 357 -6.57 -60.21 -20.43
C VAL D 357 -7.31 -60.40 -19.11
N TYR D 358 -8.58 -59.99 -19.04
CA TYR D 358 -9.34 -60.18 -17.81
C TYR D 358 -9.80 -61.61 -17.65
N ALA D 359 -10.10 -62.29 -18.76
CA ALA D 359 -10.47 -63.70 -18.73
C ALA D 359 -9.22 -64.56 -18.82
N TRP D 360 -9.36 -65.82 -18.40
CA TRP D 360 -8.24 -66.76 -18.40
C TRP D 360 -8.35 -67.81 -19.49
N ASN D 361 -9.49 -68.48 -19.62
CA ASN D 361 -9.66 -69.61 -20.54
C ASN D 361 -8.57 -70.66 -20.28
N ARG D 362 -8.22 -70.83 -19.01
CA ARG D 362 -7.11 -71.68 -18.61
C ARG D 362 -7.51 -73.15 -18.79
N LYS D 363 -6.94 -73.79 -19.81
CA LYS D 363 -7.24 -75.19 -20.13
C LYS D 363 -6.25 -76.07 -19.39
N ARG D 364 -6.76 -76.85 -18.43
CA ARG D 364 -5.91 -77.76 -17.67
C ARG D 364 -5.52 -78.95 -18.54
N ILE D 365 -4.24 -79.32 -18.49
CA ILE D 365 -3.70 -80.43 -19.25
C ILE D 365 -3.14 -81.46 -18.28
N SER D 366 -3.56 -82.71 -18.44
CA SER D 366 -3.10 -83.80 -17.58
C SER D 366 -3.39 -85.12 -18.28
N ASN D 367 -3.16 -86.21 -17.55
CA ASN D 367 -3.41 -87.58 -18.02
C ASN D 367 -2.56 -87.95 -19.23
N CYS D 368 -1.53 -87.18 -19.53
CA CYS D 368 -0.66 -87.43 -20.66
C CYS D 368 0.76 -87.00 -20.33
N VAL D 369 1.73 -87.55 -21.05
CA VAL D 369 3.12 -87.17 -20.86
C VAL D 369 3.39 -85.87 -21.62
N ALA D 370 4.02 -84.92 -20.93
CA ALA D 370 4.29 -83.61 -21.51
C ALA D 370 5.70 -83.60 -22.10
N ASP D 371 5.80 -83.28 -23.39
CA ASP D 371 7.08 -83.17 -24.08
C ASP D 371 7.38 -81.69 -24.27
N TYR D 372 8.24 -81.15 -23.41
CA TYR D 372 8.58 -79.74 -23.46
C TYR D 372 9.68 -79.48 -24.48
N SER D 373 9.47 -79.94 -25.72
CA SER D 373 10.42 -79.71 -26.80
C SER D 373 9.77 -79.28 -28.10
N VAL D 374 8.45 -79.43 -28.23
CA VAL D 374 7.75 -79.02 -29.46
C VAL D 374 7.30 -77.57 -29.41
N ILE D 375 7.25 -76.96 -28.22
CA ILE D 375 6.84 -75.57 -28.11
C ILE D 375 7.87 -74.64 -28.76
N TYR D 376 9.10 -75.09 -28.90
CA TYR D 376 10.15 -74.31 -29.54
C TYR D 376 10.07 -74.34 -31.05
N ASN D 377 9.09 -75.05 -31.62
CA ASN D 377 8.96 -75.18 -33.07
C ASN D 377 7.58 -74.71 -33.53
N PHE D 378 6.97 -73.77 -32.80
CA PHE D 378 5.67 -73.22 -33.15
C PHE D 378 5.74 -71.78 -33.62
N ALA D 379 6.35 -70.89 -32.84
CA ALA D 379 6.48 -69.48 -33.18
C ALA D 379 7.66 -68.91 -32.43
N PRO D 380 8.38 -67.94 -33.02
CA PRO D 380 9.51 -67.33 -32.31
C PRO D 380 9.08 -66.52 -31.10
N PHE D 381 9.42 -67.00 -29.91
CA PHE D 381 9.04 -66.32 -28.69
C PHE D 381 9.99 -65.16 -28.39
N PHE D 382 9.48 -64.18 -27.65
CA PHE D 382 10.25 -63.02 -27.25
C PHE D 382 10.52 -62.96 -25.75
N ALA D 383 9.88 -63.81 -24.96
CA ALA D 383 10.09 -63.84 -23.52
C ALA D 383 9.84 -65.26 -23.03
N PHE D 384 10.84 -65.85 -22.39
CA PHE D 384 10.78 -67.24 -21.93
C PHE D 384 11.15 -67.33 -20.46
N LYS D 385 10.56 -66.45 -19.64
CA LYS D 385 10.78 -66.50 -18.20
C LYS D 385 10.20 -67.78 -17.62
N CYS D 386 10.90 -68.34 -16.65
CA CYS D 386 10.56 -69.63 -16.03
C CYS D 386 10.65 -69.54 -14.51
N TYR D 387 9.96 -68.55 -13.94
CA TYR D 387 9.91 -68.38 -12.49
C TYR D 387 9.64 -69.69 -11.77
N GLY D 388 10.59 -70.10 -10.95
CA GLY D 388 10.39 -71.28 -10.11
C GLY D 388 11.11 -72.53 -10.57
N VAL D 389 11.15 -72.75 -11.88
CA VAL D 389 11.71 -73.96 -12.46
C VAL D 389 12.77 -73.58 -13.49
N SER D 390 13.33 -74.60 -14.15
CA SER D 390 14.32 -74.39 -15.19
C SER D 390 13.77 -74.83 -16.55
N PRO D 391 14.07 -74.10 -17.62
CA PRO D 391 13.54 -74.49 -18.94
C PRO D 391 14.00 -75.87 -19.38
N THR D 392 15.25 -76.23 -19.10
CA THR D 392 15.76 -77.53 -19.53
C THR D 392 15.34 -78.64 -18.56
N LYS D 393 15.18 -78.31 -17.28
CA LYS D 393 14.86 -79.31 -16.25
C LYS D 393 13.36 -79.36 -15.97
N LEU D 394 12.62 -79.82 -16.98
CA LEU D 394 11.19 -80.07 -16.85
C LEU D 394 10.75 -81.43 -17.35
N ASN D 395 11.57 -82.10 -18.17
CA ASN D 395 11.25 -83.42 -18.68
C ASN D 395 11.65 -84.54 -17.72
N ASP D 396 11.91 -84.20 -16.46
CA ASP D 396 12.33 -85.18 -15.46
C ASP D 396 11.41 -85.22 -14.23
N LEU D 397 10.87 -84.09 -13.81
CA LEU D 397 9.96 -84.08 -12.67
C LEU D 397 8.60 -84.66 -13.07
N CYS D 398 7.85 -85.08 -12.06
CA CYS D 398 6.51 -85.61 -12.25
C CYS D 398 5.52 -84.72 -11.53
N PHE D 399 4.61 -84.12 -12.28
CA PHE D 399 3.61 -83.20 -11.74
C PHE D 399 2.23 -83.85 -11.79
N THR D 400 1.28 -83.23 -11.10
CA THR D 400 -0.06 -83.78 -10.99
C THR D 400 -1.10 -83.01 -11.80
N ASN D 401 -0.94 -81.70 -11.96
CA ASN D 401 -1.90 -80.90 -12.70
C ASN D 401 -1.20 -79.66 -13.25
N VAL D 402 -1.11 -79.57 -14.57
CA VAL D 402 -0.48 -78.45 -15.24
C VAL D 402 -1.58 -77.63 -15.91
N TYR D 403 -1.65 -76.34 -15.59
CA TYR D 403 -2.63 -75.43 -16.15
C TYR D 403 -1.97 -74.52 -17.17
N ALA D 404 -2.77 -74.05 -18.13
CA ALA D 404 -2.26 -73.24 -19.24
C ALA D 404 -3.37 -72.27 -19.67
N ASP D 405 -3.09 -70.98 -19.56
CA ASP D 405 -4.01 -69.92 -19.95
C ASP D 405 -3.42 -69.09 -21.08
N SER D 406 -4.28 -68.41 -21.83
CA SER D 406 -3.86 -67.56 -22.93
C SER D 406 -4.53 -66.20 -22.80
N PHE D 407 -3.79 -65.15 -23.16
CA PHE D 407 -4.30 -63.79 -23.08
C PHE D 407 -3.39 -62.88 -23.90
N VAL D 408 -3.90 -61.68 -24.20
CA VAL D 408 -3.16 -60.66 -24.93
C VAL D 408 -3.05 -59.42 -24.06
N ILE D 409 -1.82 -58.98 -23.81
CA ILE D 409 -1.56 -57.79 -22.99
C ILE D 409 -0.49 -56.95 -23.68
N ARG D 410 -0.32 -55.73 -23.18
CA ARG D 410 0.56 -54.77 -23.82
C ARG D 410 2.02 -55.20 -23.69
N GLY D 411 2.85 -54.66 -24.61
CA GLY D 411 4.25 -55.03 -24.62
C GLY D 411 5.05 -54.32 -23.54
N ASN D 412 4.71 -53.06 -23.24
CA ASN D 412 5.38 -52.33 -22.18
C ASN D 412 5.15 -52.94 -20.81
N GLU D 413 4.08 -53.69 -20.62
CA GLU D 413 3.69 -54.22 -19.31
C GLU D 413 3.94 -55.72 -19.17
N VAL D 414 4.77 -56.31 -20.04
CA VAL D 414 5.08 -57.72 -19.91
C VAL D 414 5.94 -57.99 -18.69
N SER D 415 6.86 -57.06 -18.36
CA SER D 415 7.69 -57.22 -17.18
C SER D 415 6.89 -57.14 -15.90
N GLN D 416 5.65 -56.65 -15.96
CA GLN D 416 4.79 -56.57 -14.79
C GLN D 416 4.10 -57.89 -14.45
N ILE D 417 4.14 -58.86 -15.36
CA ILE D 417 3.57 -60.19 -15.09
C ILE D 417 4.71 -61.03 -14.52
N ALA D 418 4.88 -60.95 -13.20
CA ALA D 418 5.95 -61.67 -12.51
C ALA D 418 5.58 -61.77 -11.04
N PRO D 419 6.06 -62.80 -10.34
CA PRO D 419 5.69 -62.97 -8.92
C PRO D 419 6.16 -61.81 -8.06
N GLY D 420 5.23 -61.22 -7.31
CA GLY D 420 5.54 -60.15 -6.39
C GLY D 420 5.60 -58.78 -7.02
N GLN D 421 5.04 -58.64 -8.22
CA GLN D 421 5.06 -57.37 -8.94
C GLN D 421 3.65 -57.00 -9.36
N THR D 422 3.32 -55.72 -9.17
CA THR D 422 1.99 -55.20 -9.46
C THR D 422 2.01 -54.34 -10.72
N GLY D 423 0.89 -53.71 -10.99
CA GLY D 423 0.76 -52.87 -12.16
C GLY D 423 -0.68 -52.45 -12.37
N ASN D 424 -0.95 -51.97 -13.59
CA ASN D 424 -2.29 -51.51 -13.92
C ASN D 424 -3.27 -52.68 -14.08
N ILE D 425 -2.82 -53.76 -14.72
CA ILE D 425 -3.66 -54.92 -14.95
C ILE D 425 -3.27 -56.08 -14.03
N ALA D 426 -2.61 -55.79 -12.91
CA ALA D 426 -2.11 -56.84 -12.04
C ALA D 426 -2.87 -56.99 -10.73
N ASP D 427 -3.76 -56.05 -10.39
CA ASP D 427 -4.53 -56.12 -9.16
C ASP D 427 -6.00 -56.47 -9.37
N TYR D 428 -6.49 -56.52 -10.61
CA TYR D 428 -7.90 -56.72 -10.88
C TYR D 428 -8.19 -57.84 -11.87
N ASN D 429 -7.23 -58.22 -12.71
CA ASN D 429 -7.50 -59.13 -13.82
C ASN D 429 -6.61 -60.37 -13.80
N TYR D 430 -5.35 -60.23 -13.42
CA TYR D 430 -4.43 -61.36 -13.40
C TYR D 430 -3.31 -61.05 -12.42
N LYS D 431 -3.19 -61.87 -11.37
CA LYS D 431 -2.24 -61.65 -10.29
C LYS D 431 -1.36 -62.89 -10.15
N LEU D 432 -0.05 -62.68 -9.95
CA LEU D 432 0.81 -63.83 -9.67
C LEU D 432 1.24 -63.80 -8.21
N PRO D 433 0.85 -64.81 -7.42
CA PRO D 433 1.25 -64.85 -6.01
C PRO D 433 2.69 -65.30 -5.84
N ASP D 434 3.11 -65.37 -4.56
CA ASP D 434 4.48 -65.71 -4.23
C ASP D 434 4.75 -67.21 -4.32
N ASP D 435 3.73 -68.05 -4.24
CA ASP D 435 3.86 -69.49 -4.42
C ASP D 435 3.61 -69.87 -5.89
N PHE D 436 3.62 -68.86 -6.75
CA PHE D 436 3.45 -69.10 -8.18
C PHE D 436 4.80 -69.38 -8.83
N THR D 437 5.01 -70.63 -9.21
CA THR D 437 6.24 -71.07 -9.86
C THR D 437 5.86 -71.62 -11.24
N GLY D 438 5.82 -70.74 -12.23
CA GLY D 438 5.45 -71.16 -13.57
C GLY D 438 6.12 -70.29 -14.61
N CYS D 439 6.38 -70.90 -15.76
CA CYS D 439 7.04 -70.22 -16.88
C CYS D 439 6.04 -69.32 -17.60
N VAL D 440 6.48 -68.10 -17.89
CA VAL D 440 5.64 -67.10 -18.55
C VAL D 440 6.21 -66.89 -19.94
N ILE D 441 5.57 -67.49 -20.94
CA ILE D 441 6.01 -67.44 -22.33
C ILE D 441 5.23 -66.34 -23.03
N ALA D 442 5.94 -65.42 -23.68
CA ALA D 442 5.34 -64.30 -24.39
C ALA D 442 5.91 -64.22 -25.80
N TRP D 443 5.06 -63.79 -26.74
CA TRP D 443 5.47 -63.61 -28.12
C TRP D 443 4.50 -62.65 -28.81
N ASN D 444 5.05 -61.80 -29.67
CA ASN D 444 4.24 -60.80 -30.35
C ASN D 444 3.36 -61.44 -31.42
N SER D 445 2.18 -60.87 -31.61
CA SER D 445 1.22 -61.32 -32.60
C SER D 445 0.62 -60.13 -33.35
N ASN D 446 1.46 -59.18 -33.73
CA ASN D 446 0.97 -58.00 -34.43
C ASN D 446 0.52 -58.33 -35.85
N LYS D 447 1.06 -59.39 -36.45
CA LYS D 447 0.70 -59.77 -37.80
C LYS D 447 -0.64 -60.49 -37.90
N LEU D 448 -1.30 -60.74 -36.77
CA LEU D 448 -2.59 -61.44 -36.77
C LEU D 448 -3.67 -60.76 -35.95
N ASP D 449 -3.32 -59.84 -35.05
CA ASP D 449 -4.29 -59.18 -34.17
C ASP D 449 -4.12 -57.67 -34.25
N SER D 450 -4.04 -57.14 -35.47
CA SER D 450 -3.91 -55.70 -35.67
C SER D 450 -4.52 -55.37 -37.03
N LYS D 451 -5.74 -54.82 -37.02
CA LYS D 451 -6.43 -54.43 -38.24
C LYS D 451 -6.33 -52.93 -38.45
N PRO D 452 -6.31 -52.47 -39.71
CA PRO D 452 -6.12 -51.03 -39.96
C PRO D 452 -7.19 -50.15 -39.34
N SER D 453 -8.40 -50.65 -39.13
CA SER D 453 -9.47 -49.88 -38.53
C SER D 453 -9.54 -50.04 -37.02
N GLY D 454 -8.61 -50.76 -36.41
CA GLY D 454 -8.59 -50.93 -34.98
C GLY D 454 -9.53 -52.02 -34.49
N ASN D 455 -9.05 -52.84 -33.56
CA ASN D 455 -9.84 -53.93 -32.99
C ASN D 455 -10.11 -53.63 -31.52
N TYR D 456 -11.38 -53.72 -31.11
CA TYR D 456 -11.79 -53.45 -29.74
C TYR D 456 -12.37 -54.69 -29.07
N ASN D 457 -11.91 -55.88 -29.48
CA ASN D 457 -12.42 -57.11 -28.90
C ASN D 457 -11.71 -57.50 -27.61
N TYR D 458 -10.51 -56.99 -27.37
CA TYR D 458 -9.75 -57.30 -26.16
C TYR D 458 -10.00 -56.20 -25.13
N LEU D 459 -10.44 -56.59 -23.94
CA LEU D 459 -10.81 -55.65 -22.90
C LEU D 459 -9.93 -55.85 -21.66
N TYR D 460 -9.76 -54.77 -20.91
CA TYR D 460 -9.03 -54.79 -19.64
C TYR D 460 -9.71 -53.87 -18.64
N ARG D 461 -9.56 -54.19 -17.36
CA ARG D 461 -10.15 -53.41 -16.28
C ARG D 461 -9.14 -52.38 -15.79
N LEU D 462 -9.61 -51.17 -15.50
CA LEU D 462 -8.72 -50.08 -15.11
C LEU D 462 -8.65 -49.91 -13.60
N PHE D 463 -9.76 -50.13 -12.89
CA PHE D 463 -9.76 -50.05 -11.44
C PHE D 463 -11.03 -50.69 -10.89
N ARG D 464 -10.86 -51.53 -9.88
CA ARG D 464 -11.96 -52.20 -9.19
C ARG D 464 -12.27 -51.49 -7.89
N LYS D 465 -13.15 -52.12 -7.10
CA LYS D 465 -13.42 -51.64 -5.75
C LYS D 465 -12.34 -52.04 -4.76
N SER D 466 -11.55 -53.07 -5.08
CA SER D 466 -10.45 -53.50 -4.23
C SER D 466 -9.48 -54.33 -5.06
N LYS D 467 -8.40 -54.77 -4.41
CA LYS D 467 -7.42 -55.64 -5.05
C LYS D 467 -7.91 -57.07 -5.06
N LEU D 468 -7.84 -57.70 -6.22
CA LEU D 468 -8.30 -59.08 -6.37
C LEU D 468 -7.27 -60.04 -5.80
N LYS D 469 -7.75 -61.15 -5.25
CA LYS D 469 -6.88 -62.15 -4.68
C LYS D 469 -6.22 -62.98 -5.77
N PRO D 470 -5.02 -63.50 -5.53
CA PRO D 470 -4.32 -64.29 -6.55
C PRO D 470 -5.02 -65.62 -6.81
N PHE D 471 -4.76 -66.18 -8.00
CA PHE D 471 -5.35 -67.45 -8.44
C PHE D 471 -6.87 -67.38 -8.43
N GLU D 472 -7.39 -66.28 -8.96
CA GLU D 472 -8.83 -66.03 -9.01
C GLU D 472 -9.18 -65.34 -10.31
N ARG D 473 -10.38 -65.63 -10.82
CA ARG D 473 -10.85 -65.10 -12.10
C ARG D 473 -12.27 -64.60 -11.94
N ASP D 474 -12.52 -63.35 -12.29
CA ASP D 474 -13.83 -62.73 -12.17
C ASP D 474 -14.23 -62.11 -13.51
N ILE D 475 -15.41 -62.46 -13.99
CA ILE D 475 -15.95 -61.92 -15.25
C ILE D 475 -17.17 -61.04 -14.98
N SER D 476 -17.23 -60.41 -13.82
CA SER D 476 -18.38 -59.57 -13.49
C SER D 476 -18.37 -58.30 -14.33
N THR D 477 -19.52 -57.97 -14.92
CA THR D 477 -19.69 -56.78 -15.74
C THR D 477 -20.46 -55.68 -15.02
N GLU D 478 -20.27 -55.55 -13.71
CA GLU D 478 -20.96 -54.53 -12.94
C GLU D 478 -20.37 -53.16 -13.25
N ILE D 479 -21.23 -52.22 -13.66
CA ILE D 479 -20.78 -50.89 -14.04
C ILE D 479 -20.24 -50.18 -12.80
N TYR D 480 -19.08 -49.53 -12.95
CA TYR D 480 -18.43 -48.87 -11.83
C TYR D 480 -19.28 -47.70 -11.31
N GLN D 481 -19.33 -47.57 -9.99
CA GLN D 481 -20.17 -46.58 -9.31
C GLN D 481 -19.26 -45.58 -8.62
N ALA D 482 -18.92 -44.49 -9.33
CA ALA D 482 -17.97 -43.50 -8.83
C ALA D 482 -18.66 -42.14 -8.74
N GLY D 483 -18.89 -41.69 -7.52
CA GLY D 483 -19.44 -40.36 -7.32
C GLY D 483 -20.26 -40.31 -6.04
N ASN D 484 -21.01 -39.22 -5.91
CA ASN D 484 -21.92 -39.02 -4.79
C ASN D 484 -23.38 -39.22 -5.16
N LYS D 485 -23.67 -39.51 -6.43
CA LYS D 485 -25.01 -39.81 -6.94
C LYS D 485 -25.08 -41.25 -7.41
N PRO D 486 -26.19 -41.94 -7.12
CA PRO D 486 -26.29 -43.36 -7.51
C PRO D 486 -26.42 -43.50 -9.02
N CYS D 487 -25.81 -44.57 -9.54
CA CYS D 487 -25.88 -44.92 -10.96
C CYS D 487 -26.76 -46.15 -11.10
N ASN D 488 -27.87 -46.03 -11.83
CA ASN D 488 -28.84 -47.11 -11.96
C ASN D 488 -28.54 -47.99 -13.17
N GLY D 489 -27.30 -48.47 -13.27
CA GLY D 489 -26.92 -49.37 -14.34
C GLY D 489 -27.06 -48.80 -15.73
N VAL D 490 -26.86 -47.49 -15.89
CA VAL D 490 -26.98 -46.83 -17.18
C VAL D 490 -25.74 -45.98 -17.41
N ALA D 491 -25.34 -45.85 -18.67
CA ALA D 491 -24.18 -45.03 -19.02
C ALA D 491 -24.57 -43.56 -18.99
N GLY D 492 -24.13 -42.85 -17.95
CA GLY D 492 -24.38 -41.43 -17.83
C GLY D 492 -23.10 -40.63 -17.81
N SER D 493 -23.09 -39.51 -17.09
CA SER D 493 -21.87 -38.71 -17.02
C SER D 493 -20.91 -39.24 -15.97
N ASN D 494 -21.33 -39.27 -14.71
CA ASN D 494 -20.47 -39.68 -13.61
C ASN D 494 -20.36 -41.20 -13.47
N CYS D 495 -21.00 -41.97 -14.34
CA CYS D 495 -20.95 -43.42 -14.30
C CYS D 495 -20.04 -43.91 -15.42
N TYR D 496 -19.09 -44.78 -15.09
CA TYR D 496 -18.09 -45.26 -16.02
C TYR D 496 -18.13 -46.77 -16.13
N SER D 497 -17.82 -47.28 -17.32
CA SER D 497 -17.72 -48.71 -17.51
C SER D 497 -16.39 -49.22 -16.93
N PRO D 498 -16.39 -50.41 -16.34
CA PRO D 498 -15.14 -50.92 -15.74
C PRO D 498 -14.18 -51.49 -16.78
N LEU D 499 -14.71 -51.90 -17.93
CA LEU D 499 -13.90 -52.53 -18.97
C LEU D 499 -13.46 -51.50 -19.99
N GLN D 500 -12.18 -51.52 -20.34
CA GLN D 500 -11.62 -50.66 -21.37
C GLN D 500 -10.95 -51.50 -22.45
N SER D 501 -10.95 -50.99 -23.67
CA SER D 501 -10.41 -51.71 -24.81
C SER D 501 -8.96 -51.30 -25.07
N TYR D 502 -8.22 -52.20 -25.72
CA TYR D 502 -6.83 -51.95 -26.07
C TYR D 502 -6.71 -51.02 -27.29
N GLY D 503 -7.40 -51.34 -28.37
CA GLY D 503 -7.30 -50.57 -29.59
C GLY D 503 -5.98 -50.76 -30.29
N PHE D 504 -5.67 -52.01 -30.65
CA PHE D 504 -4.42 -52.33 -31.33
C PHE D 504 -4.51 -51.96 -32.80
N ARG D 505 -3.51 -51.25 -33.29
CA ARG D 505 -3.42 -50.84 -34.69
C ARG D 505 -2.04 -51.15 -35.24
N PRO D 506 -1.95 -51.51 -36.53
CA PRO D 506 -0.63 -51.79 -37.11
C PRO D 506 0.24 -50.57 -37.26
N THR D 507 -0.33 -49.37 -37.26
CA THR D 507 0.46 -48.15 -37.37
C THR D 507 1.15 -47.76 -36.08
N TYR D 508 0.73 -48.33 -34.94
CA TYR D 508 1.37 -48.04 -33.68
C TYR D 508 2.75 -48.68 -33.61
N GLY D 509 3.68 -48.01 -32.95
CA GLY D 509 5.03 -48.49 -32.84
C GLY D 509 5.15 -49.73 -31.97
N VAL D 510 6.39 -50.19 -31.83
CA VAL D 510 6.67 -51.36 -31.02
C VAL D 510 6.41 -51.04 -29.55
N GLY D 511 5.57 -51.84 -28.90
CA GLY D 511 5.24 -51.62 -27.51
C GLY D 511 3.75 -51.61 -27.24
N HIS D 512 2.98 -51.06 -28.19
CA HIS D 512 1.53 -51.05 -28.10
C HIS D 512 0.90 -52.10 -29.02
N GLN D 513 1.65 -53.16 -29.31
CA GLN D 513 1.21 -54.24 -30.18
C GLN D 513 0.67 -55.40 -29.35
N PRO D 514 -0.14 -56.27 -29.95
CA PRO D 514 -0.64 -57.44 -29.21
C PRO D 514 0.48 -58.42 -28.91
N TYR D 515 0.53 -58.86 -27.65
CA TYR D 515 1.52 -59.83 -27.20
C TYR D 515 0.79 -60.98 -26.53
N ARG D 516 0.70 -62.11 -27.23
CA ARG D 516 0.07 -63.31 -26.68
C ARG D 516 1.02 -63.96 -25.68
N VAL D 517 0.70 -63.83 -24.39
CA VAL D 517 1.52 -64.35 -23.30
C VAL D 517 0.80 -65.56 -22.71
N VAL D 518 1.50 -66.69 -22.66
CA VAL D 518 0.93 -67.94 -22.19
C VAL D 518 1.57 -68.26 -20.85
N VAL D 519 0.77 -68.29 -19.79
CA VAL D 519 1.25 -68.61 -18.45
C VAL D 519 1.11 -70.10 -18.23
N LEU D 520 2.23 -70.81 -18.25
CA LEU D 520 2.29 -72.24 -17.95
C LEU D 520 2.62 -72.40 -16.47
N SER D 521 1.79 -73.14 -15.74
CA SER D 521 1.97 -73.33 -14.32
C SER D 521 2.31 -74.78 -14.00
N PHE D 522 2.86 -74.98 -12.80
CA PHE D 522 3.20 -76.30 -12.30
C PHE D 522 2.63 -76.44 -10.89
N GLU D 523 1.85 -77.49 -10.68
CA GLU D 523 1.20 -77.73 -9.40
C GLU D 523 1.40 -79.18 -8.99
N LEU D 524 1.42 -79.41 -7.68
CA LEU D 524 1.55 -80.75 -7.12
C LEU D 524 0.39 -81.07 -6.18
N ALA D 529 -0.01 -87.85 -9.77
CA ALA D 529 1.02 -87.91 -10.79
C ALA D 529 0.47 -88.42 -12.12
N THR D 530 -0.15 -87.52 -12.88
CA THR D 530 -0.74 -87.87 -14.16
C THR D 530 0.06 -87.37 -15.36
N VAL D 531 0.89 -86.35 -15.19
CA VAL D 531 1.71 -85.80 -16.25
C VAL D 531 3.18 -85.93 -15.85
N CYS D 532 3.97 -86.60 -16.67
CA CYS D 532 5.38 -86.83 -16.41
C CYS D 532 6.20 -86.42 -17.63
N GLY D 533 7.50 -86.71 -17.57
CA GLY D 533 8.40 -86.38 -18.65
C GLY D 533 8.56 -87.51 -19.64
N PRO D 534 9.06 -87.18 -20.84
CA PRO D 534 9.24 -88.22 -21.86
C PRO D 534 10.45 -89.11 -21.58
N LYS D 535 10.25 -90.17 -20.80
CA LYS D 535 11.33 -91.12 -20.52
C LYS D 535 11.80 -91.79 -21.80
N LYS D 536 13.05 -91.51 -22.19
CA LYS D 536 13.61 -92.08 -23.41
C LYS D 536 14.18 -93.47 -23.13
N SER D 537 14.06 -94.36 -24.10
CA SER D 537 14.53 -95.72 -23.98
C SER D 537 15.87 -95.89 -24.69
N THR D 538 16.38 -97.12 -24.68
CA THR D 538 17.65 -97.45 -25.31
C THR D 538 17.46 -98.74 -26.11
N ASN D 539 18.58 -99.30 -26.58
CA ASN D 539 18.57 -100.52 -27.37
C ASN D 539 18.84 -101.72 -26.45
N LEU D 540 18.10 -102.80 -26.69
CA LEU D 540 18.27 -104.02 -25.91
C LEU D 540 19.52 -104.77 -26.37
N VAL D 541 20.47 -104.96 -25.46
CA VAL D 541 21.71 -105.66 -25.76
C VAL D 541 21.48 -107.16 -25.71
N LYS D 542 22.47 -107.93 -26.12
CA LYS D 542 22.39 -109.39 -26.11
C LYS D 542 22.65 -109.93 -24.71
N ASN D 543 22.95 -111.22 -24.61
CA ASN D 543 23.18 -111.86 -23.32
C ASN D 543 24.52 -111.45 -22.73
N LYS D 544 24.51 -110.43 -21.86
CA LYS D 544 25.71 -109.96 -21.20
C LYS D 544 25.32 -109.33 -19.88
N CYS D 545 26.15 -109.53 -18.86
CA CYS D 545 25.90 -108.97 -17.53
C CYS D 545 26.05 -107.46 -17.60
N VAL D 546 24.92 -106.75 -17.63
CA VAL D 546 24.89 -105.30 -17.68
C VAL D 546 23.77 -104.80 -16.78
N ASN D 547 23.65 -103.48 -16.68
CA ASN D 547 22.58 -102.88 -15.91
C ASN D 547 21.30 -102.78 -16.73
N PHE D 548 20.17 -102.82 -16.04
CA PHE D 548 18.86 -102.72 -16.69
C PHE D 548 17.90 -102.01 -15.76
N ASN D 549 16.90 -101.36 -16.36
CA ASN D 549 15.88 -100.63 -15.60
C ASN D 549 14.57 -100.71 -16.40
N PHE D 550 13.74 -101.69 -16.03
CA PHE D 550 12.44 -101.88 -16.68
C PHE D 550 11.35 -101.30 -15.77
N ASN D 551 11.16 -99.99 -15.89
CA ASN D 551 10.14 -99.25 -15.15
C ASN D 551 10.29 -99.46 -13.64
N GLY D 552 11.48 -99.11 -13.13
CA GLY D 552 11.78 -99.20 -11.72
C GLY D 552 12.56 -100.42 -11.31
N LEU D 553 12.52 -101.49 -12.09
CA LEU D 553 13.25 -102.72 -11.77
C LEU D 553 14.73 -102.50 -12.03
N THR D 554 15.46 -102.11 -10.99
CA THR D 554 16.89 -101.85 -11.08
C THR D 554 17.69 -103.02 -10.53
N GLY D 555 18.68 -103.44 -11.28
CA GLY D 555 19.52 -104.55 -10.85
C GLY D 555 20.52 -104.91 -11.92
N THR D 556 21.31 -105.94 -11.63
CA THR D 556 22.33 -106.44 -12.52
C THR D 556 22.06 -107.90 -12.87
N GLY D 557 22.54 -108.30 -14.04
CA GLY D 557 22.34 -109.68 -14.48
C GLY D 557 22.46 -109.76 -15.98
N VAL D 558 22.32 -111.00 -16.47
CA VAL D 558 22.41 -111.31 -17.90
C VAL D 558 21.01 -111.53 -18.43
N LEU D 559 20.67 -110.82 -19.50
CA LEU D 559 19.35 -110.94 -20.12
C LEU D 559 19.44 -111.97 -21.24
N THR D 560 18.82 -113.13 -21.01
CA THR D 560 18.85 -114.24 -21.96
C THR D 560 17.44 -114.57 -22.41
N GLU D 561 17.33 -115.21 -23.57
CA GLU D 561 16.04 -115.61 -24.12
C GLU D 561 15.42 -116.71 -23.30
N SER D 562 14.30 -116.41 -22.63
CA SER D 562 13.60 -117.39 -21.81
C SER D 562 12.59 -118.17 -22.64
N ASN D 563 11.97 -119.15 -22.01
CA ASN D 563 10.96 -119.99 -22.65
C ASN D 563 9.61 -119.93 -21.93
N LYS D 564 9.46 -119.03 -20.95
CA LYS D 564 8.21 -118.93 -20.22
C LYS D 564 7.14 -118.27 -21.09
N LYS D 565 5.89 -118.34 -20.60
CA LYS D 565 4.75 -117.76 -21.30
C LYS D 565 4.00 -116.88 -20.30
N PHE D 566 4.28 -115.57 -20.35
CA PHE D 566 3.65 -114.63 -19.44
C PHE D 566 2.22 -114.33 -19.87
N LEU D 567 1.33 -114.25 -18.88
CA LEU D 567 -0.04 -113.87 -19.17
C LEU D 567 -0.09 -112.40 -19.59
N PRO D 568 -1.07 -112.02 -20.41
CA PRO D 568 -1.05 -110.66 -20.98
C PRO D 568 -1.51 -109.59 -20.00
N PHE D 569 -1.13 -109.72 -18.73
CA PHE D 569 -1.31 -108.63 -17.78
C PHE D 569 -0.12 -108.47 -16.82
N GLN D 570 0.96 -109.23 -17.00
CA GLN D 570 2.12 -109.17 -16.13
C GLN D 570 3.34 -108.72 -16.93
N GLN D 571 4.33 -108.21 -16.22
CA GLN D 571 5.57 -107.75 -16.83
C GLN D 571 6.78 -108.53 -16.33
N PHE D 572 6.95 -108.65 -15.02
CA PHE D 572 8.08 -109.33 -14.41
C PHE D 572 7.59 -110.48 -13.53
N GLY D 573 8.55 -111.22 -12.98
CA GLY D 573 8.24 -112.37 -12.13
C GLY D 573 9.34 -112.69 -11.15
N ARG D 574 8.99 -113.28 -10.02
CA ARG D 574 9.93 -113.62 -8.97
C ARG D 574 10.03 -115.13 -8.80
N ASP D 575 11.13 -115.56 -8.19
CA ASP D 575 11.39 -116.98 -7.94
C ASP D 575 10.85 -117.37 -6.57
N ILE D 576 11.23 -118.55 -6.09
CA ILE D 576 10.75 -119.05 -4.80
C ILE D 576 11.25 -118.24 -3.62
N ALA D 577 12.35 -117.51 -3.77
CA ALA D 577 12.93 -116.72 -2.68
C ALA D 577 12.73 -115.23 -2.89
N ASP D 578 11.68 -114.83 -3.60
CA ASP D 578 11.36 -113.42 -3.86
C ASP D 578 12.53 -112.73 -4.57
N THR D 579 13.01 -113.35 -5.64
CA THR D 579 14.11 -112.82 -6.43
C THR D 579 13.67 -112.66 -7.87
N THR D 580 13.82 -111.46 -8.42
CA THR D 580 13.40 -111.19 -9.78
C THR D 580 14.37 -111.85 -10.76
N ASP D 581 13.88 -112.83 -11.52
CA ASP D 581 14.68 -113.53 -12.51
C ASP D 581 14.00 -113.61 -13.87
N ALA D 582 12.92 -112.86 -14.09
CA ALA D 582 12.23 -112.87 -15.36
C ALA D 582 11.50 -111.54 -15.53
N VAL D 583 11.49 -111.04 -16.76
CA VAL D 583 10.82 -109.77 -17.06
C VAL D 583 10.49 -109.75 -18.54
N ARG D 584 9.46 -108.99 -18.89
CA ARG D 584 9.06 -108.80 -20.29
C ARG D 584 9.32 -107.34 -20.67
N ASP D 585 10.02 -107.15 -21.78
CA ASP D 585 10.34 -105.81 -22.26
C ASP D 585 9.07 -105.07 -22.66
N PRO D 586 8.76 -103.92 -22.06
CA PRO D 586 7.55 -103.19 -22.45
C PRO D 586 7.76 -102.38 -23.72
N GLN D 587 8.39 -102.99 -24.73
CA GLN D 587 8.53 -102.41 -26.05
C GLN D 587 7.97 -103.32 -27.13
N THR D 588 8.35 -104.59 -27.11
CA THR D 588 7.79 -105.62 -27.98
C THR D 588 7.59 -106.86 -27.13
N LEU D 589 6.43 -107.51 -27.27
CA LEU D 589 6.09 -108.67 -26.45
C LEU D 589 7.13 -109.77 -26.61
N GLU D 590 7.92 -110.01 -25.57
CA GLU D 590 8.98 -111.00 -25.60
C GLU D 590 9.46 -111.24 -24.18
N ILE D 591 9.55 -112.50 -23.78
CA ILE D 591 10.02 -112.83 -22.43
C ILE D 591 11.54 -112.73 -22.38
N LEU D 592 12.06 -112.41 -21.20
CA LEU D 592 13.50 -112.25 -21.01
C LEU D 592 13.88 -112.82 -19.64
N ASP D 593 14.79 -113.78 -19.63
CA ASP D 593 15.27 -114.34 -18.38
C ASP D 593 16.36 -113.46 -17.78
N ILE D 594 16.37 -113.39 -16.45
CA ILE D 594 17.33 -112.57 -15.71
C ILE D 594 18.13 -113.53 -14.84
N THR D 595 19.28 -113.96 -15.34
CA THR D 595 20.16 -114.78 -14.52
C THR D 595 21.21 -113.90 -13.83
N PRO D 596 21.57 -114.22 -12.59
CA PRO D 596 22.53 -113.38 -11.86
C PRO D 596 23.87 -113.29 -12.58
N CYS D 597 24.55 -112.17 -12.37
CA CYS D 597 25.86 -111.94 -12.97
C CYS D 597 26.86 -112.96 -12.45
N SER D 598 27.90 -113.20 -13.23
CA SER D 598 28.94 -114.15 -12.85
C SER D 598 29.73 -113.64 -11.65
N PHE D 599 29.66 -114.37 -10.54
CA PHE D 599 30.38 -114.01 -9.33
C PHE D 599 30.87 -115.29 -8.66
N GLY D 600 31.48 -115.14 -7.49
CA GLY D 600 31.99 -116.27 -6.75
C GLY D 600 33.29 -115.99 -6.03
N GLY D 601 33.75 -116.93 -5.21
CA GLY D 601 34.97 -116.77 -4.47
C GLY D 601 36.17 -117.37 -5.18
N VAL D 602 37.35 -116.84 -4.87
CA VAL D 602 38.59 -117.29 -5.48
C VAL D 602 39.41 -118.05 -4.44
N SER D 603 40.25 -118.96 -4.91
CA SER D 603 41.12 -119.75 -4.05
C SER D 603 42.48 -119.88 -4.71
N VAL D 604 43.53 -119.60 -3.95
CA VAL D 604 44.91 -119.66 -4.45
C VAL D 604 45.55 -120.94 -3.92
N ILE D 605 46.03 -121.78 -4.82
CA ILE D 605 46.71 -123.02 -4.46
C ILE D 605 48.19 -122.70 -4.32
N THR D 606 48.65 -122.56 -3.07
CA THR D 606 50.04 -122.22 -2.79
C THR D 606 50.73 -123.42 -2.16
N PRO D 607 51.77 -123.98 -2.79
CA PRO D 607 52.48 -125.12 -2.18
C PRO D 607 53.38 -124.73 -1.02
N GLY D 608 53.46 -123.45 -0.67
CA GLY D 608 54.32 -123.01 0.42
C GLY D 608 55.45 -122.12 -0.05
N THR D 609 55.73 -121.07 0.73
CA THR D 609 56.80 -120.12 0.39
C THR D 609 58.14 -120.59 0.95
N ASN D 610 58.53 -121.82 0.58
CA ASN D 610 59.80 -122.37 1.03
C ASN D 610 60.63 -123.03 -0.06
N THR D 611 60.02 -123.49 -1.15
CA THR D 611 60.77 -124.15 -2.22
C THR D 611 60.46 -123.53 -3.57
N SER D 612 59.33 -122.83 -3.68
CA SER D 612 58.92 -122.20 -4.93
C SER D 612 57.91 -121.11 -4.61
N ASN D 613 57.72 -120.21 -5.56
CA ASN D 613 56.77 -119.11 -5.43
C ASN D 613 55.63 -119.18 -6.43
N GLN D 614 55.56 -120.25 -7.22
CA GLN D 614 54.49 -120.39 -8.21
C GLN D 614 53.20 -120.81 -7.52
N VAL D 615 52.10 -120.13 -7.85
CA VAL D 615 50.80 -120.39 -7.27
C VAL D 615 49.81 -120.67 -8.39
N ALA D 616 48.58 -121.01 -8.00
CA ALA D 616 47.51 -121.28 -8.95
C ALA D 616 46.19 -120.82 -8.37
N VAL D 617 45.45 -120.04 -9.14
CA VAL D 617 44.17 -119.48 -8.70
C VAL D 617 43.05 -120.43 -9.07
N LEU D 618 42.00 -120.43 -8.27
CA LEU D 618 40.82 -121.29 -8.49
C LEU D 618 39.57 -120.43 -8.37
N TYR D 619 38.93 -120.17 -9.50
CA TYR D 619 37.68 -119.40 -9.53
C TYR D 619 36.53 -120.36 -9.31
N GLN D 620 36.05 -120.45 -8.08
CA GLN D 620 35.00 -121.39 -7.72
C GLN D 620 33.65 -120.91 -8.28
N GLY D 621 33.03 -121.74 -9.10
CA GLY D 621 31.71 -121.42 -9.63
C GLY D 621 31.69 -121.07 -11.10
N VAL D 622 32.76 -120.43 -11.59
CA VAL D 622 32.78 -119.99 -12.97
C VAL D 622 33.05 -121.18 -13.90
N ASN D 623 32.75 -120.99 -15.18
CA ASN D 623 32.91 -121.99 -16.22
C ASN D 623 34.09 -121.68 -17.13
N CYS D 624 35.11 -121.01 -16.60
CA CYS D 624 36.32 -120.61 -17.31
C CYS D 624 36.05 -119.64 -18.46
N THR D 625 34.81 -119.19 -18.63
CA THR D 625 34.44 -118.32 -19.73
C THR D 625 34.21 -116.88 -19.33
N GLU D 626 34.29 -116.56 -18.04
CA GLU D 626 34.10 -115.18 -17.57
C GLU D 626 35.36 -114.61 -16.93
N VAL D 627 36.43 -115.38 -16.80
CA VAL D 627 37.65 -114.86 -16.20
C VAL D 627 38.38 -114.00 -17.22
N PRO D 628 38.73 -112.75 -16.89
CA PRO D 628 39.45 -111.85 -17.81
C PRO D 628 40.83 -112.38 -18.21
N SER D 647 49.34 -119.95 -19.40
CA SER D 647 48.54 -120.55 -18.33
C SER D 647 47.94 -121.89 -18.78
N ASN D 648 47.43 -122.65 -17.83
CA ASN D 648 46.82 -123.96 -18.07
C ASN D 648 45.39 -123.91 -17.54
N VAL D 649 44.45 -123.48 -18.38
CA VAL D 649 43.06 -123.39 -17.99
C VAL D 649 42.41 -124.77 -18.10
N PHE D 650 41.82 -125.23 -17.00
CA PHE D 650 41.14 -126.53 -16.97
C PHE D 650 39.86 -126.40 -16.18
N GLN D 651 38.76 -126.86 -16.77
CA GLN D 651 37.44 -126.76 -16.14
C GLN D 651 37.19 -127.98 -15.28
N THR D 652 36.91 -127.75 -14.00
CA THR D 652 36.56 -128.80 -13.05
C THR D 652 35.14 -128.62 -12.56
N ARG D 653 34.65 -129.63 -11.83
CA ARG D 653 33.31 -129.58 -11.26
C ARG D 653 33.23 -128.70 -10.02
N ALA D 654 34.35 -128.16 -9.55
CA ALA D 654 34.36 -127.25 -8.41
C ALA D 654 34.73 -125.83 -8.77
N GLY D 655 35.29 -125.60 -9.96
CA GLY D 655 35.67 -124.27 -10.36
C GLY D 655 36.70 -124.34 -11.48
N CYS D 656 37.19 -123.17 -11.86
CA CYS D 656 38.19 -123.05 -12.91
C CYS D 656 39.57 -122.93 -12.29
N LEU D 657 40.45 -123.89 -12.61
CA LEU D 657 41.81 -123.93 -12.09
C LEU D 657 42.75 -123.42 -13.19
N ILE D 658 43.24 -122.19 -13.02
CA ILE D 658 44.13 -121.56 -13.97
C ILE D 658 45.51 -121.47 -13.32
N GLY D 659 46.46 -122.27 -13.81
CA GLY D 659 47.80 -122.25 -13.28
C GLY D 659 48.41 -123.63 -13.14
N ALA D 660 47.56 -124.66 -13.13
CA ALA D 660 48.01 -126.04 -13.00
C ALA D 660 47.45 -126.87 -14.14
N GLU D 661 48.20 -127.89 -14.54
CA GLU D 661 47.81 -128.80 -15.60
C GLU D 661 47.23 -130.07 -15.02
N TYR D 662 46.26 -130.65 -15.74
CA TYR D 662 45.56 -131.85 -15.30
C TYR D 662 46.26 -133.07 -15.88
N VAL D 663 47.06 -133.73 -15.06
CA VAL D 663 47.76 -134.95 -15.48
C VAL D 663 46.89 -136.16 -15.17
N ASN D 664 46.90 -137.13 -16.08
CA ASN D 664 46.06 -138.33 -15.95
C ASN D 664 46.75 -139.41 -15.13
N ASN D 665 47.12 -139.07 -13.89
CA ASN D 665 47.74 -140.04 -12.98
C ASN D 665 46.98 -140.09 -11.66
N SER D 666 47.52 -140.83 -10.69
CA SER D 666 46.87 -140.97 -9.39
C SER D 666 47.92 -140.93 -8.30
N TYR D 667 47.78 -139.99 -7.37
CA TYR D 667 48.65 -139.86 -6.22
C TYR D 667 47.81 -139.52 -5.00
N GLU D 668 48.48 -139.36 -3.85
CA GLU D 668 47.78 -138.98 -2.63
C GLU D 668 47.38 -137.52 -2.69
N CYS D 669 46.27 -137.20 -2.03
CA CYS D 669 45.74 -135.84 -2.04
C CYS D 669 46.58 -134.96 -1.13
N ASP D 670 47.43 -134.11 -1.73
CA ASP D 670 48.27 -133.20 -0.96
C ASP D 670 47.53 -131.91 -0.63
N ILE D 671 46.95 -131.25 -1.63
CA ILE D 671 46.18 -130.03 -1.42
C ILE D 671 44.74 -130.28 -1.84
N PRO D 672 43.80 -130.35 -0.90
CA PRO D 672 42.40 -130.64 -1.26
C PRO D 672 41.77 -129.46 -1.98
N ILE D 673 41.42 -129.68 -3.24
CA ILE D 673 40.74 -128.65 -4.04
C ILE D 673 39.23 -128.80 -3.98
N GLY D 674 38.74 -130.00 -4.24
CA GLY D 674 37.30 -130.25 -4.22
C GLY D 674 36.83 -131.02 -5.43
N ALA D 675 35.67 -131.67 -5.30
CA ALA D 675 35.06 -132.45 -6.38
C ALA D 675 36.00 -133.54 -6.90
N GLY D 676 36.80 -134.12 -6.01
CA GLY D 676 37.72 -135.18 -6.39
C GLY D 676 39.01 -134.70 -7.01
N ILE D 677 39.30 -133.40 -6.97
CA ILE D 677 40.51 -132.83 -7.56
C ILE D 677 41.47 -132.50 -6.43
N CYS D 678 42.74 -132.85 -6.63
CA CYS D 678 43.79 -132.59 -5.65
C CYS D 678 45.03 -132.10 -6.37
N ALA D 679 45.75 -131.18 -5.72
CA ALA D 679 46.95 -130.57 -6.27
C ALA D 679 48.16 -130.94 -5.45
N SER D 680 49.32 -130.95 -6.10
CA SER D 680 50.58 -131.26 -5.44
C SER D 680 51.72 -130.72 -6.28
N TYR D 681 52.78 -130.29 -5.61
CA TYR D 681 53.97 -129.75 -6.26
C TYR D 681 54.97 -130.89 -6.46
N GLN D 682 55.03 -131.42 -7.68
CA GLN D 682 55.89 -132.56 -7.99
C GLN D 682 56.57 -132.32 -9.32
N THR D 683 57.73 -132.96 -9.50
CA THR D 683 58.52 -132.78 -10.70
C THR D 683 57.80 -133.32 -11.93
N GLN D 684 57.75 -132.52 -12.99
CA GLN D 684 57.09 -132.90 -14.23
C GLN D 684 57.77 -134.10 -14.87
N SER D 696 62.12 -128.91 -14.50
CA SER D 696 61.15 -127.93 -14.03
C SER D 696 60.07 -128.59 -13.19
N GLN D 697 59.69 -127.92 -12.09
CA GLN D 697 58.67 -128.42 -11.18
C GLN D 697 57.56 -127.38 -11.05
N SER D 698 56.32 -127.83 -11.22
CA SER D 698 55.16 -126.95 -11.16
C SER D 698 54.02 -127.68 -10.46
N ILE D 699 52.89 -127.00 -10.33
CA ILE D 699 51.72 -127.57 -9.68
C ILE D 699 50.93 -128.37 -10.71
N ILE D 700 50.55 -129.60 -10.33
CA ILE D 700 49.81 -130.48 -11.21
C ILE D 700 48.44 -130.75 -10.60
N ALA D 701 47.51 -131.19 -11.44
CA ALA D 701 46.16 -131.55 -11.03
C ALA D 701 45.87 -132.98 -11.44
N TYR D 702 45.19 -133.72 -10.56
CA TYR D 702 44.89 -135.12 -10.82
C TYR D 702 43.77 -135.56 -9.88
N THR D 703 43.17 -136.70 -10.21
CA THR D 703 42.16 -137.32 -9.37
C THR D 703 42.86 -138.12 -8.27
N MET D 704 42.49 -137.86 -7.02
CA MET D 704 43.12 -138.53 -5.89
C MET D 704 42.83 -140.02 -5.92
N SER D 705 43.80 -140.81 -5.49
CA SER D 705 43.65 -142.26 -5.41
C SER D 705 43.24 -142.68 -4.01
N LEU D 706 42.45 -143.74 -3.94
CA LEU D 706 41.94 -144.25 -2.67
C LEU D 706 42.85 -145.29 -2.05
N GLY D 707 43.89 -145.72 -2.75
CA GLY D 707 44.83 -146.70 -2.25
C GLY D 707 45.19 -147.68 -3.35
N ALA D 708 45.94 -148.72 -2.97
CA ALA D 708 46.34 -149.74 -3.92
C ALA D 708 45.21 -150.74 -4.13
N GLU D 709 45.13 -151.26 -5.36
CA GLU D 709 44.09 -152.21 -5.73
C GLU D 709 44.59 -153.62 -5.41
N ASN D 710 44.21 -154.13 -4.25
CA ASN D 710 44.58 -155.47 -3.81
C ASN D 710 43.46 -156.45 -4.12
N SER D 711 43.85 -157.67 -4.48
CA SER D 711 42.90 -158.72 -4.84
C SER D 711 43.16 -159.95 -3.96
N VAL D 712 42.37 -160.10 -2.90
CA VAL D 712 42.51 -161.25 -2.02
C VAL D 712 42.00 -162.50 -2.72
N ALA D 713 42.85 -163.52 -2.80
CA ALA D 713 42.46 -164.76 -3.44
C ALA D 713 41.53 -165.57 -2.54
N TYR D 714 40.22 -165.45 -2.79
CA TYR D 714 39.22 -166.13 -1.97
C TYR D 714 38.94 -167.50 -2.57
N SER D 715 39.15 -168.55 -1.77
CA SER D 715 38.86 -169.92 -2.18
C SER D 715 38.15 -170.63 -1.04
N ASN D 716 37.33 -171.63 -1.40
CA ASN D 716 36.59 -172.39 -0.41
C ASN D 716 37.44 -173.41 0.31
N ASN D 717 38.70 -173.60 -0.09
CA ASN D 717 39.60 -174.55 0.57
C ASN D 717 40.99 -173.91 0.72
N SER D 718 41.02 -172.65 1.13
CA SER D 718 42.27 -171.93 1.32
C SER D 718 42.13 -170.96 2.48
N ILE D 719 43.14 -170.93 3.35
CA ILE D 719 43.17 -170.04 4.50
C ILE D 719 44.60 -169.53 4.67
N ALA D 720 44.72 -168.36 5.30
CA ALA D 720 46.00 -167.72 5.55
C ALA D 720 46.18 -167.57 7.06
N ILE D 721 47.04 -168.41 7.63
CA ILE D 721 47.35 -168.36 9.06
C ILE D 721 48.70 -167.67 9.22
N PRO D 722 48.79 -166.61 10.02
CA PRO D 722 50.06 -165.90 10.17
C PRO D 722 51.07 -166.73 10.96
N THR D 723 52.35 -166.46 10.70
CA THR D 723 53.44 -167.15 11.35
C THR D 723 54.29 -166.25 12.25
N ASN D 724 54.42 -164.98 11.91
CA ASN D 724 55.21 -164.02 12.68
C ASN D 724 54.30 -162.87 13.13
N PHE D 725 54.88 -161.96 13.92
CA PHE D 725 54.15 -160.83 14.44
C PHE D 725 55.10 -159.68 14.69
N THR D 726 54.58 -158.45 14.60
CA THR D 726 55.35 -157.23 14.80
C THR D 726 54.58 -156.32 15.74
N ILE D 727 55.10 -156.16 16.97
CA ILE D 727 54.44 -155.30 17.95
C ILE D 727 54.67 -153.85 17.55
N SER D 728 53.58 -153.12 17.31
CA SER D 728 53.65 -151.72 16.91
C SER D 728 52.97 -150.86 17.98
N VAL D 729 53.54 -149.69 18.22
CA VAL D 729 53.02 -148.74 19.20
C VAL D 729 52.64 -147.47 18.46
N THR D 730 51.37 -147.09 18.57
CA THR D 730 50.84 -145.90 17.92
C THR D 730 50.51 -144.84 18.96
N THR D 731 50.26 -143.62 18.47
CA THR D 731 49.93 -142.49 19.33
C THR D 731 48.64 -141.84 18.85
N GLU D 732 47.91 -141.26 19.80
CA GLU D 732 46.65 -140.57 19.52
C GLU D 732 46.56 -139.34 20.39
N ILE D 733 46.30 -138.19 19.78
CA ILE D 733 46.24 -136.91 20.48
C ILE D 733 44.78 -136.61 20.79
N LEU D 734 44.52 -136.22 22.04
CA LEU D 734 43.16 -135.89 22.48
C LEU D 734 43.18 -134.72 23.44
N PRO D 735 42.60 -133.57 23.07
CA PRO D 735 42.55 -132.44 24.00
C PRO D 735 41.65 -132.74 25.18
N VAL D 736 42.10 -132.32 26.36
CA VAL D 736 41.37 -132.52 27.61
C VAL D 736 40.65 -131.24 28.05
N SER D 737 41.38 -130.13 28.14
CA SER D 737 40.82 -128.86 28.58
C SER D 737 41.38 -127.74 27.73
N MET D 738 40.86 -126.53 27.93
CA MET D 738 41.31 -125.36 27.20
C MET D 738 41.69 -124.24 28.17
N THR D 739 41.97 -123.06 27.63
CA THR D 739 42.37 -121.93 28.46
C THR D 739 41.19 -121.39 29.23
N LYS D 740 41.34 -121.26 30.55
CA LYS D 740 40.30 -120.69 31.40
C LYS D 740 40.39 -119.17 31.35
N THR D 741 39.31 -118.53 30.92
CA THR D 741 39.27 -117.09 30.76
C THR D 741 38.03 -116.52 31.44
N SER D 742 38.12 -115.24 31.82
CA SER D 742 37.01 -114.51 32.41
C SER D 742 37.15 -113.04 32.08
N VAL D 743 36.03 -112.40 31.74
CA VAL D 743 36.02 -111.00 31.36
C VAL D 743 35.21 -110.21 32.38
N ASP D 744 35.52 -108.91 32.47
CA ASP D 744 34.82 -108.00 33.36
C ASP D 744 33.78 -107.23 32.53
N CYS D 745 32.51 -107.48 32.82
CA CYS D 745 31.43 -106.84 32.07
C CYS D 745 31.27 -105.36 32.39
N THR D 746 31.97 -104.86 33.42
CA THR D 746 31.94 -103.45 33.76
C THR D 746 33.20 -102.71 33.34
N MET D 747 34.25 -103.41 32.92
CA MET D 747 35.49 -102.79 32.47
C MET D 747 35.69 -102.86 30.97
N TYR D 748 35.44 -104.03 30.36
CA TYR D 748 35.56 -104.15 28.91
C TYR D 748 34.47 -103.36 28.19
N ILE D 749 33.28 -103.29 28.79
CA ILE D 749 32.18 -102.56 28.16
C ILE D 749 32.28 -101.07 28.47
N CYS D 750 32.72 -100.73 29.69
CA CYS D 750 32.88 -99.35 30.13
C CYS D 750 34.34 -99.16 30.54
N GLY D 751 35.12 -98.50 29.69
CA GLY D 751 36.53 -98.27 29.97
C GLY D 751 36.79 -97.00 30.74
N ASP D 752 36.95 -97.11 32.06
CA ASP D 752 37.27 -96.01 32.96
C ASP D 752 36.26 -94.86 32.88
N SER D 753 35.02 -95.14 32.53
CA SER D 753 33.98 -94.13 32.42
C SER D 753 32.93 -94.35 33.49
N THR D 754 32.54 -93.28 34.17
CA THR D 754 31.52 -93.35 35.20
C THR D 754 30.11 -93.15 34.65
N GLU D 755 29.98 -92.45 33.53
CA GLU D 755 28.66 -92.26 32.91
C GLU D 755 28.23 -93.52 32.17
N CYS D 756 29.20 -94.32 31.70
CA CYS D 756 28.87 -95.55 30.99
C CYS D 756 28.28 -96.59 31.93
N SER D 757 28.79 -96.70 33.15
CA SER D 757 28.29 -97.70 34.09
C SER D 757 26.89 -97.35 34.57
N ASN D 758 26.52 -96.07 34.55
CA ASN D 758 25.18 -95.68 34.98
C ASN D 758 24.13 -96.17 34.00
N LEU D 759 24.44 -96.16 32.71
CA LEU D 759 23.52 -96.65 31.69
C LEU D 759 23.69 -98.13 31.38
N LEU D 760 24.82 -98.73 31.78
CA LEU D 760 25.01 -100.16 31.58
C LEU D 760 23.98 -100.97 32.37
N LEU D 761 23.58 -100.49 33.55
CA LEU D 761 22.59 -101.19 34.36
C LEU D 761 21.17 -101.04 33.82
N GLN D 762 20.96 -100.21 32.80
CA GLN D 762 19.64 -100.01 32.23
C GLN D 762 19.27 -101.02 31.16
N TYR D 763 20.23 -101.84 30.70
CA TYR D 763 19.96 -102.82 29.66
C TYR D 763 19.52 -104.17 30.19
N GLY D 764 19.54 -104.37 31.51
CA GLY D 764 19.05 -105.61 32.08
C GLY D 764 20.13 -106.46 32.72
N SER D 765 19.95 -107.78 32.67
CA SER D 765 20.88 -108.73 33.27
C SER D 765 21.90 -109.27 32.28
N PHE D 766 22.27 -108.48 31.26
CA PHE D 766 23.24 -108.92 30.28
C PHE D 766 24.65 -109.02 30.83
N CYS D 767 24.92 -108.42 31.99
CA CYS D 767 26.25 -108.47 32.59
C CYS D 767 26.39 -109.51 33.69
N THR D 768 25.29 -110.11 34.15
CA THR D 768 25.33 -111.10 35.20
C THR D 768 25.28 -112.53 34.70
N GLN D 769 24.68 -112.76 33.52
CA GLN D 769 24.60 -114.12 33.00
C GLN D 769 25.88 -114.55 32.30
N LEU D 770 26.61 -113.61 31.69
CA LEU D 770 27.86 -113.96 31.03
C LEU D 770 28.94 -114.36 32.04
N LYS D 771 28.98 -113.68 33.19
CA LYS D 771 29.93 -114.06 34.24
C LYS D 771 29.62 -115.46 34.78
N ARG D 772 28.35 -115.77 34.97
CA ARG D 772 27.97 -117.12 35.40
C ARG D 772 28.30 -118.15 34.34
N ALA D 773 28.12 -117.80 33.06
CA ALA D 773 28.48 -118.72 31.98
C ALA D 773 29.97 -119.01 31.97
N LEU D 774 30.79 -117.96 32.13
CA LEU D 774 32.24 -118.16 32.21
C LEU D 774 32.65 -118.96 33.43
N THR D 775 32.02 -118.72 34.58
CA THR D 775 32.31 -119.51 35.76
C THR D 775 31.96 -120.98 35.56
N GLY D 776 30.81 -121.25 34.93
CA GLY D 776 30.45 -122.63 34.61
C GLY D 776 31.42 -123.26 33.63
N ILE D 777 31.89 -122.50 32.65
CA ILE D 777 32.89 -123.01 31.71
C ILE D 777 34.16 -123.37 32.44
N ALA D 778 34.60 -122.52 33.38
CA ALA D 778 35.81 -122.81 34.13
C ALA D 778 35.64 -124.05 35.00
N VAL D 779 34.49 -124.17 35.67
CA VAL D 779 34.23 -125.35 36.49
C VAL D 779 34.19 -126.61 35.63
N GLU D 780 33.63 -126.51 34.42
CA GLU D 780 33.59 -127.67 33.52
C GLU D 780 34.99 -128.05 33.06
N GLN D 781 35.82 -127.06 32.73
CA GLN D 781 37.19 -127.35 32.32
C GLN D 781 38.00 -127.96 33.45
N ASP D 782 37.72 -127.55 34.70
CA ASP D 782 38.39 -128.18 35.83
C ASP D 782 37.89 -129.61 36.06
N LYS D 783 36.58 -129.83 35.95
CA LYS D 783 36.03 -131.16 36.11
C LYS D 783 36.52 -132.13 35.05
N ASN D 784 36.75 -131.62 33.82
CA ASN D 784 37.30 -132.48 32.77
C ASN D 784 38.67 -133.01 33.16
N THR D 785 39.59 -132.13 33.58
CA THR D 785 40.90 -132.57 34.03
C THR D 785 40.83 -133.42 35.30
N GLN D 786 39.82 -133.18 36.14
CA GLN D 786 39.68 -134.00 37.35
C GLN D 786 39.20 -135.41 37.02
N GLU D 787 38.36 -135.57 35.99
CA GLU D 787 37.82 -136.88 35.64
C GLU D 787 38.67 -137.63 34.65
N VAL D 788 39.54 -136.96 33.90
CA VAL D 788 40.38 -137.62 32.90
C VAL D 788 41.63 -138.22 33.54
N PHE D 789 42.34 -137.45 34.37
CA PHE D 789 43.58 -137.93 34.95
C PHE D 789 43.39 -138.54 36.33
N ALA D 790 42.62 -137.87 37.20
CA ALA D 790 42.40 -138.37 38.56
C ALA D 790 41.27 -139.41 38.55
N GLN D 791 41.66 -140.64 38.24
CA GLN D 791 40.72 -141.76 38.20
C GLN D 791 41.04 -142.82 39.25
N VAL D 792 42.12 -142.66 40.02
CA VAL D 792 42.49 -143.61 41.05
C VAL D 792 42.72 -142.86 42.35
N LYS D 793 42.58 -143.57 43.47
CA LYS D 793 42.76 -142.98 44.79
C LYS D 793 44.19 -143.13 45.30
N GLN D 794 44.82 -144.27 45.03
CA GLN D 794 46.18 -144.53 45.50
C GLN D 794 47.19 -144.05 44.47
N ILE D 795 48.20 -143.33 44.93
CA ILE D 795 49.27 -142.83 44.07
C ILE D 795 50.39 -143.85 44.13
N TYR D 796 50.45 -144.73 43.14
CA TYR D 796 51.46 -145.77 43.11
C TYR D 796 52.81 -145.22 42.67
N LYS D 797 53.88 -145.85 43.17
CA LYS D 797 55.24 -145.45 42.85
C LYS D 797 56.00 -146.64 42.28
N THR D 798 56.90 -146.36 41.35
CA THR D 798 57.68 -147.41 40.73
C THR D 798 58.70 -147.98 41.72
N PRO D 799 58.97 -149.28 41.66
CA PRO D 799 59.98 -149.88 42.54
C PRO D 799 61.37 -149.34 42.21
N PRO D 800 62.34 -149.51 43.11
CA PRO D 800 63.70 -149.02 42.81
C PRO D 800 64.32 -149.73 41.62
N ILE D 801 64.20 -151.06 41.55
CA ILE D 801 64.70 -151.79 40.39
C ILE D 801 63.80 -151.55 39.20
N LYS D 802 64.37 -151.59 38.00
CA LYS D 802 63.65 -151.34 36.76
C LYS D 802 63.91 -152.44 35.76
N TYR D 803 63.84 -153.69 36.23
CA TYR D 803 64.00 -154.87 35.38
C TYR D 803 62.64 -155.56 35.29
N PHE D 804 61.84 -155.12 34.32
CA PHE D 804 60.49 -155.65 34.13
C PHE D 804 60.49 -156.77 33.09
N GLY D 805 61.29 -157.80 33.36
CA GLY D 805 61.38 -158.94 32.47
C GLY D 805 62.09 -158.69 31.17
N GLY D 806 62.82 -157.58 31.06
CA GLY D 806 63.55 -157.25 29.84
C GLY D 806 62.95 -156.13 29.01
N PHE D 807 61.90 -155.47 29.50
CA PHE D 807 61.25 -154.38 28.78
C PHE D 807 61.77 -153.05 29.33
N ASN D 808 62.28 -152.21 28.43
CA ASN D 808 62.87 -150.93 28.81
C ASN D 808 61.79 -149.85 28.78
N PHE D 809 61.41 -149.36 29.96
CA PHE D 809 60.41 -148.30 30.08
C PHE D 809 61.03 -146.95 30.43
N SER D 810 62.29 -146.75 30.06
CA SER D 810 62.97 -145.51 30.41
C SER D 810 62.42 -144.30 29.65
N GLN D 811 61.68 -144.53 28.56
CA GLN D 811 61.14 -143.42 27.78
C GLN D 811 59.81 -142.92 28.29
N ILE D 812 59.04 -143.76 28.99
CA ILE D 812 57.73 -143.36 29.50
C ILE D 812 57.74 -143.07 31.00
N LEU D 813 58.65 -143.68 31.75
CA LEU D 813 58.72 -143.39 33.18
C LEU D 813 59.32 -142.00 33.41
N PRO D 814 58.91 -141.31 34.47
CA PRO D 814 59.45 -139.98 34.74
C PRO D 814 60.92 -140.04 35.10
N ASP D 815 61.67 -139.04 34.64
CA ASP D 815 63.10 -138.97 34.90
C ASP D 815 63.35 -138.19 36.18
N PRO D 816 63.85 -138.81 37.24
CA PRO D 816 64.07 -138.08 38.50
C PRO D 816 65.28 -137.17 38.47
N SER D 817 66.14 -137.26 37.46
CA SER D 817 67.34 -136.44 37.39
C SER D 817 67.08 -135.09 36.73
N LYS D 818 66.07 -134.39 37.22
CA LYS D 818 65.70 -133.06 36.74
C LYS D 818 64.72 -132.42 37.70
N PRO D 819 64.67 -131.08 37.77
CA PRO D 819 63.74 -130.43 38.71
C PRO D 819 62.28 -130.52 38.31
N SER D 820 61.96 -131.12 37.16
CA SER D 820 60.58 -131.23 36.72
C SER D 820 59.97 -132.60 37.00
N LYS D 821 60.78 -133.66 37.04
CA LYS D 821 60.30 -135.01 37.30
C LYS D 821 59.22 -135.43 36.30
N ARG D 822 59.63 -135.48 35.04
CA ARG D 822 58.72 -135.80 33.95
C ARG D 822 59.41 -136.72 32.96
N SER D 823 58.60 -137.45 32.19
CA SER D 823 59.12 -138.34 31.17
C SER D 823 59.75 -137.54 30.03
N PRO D 824 60.81 -138.07 29.40
CA PRO D 824 61.41 -137.35 28.27
C PRO D 824 60.46 -137.15 27.10
N ILE D 825 59.58 -138.11 26.84
CA ILE D 825 58.57 -137.92 25.80
C ILE D 825 57.63 -136.79 26.19
N GLU D 826 57.23 -136.74 27.46
CA GLU D 826 56.41 -135.63 27.94
C GLU D 826 57.17 -134.31 27.86
N ASP D 827 58.48 -134.33 28.11
CA ASP D 827 59.28 -133.12 27.97
C ASP D 827 59.33 -132.64 26.53
N LEU D 828 59.43 -133.56 25.57
CA LEU D 828 59.41 -133.18 24.16
C LEU D 828 58.03 -132.67 23.76
N LEU D 829 56.97 -133.27 24.28
CA LEU D 829 55.62 -132.81 23.98
C LEU D 829 55.33 -131.44 24.60
N PHE D 830 55.96 -131.13 25.72
CA PHE D 830 55.75 -129.84 26.37
C PHE D 830 56.62 -128.73 25.80
N ASN D 831 57.81 -129.07 25.29
CA ASN D 831 58.71 -128.10 24.68
C ASN D 831 58.40 -127.84 23.22
N LYS D 832 57.26 -128.33 22.72
CA LYS D 832 56.86 -128.10 21.34
C LYS D 832 55.46 -127.50 21.20
N VAL D 833 54.52 -127.84 22.07
CA VAL D 833 53.18 -127.28 22.01
C VAL D 833 53.16 -125.88 22.61
N PHE D 862 45.83 -106.96 27.78
CA PHE D 862 44.55 -107.26 28.42
C PHE D 862 43.95 -105.99 29.01
N ASN D 863 42.63 -105.84 28.86
CA ASN D 863 41.91 -104.67 29.36
C ASN D 863 40.61 -105.10 30.02
N GLY D 864 40.67 -106.19 30.79
CA GLY D 864 39.50 -106.67 31.49
C GLY D 864 39.32 -108.17 31.44
N LEU D 865 39.98 -108.81 30.49
CA LEU D 865 39.91 -110.26 30.34
C LEU D 865 41.13 -110.90 30.98
N THR D 866 40.90 -111.70 32.02
CA THR D 866 41.96 -112.36 32.75
C THR D 866 41.97 -113.86 32.44
N VAL D 867 43.09 -114.50 32.72
CA VAL D 867 43.29 -115.93 32.48
C VAL D 867 43.48 -116.61 33.83
N LEU D 868 42.59 -117.54 34.16
CA LEU D 868 42.71 -118.26 35.41
C LEU D 868 43.56 -119.52 35.22
N PRO D 869 44.50 -119.78 36.14
CA PRO D 869 45.30 -121.00 36.01
C PRO D 869 44.48 -122.22 36.38
N PRO D 870 44.78 -123.38 35.80
CA PRO D 870 44.03 -124.59 36.13
C PRO D 870 44.27 -125.01 37.58
N LEU D 871 43.32 -125.79 38.10
CA LEU D 871 43.42 -126.29 39.47
C LEU D 871 44.58 -127.27 39.61
N LEU D 872 44.62 -128.29 38.75
CA LEU D 872 45.69 -129.27 38.76
C LEU D 872 46.83 -128.77 37.88
N THR D 873 47.99 -128.52 38.49
CA THR D 873 49.14 -128.03 37.76
C THR D 873 49.78 -129.16 36.96
N ASP D 874 50.88 -128.83 36.26
CA ASP D 874 51.56 -129.84 35.46
C ASP D 874 52.22 -130.90 36.33
N GLU D 875 52.66 -130.53 37.53
CA GLU D 875 53.29 -131.51 38.42
C GLU D 875 52.28 -132.55 38.89
N MET D 876 51.05 -132.13 39.20
CA MET D 876 50.03 -133.07 39.64
C MET D 876 49.62 -133.99 38.49
N ILE D 877 49.54 -133.46 37.27
CA ILE D 877 49.23 -134.31 36.12
C ILE D 877 50.35 -135.31 35.87
N ALA D 878 51.60 -134.88 36.03
CA ALA D 878 52.73 -135.80 35.87
C ALA D 878 52.71 -136.90 36.93
N GLN D 879 52.40 -136.53 38.18
CA GLN D 879 52.29 -137.53 39.24
C GLN D 879 51.14 -138.50 38.98
N TYR D 880 50.02 -138.01 38.45
CA TYR D 880 48.91 -138.88 38.11
C TYR D 880 49.28 -139.86 37.00
N THR D 881 49.94 -139.36 35.95
CA THR D 881 50.39 -140.21 34.86
C THR D 881 51.45 -141.21 35.28
N SER D 882 52.28 -140.86 36.27
CA SER D 882 53.25 -141.80 36.80
C SER D 882 52.60 -142.86 37.68
N ALA D 883 51.62 -142.48 38.50
CA ALA D 883 50.89 -143.46 39.31
C ALA D 883 50.10 -144.42 38.44
N LEU D 884 49.45 -143.91 37.39
CA LEU D 884 48.75 -144.80 36.47
C LEU D 884 49.71 -145.72 35.74
N LEU D 885 50.88 -145.22 35.35
CA LEU D 885 51.87 -146.07 34.69
C LEU D 885 52.37 -147.16 35.63
N ALA D 886 52.61 -146.81 36.89
CA ALA D 886 53.05 -147.81 37.86
C ALA D 886 51.97 -148.86 38.11
N GLY D 887 50.70 -148.42 38.21
CA GLY D 887 49.62 -149.37 38.39
C GLY D 887 49.36 -150.24 37.18
N THR D 888 49.68 -149.76 35.98
CA THR D 888 49.52 -150.55 34.77
C THR D 888 50.67 -151.53 34.58
N ILE D 889 51.88 -151.15 35.00
CA ILE D 889 53.02 -152.04 34.83
C ILE D 889 53.09 -153.08 35.94
N THR D 890 53.00 -152.67 37.20
CA THR D 890 53.16 -153.58 38.32
C THR D 890 51.91 -154.41 38.63
N SER D 891 50.73 -153.89 38.33
CA SER D 891 49.48 -154.60 38.64
C SER D 891 48.63 -154.92 37.42
N GLY D 892 48.86 -154.29 36.29
CA GLY D 892 48.06 -154.56 35.09
C GLY D 892 46.73 -153.82 35.11
N TRP D 893 45.64 -154.57 35.29
CA TRP D 893 44.30 -154.00 35.38
C TRP D 893 43.63 -154.24 36.72
N THR D 894 44.33 -154.84 37.69
CA THR D 894 43.73 -155.10 38.99
C THR D 894 43.58 -153.83 39.82
N PHE D 895 44.36 -152.79 39.53
CA PHE D 895 44.26 -151.54 40.29
C PHE D 895 43.11 -150.66 39.83
N GLY D 896 42.49 -150.97 38.69
CA GLY D 896 41.35 -150.24 38.20
C GLY D 896 40.01 -150.84 38.50
N ALA D 897 39.97 -152.01 39.16
CA ALA D 897 38.72 -152.66 39.53
C ALA D 897 38.78 -153.21 40.95
N GLY D 898 39.58 -152.59 41.81
CA GLY D 898 39.73 -153.05 43.17
C GLY D 898 41.11 -152.79 43.72
N PRO D 899 41.58 -153.65 44.62
CA PRO D 899 42.91 -153.45 45.19
C PRO D 899 44.01 -153.81 44.20
N ALA D 900 45.16 -153.17 44.39
CA ALA D 900 46.31 -153.40 43.51
C ALA D 900 46.92 -154.77 43.81
N LEU D 901 46.86 -155.66 42.84
CA LEU D 901 47.41 -157.01 42.97
C LEU D 901 48.72 -157.09 42.21
N GLN D 902 49.80 -157.45 42.91
CA GLN D 902 51.09 -157.57 42.27
C GLN D 902 51.09 -158.73 41.28
N ILE D 903 51.76 -158.53 40.15
CA ILE D 903 51.83 -159.55 39.10
C ILE D 903 53.04 -159.27 38.22
N PRO D 904 53.86 -160.27 37.91
CA PRO D 904 55.01 -160.03 37.02
C PRO D 904 54.57 -159.61 35.63
N PHE D 905 55.36 -158.74 35.02
CA PHE D 905 55.09 -158.24 33.67
C PHE D 905 55.11 -159.37 32.64
N PRO D 906 56.05 -160.32 32.69
CA PRO D 906 55.95 -161.46 31.76
C PRO D 906 54.69 -162.28 31.96
N MET D 907 54.13 -162.30 33.16
CA MET D 907 52.85 -162.97 33.38
C MET D 907 51.66 -162.09 33.05
N GLN D 908 51.81 -160.76 33.16
CA GLN D 908 50.76 -159.86 32.71
C GLN D 908 50.59 -159.91 31.19
N MET D 909 51.69 -159.93 30.46
CA MET D 909 51.63 -160.09 29.01
C MET D 909 51.07 -161.45 28.62
N ALA D 910 51.28 -162.48 29.43
CA ALA D 910 50.71 -163.80 29.13
C ALA D 910 49.19 -163.76 29.20
N TYR D 911 48.64 -163.03 30.18
CA TYR D 911 47.18 -162.89 30.25
C TYR D 911 46.66 -161.94 29.19
N ARG D 912 47.44 -160.92 28.82
CA ARG D 912 47.00 -160.01 27.78
C ARG D 912 47.04 -160.63 26.39
N PHE D 913 47.90 -161.63 26.17
CA PHE D 913 47.94 -162.30 24.88
C PHE D 913 46.76 -163.27 24.71
N ASN D 914 46.29 -163.86 25.80
CA ASN D 914 45.18 -164.80 25.73
C ASN D 914 43.84 -164.12 25.46
N GLY D 915 43.79 -162.80 25.46
CA GLY D 915 42.55 -162.09 25.21
C GLY D 915 42.26 -161.88 23.74
N ILE D 916 43.29 -162.01 22.90
CA ILE D 916 43.16 -161.82 21.47
C ILE D 916 43.16 -163.15 20.71
N GLY D 917 43.33 -164.27 21.40
CA GLY D 917 43.33 -165.59 20.80
C GLY D 917 44.67 -166.28 20.82
N VAL D 918 45.76 -165.53 20.91
CA VAL D 918 47.10 -166.12 20.91
C VAL D 918 47.37 -166.77 22.26
N THR D 919 47.90 -167.98 22.24
CA THR D 919 48.23 -168.68 23.46
C THR D 919 49.44 -168.02 24.14
N GLN D 920 49.62 -168.34 25.43
CA GLN D 920 50.68 -167.76 26.22
C GLN D 920 52.05 -168.37 25.93
N ASN D 921 52.10 -169.57 25.33
CA ASN D 921 53.37 -170.22 25.05
C ASN D 921 54.22 -169.43 24.05
N VAL D 922 53.59 -168.75 23.09
CA VAL D 922 54.33 -167.93 22.15
C VAL D 922 55.12 -166.85 22.87
N LEU D 923 54.55 -166.28 23.93
CA LEU D 923 55.29 -165.30 24.73
C LEU D 923 56.46 -165.95 25.45
N TYR D 924 56.23 -167.10 26.10
CA TYR D 924 57.31 -167.76 26.82
C TYR D 924 58.36 -168.30 25.87
N GLU D 925 58.10 -168.28 24.56
CA GLU D 925 59.09 -168.70 23.58
C GLU D 925 59.80 -167.53 22.91
N ASN D 926 59.14 -166.38 22.73
CA ASN D 926 59.72 -165.25 22.02
C ASN D 926 59.64 -163.97 22.84
N GLN D 927 59.80 -164.10 24.17
CA GLN D 927 59.85 -162.92 25.02
C GLN D 927 60.97 -161.97 24.62
N LYS D 928 62.13 -162.51 24.24
CA LYS D 928 63.24 -161.65 23.84
C LYS D 928 62.89 -160.84 22.60
N LEU D 929 62.33 -161.50 21.57
CA LEU D 929 61.95 -160.78 20.36
C LEU D 929 60.85 -159.77 20.64
N ILE D 930 59.89 -160.12 21.49
CA ILE D 930 58.81 -159.19 21.81
C ILE D 930 59.35 -157.97 22.54
N ALA D 931 60.28 -158.17 23.49
CA ALA D 931 60.87 -157.04 24.20
C ALA D 931 61.70 -156.17 23.26
N ASN D 932 62.45 -156.79 22.36
CA ASN D 932 63.22 -156.01 21.39
C ASN D 932 62.32 -155.18 20.49
N GLN D 933 61.24 -155.78 19.99
CA GLN D 933 60.30 -155.04 19.15
C GLN D 933 59.61 -153.92 19.91
N PHE D 934 59.25 -154.17 21.18
CA PHE D 934 58.63 -153.13 21.99
C PHE D 934 59.58 -151.97 22.23
N ASN D 935 60.85 -152.27 22.54
CA ASN D 935 61.83 -151.21 22.72
C ASN D 935 62.06 -150.43 21.45
N SER D 936 62.16 -151.12 20.30
CA SER D 936 62.35 -150.44 19.03
C SER D 936 61.14 -149.59 18.65
N ALA D 937 59.93 -150.01 19.03
CA ALA D 937 58.74 -149.21 18.73
C ALA D 937 58.62 -148.01 19.66
N ILE D 938 59.01 -148.17 20.92
CA ILE D 938 58.97 -147.04 21.84
C ILE D 938 60.05 -146.01 21.50
N GLY D 939 61.21 -146.47 21.04
CA GLY D 939 62.27 -145.54 20.69
C GLY D 939 61.92 -144.66 19.51
N LYS D 940 61.09 -145.18 18.59
CA LYS D 940 60.71 -144.41 17.41
C LYS D 940 59.58 -143.42 17.68
N ILE D 941 58.90 -143.54 18.83
CA ILE D 941 57.82 -142.61 19.13
C ILE D 941 58.35 -141.19 19.28
N GLN D 942 59.47 -141.03 20.00
CA GLN D 942 60.07 -139.70 20.16
C GLN D 942 60.53 -139.14 18.82
N ASP D 943 61.13 -139.97 17.96
CA ASP D 943 61.57 -139.49 16.66
C ASP D 943 60.39 -139.08 15.79
N SER D 944 59.29 -139.83 15.85
CA SER D 944 58.11 -139.48 15.06
C SER D 944 57.46 -138.20 15.58
N LEU D 945 57.45 -138.01 16.90
CA LEU D 945 56.86 -136.80 17.46
C LEU D 945 57.75 -135.58 17.29
N SER D 946 59.05 -135.76 17.12
CA SER D 946 59.96 -134.64 16.94
C SER D 946 60.10 -134.25 15.47
N SER D 947 60.17 -135.24 14.57
CA SER D 947 60.38 -134.94 13.16
C SER D 947 59.12 -134.35 12.52
N THR D 948 57.94 -134.82 12.94
CA THR D 948 56.69 -134.35 12.37
C THR D 948 56.11 -133.26 13.26
N PRO D 949 56.12 -131.99 12.83
CA PRO D 949 55.54 -130.93 13.67
C PRO D 949 54.02 -130.91 13.66
N SER D 950 53.38 -131.59 12.72
CA SER D 950 51.92 -131.60 12.62
C SER D 950 51.30 -132.73 13.45
N ALA D 951 52.09 -133.44 14.24
CA ALA D 951 51.54 -134.50 15.08
C ALA D 951 50.77 -133.92 16.27
N LEU D 952 51.20 -132.78 16.77
CA LEU D 952 50.53 -132.09 17.88
C LEU D 952 49.59 -130.99 17.39
N GLY D 953 49.01 -131.16 16.20
CA GLY D 953 48.11 -130.15 15.68
C GLY D 953 46.83 -130.02 16.47
N LYS D 954 46.38 -131.11 17.08
CA LYS D 954 45.15 -131.04 17.89
C LYS D 954 45.37 -130.23 19.16
N LEU D 955 46.59 -130.24 19.71
CA LEU D 955 46.89 -129.42 20.87
C LEU D 955 47.12 -127.96 20.49
N GLN D 956 47.64 -127.71 19.29
CA GLN D 956 47.81 -126.35 18.80
C GLN D 956 46.53 -125.74 18.26
N ASP D 957 45.44 -126.52 18.20
CA ASP D 957 44.16 -126.02 17.73
C ASP D 957 43.28 -125.47 18.84
N VAL D 958 43.43 -125.96 20.07
CA VAL D 958 42.66 -125.46 21.20
C VAL D 958 43.31 -124.27 21.88
N VAL D 959 44.56 -123.94 21.50
CA VAL D 959 45.25 -122.81 22.07
C VAL D 959 45.30 -121.61 21.13
N ASN D 960 45.50 -121.83 19.83
CA ASN D 960 45.53 -120.72 18.88
C ASN D 960 44.15 -120.10 18.70
N HIS D 961 43.10 -120.91 18.81
CA HIS D 961 41.74 -120.39 18.67
C HIS D 961 41.39 -119.43 19.80
N ASN D 962 41.78 -119.78 21.03
CA ASN D 962 41.51 -118.88 22.16
C ASN D 962 42.27 -117.58 22.02
N ALA D 963 43.53 -117.65 21.61
CA ALA D 963 44.31 -116.43 21.40
C ALA D 963 43.73 -115.58 20.29
N GLN D 964 43.29 -116.20 19.19
CA GLN D 964 42.68 -115.44 18.10
C GLN D 964 41.38 -114.79 18.56
N ALA D 965 40.57 -115.51 19.33
CA ALA D 965 39.32 -114.93 19.83
C ALA D 965 39.59 -113.76 20.77
N LEU D 966 40.59 -113.89 21.65
CA LEU D 966 40.92 -112.79 22.54
C LEU D 966 41.44 -111.58 21.75
N ASN D 967 42.30 -111.82 20.76
CA ASN D 967 42.81 -110.71 19.95
C ASN D 967 41.69 -110.02 19.19
N THR D 968 40.74 -110.79 18.65
CA THR D 968 39.61 -110.19 17.96
C THR D 968 38.72 -109.40 18.91
N LEU D 969 38.47 -109.93 20.11
CA LEU D 969 37.65 -109.22 21.08
C LEU D 969 38.32 -107.93 21.53
N VAL D 970 39.66 -107.92 21.62
CA VAL D 970 40.37 -106.71 22.00
C VAL D 970 40.36 -105.70 20.85
N LYS D 971 40.56 -106.18 19.62
CA LYS D 971 40.62 -105.29 18.47
C LYS D 971 39.25 -104.69 18.12
N GLN D 972 38.16 -105.39 18.44
CA GLN D 972 36.83 -104.91 18.11
C GLN D 972 36.43 -103.67 18.91
N LEU D 973 37.20 -103.29 19.93
CA LEU D 973 36.91 -102.08 20.67
C LEU D 973 37.15 -100.83 19.81
N SER D 974 38.21 -100.85 18.99
CA SER D 974 38.53 -99.73 18.11
C SER D 974 37.70 -99.81 16.83
N SER D 975 36.39 -99.79 17.01
CA SER D 975 35.46 -99.86 15.89
C SER D 975 34.21 -99.06 16.24
N LYS D 976 33.84 -98.11 15.39
CA LYS D 976 32.69 -97.26 15.63
C LYS D 976 31.40 -98.04 15.35
N PHE D 977 30.55 -98.13 16.37
CA PHE D 977 29.25 -98.79 16.25
C PHE D 977 28.13 -97.79 15.97
N GLY D 978 28.46 -96.65 15.39
CA GLY D 978 27.47 -95.61 15.12
C GLY D 978 27.79 -94.30 15.79
N ALA D 979 29.07 -94.10 16.11
CA ALA D 979 29.55 -92.89 16.77
C ALA D 979 30.60 -92.22 15.90
N ILE D 980 31.02 -91.04 16.35
CA ILE D 980 32.03 -90.29 15.60
C ILE D 980 33.41 -90.89 15.79
N SER D 981 33.64 -91.57 16.91
CA SER D 981 34.93 -92.18 17.20
C SER D 981 34.70 -93.38 18.13
N SER D 982 35.79 -93.93 18.64
CA SER D 982 35.74 -95.08 19.54
C SER D 982 36.10 -94.76 20.98
N VAL D 983 36.94 -93.75 21.21
CA VAL D 983 37.31 -93.37 22.56
C VAL D 983 36.11 -92.71 23.25
N LEU D 984 35.83 -93.15 24.48
CA LEU D 984 34.68 -92.60 25.21
C LEU D 984 34.96 -91.17 25.66
N ASN D 985 36.20 -90.90 26.10
CA ASN D 985 36.53 -89.55 26.55
C ASN D 985 36.49 -88.54 25.41
N ASP D 986 36.92 -88.94 24.21
CA ASP D 986 36.85 -88.04 23.06
C ASP D 986 35.42 -87.70 22.70
N ILE D 987 34.49 -88.63 22.92
CA ILE D 987 33.08 -88.36 22.63
C ILE D 987 32.49 -87.48 23.73
N LEU D 988 32.83 -87.76 24.98
CA LEU D 988 32.29 -86.99 26.10
C LEU D 988 32.82 -85.56 26.15
N SER D 989 34.03 -85.31 25.64
CA SER D 989 34.61 -83.97 25.67
C SER D 989 34.20 -83.15 24.47
N ARG D 990 34.19 -83.75 23.28
CA ARG D 990 33.88 -83.04 22.04
C ARG D 990 32.38 -82.90 21.80
N LEU D 991 31.55 -83.44 22.68
CA LEU D 991 30.10 -83.35 22.54
C LEU D 991 29.46 -83.05 23.89
N ASP D 992 28.15 -82.89 23.87
CA ASP D 992 27.35 -82.65 25.06
C ASP D 992 26.62 -83.91 25.50
N PRO D 993 26.27 -84.02 26.77
CA PRO D 993 25.63 -85.25 27.27
C PRO D 993 24.35 -85.62 26.51
N PRO D 994 23.43 -84.68 26.26
CA PRO D 994 22.20 -85.09 25.55
C PRO D 994 22.45 -85.62 24.15
N GLU D 995 23.54 -85.23 23.50
CA GLU D 995 23.90 -85.80 22.21
C GLU D 995 24.82 -87.01 22.34
N ALA D 996 25.71 -87.01 23.33
CA ALA D 996 26.61 -88.15 23.52
C ALA D 996 25.85 -89.38 23.99
N GLU D 997 24.66 -89.20 24.56
CA GLU D 997 23.83 -90.33 24.95
C GLU D 997 23.27 -91.09 23.75
N VAL D 998 23.23 -90.47 22.57
CA VAL D 998 22.77 -91.17 21.38
C VAL D 998 23.85 -92.10 20.86
N GLN D 999 25.12 -91.75 21.10
CA GLN D 999 26.24 -92.57 20.63
C GLN D 999 26.69 -93.60 21.65
N ILE D 1000 26.68 -93.26 22.94
CA ILE D 1000 27.13 -94.22 23.94
C ILE D 1000 26.15 -95.37 24.09
N ASP D 1001 24.84 -95.12 23.91
CA ASP D 1001 23.86 -96.19 23.97
C ASP D 1001 23.98 -97.17 22.82
N ARG D 1002 24.53 -96.73 21.69
CA ARG D 1002 24.83 -97.65 20.59
C ARG D 1002 26.17 -98.34 20.76
N LEU D 1003 27.17 -97.63 21.31
CA LEU D 1003 28.46 -98.27 21.57
C LEU D 1003 28.35 -99.37 22.61
N ILE D 1004 27.58 -99.15 23.69
CA ILE D 1004 27.42 -100.18 24.70
C ILE D 1004 26.67 -101.37 24.13
N THR D 1005 25.70 -101.13 23.25
CA THR D 1005 24.98 -102.24 22.62
C THR D 1005 25.89 -103.04 21.69
N GLY D 1006 26.71 -102.35 20.90
CA GLY D 1006 27.66 -103.05 20.06
C GLY D 1006 28.67 -103.87 20.85
N ARG D 1007 29.20 -103.31 21.94
CA ARG D 1007 30.10 -104.04 22.80
C ARG D 1007 29.44 -105.23 23.48
N LEU D 1008 28.19 -105.08 23.93
CA LEU D 1008 27.47 -106.20 24.52
C LEU D 1008 27.22 -107.31 23.51
N GLN D 1009 26.88 -106.95 22.27
CA GLN D 1009 26.71 -107.96 21.24
C GLN D 1009 28.01 -108.65 20.89
N SER D 1010 29.11 -107.90 20.82
CA SER D 1010 30.42 -108.50 20.57
C SER D 1010 30.82 -109.45 21.69
N LEU D 1011 30.51 -109.10 22.94
CA LEU D 1011 30.81 -109.99 24.06
C LEU D 1011 29.90 -111.20 24.07
N GLN D 1012 28.63 -111.05 23.69
CA GLN D 1012 27.72 -112.18 23.59
C GLN D 1012 28.16 -113.16 22.51
N THR D 1013 28.67 -112.65 21.38
CA THR D 1013 29.20 -113.52 20.34
C THR D 1013 30.37 -114.34 20.87
N TYR D 1014 31.29 -113.69 21.59
CA TYR D 1014 32.43 -114.40 22.18
C TYR D 1014 31.97 -115.43 23.20
N VAL D 1015 30.95 -115.10 23.99
CA VAL D 1015 30.44 -116.04 24.98
C VAL D 1015 29.82 -117.26 24.29
N THR D 1016 29.09 -117.04 23.21
CA THR D 1016 28.49 -118.16 22.47
C THR D 1016 29.58 -119.04 21.85
N GLN D 1017 30.60 -118.43 21.25
CA GLN D 1017 31.71 -119.21 20.70
C GLN D 1017 32.44 -119.99 21.78
N GLN D 1018 32.64 -119.38 22.95
CA GLN D 1018 33.30 -120.09 24.05
C GLN D 1018 32.44 -121.23 24.57
N LEU D 1019 31.11 -121.06 24.58
CA LEU D 1019 30.23 -122.15 24.99
C LEU D 1019 30.28 -123.31 24.00
N ILE D 1020 30.27 -123.01 22.70
CA ILE D 1020 30.39 -124.08 21.70
C ILE D 1020 31.73 -124.79 21.83
N ARG D 1021 32.81 -124.02 22.01
CA ARG D 1021 34.13 -124.63 22.19
C ARG D 1021 34.21 -125.45 23.46
N ALA D 1022 33.54 -125.01 24.53
CA ALA D 1022 33.52 -125.77 25.77
C ALA D 1022 32.73 -127.07 25.61
N ALA D 1023 31.64 -127.04 24.85
CA ALA D 1023 30.92 -128.28 24.56
C ALA D 1023 31.79 -129.25 23.76
N GLU D 1024 32.50 -128.74 22.75
CA GLU D 1024 33.42 -129.60 22.00
C GLU D 1024 34.53 -130.16 22.88
N ILE D 1025 35.09 -129.35 23.77
CA ILE D 1025 36.14 -129.81 24.67
C ILE D 1025 35.58 -130.83 25.66
N ARG D 1026 34.32 -130.66 26.07
CA ARG D 1026 33.70 -131.64 26.96
C ARG D 1026 33.53 -132.98 26.26
N ALA D 1027 33.09 -132.96 24.99
CA ALA D 1027 32.99 -134.19 24.22
C ALA D 1027 34.35 -134.85 24.06
N SER D 1028 35.38 -134.07 23.72
CA SER D 1028 36.72 -134.61 23.58
C SER D 1028 37.26 -135.18 24.89
N ALA D 1029 36.98 -134.52 26.01
CA ALA D 1029 37.46 -135.01 27.31
C ALA D 1029 36.72 -136.27 27.73
N ASN D 1030 35.42 -136.36 27.41
CA ASN D 1030 34.70 -137.60 27.68
C ASN D 1030 35.24 -138.75 26.85
N LEU D 1031 35.54 -138.51 25.57
CA LEU D 1031 36.15 -139.55 24.75
C LEU D 1031 37.52 -139.94 25.28
N ALA D 1032 38.32 -138.96 25.71
CA ALA D 1032 39.65 -139.26 26.24
C ALA D 1032 39.57 -140.05 27.54
N ALA D 1033 38.60 -139.72 28.41
CA ALA D 1033 38.44 -140.47 29.66
C ALA D 1033 37.95 -141.89 29.38
N THR D 1034 37.04 -142.05 28.41
CA THR D 1034 36.59 -143.40 28.04
C THR D 1034 37.77 -144.22 27.52
N LYS D 1035 38.61 -143.62 26.68
CA LYS D 1035 39.78 -144.35 26.18
C LYS D 1035 40.76 -144.67 27.31
N MET D 1036 40.99 -143.72 28.23
CA MET D 1036 41.86 -143.97 29.36
C MET D 1036 41.35 -145.12 30.22
N SER D 1037 40.05 -145.20 30.44
CA SER D 1037 39.45 -146.25 31.26
C SER D 1037 39.37 -147.59 30.54
N GLU D 1038 39.29 -147.60 29.21
CA GLU D 1038 39.14 -148.86 28.50
C GLU D 1038 40.44 -149.42 27.95
N CYS D 1039 41.50 -148.61 27.83
CA CYS D 1039 42.76 -149.09 27.30
C CYS D 1039 43.85 -149.21 28.36
N VAL D 1040 43.89 -148.32 29.33
CA VAL D 1040 44.91 -148.34 30.38
C VAL D 1040 44.45 -149.15 31.59
N LEU D 1041 43.20 -148.98 32.01
CA LEU D 1041 42.66 -149.72 33.15
C LEU D 1041 42.21 -151.12 32.79
N GLY D 1042 42.53 -151.60 31.59
CA GLY D 1042 42.14 -152.94 31.19
C GLY D 1042 42.32 -153.13 29.70
N GLN D 1043 42.01 -154.34 29.27
CA GLN D 1043 42.12 -154.72 27.85
C GLN D 1043 40.73 -154.69 27.22
N SER D 1044 40.59 -153.89 26.16
CA SER D 1044 39.32 -153.74 25.46
C SER D 1044 39.38 -154.46 24.12
N LYS D 1045 38.28 -155.13 23.78
CA LYS D 1045 38.18 -155.85 22.51
C LYS D 1045 37.61 -154.99 21.39
N ARG D 1046 37.37 -153.71 21.63
CA ARG D 1046 36.83 -152.83 20.60
C ARG D 1046 37.89 -152.55 19.55
N VAL D 1047 37.54 -152.74 18.29
CA VAL D 1047 38.49 -152.55 17.20
C VAL D 1047 38.70 -151.06 16.95
N ASP D 1048 39.96 -150.68 16.74
CA ASP D 1048 40.38 -149.32 16.38
C ASP D 1048 40.26 -148.36 17.56
N PHE D 1049 39.68 -148.84 18.67
CA PHE D 1049 39.52 -147.98 19.84
C PHE D 1049 40.86 -147.72 20.52
N CYS D 1050 41.54 -148.79 20.95
CA CYS D 1050 42.86 -148.67 21.57
C CYS D 1050 43.96 -148.92 20.53
N GLY D 1051 44.01 -148.04 19.54
CA GLY D 1051 44.96 -148.15 18.46
C GLY D 1051 44.49 -149.06 17.35
N LYS D 1052 45.26 -149.08 16.27
CA LYS D 1052 44.96 -149.88 15.09
C LYS D 1052 45.58 -151.25 15.26
N GLY D 1053 44.77 -152.25 15.59
CA GLY D 1053 45.22 -153.61 15.78
C GLY D 1053 44.66 -154.17 17.07
N TYR D 1054 45.16 -155.35 17.43
CA TYR D 1054 44.74 -156.02 18.66
C TYR D 1054 45.33 -155.28 19.85
N HIS D 1055 44.45 -154.74 20.71
CA HIS D 1055 44.91 -153.97 21.85
C HIS D 1055 45.63 -154.85 22.85
N LEU D 1056 46.85 -154.45 23.21
CA LEU D 1056 47.64 -155.16 24.23
C LEU D 1056 47.86 -154.29 25.46
N MET D 1057 48.45 -153.10 25.30
CA MET D 1057 48.71 -152.20 26.42
C MET D 1057 48.50 -150.76 25.96
N SER D 1058 48.51 -149.86 26.94
CA SER D 1058 48.38 -148.42 26.66
C SER D 1058 48.99 -147.66 27.82
N PHE D 1059 49.91 -146.74 27.51
CA PHE D 1059 50.62 -145.97 28.52
C PHE D 1059 50.24 -144.51 28.41
N PRO D 1060 49.57 -143.93 29.41
CA PRO D 1060 49.20 -142.52 29.33
C PRO D 1060 50.38 -141.60 29.62
N GLN D 1061 50.34 -140.41 29.02
CA GLN D 1061 51.38 -139.41 29.20
C GLN D 1061 50.74 -138.03 29.28
N SER D 1062 51.37 -137.14 30.04
CA SER D 1062 50.86 -135.78 30.17
C SER D 1062 51.13 -134.99 28.89
N ALA D 1063 50.30 -133.97 28.67
CA ALA D 1063 50.41 -133.13 27.49
C ALA D 1063 49.78 -131.78 27.81
N PRO D 1064 50.29 -130.69 27.23
CA PRO D 1064 49.68 -129.38 27.47
C PRO D 1064 48.26 -129.29 26.94
N HIS D 1065 47.30 -129.14 27.84
CA HIS D 1065 45.88 -129.07 27.50
C HIS D 1065 45.42 -130.28 26.71
N GLY D 1066 45.89 -131.45 27.11
CA GLY D 1066 45.52 -132.67 26.43
C GLY D 1066 46.18 -133.88 27.06
N VAL D 1067 45.98 -135.04 26.43
CA VAL D 1067 46.55 -136.29 26.89
C VAL D 1067 46.95 -137.12 25.67
N VAL D 1068 48.05 -137.86 25.81
CA VAL D 1068 48.59 -138.68 24.75
C VAL D 1068 48.63 -140.13 25.21
N PHE D 1069 48.12 -141.03 24.38
CA PHE D 1069 48.08 -142.45 24.67
C PHE D 1069 49.04 -143.18 23.74
N LEU D 1070 49.79 -144.14 24.29
CA LEU D 1070 50.70 -144.99 23.52
C LEU D 1070 50.10 -146.39 23.49
N HIS D 1071 49.24 -146.62 22.51
CA HIS D 1071 48.55 -147.90 22.39
C HIS D 1071 49.48 -148.94 21.79
N VAL D 1072 49.65 -150.07 22.49
CA VAL D 1072 50.44 -151.18 22.00
C VAL D 1072 49.52 -152.14 21.25
N THR D 1073 49.81 -152.36 19.98
CA THR D 1073 48.97 -153.19 19.11
C THR D 1073 49.72 -154.44 18.70
N TYR D 1074 48.95 -155.45 18.31
CA TYR D 1074 49.48 -156.73 17.85
C TYR D 1074 49.15 -156.87 16.36
N VAL D 1075 50.15 -156.68 15.51
CA VAL D 1075 49.98 -156.74 14.07
C VAL D 1075 50.71 -157.97 13.56
N PRO D 1076 50.00 -158.99 13.08
CA PRO D 1076 50.68 -160.18 12.53
C PRO D 1076 51.41 -159.84 11.24
N ALA D 1077 52.35 -160.73 10.89
CA ALA D 1077 53.15 -160.54 9.69
C ALA D 1077 53.66 -161.89 9.21
N GLN D 1078 54.11 -161.92 7.97
CA GLN D 1078 54.67 -163.12 7.34
C GLN D 1078 53.66 -164.28 7.35
N GLU D 1079 52.53 -164.04 6.68
CA GLU D 1079 51.48 -165.04 6.58
C GLU D 1079 51.79 -166.00 5.44
N LYS D 1080 51.27 -167.22 5.57
CA LYS D 1080 51.47 -168.27 4.58
C LYS D 1080 50.13 -168.86 4.18
N ASN D 1081 50.09 -169.44 2.98
CA ASN D 1081 48.88 -170.03 2.44
C ASN D 1081 48.80 -171.50 2.80
N PHE D 1082 47.62 -171.92 3.26
CA PHE D 1082 47.39 -173.31 3.64
C PHE D 1082 46.01 -173.74 3.15
N THR D 1083 45.83 -175.06 3.08
CA THR D 1083 44.56 -175.64 2.67
C THR D 1083 43.76 -176.03 3.91
N THR D 1084 42.57 -175.47 4.05
CA THR D 1084 41.73 -175.71 5.21
C THR D 1084 40.56 -176.64 4.86
N ALA D 1085 39.82 -177.02 5.89
CA ALA D 1085 38.66 -177.91 5.73
C ALA D 1085 37.73 -177.69 6.90
N PRO D 1086 36.41 -177.78 6.71
CA PRO D 1086 35.48 -177.61 7.84
C PRO D 1086 35.70 -178.61 8.96
N ALA D 1087 35.66 -179.90 8.63
CA ALA D 1087 35.84 -180.95 9.63
C ALA D 1087 36.47 -182.17 8.97
N ILE D 1088 36.70 -183.20 9.78
CA ILE D 1088 37.27 -184.46 9.31
C ILE D 1088 36.34 -185.60 9.69
N CYS D 1089 36.62 -186.78 9.13
CA CYS D 1089 35.78 -187.96 9.34
C CYS D 1089 36.70 -189.15 9.60
N HIS D 1090 36.93 -189.47 10.88
CA HIS D 1090 37.82 -190.57 11.22
C HIS D 1090 37.10 -191.92 11.16
N ASP D 1091 36.07 -192.10 11.99
CA ASP D 1091 35.34 -193.36 12.08
C ASP D 1091 33.84 -193.13 11.89
N GLY D 1092 33.48 -192.36 10.86
CA GLY D 1092 32.08 -192.08 10.57
C GLY D 1092 31.50 -190.89 11.27
N LYS D 1093 32.18 -190.35 12.27
CA LYS D 1093 31.73 -189.16 12.99
C LYS D 1093 32.58 -187.96 12.62
N ALA D 1094 31.98 -186.78 12.70
CA ALA D 1094 32.64 -185.53 12.31
C ALA D 1094 33.30 -184.91 13.53
N HIS D 1095 34.61 -184.64 13.41
CA HIS D 1095 35.38 -184.01 14.48
C HIS D 1095 35.56 -182.53 14.15
N PHE D 1096 35.15 -181.67 15.07
CA PHE D 1096 35.28 -180.24 14.89
C PHE D 1096 36.32 -179.66 15.84
N PRO D 1097 37.11 -178.68 15.40
CA PRO D 1097 38.11 -178.09 16.29
C PRO D 1097 37.47 -177.36 17.46
N ARG D 1098 38.08 -177.52 18.63
CA ARG D 1098 37.58 -176.85 19.83
C ARG D 1098 37.99 -175.37 19.83
N GLU D 1099 39.30 -175.10 19.82
CA GLU D 1099 39.83 -173.74 19.70
C GLU D 1099 41.01 -173.81 18.72
N GLY D 1100 40.72 -173.59 17.45
CA GLY D 1100 41.77 -173.63 16.44
C GLY D 1100 41.17 -173.75 15.05
N VAL D 1101 41.99 -174.25 14.13
CA VAL D 1101 41.61 -174.39 12.73
C VAL D 1101 42.41 -175.54 12.13
N PHE D 1102 41.71 -176.39 11.35
CA PHE D 1102 42.37 -177.50 10.67
C PHE D 1102 43.07 -176.97 9.42
N VAL D 1103 44.39 -177.14 9.36
CA VAL D 1103 45.18 -176.70 8.22
C VAL D 1103 45.94 -177.92 7.66
N SER D 1104 46.44 -177.75 6.45
CA SER D 1104 47.17 -178.80 5.77
C SER D 1104 48.30 -178.20 4.94
N ASN D 1105 49.45 -178.87 4.94
CA ASN D 1105 50.60 -178.47 4.14
C ASN D 1105 50.75 -179.33 2.89
N GLY D 1106 49.65 -179.79 2.33
CA GLY D 1106 49.67 -180.65 1.15
C GLY D 1106 49.64 -182.13 1.41
N THR D 1107 50.44 -182.60 2.37
CA THR D 1107 50.54 -184.03 2.68
C THR D 1107 49.72 -184.40 3.91
N HIS D 1108 49.99 -183.76 5.05
CA HIS D 1108 49.34 -184.08 6.31
C HIS D 1108 48.38 -182.96 6.71
N TRP D 1109 47.57 -183.25 7.73
CA TRP D 1109 46.61 -182.31 8.28
C TRP D 1109 46.92 -182.04 9.74
N PHE D 1110 47.16 -180.78 10.07
CA PHE D 1110 47.47 -180.36 11.43
C PHE D 1110 46.45 -179.33 11.90
N VAL D 1111 46.51 -179.04 13.20
CA VAL D 1111 45.64 -178.05 13.82
C VAL D 1111 46.51 -176.92 14.37
N THR D 1112 46.15 -175.69 14.02
CA THR D 1112 46.89 -174.52 14.48
C THR D 1112 45.95 -173.53 15.16
N GLN D 1113 46.47 -172.35 15.49
CA GLN D 1113 45.69 -171.30 16.13
C GLN D 1113 45.12 -170.34 15.09
N ARG D 1114 44.16 -169.53 15.52
CA ARG D 1114 43.52 -168.57 14.63
C ARG D 1114 44.36 -167.31 14.41
N ASN D 1115 45.45 -167.13 15.16
CA ASN D 1115 46.30 -165.96 15.02
C ASN D 1115 47.78 -166.28 15.02
N PHE D 1116 48.16 -167.56 15.09
CA PHE D 1116 49.57 -167.95 15.10
C PHE D 1116 49.68 -169.38 14.60
N TYR D 1117 50.60 -169.62 13.66
CA TYR D 1117 50.79 -170.94 13.08
C TYR D 1117 51.60 -171.80 14.05
N GLU D 1118 50.91 -172.70 14.75
CA GLU D 1118 51.55 -173.64 15.66
C GLU D 1118 51.12 -175.05 15.27
N PRO D 1119 51.92 -175.75 14.48
CA PRO D 1119 51.50 -177.08 14.01
C PRO D 1119 51.46 -178.09 15.14
N GLN D 1120 50.30 -178.70 15.33
CA GLN D 1120 50.10 -179.72 16.36
C GLN D 1120 49.32 -180.88 15.76
N ILE D 1121 49.53 -182.07 16.34
CA ILE D 1121 48.83 -183.25 15.86
C ILE D 1121 47.36 -183.18 16.25
N ILE D 1122 46.51 -183.74 15.39
CA ILE D 1122 45.07 -183.74 15.61
C ILE D 1122 44.75 -184.87 16.57
N THR D 1123 44.52 -184.54 17.84
CA THR D 1123 44.21 -185.51 18.87
C THR D 1123 42.73 -185.44 19.22
N THR D 1124 42.32 -186.29 20.16
CA THR D 1124 40.94 -186.33 20.63
C THR D 1124 40.67 -185.38 21.78
N ASP D 1125 41.66 -184.59 22.20
CA ASP D 1125 41.49 -183.63 23.28
C ASP D 1125 41.10 -182.24 22.79
N ASN D 1126 41.56 -181.84 21.60
CA ASN D 1126 41.22 -180.55 21.03
C ASN D 1126 40.09 -180.64 20.01
N THR D 1127 39.41 -181.80 19.94
CA THR D 1127 38.30 -181.99 19.02
C THR D 1127 37.13 -182.61 19.77
N PHE D 1128 35.92 -182.36 19.29
CA PHE D 1128 34.71 -182.89 19.87
C PHE D 1128 33.84 -183.50 18.78
N VAL D 1129 33.12 -184.55 19.15
CA VAL D 1129 32.26 -185.28 18.22
C VAL D 1129 30.88 -184.64 18.20
N SER D 1130 30.36 -184.40 17.00
CA SER D 1130 29.03 -183.79 16.84
C SER D 1130 28.46 -184.25 15.51
N GLY D 1131 27.52 -185.19 15.55
CA GLY D 1131 26.89 -185.68 14.35
C GLY D 1131 27.79 -186.61 13.55
N ASN D 1132 27.26 -187.03 12.40
CA ASN D 1132 27.95 -187.92 11.49
C ASN D 1132 28.39 -187.14 10.24
N CYS D 1133 29.04 -187.86 9.33
CA CYS D 1133 29.62 -187.24 8.12
C CYS D 1133 28.63 -187.33 6.95
N ASP D 1134 27.48 -186.67 7.11
CA ASP D 1134 26.48 -186.64 6.07
C ASP D 1134 25.84 -185.28 5.86
N VAL D 1135 26.20 -184.26 6.64
CA VAL D 1135 25.59 -182.95 6.51
C VAL D 1135 26.60 -181.84 6.28
N VAL D 1136 27.86 -182.00 6.67
CA VAL D 1136 28.87 -180.98 6.47
C VAL D 1136 29.41 -181.08 5.04
N ILE D 1137 29.37 -179.95 4.33
CA ILE D 1137 29.82 -179.91 2.93
C ILE D 1137 31.29 -179.49 2.93
N GLY D 1138 32.15 -180.36 2.42
CA GLY D 1138 33.57 -180.07 2.33
C GLY D 1138 34.41 -180.85 3.33
N ILE D 1139 33.79 -181.83 3.98
CA ILE D 1139 34.50 -182.62 4.99
C ILE D 1139 35.48 -183.56 4.30
N VAL D 1140 36.66 -183.71 4.89
CA VAL D 1140 37.71 -184.57 4.35
C VAL D 1140 37.90 -185.76 5.30
N ASN D 1141 38.76 -186.68 4.87
CA ASN D 1141 39.08 -187.87 5.64
C ASN D 1141 40.46 -187.74 6.27
N ASN D 1142 40.55 -188.06 7.56
CA ASN D 1142 41.80 -187.99 8.29
C ASN D 1142 41.69 -188.89 9.51
N THR D 1143 42.84 -189.25 10.08
CA THR D 1143 42.92 -190.13 11.23
C THR D 1143 43.37 -189.33 12.45
N VAL D 1144 42.60 -189.41 13.53
CA VAL D 1144 42.91 -188.71 14.76
C VAL D 1144 43.83 -189.58 15.61
N TYR D 1145 44.51 -188.95 16.57
CA TYR D 1145 45.43 -189.64 17.47
C TYR D 1145 44.82 -189.66 18.87
N ASP D 1146 44.32 -190.83 19.27
CA ASP D 1146 43.76 -190.99 20.61
C ASP D 1146 44.87 -191.38 21.57
N PRO D 1147 45.12 -190.60 22.62
CA PRO D 1147 46.26 -190.88 23.51
C PRO D 1147 46.04 -192.08 24.43
N LEU D 1148 44.93 -192.78 24.27
CA LEU D 1148 44.61 -193.93 25.11
C LEU D 1148 45.05 -195.25 24.50
N GLN D 1149 45.03 -195.38 23.18
CA GLN D 1149 45.43 -196.63 22.54
C GLN D 1149 46.90 -196.97 22.75
N PRO D 1150 47.86 -196.09 22.47
CA PRO D 1150 49.27 -196.48 22.68
C PRO D 1150 49.65 -196.64 24.14
N GLU D 1151 48.89 -196.07 25.07
CA GLU D 1151 49.18 -196.20 26.49
C GLU D 1151 48.40 -197.33 27.15
N LEU D 1152 47.75 -198.19 26.35
CA LEU D 1152 46.99 -199.32 26.88
C LEU D 1152 47.55 -200.68 26.50
N ASP D 1153 48.07 -200.83 25.28
CA ASP D 1153 48.61 -202.12 24.86
C ASP D 1153 49.92 -202.46 25.56
N SER D 1154 50.62 -201.46 26.09
CA SER D 1154 51.88 -201.70 26.78
C SER D 1154 51.64 -202.22 28.19
N SER E 35 -28.35 -110.11 2.98
CA SER E 35 -27.80 -111.45 2.78
C SER E 35 -28.88 -112.40 2.26
N TYR E 36 -28.67 -112.91 1.05
CA TYR E 36 -29.61 -113.83 0.42
C TYR E 36 -28.96 -115.07 -0.15
N THR E 37 -27.65 -115.07 -0.39
CA THR E 37 -26.96 -116.23 -0.94
C THR E 37 -25.56 -116.27 -0.35
N ASN E 38 -24.78 -117.27 -0.77
CA ASN E 38 -23.43 -117.47 -0.28
C ASN E 38 -22.47 -117.65 -1.44
N SER E 39 -21.25 -117.16 -1.24
CA SER E 39 -20.17 -117.26 -2.22
C SER E 39 -19.20 -118.34 -1.75
N PHE E 40 -19.25 -119.50 -2.41
CA PHE E 40 -18.45 -120.65 -2.01
C PHE E 40 -16.96 -120.38 -2.13
N THR E 41 -16.47 -120.20 -3.37
CA THR E 41 -15.04 -119.99 -3.59
C THR E 41 -14.79 -118.91 -4.63
N ARG E 42 -15.70 -117.95 -4.75
CA ARG E 42 -15.57 -116.84 -5.69
C ARG E 42 -15.12 -115.59 -4.96
N GLY E 43 -14.35 -114.75 -5.64
CA GLY E 43 -13.89 -113.51 -5.06
C GLY E 43 -12.38 -113.43 -4.91
N VAL E 44 -11.66 -114.13 -5.78
CA VAL E 44 -10.20 -114.15 -5.75
C VAL E 44 -9.68 -113.51 -7.04
N TYR E 45 -8.74 -112.59 -6.90
CA TYR E 45 -8.13 -111.91 -8.03
C TYR E 45 -6.61 -111.93 -7.90
N TYR E 46 -5.94 -111.53 -8.97
CA TYR E 46 -4.48 -111.44 -8.96
C TYR E 46 -4.04 -110.25 -8.13
N PRO E 47 -3.31 -110.46 -7.03
CA PRO E 47 -2.91 -109.32 -6.19
C PRO E 47 -1.82 -108.47 -6.81
N ASP E 48 -1.03 -109.02 -7.73
CA ASP E 48 0.05 -108.28 -8.36
C ASP E 48 0.30 -108.85 -9.74
N LYS E 49 1.27 -108.25 -10.44
CA LYS E 49 1.64 -108.65 -11.79
C LYS E 49 2.95 -109.41 -11.80
N VAL E 50 3.19 -110.20 -10.77
CA VAL E 50 4.41 -110.99 -10.61
C VAL E 50 4.14 -112.39 -11.14
N PHE E 51 4.93 -112.81 -12.12
CA PHE E 51 4.77 -114.15 -12.69
C PHE E 51 5.30 -115.19 -11.73
N ARG E 52 4.43 -116.12 -11.33
CA ARG E 52 4.78 -117.21 -10.43
C ARG E 52 4.38 -118.54 -11.05
N SER E 53 5.30 -119.50 -11.02
CA SER E 53 5.11 -120.80 -11.66
C SER E 53 5.38 -121.90 -10.65
N SER E 54 4.34 -122.69 -10.35
CA SER E 54 4.45 -123.87 -9.49
C SER E 54 5.02 -123.53 -8.12
N VAL E 55 4.60 -122.39 -7.58
CA VAL E 55 5.02 -121.96 -6.24
C VAL E 55 3.79 -121.54 -5.46
N LEU E 56 3.98 -121.39 -4.15
CA LEU E 56 2.93 -120.96 -3.24
C LEU E 56 3.33 -119.64 -2.59
N HIS E 57 2.44 -118.67 -2.63
CA HIS E 57 2.69 -117.34 -2.10
C HIS E 57 1.53 -116.91 -1.19
N SER E 58 1.88 -116.26 -0.09
CA SER E 58 0.91 -115.71 0.85
C SER E 58 0.90 -114.19 0.73
N THR E 59 -0.28 -113.63 0.46
CA THR E 59 -0.43 -112.19 0.25
C THR E 59 -1.47 -111.66 1.22
N GLN E 60 -1.05 -110.69 2.04
CA GLN E 60 -1.96 -110.03 2.99
C GLN E 60 -2.58 -108.83 2.28
N ASP E 61 -3.76 -109.03 1.71
CA ASP E 61 -4.44 -107.98 0.96
C ASP E 61 -5.95 -108.16 1.10
N LEU E 62 -6.70 -107.18 0.60
CA LEU E 62 -8.15 -107.18 0.70
C LEU E 62 -8.72 -108.18 -0.30
N PHE E 63 -9.24 -109.29 0.20
CA PHE E 63 -9.90 -110.31 -0.62
C PHE E 63 -11.30 -110.56 -0.07
N LEU E 64 -11.98 -111.54 -0.66
CA LEU E 64 -13.33 -111.92 -0.24
C LEU E 64 -13.28 -113.23 0.53
N PRO E 65 -13.75 -113.27 1.77
CA PRO E 65 -13.69 -114.51 2.55
C PRO E 65 -14.58 -115.59 1.95
N PHE E 66 -14.06 -116.81 1.94
CA PHE E 66 -14.83 -117.94 1.43
C PHE E 66 -15.99 -118.28 2.35
N PHE E 67 -17.10 -118.69 1.75
CA PHE E 67 -18.33 -119.03 2.47
C PHE E 67 -18.78 -117.87 3.36
N SER E 68 -19.02 -116.74 2.69
CA SER E 68 -19.45 -115.53 3.35
C SER E 68 -20.83 -115.11 2.81
N ASN E 69 -21.35 -114.03 3.37
CA ASN E 69 -22.66 -113.52 2.98
C ASN E 69 -22.49 -112.49 1.87
N VAL E 70 -23.17 -112.71 0.75
CA VAL E 70 -23.16 -111.79 -0.39
C VAL E 70 -24.61 -111.47 -0.69
N THR E 71 -24.99 -110.20 -0.53
CA THR E 71 -26.38 -109.79 -0.72
C THR E 71 -26.78 -109.93 -2.18
N TRP E 72 -27.88 -110.64 -2.41
CA TRP E 72 -28.41 -110.85 -3.76
C TRP E 72 -29.53 -109.87 -4.07
N PHE E 73 -29.17 -108.59 -4.20
CA PHE E 73 -30.16 -107.55 -4.51
C PHE E 73 -30.75 -107.72 -5.89
N HIS E 74 -32.08 -107.73 -5.98
CA HIS E 74 -32.79 -107.89 -7.24
C HIS E 74 -33.69 -106.68 -7.45
N ALA E 75 -33.47 -105.94 -8.53
CA ALA E 75 -34.24 -104.72 -8.79
C ALA E 75 -34.81 -104.80 -10.21
N ILE E 76 -36.02 -105.33 -10.31
CA ILE E 76 -36.70 -105.46 -11.60
C ILE E 76 -38.08 -104.79 -11.59
N HIS E 77 -38.30 -103.80 -10.72
CA HIS E 77 -39.59 -103.14 -10.57
C HIS E 77 -40.13 -102.62 -11.90
N VAL E 78 -39.37 -101.79 -12.58
CA VAL E 78 -39.81 -101.22 -13.85
C VAL E 78 -39.03 -101.86 -15.00
N SER E 79 -39.74 -102.30 -16.03
CA SER E 79 -39.13 -102.90 -17.21
C SER E 79 -40.09 -102.83 -18.38
N GLY E 80 -39.54 -102.89 -19.58
CA GLY E 80 -40.31 -102.88 -20.81
C GLY E 80 -40.58 -101.51 -21.38
N THR E 81 -40.93 -100.54 -20.54
CA THR E 81 -41.26 -99.19 -20.98
C THR E 81 -40.06 -98.27 -20.73
N ASN E 82 -40.25 -96.97 -20.96
CA ASN E 82 -39.21 -95.98 -20.75
C ASN E 82 -39.66 -95.03 -19.64
N GLY E 83 -38.89 -93.97 -19.44
CA GLY E 83 -39.20 -93.02 -18.40
C GLY E 83 -39.02 -93.62 -17.02
N THR E 84 -40.02 -93.36 -16.16
CA THR E 84 -40.02 -93.86 -14.78
C THR E 84 -38.74 -93.48 -14.05
N LYS E 85 -38.52 -92.19 -13.87
CA LYS E 85 -37.30 -91.67 -13.25
C LYS E 85 -37.33 -91.86 -11.73
N ARG E 86 -38.29 -92.64 -11.22
CA ARG E 86 -38.38 -92.88 -9.78
C ARG E 86 -38.78 -94.33 -9.55
N PHE E 87 -37.78 -95.20 -9.42
CA PHE E 87 -38.02 -96.57 -9.00
C PHE E 87 -37.59 -96.74 -7.54
N ASP E 88 -37.59 -97.98 -7.04
CA ASP E 88 -37.29 -98.21 -5.64
C ASP E 88 -35.99 -98.99 -5.46
N ASN E 89 -34.90 -98.28 -5.15
CA ASN E 89 -33.62 -98.90 -4.83
C ASN E 89 -32.80 -97.97 -3.94
N PRO E 90 -32.14 -98.52 -2.91
CA PRO E 90 -31.32 -97.67 -2.03
C PRO E 90 -29.89 -97.53 -2.51
N VAL E 91 -29.11 -96.69 -1.83
CA VAL E 91 -27.70 -96.53 -2.16
C VAL E 91 -26.88 -97.54 -1.36
N LEU E 92 -25.79 -98.00 -1.95
CA LEU E 92 -24.98 -99.03 -1.29
C LEU E 92 -23.67 -98.44 -0.80
N PRO E 93 -23.25 -98.77 0.42
CA PRO E 93 -21.97 -98.24 0.92
C PRO E 93 -20.78 -98.98 0.34
N PHE E 94 -19.64 -98.31 0.34
CA PHE E 94 -18.37 -98.84 -0.17
C PHE E 94 -17.29 -98.56 0.86
N ASN E 95 -17.08 -99.51 1.77
CA ASN E 95 -16.11 -99.32 2.85
C ASN E 95 -14.68 -99.49 2.33
N ASP E 96 -14.36 -100.68 1.82
CA ASP E 96 -13.02 -100.94 1.29
C ASP E 96 -13.02 -101.68 -0.05
N GLY E 97 -14.08 -102.41 -0.39
CA GLY E 97 -14.11 -103.13 -1.64
C GLY E 97 -15.34 -104.00 -1.71
N VAL E 98 -15.83 -104.18 -2.94
CA VAL E 98 -17.06 -104.92 -3.18
C VAL E 98 -16.84 -105.90 -4.31
N TYR E 99 -17.53 -107.05 -4.23
CA TYR E 99 -17.54 -108.06 -5.28
C TYR E 99 -18.86 -108.00 -6.02
N PHE E 100 -18.79 -107.66 -7.30
CA PHE E 100 -20.00 -107.41 -8.09
C PHE E 100 -20.11 -108.50 -9.16
N ALA E 101 -20.91 -109.52 -8.89
CA ALA E 101 -21.26 -110.52 -9.88
C ALA E 101 -22.70 -110.29 -10.35
N SER E 102 -22.97 -110.67 -11.60
CA SER E 102 -24.28 -110.42 -12.18
C SER E 102 -24.59 -111.42 -13.28
N THR E 103 -25.82 -111.93 -13.30
CA THR E 103 -26.27 -112.86 -14.33
C THR E 103 -27.18 -112.19 -15.36
N GLU E 104 -26.96 -110.91 -15.65
CA GLU E 104 -27.74 -110.19 -16.64
C GLU E 104 -27.63 -110.86 -18.01
N LYS E 105 -28.73 -110.89 -18.75
CA LYS E 105 -28.74 -111.65 -20.00
C LYS E 105 -28.12 -110.87 -21.15
N SER E 106 -28.77 -109.78 -21.58
CA SER E 106 -28.26 -109.06 -22.75
C SER E 106 -27.69 -107.68 -22.41
N ASN E 107 -28.50 -106.80 -21.82
CA ASN E 107 -28.08 -105.42 -21.61
C ASN E 107 -28.56 -104.85 -20.28
N ILE E 108 -28.89 -105.72 -19.32
CA ILE E 108 -29.46 -105.24 -18.07
C ILE E 108 -28.45 -104.37 -17.32
N ILE E 109 -27.26 -104.89 -17.07
CA ILE E 109 -26.22 -104.15 -16.36
C ILE E 109 -25.43 -103.32 -17.36
N ARG E 110 -25.49 -102.00 -17.23
CA ARG E 110 -24.82 -101.11 -18.17
C ARG E 110 -24.08 -100.01 -17.41
N GLY E 111 -23.34 -100.38 -16.37
CA GLY E 111 -22.49 -99.42 -15.69
C GLY E 111 -22.69 -99.31 -14.20
N TRP E 112 -21.90 -98.44 -13.56
CA TRP E 112 -21.97 -98.22 -12.12
C TRP E 112 -21.80 -96.73 -11.85
N ILE E 113 -22.08 -96.34 -10.61
CA ILE E 113 -21.93 -94.96 -10.16
C ILE E 113 -21.26 -94.96 -8.79
N PHE E 114 -20.16 -94.23 -8.65
CA PHE E 114 -19.39 -94.15 -7.42
C PHE E 114 -19.41 -92.73 -6.87
N GLY E 115 -18.86 -92.57 -5.69
CA GLY E 115 -18.82 -91.27 -5.03
C GLY E 115 -18.98 -91.42 -3.54
N THR E 116 -18.91 -90.28 -2.84
CA THR E 116 -19.11 -90.23 -1.40
C THR E 116 -20.27 -89.33 -0.99
N THR E 117 -20.43 -88.18 -1.63
CA THR E 117 -21.56 -87.29 -1.37
C THR E 117 -22.63 -87.34 -2.46
N LEU E 118 -22.24 -87.50 -3.72
CA LEU E 118 -23.17 -87.71 -4.84
C LEU E 118 -24.07 -86.51 -5.08
N ASP E 119 -23.84 -85.39 -4.37
CA ASP E 119 -24.63 -84.19 -4.60
C ASP E 119 -23.69 -83.00 -4.78
N SER E 120 -23.20 -82.83 -6.00
CA SER E 120 -22.43 -81.66 -6.44
C SER E 120 -21.40 -81.17 -5.41
N LYS E 121 -20.71 -82.08 -4.73
CA LYS E 121 -19.73 -81.66 -3.74
C LYS E 121 -18.43 -82.42 -3.88
N THR E 122 -18.48 -83.64 -4.44
CA THR E 122 -17.30 -84.47 -4.58
C THR E 122 -17.33 -85.16 -5.94
N GLN E 123 -16.14 -85.55 -6.40
CA GLN E 123 -16.02 -86.23 -7.68
C GLN E 123 -16.68 -87.60 -7.63
N SER E 124 -17.06 -88.11 -8.79
CA SER E 124 -17.71 -89.40 -8.90
C SER E 124 -16.98 -90.29 -9.89
N LEU E 125 -17.55 -91.44 -10.24
CA LEU E 125 -16.93 -92.35 -11.18
C LEU E 125 -17.98 -93.11 -11.97
N LEU E 126 -18.28 -92.65 -13.18
CA LEU E 126 -19.25 -93.34 -14.02
C LEU E 126 -18.55 -94.34 -14.92
N ILE E 127 -19.07 -95.58 -14.91
CA ILE E 127 -18.52 -96.65 -15.71
C ILE E 127 -19.62 -97.18 -16.62
N VAL E 128 -20.50 -96.28 -17.05
CA VAL E 128 -21.65 -96.61 -17.90
C VAL E 128 -21.19 -97.41 -19.11
N ASN E 129 -21.81 -98.58 -19.31
CA ASN E 129 -21.46 -99.47 -20.40
C ASN E 129 -22.23 -99.09 -21.66
N ASN E 130 -21.72 -99.52 -22.80
CA ASN E 130 -22.27 -99.14 -24.10
C ASN E 130 -21.70 -100.03 -25.19
N ALA E 131 -22.33 -100.04 -26.37
CA ALA E 131 -21.83 -100.83 -27.48
C ALA E 131 -20.46 -100.32 -27.93
N THR E 132 -19.50 -101.25 -27.99
CA THR E 132 -18.16 -101.07 -28.57
C THR E 132 -17.31 -100.08 -27.78
N ASN E 133 -17.86 -99.46 -26.73
CA ASN E 133 -17.10 -98.51 -25.92
C ASN E 133 -17.72 -98.43 -24.54
N VAL E 134 -16.94 -97.91 -23.60
CA VAL E 134 -17.40 -97.73 -22.23
C VAL E 134 -16.95 -96.36 -21.73
N VAL E 135 -17.91 -95.49 -21.39
CA VAL E 135 -17.58 -94.14 -20.97
C VAL E 135 -17.08 -94.14 -19.53
N ILE E 136 -15.92 -93.53 -19.32
CA ILE E 136 -15.32 -93.38 -17.99
C ILE E 136 -15.04 -91.90 -17.76
N LYS E 137 -15.49 -91.41 -16.60
CA LYS E 137 -15.34 -89.99 -16.28
C LYS E 137 -15.34 -89.78 -14.77
N VAL E 138 -14.51 -88.85 -14.29
CA VAL E 138 -14.41 -88.56 -12.87
C VAL E 138 -14.87 -87.13 -12.62
N CYS E 139 -15.86 -86.69 -13.41
CA CYS E 139 -16.39 -85.35 -13.27
C CYS E 139 -17.33 -85.26 -12.06
N GLU E 140 -17.31 -84.11 -11.39
CA GLU E 140 -18.15 -83.89 -10.22
C GLU E 140 -19.44 -83.19 -10.63
N PHE E 141 -20.58 -83.77 -10.28
CA PHE E 141 -21.87 -83.18 -10.57
C PHE E 141 -22.94 -83.79 -9.66
N GLN E 142 -24.17 -83.33 -9.84
CA GLN E 142 -25.29 -83.77 -9.02
C GLN E 142 -25.93 -85.02 -9.61
N PHE E 143 -26.33 -85.94 -8.73
CA PHE E 143 -27.00 -87.16 -9.12
C PHE E 143 -28.46 -87.11 -8.67
N CYS E 144 -29.23 -88.12 -9.08
CA CYS E 144 -30.60 -88.30 -8.63
C CYS E 144 -30.68 -89.53 -7.73
N ASN E 145 -31.78 -89.66 -6.98
CA ASN E 145 -31.91 -90.76 -6.05
C ASN E 145 -32.06 -92.10 -6.75
N ASP E 146 -32.38 -92.11 -8.04
CA ASP E 146 -32.53 -93.34 -8.82
C ASP E 146 -31.92 -93.14 -10.20
N PRO E 147 -30.60 -93.29 -10.33
CA PRO E 147 -29.97 -93.12 -11.64
C PRO E 147 -30.23 -94.33 -12.54
N PHE E 148 -30.42 -94.05 -13.83
CA PHE E 148 -30.63 -95.09 -14.82
C PHE E 148 -30.35 -94.52 -16.19
N LEU E 149 -30.15 -95.41 -17.16
CA LEU E 149 -29.90 -95.04 -18.55
C LEU E 149 -31.14 -95.32 -19.38
N ASP E 150 -31.66 -94.29 -20.04
CA ASP E 150 -32.88 -94.39 -20.84
C ASP E 150 -32.51 -94.32 -22.32
N VAL E 151 -32.86 -95.37 -23.05
CA VAL E 151 -32.62 -95.42 -24.50
C VAL E 151 -33.99 -95.33 -25.17
N TYR E 152 -34.14 -94.30 -26.02
CA TYR E 152 -35.42 -94.07 -26.67
C TYR E 152 -35.61 -94.91 -27.92
N GLN E 153 -34.57 -95.12 -28.71
CA GLN E 153 -34.65 -95.83 -29.98
C GLN E 153 -35.71 -95.21 -30.91
N MET E 160 -27.15 -90.59 -30.26
CA MET E 160 -28.46 -91.24 -30.28
C MET E 160 -28.41 -92.57 -29.53
N GLU E 161 -29.58 -93.20 -29.39
CA GLU E 161 -29.73 -94.49 -28.72
C GLU E 161 -29.19 -94.43 -27.29
N SER E 162 -29.25 -93.25 -26.67
CA SER E 162 -28.76 -93.06 -25.31
C SER E 162 -29.24 -91.73 -24.74
N GLU E 163 -28.96 -91.49 -23.46
CA GLU E 163 -29.35 -90.24 -22.82
C GLU E 163 -28.46 -89.95 -21.62
N PHE E 164 -28.79 -88.90 -20.87
CA PHE E 164 -28.01 -88.50 -19.71
C PHE E 164 -28.96 -88.22 -18.54
N ARG E 165 -29.90 -89.13 -18.31
CA ARG E 165 -30.85 -89.00 -17.22
C ARG E 165 -30.21 -89.17 -15.85
N VAL E 166 -28.96 -89.63 -15.78
CA VAL E 166 -28.27 -89.85 -14.52
C VAL E 166 -27.97 -88.51 -13.86
N TYR E 167 -27.35 -87.61 -14.60
CA TYR E 167 -26.94 -86.32 -14.08
C TYR E 167 -27.72 -85.19 -14.76
N SER E 168 -27.69 -84.01 -14.12
CA SER E 168 -28.41 -82.86 -14.65
C SER E 168 -27.48 -81.88 -15.35
N SER E 169 -26.25 -81.74 -14.84
CA SER E 169 -25.30 -80.79 -15.40
C SER E 169 -23.87 -81.32 -15.30
N ALA E 170 -22.90 -80.45 -15.55
CA ALA E 170 -21.49 -80.85 -15.52
C ALA E 170 -20.63 -79.81 -14.81
N ASN E 171 -19.34 -80.08 -14.68
CA ASN E 171 -18.43 -79.18 -13.99
C ASN E 171 -16.99 -79.41 -14.45
N ASN E 172 -16.02 -78.95 -13.67
CA ASN E 172 -14.61 -79.08 -14.04
C ASN E 172 -14.20 -80.55 -13.87
N CYS E 173 -14.21 -81.28 -14.98
CA CYS E 173 -13.84 -82.70 -14.96
C CYS E 173 -12.32 -82.80 -14.80
N THR E 174 -11.90 -83.63 -13.85
CA THR E 174 -10.48 -83.80 -13.54
C THR E 174 -9.85 -84.98 -14.26
N PHE E 175 -10.62 -85.89 -14.82
CA PHE E 175 -10.08 -87.06 -15.49
C PHE E 175 -11.12 -87.61 -16.45
N GLU E 176 -10.64 -88.12 -17.58
CA GLU E 176 -11.50 -88.74 -18.58
C GLU E 176 -10.71 -89.85 -19.28
N TYR E 177 -11.45 -90.87 -19.73
CA TYR E 177 -10.82 -92.02 -20.37
C TYR E 177 -11.77 -92.64 -21.40
N VAL E 178 -11.33 -92.70 -22.66
CA VAL E 178 -12.15 -93.32 -23.70
C VAL E 178 -12.31 -94.80 -23.46
N SER E 179 -11.19 -95.54 -23.38
CA SER E 179 -11.19 -96.97 -23.13
C SER E 179 -12.04 -97.72 -24.15
N GLN E 180 -11.64 -97.68 -25.42
CA GLN E 180 -12.35 -98.33 -26.52
C GLN E 180 -12.67 -99.79 -26.20
N PRO E 181 -11.72 -100.61 -25.69
CA PRO E 181 -12.10 -101.97 -25.29
C PRO E 181 -13.11 -101.98 -24.15
N PHE E 182 -14.30 -102.48 -24.42
CA PHE E 182 -15.38 -102.47 -23.43
C PHE E 182 -15.13 -103.52 -22.36
N LEU E 183 -15.52 -103.20 -21.13
CA LEU E 183 -15.37 -104.13 -20.01
C LEU E 183 -16.46 -105.19 -20.05
N MET E 184 -17.71 -104.78 -19.97
CA MET E 184 -18.83 -105.72 -20.04
C MET E 184 -18.97 -106.27 -21.45
N ASP E 185 -19.00 -107.59 -21.55
CA ASP E 185 -19.05 -108.29 -22.82
C ASP E 185 -20.45 -108.85 -23.06
N LEU E 186 -20.65 -109.46 -24.23
CA LEU E 186 -21.94 -110.03 -24.59
C LEU E 186 -21.77 -111.40 -25.22
N GLU E 187 -22.84 -111.93 -25.80
CA GLU E 187 -22.79 -113.25 -26.43
C GLU E 187 -21.89 -113.23 -27.67
N PHE E 193 -26.59 -122.34 -22.42
CA PHE E 193 -25.49 -121.96 -21.55
C PHE E 193 -25.42 -120.46 -21.37
N LYS E 194 -25.58 -120.00 -20.13
CA LYS E 194 -25.53 -118.57 -19.83
C LYS E 194 -24.09 -118.12 -19.65
N ASN E 195 -23.91 -116.89 -19.17
CA ASN E 195 -22.57 -116.34 -18.96
C ASN E 195 -22.59 -115.47 -17.72
N LEU E 196 -21.63 -115.71 -16.81
CA LEU E 196 -21.51 -114.96 -15.57
C LEU E 196 -20.30 -114.05 -15.62
N ARG E 197 -20.48 -112.80 -15.23
CA ARG E 197 -19.42 -111.81 -15.19
C ARG E 197 -19.31 -111.24 -13.78
N GLU E 198 -18.09 -111.28 -13.23
CA GLU E 198 -17.83 -110.78 -11.89
C GLU E 198 -16.89 -109.59 -11.96
N PHE E 199 -17.06 -108.68 -11.00
CA PHE E 199 -16.26 -107.45 -10.96
C PHE E 199 -15.82 -107.20 -9.53
N VAL E 200 -14.53 -106.92 -9.35
CA VAL E 200 -13.95 -106.60 -8.05
C VAL E 200 -13.41 -105.18 -8.10
N PHE E 201 -13.94 -104.33 -7.23
CA PHE E 201 -13.54 -102.92 -7.15
C PHE E 201 -12.94 -102.66 -5.78
N LYS E 202 -11.90 -101.83 -5.74
CA LYS E 202 -11.22 -101.47 -4.50
C LYS E 202 -11.05 -99.95 -4.43
N ASN E 203 -10.41 -99.50 -3.34
CA ASN E 203 -10.20 -98.07 -3.12
C ASN E 203 -8.75 -97.75 -2.77
N ILE E 204 -7.79 -98.24 -3.54
CA ILE E 204 -6.37 -97.98 -3.28
C ILE E 204 -6.11 -96.49 -3.39
N ASP E 205 -5.00 -96.03 -2.79
CA ASP E 205 -4.66 -94.62 -2.71
C ASP E 205 -4.68 -93.93 -4.08
N GLY E 206 -4.04 -94.54 -5.07
CA GLY E 206 -3.95 -93.93 -6.38
C GLY E 206 -4.68 -94.65 -7.49
N TYR E 207 -4.78 -95.98 -7.37
CA TYR E 207 -5.42 -96.76 -8.42
C TYR E 207 -6.76 -97.31 -7.93
N PHE E 208 -7.62 -97.66 -8.89
CA PHE E 208 -8.94 -98.21 -8.54
C PHE E 208 -8.92 -99.73 -8.61
N LYS E 209 -8.04 -100.29 -9.45
CA LYS E 209 -7.84 -101.73 -9.55
C LYS E 209 -9.14 -102.46 -9.93
N ILE E 210 -9.64 -102.20 -11.14
CA ILE E 210 -10.85 -102.84 -11.65
C ILE E 210 -10.46 -104.23 -12.14
N TYR E 211 -10.99 -105.26 -11.49
CA TYR E 211 -10.79 -106.64 -11.89
C TYR E 211 -12.06 -107.20 -12.52
N SER E 212 -11.87 -108.08 -13.50
CA SER E 212 -13.01 -108.65 -14.22
C SER E 212 -12.61 -110.02 -14.75
N LYS E 213 -13.62 -110.84 -15.02
CA LYS E 213 -13.45 -112.16 -15.61
C LYS E 213 -14.80 -112.65 -16.09
N HIS E 214 -14.81 -113.27 -17.27
CA HIS E 214 -16.03 -113.75 -17.90
C HIS E 214 -15.94 -115.26 -18.08
N THR E 215 -16.78 -116.00 -17.35
CA THR E 215 -16.78 -117.46 -17.43
C THR E 215 -18.18 -117.97 -17.71
N PRO E 216 -18.31 -118.99 -18.56
CA PRO E 216 -19.64 -119.54 -18.86
C PRO E 216 -20.13 -120.43 -17.72
N ILE E 217 -21.43 -120.34 -17.43
CA ILE E 217 -22.04 -121.12 -16.37
C ILE E 217 -23.20 -121.93 -16.95
N ASN E 218 -23.55 -123.00 -16.25
CA ASN E 218 -24.62 -123.89 -16.69
C ASN E 218 -25.63 -124.24 -15.60
N LEU E 219 -25.34 -123.98 -14.31
CA LEU E 219 -26.29 -124.31 -13.26
C LEU E 219 -27.47 -123.35 -13.26
N GLU E 220 -27.21 -122.06 -13.44
CA GLU E 220 -28.23 -121.01 -13.54
C GLU E 220 -29.07 -120.91 -12.26
N ARG E 221 -28.54 -121.37 -11.14
CA ARG E 221 -29.25 -121.27 -9.87
C ARG E 221 -28.64 -120.19 -8.99
N ASP E 222 -27.35 -120.31 -8.71
CA ASP E 222 -26.64 -119.34 -7.88
C ASP E 222 -25.17 -119.28 -8.29
N LEU E 223 -24.33 -118.69 -7.46
CA LEU E 223 -22.90 -118.64 -7.72
C LEU E 223 -22.34 -120.05 -7.81
N PRO E 224 -21.89 -120.50 -8.98
CA PRO E 224 -21.49 -121.91 -9.13
C PRO E 224 -20.19 -122.19 -8.38
N GLN E 225 -19.97 -123.48 -8.12
CA GLN E 225 -18.76 -123.93 -7.45
C GLN E 225 -17.64 -124.09 -8.45
N GLY E 226 -16.47 -123.56 -8.10
CA GLY E 226 -15.31 -123.56 -8.97
C GLY E 226 -14.47 -122.32 -8.72
N PHE E 227 -13.17 -122.48 -8.88
CA PHE E 227 -12.19 -121.44 -8.58
C PHE E 227 -11.81 -120.73 -9.88
N SER E 228 -12.18 -119.46 -10.00
CA SER E 228 -11.84 -118.63 -11.14
C SER E 228 -11.27 -117.31 -10.66
N ALA E 229 -10.15 -116.90 -11.24
CA ALA E 229 -9.48 -115.66 -10.89
C ALA E 229 -9.89 -114.54 -11.85
N LEU E 230 -9.73 -113.31 -11.39
CA LEU E 230 -10.08 -112.12 -12.17
C LEU E 230 -8.80 -111.42 -12.60
N GLU E 231 -8.61 -111.29 -13.91
CA GLU E 231 -7.42 -110.65 -14.44
C GLU E 231 -7.62 -109.13 -14.44
N PRO E 232 -6.61 -108.35 -14.03
CA PRO E 232 -6.77 -106.88 -14.05
C PRO E 232 -6.91 -106.33 -15.45
N LEU E 233 -7.76 -105.31 -15.62
CA LEU E 233 -7.98 -104.69 -16.92
C LEU E 233 -7.52 -103.24 -16.96
N VAL E 234 -8.01 -102.40 -16.06
CA VAL E 234 -7.66 -100.98 -16.07
C VAL E 234 -7.43 -100.49 -14.65
N ASP E 235 -6.35 -99.75 -14.44
CA ASP E 235 -6.03 -99.15 -13.15
C ASP E 235 -6.05 -97.63 -13.28
N LEU E 236 -7.21 -97.06 -12.96
CA LEU E 236 -7.38 -95.62 -13.12
C LEU E 236 -6.54 -94.86 -12.09
N PRO E 237 -5.60 -94.02 -12.52
CA PRO E 237 -4.75 -93.26 -11.59
C PRO E 237 -5.41 -91.99 -11.06
N ILE E 238 -6.56 -92.16 -10.39
CA ILE E 238 -7.31 -91.04 -9.85
C ILE E 238 -7.44 -91.25 -8.34
N GLY E 239 -7.20 -90.20 -7.57
CA GLY E 239 -7.31 -90.27 -6.12
C GLY E 239 -8.61 -89.66 -5.65
N ILE E 240 -9.46 -90.46 -5.00
CA ILE E 240 -10.74 -90.00 -4.49
C ILE E 240 -11.24 -90.97 -3.44
N ASN E 241 -11.83 -90.45 -2.37
CA ASN E 241 -12.36 -91.26 -1.27
C ASN E 241 -13.81 -91.63 -1.61
N ILE E 242 -13.97 -92.80 -2.23
CA ILE E 242 -15.29 -93.29 -2.58
C ILE E 242 -15.84 -94.15 -1.45
N THR E 243 -16.97 -93.73 -0.88
CA THR E 243 -17.60 -94.46 0.22
C THR E 243 -19.04 -94.82 -0.12
N ARG E 244 -19.37 -94.89 -1.41
CA ARG E 244 -20.73 -95.20 -1.84
C ARG E 244 -20.71 -95.62 -3.31
N PHE E 245 -21.51 -96.62 -3.65
CA PHE E 245 -21.60 -97.09 -5.04
C PHE E 245 -23.03 -97.53 -5.31
N GLN E 246 -23.38 -97.59 -6.60
CA GLN E 246 -24.71 -98.00 -7.02
C GLN E 246 -24.70 -98.44 -8.48
N THR E 247 -25.31 -99.58 -8.77
CA THR E 247 -25.34 -100.10 -10.12
C THR E 247 -26.31 -99.29 -10.98
N LEU E 248 -26.26 -99.55 -12.29
CA LEU E 248 -27.10 -98.88 -13.26
C LEU E 248 -27.81 -99.91 -14.12
N LEU E 249 -29.09 -99.68 -14.38
CA LEU E 249 -29.91 -100.56 -15.19
C LEU E 249 -30.53 -99.79 -16.35
N ALA E 250 -30.78 -100.49 -17.45
CA ALA E 250 -31.36 -99.90 -18.64
C ALA E 250 -32.83 -100.31 -18.78
N LEU E 251 -33.53 -99.62 -19.68
CA LEU E 251 -34.94 -99.87 -19.95
C LEU E 251 -35.11 -99.95 -21.47
N HIS E 252 -35.41 -101.14 -21.97
CA HIS E 252 -35.60 -101.40 -23.38
C HIS E 252 -34.40 -100.96 -24.21
N ALA E 269 -34.54 -111.31 -13.50
CA ALA E 269 -33.67 -111.01 -14.63
C ALA E 269 -32.54 -110.07 -14.24
N ALA E 270 -32.89 -109.00 -13.53
CA ALA E 270 -31.91 -108.00 -13.10
C ALA E 270 -31.21 -108.43 -11.82
N ALA E 271 -30.55 -109.58 -11.85
CA ALA E 271 -29.85 -110.06 -10.67
C ALA E 271 -28.41 -109.56 -10.67
N TYR E 272 -27.96 -109.07 -9.50
CA TYR E 272 -26.60 -108.58 -9.36
C TYR E 272 -26.19 -108.79 -7.90
N TYR E 273 -24.99 -109.34 -7.70
CA TYR E 273 -24.50 -109.60 -6.35
C TYR E 273 -23.59 -108.46 -5.88
N VAL E 274 -23.58 -108.24 -4.58
CA VAL E 274 -22.77 -107.18 -3.97
C VAL E 274 -22.10 -107.70 -2.71
N GLY E 275 -20.80 -107.99 -2.78
CA GLY E 275 -20.06 -108.55 -1.63
C GLY E 275 -19.22 -107.50 -0.93
N TYR E 276 -18.35 -107.91 0.01
CA TYR E 276 -17.52 -106.94 0.78
C TYR E 276 -16.11 -107.50 1.03
N LEU E 277 -15.09 -106.77 0.60
CA LEU E 277 -13.68 -107.28 0.73
C LEU E 277 -13.17 -107.08 2.16
N GLN E 278 -12.50 -108.09 2.72
CA GLN E 278 -11.95 -108.01 4.09
C GLN E 278 -10.45 -108.36 4.03
N PRO E 279 -9.58 -107.79 4.91
CA PRO E 279 -8.16 -108.16 4.93
C PRO E 279 -7.92 -109.58 5.45
N ARG E 280 -8.06 -110.58 4.58
CA ARG E 280 -7.88 -111.99 5.01
C ARG E 280 -6.59 -112.55 4.41
N THR E 281 -5.97 -113.50 5.09
CA THR E 281 -4.73 -114.14 4.58
C THR E 281 -5.10 -115.28 3.63
N PHE E 282 -4.54 -115.27 2.42
CA PHE E 282 -4.79 -116.35 1.48
C PHE E 282 -3.49 -116.97 0.99
N LEU E 283 -3.57 -118.23 0.58
CA LEU E 283 -2.43 -118.99 0.07
C LEU E 283 -2.74 -119.35 -1.39
N LEU E 284 -2.25 -118.52 -2.32
CA LEU E 284 -2.53 -118.70 -3.72
C LEU E 284 -1.62 -119.77 -4.33
N LYS E 285 -2.22 -120.67 -5.11
CA LYS E 285 -1.49 -121.70 -5.83
C LYS E 285 -1.41 -121.32 -7.30
N TYR E 286 -0.18 -121.26 -7.82
CA TYR E 286 0.08 -120.86 -9.20
C TYR E 286 0.46 -122.08 -10.01
N ASN E 287 -0.11 -122.20 -11.21
CA ASN E 287 0.20 -123.31 -12.08
C ASN E 287 1.54 -123.07 -12.79
N GLU E 288 1.90 -124.02 -13.66
CA GLU E 288 3.17 -123.92 -14.38
C GLU E 288 3.14 -122.78 -15.38
N ASN E 289 1.95 -122.42 -15.89
CA ASN E 289 1.84 -121.36 -16.88
C ASN E 289 1.55 -120.00 -16.25
N GLY E 290 1.33 -119.94 -14.94
CA GLY E 290 1.11 -118.68 -14.25
C GLY E 290 -0.32 -118.36 -13.88
N THR E 291 -1.24 -119.33 -14.01
CA THR E 291 -2.64 -119.11 -13.65
C THR E 291 -2.91 -119.68 -12.26
N ILE E 292 -3.75 -118.97 -11.50
CA ILE E 292 -4.07 -119.40 -10.15
C ILE E 292 -5.14 -120.48 -10.21
N THR E 293 -4.86 -121.63 -9.59
CA THR E 293 -5.77 -122.76 -9.63
C THR E 293 -6.63 -122.90 -8.37
N ASP E 294 -6.10 -122.51 -7.21
CA ASP E 294 -6.84 -122.63 -5.96
C ASP E 294 -6.24 -121.67 -4.94
N ALA E 295 -6.98 -121.43 -3.87
CA ALA E 295 -6.53 -120.59 -2.77
C ALA E 295 -7.03 -121.17 -1.46
N VAL E 296 -6.47 -120.67 -0.36
CA VAL E 296 -6.81 -121.16 0.97
C VAL E 296 -6.98 -119.99 1.92
N ASP E 297 -8.20 -119.81 2.43
CA ASP E 297 -8.47 -118.77 3.42
C ASP E 297 -8.02 -119.26 4.79
N CYS E 298 -6.93 -118.70 5.30
CA CYS E 298 -6.32 -119.20 6.53
C CYS E 298 -7.22 -119.00 7.74
N ALA E 299 -8.07 -117.97 7.72
CA ALA E 299 -8.93 -117.65 8.85
C ALA E 299 -10.33 -118.23 8.70
N LEU E 300 -10.48 -119.28 7.90
CA LEU E 300 -11.78 -119.91 7.70
C LEU E 300 -11.97 -121.10 8.64
N ASP E 301 -11.08 -122.07 8.55
CA ASP E 301 -11.13 -123.28 9.36
C ASP E 301 -9.74 -123.65 9.87
N PRO E 302 -9.66 -124.43 10.96
CA PRO E 302 -8.33 -124.82 11.47
C PRO E 302 -7.49 -125.60 10.47
N LEU E 303 -8.12 -126.41 9.62
CA LEU E 303 -7.36 -127.13 8.59
C LEU E 303 -6.70 -126.17 7.61
N SER E 304 -7.41 -125.12 7.20
CA SER E 304 -6.81 -124.11 6.33
C SER E 304 -5.69 -123.37 7.05
N GLU E 305 -5.83 -123.16 8.36
CA GLU E 305 -4.78 -122.51 9.13
C GLU E 305 -3.53 -123.38 9.20
N THR E 306 -3.71 -124.71 9.32
CA THR E 306 -2.57 -125.62 9.28
C THR E 306 -1.93 -125.62 7.90
N LYS E 307 -2.76 -125.59 6.85
CA LYS E 307 -2.22 -125.53 5.49
C LYS E 307 -1.39 -124.27 5.28
N CYS E 308 -1.84 -123.14 5.84
CA CYS E 308 -1.09 -121.91 5.70
C CYS E 308 0.17 -121.92 6.56
N THR E 309 0.12 -122.58 7.72
CA THR E 309 1.29 -122.67 8.58
C THR E 309 2.39 -123.48 7.91
N LEU E 310 2.06 -124.66 7.41
CA LEU E 310 3.01 -125.49 6.68
C LEU E 310 3.28 -124.99 5.28
N LYS E 311 2.52 -124.01 4.81
CA LYS E 311 2.66 -123.43 3.47
C LYS E 311 2.58 -124.51 2.40
N SER E 312 1.54 -125.34 2.52
CA SER E 312 1.32 -126.43 1.57
C SER E 312 -0.15 -126.83 1.61
N PHE E 313 -0.65 -127.32 0.47
CA PHE E 313 -2.04 -127.76 0.36
C PHE E 313 -2.27 -129.15 0.93
N THR E 314 -1.21 -129.93 1.13
CA THR E 314 -1.32 -131.28 1.65
C THR E 314 -0.65 -131.35 3.02
N VAL E 315 -1.45 -131.55 4.06
CA VAL E 315 -0.95 -131.66 5.43
C VAL E 315 -0.85 -133.12 5.81
N GLU E 316 0.29 -133.50 6.38
CA GLU E 316 0.55 -134.87 6.78
C GLU E 316 -0.15 -135.16 8.11
N LYS E 317 0.11 -136.32 8.69
CA LYS E 317 -0.49 -136.74 9.94
C LYS E 317 0.40 -136.32 11.09
N GLY E 318 -0.10 -135.43 11.95
CA GLY E 318 0.68 -134.98 13.09
C GLY E 318 0.05 -133.75 13.70
N ILE E 319 0.73 -133.23 14.71
CA ILE E 319 0.31 -132.03 15.43
C ILE E 319 1.16 -130.86 14.94
N TYR E 320 0.50 -129.76 14.58
CA TYR E 320 1.17 -128.58 14.06
C TYR E 320 0.59 -127.35 14.74
N GLN E 321 1.46 -126.53 15.30
CA GLN E 321 1.02 -125.29 15.93
C GLN E 321 0.88 -124.18 14.88
N THR E 322 -0.25 -123.48 14.93
CA THR E 322 -0.56 -122.45 13.95
C THR E 322 -0.66 -121.06 14.55
N SER E 323 -1.34 -120.91 15.69
CA SER E 323 -1.52 -119.59 16.30
C SER E 323 -1.59 -119.70 17.81
N ASN E 324 -2.03 -118.63 18.46
CA ASN E 324 -2.13 -118.59 19.92
C ASN E 324 -3.46 -117.99 20.30
N PHE E 325 -4.23 -118.72 21.11
CA PHE E 325 -5.53 -118.23 21.57
C PHE E 325 -5.32 -117.15 22.64
N ARG E 326 -6.15 -116.11 22.58
CA ARG E 326 -6.00 -114.97 23.47
C ARG E 326 -7.39 -114.39 23.75
N VAL E 327 -7.77 -114.34 25.03
CA VAL E 327 -9.09 -113.76 25.43
C VAL E 327 -8.95 -112.23 25.43
N GLN E 328 -9.88 -111.53 24.77
CA GLN E 328 -9.81 -110.05 24.68
C GLN E 328 -10.59 -109.43 25.84
N PRO E 329 -9.97 -108.55 26.66
CA PRO E 329 -10.66 -107.87 27.77
C PRO E 329 -11.66 -106.81 27.28
N THR E 330 -12.62 -106.43 28.12
CA THR E 330 -13.68 -105.47 27.67
C THR E 330 -13.74 -104.24 28.58
N GLU E 331 -14.32 -104.35 29.77
CA GLU E 331 -14.51 -103.17 30.66
C GLU E 331 -13.16 -102.55 31.02
N SER E 332 -13.07 -101.22 30.97
CA SER E 332 -11.81 -100.54 31.39
C SER E 332 -12.02 -99.94 32.78
N ILE E 333 -11.97 -100.76 33.82
CA ILE E 333 -12.20 -100.29 35.23
C ILE E 333 -11.27 -99.12 35.53
N VAL E 334 -11.81 -97.90 35.63
CA VAL E 334 -10.97 -96.74 36.02
C VAL E 334 -11.24 -96.49 37.50
N ARG E 335 -10.60 -97.25 38.39
CA ARG E 335 -10.89 -97.13 39.84
C ARG E 335 -10.07 -95.99 40.46
N PHE E 336 -10.75 -95.05 41.13
CA PHE E 336 -10.08 -93.93 41.76
C PHE E 336 -10.64 -93.73 43.16
N PRO E 337 -9.84 -93.17 44.07
CA PRO E 337 -10.30 -93.00 45.46
C PRO E 337 -11.39 -91.93 45.58
N ASN E 338 -11.77 -91.66 46.82
CA ASN E 338 -12.80 -90.68 47.11
C ASN E 338 -12.41 -89.30 46.58
N ILE E 339 -13.40 -88.41 46.51
CA ILE E 339 -13.19 -87.00 46.19
C ILE E 339 -13.77 -86.19 47.33
N THR E 340 -12.93 -85.80 48.29
CA THR E 340 -13.37 -85.13 49.50
C THR E 340 -12.85 -83.71 49.63
N ASN E 341 -11.54 -83.50 49.44
CA ASN E 341 -10.94 -82.18 49.62
C ASN E 341 -11.14 -81.36 48.35
N LEU E 342 -12.36 -80.83 48.19
CA LEU E 342 -12.68 -79.99 47.06
C LEU E 342 -12.11 -78.59 47.26
N CYS E 343 -11.88 -77.89 46.15
CA CYS E 343 -11.36 -76.54 46.21
C CYS E 343 -12.44 -75.58 46.74
N PRO E 344 -12.06 -74.59 47.56
CA PRO E 344 -13.04 -73.66 48.11
C PRO E 344 -13.46 -72.57 47.12
N PHE E 345 -14.19 -73.00 46.09
CA PHE E 345 -14.71 -72.07 45.09
C PHE E 345 -15.95 -71.33 45.56
N HIS E 346 -16.53 -71.72 46.70
CA HIS E 346 -17.71 -71.06 47.23
C HIS E 346 -17.40 -69.73 47.90
N GLU E 347 -16.15 -69.52 48.33
CA GLU E 347 -15.75 -68.29 49.00
C GLU E 347 -15.14 -67.27 48.03
N VAL E 348 -15.05 -67.60 46.75
CA VAL E 348 -14.48 -66.69 45.77
C VAL E 348 -15.54 -66.00 44.92
N PHE E 349 -16.53 -66.74 44.41
CA PHE E 349 -17.57 -66.18 43.56
C PHE E 349 -18.76 -65.65 44.33
N ASN E 350 -19.17 -66.32 45.41
CA ASN E 350 -20.31 -65.91 46.21
C ASN E 350 -19.92 -65.28 47.54
N ALA E 351 -18.83 -64.50 47.56
CA ALA E 351 -18.41 -63.86 48.79
C ALA E 351 -19.33 -62.70 49.15
N THR E 352 -19.20 -62.23 50.39
CA THR E 352 -20.05 -61.12 50.86
C THR E 352 -19.62 -59.80 50.24
N THR E 353 -18.37 -59.40 50.47
CA THR E 353 -17.83 -58.15 49.95
C THR E 353 -16.63 -58.43 49.06
N PHE E 354 -16.34 -57.46 48.19
CA PHE E 354 -15.22 -57.53 47.25
C PHE E 354 -14.35 -56.28 47.40
N ALA E 355 -13.36 -56.16 46.53
CA ALA E 355 -12.42 -55.06 46.54
C ALA E 355 -12.54 -54.27 45.24
N SER E 356 -11.72 -53.23 45.12
CA SER E 356 -11.72 -52.37 43.94
C SER E 356 -10.87 -52.99 42.84
N VAL E 357 -10.73 -52.26 41.73
CA VAL E 357 -9.99 -52.78 40.59
C VAL E 357 -8.48 -52.64 40.75
N TYR E 358 -8.01 -51.66 41.52
CA TYR E 358 -6.57 -51.53 41.74
C TYR E 358 -6.04 -52.63 42.65
N ALA E 359 -6.88 -53.14 43.55
CA ALA E 359 -6.54 -54.30 44.35
C ALA E 359 -6.98 -55.58 43.65
N TRP E 360 -6.43 -56.71 44.10
CA TRP E 360 -6.72 -57.99 43.49
C TRP E 360 -7.37 -59.00 44.44
N ASN E 361 -7.00 -58.99 45.71
CA ASN E 361 -7.45 -60.01 46.67
C ASN E 361 -7.18 -61.41 46.13
N ARG E 362 -5.98 -61.58 45.58
CA ARG E 362 -5.59 -62.83 44.93
C ARG E 362 -5.57 -63.99 45.92
N LYS E 363 -6.51 -64.92 45.77
CA LYS E 363 -6.64 -66.08 46.65
C LYS E 363 -6.18 -67.30 45.86
N ARG E 364 -4.91 -67.68 46.04
CA ARG E 364 -4.37 -68.85 45.35
C ARG E 364 -5.04 -70.12 45.88
N ILE E 365 -5.38 -71.02 44.97
CA ILE E 365 -6.08 -72.26 45.29
C ILE E 365 -5.20 -73.42 44.85
N SER E 366 -4.86 -74.30 45.79
CA SER E 366 -4.04 -75.46 45.51
C SER E 366 -4.30 -76.51 46.58
N ASN E 367 -3.56 -77.62 46.49
CA ASN E 367 -3.63 -78.72 47.45
C ASN E 367 -5.01 -79.38 47.51
N CYS E 368 -5.86 -79.11 46.53
CA CYS E 368 -7.20 -79.67 46.50
C CYS E 368 -7.59 -79.95 45.05
N VAL E 369 -8.50 -80.90 44.88
CA VAL E 369 -8.99 -81.26 43.55
C VAL E 369 -9.94 -80.18 43.07
N ALA E 370 -9.72 -79.71 41.85
CA ALA E 370 -10.49 -78.61 41.28
C ALA E 370 -11.64 -79.18 40.45
N ASP E 371 -12.87 -79.02 40.95
CA ASP E 371 -14.07 -79.46 40.25
C ASP E 371 -14.67 -78.26 39.53
N TYR E 372 -14.40 -78.15 38.23
CA TYR E 372 -14.88 -77.02 37.45
C TYR E 372 -16.31 -77.23 36.97
N SER E 373 -17.22 -77.51 37.90
CA SER E 373 -18.62 -77.70 37.56
C SER E 373 -19.58 -76.96 38.48
N VAL E 374 -19.17 -76.57 39.69
CA VAL E 374 -20.07 -75.88 40.60
C VAL E 374 -20.20 -74.40 40.29
N ILE E 375 -19.30 -73.84 39.47
CA ILE E 375 -19.34 -72.41 39.17
C ILE E 375 -20.58 -72.03 38.37
N TYR E 376 -21.17 -72.98 37.66
CA TYR E 376 -22.38 -72.72 36.88
C TYR E 376 -23.66 -72.89 37.68
N ASN E 377 -23.58 -72.92 39.01
CA ASN E 377 -24.77 -73.14 39.84
C ASN E 377 -24.80 -72.20 41.03
N PHE E 378 -24.16 -71.04 40.93
CA PHE E 378 -24.18 -70.05 42.00
C PHE E 378 -24.49 -68.64 41.53
N ALA E 379 -24.26 -68.31 40.26
CA ALA E 379 -24.52 -66.96 39.77
C ALA E 379 -24.60 -67.01 38.24
N PRO E 380 -25.59 -66.37 37.64
CA PRO E 380 -25.66 -66.35 36.16
C PRO E 380 -24.54 -65.54 35.55
N PHE E 381 -23.58 -66.21 34.91
CA PHE E 381 -22.44 -65.53 34.32
C PHE E 381 -22.85 -64.86 33.01
N PHE E 382 -22.16 -63.77 32.70
CA PHE E 382 -22.39 -63.03 31.45
C PHE E 382 -21.21 -63.08 30.50
N ALA E 383 -20.06 -63.61 30.94
CA ALA E 383 -18.89 -63.71 30.09
C ALA E 383 -18.00 -64.83 30.61
N PHE E 384 -17.69 -65.80 29.75
CA PHE E 384 -16.85 -66.94 30.10
C PHE E 384 -15.81 -67.17 29.01
N LYS E 385 -15.14 -66.10 28.60
CA LYS E 385 -14.15 -66.16 27.53
C LYS E 385 -12.88 -66.83 28.06
N CYS E 386 -12.67 -68.09 27.69
CA CYS E 386 -11.46 -68.81 28.05
C CYS E 386 -10.42 -68.65 26.96
N TYR E 387 -9.18 -68.38 27.38
CA TYR E 387 -8.06 -68.16 26.46
C TYR E 387 -7.09 -69.32 26.59
N GLY E 388 -6.94 -70.09 25.52
CA GLY E 388 -6.04 -71.22 25.48
C GLY E 388 -6.60 -72.51 26.04
N VAL E 389 -7.66 -72.45 26.85
CA VAL E 389 -8.25 -73.64 27.44
C VAL E 389 -9.71 -73.75 27.04
N SER E 390 -10.38 -74.79 27.49
CA SER E 390 -11.78 -75.04 27.18
C SER E 390 -12.58 -75.20 28.47
N PRO E 391 -13.83 -74.72 28.50
CA PRO E 391 -14.64 -74.85 29.72
C PRO E 391 -14.93 -76.29 30.13
N THR E 392 -14.73 -77.26 29.24
CA THR E 392 -14.98 -78.66 29.55
C THR E 392 -13.72 -79.49 29.71
N LYS E 393 -12.61 -79.08 29.09
CA LYS E 393 -11.37 -79.82 29.18
C LYS E 393 -10.56 -79.49 30.43
N LEU E 394 -11.07 -78.65 31.32
CA LEU E 394 -10.37 -78.34 32.55
C LEU E 394 -10.52 -79.42 33.61
N ASN E 395 -11.47 -80.34 33.43
CA ASN E 395 -11.70 -81.39 34.43
C ASN E 395 -10.67 -82.52 34.34
N ASP E 396 -9.96 -82.64 33.23
CA ASP E 396 -8.97 -83.68 33.03
C ASP E 396 -7.57 -83.10 32.80
N LEU E 397 -7.23 -82.07 33.57
CA LEU E 397 -5.92 -81.43 33.50
C LEU E 397 -5.38 -81.21 34.90
N CYS E 398 -4.06 -81.28 35.01
CA CYS E 398 -3.36 -81.09 36.28
C CYS E 398 -2.49 -79.84 36.20
N PHE E 399 -2.70 -78.92 37.14
CA PHE E 399 -1.94 -77.68 37.19
C PHE E 399 -1.18 -77.60 38.52
N THR E 400 -0.26 -76.66 38.60
CA THR E 400 0.57 -76.46 39.79
C THR E 400 0.04 -75.38 40.72
N ASN E 401 -0.61 -74.35 40.18
CA ASN E 401 -1.14 -73.27 41.00
C ASN E 401 -2.27 -72.59 40.23
N VAL E 402 -3.42 -72.44 40.88
CA VAL E 402 -4.59 -71.81 40.28
C VAL E 402 -4.94 -70.61 41.14
N TYR E 403 -4.75 -69.41 40.58
CA TYR E 403 -5.04 -68.18 41.29
C TYR E 403 -6.46 -67.71 40.98
N ALA E 404 -7.08 -67.04 41.95
CA ALA E 404 -8.45 -66.54 41.83
C ALA E 404 -8.50 -65.12 42.35
N ASP E 405 -8.43 -64.15 41.43
CA ASP E 405 -8.52 -62.74 41.77
C ASP E 405 -9.92 -62.23 41.42
N SER E 406 -10.45 -61.36 42.28
CA SER E 406 -11.79 -60.80 42.10
C SER E 406 -11.75 -59.30 42.30
N PHE E 407 -12.49 -58.58 41.47
CA PHE E 407 -12.56 -57.13 41.55
C PHE E 407 -13.80 -56.65 40.80
N VAL E 408 -14.21 -55.43 41.12
CA VAL E 408 -15.38 -54.80 40.51
C VAL E 408 -14.91 -53.83 39.43
N ILE E 409 -15.59 -53.86 38.28
CA ILE E 409 -15.24 -53.02 37.15
C ILE E 409 -16.53 -52.54 36.48
N ARG E 410 -16.41 -51.48 35.69
CA ARG E 410 -17.54 -50.91 34.99
C ARG E 410 -17.94 -51.79 33.81
N GLY E 411 -19.18 -51.64 33.37
CA GLY E 411 -19.68 -52.44 32.26
C GLY E 411 -18.96 -52.17 30.97
N ASN E 412 -18.71 -50.90 30.67
CA ASN E 412 -17.98 -50.53 29.45
C ASN E 412 -16.51 -50.90 29.52
N GLU E 413 -16.01 -51.32 30.68
CA GLU E 413 -14.61 -51.66 30.86
C GLU E 413 -14.37 -53.16 30.92
N VAL E 414 -15.40 -53.97 30.70
CA VAL E 414 -15.23 -55.42 30.74
C VAL E 414 -14.44 -55.91 29.53
N SER E 415 -14.63 -55.27 28.38
CA SER E 415 -13.93 -55.68 27.16
C SER E 415 -12.44 -55.38 27.21
N GLN E 416 -11.98 -54.59 28.17
CA GLN E 416 -10.56 -54.28 28.31
C GLN E 416 -9.77 -55.38 29.00
N ILE E 417 -10.46 -56.34 29.63
CA ILE E 417 -9.79 -57.44 30.33
C ILE E 417 -9.61 -58.55 29.31
N ALA E 418 -8.50 -58.50 28.58
CA ALA E 418 -8.20 -59.48 27.54
C ALA E 418 -6.69 -59.49 27.31
N PRO E 419 -6.11 -60.64 26.99
CA PRO E 419 -4.66 -60.69 26.72
C PRO E 419 -4.32 -59.88 25.48
N GLY E 420 -3.51 -58.84 25.68
CA GLY E 420 -3.12 -57.96 24.60
C GLY E 420 -4.16 -56.93 24.25
N GLN E 421 -4.68 -56.25 25.27
CA GLN E 421 -5.71 -55.23 25.09
C GLN E 421 -5.32 -53.98 25.86
N THR E 422 -5.50 -52.83 25.22
CA THR E 422 -5.18 -51.54 25.82
C THR E 422 -6.44 -50.81 26.23
N GLY E 423 -6.27 -49.83 27.12
CA GLY E 423 -7.40 -49.06 27.60
C GLY E 423 -7.04 -48.32 28.87
N ASN E 424 -8.05 -47.64 29.41
CA ASN E 424 -7.85 -46.88 30.64
C ASN E 424 -7.63 -47.79 31.84
N ILE E 425 -8.35 -48.91 31.89
CA ILE E 425 -8.25 -49.85 32.99
C ILE E 425 -7.55 -51.14 32.54
N ALA E 426 -6.93 -51.11 31.36
CA ALA E 426 -6.19 -52.27 30.84
C ALA E 426 -4.68 -52.05 30.82
N ASP E 427 -4.20 -50.85 31.11
CA ASP E 427 -2.76 -50.58 31.12
C ASP E 427 -2.27 -49.96 32.42
N TYR E 428 -3.15 -49.58 33.34
CA TYR E 428 -2.74 -48.95 34.59
C TYR E 428 -3.36 -49.61 35.81
N ASN E 429 -4.22 -50.60 35.65
CA ASN E 429 -4.83 -51.30 36.77
C ASN E 429 -4.66 -52.81 36.69
N TYR E 430 -4.69 -53.38 35.48
CA TYR E 430 -4.53 -54.83 35.32
C TYR E 430 -3.99 -55.08 33.92
N LYS E 431 -2.78 -55.61 33.84
CA LYS E 431 -2.11 -55.91 32.57
C LYS E 431 -2.04 -57.42 32.40
N LEU E 432 -2.80 -57.94 31.44
CA LEU E 432 -2.76 -59.38 31.19
C LEU E 432 -1.65 -59.71 30.20
N PRO E 433 -0.90 -60.79 30.44
CA PRO E 433 0.17 -61.16 29.51
C PRO E 433 -0.38 -61.72 28.21
N ASP E 434 0.46 -61.67 27.18
CA ASP E 434 0.06 -62.18 25.87
C ASP E 434 -0.06 -63.70 25.84
N ASP E 435 0.62 -64.39 26.75
CA ASP E 435 0.55 -65.85 26.83
C ASP E 435 -0.33 -66.32 27.99
N PHE E 436 -1.39 -65.58 28.30
CA PHE E 436 -2.28 -65.94 29.40
C PHE E 436 -3.12 -67.15 29.02
N THR E 437 -3.16 -68.13 29.91
CA THR E 437 -3.92 -69.36 29.70
C THR E 437 -4.92 -69.50 30.84
N GLY E 438 -6.16 -69.11 30.59
CA GLY E 438 -7.19 -69.19 31.62
C GLY E 438 -8.51 -68.67 31.10
N CYS E 439 -9.48 -68.61 31.99
CA CYS E 439 -10.81 -68.13 31.69
C CYS E 439 -11.09 -66.83 32.42
N VAL E 440 -12.06 -66.08 31.91
CA VAL E 440 -12.49 -64.81 32.49
C VAL E 440 -13.97 -64.92 32.83
N ILE E 441 -14.28 -64.80 34.12
CA ILE E 441 -15.66 -64.90 34.61
C ILE E 441 -16.14 -63.49 34.94
N ALA E 442 -17.26 -63.10 34.34
CA ALA E 442 -17.85 -61.79 34.56
C ALA E 442 -19.36 -61.93 34.73
N TRP E 443 -19.90 -61.21 35.70
CA TRP E 443 -21.33 -61.24 35.98
C TRP E 443 -21.73 -59.97 36.70
N ASN E 444 -22.90 -59.44 36.35
CA ASN E 444 -23.36 -58.19 36.93
C ASN E 444 -23.78 -58.38 38.39
N SER E 445 -23.56 -57.34 39.19
CA SER E 445 -23.91 -57.33 40.60
C SER E 445 -24.55 -56.00 40.98
N ASN E 446 -25.46 -55.52 40.13
CA ASN E 446 -26.12 -54.24 40.39
C ASN E 446 -27.08 -54.33 41.56
N LYS E 447 -27.59 -55.53 41.86
CA LYS E 447 -28.55 -55.70 42.95
C LYS E 447 -27.90 -55.72 44.33
N LEU E 448 -26.56 -55.69 44.39
CA LEU E 448 -25.86 -55.72 45.67
C LEU E 448 -24.81 -54.63 45.84
N ASP E 449 -24.37 -53.98 44.76
CA ASP E 449 -23.33 -52.95 44.82
C ASP E 449 -23.80 -51.67 44.16
N SER E 450 -25.02 -51.24 44.49
CA SER E 450 -25.58 -50.01 43.95
C SER E 450 -26.58 -49.46 44.95
N LYS E 451 -26.19 -48.41 45.68
CA LYS E 451 -27.06 -47.77 46.64
C LYS E 451 -27.64 -46.48 46.07
N PRO E 452 -28.83 -46.06 46.53
CA PRO E 452 -29.47 -44.88 45.93
C PRO E 452 -28.63 -43.61 46.02
N SER E 453 -27.78 -43.48 47.04
CA SER E 453 -26.94 -42.31 47.21
C SER E 453 -25.56 -42.47 46.56
N GLY E 454 -25.32 -43.58 45.87
CA GLY E 454 -24.04 -43.80 45.23
C GLY E 454 -22.99 -44.35 46.18
N ASN E 455 -22.24 -45.35 45.74
CA ASN E 455 -21.20 -45.98 46.53
C ASN E 455 -19.83 -45.56 45.98
N TYR E 456 -19.04 -44.89 46.82
CA TYR E 456 -17.72 -44.42 46.43
C TYR E 456 -16.60 -45.25 47.05
N ASN E 457 -16.88 -46.50 47.43
CA ASN E 457 -15.88 -47.37 48.00
C ASN E 457 -15.03 -48.07 46.95
N TYR E 458 -15.45 -48.05 45.68
CA TYR E 458 -14.71 -48.69 44.60
C TYR E 458 -13.89 -47.63 43.88
N LEU E 459 -12.56 -47.74 43.98
CA LEU E 459 -11.65 -46.78 43.40
C LEU E 459 -10.92 -47.39 42.21
N TYR E 460 -10.61 -46.55 41.23
CA TYR E 460 -9.84 -46.96 40.05
C TYR E 460 -8.76 -45.92 39.77
N ARG E 461 -7.59 -46.40 39.38
CA ARG E 461 -6.48 -45.50 39.04
C ARG E 461 -6.62 -45.03 37.61
N LEU E 462 -6.42 -43.74 37.39
CA LEU E 462 -6.68 -43.13 36.09
C LEU E 462 -5.45 -43.18 35.18
N PHE E 463 -4.34 -42.60 35.63
CA PHE E 463 -3.17 -42.47 34.76
C PHE E 463 -1.93 -42.32 35.64
N ARG E 464 -0.84 -42.96 35.21
CA ARG E 464 0.45 -42.90 35.89
C ARG E 464 1.52 -42.43 34.91
N LYS E 465 2.74 -42.27 35.43
CA LYS E 465 3.86 -41.89 34.58
C LYS E 465 4.30 -43.03 33.65
N SER E 466 3.92 -44.27 33.95
CA SER E 466 4.27 -45.41 33.12
C SER E 466 3.12 -46.41 33.15
N LYS E 467 3.27 -47.48 32.37
CA LYS E 467 2.27 -48.53 32.29
C LYS E 467 2.66 -49.71 33.17
N LEU E 468 1.64 -50.40 33.69
CA LEU E 468 1.88 -51.55 34.55
C LEU E 468 2.35 -52.74 33.73
N LYS E 469 3.38 -53.41 34.22
CA LYS E 469 3.85 -54.65 33.61
C LYS E 469 2.86 -55.78 33.92
N PRO E 470 2.87 -56.85 33.13
CA PRO E 470 1.98 -57.97 33.41
C PRO E 470 2.22 -58.57 34.79
N PHE E 471 1.13 -58.88 35.49
CA PHE E 471 1.16 -59.46 36.83
C PHE E 471 1.91 -58.57 37.82
N GLU E 472 1.37 -57.37 38.02
CA GLU E 472 1.89 -56.43 39.00
C GLU E 472 0.74 -55.76 39.72
N ARG E 473 0.91 -55.55 41.03
CA ARG E 473 -0.11 -54.95 41.88
C ARG E 473 0.55 -53.87 42.73
N ASP E 474 0.05 -52.64 42.62
CA ASP E 474 0.58 -51.50 43.36
C ASP E 474 -0.55 -50.80 44.10
N ILE E 475 -0.37 -50.63 45.41
CA ILE E 475 -1.35 -49.95 46.25
C ILE E 475 -0.80 -48.61 46.75
N SER E 476 0.16 -48.04 46.03
CA SER E 476 0.75 -46.76 46.43
C SER E 476 -0.27 -45.63 46.27
N THR E 477 -0.38 -44.79 47.28
CA THR E 477 -1.30 -43.66 47.28
C THR E 477 -0.56 -42.33 47.07
N GLU E 478 0.50 -42.34 46.27
CA GLU E 478 1.25 -41.13 46.00
C GLU E 478 0.41 -40.18 45.14
N ILE E 479 0.17 -38.98 45.65
CA ILE E 479 -0.66 -38.02 44.94
C ILE E 479 0.05 -37.55 43.67
N TYR E 480 -0.66 -37.60 42.56
CA TYR E 480 -0.07 -37.24 41.27
C TYR E 480 0.11 -35.73 41.15
N GLN E 481 1.14 -35.34 40.41
CA GLN E 481 1.47 -33.93 40.17
C GLN E 481 1.27 -33.64 38.69
N ALA E 482 0.19 -32.94 38.36
CA ALA E 482 -0.14 -32.59 36.98
C ALA E 482 0.14 -31.10 36.79
N GLY E 483 1.36 -30.79 36.41
CA GLY E 483 1.75 -29.40 36.18
C GLY E 483 3.24 -29.23 36.33
N ASN E 484 3.65 -27.97 36.47
CA ASN E 484 5.05 -27.62 36.64
C ASN E 484 5.40 -27.17 38.05
N LYS E 485 4.42 -27.00 38.92
CA LYS E 485 4.67 -26.58 40.29
C LYS E 485 4.66 -27.78 41.24
N PRO E 486 5.60 -27.83 42.18
CA PRO E 486 5.66 -28.97 43.10
C PRO E 486 4.44 -29.03 44.00
N CYS E 487 3.94 -30.24 44.22
CA CYS E 487 2.79 -30.49 45.08
C CYS E 487 3.29 -31.11 46.39
N ASN E 488 3.07 -30.41 47.49
CA ASN E 488 3.56 -30.85 48.80
C ASN E 488 2.53 -31.72 49.52
N GLY E 489 2.03 -32.74 48.83
CA GLY E 489 1.09 -33.67 49.43
C GLY E 489 -0.21 -33.05 49.88
N VAL E 490 -0.71 -32.05 49.14
CA VAL E 490 -1.95 -31.36 49.47
C VAL E 490 -2.82 -31.32 48.22
N ALA E 491 -4.12 -31.51 48.40
CA ALA E 491 -5.06 -31.47 47.29
C ALA E 491 -5.34 -30.02 46.91
N GLY E 492 -5.08 -29.68 45.65
CA GLY E 492 -5.29 -28.32 45.19
C GLY E 492 -5.93 -28.25 43.81
N SER E 493 -5.50 -27.27 43.01
CA SER E 493 -6.05 -27.10 41.68
C SER E 493 -5.32 -27.96 40.65
N ASN E 494 -4.00 -27.82 40.58
CA ASN E 494 -3.19 -28.57 39.63
C ASN E 494 -2.76 -29.93 40.16
N CYS E 495 -2.90 -30.19 41.46
CA CYS E 495 -2.51 -31.45 42.06
C CYS E 495 -3.74 -32.33 42.20
N TYR E 496 -3.69 -33.51 41.56
CA TYR E 496 -4.82 -34.42 41.52
C TYR E 496 -4.46 -35.75 42.17
N SER E 497 -5.47 -36.40 42.75
CA SER E 497 -5.27 -37.71 43.36
C SER E 497 -5.35 -38.80 42.31
N PRO E 498 -4.51 -39.85 42.42
CA PRO E 498 -4.54 -40.91 41.40
C PRO E 498 -5.73 -41.84 41.51
N LEU E 499 -6.37 -41.94 42.67
CA LEU E 499 -7.50 -42.84 42.88
C LEU E 499 -8.80 -42.08 42.70
N GLN E 500 -9.63 -42.54 41.76
CA GLN E 500 -10.94 -41.96 41.51
C GLN E 500 -12.02 -43.01 41.74
N SER E 501 -13.18 -42.57 42.20
CA SER E 501 -14.28 -43.47 42.49
C SER E 501 -15.19 -43.62 41.28
N TYR E 502 -15.94 -44.73 41.27
CA TYR E 502 -16.88 -45.02 40.19
C TYR E 502 -18.21 -44.28 40.37
N GLY E 503 -18.80 -44.38 41.55
CA GLY E 503 -20.09 -43.78 41.80
C GLY E 503 -21.22 -44.55 41.15
N PHE E 504 -21.42 -45.79 41.57
CA PHE E 504 -22.45 -46.66 41.00
C PHE E 504 -23.81 -46.29 41.60
N ARG E 505 -24.80 -46.07 40.72
CA ARG E 505 -26.15 -45.74 41.13
C ARG E 505 -27.15 -46.64 40.42
N PRO E 506 -28.25 -47.02 41.09
CA PRO E 506 -29.24 -47.88 40.43
C PRO E 506 -30.00 -47.18 39.31
N THR E 507 -30.02 -45.85 39.27
CA THR E 507 -30.73 -45.12 38.23
C THR E 507 -29.96 -45.07 36.92
N TYR E 508 -28.66 -45.39 36.92
CA TYR E 508 -27.88 -45.38 35.70
C TYR E 508 -28.27 -46.56 34.82
N GLY E 509 -28.19 -46.34 33.51
CA GLY E 509 -28.51 -47.39 32.55
C GLY E 509 -27.47 -48.50 32.52
N VAL E 510 -27.75 -49.50 31.70
CA VAL E 510 -26.84 -50.63 31.55
C VAL E 510 -25.55 -50.16 30.89
N GLY E 511 -24.42 -50.43 31.55
CA GLY E 511 -23.14 -50.00 31.04
C GLY E 511 -22.28 -49.35 32.11
N HIS E 512 -22.92 -48.75 33.11
CA HIS E 512 -22.25 -48.12 34.24
C HIS E 512 -22.57 -48.82 35.55
N GLN E 513 -22.94 -50.11 35.47
CA GLN E 513 -23.30 -50.96 36.59
C GLN E 513 -22.09 -51.75 37.06
N PRO E 514 -22.06 -52.14 38.35
CA PRO E 514 -20.93 -52.93 38.84
C PRO E 514 -20.92 -54.33 38.26
N TYR E 515 -19.78 -54.73 37.71
CA TYR E 515 -19.58 -56.06 37.14
C TYR E 515 -18.40 -56.72 37.85
N ARG E 516 -18.69 -57.72 38.66
CA ARG E 516 -17.66 -58.45 39.38
C ARG E 516 -16.97 -59.41 38.43
N VAL E 517 -15.66 -59.28 38.29
CA VAL E 517 -14.86 -60.09 37.39
C VAL E 517 -13.95 -60.98 38.21
N VAL E 518 -13.97 -62.28 37.93
CA VAL E 518 -13.15 -63.27 38.62
C VAL E 518 -12.28 -63.94 37.57
N VAL E 519 -11.04 -63.49 37.46
CA VAL E 519 -10.10 -64.03 36.48
C VAL E 519 -9.34 -65.20 37.10
N LEU E 520 -9.33 -66.33 36.40
CA LEU E 520 -8.65 -67.53 36.85
C LEU E 520 -7.45 -67.79 35.95
N SER E 521 -6.29 -67.98 36.56
CA SER E 521 -5.05 -68.24 35.85
C SER E 521 -4.55 -69.66 36.12
N PHE E 522 -3.65 -70.12 35.26
CA PHE E 522 -3.07 -71.45 35.39
C PHE E 522 -1.59 -71.38 35.08
N GLU E 523 -0.78 -71.95 35.96
CA GLU E 523 0.67 -71.95 35.80
C GLU E 523 1.20 -73.37 35.98
N LEU E 524 2.34 -73.64 35.36
CA LEU E 524 3.02 -74.94 35.42
C LEU E 524 4.45 -74.69 35.90
N LEU E 525 4.64 -74.68 37.22
CA LEU E 525 5.95 -74.44 37.81
C LEU E 525 6.74 -75.75 37.87
N HIS E 526 7.88 -75.73 38.55
CA HIS E 526 8.71 -76.91 38.68
C HIS E 526 8.23 -77.84 39.78
N ALA E 527 7.46 -77.33 40.74
CA ALA E 527 6.94 -78.17 41.81
C ALA E 527 5.89 -79.13 41.26
N PRO E 528 5.73 -80.31 41.88
CA PRO E 528 4.71 -81.24 41.40
C PRO E 528 3.31 -80.66 41.52
N ALA E 529 2.41 -81.13 40.67
CA ALA E 529 1.05 -80.64 40.65
C ALA E 529 0.32 -81.03 41.93
N THR E 530 -0.23 -80.04 42.64
CA THR E 530 -1.00 -80.28 43.84
C THR E 530 -2.50 -80.10 43.65
N VAL E 531 -2.93 -79.54 42.52
CA VAL E 531 -4.35 -79.35 42.22
C VAL E 531 -4.63 -80.01 40.88
N CYS E 532 -5.57 -80.96 40.88
CA CYS E 532 -5.92 -81.71 39.69
C CYS E 532 -7.44 -81.71 39.52
N GLY E 533 -7.91 -82.43 38.50
CA GLY E 533 -9.31 -82.53 38.21
C GLY E 533 -9.95 -83.72 38.88
N PRO E 534 -11.29 -83.79 38.86
CA PRO E 534 -11.99 -84.92 39.48
C PRO E 534 -11.80 -86.19 38.67
N LYS E 535 -11.44 -87.27 39.35
CA LYS E 535 -11.28 -88.58 38.74
C LYS E 535 -12.49 -89.44 39.10
N LYS E 536 -13.26 -89.83 38.10
CA LYS E 536 -14.45 -90.64 38.33
C LYS E 536 -14.10 -92.11 38.43
N SER E 537 -14.87 -92.84 39.23
CA SER E 537 -14.66 -94.27 39.45
C SER E 537 -15.90 -95.05 39.03
N THR E 538 -15.68 -96.12 38.28
CA THR E 538 -16.75 -96.96 37.78
C THR E 538 -16.92 -98.17 38.70
N ASN E 539 -17.75 -99.13 38.28
CA ASN E 539 -17.99 -100.33 39.06
C ASN E 539 -16.77 -101.25 39.01
N LEU E 540 -16.78 -102.25 39.88
CA LEU E 540 -15.68 -103.20 40.03
C LEU E 540 -16.22 -104.61 39.78
N VAL E 541 -15.89 -105.17 38.62
CA VAL E 541 -16.23 -106.55 38.27
C VAL E 541 -15.00 -107.42 38.52
N LYS E 542 -15.19 -108.49 39.29
CA LYS E 542 -14.06 -109.33 39.71
C LYS E 542 -13.87 -110.53 38.78
N ASN E 543 -14.88 -111.38 38.66
CA ASN E 543 -14.75 -112.65 37.93
C ASN E 543 -14.90 -112.41 36.43
N LYS E 544 -13.94 -111.67 35.89
CA LYS E 544 -13.88 -111.40 34.46
C LYS E 544 -12.54 -110.79 34.12
N CYS E 545 -11.94 -111.23 33.01
CA CYS E 545 -10.69 -110.68 32.52
C CYS E 545 -10.99 -109.36 31.81
N VAL E 546 -10.72 -108.25 32.49
CA VAL E 546 -10.98 -106.91 31.97
C VAL E 546 -9.80 -106.01 32.30
N ASN E 547 -9.77 -104.85 31.64
CA ASN E 547 -8.73 -103.88 31.90
C ASN E 547 -8.98 -103.16 33.23
N PHE E 548 -7.91 -102.92 33.97
CA PHE E 548 -7.98 -102.25 35.25
C PHE E 548 -6.95 -101.13 35.32
N ASN E 549 -7.26 -100.12 36.12
CA ASN E 549 -6.36 -98.96 36.29
C ASN E 549 -6.51 -98.47 37.72
N PHE E 550 -5.61 -98.89 38.60
CA PHE E 550 -5.61 -98.50 40.00
C PHE E 550 -4.44 -97.54 40.22
N ASN E 551 -4.70 -96.26 39.98
CA ASN E 551 -3.72 -95.18 40.18
C ASN E 551 -2.43 -95.44 39.40
N GLY E 552 -2.59 -95.61 38.09
CA GLY E 552 -1.48 -95.80 37.19
C GLY E 552 -1.20 -97.24 36.79
N LEU E 553 -1.60 -98.21 37.63
CA LEU E 553 -1.37 -99.61 37.32
C LEU E 553 -2.32 -100.08 36.23
N THR E 554 -1.87 -100.04 34.97
CA THR E 554 -2.67 -100.43 33.83
C THR E 554 -2.24 -101.80 33.31
N GLY E 555 -3.21 -102.67 33.11
CA GLY E 555 -2.91 -104.01 32.62
C GLY E 555 -4.18 -104.82 32.46
N THR E 556 -3.98 -106.10 32.19
CA THR E 556 -5.08 -107.04 32.00
C THR E 556 -4.95 -108.19 32.99
N GLY E 557 -6.08 -108.83 33.25
CA GLY E 557 -6.12 -109.97 34.16
C GLY E 557 -7.47 -110.08 34.83
N VAL E 558 -7.58 -111.09 35.68
CA VAL E 558 -8.80 -111.37 36.43
C VAL E 558 -8.56 -111.03 37.90
N LEU E 559 -9.51 -110.33 38.50
CA LEU E 559 -9.43 -109.94 39.90
C LEU E 559 -10.16 -110.97 40.75
N THR E 560 -9.43 -111.66 41.62
CA THR E 560 -9.98 -112.69 42.48
C THR E 560 -9.73 -112.34 43.93
N GLU E 561 -10.62 -112.83 44.80
CA GLU E 561 -10.51 -112.59 46.24
C GLU E 561 -9.29 -113.30 46.81
N SER E 562 -8.31 -112.54 47.27
CA SER E 562 -7.09 -113.10 47.84
C SER E 562 -7.21 -113.19 49.36
N ASN E 563 -6.30 -113.96 49.96
CA ASN E 563 -6.24 -114.14 51.40
C ASN E 563 -5.07 -113.41 52.03
N LYS E 564 -4.41 -112.52 51.29
CA LYS E 564 -3.27 -111.79 51.82
C LYS E 564 -3.73 -110.68 52.77
N LYS E 565 -2.82 -110.26 53.63
CA LYS E 565 -3.06 -109.18 54.60
C LYS E 565 -2.02 -108.10 54.37
N PHE E 566 -2.39 -107.09 53.59
CA PHE E 566 -1.46 -106.00 53.28
C PHE E 566 -1.31 -105.07 54.49
N LEU E 567 -0.09 -104.58 54.67
CA LEU E 567 0.15 -103.61 55.72
C LEU E 567 -0.53 -102.28 55.39
N PRO E 568 -0.93 -101.51 56.39
CA PRO E 568 -1.75 -100.31 56.12
C PRO E 568 -0.94 -99.14 55.57
N PHE E 569 0.06 -99.42 54.73
CA PHE E 569 0.73 -98.36 53.99
C PHE E 569 1.04 -98.72 52.55
N GLN E 570 0.61 -99.88 52.07
CA GLN E 570 0.86 -100.34 50.71
C GLN E 570 -0.45 -100.47 49.95
N GLN E 571 -0.35 -100.47 48.62
CA GLN E 571 -1.52 -100.60 47.75
C GLN E 571 -1.45 -101.86 46.90
N PHE E 572 -0.34 -102.08 46.19
CA PHE E 572 -0.20 -103.21 45.30
C PHE E 572 1.03 -104.03 45.68
N GLY E 573 1.16 -105.19 45.05
CA GLY E 573 2.28 -106.08 45.30
C GLY E 573 2.72 -106.83 44.06
N ARG E 574 4.00 -107.20 44.00
CA ARG E 574 4.56 -107.90 42.86
C ARG E 574 4.94 -109.32 43.23
N ASP E 575 5.26 -110.12 42.22
CA ASP E 575 5.60 -111.52 42.38
C ASP E 575 7.12 -111.71 42.31
N ILE E 576 7.56 -112.97 42.24
CA ILE E 576 8.97 -113.29 42.23
C ILE E 576 9.71 -112.67 41.04
N ALA E 577 9.05 -112.56 39.90
CA ALA E 577 9.68 -112.06 38.68
C ALA E 577 9.29 -110.62 38.38
N ASP E 578 9.00 -109.85 39.43
CA ASP E 578 8.63 -108.43 39.30
C ASP E 578 7.42 -108.26 38.40
N THR E 579 6.36 -108.99 38.72
CA THR E 579 5.10 -108.94 37.97
C THR E 579 3.97 -108.60 38.93
N THR E 580 3.17 -107.60 38.59
CA THR E 580 2.06 -107.18 39.44
C THR E 580 0.96 -108.22 39.41
N ASP E 581 0.64 -108.78 40.57
CA ASP E 581 -0.43 -109.76 40.70
C ASP E 581 -1.35 -109.51 41.89
N ALA E 582 -1.24 -108.36 42.56
CA ALA E 582 -2.10 -108.05 43.69
C ALA E 582 -2.19 -106.53 43.81
N VAL E 583 -3.37 -106.07 44.21
CA VAL E 583 -3.62 -104.64 44.39
C VAL E 583 -4.80 -104.48 45.33
N ARG E 584 -4.80 -103.40 46.10
CA ARG E 584 -5.89 -103.07 47.00
C ARG E 584 -6.64 -101.86 46.45
N ASP E 585 -7.94 -102.03 46.23
CA ASP E 585 -8.77 -100.95 45.71
C ASP E 585 -8.84 -99.81 46.72
N PRO E 586 -8.43 -98.58 46.36
CA PRO E 586 -8.50 -97.44 47.28
C PRO E 586 -9.90 -96.84 47.39
N GLN E 587 -10.90 -97.71 47.54
CA GLN E 587 -12.27 -97.30 47.81
C GLN E 587 -12.78 -97.90 49.10
N THR E 588 -12.71 -99.22 49.24
CA THR E 588 -12.97 -99.93 50.48
C THR E 588 -11.83 -100.92 50.68
N LEU E 589 -11.32 -100.98 51.91
CA LEU E 589 -10.15 -101.80 52.22
C LEU E 589 -10.42 -103.27 51.88
N GLU E 590 -9.77 -103.76 50.83
CA GLU E 590 -9.95 -105.14 50.37
C GLU E 590 -8.85 -105.52 49.39
N ILE E 591 -8.23 -106.68 49.60
CA ILE E 591 -7.18 -107.15 48.70
C ILE E 591 -7.81 -107.81 47.48
N LEU E 592 -7.09 -107.78 46.37
CA LEU E 592 -7.57 -108.35 45.11
C LEU E 592 -6.40 -108.99 44.39
N ASP E 593 -6.45 -110.32 44.23
CA ASP E 593 -5.41 -111.02 43.49
C ASP E 593 -5.62 -110.82 41.99
N ILE E 594 -4.54 -110.45 41.29
CA ILE E 594 -4.59 -110.20 39.86
C ILE E 594 -4.03 -111.46 39.18
N THR E 595 -4.93 -112.34 38.79
CA THR E 595 -4.51 -113.53 38.05
C THR E 595 -4.43 -113.22 36.56
N PRO E 596 -3.44 -113.76 35.85
CA PRO E 596 -3.31 -113.44 34.43
C PRO E 596 -4.51 -113.91 33.62
N CYS E 597 -4.82 -113.15 32.57
CA CYS E 597 -5.92 -113.50 31.68
C CYS E 597 -5.63 -114.82 30.99
N SER E 598 -6.70 -115.57 30.68
CA SER E 598 -6.54 -116.88 30.07
C SER E 598 -5.96 -116.75 28.66
N PHE E 599 -4.81 -117.38 28.44
CA PHE E 599 -4.16 -117.40 27.13
C PHE E 599 -3.48 -118.74 26.94
N GLY E 600 -2.80 -118.89 25.80
CA GLY E 600 -2.10 -120.13 25.52
C GLY E 600 -1.87 -120.27 24.03
N GLY E 601 -1.64 -121.50 23.61
CA GLY E 601 -1.40 -121.82 22.21
C GLY E 601 -2.27 -122.95 21.74
N VAL E 602 -2.79 -122.82 20.53
CA VAL E 602 -3.67 -123.81 19.94
C VAL E 602 -2.85 -124.86 19.22
N SER E 603 -3.40 -126.07 19.12
CA SER E 603 -2.75 -127.17 18.43
C SER E 603 -3.81 -128.00 17.72
N VAL E 604 -3.69 -128.12 16.41
CA VAL E 604 -4.66 -128.83 15.58
C VAL E 604 -4.14 -130.23 15.30
N ILE E 605 -4.98 -131.23 15.57
CA ILE E 605 -4.62 -132.63 15.33
C ILE E 605 -5.18 -133.00 13.96
N THR E 606 -4.32 -133.02 12.95
CA THR E 606 -4.73 -133.34 11.59
C THR E 606 -4.29 -134.75 11.24
N PRO E 607 -5.22 -135.71 11.06
CA PRO E 607 -4.86 -137.08 10.69
C PRO E 607 -4.62 -137.27 9.20
N GLY E 608 -3.82 -136.38 8.61
CA GLY E 608 -3.51 -136.44 7.20
C GLY E 608 -4.61 -135.90 6.32
N THR E 609 -4.22 -135.25 5.21
CA THR E 609 -5.21 -134.69 4.29
C THR E 609 -5.74 -135.73 3.32
N ASN E 610 -4.90 -136.68 2.91
CA ASN E 610 -5.32 -137.71 1.97
C ASN E 610 -6.33 -138.69 2.56
N THR E 611 -6.50 -138.70 3.88
CA THR E 611 -7.43 -139.60 4.55
C THR E 611 -8.79 -138.95 4.80
N SER E 612 -8.82 -137.81 5.48
CA SER E 612 -10.06 -137.12 5.78
C SER E 612 -9.76 -135.68 6.15
N ASN E 613 -10.79 -134.83 6.03
CA ASN E 613 -10.68 -133.42 6.36
C ASN E 613 -11.26 -133.08 7.72
N GLN E 614 -11.36 -134.06 8.61
CA GLN E 614 -11.88 -133.86 9.96
C GLN E 614 -10.70 -133.77 10.92
N VAL E 615 -10.53 -132.60 11.53
CA VAL E 615 -9.41 -132.35 12.44
C VAL E 615 -9.97 -131.96 13.80
N ALA E 616 -9.09 -131.98 14.81
CA ALA E 616 -9.43 -131.60 16.16
C ALA E 616 -8.41 -130.59 16.68
N VAL E 617 -8.88 -129.64 17.47
CA VAL E 617 -8.05 -128.56 18.01
C VAL E 617 -7.76 -128.85 19.48
N LEU E 618 -6.60 -128.40 19.95
CA LEU E 618 -6.18 -128.58 21.33
C LEU E 618 -5.80 -127.22 21.90
N TYR E 619 -6.48 -126.82 22.98
CA TYR E 619 -6.21 -125.55 23.65
C TYR E 619 -5.30 -125.82 24.84
N GLN E 620 -4.00 -125.59 24.64
CA GLN E 620 -3.01 -125.85 25.68
C GLN E 620 -3.16 -124.84 26.81
N GLY E 621 -3.40 -125.34 28.03
CA GLY E 621 -3.55 -124.51 29.21
C GLY E 621 -4.98 -124.20 29.57
N VAL E 622 -5.89 -124.28 28.60
CA VAL E 622 -7.29 -123.97 28.86
C VAL E 622 -7.97 -125.14 29.56
N ASN E 623 -8.81 -124.83 30.54
CA ASN E 623 -9.56 -125.83 31.29
C ASN E 623 -10.96 -126.07 30.71
N CYS E 624 -11.12 -125.91 29.40
CA CYS E 624 -12.38 -126.09 28.69
C CYS E 624 -13.47 -125.13 29.14
N THR E 625 -13.11 -124.07 29.87
CA THR E 625 -14.09 -123.11 30.37
C THR E 625 -13.86 -121.71 29.82
N GLU E 626 -12.93 -121.52 28.90
CA GLU E 626 -12.65 -120.21 28.33
C GLU E 626 -12.81 -120.14 26.82
N VAL E 627 -12.97 -121.27 26.14
CA VAL E 627 -13.13 -121.26 24.68
C VAL E 627 -14.53 -120.75 24.34
N PRO E 628 -14.66 -119.74 23.48
CA PRO E 628 -15.96 -119.19 23.07
C PRO E 628 -16.85 -120.22 22.39
N SER E 647 -17.41 -132.47 18.23
CA SER E 647 -17.49 -131.49 19.30
C SER E 647 -17.68 -132.16 20.66
N ASN E 648 -16.72 -133.01 21.03
CA ASN E 648 -16.75 -133.75 22.28
C ASN E 648 -15.74 -133.09 23.23
N VAL E 649 -16.25 -132.32 24.18
CA VAL E 649 -15.38 -131.62 25.13
C VAL E 649 -14.87 -132.63 26.16
N PHE E 650 -13.55 -132.65 26.37
CA PHE E 650 -12.93 -133.53 27.34
C PHE E 650 -11.73 -132.83 27.95
N GLN E 651 -11.54 -132.99 29.25
CA GLN E 651 -10.48 -132.31 29.99
C GLN E 651 -9.36 -133.31 30.28
N THR E 652 -8.16 -132.99 29.82
CA THR E 652 -6.97 -133.79 30.08
C THR E 652 -6.02 -133.02 30.98
N ARG E 653 -4.84 -133.59 31.22
CA ARG E 653 -3.81 -132.95 32.01
C ARG E 653 -2.85 -132.11 31.18
N ALA E 654 -3.14 -131.90 29.90
CA ALA E 654 -2.27 -131.13 29.01
C ALA E 654 -3.00 -130.01 28.29
N GLY E 655 -4.31 -129.88 28.46
CA GLY E 655 -5.08 -128.85 27.80
C GLY E 655 -6.49 -129.32 27.55
N CYS E 656 -7.19 -128.60 26.67
CA CYS E 656 -8.57 -128.90 26.31
C CYS E 656 -8.59 -129.34 24.85
N LEU E 657 -8.95 -130.59 24.61
CA LEU E 657 -9.03 -131.15 23.26
C LEU E 657 -10.48 -131.07 22.79
N ILE E 658 -10.70 -130.39 21.66
CA ILE E 658 -12.02 -130.20 21.09
C ILE E 658 -12.04 -130.84 19.71
N GLY E 659 -12.88 -131.86 19.54
CA GLY E 659 -13.01 -132.52 18.26
C GLY E 659 -12.91 -134.03 18.33
N ALA E 660 -12.33 -134.53 19.43
CA ALA E 660 -12.15 -135.96 19.63
C ALA E 660 -12.84 -136.39 20.92
N GLU E 661 -13.06 -137.70 21.03
CA GLU E 661 -13.68 -138.29 22.21
C GLU E 661 -12.70 -139.26 22.88
N TYR E 662 -12.76 -139.31 24.21
CA TYR E 662 -11.85 -140.14 24.98
C TYR E 662 -12.42 -141.56 25.08
N VAL E 663 -11.83 -142.48 24.33
CA VAL E 663 -12.22 -143.88 24.39
C VAL E 663 -11.44 -144.57 25.50
N ASN E 664 -12.12 -145.44 26.25
CA ASN E 664 -11.47 -146.13 27.37
C ASN E 664 -10.56 -147.26 26.91
N ASN E 665 -10.54 -147.57 25.62
CA ASN E 665 -9.62 -148.58 25.11
C ASN E 665 -8.22 -148.01 24.97
N SER E 666 -7.23 -148.89 24.93
CA SER E 666 -5.83 -148.51 24.87
C SER E 666 -5.22 -149.07 23.59
N TYR E 667 -4.68 -148.20 22.74
CA TYR E 667 -4.01 -148.57 21.51
C TYR E 667 -2.61 -147.96 21.48
N GLU E 668 -1.94 -148.13 20.34
CA GLU E 668 -0.62 -147.56 20.15
C GLU E 668 -0.71 -146.07 19.87
N CYS E 669 0.29 -145.33 20.34
CA CYS E 669 0.30 -143.87 20.19
C CYS E 669 0.63 -143.52 18.74
N ASP E 670 -0.37 -143.05 18.00
CA ASP E 670 -0.18 -142.65 16.62
C ASP E 670 0.18 -141.17 16.51
N ILE E 671 -0.66 -140.31 17.07
CA ILE E 671 -0.45 -138.86 17.08
C ILE E 671 -0.17 -138.45 18.52
N PRO E 672 1.06 -138.07 18.86
CA PRO E 672 1.35 -137.66 20.25
C PRO E 672 0.72 -136.32 20.58
N ILE E 673 -0.04 -136.29 21.67
CA ILE E 673 -0.71 -135.07 22.13
C ILE E 673 0.06 -134.50 23.30
N GLY E 674 0.20 -135.27 24.36
CA GLY E 674 0.91 -134.84 25.55
C GLY E 674 0.29 -135.45 26.80
N ALA E 675 1.14 -135.65 27.81
CA ALA E 675 0.73 -136.20 29.10
C ALA E 675 0.05 -137.56 28.94
N GLY E 676 0.63 -138.38 28.08
CA GLY E 676 0.14 -139.73 27.82
C GLY E 676 -1.00 -139.80 26.82
N ILE E 677 -1.73 -138.70 26.62
CA ILE E 677 -2.85 -138.70 25.69
C ILE E 677 -2.33 -138.84 24.27
N CYS E 678 -2.97 -139.69 23.48
CA CYS E 678 -2.60 -139.94 22.10
C CYS E 678 -3.85 -139.96 21.24
N ALA E 679 -3.67 -139.61 19.96
CA ALA E 679 -4.76 -139.54 19.01
C ALA E 679 -4.49 -140.47 17.83
N SER E 680 -5.57 -140.85 17.15
CA SER E 680 -5.49 -141.71 15.99
C SER E 680 -6.75 -141.52 15.16
N TYR E 681 -6.85 -142.27 14.06
CA TYR E 681 -7.99 -142.22 13.16
C TYR E 681 -8.52 -143.65 12.99
N GLN E 682 -9.52 -144.01 13.80
CA GLN E 682 -10.08 -145.36 13.78
C GLN E 682 -11.60 -145.25 13.85
N THR E 683 -12.27 -146.27 13.32
CA THR E 683 -13.72 -146.32 13.33
C THR E 683 -14.27 -146.40 14.75
N SER E 696 -18.53 -145.50 11.69
CA SER E 696 -18.27 -144.07 11.55
C SER E 696 -16.82 -143.75 11.91
N GLN E 697 -16.14 -143.02 11.03
CA GLN E 697 -14.75 -142.64 11.25
C GLN E 697 -14.69 -141.31 12.00
N SER E 698 -13.85 -141.28 13.04
CA SER E 698 -13.69 -140.07 13.85
C SER E 698 -12.41 -140.20 14.66
N ILE E 699 -11.88 -139.05 15.06
CA ILE E 699 -10.66 -139.00 15.86
C ILE E 699 -11.02 -139.37 17.30
N ILE E 700 -10.24 -140.27 17.89
CA ILE E 700 -10.46 -140.75 19.25
C ILE E 700 -9.19 -140.51 20.07
N ALA E 701 -9.38 -140.11 21.32
CA ALA E 701 -8.28 -139.92 22.26
C ALA E 701 -8.22 -141.08 23.24
N TYR E 702 -7.01 -141.47 23.60
CA TYR E 702 -6.82 -142.62 24.47
C TYR E 702 -5.42 -142.56 25.07
N THR E 703 -5.22 -143.36 26.12
CA THR E 703 -3.93 -143.50 26.76
C THR E 703 -3.11 -144.56 26.02
N MET E 704 -1.87 -144.20 25.67
CA MET E 704 -1.02 -145.11 24.90
C MET E 704 -0.65 -146.33 25.75
N SER E 705 -0.53 -147.48 25.08
CA SER E 705 -0.14 -148.72 25.72
C SER E 705 1.35 -148.93 25.55
N LEU E 706 2.03 -149.24 26.67
CA LEU E 706 3.48 -149.44 26.62
C LEU E 706 3.85 -150.77 25.97
N GLY E 707 2.92 -151.69 25.85
CA GLY E 707 3.19 -152.98 25.23
C GLY E 707 2.33 -154.05 25.86
N ALA E 708 2.58 -155.28 25.41
CA ALA E 708 1.85 -156.42 25.94
C ALA E 708 2.35 -156.77 27.34
N GLU E 709 1.47 -157.43 28.11
CA GLU E 709 1.75 -157.82 29.49
C GLU E 709 2.16 -159.29 29.51
N ASN E 710 3.46 -159.53 29.35
CA ASN E 710 4.00 -160.89 29.38
C ASN E 710 4.33 -161.27 30.81
N SER E 711 4.11 -162.55 31.13
CA SER E 711 4.35 -163.08 32.47
C SER E 711 5.33 -164.24 32.36
N VAL E 712 6.59 -163.99 32.73
CA VAL E 712 7.60 -165.04 32.69
C VAL E 712 7.40 -165.98 33.87
N ALA E 713 7.25 -167.28 33.58
CA ALA E 713 7.03 -168.29 34.61
C ALA E 713 8.37 -168.61 35.28
N TYR E 714 8.74 -167.78 36.24
CA TYR E 714 9.99 -167.96 36.95
C TYR E 714 9.88 -169.10 37.96
N SER E 715 10.92 -169.93 38.01
CA SER E 715 10.96 -171.04 38.95
C SER E 715 12.41 -171.38 39.24
N ASN E 716 12.62 -172.05 40.38
CA ASN E 716 13.97 -172.41 40.79
C ASN E 716 14.53 -173.60 40.00
N ASN E 717 13.67 -174.34 39.30
CA ASN E 717 14.09 -175.51 38.53
C ASN E 717 13.44 -175.50 37.15
N SER E 718 13.40 -174.35 36.50
CA SER E 718 12.83 -174.20 35.18
C SER E 718 13.68 -173.24 34.36
N ILE E 719 14.09 -173.68 33.17
CA ILE E 719 14.90 -172.86 32.27
C ILE E 719 14.37 -173.04 30.85
N ALA E 720 14.53 -172.00 30.04
CA ALA E 720 14.08 -172.00 28.65
C ALA E 720 15.31 -171.99 27.75
N ILE E 721 15.53 -173.10 27.05
CA ILE E 721 16.64 -173.24 26.12
C ILE E 721 16.06 -173.24 24.70
N PRO E 722 16.49 -172.34 23.83
CA PRO E 722 15.94 -172.30 22.47
C PRO E 722 16.40 -173.49 21.65
N THR E 723 15.58 -173.84 20.66
CA THR E 723 15.87 -174.95 19.76
C THR E 723 16.10 -174.54 18.32
N ASN E 724 15.63 -173.38 17.89
CA ASN E 724 15.80 -172.90 16.53
C ASN E 724 16.37 -171.49 16.56
N PHE E 725 16.71 -171.00 15.37
CA PHE E 725 17.29 -169.67 15.22
C PHE E 725 16.77 -169.02 13.95
N THR E 726 16.65 -167.69 13.99
CA THR E 726 16.17 -166.91 12.86
C THR E 726 17.12 -165.74 12.65
N ILE E 727 17.96 -165.81 11.62
CA ILE E 727 18.89 -164.73 11.32
C ILE E 727 18.12 -163.54 10.79
N SER E 728 18.16 -162.43 11.51
CA SER E 728 17.46 -161.21 11.13
C SER E 728 18.48 -160.12 10.80
N VAL E 729 18.18 -159.35 9.76
CA VAL E 729 19.03 -158.25 9.31
C VAL E 729 18.25 -156.95 9.48
N THR E 730 18.82 -156.00 10.19
CA THR E 730 18.20 -154.70 10.44
C THR E 730 19.00 -153.60 9.74
N THR E 731 18.50 -152.38 9.85
CA THR E 731 19.14 -151.23 9.24
C THR E 731 19.12 -150.06 10.22
N GLU E 732 20.15 -149.23 10.15
CA GLU E 732 20.28 -148.05 11.01
C GLU E 732 20.81 -146.90 10.18
N ILE E 733 20.05 -145.81 10.12
CA ILE E 733 20.43 -144.64 9.34
C ILE E 733 21.23 -143.69 10.22
N LEU E 734 22.39 -143.27 9.72
CA LEU E 734 23.26 -142.36 10.46
C LEU E 734 23.86 -141.33 9.51
N PRO E 735 23.56 -140.04 9.69
CA PRO E 735 24.17 -139.02 8.85
C PRO E 735 25.67 -138.90 9.11
N VAL E 736 26.40 -138.50 8.07
CA VAL E 736 27.84 -138.32 8.13
C VAL E 736 28.24 -136.87 7.91
N SER E 737 27.74 -136.26 6.83
CA SER E 737 28.06 -134.89 6.50
C SER E 737 26.78 -134.15 6.12
N MET E 738 26.93 -132.86 5.83
CA MET E 738 25.81 -132.00 5.45
C MET E 738 26.25 -131.14 4.26
N THR E 739 25.41 -130.18 3.92
CA THR E 739 25.71 -129.31 2.78
C THR E 739 26.81 -128.31 3.15
N LYS E 740 27.86 -128.28 2.34
CA LYS E 740 28.96 -127.34 2.56
C LYS E 740 28.59 -125.99 1.95
N THR E 741 28.53 -124.95 2.78
CA THR E 741 28.12 -123.63 2.34
C THR E 741 29.21 -122.61 2.69
N SER E 742 29.24 -121.54 1.89
CA SER E 742 30.18 -120.44 2.12
C SER E 742 29.56 -119.16 1.59
N VAL E 743 29.43 -118.16 2.46
CA VAL E 743 28.80 -116.90 2.11
C VAL E 743 29.85 -115.81 2.05
N ASP E 744 29.51 -114.73 1.34
CA ASP E 744 30.39 -113.57 1.23
C ASP E 744 29.89 -112.48 2.16
N CYS E 745 30.77 -112.03 3.06
CA CYS E 745 30.41 -111.02 4.05
C CYS E 745 30.33 -109.61 3.46
N THR E 746 30.62 -109.45 2.16
CA THR E 746 30.52 -108.17 1.48
C THR E 746 29.41 -108.15 0.43
N MET E 747 29.20 -109.26 -0.29
CA MET E 747 28.15 -109.30 -1.28
C MET E 747 26.77 -109.52 -0.65
N TYR E 748 26.70 -110.40 0.34
CA TYR E 748 25.42 -110.65 1.01
C TYR E 748 24.97 -109.44 1.82
N ILE E 749 25.93 -108.69 2.39
CA ILE E 749 25.56 -107.53 3.18
C ILE E 749 25.33 -106.31 2.30
N CYS E 750 26.23 -106.06 1.35
CA CYS E 750 26.12 -104.92 0.44
C CYS E 750 25.86 -105.46 -0.96
N GLY E 751 24.67 -105.18 -1.48
CA GLY E 751 24.31 -105.64 -2.81
C GLY E 751 24.69 -104.66 -3.90
N ASP E 752 25.82 -104.93 -4.57
CA ASP E 752 26.32 -104.15 -5.71
C ASP E 752 26.52 -102.69 -5.38
N SER E 753 26.83 -102.36 -4.12
CA SER E 753 27.06 -100.98 -3.72
C SER E 753 28.52 -100.73 -3.42
N THR E 754 28.91 -99.45 -3.45
CA THR E 754 30.28 -99.03 -3.19
C THR E 754 30.44 -98.32 -1.85
N GLU E 755 29.58 -97.35 -1.55
CA GLU E 755 29.65 -96.66 -0.27
C GLU E 755 29.17 -97.53 0.88
N CYS E 756 28.44 -98.61 0.57
CA CYS E 756 28.00 -99.53 1.62
C CYS E 756 29.18 -100.26 2.24
N SER E 757 30.18 -100.61 1.43
CA SER E 757 31.36 -101.31 1.94
C SER E 757 32.30 -100.38 2.69
N ASN E 758 32.22 -99.07 2.45
CA ASN E 758 33.10 -98.14 3.15
C ASN E 758 32.71 -98.02 4.63
N LEU E 759 31.42 -98.05 4.93
CA LEU E 759 30.93 -97.99 6.30
C LEU E 759 30.89 -99.36 6.97
N LEU E 760 31.22 -100.43 6.24
CA LEU E 760 31.22 -101.78 6.81
C LEU E 760 32.52 -102.10 7.53
N LEU E 761 33.64 -101.54 7.07
CA LEU E 761 34.93 -101.81 7.72
C LEU E 761 35.13 -101.02 9.00
N GLN E 762 34.19 -100.14 9.35
CA GLN E 762 34.30 -99.35 10.57
C GLN E 762 33.54 -99.94 11.75
N TYR E 763 32.52 -100.77 11.49
CA TYR E 763 31.78 -101.38 12.59
C TYR E 763 32.60 -102.45 13.30
N GLY E 764 33.56 -103.06 12.62
CA GLY E 764 34.38 -104.08 13.23
C GLY E 764 34.98 -104.99 12.19
N SER E 765 35.69 -106.01 12.69
CA SER E 765 36.34 -107.01 11.85
C SER E 765 35.63 -108.36 11.93
N PHE E 766 34.32 -108.34 12.17
CA PHE E 766 33.54 -109.57 12.27
C PHE E 766 33.31 -110.24 10.92
N CYS E 767 33.67 -109.59 9.82
CA CYS E 767 33.49 -110.20 8.49
C CYS E 767 34.52 -111.28 8.19
N THR E 768 35.53 -111.46 9.05
CA THR E 768 36.52 -112.50 8.86
C THR E 768 36.32 -113.71 9.77
N GLN E 769 35.82 -113.50 10.99
CA GLN E 769 35.57 -114.63 11.88
C GLN E 769 34.48 -115.55 11.36
N LEU E 770 33.44 -115.00 10.73
CA LEU E 770 32.40 -115.84 10.12
C LEU E 770 32.92 -116.65 8.94
N LYS E 771 33.77 -116.06 8.09
CA LYS E 771 34.38 -116.80 7.00
C LYS E 771 35.30 -117.90 7.52
N ARG E 772 36.07 -117.60 8.57
CA ARG E 772 36.92 -118.63 9.17
C ARG E 772 36.09 -119.75 9.79
N ALA E 773 34.95 -119.41 10.41
CA ALA E 773 34.08 -120.42 10.97
C ALA E 773 33.48 -121.31 9.88
N LEU E 774 33.09 -120.70 8.75
CA LEU E 774 32.58 -121.49 7.64
C LEU E 774 33.66 -122.38 7.04
N THR E 775 34.89 -121.88 6.93
CA THR E 775 35.99 -122.71 6.44
C THR E 775 36.26 -123.87 7.39
N GLY E 776 36.22 -123.62 8.70
CA GLY E 776 36.37 -124.70 9.66
C GLY E 776 35.26 -125.72 9.59
N ILE E 777 34.02 -125.25 9.35
CA ILE E 777 32.90 -126.18 9.18
C ILE E 777 33.11 -127.05 7.96
N ALA E 778 33.58 -126.45 6.86
CA ALA E 778 33.84 -127.22 5.64
C ALA E 778 34.94 -128.25 5.88
N VAL E 779 36.01 -127.85 6.55
CA VAL E 779 37.10 -128.78 6.85
C VAL E 779 36.61 -129.90 7.75
N GLU E 780 35.75 -129.59 8.72
CA GLU E 780 35.20 -130.62 9.59
C GLU E 780 34.32 -131.59 8.83
N GLN E 781 33.48 -131.08 7.93
CA GLN E 781 32.62 -131.95 7.14
C GLN E 781 33.44 -132.84 6.19
N ASP E 782 34.56 -132.33 5.69
CA ASP E 782 35.45 -133.16 4.88
C ASP E 782 36.16 -134.21 5.73
N LYS E 783 36.64 -133.84 6.91
CA LYS E 783 37.31 -134.79 7.79
C LYS E 783 36.38 -135.88 8.28
N ASN E 784 35.09 -135.57 8.47
CA ASN E 784 34.13 -136.59 8.86
C ASN E 784 34.00 -137.67 7.80
N THR E 785 33.82 -137.27 6.53
CA THR E 785 33.74 -138.23 5.44
C THR E 785 35.07 -138.94 5.23
N GLN E 786 36.18 -138.29 5.54
CA GLN E 786 37.49 -138.94 5.41
C GLN E 786 37.72 -139.98 6.50
N GLU E 787 37.19 -139.78 7.71
CA GLU E 787 37.41 -140.70 8.81
C GLU E 787 36.33 -141.78 8.93
N VAL E 788 35.16 -141.56 8.33
CA VAL E 788 34.06 -142.53 8.40
C VAL E 788 34.23 -143.63 7.37
N PHE E 789 34.51 -143.27 6.12
CA PHE E 789 34.61 -144.26 5.05
C PHE E 789 36.04 -144.71 4.78
N ALA E 790 36.98 -143.76 4.71
CA ALA E 790 38.39 -144.08 4.43
C ALA E 790 39.08 -144.52 5.72
N GLN E 791 38.86 -145.79 6.07
CA GLN E 791 39.47 -146.40 7.25
C GLN E 791 40.47 -147.48 6.91
N VAL E 792 40.65 -147.82 5.63
CA VAL E 792 41.59 -148.84 5.21
C VAL E 792 42.48 -148.26 4.13
N LYS E 793 43.68 -148.84 3.98
CA LYS E 793 44.64 -148.38 2.99
C LYS E 793 44.53 -149.15 1.68
N GLN E 794 44.27 -150.45 1.74
CA GLN E 794 44.17 -151.29 0.55
C GLN E 794 42.73 -151.31 0.04
N ILE E 795 42.57 -151.10 -1.26
CA ILE E 795 41.26 -151.13 -1.90
C ILE E 795 41.03 -152.55 -2.39
N TYR E 796 40.27 -153.32 -1.62
CA TYR E 796 40.01 -154.72 -1.95
C TYR E 796 38.97 -154.82 -3.05
N LYS E 797 39.06 -155.88 -3.84
CA LYS E 797 38.14 -156.14 -4.94
C LYS E 797 37.59 -157.55 -4.82
N THR E 798 36.34 -157.72 -5.22
CA THR E 798 35.69 -159.02 -5.13
C THR E 798 36.23 -159.96 -6.22
N PRO E 799 36.36 -161.24 -5.90
CA PRO E 799 36.82 -162.21 -6.91
C PRO E 799 35.81 -162.33 -8.04
N PRO E 800 36.23 -162.87 -9.20
CA PRO E 800 35.28 -163.04 -10.31
C PRO E 800 34.12 -163.95 -9.96
N ILE E 801 34.42 -165.09 -9.34
CA ILE E 801 33.37 -166.00 -8.88
C ILE E 801 32.70 -165.40 -7.65
N LYS E 802 31.40 -165.64 -7.52
CA LYS E 802 30.59 -165.11 -6.43
C LYS E 802 29.83 -166.22 -5.73
N TYR E 803 30.53 -167.33 -5.45
CA TYR E 803 29.95 -168.45 -4.72
C TYR E 803 30.59 -168.46 -3.33
N PHE E 804 29.99 -167.72 -2.41
CA PHE E 804 30.50 -167.61 -1.05
C PHE E 804 29.80 -168.62 -0.13
N GLY E 805 29.93 -169.89 -0.49
CA GLY E 805 29.33 -170.96 0.29
C GLY E 805 27.83 -171.02 0.26
N GLY E 806 27.18 -170.34 -0.69
CA GLY E 806 25.74 -170.34 -0.79
C GLY E 806 25.05 -169.07 -0.33
N PHE E 807 25.80 -168.02 -0.01
CA PHE E 807 25.24 -166.75 0.44
C PHE E 807 25.21 -165.79 -0.75
N ASN E 808 24.02 -165.31 -1.09
CA ASN E 808 23.83 -164.44 -2.25
C ASN E 808 24.01 -162.99 -1.81
N PHE E 809 25.05 -162.33 -2.34
CA PHE E 809 25.34 -160.93 -2.04
C PHE E 809 25.08 -160.02 -3.24
N SER E 810 24.15 -160.40 -4.12
CA SER E 810 23.89 -159.61 -5.32
C SER E 810 23.24 -158.27 -5.02
N GLN E 811 22.69 -158.10 -3.82
CA GLN E 811 22.01 -156.86 -3.46
C GLN E 811 22.94 -155.82 -2.85
N ILE E 812 24.04 -156.25 -2.23
CA ILE E 812 24.96 -155.34 -1.58
C ILE E 812 26.25 -155.13 -2.38
N LEU E 813 26.64 -156.11 -3.20
CA LEU E 813 27.82 -155.94 -4.02
C LEU E 813 27.52 -154.99 -5.18
N PRO E 814 28.49 -154.18 -5.58
CA PRO E 814 28.24 -153.21 -6.67
C PRO E 814 28.00 -153.91 -7.99
N ASP E 815 27.01 -153.39 -8.74
CA ASP E 815 26.64 -153.96 -10.02
C ASP E 815 27.42 -153.26 -11.13
N PRO E 816 28.28 -153.97 -11.86
CA PRO E 816 29.08 -153.30 -12.91
C PRO E 816 28.29 -152.97 -14.17
N SER E 817 27.06 -153.45 -14.30
CA SER E 817 26.26 -153.20 -15.50
C SER E 817 25.49 -151.89 -15.42
N LYS E 818 26.20 -150.80 -15.10
CA LYS E 818 25.63 -149.47 -15.02
C LYS E 818 26.76 -148.43 -14.95
N PRO E 819 26.52 -147.19 -15.40
CA PRO E 819 27.60 -146.20 -15.38
C PRO E 819 27.96 -145.70 -13.99
N SER E 820 27.20 -146.07 -12.96
CA SER E 820 27.51 -145.61 -11.61
C SER E 820 28.26 -146.65 -10.78
N LYS E 821 28.13 -147.93 -11.13
CA LYS E 821 28.81 -149.03 -10.42
C LYS E 821 28.44 -149.04 -8.94
N ARG E 822 27.15 -149.19 -8.69
CA ARG E 822 26.62 -149.23 -7.33
C ARG E 822 25.62 -150.37 -7.20
N SER E 823 25.46 -150.84 -5.96
CA SER E 823 24.54 -151.93 -5.69
C SER E 823 23.10 -151.43 -5.76
N PRO E 824 22.15 -152.34 -6.00
CA PRO E 824 20.73 -151.93 -6.04
C PRO E 824 20.26 -151.26 -4.76
N ILE E 825 20.76 -151.69 -3.60
CA ILE E 825 20.39 -151.03 -2.34
C ILE E 825 20.92 -149.60 -2.32
N GLU E 826 22.17 -149.40 -2.74
CA GLU E 826 22.70 -148.04 -2.84
C GLU E 826 21.93 -147.22 -3.86
N ASP E 827 21.52 -147.82 -4.97
CA ASP E 827 20.72 -147.10 -5.96
C ASP E 827 19.38 -146.66 -5.38
N LEU E 828 18.73 -147.55 -4.62
CA LEU E 828 17.45 -147.19 -4.00
C LEU E 828 17.63 -146.10 -2.95
N LEU E 829 18.72 -146.18 -2.18
CA LEU E 829 18.96 -145.15 -1.17
C LEU E 829 19.34 -143.82 -1.80
N PHE E 830 19.93 -143.84 -3.00
CA PHE E 830 20.31 -142.59 -3.65
C PHE E 830 19.13 -141.95 -4.38
N ASN E 831 18.28 -142.76 -5.00
CA ASN E 831 17.12 -142.23 -5.71
C ASN E 831 15.90 -142.15 -4.80
N LYS E 832 16.06 -141.50 -3.65
CA LYS E 832 14.93 -141.29 -2.76
C LYS E 832 14.96 -139.92 -2.09
N VAL E 833 16.12 -139.30 -1.94
CA VAL E 833 16.23 -138.00 -1.29
C VAL E 833 16.20 -136.88 -2.33
N PHE E 862 20.85 -117.51 -4.04
CA PHE E 862 22.12 -117.36 -4.73
C PHE E 862 22.53 -115.88 -4.78
N ASN E 863 22.75 -115.30 -3.61
CA ASN E 863 23.10 -113.89 -3.47
C ASN E 863 24.28 -113.72 -2.53
N GLY E 864 25.32 -114.53 -2.75
CA GLY E 864 26.52 -114.46 -1.92
C GLY E 864 26.93 -115.80 -1.37
N LEU E 865 25.98 -116.72 -1.26
CA LEU E 865 26.22 -118.05 -0.74
C LEU E 865 26.48 -119.01 -1.90
N THR E 866 27.52 -119.82 -1.77
CA THR E 866 27.91 -120.80 -2.79
C THR E 866 28.04 -122.17 -2.15
N VAL E 867 27.34 -123.15 -2.72
CA VAL E 867 27.38 -124.51 -2.20
C VAL E 867 28.68 -125.16 -2.68
N LEU E 868 29.59 -125.43 -1.74
CA LEU E 868 30.86 -126.04 -2.10
C LEU E 868 30.71 -127.55 -2.21
N PRO E 869 31.22 -128.16 -3.29
CA PRO E 869 31.11 -129.62 -3.43
C PRO E 869 32.05 -130.33 -2.48
N PRO E 870 31.68 -131.51 -2.00
CA PRO E 870 32.57 -132.25 -1.09
C PRO E 870 33.83 -132.72 -1.81
N LEU E 871 34.84 -133.05 -0.99
CA LEU E 871 36.10 -133.53 -1.55
C LEU E 871 35.95 -134.93 -2.14
N LEU E 872 35.32 -135.83 -1.39
CA LEU E 872 35.09 -137.20 -1.84
C LEU E 872 33.71 -137.28 -2.50
N THR E 873 33.70 -137.59 -3.80
CA THR E 873 32.44 -137.68 -4.52
C THR E 873 31.73 -138.99 -4.18
N ASP E 874 30.57 -139.20 -4.82
CA ASP E 874 29.80 -140.41 -4.57
C ASP E 874 30.52 -141.65 -5.09
N GLU E 875 31.29 -141.52 -6.17
CA GLU E 875 32.01 -142.67 -6.72
C GLU E 875 33.08 -143.16 -5.76
N MET E 876 33.80 -142.23 -5.12
CA MET E 876 34.84 -142.62 -4.17
C MET E 876 34.23 -143.28 -2.94
N ILE E 877 33.08 -142.77 -2.48
CA ILE E 877 32.40 -143.39 -1.35
C ILE E 877 31.90 -144.78 -1.71
N ALA E 878 31.38 -144.95 -2.93
CA ALA E 878 30.95 -146.27 -3.37
C ALA E 878 32.12 -147.24 -3.46
N GLN E 879 33.28 -146.78 -3.96
CA GLN E 879 34.45 -147.64 -4.02
C GLN E 879 34.95 -148.00 -2.62
N TYR E 880 34.90 -147.05 -1.68
CA TYR E 880 35.29 -147.35 -0.30
C TYR E 880 34.36 -148.39 0.32
N THR E 881 33.05 -148.23 0.12
CA THR E 881 32.09 -149.21 0.63
C THR E 881 32.28 -150.58 0.00
N SER E 882 32.53 -150.65 -1.31
CA SER E 882 32.81 -151.93 -1.97
C SER E 882 34.09 -152.57 -1.47
N ALA E 883 35.14 -151.79 -1.23
CA ALA E 883 36.37 -152.35 -0.69
C ALA E 883 36.17 -152.87 0.73
N LEU E 884 35.42 -152.12 1.55
CA LEU E 884 35.12 -152.61 2.90
C LEU E 884 34.28 -153.88 2.86
N LEU E 885 33.32 -153.95 1.95
CA LEU E 885 32.51 -155.17 1.81
C LEU E 885 33.35 -156.35 1.37
N ALA E 886 34.25 -156.14 0.42
CA ALA E 886 35.13 -157.22 -0.03
C ALA E 886 36.05 -157.69 1.09
N GLY E 887 36.61 -156.75 1.86
CA GLY E 887 37.44 -157.11 2.99
C GLY E 887 36.69 -157.80 4.11
N THR E 888 35.41 -157.48 4.29
CA THR E 888 34.61 -158.16 5.31
C THR E 888 34.18 -159.54 4.86
N ILE E 889 33.95 -159.73 3.56
CA ILE E 889 33.53 -161.05 3.08
C ILE E 889 34.72 -162.00 2.94
N THR E 890 35.81 -161.55 2.31
CA THR E 890 36.93 -162.43 2.00
C THR E 890 37.92 -162.59 3.15
N SER E 891 37.99 -161.64 4.07
CA SER E 891 38.96 -161.72 5.15
C SER E 891 38.28 -161.69 6.52
N GLY E 892 37.08 -161.12 6.58
CA GLY E 892 36.35 -161.03 7.85
C GLY E 892 36.77 -159.80 8.65
N TRP E 893 37.56 -160.02 9.71
CA TRP E 893 38.06 -158.94 10.54
C TRP E 893 39.58 -158.83 10.53
N THR E 894 40.27 -159.68 9.76
CA THR E 894 41.73 -159.63 9.71
C THR E 894 42.25 -158.43 8.93
N PHE E 895 41.44 -157.86 8.05
CA PHE E 895 41.87 -156.70 7.25
C PHE E 895 41.77 -155.39 8.02
N GLY E 896 41.17 -155.40 9.21
CA GLY E 896 41.07 -154.21 10.04
C GLY E 896 42.03 -154.14 11.19
N ALA E 897 42.87 -155.17 11.38
CA ALA E 897 43.85 -155.19 12.46
C ALA E 897 45.19 -155.73 11.97
N GLY E 898 45.49 -155.56 10.69
CA GLY E 898 46.72 -156.06 10.12
C GLY E 898 46.56 -156.44 8.66
N PRO E 899 47.37 -157.41 8.21
CA PRO E 899 47.28 -157.84 6.81
C PRO E 899 46.02 -158.63 6.54
N ALA E 900 45.59 -158.59 5.29
CA ALA E 900 44.39 -159.31 4.88
C ALA E 900 44.68 -160.81 4.82
N LEU E 901 43.96 -161.59 5.63
CA LEU E 901 44.10 -163.04 5.69
C LEU E 901 42.89 -163.68 5.04
N GLN E 902 43.12 -164.46 3.99
CA GLN E 902 42.03 -165.13 3.30
C GLN E 902 41.40 -166.19 4.21
N ILE E 903 40.08 -166.31 4.12
CA ILE E 903 39.33 -167.26 4.94
C ILE E 903 37.99 -167.54 4.26
N PRO E 904 37.57 -168.80 4.17
CA PRO E 904 36.27 -169.10 3.56
C PRO E 904 35.13 -168.49 4.36
N PHE E 905 34.07 -168.10 3.66
CA PHE E 905 32.91 -167.50 4.33
C PHE E 905 32.21 -168.45 5.30
N PRO E 906 32.01 -169.74 5.01
CA PRO E 906 31.44 -170.62 6.03
C PRO E 906 32.30 -170.73 7.28
N MET E 907 33.63 -170.82 7.13
CA MET E 907 34.50 -170.84 8.29
C MET E 907 34.53 -169.51 9.02
N GLN E 908 34.32 -168.40 8.31
CA GLN E 908 34.20 -167.11 8.98
C GLN E 908 32.93 -167.04 9.80
N MET E 909 31.81 -167.51 9.25
CA MET E 909 30.56 -167.56 10.00
C MET E 909 30.64 -168.51 11.18
N ALA E 910 31.38 -169.62 11.05
CA ALA E 910 31.55 -170.54 12.17
C ALA E 910 32.30 -169.87 13.32
N TYR E 911 33.29 -169.03 12.99
CA TYR E 911 34.00 -168.29 14.04
C TYR E 911 33.15 -167.18 14.62
N ARG E 912 32.33 -166.52 13.80
CA ARG E 912 31.46 -165.46 14.30
C ARG E 912 30.37 -166.03 15.19
N PHE E 913 29.91 -167.26 14.94
CA PHE E 913 28.92 -167.88 15.81
C PHE E 913 29.54 -168.35 17.12
N ASN E 914 30.83 -168.67 17.11
CA ASN E 914 31.51 -169.14 18.31
C ASN E 914 31.69 -168.05 19.36
N GLY E 915 31.62 -166.78 18.96
CA GLY E 915 31.80 -165.68 19.89
C GLY E 915 30.59 -165.32 20.73
N ILE E 916 29.41 -165.84 20.38
CA ILE E 916 28.19 -165.55 21.13
C ILE E 916 27.77 -166.71 22.02
N GLY E 917 28.46 -167.86 21.94
CA GLY E 917 28.12 -168.99 22.78
C GLY E 917 27.78 -170.24 21.99
N VAL E 918 27.17 -170.06 20.82
CA VAL E 918 26.76 -171.20 20.00
C VAL E 918 28.00 -171.84 19.38
N THR E 919 28.06 -173.17 19.44
CA THR E 919 29.17 -173.89 18.85
C THR E 919 29.08 -173.85 17.32
N GLN E 920 30.21 -174.12 16.67
CA GLN E 920 30.29 -174.07 15.22
C GLN E 920 29.64 -175.26 14.53
N ASN E 921 29.39 -176.35 15.26
CA ASN E 921 28.78 -177.53 14.64
C ASN E 921 27.37 -177.25 14.13
N VAL E 922 26.61 -176.44 14.86
CA VAL E 922 25.27 -176.07 14.40
C VAL E 922 25.33 -175.36 13.06
N LEU E 923 26.37 -174.54 12.85
CA LEU E 923 26.53 -173.87 11.57
C LEU E 923 26.88 -174.87 10.47
N TYR E 924 27.82 -175.79 10.75
CA TYR E 924 28.19 -176.78 9.75
C TYR E 924 27.04 -177.75 9.48
N GLU E 925 26.01 -177.75 10.32
CA GLU E 925 24.85 -178.59 10.09
C GLU E 925 23.69 -177.85 9.41
N ASN E 926 23.54 -176.55 9.64
CA ASN E 926 22.41 -175.79 9.11
C ASN E 926 22.89 -174.60 8.29
N GLN E 927 24.02 -174.73 7.62
CA GLN E 927 24.49 -173.69 6.72
C GLN E 927 23.46 -173.38 5.64
N LYS E 928 22.76 -174.40 5.14
CA LYS E 928 21.73 -174.17 4.13
C LYS E 928 20.61 -173.29 4.65
N LEU E 929 20.08 -173.60 5.84
CA LEU E 929 19.03 -172.78 6.43
C LEU E 929 19.52 -171.38 6.74
N ILE E 930 20.77 -171.26 7.22
CA ILE E 930 21.32 -169.95 7.52
C ILE E 930 21.43 -169.09 6.25
N ALA E 931 21.91 -169.69 5.16
CA ALA E 931 22.01 -168.96 3.90
C ALA E 931 20.64 -168.59 3.35
N ASN E 932 19.66 -169.50 3.48
CA ASN E 932 18.32 -169.19 3.02
C ASN E 932 17.71 -168.03 3.82
N GLN E 933 17.86 -168.04 5.14
CA GLN E 933 17.34 -166.94 5.95
C GLN E 933 18.06 -165.64 5.68
N PHE E 934 19.38 -165.69 5.46
CA PHE E 934 20.13 -164.48 5.14
C PHE E 934 19.67 -163.90 3.81
N ASN E 935 19.48 -164.74 2.80
CA ASN E 935 19.00 -164.27 1.51
C ASN E 935 17.59 -163.70 1.62
N SER E 936 16.70 -164.36 2.37
CA SER E 936 15.36 -163.86 2.57
C SER E 936 15.33 -162.52 3.31
N ALA E 937 16.25 -162.32 4.26
CA ALA E 937 16.33 -161.05 4.96
C ALA E 937 16.90 -159.94 4.09
N ILE E 938 17.93 -160.25 3.29
CA ILE E 938 18.48 -159.26 2.38
C ILE E 938 17.46 -158.86 1.32
N GLY E 939 16.66 -159.83 0.86
CA GLY E 939 15.61 -159.50 -0.10
C GLY E 939 14.53 -158.61 0.46
N LYS E 940 14.17 -158.81 1.74
CA LYS E 940 13.14 -158.01 2.38
C LYS E 940 13.65 -156.66 2.87
N ILE E 941 14.97 -156.51 3.06
CA ILE E 941 15.51 -155.21 3.45
C ILE E 941 15.18 -154.15 2.41
N GLN E 942 15.37 -154.48 1.12
CA GLN E 942 15.07 -153.53 0.06
C GLN E 942 13.58 -153.19 0.01
N ASP E 943 12.72 -154.20 0.18
CA ASP E 943 11.28 -153.95 0.17
C ASP E 943 10.86 -153.07 1.34
N SER E 944 11.48 -153.27 2.51
CA SER E 944 11.16 -152.45 3.67
C SER E 944 11.66 -151.03 3.49
N LEU E 945 12.83 -150.85 2.88
CA LEU E 945 13.36 -149.51 2.64
C LEU E 945 12.60 -148.79 1.53
N SER E 946 11.99 -149.51 0.61
CA SER E 946 11.26 -148.88 -0.48
C SER E 946 9.80 -148.59 -0.12
N SER E 947 9.16 -149.48 0.65
CA SER E 947 7.76 -149.30 0.98
C SER E 947 7.57 -148.19 2.01
N THR E 948 8.51 -148.06 2.94
CA THR E 948 8.40 -147.06 3.99
C THR E 948 9.14 -145.79 3.58
N PRO E 949 8.45 -144.69 3.30
CA PRO E 949 9.15 -143.46 2.92
C PRO E 949 9.80 -142.75 4.09
N SER E 950 9.44 -143.07 5.32
CA SER E 950 10.00 -142.44 6.51
C SER E 950 11.23 -143.16 7.04
N ALA E 951 11.74 -144.15 6.31
CA ALA E 951 12.94 -144.85 6.74
C ALA E 951 14.18 -143.99 6.61
N LEU E 952 14.22 -143.15 5.58
CA LEU E 952 15.34 -142.23 5.35
C LEU E 952 15.06 -140.83 5.88
N GLY E 953 14.25 -140.71 6.94
CA GLY E 953 13.94 -139.41 7.47
C GLY E 953 15.12 -138.71 8.11
N LYS E 954 16.09 -139.49 8.61
CA LYS E 954 17.28 -138.88 9.20
C LYS E 954 18.15 -138.22 8.16
N LEU E 955 18.15 -138.72 6.92
CA LEU E 955 18.86 -138.07 5.84
C LEU E 955 18.09 -136.90 5.25
N GLN E 956 16.76 -136.93 5.35
CA GLN E 956 15.93 -135.80 4.92
C GLN E 956 15.90 -134.68 5.94
N ASP E 957 16.45 -134.89 7.14
CA ASP E 957 16.46 -133.88 8.18
C ASP E 957 17.70 -132.98 8.13
N VAL E 958 18.83 -133.48 7.62
CA VAL E 958 20.04 -132.67 7.49
C VAL E 958 20.08 -131.90 6.18
N VAL E 959 19.15 -132.16 5.26
CA VAL E 959 19.10 -131.45 4.00
C VAL E 959 17.98 -130.42 3.95
N ASN E 960 16.80 -130.74 4.48
CA ASN E 960 15.71 -129.78 4.50
C ASN E 960 15.99 -128.62 5.46
N HIS E 961 16.71 -128.90 6.55
CA HIS E 961 17.06 -127.83 7.48
C HIS E 961 17.99 -126.81 6.84
N ASN E 962 18.99 -127.29 6.10
CA ASN E 962 19.90 -126.37 5.42
C ASN E 962 19.18 -125.54 4.37
N ALA E 963 18.27 -126.18 3.61
CA ALA E 963 17.50 -125.45 2.61
C ALA E 963 16.59 -124.40 3.27
N GLN E 964 15.95 -124.76 4.38
CA GLN E 964 15.10 -123.80 5.08
C GLN E 964 15.92 -122.63 5.62
N ALA E 965 17.09 -122.92 6.18
CA ALA E 965 17.96 -121.86 6.68
C ALA E 965 18.42 -120.94 5.56
N LEU E 966 18.81 -121.50 4.41
CA LEU E 966 19.22 -120.67 3.29
C LEU E 966 18.06 -119.82 2.77
N ASN E 967 16.87 -120.42 2.64
CA ASN E 967 15.71 -119.66 2.18
C ASN E 967 15.36 -118.53 3.14
N THR E 968 15.41 -118.78 4.45
CA THR E 968 15.14 -117.72 5.42
C THR E 968 16.20 -116.63 5.37
N LEU E 969 17.47 -117.01 5.26
CA LEU E 969 18.54 -116.02 5.22
C LEU E 969 18.45 -115.18 3.95
N VAL E 970 17.95 -115.75 2.87
CA VAL E 970 17.76 -114.98 1.64
C VAL E 970 16.53 -114.09 1.74
N LYS E 971 15.45 -114.59 2.34
CA LYS E 971 14.21 -113.83 2.42
C LYS E 971 14.33 -112.67 3.42
N GLN E 972 15.19 -112.80 4.43
CA GLN E 972 15.36 -111.74 5.41
C GLN E 972 16.08 -110.52 4.87
N LEU E 973 16.51 -110.54 3.60
CA LEU E 973 17.13 -109.36 3.02
C LEU E 973 16.09 -108.32 2.64
N SER E 974 14.93 -108.76 2.14
CA SER E 974 13.85 -107.85 1.77
C SER E 974 12.97 -107.51 2.97
N SER E 975 13.61 -107.01 4.04
CA SER E 975 12.90 -106.64 5.26
C SER E 975 13.53 -105.37 5.81
N LYS E 976 12.68 -104.38 6.09
CA LYS E 976 13.15 -103.08 6.57
C LYS E 976 13.57 -103.20 8.04
N PHE E 977 14.86 -103.03 8.30
CA PHE E 977 15.38 -103.01 9.66
C PHE E 977 15.41 -101.59 10.23
N GLY E 978 14.26 -100.91 10.15
CA GLY E 978 14.18 -99.53 10.59
C GLY E 978 14.56 -98.55 9.50
N ALA E 979 14.06 -98.79 8.28
CA ALA E 979 14.36 -97.95 7.13
C ALA E 979 13.09 -97.74 6.33
N ILE E 980 13.19 -96.87 5.32
CA ILE E 980 12.02 -96.58 4.48
C ILE E 980 11.73 -97.72 3.51
N SER E 981 12.76 -98.48 3.12
CA SER E 981 12.58 -99.59 2.20
C SER E 981 13.72 -100.59 2.43
N SER E 982 13.79 -101.59 1.56
CA SER E 982 14.80 -102.64 1.68
C SER E 982 15.92 -102.50 0.66
N VAL E 983 15.64 -102.02 -0.55
CA VAL E 983 16.67 -101.84 -1.55
C VAL E 983 17.55 -100.66 -1.17
N LEU E 984 18.87 -100.83 -1.29
CA LEU E 984 19.81 -99.77 -0.93
C LEU E 984 19.70 -98.59 -1.89
N ASN E 985 19.53 -98.87 -3.18
CA ASN E 985 19.45 -97.80 -4.17
C ASN E 985 18.20 -96.95 -3.97
N ASP E 986 17.08 -97.58 -3.61
CA ASP E 986 15.85 -96.83 -3.37
C ASP E 986 16.01 -95.86 -2.21
N ILE E 987 16.83 -96.21 -1.22
CA ILE E 987 17.06 -95.31 -0.09
C ILE E 987 18.07 -94.22 -0.47
N LEU E 988 19.12 -94.60 -1.20
CA LEU E 988 20.16 -93.64 -1.57
C LEU E 988 19.69 -92.64 -2.62
N SER E 989 18.64 -92.96 -3.37
CA SER E 989 18.16 -92.07 -4.42
C SER E 989 17.34 -90.91 -3.86
N ARG E 990 16.30 -91.20 -3.08
CA ARG E 990 15.41 -90.16 -2.58
C ARG E 990 15.89 -89.54 -1.28
N LEU E 991 17.12 -89.80 -0.85
CA LEU E 991 17.66 -89.23 0.38
C LEU E 991 19.05 -88.69 0.13
N ASP E 992 19.57 -87.97 1.12
CA ASP E 992 20.90 -87.40 1.09
C ASP E 992 21.85 -88.21 1.98
N PRO E 993 23.15 -88.15 1.70
CA PRO E 993 24.12 -88.96 2.47
C PRO E 993 24.02 -88.76 3.97
N PRO E 994 23.97 -87.51 4.47
CA PRO E 994 23.93 -87.35 5.94
C PRO E 994 22.69 -87.96 6.58
N GLU E 995 21.59 -88.11 5.82
CA GLU E 995 20.42 -88.78 6.36
C GLU E 995 20.41 -90.26 6.00
N ALA E 996 20.96 -90.63 4.84
CA ALA E 996 20.99 -92.03 4.45
C ALA E 996 21.95 -92.84 5.33
N GLU E 997 22.94 -92.17 5.91
CA GLU E 997 23.86 -92.84 6.82
C GLU E 997 23.20 -93.21 8.15
N VAL E 998 22.07 -92.58 8.48
CA VAL E 998 21.35 -92.95 9.70
C VAL E 998 20.49 -94.18 9.47
N GLN E 999 20.08 -94.42 8.23
CA GLN E 999 19.22 -95.55 7.91
C GLN E 999 20.00 -96.77 7.43
N ILE E 1000 21.14 -96.58 6.77
CA ILE E 1000 21.91 -97.72 6.29
C ILE E 1000 22.66 -98.41 7.43
N ASP E 1001 23.00 -97.67 8.50
CA ASP E 1001 23.69 -98.25 9.64
C ASP E 1001 22.81 -99.21 10.42
N ARG E 1002 21.49 -99.08 10.33
CA ARG E 1002 20.59 -100.06 10.93
C ARG E 1002 20.39 -101.28 10.04
N LEU E 1003 20.31 -101.08 8.73
CA LEU E 1003 20.18 -102.21 7.81
C LEU E 1003 21.43 -103.09 7.82
N ILE E 1004 22.62 -102.50 7.80
CA ILE E 1004 23.84 -103.29 7.84
C ILE E 1004 23.94 -104.05 9.16
N THR E 1005 23.53 -103.44 10.28
CA THR E 1005 23.53 -104.11 11.57
C THR E 1005 22.55 -105.27 11.60
N GLY E 1006 21.34 -105.07 11.09
CA GLY E 1006 20.38 -106.16 11.03
C GLY E 1006 20.85 -107.30 10.16
N ARG E 1007 21.43 -107.00 9.00
CA ARG E 1007 21.96 -108.04 8.13
C ARG E 1007 23.13 -108.79 8.77
N LEU E 1008 24.04 -108.08 9.44
CA LEU E 1008 25.15 -108.75 10.11
C LEU E 1008 24.65 -109.61 11.25
N GLN E 1009 23.62 -109.16 11.97
CA GLN E 1009 23.05 -109.99 13.03
C GLN E 1009 22.36 -111.23 12.47
N SER E 1010 21.65 -111.08 11.35
CA SER E 1010 21.03 -112.25 10.72
C SER E 1010 22.06 -113.23 10.21
N LEU E 1011 23.19 -112.73 9.72
CA LEU E 1011 24.27 -113.62 9.28
C LEU E 1011 24.94 -114.31 10.46
N GLN E 1012 25.16 -113.59 11.56
CA GLN E 1012 25.72 -114.21 12.76
C GLN E 1012 24.79 -115.27 13.32
N THR E 1013 23.48 -115.03 13.27
CA THR E 1013 22.52 -116.05 13.71
C THR E 1013 22.63 -117.30 12.86
N TYR E 1014 22.75 -117.14 11.54
CA TYR E 1014 22.92 -118.29 10.65
C TYR E 1014 24.22 -119.02 10.95
N VAL E 1015 25.29 -118.29 11.21
CA VAL E 1015 26.57 -118.93 11.52
C VAL E 1015 26.48 -119.71 12.83
N THR E 1016 25.80 -119.14 13.84
CA THR E 1016 25.65 -119.84 15.11
C THR E 1016 24.81 -121.09 14.94
N GLN E 1017 23.72 -121.01 14.18
CA GLN E 1017 22.91 -122.19 13.92
C GLN E 1017 23.69 -123.25 13.15
N GLN E 1018 24.51 -122.84 12.19
CA GLN E 1018 25.35 -123.79 11.46
C GLN E 1018 26.36 -124.46 12.37
N LEU E 1019 26.94 -123.72 13.32
CA LEU E 1019 27.88 -124.32 14.27
C LEU E 1019 27.16 -125.31 15.19
N ILE E 1020 25.97 -124.95 15.67
CA ILE E 1020 25.21 -125.84 16.54
C ILE E 1020 24.84 -127.12 15.78
N ARG E 1021 24.48 -126.99 14.50
CA ARG E 1021 24.15 -128.16 13.70
C ARG E 1021 25.39 -129.00 13.39
N ALA E 1022 26.53 -128.34 13.13
CA ALA E 1022 27.76 -129.06 12.86
C ALA E 1022 28.27 -129.82 14.08
N ALA E 1023 27.97 -129.33 15.28
CA ALA E 1023 28.30 -130.12 16.48
C ALA E 1023 27.59 -131.46 16.48
N GLU E 1024 26.28 -131.47 16.25
CA GLU E 1024 25.54 -132.73 16.18
C GLU E 1024 25.97 -133.56 14.98
N ILE E 1025 26.32 -132.92 13.87
CA ILE E 1025 26.82 -133.66 12.71
C ILE E 1025 28.12 -134.36 13.05
N ARG E 1026 29.02 -133.69 13.79
CA ARG E 1026 30.27 -134.31 14.19
C ARG E 1026 30.02 -135.45 15.16
N ALA E 1027 29.09 -135.27 16.10
CA ALA E 1027 28.75 -136.36 17.02
C ALA E 1027 28.21 -137.57 16.26
N SER E 1028 27.31 -137.36 15.31
CA SER E 1028 26.76 -138.46 14.52
C SER E 1028 27.84 -139.12 13.65
N ALA E 1029 28.76 -138.33 13.10
CA ALA E 1029 29.83 -138.90 12.30
C ALA E 1029 30.78 -139.74 13.15
N ASN E 1030 31.08 -139.28 14.36
CA ASN E 1030 31.90 -140.08 15.27
C ASN E 1030 31.19 -141.36 15.67
N LEU E 1031 29.89 -141.29 15.94
CA LEU E 1031 29.14 -142.51 16.26
C LEU E 1031 29.13 -143.48 15.08
N ALA E 1032 28.94 -142.95 13.86
CA ALA E 1032 28.94 -143.80 12.68
C ALA E 1032 30.31 -144.43 12.44
N ALA E 1033 31.39 -143.69 12.66
CA ALA E 1033 32.73 -144.27 12.52
C ALA E 1033 32.99 -145.33 13.57
N THR E 1034 32.57 -145.09 14.81
CA THR E 1034 32.71 -146.11 15.86
C THR E 1034 31.95 -147.37 15.50
N LYS E 1035 30.72 -147.23 14.99
CA LYS E 1035 29.96 -148.39 14.58
C LYS E 1035 30.60 -149.11 13.41
N MET E 1036 31.10 -148.35 12.41
CA MET E 1036 31.80 -148.95 11.29
C MET E 1036 33.04 -149.73 11.73
N SER E 1037 33.76 -149.23 12.73
CA SER E 1037 34.96 -149.90 13.21
C SER E 1037 34.67 -151.07 14.13
N GLU E 1038 33.54 -151.06 14.83
CA GLU E 1038 33.25 -152.12 15.80
C GLU E 1038 32.35 -153.22 15.25
N CYS E 1039 31.60 -152.96 14.19
CA CYS E 1039 30.69 -153.96 13.64
C CYS E 1039 31.16 -154.54 12.31
N VAL E 1040 31.78 -153.73 11.46
CA VAL E 1040 32.26 -154.17 10.15
C VAL E 1040 33.70 -154.68 10.24
N LEU E 1041 34.57 -153.97 10.94
CA LEU E 1041 35.95 -154.37 11.11
C LEU E 1041 36.15 -155.43 12.18
N GLY E 1042 35.07 -155.95 12.75
CA GLY E 1042 35.18 -156.96 13.78
C GLY E 1042 33.84 -157.25 14.39
N GLN E 1043 33.84 -158.22 15.30
CA GLN E 1043 32.64 -158.64 16.01
C GLN E 1043 32.65 -158.05 17.41
N SER E 1044 31.63 -157.26 17.72
CA SER E 1044 31.50 -156.61 19.01
C SER E 1044 30.43 -157.29 19.84
N LYS E 1045 30.64 -157.31 21.16
CA LYS E 1045 29.71 -157.91 22.10
C LYS E 1045 28.80 -156.89 22.77
N ARG E 1046 28.85 -155.63 22.32
CA ARG E 1046 28.01 -154.60 22.90
C ARG E 1046 26.56 -154.79 22.47
N VAL E 1047 25.66 -154.86 23.43
CA VAL E 1047 24.25 -155.10 23.12
C VAL E 1047 23.65 -153.85 22.50
N ASP E 1048 22.85 -154.05 21.45
CA ASP E 1048 22.08 -153.01 20.77
C ASP E 1048 22.97 -152.09 19.93
N PHE E 1049 24.29 -152.28 20.04
CA PHE E 1049 25.22 -151.44 19.28
C PHE E 1049 25.21 -151.83 17.81
N CYS E 1050 25.56 -153.09 17.52
CA CYS E 1050 25.54 -153.59 16.15
C CYS E 1050 24.22 -154.30 15.86
N GLY E 1051 23.13 -153.56 16.04
CA GLY E 1051 21.79 -154.08 15.84
C GLY E 1051 21.22 -154.71 17.09
N LYS E 1052 19.93 -155.02 17.02
CA LYS E 1052 19.20 -155.62 18.14
C LYS E 1052 19.37 -157.13 18.08
N GLY E 1053 20.22 -157.66 18.96
CA GLY E 1053 20.49 -159.07 19.04
C GLY E 1053 21.97 -159.33 19.07
N TYR E 1054 22.34 -160.61 18.99
CA TYR E 1054 23.73 -161.02 18.96
C TYR E 1054 24.36 -160.61 17.64
N HIS E 1055 25.38 -159.76 17.69
CA HIS E 1055 26.01 -159.26 16.47
C HIS E 1055 26.72 -160.37 15.73
N LEU E 1056 26.40 -160.53 14.45
CA LEU E 1056 27.08 -161.49 13.59
C LEU E 1056 27.87 -160.81 12.48
N MET E 1057 27.23 -159.97 11.67
CA MET E 1057 27.90 -159.27 10.59
C MET E 1057 27.30 -157.86 10.45
N SER E 1058 27.95 -157.06 9.61
CA SER E 1058 27.47 -155.71 9.30
C SER E 1058 28.09 -155.28 7.98
N PHE E 1059 27.25 -154.82 7.06
CA PHE E 1059 27.70 -154.44 5.72
C PHE E 1059 27.45 -152.95 5.51
N PRO E 1060 28.48 -152.16 5.20
CA PRO E 1060 28.26 -150.73 4.98
C PRO E 1060 27.63 -150.46 3.62
N GLN E 1061 26.74 -149.48 3.58
CA GLN E 1061 26.06 -149.07 2.35
C GLN E 1061 26.13 -147.56 2.23
N SER E 1062 26.63 -147.08 1.10
CA SER E 1062 26.75 -145.65 0.88
C SER E 1062 25.37 -145.01 0.76
N ALA E 1063 25.25 -143.80 1.28
CA ALA E 1063 24.00 -143.05 1.25
C ALA E 1063 24.32 -141.58 1.10
N PRO E 1064 23.44 -140.78 0.46
CA PRO E 1064 23.70 -139.35 0.33
C PRO E 1064 23.78 -138.64 1.68
N HIS E 1065 24.95 -138.11 2.00
CA HIS E 1065 25.19 -137.41 3.27
C HIS E 1065 24.87 -138.30 4.46
N GLY E 1066 25.38 -139.53 4.41
CA GLY E 1066 25.15 -140.46 5.50
C GLY E 1066 25.70 -141.82 5.16
N VAL E 1067 25.46 -142.77 6.07
CA VAL E 1067 25.90 -144.15 5.91
C VAL E 1067 24.84 -145.06 6.50
N VAL E 1068 24.65 -146.22 5.86
CA VAL E 1068 23.64 -147.20 6.26
C VAL E 1068 24.36 -148.50 6.60
N PHE E 1069 24.05 -149.06 7.77
CA PHE E 1069 24.63 -150.31 8.24
C PHE E 1069 23.56 -151.40 8.21
N LEU E 1070 23.92 -152.54 7.64
CA LEU E 1070 23.03 -153.70 7.59
C LEU E 1070 23.52 -154.70 8.64
N HIS E 1071 23.07 -154.51 9.88
CA HIS E 1071 23.51 -155.34 10.99
C HIS E 1071 22.83 -156.71 10.92
N VAL E 1072 23.63 -157.76 10.93
CA VAL E 1072 23.14 -159.14 10.96
C VAL E 1072 23.10 -159.59 12.41
N THR E 1073 21.91 -159.91 12.90
CA THR E 1073 21.71 -160.27 14.30
C THR E 1073 21.28 -161.73 14.41
N TYR E 1074 21.55 -162.32 15.57
CA TYR E 1074 21.20 -163.70 15.88
C TYR E 1074 20.05 -163.68 16.89
N VAL E 1075 18.85 -164.01 16.44
CA VAL E 1075 17.66 -164.00 17.26
C VAL E 1075 17.19 -165.45 17.41
N PRO E 1076 17.33 -166.07 18.58
CA PRO E 1076 16.81 -167.43 18.76
C PRO E 1076 15.30 -167.47 18.71
N ALA E 1077 14.77 -168.66 18.43
CA ALA E 1077 13.33 -168.85 18.34
C ALA E 1077 13.00 -170.30 18.68
N GLN E 1078 11.71 -170.55 18.89
CA GLN E 1078 11.18 -171.89 19.20
C GLN E 1078 11.84 -172.46 20.45
N GLU E 1079 11.63 -171.76 21.56
CA GLU E 1079 12.16 -172.19 22.85
C GLU E 1079 11.21 -173.18 23.51
N LYS E 1080 11.79 -174.04 24.36
CA LYS E 1080 11.03 -175.06 25.07
C LYS E 1080 11.36 -174.99 26.55
N ASN E 1081 10.46 -175.55 27.36
CA ASN E 1081 10.61 -175.56 28.81
C ASN E 1081 11.29 -176.84 29.26
N PHE E 1082 12.27 -176.70 30.14
CA PHE E 1082 13.01 -177.85 30.66
C PHE E 1082 13.25 -177.64 32.16
N THR E 1083 13.63 -178.73 32.83
CA THR E 1083 13.95 -178.69 34.25
C THR E 1083 15.45 -178.62 34.42
N THR E 1084 15.92 -177.65 35.19
CA THR E 1084 17.33 -177.41 35.40
C THR E 1084 17.73 -177.79 36.82
N ALA E 1085 19.04 -177.76 37.08
CA ALA E 1085 19.59 -178.07 38.39
C ALA E 1085 20.97 -177.47 38.49
N PRO E 1086 21.41 -177.05 39.69
CA PRO E 1086 22.77 -176.48 39.80
C PRO E 1086 23.86 -177.46 39.43
N ALA E 1087 23.89 -178.63 40.04
CA ALA E 1087 24.91 -179.63 39.76
C ALA E 1087 24.37 -181.01 40.06
N ILE E 1088 25.23 -182.01 39.91
CA ILE E 1088 24.90 -183.40 40.18
C ILE E 1088 25.90 -183.96 41.19
N CYS E 1089 25.57 -185.13 41.73
CA CYS E 1089 26.39 -185.77 42.77
C CYS E 1089 26.37 -187.27 42.51
N HIS E 1090 27.34 -187.75 41.72
CA HIS E 1090 27.41 -189.17 41.39
C HIS E 1090 28.15 -189.96 42.48
N ASP E 1091 29.45 -189.68 42.64
CA ASP E 1091 30.27 -190.36 43.63
C ASP E 1091 30.49 -189.49 44.86
N GLY E 1092 29.38 -189.05 45.47
CA GLY E 1092 29.43 -188.18 46.62
C GLY E 1092 30.11 -186.85 46.40
N LYS E 1093 30.52 -186.53 45.18
CA LYS E 1093 31.22 -185.29 44.87
C LYS E 1093 30.47 -184.54 43.79
N ALA E 1094 30.47 -183.21 43.90
CA ALA E 1094 29.71 -182.37 42.98
C ALA E 1094 30.41 -182.26 41.63
N HIS E 1095 29.60 -182.11 40.58
CA HIS E 1095 30.09 -181.95 39.21
C HIS E 1095 29.36 -180.77 38.58
N PHE E 1096 30.10 -179.68 38.35
CA PHE E 1096 29.50 -178.48 37.76
C PHE E 1096 29.76 -178.43 36.26
N PRO E 1097 28.81 -177.92 35.48
CA PRO E 1097 29.00 -177.83 34.03
C PRO E 1097 30.13 -176.87 33.68
N ARG E 1098 31.02 -177.31 32.80
CA ARG E 1098 32.12 -176.46 32.37
C ARG E 1098 31.63 -175.37 31.42
N GLU E 1099 31.05 -175.77 30.28
CA GLU E 1099 30.42 -174.84 29.35
C GLU E 1099 29.11 -175.49 28.89
N GLY E 1100 28.03 -175.17 29.59
CA GLY E 1100 26.73 -175.72 29.25
C GLY E 1100 25.75 -175.52 30.39
N VAL E 1101 24.67 -176.30 30.33
CA VAL E 1101 23.61 -176.22 31.33
C VAL E 1101 22.98 -177.60 31.47
N PHE E 1102 22.78 -178.03 32.71
CA PHE E 1102 22.14 -179.31 32.98
C PHE E 1102 20.63 -179.17 32.79
N VAL E 1103 20.08 -179.93 31.84
CA VAL E 1103 18.66 -179.91 31.55
C VAL E 1103 18.09 -181.31 31.76
N SER E 1104 16.77 -181.39 31.87
CA SER E 1104 16.07 -182.64 32.07
C SER E 1104 14.74 -182.60 31.33
N ASN E 1105 14.54 -183.53 30.41
CA ASN E 1105 13.29 -183.61 29.67
C ASN E 1105 12.18 -184.31 30.45
N GLY E 1106 12.47 -184.82 31.64
CA GLY E 1106 11.47 -185.48 32.45
C GLY E 1106 11.96 -186.77 33.08
N THR E 1107 12.84 -187.48 32.39
CA THR E 1107 13.36 -188.75 32.87
C THR E 1107 14.86 -188.74 33.08
N HIS E 1108 15.63 -188.26 32.10
CA HIS E 1108 17.08 -188.26 32.16
C HIS E 1108 17.61 -186.83 32.23
N TRP E 1109 18.87 -186.71 32.63
CA TRP E 1109 19.55 -185.42 32.75
C TRP E 1109 20.65 -185.33 31.70
N PHE E 1110 20.57 -184.31 30.85
CA PHE E 1110 21.55 -184.08 29.79
C PHE E 1110 22.19 -182.71 29.99
N VAL E 1111 23.08 -182.35 29.08
CA VAL E 1111 23.79 -181.07 29.11
C VAL E 1111 23.70 -180.45 27.73
N THR E 1112 23.13 -179.25 27.64
CA THR E 1112 22.98 -178.53 26.39
C THR E 1112 23.72 -177.20 26.46
N GLN E 1113 23.76 -176.52 25.32
CA GLN E 1113 24.40 -175.21 25.25
C GLN E 1113 23.53 -174.14 25.91
N ARG E 1114 24.11 -172.95 26.06
CA ARG E 1114 23.40 -171.83 26.66
C ARG E 1114 22.53 -171.07 25.67
N ASN E 1115 22.68 -171.33 24.36
CA ASN E 1115 21.89 -170.65 23.35
C ASN E 1115 21.33 -171.59 22.28
N PHE E 1116 21.51 -172.89 22.43
CA PHE E 1116 21.00 -173.86 21.46
C PHE E 1116 20.83 -175.20 22.15
N TYR E 1117 19.67 -175.83 21.96
CA TYR E 1117 19.37 -177.11 22.59
C TYR E 1117 20.10 -178.21 21.83
N GLU E 1118 21.20 -178.70 22.39
CA GLU E 1118 21.97 -179.80 21.82
C GLU E 1118 22.11 -180.88 22.89
N PRO E 1119 21.23 -181.89 22.88
CA PRO E 1119 21.26 -182.91 23.93
C PRO E 1119 22.51 -183.78 23.83
N GLN E 1120 23.30 -183.78 24.91
CA GLN E 1120 24.51 -184.58 24.98
C GLN E 1120 24.57 -185.26 26.35
N ILE E 1121 25.20 -186.43 26.38
CA ILE E 1121 25.32 -187.19 27.62
C ILE E 1121 26.30 -186.49 28.54
N ILE E 1122 26.09 -186.65 29.85
CA ILE E 1122 26.95 -186.04 30.86
C ILE E 1122 28.16 -186.95 31.07
N THR E 1123 29.33 -186.48 30.63
CA THR E 1123 30.57 -187.23 30.76
C THR E 1123 31.51 -186.52 31.73
N THR E 1124 32.68 -187.11 31.95
CA THR E 1124 33.69 -186.56 32.83
C THR E 1124 34.59 -185.54 32.13
N ASP E 1125 34.27 -185.16 30.89
CA ASP E 1125 35.06 -184.19 30.15
C ASP E 1125 34.45 -182.81 30.11
N ASN E 1126 33.12 -182.69 30.13
CA ASN E 1126 32.44 -181.41 30.12
C ASN E 1126 32.05 -180.93 31.51
N THR E 1127 32.55 -181.58 32.56
CA THR E 1127 32.25 -181.20 33.92
C THR E 1127 33.54 -181.19 34.73
N PHE E 1128 33.50 -180.45 35.85
CA PHE E 1128 34.64 -180.35 36.75
C PHE E 1128 34.16 -180.48 38.19
N VAL E 1129 34.95 -181.18 39.00
CA VAL E 1129 34.61 -181.43 40.40
C VAL E 1129 35.13 -180.27 41.25
N SER E 1130 34.30 -179.83 42.19
CA SER E 1130 34.68 -178.74 43.08
C SER E 1130 33.90 -178.91 44.39
N GLY E 1131 34.58 -179.41 45.42
CA GLY E 1131 33.97 -179.61 46.71
C GLY E 1131 33.05 -180.81 46.75
N ASN E 1132 32.42 -181.00 47.91
CA ASN E 1132 31.49 -182.10 48.13
C ASN E 1132 30.05 -181.60 48.03
N CYS E 1133 29.11 -182.51 48.21
CA CYS E 1133 27.69 -182.22 48.02
C CYS E 1133 27.03 -181.89 49.36
N ASP E 1134 27.46 -180.78 49.97
CA ASP E 1134 26.89 -180.35 51.24
C ASP E 1134 26.72 -178.84 51.34
N VAL E 1135 27.04 -178.07 50.30
CA VAL E 1135 26.97 -176.61 50.38
C VAL E 1135 26.09 -176.10 49.24
N VAL E 1136 25.92 -176.91 48.20
CA VAL E 1136 25.11 -176.53 47.05
C VAL E 1136 23.64 -176.79 47.37
N ILE E 1137 22.80 -175.78 47.20
CA ILE E 1137 21.37 -175.88 47.48
C ILE E 1137 20.66 -176.22 46.18
N GLY E 1138 19.97 -177.36 46.17
CA GLY E 1138 19.23 -177.80 44.99
C GLY E 1138 19.91 -178.85 44.15
N ILE E 1139 21.01 -179.46 44.63
CA ILE E 1139 21.72 -180.45 43.83
C ILE E 1139 20.92 -181.73 43.77
N VAL E 1140 20.95 -182.39 42.62
CA VAL E 1140 20.22 -183.63 42.39
C VAL E 1140 21.21 -184.76 42.19
N ASN E 1141 20.69 -185.98 42.16
CA ASN E 1141 21.51 -187.17 41.97
C ASN E 1141 21.42 -187.65 40.53
N ASN E 1142 22.58 -187.98 39.96
CA ASN E 1142 22.67 -188.47 38.59
C ASN E 1142 23.99 -189.20 38.43
N THR E 1143 24.05 -190.04 37.39
CA THR E 1143 25.23 -190.85 37.12
C THR E 1143 25.95 -190.30 35.89
N VAL E 1144 27.26 -190.16 36.00
CA VAL E 1144 28.09 -189.66 34.92
C VAL E 1144 28.61 -190.83 34.10
N TYR E 1145 28.99 -190.55 32.85
CA TYR E 1145 29.52 -191.56 31.93
C TYR E 1145 31.01 -191.30 31.75
N ASP E 1146 31.84 -192.05 32.46
CA ASP E 1146 33.28 -191.92 32.32
C ASP E 1146 33.76 -192.75 31.14
N PRO E 1147 34.39 -192.15 30.13
CA PRO E 1147 34.77 -192.89 28.92
C PRO E 1147 35.93 -193.85 29.12
N LEU E 1148 36.42 -193.97 30.35
CA LEU E 1148 37.54 -194.85 30.65
C LEU E 1148 37.12 -196.25 31.11
N GLN E 1149 35.98 -196.35 31.78
CA GLN E 1149 35.53 -197.65 32.27
C GLN E 1149 35.20 -198.62 31.14
N PRO E 1150 34.34 -198.29 30.16
CA PRO E 1150 34.03 -199.27 29.11
C PRO E 1150 35.18 -199.56 28.18
N GLU E 1151 36.17 -198.68 28.09
CA GLU E 1151 37.33 -198.87 27.23
C GLU E 1151 38.51 -199.51 27.95
N LEU E 1152 38.29 -200.06 29.15
CA LEU E 1152 39.35 -200.69 29.92
C LEU E 1152 39.11 -202.17 30.17
N ASP E 1153 37.86 -202.59 30.42
CA ASP E 1153 37.59 -203.99 30.68
C ASP E 1153 37.75 -204.87 29.44
N SER E 1154 37.64 -204.28 28.25
CA SER E 1154 37.79 -205.04 27.01
C SER E 1154 39.26 -205.31 26.71
N SER F 35 31.09 -87.57 66.25
CA SER F 35 30.95 -89.01 66.45
C SER F 35 30.99 -89.36 67.93
N TYR F 36 29.87 -89.88 68.45
CA TYR F 36 29.76 -90.26 69.85
C TYR F 36 29.23 -91.67 70.06
N THR F 37 28.49 -92.24 69.12
CA THR F 37 27.94 -93.57 69.26
C THR F 37 27.86 -94.21 67.87
N ASN F 38 27.39 -95.44 67.83
CA ASN F 38 27.28 -96.21 66.60
C ASN F 38 25.89 -96.81 66.47
N SER F 39 25.43 -96.93 65.22
CA SER F 39 24.14 -97.52 64.90
C SER F 39 24.38 -98.91 64.32
N PHE F 40 24.06 -99.94 65.11
CA PHE F 40 24.31 -101.31 64.73
C PHE F 40 23.54 -101.72 63.48
N THR F 41 22.21 -101.79 63.59
CA THR F 41 21.36 -102.22 62.48
C THR F 41 20.11 -101.37 62.36
N ARG F 42 20.18 -100.11 62.77
CA ARG F 42 19.06 -99.19 62.70
C ARG F 42 19.23 -98.24 61.52
N GLY F 43 18.12 -97.83 60.92
CA GLY F 43 18.16 -96.91 59.80
C GLY F 43 17.65 -97.51 58.50
N VAL F 44 16.73 -98.45 58.59
CA VAL F 44 16.15 -99.12 57.43
C VAL F 44 14.68 -98.77 57.36
N TYR F 45 14.22 -98.35 56.18
CA TYR F 45 12.83 -98.00 55.94
C TYR F 45 12.32 -98.72 54.70
N TYR F 46 11.00 -98.69 54.53
CA TYR F 46 10.39 -99.27 53.34
C TYR F 46 10.67 -98.38 52.13
N PRO F 47 11.39 -98.85 51.12
CA PRO F 47 11.70 -97.99 49.97
C PRO F 47 10.51 -97.75 49.06
N ASP F 48 9.51 -98.63 49.07
CA ASP F 48 8.34 -98.47 48.22
C ASP F 48 7.15 -99.11 48.91
N LYS F 49 5.99 -99.01 48.26
CA LYS F 49 4.74 -99.54 48.78
C LYS F 49 4.32 -100.81 48.04
N VAL F 50 5.31 -101.63 47.67
CA VAL F 50 5.10 -102.87 46.94
C VAL F 50 5.07 -104.00 47.95
N PHE F 51 3.98 -104.77 47.97
CA PHE F 51 3.86 -105.88 48.88
C PHE F 51 4.74 -107.04 48.43
N ARG F 52 5.62 -107.51 49.31
CA ARG F 52 6.51 -108.61 49.04
C ARG F 52 6.41 -109.64 50.17
N SER F 53 6.27 -110.90 49.79
CA SER F 53 6.08 -111.99 50.74
C SER F 53 7.10 -113.09 50.50
N SER F 54 7.97 -113.32 51.49
CA SER F 54 8.95 -114.40 51.46
C SER F 54 9.86 -114.31 50.24
N VAL F 55 10.29 -113.09 49.90
CA VAL F 55 11.20 -112.87 48.78
C VAL F 55 12.32 -111.95 49.25
N LEU F 56 13.36 -111.86 48.42
CA LEU F 56 14.49 -110.98 48.66
C LEU F 56 14.61 -109.99 47.51
N HIS F 57 14.69 -108.71 47.85
CA HIS F 57 14.73 -107.64 46.87
C HIS F 57 15.88 -106.69 47.17
N SER F 58 16.55 -106.24 46.12
CA SER F 58 17.65 -105.29 46.22
C SER F 58 17.20 -103.94 45.66
N THR F 59 17.37 -102.89 46.46
CA THR F 59 16.92 -101.55 46.08
C THR F 59 18.07 -100.58 46.30
N GLN F 60 18.39 -99.81 45.27
CA GLN F 60 19.43 -98.78 45.35
C GLN F 60 18.78 -97.46 45.70
N ASP F 61 18.81 -97.10 46.98
CA ASP F 61 18.21 -95.87 47.44
C ASP F 61 19.01 -95.35 48.63
N LEU F 62 18.69 -94.13 49.06
CA LEU F 62 19.40 -93.48 50.16
C LEU F 62 19.00 -94.14 51.47
N PHE F 63 19.81 -95.06 51.94
CA PHE F 63 19.60 -95.74 53.22
C PHE F 63 20.72 -95.35 54.18
N LEU F 64 20.69 -95.96 55.37
CA LEU F 64 21.71 -95.70 56.39
C LEU F 64 22.65 -96.90 56.46
N PRO F 65 23.95 -96.72 56.24
CA PRO F 65 24.87 -97.86 56.30
C PRO F 65 24.96 -98.43 57.70
N PHE F 66 25.10 -99.75 57.78
CA PHE F 66 25.21 -100.43 59.07
C PHE F 66 26.58 -100.19 59.68
N PHE F 67 26.62 -100.07 61.00
CA PHE F 67 27.84 -99.85 61.77
C PHE F 67 28.58 -98.60 61.28
N SER F 68 27.86 -97.47 61.38
CA SER F 68 28.38 -96.18 60.97
C SER F 68 28.38 -95.22 62.16
N ASN F 69 28.89 -94.02 61.92
CA ASN F 69 28.98 -93.00 62.95
C ASN F 69 27.71 -92.15 62.95
N VAL F 70 27.06 -92.06 64.10
CA VAL F 70 25.85 -91.26 64.27
C VAL F 70 26.13 -90.29 65.41
N THR F 71 26.11 -88.99 65.12
CA THR F 71 26.41 -87.97 66.11
C THR F 71 25.33 -87.93 67.19
N TRP F 72 25.74 -88.09 68.44
CA TRP F 72 24.84 -88.06 69.59
C TRP F 72 24.82 -86.68 70.24
N PHE F 73 24.30 -85.69 69.53
CA PHE F 73 24.23 -84.32 70.05
C PHE F 73 23.29 -84.22 71.24
N HIS F 74 23.77 -83.63 72.33
CA HIS F 74 23.00 -83.46 73.55
C HIS F 74 22.93 -81.96 73.87
N ALA F 75 21.71 -81.42 73.93
CA ALA F 75 21.54 -79.99 74.17
C ALA F 75 20.54 -79.82 75.32
N ILE F 76 21.09 -79.75 76.54
CA ILE F 76 20.27 -79.59 77.74
C ILE F 76 20.71 -78.38 78.57
N HIS F 77 21.37 -77.39 77.94
CA HIS F 77 21.91 -76.23 78.65
C HIS F 77 20.85 -75.52 79.49
N VAL F 78 19.75 -75.11 78.86
CA VAL F 78 18.68 -74.42 79.58
C VAL F 78 17.50 -75.35 79.77
N SER F 79 16.98 -75.44 81.00
CA SER F 79 15.84 -76.27 81.32
C SER F 79 15.20 -75.77 82.61
N GLY F 80 13.92 -76.10 82.78
CA GLY F 80 13.16 -75.75 83.95
C GLY F 80 12.46 -74.40 83.89
N THR F 81 13.13 -73.37 83.40
CA THR F 81 12.58 -72.03 83.31
C THR F 81 12.11 -71.76 81.88
N ASN F 82 11.70 -70.52 81.62
CA ASN F 82 11.24 -70.10 80.31
C ASN F 82 12.17 -69.03 79.78
N GLY F 83 11.79 -68.43 78.65
CA GLY F 83 12.63 -67.42 78.03
C GLY F 83 13.90 -68.00 77.47
N THR F 84 15.02 -67.33 77.77
CA THR F 84 16.34 -67.75 77.33
C THR F 84 16.38 -67.96 75.82
N LYS F 85 16.17 -66.89 75.05
CA LYS F 85 16.08 -66.95 73.60
C LYS F 85 17.47 -67.09 72.97
N ARG F 86 18.49 -67.36 73.78
CA ARG F 86 19.84 -67.52 73.26
C ARG F 86 20.52 -68.64 74.03
N PHE F 87 20.42 -69.88 73.51
CA PHE F 87 21.19 -71.00 74.05
C PHE F 87 22.32 -71.33 73.08
N ASP F 88 23.02 -72.43 73.32
CA ASP F 88 24.18 -72.78 72.52
C ASP F 88 23.95 -74.05 71.70
N ASN F 89 23.63 -73.89 70.41
CA ASN F 89 23.50 -75.01 69.50
C ASN F 89 23.74 -74.55 68.07
N PRO F 90 24.49 -75.33 67.28
CA PRO F 90 24.74 -74.92 65.88
C PRO F 90 23.69 -75.45 64.93
N VAL F 91 23.77 -75.04 63.66
CA VAL F 91 22.86 -75.52 62.63
C VAL F 91 23.45 -76.79 62.00
N LEU F 92 22.57 -77.71 61.61
CA LEU F 92 23.05 -78.98 61.07
C LEU F 92 22.80 -79.05 59.57
N PRO F 93 23.76 -79.50 58.78
CA PRO F 93 23.56 -79.59 57.33
C PRO F 93 22.72 -80.81 56.96
N PHE F 94 22.08 -80.71 55.79
CA PHE F 94 21.21 -81.76 55.26
C PHE F 94 21.59 -81.98 53.80
N ASN F 95 22.52 -82.91 53.56
CA ASN F 95 23.01 -83.17 52.22
C ASN F 95 21.99 -83.96 51.40
N ASP F 96 21.67 -85.18 51.84
CA ASP F 96 20.71 -86.02 51.15
C ASP F 96 19.69 -86.68 52.06
N GLY F 97 19.99 -86.88 53.34
CA GLY F 97 19.07 -87.52 54.24
C GLY F 97 19.72 -87.75 55.58
N VAL F 98 18.88 -87.70 56.62
CA VAL F 98 19.35 -87.83 58.00
C VAL F 98 18.45 -88.81 58.74
N TYR F 99 19.06 -89.50 59.71
CA TYR F 99 18.35 -90.41 60.60
C TYR F 99 18.24 -89.78 61.99
N PHE F 100 17.01 -89.50 62.41
CA PHE F 100 16.77 -88.76 63.64
C PHE F 100 16.11 -89.70 64.65
N ALA F 101 16.91 -90.26 65.56
CA ALA F 101 16.42 -91.00 66.70
C ALA F 101 16.53 -90.14 67.96
N SER F 102 15.59 -90.36 68.89
CA SER F 102 15.55 -89.55 70.09
C SER F 102 14.96 -90.32 71.26
N THR F 103 15.62 -90.25 72.42
CA THR F 103 15.14 -90.90 73.63
C THR F 103 14.46 -89.92 74.59
N GLU F 104 13.84 -88.86 74.06
CA GLU F 104 13.14 -87.88 74.87
C GLU F 104 12.03 -88.54 75.69
N LYS F 105 11.85 -88.09 76.93
CA LYS F 105 10.92 -88.78 77.81
C LYS F 105 9.47 -88.36 77.57
N SER F 106 9.13 -87.11 77.87
CA SER F 106 7.74 -86.68 77.75
C SER F 106 7.49 -85.70 76.61
N ASN F 107 8.15 -84.55 76.63
CA ASN F 107 7.85 -83.49 75.67
C ASN F 107 9.10 -82.75 75.20
N ILE F 108 10.28 -83.37 75.33
CA ILE F 108 11.51 -82.68 74.98
C ILE F 108 11.55 -82.34 73.50
N ILE F 109 11.41 -83.34 72.64
CA ILE F 109 11.43 -83.12 71.20
C ILE F 109 10.02 -82.75 70.75
N ARG F 110 9.87 -81.53 70.22
CA ARG F 110 8.57 -81.05 69.79
C ARG F 110 8.67 -80.38 68.42
N GLY F 111 9.36 -81.03 67.48
CA GLY F 111 9.38 -80.54 66.11
C GLY F 111 10.75 -80.34 65.52
N TRP F 112 10.78 -79.91 64.26
CA TRP F 112 12.03 -79.67 63.54
C TRP F 112 11.89 -78.43 62.69
N ILE F 113 13.01 -77.95 62.16
CA ILE F 113 13.03 -76.79 61.28
C ILE F 113 13.97 -77.08 60.11
N PHE F 114 13.46 -76.91 58.89
CA PHE F 114 14.22 -77.17 57.67
C PHE F 114 14.39 -75.88 56.87
N GLY F 115 15.17 -75.97 55.81
CA GLY F 115 15.44 -74.83 54.95
C GLY F 115 16.84 -74.89 54.40
N THR F 116 17.18 -73.89 53.59
CA THR F 116 18.51 -73.75 53.02
C THR F 116 19.17 -72.42 53.37
N THR F 117 18.41 -71.32 53.38
CA THR F 117 18.92 -70.03 53.79
C THR F 117 18.45 -69.60 55.17
N LEU F 118 17.20 -69.93 55.54
CA LEU F 118 16.68 -69.70 56.89
C LEU F 118 16.57 -68.22 57.24
N ASP F 119 16.85 -67.33 56.29
CA ASP F 119 16.72 -65.90 56.56
C ASP F 119 15.91 -65.25 55.43
N SER F 120 14.58 -65.33 55.56
CA SER F 120 13.62 -64.65 54.71
C SER F 120 13.98 -64.63 53.22
N LYS F 121 14.48 -65.76 52.70
CA LYS F 121 14.85 -65.82 51.29
C LYS F 121 14.34 -67.08 50.62
N THR F 122 14.13 -68.15 51.41
CA THR F 122 13.69 -69.42 50.86
C THR F 122 12.65 -70.03 51.79
N GLN F 123 11.84 -70.91 51.24
CA GLN F 123 10.80 -71.58 52.02
C GLN F 123 11.45 -72.52 53.04
N SER F 124 10.68 -72.80 54.09
CA SER F 124 11.15 -73.67 55.17
C SER F 124 10.15 -74.80 55.41
N LEU F 125 10.35 -75.57 56.48
CA LEU F 125 9.46 -76.68 56.79
C LEU F 125 9.38 -76.89 58.30
N LEU F 126 8.33 -76.37 58.93
CA LEU F 126 8.16 -76.55 60.36
C LEU F 126 7.28 -77.77 60.64
N ILE F 127 7.79 -78.64 61.50
CA ILE F 127 7.09 -79.87 61.89
C ILE F 127 6.87 -79.84 63.39
N VAL F 128 6.67 -78.65 63.94
CA VAL F 128 6.48 -78.44 65.38
C VAL F 128 5.40 -79.38 65.91
N ASN F 129 5.72 -80.11 66.96
CA ASN F 129 4.80 -81.08 67.55
C ASN F 129 3.95 -80.41 68.61
N ASN F 130 2.80 -81.02 68.90
CA ASN F 130 1.81 -80.43 69.80
C ASN F 130 0.82 -81.51 70.22
N ALA F 131 0.04 -81.24 71.27
CA ALA F 131 -0.99 -82.17 71.72
C ALA F 131 -2.05 -82.36 70.65
N THR F 132 -2.30 -83.62 70.29
CA THR F 132 -3.39 -84.07 69.44
C THR F 132 -3.29 -83.58 68.00
N ASN F 133 -2.27 -82.77 67.69
CA ASN F 133 -2.09 -82.26 66.35
C ASN F 133 -0.62 -81.89 66.15
N VAL F 134 -0.24 -81.74 64.88
CA VAL F 134 1.12 -81.36 64.53
C VAL F 134 1.07 -80.34 63.39
N VAL F 135 1.57 -79.13 63.65
CA VAL F 135 1.51 -78.06 62.66
C VAL F 135 2.56 -78.28 61.59
N ILE F 136 2.12 -78.25 60.33
CA ILE F 136 3.01 -78.37 59.18
C ILE F 136 2.77 -77.17 58.27
N LYS F 137 3.87 -76.51 57.90
CA LYS F 137 3.78 -75.32 57.06
C LYS F 137 5.07 -75.11 56.26
N VAL F 138 4.93 -74.65 55.02
CA VAL F 138 6.07 -74.44 54.13
C VAL F 138 6.18 -72.95 53.83
N CYS F 139 5.82 -72.12 54.80
CA CYS F 139 5.88 -70.68 54.63
C CYS F 139 7.32 -70.18 54.74
N GLU F 140 7.64 -69.15 53.97
CA GLU F 140 8.98 -68.56 53.98
C GLU F 140 9.00 -67.36 54.92
N PHE F 141 9.90 -67.38 55.90
CA PHE F 141 10.06 -66.29 56.84
C PHE F 141 11.44 -66.36 57.49
N GLN F 142 11.71 -65.38 58.33
CA GLN F 142 13.00 -65.26 59.00
C GLN F 142 13.02 -66.09 60.28
N PHE F 143 14.16 -66.73 60.53
CA PHE F 143 14.38 -67.52 61.74
C PHE F 143 15.38 -66.81 62.65
N CYS F 144 15.56 -67.37 63.83
CA CYS F 144 16.58 -66.91 64.78
C CYS F 144 17.67 -67.98 64.90
N ASN F 145 18.81 -67.58 65.45
CA ASN F 145 19.94 -68.51 65.55
C ASN F 145 19.68 -69.64 66.53
N ASP F 146 18.67 -69.52 67.40
CA ASP F 146 18.31 -70.54 68.37
C ASP F 146 16.80 -70.64 68.46
N PRO F 147 16.16 -71.37 67.54
CA PRO F 147 14.71 -71.52 67.60
C PRO F 147 14.28 -72.49 68.69
N PHE F 148 13.17 -72.17 69.34
CA PHE F 148 12.61 -73.01 70.40
C PHE F 148 11.15 -72.63 70.61
N LEU F 149 10.42 -73.53 71.23
CA LEU F 149 9.01 -73.32 71.55
C LEU F 149 8.85 -73.03 73.03
N ASP F 150 8.28 -71.86 73.34
CA ASP F 150 8.12 -71.41 74.71
C ASP F 150 6.65 -71.54 75.12
N VAL F 151 6.39 -72.33 76.15
CA VAL F 151 5.02 -72.51 76.66
C VAL F 151 4.99 -71.82 78.03
N TYR F 152 4.08 -70.85 78.15
CA TYR F 152 4.00 -70.07 79.39
C TYR F 152 3.16 -70.75 80.46
N GLN F 153 2.07 -71.41 80.09
CA GLN F 153 1.14 -72.02 81.04
C GLN F 153 0.64 -71.01 82.06
N MET F 160 -3.42 -70.68 73.23
CA MET F 160 -2.73 -70.68 74.52
C MET F 160 -1.80 -71.88 74.63
N GLU F 161 -1.04 -71.93 75.73
CA GLU F 161 -0.09 -73.00 76.02
C GLU F 161 0.92 -73.17 74.89
N SER F 162 1.22 -72.07 74.18
CA SER F 162 2.16 -72.10 73.07
C SER F 162 2.56 -70.69 72.67
N GLU F 163 3.52 -70.57 71.74
CA GLU F 163 3.96 -69.26 71.27
C GLU F 163 4.57 -69.38 69.88
N PHE F 164 5.14 -68.28 69.38
CA PHE F 164 5.75 -68.23 68.07
C PHE F 164 7.12 -67.57 68.16
N ARG F 165 7.90 -67.97 69.17
CA ARG F 165 9.24 -67.42 69.36
C ARG F 165 10.23 -67.86 68.29
N VAL F 166 9.86 -68.82 67.44
CA VAL F 166 10.74 -69.32 66.39
C VAL F 166 10.92 -68.23 65.33
N TYR F 167 9.81 -67.69 64.85
CA TYR F 167 9.82 -66.69 63.79
C TYR F 167 9.31 -65.35 64.28
N SER F 168 9.53 -64.32 63.47
CA SER F 168 9.11 -62.97 63.83
C SER F 168 7.87 -62.57 63.06
N SER F 169 7.77 -62.98 61.79
CA SER F 169 6.64 -62.61 60.94
C SER F 169 6.30 -63.72 59.96
N ALA F 170 5.49 -63.40 58.95
CA ALA F 170 5.06 -64.40 57.98
C ALA F 170 5.10 -63.84 56.56
N ASN F 171 4.73 -64.65 55.57
CA ASN F 171 4.75 -64.25 54.17
C ASN F 171 3.79 -65.11 53.36
N ASN F 172 3.96 -65.11 52.04
CA ASN F 172 3.08 -65.88 51.16
C ASN F 172 3.38 -67.36 51.32
N CYS F 173 2.58 -68.04 52.14
CA CYS F 173 2.74 -69.47 52.40
C CYS F 173 2.27 -70.23 51.17
N THR F 174 3.11 -71.16 50.71
CA THR F 174 2.84 -71.93 49.51
C THR F 174 2.17 -73.27 49.80
N PHE F 175 2.19 -73.74 51.04
CA PHE F 175 1.61 -75.03 51.37
C PHE F 175 1.35 -75.08 52.88
N GLU F 176 0.29 -75.78 53.25
CA GLU F 176 -0.07 -75.96 54.65
C GLU F 176 -0.80 -77.29 54.79
N TYR F 177 -0.64 -77.91 55.96
CA TYR F 177 -1.24 -79.21 56.22
C TYR F 177 -1.61 -79.35 57.68
N VAL F 178 -2.90 -79.60 57.96
CA VAL F 178 -3.35 -79.80 59.34
C VAL F 178 -2.73 -81.05 59.93
N SER F 179 -2.97 -82.20 59.31
CA SER F 179 -2.42 -83.49 59.75
C SER F 179 -2.80 -83.77 61.20
N GLN F 180 -4.10 -83.94 61.46
CA GLN F 180 -4.63 -84.22 62.79
C GLN F 180 -3.90 -85.37 63.47
N PRO F 181 -3.66 -86.53 62.80
CA PRO F 181 -2.86 -87.58 63.43
C PRO F 181 -1.43 -87.12 63.70
N PHE F 182 -1.07 -87.02 64.98
CA PHE F 182 0.26 -86.53 65.34
C PHE F 182 1.32 -87.57 65.04
N LEU F 183 2.51 -87.10 64.64
CA LEU F 183 3.63 -87.97 64.34
C LEU F 183 4.28 -88.46 65.63
N MET F 184 4.79 -87.53 66.44
CA MET F 184 5.41 -87.89 67.70
C MET F 184 4.35 -88.35 68.69
N ASP F 185 4.57 -89.51 69.30
CA ASP F 185 3.62 -90.12 70.21
C ASP F 185 4.12 -89.99 71.65
N LEU F 186 3.30 -90.46 72.59
CA LEU F 186 3.65 -90.38 74.00
C LEU F 186 3.32 -91.70 74.71
N GLU F 187 3.37 -91.69 76.04
CA GLU F 187 3.08 -92.90 76.81
C GLU F 187 1.62 -93.29 76.68
N PHE F 193 10.13 -99.38 81.44
CA PHE F 193 10.39 -99.55 80.01
C PHE F 193 10.21 -98.23 79.27
N LYS F 194 11.28 -97.76 78.64
CA LYS F 194 11.22 -96.51 77.88
C LYS F 194 10.69 -96.76 76.48
N ASN F 195 10.77 -95.74 75.62
CA ASN F 195 10.29 -95.86 74.25
C ASN F 195 11.17 -95.02 73.34
N LEU F 196 11.65 -95.62 72.26
CA LEU F 196 12.51 -94.94 71.30
C LEU F 196 11.75 -94.65 70.02
N ARG F 197 11.88 -93.41 69.53
CA ARG F 197 11.23 -92.98 68.30
C ARG F 197 12.30 -92.51 67.32
N GLU F 198 12.28 -93.09 66.12
CA GLU F 198 13.24 -92.76 65.08
C GLU F 198 12.51 -92.13 63.90
N PHE F 199 13.22 -91.24 63.20
CA PHE F 199 12.66 -90.51 62.08
C PHE F 199 13.68 -90.46 60.95
N VAL F 200 13.24 -90.79 59.75
CA VAL F 200 14.09 -90.75 58.55
C VAL F 200 13.52 -89.70 57.61
N PHE F 201 14.33 -88.69 57.30
CA PHE F 201 13.95 -87.60 56.41
C PHE F 201 14.86 -87.61 55.19
N LYS F 202 14.28 -87.40 54.01
CA LYS F 202 15.02 -87.39 52.75
C LYS F 202 14.70 -86.13 51.97
N ASN F 203 15.31 -85.99 50.80
CA ASN F 203 15.13 -84.82 49.95
C ASN F 203 14.77 -85.20 48.52
N ILE F 204 13.77 -86.07 48.34
CA ILE F 204 13.34 -86.49 47.00
C ILE F 204 12.82 -85.27 46.24
N ASP F 205 12.79 -85.37 44.91
CA ASP F 205 12.41 -84.27 44.03
C ASP F 205 11.09 -83.62 44.44
N GLY F 206 10.05 -84.43 44.65
CA GLY F 206 8.75 -83.90 44.97
C GLY F 206 8.24 -84.23 46.36
N TYR F 207 8.63 -85.39 46.88
CA TYR F 207 8.12 -85.80 48.19
C TYR F 207 9.23 -85.71 49.23
N PHE F 208 8.82 -85.59 50.49
CA PHE F 208 9.78 -85.50 51.59
C PHE F 208 10.04 -86.87 52.20
N LYS F 209 9.06 -87.78 52.09
CA LYS F 209 9.20 -89.16 52.56
C LYS F 209 9.54 -89.23 54.04
N ILE F 210 8.63 -88.79 54.89
CA ILE F 210 8.80 -88.82 56.34
C ILE F 210 8.51 -90.24 56.81
N TYR F 211 9.54 -90.93 57.30
CA TYR F 211 9.39 -92.26 57.87
C TYR F 211 9.50 -92.18 59.39
N SER F 212 8.75 -93.05 60.06
CA SER F 212 8.71 -93.05 61.52
C SER F 212 8.38 -94.46 62.01
N LYS F 213 8.75 -94.72 63.26
CA LYS F 213 8.47 -95.98 63.92
C LYS F 213 8.72 -95.81 65.42
N HIS F 214 7.84 -96.37 66.22
CA HIS F 214 7.90 -96.24 67.68
C HIS F 214 8.01 -97.64 68.28
N THR F 215 9.16 -97.93 68.88
CA THR F 215 9.40 -99.23 69.50
C THR F 215 9.82 -99.08 70.96
N PRO F 216 9.31 -99.92 71.85
CA PRO F 216 9.72 -99.83 73.26
C PRO F 216 11.11 -100.43 73.46
N ILE F 217 11.93 -99.73 74.22
CA ILE F 217 13.30 -100.16 74.50
C ILE F 217 13.47 -100.35 76.00
N ASN F 218 14.46 -101.17 76.36
CA ASN F 218 14.74 -101.46 77.77
C ASN F 218 16.20 -101.32 78.15
N LEU F 219 17.13 -101.20 77.20
CA LEU F 219 18.54 -101.06 77.55
C LEU F 219 18.83 -99.69 78.16
N GLU F 220 18.26 -98.63 77.58
CA GLU F 220 18.39 -97.27 78.07
C GLU F 220 19.84 -96.78 78.09
N ARG F 221 20.72 -97.43 77.34
CA ARG F 221 22.11 -97.02 77.25
C ARG F 221 22.39 -96.32 75.93
N ASP F 222 22.11 -97.01 74.83
CA ASP F 222 22.31 -96.46 73.50
C ASP F 222 21.29 -97.06 72.53
N LEU F 223 21.53 -96.90 71.24
CA LEU F 223 20.68 -97.52 70.22
C LEU F 223 20.70 -99.03 70.38
N PRO F 224 19.60 -99.67 70.81
CA PRO F 224 19.66 -101.10 71.09
C PRO F 224 19.81 -101.93 69.82
N GLN F 225 20.24 -103.18 70.01
CA GLN F 225 20.41 -104.11 68.90
C GLN F 225 19.08 -104.74 68.53
N GLY F 226 18.81 -104.81 67.25
CA GLY F 226 17.56 -105.33 66.73
C GLY F 226 17.15 -104.59 65.47
N PHE F 227 16.51 -105.31 64.56
CA PHE F 227 16.14 -104.80 63.24
C PHE F 227 14.68 -104.34 63.29
N SER F 228 14.46 -103.04 63.11
CA SER F 228 13.12 -102.46 63.06
C SER F 228 13.02 -101.52 61.86
N ALA F 229 11.96 -101.67 61.10
CA ALA F 229 11.72 -100.84 59.92
C ALA F 229 10.80 -99.68 60.27
N LEU F 230 10.85 -98.65 59.44
CA LEU F 230 10.05 -97.43 59.61
C LEU F 230 8.98 -97.39 58.54
N GLU F 231 7.71 -97.37 58.95
CA GLU F 231 6.61 -97.32 58.00
C GLU F 231 6.36 -95.89 57.56
N PRO F 232 6.12 -95.65 56.27
CA PRO F 232 5.85 -94.27 55.82
C PRO F 232 4.55 -93.72 56.38
N LEU F 233 4.54 -92.45 56.74
CA LEU F 233 3.35 -91.80 57.29
C LEU F 233 2.80 -90.71 56.39
N VAL F 234 3.62 -89.73 56.01
CA VAL F 234 3.17 -88.62 55.17
C VAL F 234 4.22 -88.29 54.12
N ASP F 235 3.79 -88.12 52.88
CA ASP F 235 4.67 -87.73 51.78
C ASP F 235 4.23 -86.37 51.26
N LEU F 236 4.86 -85.32 51.78
CA LEU F 236 4.49 -83.96 51.42
C LEU F 236 4.91 -83.68 49.98
N PRO F 237 3.97 -83.37 49.08
CA PRO F 237 4.30 -83.08 47.67
C PRO F 237 4.73 -81.64 47.44
N ILE F 238 5.74 -81.20 48.18
CA ILE F 238 6.24 -79.84 48.08
C ILE F 238 7.66 -79.89 47.52
N GLY F 239 7.94 -79.07 46.52
CA GLY F 239 9.27 -79.02 45.93
C GLY F 239 10.10 -77.92 46.59
N ILE F 240 11.19 -78.30 47.24
CA ILE F 240 12.07 -77.35 47.90
C ILE F 240 13.45 -77.97 48.07
N ASN F 241 14.49 -77.18 47.84
CA ASN F 241 15.88 -77.63 47.94
C ASN F 241 16.37 -77.34 49.36
N ILE F 242 16.10 -78.29 50.27
CA ILE F 242 16.49 -78.12 51.66
C ILE F 242 17.91 -78.65 51.84
N THR F 243 18.79 -77.81 52.40
CA THR F 243 20.17 -78.21 52.66
C THR F 243 20.58 -77.91 54.10
N ARG F 244 19.60 -77.81 55.00
CA ARG F 244 19.87 -77.50 56.40
C ARG F 244 18.68 -77.88 57.27
N PHE F 245 18.94 -78.43 58.46
CA PHE F 245 17.87 -78.80 59.37
C PHE F 245 18.33 -78.53 60.80
N GLN F 246 17.36 -78.45 61.71
CA GLN F 246 17.64 -78.20 63.12
C GLN F 246 16.46 -78.63 63.99
N THR F 247 16.74 -79.37 65.06
CA THR F 247 15.69 -79.84 65.94
C THR F 247 15.14 -78.70 66.79
N LEU F 248 14.02 -78.97 67.47
CA LEU F 248 13.37 -78.00 68.34
C LEU F 248 13.13 -78.63 69.71
N LEU F 249 13.39 -77.85 70.75
CA LEU F 249 13.19 -78.29 72.13
C LEU F 249 12.27 -77.32 72.86
N ALA F 250 11.56 -77.83 73.84
CA ALA F 250 10.63 -77.04 74.64
C ALA F 250 11.22 -76.75 76.02
N LEU F 251 10.57 -75.84 76.73
CA LEU F 251 10.98 -75.43 78.08
C LEU F 251 9.74 -75.45 78.98
N HIS F 252 9.71 -76.40 79.90
CA HIS F 252 8.61 -76.55 80.85
C HIS F 252 7.27 -76.71 80.14
N ALA F 269 18.99 -85.56 79.27
CA ALA F 269 17.62 -85.96 78.95
C ALA F 269 17.26 -85.61 77.52
N ALA F 270 17.78 -84.49 77.03
CA ALA F 270 17.50 -84.03 75.68
C ALA F 270 18.41 -84.72 74.67
N ALA F 271 18.36 -86.04 74.62
CA ALA F 271 19.20 -86.79 73.69
C ALA F 271 18.48 -86.95 72.35
N TYR F 272 19.21 -86.71 71.27
CA TYR F 272 18.67 -86.87 69.91
C TYR F 272 19.82 -87.23 69.00
N TYR F 273 19.62 -88.24 68.16
CA TYR F 273 20.64 -88.68 67.23
C TYR F 273 20.43 -88.07 65.85
N VAL F 274 21.54 -87.85 65.15
CA VAL F 274 21.50 -87.26 63.81
C VAL F 274 22.47 -87.99 62.89
N GLY F 275 21.93 -88.88 62.04
CA GLY F 275 22.78 -89.67 61.13
C GLY F 275 22.80 -89.08 59.73
N TYR F 276 23.40 -89.79 58.77
CA TYR F 276 23.48 -89.30 57.36
C TYR F 276 23.27 -90.46 56.38
N LEU F 277 22.27 -90.34 55.50
CA LEU F 277 21.93 -91.45 54.58
C LEU F 277 22.89 -91.49 53.39
N GLN F 278 23.28 -92.69 52.94
CA GLN F 278 24.18 -92.85 51.77
C GLN F 278 23.53 -93.84 50.79
N PRO F 279 23.72 -93.71 49.46
CA PRO F 279 23.16 -94.66 48.50
C PRO F 279 23.83 -96.04 48.53
N ARG F 280 23.19 -97.03 49.17
CA ARG F 280 23.75 -98.41 49.16
C ARG F 280 22.64 -99.39 48.76
N THR F 281 23.03 -100.59 48.31
CA THR F 281 22.02 -101.63 47.98
C THR F 281 21.79 -102.48 49.23
N PHE F 282 20.52 -102.80 49.52
CA PHE F 282 20.21 -103.57 50.76
C PHE F 282 19.39 -104.80 50.40
N LEU F 283 19.88 -105.99 50.73
CA LEU F 283 19.10 -107.24 50.49
C LEU F 283 17.98 -107.30 51.52
N LEU F 284 16.83 -106.71 51.20
CA LEU F 284 15.71 -106.65 52.19
C LEU F 284 15.01 -108.00 52.27
N LYS F 285 14.82 -108.51 53.48
CA LYS F 285 14.11 -109.78 53.65
C LYS F 285 12.69 -109.51 54.12
N TYR F 286 11.73 -109.96 53.33
CA TYR F 286 10.31 -109.74 53.59
C TYR F 286 9.70 -111.02 54.14
N ASN F 287 8.91 -110.88 55.21
CA ASN F 287 8.26 -112.03 55.81
C ASN F 287 7.01 -112.40 55.00
N GLU F 288 6.31 -113.43 55.48
CA GLU F 288 5.12 -113.90 54.78
C GLU F 288 4.00 -112.86 54.83
N ASN F 289 3.96 -112.04 55.89
CA ASN F 289 2.91 -111.04 56.02
C ASN F 289 3.30 -109.70 55.44
N GLY F 290 4.52 -109.55 54.91
CA GLY F 290 4.94 -108.32 54.27
C GLY F 290 5.80 -107.40 55.10
N THR F 291 6.29 -107.84 56.26
CA THR F 291 7.14 -107.03 57.11
C THR F 291 8.60 -107.40 56.89
N ILE F 292 9.47 -106.39 56.95
CA ILE F 292 10.90 -106.62 56.73
C ILE F 292 11.53 -107.09 58.03
N THR F 293 12.20 -108.24 57.97
CA THR F 293 12.81 -108.85 59.16
C THR F 293 14.30 -108.57 59.28
N ASP F 294 15.02 -108.46 58.16
CA ASP F 294 16.46 -108.22 58.20
C ASP F 294 16.88 -107.64 56.86
N ALA F 295 18.07 -107.02 56.85
CA ALA F 295 18.64 -106.45 55.65
C ALA F 295 20.14 -106.73 55.64
N VAL F 296 20.76 -106.54 54.47
CA VAL F 296 22.18 -106.83 54.30
C VAL F 296 22.83 -105.69 53.52
N ASP F 297 23.75 -104.98 54.18
CA ASP F 297 24.50 -103.92 53.52
C ASP F 297 25.63 -104.55 52.70
N CYS F 298 25.49 -104.50 51.37
CA CYS F 298 26.41 -105.23 50.50
C CYS F 298 27.82 -104.65 50.54
N ALA F 299 27.97 -103.37 50.87
CA ALA F 299 29.27 -102.71 50.90
C ALA F 299 29.82 -102.59 52.31
N LEU F 300 29.41 -103.46 53.22
CA LEU F 300 29.91 -103.44 54.59
C LEU F 300 31.08 -104.40 54.77
N ASP F 301 30.84 -105.68 54.50
CA ASP F 301 31.84 -106.72 54.62
C ASP F 301 31.78 -107.68 53.44
N PRO F 302 32.87 -108.41 53.16
CA PRO F 302 32.84 -109.36 52.03
C PRO F 302 31.76 -110.42 52.15
N LEU F 303 31.45 -110.88 53.36
CA LEU F 303 30.39 -111.87 53.53
C LEU F 303 29.04 -111.31 53.11
N SER F 304 28.76 -110.05 53.46
CA SER F 304 27.51 -109.43 53.04
C SER F 304 27.48 -109.26 51.52
N GLU F 305 28.63 -108.99 50.90
CA GLU F 305 28.67 -108.86 49.45
C GLU F 305 28.42 -110.21 48.78
N THR F 306 28.92 -111.30 49.38
CA THR F 306 28.61 -112.63 48.88
C THR F 306 27.13 -112.95 49.04
N LYS F 307 26.54 -112.55 50.17
CA LYS F 307 25.11 -112.75 50.37
C LYS F 307 24.30 -111.99 49.32
N CYS F 308 24.74 -110.77 48.98
CA CYS F 308 24.03 -109.99 47.97
C CYS F 308 24.22 -110.59 46.58
N THR F 309 25.41 -111.12 46.29
CA THR F 309 25.67 -111.71 44.99
C THR F 309 24.79 -112.92 44.73
N LEU F 310 24.75 -113.86 45.67
CA LEU F 310 23.90 -115.03 45.56
C LEU F 310 22.43 -114.73 45.85
N LYS F 311 22.14 -113.53 46.34
CA LYS F 311 20.78 -113.12 46.70
C LYS F 311 20.16 -114.11 47.68
N SER F 312 20.89 -114.36 48.77
CA SER F 312 20.43 -115.27 49.82
C SER F 312 21.17 -114.94 51.11
N PHE F 313 20.48 -115.15 52.23
CA PHE F 313 21.08 -114.92 53.54
C PHE F 313 21.97 -116.06 54.01
N THR F 314 21.88 -117.23 53.38
CA THR F 314 22.69 -118.38 53.73
C THR F 314 23.60 -118.72 52.55
N VAL F 315 24.90 -118.52 52.73
CA VAL F 315 25.90 -118.80 51.72
C VAL F 315 26.49 -120.19 51.97
N GLU F 316 26.60 -120.98 50.90
CA GLU F 316 27.14 -122.33 51.01
C GLU F 316 28.66 -122.29 51.07
N LYS F 317 29.29 -123.46 51.03
CA LYS F 317 30.74 -123.56 51.10
C LYS F 317 31.32 -123.57 49.69
N GLY F 318 32.11 -122.56 49.37
CA GLY F 318 32.72 -122.48 48.05
C GLY F 318 33.29 -121.10 47.81
N ILE F 319 33.77 -120.91 46.58
CA ILE F 319 34.35 -119.65 46.14
C ILE F 319 33.34 -118.96 45.24
N TYR F 320 33.07 -117.68 45.52
CA TYR F 320 32.09 -116.89 44.78
C TYR F 320 32.68 -115.53 44.49
N GLN F 321 32.65 -115.13 43.22
CA GLN F 321 33.13 -113.80 42.85
C GLN F 321 32.05 -112.76 43.10
N THR F 322 32.46 -111.60 43.62
CA THR F 322 31.52 -110.55 43.97
C THR F 322 31.77 -109.24 43.22
N SER F 323 33.03 -108.83 43.07
CA SER F 323 33.34 -107.58 42.40
C SER F 323 34.68 -107.67 41.67
N ASN F 324 35.22 -106.52 41.27
CA ASN F 324 36.49 -106.47 40.56
C ASN F 324 37.36 -105.40 41.19
N PHE F 325 38.56 -105.78 41.61
CA PHE F 325 39.50 -104.84 42.20
C PHE F 325 40.02 -103.87 41.13
N ARG F 326 40.11 -102.59 41.50
CA ARG F 326 40.49 -101.55 40.54
C ARG F 326 41.18 -100.44 41.31
N VAL F 327 42.46 -100.17 40.98
CA VAL F 327 43.21 -99.06 41.62
C VAL F 327 42.84 -97.76 40.89
N GLN F 328 42.43 -96.72 41.62
CA GLN F 328 42.01 -95.45 40.99
C GLN F 328 43.23 -94.52 40.84
N PRO F 329 43.49 -93.96 39.64
CA PRO F 329 44.59 -93.01 39.46
C PRO F 329 44.44 -91.77 40.36
N THR F 330 45.56 -91.20 40.82
CA THR F 330 45.48 -90.08 41.80
C THR F 330 45.88 -88.74 41.18
N GLU F 331 46.73 -88.73 40.14
CA GLU F 331 47.23 -87.45 39.58
C GLU F 331 47.03 -87.45 38.06
N SER F 332 47.19 -86.29 37.41
CA SER F 332 47.07 -86.20 35.94
C SER F 332 48.31 -85.51 35.36
N ILE F 333 49.25 -86.28 34.80
CA ILE F 333 50.45 -85.68 34.16
C ILE F 333 50.04 -85.03 32.83
N VAL F 334 50.15 -83.70 32.72
CA VAL F 334 49.86 -83.04 31.43
C VAL F 334 51.18 -82.48 30.89
N ARG F 335 52.13 -83.35 30.56
CA ARG F 335 53.47 -82.89 30.11
C ARG F 335 53.39 -82.42 28.65
N PHE F 336 53.98 -81.26 28.35
CA PHE F 336 53.90 -80.68 26.99
C PHE F 336 55.30 -80.22 26.52
N PRO F 337 55.62 -80.03 25.20
CA PRO F 337 56.99 -79.65 24.80
C PRO F 337 57.33 -78.23 25.23
N ASN F 338 58.54 -77.81 24.87
CA ASN F 338 59.03 -76.48 25.17
C ASN F 338 58.10 -75.41 24.62
N ILE F 339 58.17 -74.21 25.20
CA ILE F 339 57.48 -73.04 24.69
C ILE F 339 58.56 -72.07 24.22
N THR F 340 58.93 -72.16 22.95
CA THR F 340 60.00 -71.36 22.38
C THR F 340 59.54 -70.47 21.24
N ASN F 341 58.66 -70.96 20.37
CA ASN F 341 58.16 -70.17 19.24
C ASN F 341 57.04 -69.26 19.72
N LEU F 342 57.44 -68.31 20.57
CA LEU F 342 56.47 -67.35 21.11
C LEU F 342 55.96 -66.42 20.02
N CYS F 343 54.66 -66.12 20.08
CA CYS F 343 54.07 -65.23 19.10
C CYS F 343 54.59 -63.81 19.31
N PRO F 344 54.93 -63.09 18.22
CA PRO F 344 55.44 -61.73 18.37
C PRO F 344 54.37 -60.76 18.82
N PHE F 345 54.44 -60.32 20.07
CA PHE F 345 53.50 -59.36 20.63
C PHE F 345 54.13 -58.04 21.04
N HIS F 346 55.41 -58.04 21.41
CA HIS F 346 56.12 -56.80 21.73
C HIS F 346 56.64 -56.08 20.49
N GLU F 347 55.80 -55.89 19.50
CA GLU F 347 56.14 -55.19 18.27
C GLU F 347 55.14 -54.10 17.93
N VAL F 348 53.86 -54.31 18.22
CA VAL F 348 52.83 -53.32 17.88
C VAL F 348 52.47 -52.45 19.08
N PHE F 349 52.46 -53.01 20.29
CA PHE F 349 52.09 -52.26 21.48
C PHE F 349 53.11 -51.20 21.87
N ASN F 350 54.39 -51.43 21.60
CA ASN F 350 55.44 -50.47 21.90
C ASN F 350 56.23 -50.11 20.65
N ALA F 351 55.51 -49.85 19.56
CA ALA F 351 56.15 -49.49 18.30
C ALA F 351 56.60 -48.03 18.34
N THR F 352 57.68 -47.74 17.60
CA THR F 352 58.20 -46.37 17.57
C THR F 352 57.28 -45.45 16.78
N THR F 353 56.87 -45.88 15.59
CA THR F 353 55.99 -45.09 14.74
C THR F 353 54.72 -45.88 14.43
N PHE F 354 53.62 -45.15 14.28
CA PHE F 354 52.31 -45.73 13.99
C PHE F 354 51.75 -45.08 12.74
N ALA F 355 50.59 -45.56 12.32
CA ALA F 355 49.89 -45.05 11.15
C ALA F 355 48.68 -44.23 11.58
N SER F 356 47.92 -43.77 10.58
CA SER F 356 46.73 -42.96 10.82
C SER F 356 45.49 -43.86 10.88
N VAL F 357 44.32 -43.23 11.05
CA VAL F 357 43.09 -43.98 11.20
C VAL F 357 42.53 -44.44 9.86
N TYR F 358 42.87 -43.75 8.76
CA TYR F 358 42.40 -44.19 7.45
C TYR F 358 43.11 -45.44 6.97
N ALA F 359 44.33 -45.69 7.45
CA ALA F 359 45.06 -46.91 7.18
C ALA F 359 44.92 -47.87 8.35
N TRP F 360 45.39 -49.10 8.14
CA TRP F 360 45.30 -50.14 9.16
C TRP F 360 46.66 -50.65 9.62
N ASN F 361 47.61 -50.84 8.70
CA ASN F 361 48.93 -51.36 9.01
C ASN F 361 48.84 -52.70 9.74
N ARG F 362 48.29 -53.69 9.04
CA ARG F 362 48.06 -54.99 9.62
C ARG F 362 49.38 -55.67 9.99
N LYS F 363 49.35 -56.42 11.09
CA LYS F 363 50.50 -57.16 11.60
C LYS F 363 50.10 -58.60 11.89
N ARG F 364 49.46 -59.24 10.91
CA ARG F 364 48.97 -60.60 11.07
C ARG F 364 50.07 -61.54 11.53
N ILE F 365 49.79 -62.26 12.62
CA ILE F 365 50.74 -63.19 13.23
C ILE F 365 50.11 -64.58 13.24
N SER F 366 50.94 -65.59 12.99
CA SER F 366 50.49 -66.97 12.97
C SER F 366 51.70 -67.88 13.13
N ASN F 367 51.46 -69.19 13.06
CA ASN F 367 52.49 -70.22 13.13
C ASN F 367 53.25 -70.19 14.45
N CYS F 368 52.71 -69.53 15.47
CA CYS F 368 53.37 -69.41 16.77
C CYS F 368 52.31 -69.43 17.87
N VAL F 369 52.70 -69.97 19.02
CA VAL F 369 51.79 -70.02 20.16
C VAL F 369 51.61 -68.62 20.73
N ALA F 370 50.37 -68.19 20.87
CA ALA F 370 50.05 -66.85 21.34
C ALA F 370 49.92 -66.85 22.85
N ASP F 371 50.75 -66.04 23.52
CA ASP F 371 50.70 -65.89 24.97
C ASP F 371 50.03 -64.54 25.26
N TYR F 372 48.76 -64.60 25.67
CA TYR F 372 47.96 -63.41 25.91
C TYR F 372 48.20 -62.81 27.30
N SER F 373 49.28 -63.19 27.97
CA SER F 373 49.60 -62.65 29.29
C SER F 373 50.74 -61.64 29.26
N VAL F 374 51.50 -61.58 28.18
CA VAL F 374 52.61 -60.63 28.09
C VAL F 374 52.14 -59.24 27.71
N ILE F 375 50.96 -59.11 27.12
CA ILE F 375 50.46 -57.80 26.70
C ILE F 375 50.13 -56.90 27.88
N TYR F 376 49.93 -57.48 29.07
CA TYR F 376 49.62 -56.68 30.25
C TYR F 376 50.84 -56.04 30.88
N ASN F 377 52.04 -56.33 30.37
CA ASN F 377 53.28 -55.77 30.91
C ASN F 377 53.97 -54.81 29.96
N PHE F 378 53.33 -54.47 28.84
CA PHE F 378 53.92 -53.56 27.88
C PHE F 378 53.67 -52.09 28.23
N ALA F 379 52.41 -51.74 28.49
CA ALA F 379 52.05 -50.37 28.82
C ALA F 379 50.69 -50.39 29.52
N PRO F 380 50.45 -49.47 30.46
CA PRO F 380 49.15 -49.44 31.14
C PRO F 380 48.02 -49.04 30.20
N PHE F 381 47.12 -49.98 29.90
CA PHE F 381 46.03 -49.71 28.99
C PHE F 381 44.91 -48.96 29.71
N PHE F 382 44.10 -48.26 28.90
CA PHE F 382 42.95 -47.51 29.41
C PHE F 382 41.62 -48.06 28.93
N ALA F 383 41.61 -48.92 27.91
CA ALA F 383 40.39 -49.52 27.41
C ALA F 383 40.71 -50.94 26.95
N PHE F 384 39.99 -51.92 27.51
CA PHE F 384 40.19 -53.33 27.18
C PHE F 384 38.81 -54.01 27.20
N LYS F 385 38.20 -54.11 26.04
CA LYS F 385 36.87 -54.71 25.90
C LYS F 385 36.95 -55.83 24.87
N CYS F 386 36.62 -57.05 25.29
CA CYS F 386 36.60 -58.22 24.42
C CYS F 386 35.15 -58.53 24.06
N TYR F 387 34.80 -58.35 22.79
CA TYR F 387 33.44 -58.59 22.31
C TYR F 387 33.31 -60.04 21.89
N GLY F 388 32.68 -60.85 22.73
CA GLY F 388 32.43 -62.24 22.40
C GLY F 388 33.31 -63.20 23.17
N VAL F 389 34.57 -62.85 23.37
CA VAL F 389 35.52 -63.71 24.06
C VAL F 389 35.80 -63.14 25.45
N SER F 390 36.49 -63.94 26.27
CA SER F 390 36.85 -63.56 27.62
C SER F 390 38.35 -63.27 27.71
N PRO F 391 38.75 -62.29 28.52
CA PRO F 391 40.19 -61.98 28.63
C PRO F 391 41.02 -63.14 29.14
N THR F 392 40.50 -63.93 30.08
CA THR F 392 41.25 -65.05 30.63
C THR F 392 41.11 -66.33 29.82
N LYS F 393 40.01 -66.47 29.08
CA LYS F 393 39.78 -67.67 28.28
C LYS F 393 40.54 -67.67 26.97
N LEU F 394 41.39 -66.66 26.72
CA LEU F 394 42.17 -66.65 25.48
C LEU F 394 43.35 -67.61 25.52
N ASN F 395 43.76 -68.04 26.72
CA ASN F 395 44.92 -68.91 26.85
C ASN F 395 44.61 -70.37 26.54
N ASP F 396 43.34 -70.73 26.41
CA ASP F 396 42.93 -72.11 26.13
C ASP F 396 42.01 -72.18 24.92
N LEU F 397 42.35 -71.44 23.87
CA LEU F 397 41.60 -71.45 22.62
C LEU F 397 42.55 -71.54 21.44
N CYS F 398 42.09 -72.18 20.38
CA CYS F 398 42.87 -72.37 19.16
C CYS F 398 42.20 -71.61 18.01
N PHE F 399 42.96 -70.74 17.36
CA PHE F 399 42.46 -69.96 16.24
C PHE F 399 43.31 -70.24 15.00
N THR F 400 42.73 -69.95 13.83
CA THR F 400 43.40 -70.20 12.56
C THR F 400 44.11 -68.98 12.01
N ASN F 401 43.64 -67.77 12.35
CA ASN F 401 44.25 -66.55 11.81
C ASN F 401 44.02 -65.43 12.81
N VAL F 402 45.09 -64.78 13.23
CA VAL F 402 45.04 -63.68 14.19
C VAL F 402 45.64 -62.45 13.53
N TYR F 403 44.90 -61.34 13.54
CA TYR F 403 45.34 -60.08 12.97
C TYR F 403 45.59 -59.06 14.07
N ALA F 404 46.42 -58.07 13.75
CA ALA F 404 46.77 -57.00 14.70
C ALA F 404 46.94 -55.71 13.93
N ASP F 405 45.98 -54.80 14.07
CA ASP F 405 46.02 -53.50 13.42
C ASP F 405 46.15 -52.40 14.47
N SER F 406 46.91 -51.36 14.14
CA SER F 406 47.14 -50.24 15.04
C SER F 406 46.91 -48.93 14.30
N PHE F 407 46.36 -47.95 15.01
CA PHE F 407 46.10 -46.64 14.45
C PHE F 407 45.90 -45.65 15.58
N VAL F 408 46.05 -44.37 15.26
CA VAL F 408 45.89 -43.28 16.22
C VAL F 408 44.52 -42.65 15.99
N ILE F 409 43.78 -42.43 17.09
CA ILE F 409 42.43 -41.88 17.02
C ILE F 409 42.27 -40.88 18.16
N ARG F 410 41.30 -39.99 18.01
CA ARG F 410 41.02 -38.99 19.02
C ARG F 410 40.34 -39.62 20.23
N GLY F 411 40.49 -38.96 21.38
CA GLY F 411 39.90 -39.48 22.61
C GLY F 411 38.37 -39.53 22.55
N ASN F 412 37.75 -38.51 21.96
CA ASN F 412 36.30 -38.49 21.83
C ASN F 412 35.80 -39.47 20.76
N GLU F 413 36.70 -40.10 20.00
CA GLU F 413 36.34 -41.02 18.95
C GLU F 413 36.61 -42.47 19.32
N VAL F 414 37.02 -42.74 20.56
CA VAL F 414 37.28 -44.11 20.97
C VAL F 414 36.00 -44.90 21.14
N SER F 415 34.92 -44.22 21.57
CA SER F 415 33.65 -44.91 21.77
C SER F 415 33.00 -45.37 20.47
N GLN F 416 33.47 -44.90 19.32
CA GLN F 416 32.93 -45.32 18.04
C GLN F 416 33.53 -46.64 17.56
N ILE F 417 34.56 -47.15 18.21
CA ILE F 417 35.19 -48.41 17.82
C ILE F 417 34.45 -49.51 18.58
N ALA F 418 33.37 -50.00 17.99
CA ALA F 418 32.55 -51.04 18.59
C ALA F 418 31.81 -51.78 17.49
N PRO F 419 31.55 -53.07 17.66
CA PRO F 419 30.80 -53.82 16.64
C PRO F 419 29.38 -53.30 16.51
N GLY F 420 29.06 -52.75 15.33
CA GLY F 420 27.74 -52.21 15.08
C GLY F 420 27.56 -50.81 15.64
N GLN F 421 28.53 -49.93 15.37
CA GLN F 421 28.50 -48.56 15.85
C GLN F 421 28.71 -47.61 14.68
N THR F 422 27.91 -46.54 14.65
CA THR F 422 27.98 -45.54 13.61
C THR F 422 28.61 -44.26 14.15
N GLY F 423 29.08 -43.42 13.24
CA GLY F 423 29.70 -42.17 13.63
C GLY F 423 30.52 -41.60 12.50
N ASN F 424 31.28 -40.56 12.83
CA ASN F 424 32.13 -39.91 11.84
C ASN F 424 33.31 -40.79 11.46
N ILE F 425 33.97 -41.39 12.44
CA ILE F 425 35.13 -42.25 12.21
C ILE F 425 34.76 -43.73 12.34
N ALA F 426 33.47 -44.04 12.27
CA ALA F 426 33.00 -45.42 12.36
C ALA F 426 32.36 -45.93 11.08
N ASP F 427 32.12 -45.07 10.09
CA ASP F 427 31.53 -45.46 8.82
C ASP F 427 32.36 -45.10 7.61
N TYR F 428 33.45 -44.36 7.77
CA TYR F 428 34.29 -43.95 6.66
C TYR F 428 35.77 -44.28 6.86
N ASN F 429 36.17 -44.73 8.04
CA ASN F 429 37.57 -45.07 8.30
C ASN F 429 37.75 -46.49 8.81
N TYR F 430 36.81 -47.00 9.59
CA TYR F 430 36.92 -48.36 10.12
C TYR F 430 35.51 -48.87 10.41
N LYS F 431 35.09 -49.90 9.69
CA LYS F 431 33.77 -50.49 9.84
C LYS F 431 33.92 -51.86 10.49
N LEU F 432 33.46 -51.97 11.74
CA LEU F 432 33.55 -53.26 12.43
C LEU F 432 32.29 -54.09 12.17
N PRO F 433 32.43 -55.37 11.90
CA PRO F 433 31.26 -56.21 11.65
C PRO F 433 30.47 -56.47 12.93
N ASP F 434 29.19 -56.79 12.74
CA ASP F 434 28.32 -57.07 13.88
C ASP F 434 28.68 -58.37 14.59
N ASP F 435 29.36 -59.28 13.91
CA ASP F 435 29.78 -60.57 14.49
C ASP F 435 31.27 -60.57 14.81
N PHE F 436 31.81 -59.44 15.25
CA PHE F 436 33.23 -59.35 15.57
C PHE F 436 33.52 -60.13 16.85
N THR F 437 34.55 -60.98 16.79
CA THR F 437 34.97 -61.79 17.93
C THR F 437 36.42 -61.45 18.24
N GLY F 438 36.64 -60.55 19.18
CA GLY F 438 37.99 -60.16 19.54
C GLY F 438 37.98 -59.11 20.64
N CYS F 439 39.17 -58.59 20.94
CA CYS F 439 39.35 -57.60 21.98
C CYS F 439 39.80 -56.28 21.37
N VAL F 440 39.53 -55.20 22.09
CA VAL F 440 39.91 -53.85 21.67
C VAL F 440 40.80 -53.25 22.74
N ILE F 441 42.05 -52.99 22.37
CA ILE F 441 43.05 -52.43 23.29
C ILE F 441 43.31 -50.98 22.90
N ALA F 442 43.14 -50.08 23.88
CA ALA F 442 43.37 -48.66 23.65
C ALA F 442 44.08 -48.06 24.86
N TRP F 443 44.96 -47.11 24.59
CA TRP F 443 45.73 -46.45 25.65
C TRP F 443 46.24 -45.12 25.14
N ASN F 444 46.30 -44.13 26.03
CA ASN F 444 46.74 -42.79 25.66
C ASN F 444 48.25 -42.75 25.48
N SER F 445 48.69 -42.02 24.47
CA SER F 445 50.11 -41.86 24.17
C SER F 445 50.42 -40.40 23.88
N ASN F 446 49.89 -39.51 24.72
CA ASN F 446 50.09 -38.08 24.53
C ASN F 446 51.54 -37.66 24.78
N LYS F 447 52.30 -38.43 25.56
CA LYS F 447 53.68 -38.09 25.86
C LYS F 447 54.63 -38.43 24.72
N LEU F 448 54.14 -39.01 23.62
CA LEU F 448 54.98 -39.39 22.50
C LEU F 448 54.50 -38.89 21.15
N ASP F 449 53.22 -38.53 21.01
CA ASP F 449 52.64 -38.09 19.74
C ASP F 449 51.97 -36.74 19.90
N SER F 450 52.66 -35.80 20.55
CA SER F 450 52.14 -34.45 20.74
C SER F 450 53.32 -33.50 20.86
N LYS F 451 53.61 -32.76 19.78
CA LYS F 451 54.69 -31.79 19.76
C LYS F 451 54.14 -30.39 19.99
N PRO F 452 54.94 -29.49 20.57
CA PRO F 452 54.43 -28.14 20.88
C PRO F 452 53.95 -27.37 19.67
N SER F 453 54.50 -27.64 18.48
CA SER F 453 54.10 -26.95 17.27
C SER F 453 52.99 -27.67 16.52
N GLY F 454 52.46 -28.75 17.06
CA GLY F 454 51.39 -29.49 16.40
C GLY F 454 51.90 -30.46 15.36
N ASN F 455 51.36 -31.68 15.35
CA ASN F 455 51.75 -32.71 14.41
C ASN F 455 50.61 -32.93 13.41
N TYR F 456 50.92 -32.82 12.12
CA TYR F 456 49.94 -32.99 11.06
C TYR F 456 50.20 -34.23 10.22
N ASN F 457 50.80 -35.27 10.82
CA ASN F 457 51.09 -36.50 10.12
C ASN F 457 49.97 -37.52 10.20
N TYR F 458 48.98 -37.31 11.08
CA TYR F 458 47.85 -38.22 11.22
C TYR F 458 46.67 -37.66 10.42
N LEU F 459 46.25 -38.38 9.40
CA LEU F 459 45.18 -37.95 8.52
C LEU F 459 43.96 -38.85 8.65
N TYR F 460 42.78 -38.28 8.39
CA TYR F 460 41.53 -39.02 8.39
C TYR F 460 40.69 -38.58 7.21
N ARG F 461 40.15 -39.57 6.49
CA ARG F 461 39.27 -39.28 5.36
C ARG F 461 37.85 -39.08 5.87
N LEU F 462 37.31 -37.87 5.65
CA LEU F 462 36.05 -37.48 6.28
C LEU F 462 34.84 -38.02 5.53
N PHE F 463 34.77 -37.77 4.23
CA PHE F 463 33.55 -38.09 3.49
C PHE F 463 33.90 -38.47 2.05
N ARG F 464 33.37 -39.60 1.61
CA ARG F 464 33.45 -40.07 0.23
C ARG F 464 32.04 -40.24 -0.32
N LYS F 465 31.94 -40.85 -1.51
CA LYS F 465 30.63 -41.08 -2.10
C LYS F 465 30.03 -42.43 -1.71
N SER F 466 30.81 -43.34 -1.15
CA SER F 466 30.30 -44.64 -0.74
C SER F 466 30.93 -45.01 0.60
N LYS F 467 30.14 -45.72 1.41
CA LYS F 467 30.53 -46.10 2.76
C LYS F 467 31.33 -47.40 2.75
N LEU F 468 32.08 -47.61 3.84
CA LEU F 468 32.91 -48.80 3.96
C LEU F 468 32.09 -50.00 4.42
N LYS F 469 32.14 -51.07 3.65
CA LYS F 469 31.58 -52.34 4.08
C LYS F 469 32.50 -52.98 5.12
N PRO F 470 31.98 -53.88 5.95
CA PRO F 470 32.81 -54.49 6.99
C PRO F 470 34.07 -55.14 6.42
N PHE F 471 35.20 -54.87 7.08
CA PHE F 471 36.51 -55.39 6.69
C PHE F 471 36.87 -54.98 5.26
N GLU F 472 36.97 -53.66 5.06
CA GLU F 472 37.39 -53.10 3.77
C GLU F 472 38.33 -51.94 4.02
N ARG F 473 39.42 -51.90 3.26
CA ARG F 473 40.39 -50.82 3.33
C ARG F 473 40.58 -50.25 1.93
N ASP F 474 40.40 -48.94 1.80
CA ASP F 474 40.48 -48.26 0.51
C ASP F 474 41.73 -47.41 0.46
N ILE F 475 42.44 -47.49 -0.66
CA ILE F 475 43.64 -46.70 -0.90
C ILE F 475 43.32 -45.51 -1.80
N SER F 476 42.05 -45.11 -1.85
CA SER F 476 41.62 -44.02 -2.72
C SER F 476 42.16 -42.69 -2.22
N THR F 477 42.97 -42.04 -3.05
CA THR F 477 43.46 -40.68 -2.80
C THR F 477 42.89 -39.70 -3.81
N GLU F 478 41.63 -39.89 -4.19
CA GLU F 478 40.95 -38.98 -5.11
C GLU F 478 40.41 -37.77 -4.35
N ILE F 479 40.61 -36.58 -4.93
CA ILE F 479 40.16 -35.35 -4.28
C ILE F 479 38.64 -35.28 -4.33
N TYR F 480 38.04 -34.97 -3.18
CA TYR F 480 36.58 -34.89 -3.08
C TYR F 480 36.06 -33.63 -3.76
N GLN F 481 34.83 -33.72 -4.26
CA GLN F 481 34.16 -32.62 -4.94
C GLN F 481 32.91 -32.25 -4.14
N ALA F 482 32.84 -30.99 -3.69
CA ALA F 482 31.70 -30.48 -2.94
C ALA F 482 31.06 -29.36 -3.74
N GLY F 483 30.14 -29.72 -4.62
CA GLY F 483 29.44 -28.72 -5.42
C GLY F 483 28.98 -29.31 -6.73
N ASN F 484 28.58 -28.41 -7.63
CA ASN F 484 28.10 -28.78 -8.96
C ASN F 484 29.09 -28.47 -10.06
N LYS F 485 30.17 -27.74 -9.77
CA LYS F 485 31.15 -27.41 -10.79
C LYS F 485 32.28 -28.43 -10.81
N PRO F 486 32.78 -28.79 -11.99
CA PRO F 486 33.85 -29.79 -12.07
C PRO F 486 35.14 -29.29 -11.46
N CYS F 487 35.83 -30.18 -10.76
CA CYS F 487 37.13 -29.90 -10.15
C CYS F 487 38.20 -30.68 -10.91
N ASN F 488 39.13 -29.95 -11.52
CA ASN F 488 40.18 -30.57 -12.34
C ASN F 488 41.41 -30.91 -11.50
N GLY F 489 41.20 -31.61 -10.39
CA GLY F 489 42.30 -32.04 -9.55
C GLY F 489 43.12 -30.94 -8.94
N VAL F 490 42.49 -29.82 -8.57
CA VAL F 490 43.17 -28.68 -7.97
C VAL F 490 42.38 -28.24 -6.75
N ALA F 491 43.08 -27.84 -5.69
CA ALA F 491 42.43 -27.38 -4.47
C ALA F 491 41.92 -25.95 -4.68
N GLY F 492 40.61 -25.77 -4.44
CA GLY F 492 40.01 -24.45 -4.61
C GLY F 492 39.01 -24.11 -3.53
N SER F 493 37.96 -23.38 -3.90
CA SER F 493 36.95 -22.98 -2.93
C SER F 493 35.95 -24.11 -2.67
N ASN F 494 35.27 -24.56 -3.73
CA ASN F 494 34.28 -25.62 -3.59
C ASN F 494 34.89 -27.02 -3.65
N CYS F 495 36.14 -27.14 -4.08
CA CYS F 495 36.82 -28.43 -4.16
C CYS F 495 37.66 -28.62 -2.90
N TYR F 496 37.18 -29.47 -2.00
CA TYR F 496 37.81 -29.68 -0.70
C TYR F 496 38.61 -30.96 -0.71
N SER F 497 39.72 -30.96 0.02
CA SER F 497 40.52 -32.17 0.16
C SER F 497 39.86 -33.12 1.16
N PRO F 498 39.63 -34.38 0.76
CA PRO F 498 38.96 -35.31 1.67
C PRO F 498 39.81 -35.74 2.86
N LEU F 499 41.13 -35.58 2.79
CA LEU F 499 42.03 -35.95 3.88
C LEU F 499 42.30 -34.73 4.74
N GLN F 500 41.98 -34.84 6.03
CA GLN F 500 42.21 -33.77 6.99
C GLN F 500 43.10 -34.28 8.11
N SER F 501 43.88 -33.37 8.69
CA SER F 501 44.79 -33.71 9.77
C SER F 501 44.13 -33.46 11.12
N TYR F 502 44.74 -34.02 12.17
CA TYR F 502 44.24 -33.85 13.53
C TYR F 502 44.83 -32.62 14.21
N GLY F 503 46.15 -32.48 14.19
CA GLY F 503 46.81 -31.37 14.85
C GLY F 503 46.81 -31.53 16.37
N PHE F 504 47.49 -32.57 16.85
CA PHE F 504 47.55 -32.83 18.28
C PHE F 504 48.56 -31.91 18.95
N ARG F 505 48.13 -31.25 20.03
CA ARG F 505 48.98 -30.36 20.79
C ARG F 505 48.97 -30.73 22.26
N PRO F 506 50.09 -30.57 22.97
CA PRO F 506 50.10 -30.92 24.40
C PRO F 506 49.31 -29.95 25.27
N THR F 507 48.96 -28.76 24.74
CA THR F 507 48.18 -27.81 25.52
C THR F 507 46.70 -28.16 25.57
N TYR F 508 46.23 -29.05 24.69
CA TYR F 508 44.84 -29.44 24.70
C TYR F 508 44.54 -30.38 25.87
N GLY F 509 43.30 -30.30 26.36
CA GLY F 509 42.89 -31.12 27.48
C GLY F 509 42.64 -32.56 27.08
N VAL F 510 42.26 -33.36 28.06
CA VAL F 510 41.97 -34.77 27.84
C VAL F 510 40.71 -34.88 26.98
N GLY F 511 40.83 -35.53 25.83
CA GLY F 511 39.72 -35.68 24.91
C GLY F 511 40.14 -35.46 23.47
N HIS F 512 41.15 -34.61 23.26
CA HIS F 512 41.70 -34.37 21.93
C HIS F 512 43.14 -34.86 21.82
N GLN F 513 43.54 -35.76 22.71
CA GLN F 513 44.88 -36.33 22.74
C GLN F 513 44.97 -37.58 21.88
N PRO F 514 46.15 -37.94 21.40
CA PRO F 514 46.28 -39.16 20.60
C PRO F 514 46.06 -40.40 21.43
N TYR F 515 45.28 -41.34 20.87
CA TYR F 515 44.99 -42.62 21.52
C TYR F 515 45.29 -43.73 20.54
N ARG F 516 46.28 -44.56 20.86
CA ARG F 516 46.65 -45.69 20.03
C ARG F 516 45.72 -46.87 20.32
N VAL F 517 45.03 -47.35 19.30
CA VAL F 517 44.07 -48.44 19.43
C VAL F 517 44.63 -49.66 18.70
N VAL F 518 44.67 -50.80 19.39
CA VAL F 518 45.15 -52.05 18.83
C VAL F 518 43.99 -53.04 18.85
N VAL F 519 43.35 -53.23 17.70
CA VAL F 519 42.21 -54.13 17.58
C VAL F 519 42.71 -55.51 17.16
N LEU F 520 42.34 -56.52 17.93
CA LEU F 520 42.73 -57.90 17.66
C LEU F 520 41.51 -58.68 17.20
N SER F 521 41.60 -59.28 16.02
CA SER F 521 40.53 -60.07 15.44
C SER F 521 40.93 -61.54 15.37
N PHE F 522 39.93 -62.41 15.34
CA PHE F 522 40.15 -63.84 15.28
C PHE F 522 39.20 -64.46 14.28
N GLU F 523 39.72 -65.37 13.46
CA GLU F 523 38.94 -66.04 12.43
C GLU F 523 39.15 -67.54 12.53
N LEU F 524 38.16 -68.29 12.03
CA LEU F 524 38.19 -69.76 12.01
C LEU F 524 37.97 -70.20 10.58
N LEU F 525 39.05 -70.33 9.82
CA LEU F 525 38.98 -70.70 8.41
C LEU F 525 38.98 -72.24 8.30
N HIS F 526 39.12 -72.73 7.06
CA HIS F 526 39.12 -74.17 6.84
C HIS F 526 40.49 -74.79 7.14
N ALA F 527 41.56 -73.99 7.11
CA ALA F 527 42.88 -74.50 7.39
C ALA F 527 43.00 -74.84 8.87
N PRO F 528 43.82 -75.83 9.22
CA PRO F 528 44.00 -76.17 10.64
C PRO F 528 44.62 -75.01 11.41
N ALA F 529 44.33 -74.98 12.72
CA ALA F 529 44.83 -73.91 13.57
C ALA F 529 46.34 -74.01 13.73
N THR F 530 47.03 -72.88 13.53
CA THR F 530 48.47 -72.80 13.70
C THR F 530 48.89 -71.93 14.88
N VAL F 531 47.96 -71.20 15.49
CA VAL F 531 48.25 -70.34 16.64
C VAL F 531 47.28 -70.71 17.74
N CYS F 532 47.81 -71.06 18.91
CA CYS F 532 47.00 -71.47 20.05
C CYS F 532 47.58 -70.86 21.32
N GLY F 533 47.00 -71.25 22.46
CA GLY F 533 47.44 -70.74 23.74
C GLY F 533 48.59 -71.53 24.30
N PRO F 534 49.26 -70.98 25.32
CA PRO F 534 50.41 -71.67 25.93
C PRO F 534 49.95 -72.86 26.77
N LYS F 535 50.50 -74.03 26.48
CA LYS F 535 50.20 -75.24 27.22
C LYS F 535 51.28 -75.48 28.26
N LYS F 536 50.92 -75.35 29.53
CA LYS F 536 51.87 -75.53 30.63
C LYS F 536 51.97 -77.00 31.00
N SER F 537 53.18 -77.41 31.38
CA SER F 537 53.44 -78.79 31.75
C SER F 537 53.40 -78.94 33.27
N THR F 538 53.50 -80.17 33.76
CA THR F 538 53.48 -80.45 35.19
C THR F 538 54.60 -81.44 35.50
N ASN F 539 54.59 -81.96 36.72
CA ASN F 539 55.59 -82.93 37.16
C ASN F 539 55.29 -84.30 36.56
N LEU F 540 56.32 -85.15 36.55
CA LEU F 540 56.25 -86.49 35.97
C LEU F 540 56.55 -87.52 37.05
N VAL F 541 55.51 -88.11 37.62
CA VAL F 541 55.64 -89.20 38.58
C VAL F 541 55.52 -90.52 37.83
N LYS F 542 56.52 -91.38 37.97
CA LYS F 542 56.58 -92.62 37.20
C LYS F 542 55.99 -93.80 37.96
N ASN F 543 56.55 -94.12 39.13
CA ASN F 543 56.17 -95.33 39.88
C ASN F 543 54.86 -95.09 40.63
N LYS F 544 53.80 -94.87 39.86
CA LYS F 544 52.46 -94.70 40.41
C LYS F 544 51.46 -94.75 39.27
N CYS F 545 50.37 -95.49 39.47
CA CYS F 545 49.29 -95.55 38.49
C CYS F 545 48.51 -94.25 38.54
N VAL F 546 48.78 -93.36 37.57
CA VAL F 546 48.15 -92.06 37.49
C VAL F 546 47.82 -91.76 36.03
N ASN F 547 46.94 -90.77 35.84
CA ASN F 547 46.58 -90.33 34.50
C ASN F 547 47.75 -89.63 33.84
N PHE F 548 47.81 -89.75 32.50
CA PHE F 548 48.88 -89.14 31.72
C PHE F 548 48.32 -88.68 30.38
N ASN F 549 48.84 -87.55 29.92
CA ASN F 549 48.43 -86.95 28.64
C ASN F 549 49.70 -86.46 27.94
N PHE F 550 50.27 -87.32 27.09
CA PHE F 550 51.49 -86.99 26.35
C PHE F 550 51.10 -86.47 24.98
N ASN F 551 50.96 -85.14 24.88
CA ASN F 551 50.68 -84.44 23.63
C ASN F 551 49.40 -84.95 22.95
N GLY F 552 48.37 -85.27 23.73
CA GLY F 552 47.10 -85.68 23.16
C GLY F 552 46.66 -87.07 23.57
N LEU F 553 47.62 -87.99 23.66
CA LEU F 553 47.32 -89.38 24.04
C LEU F 553 47.04 -89.42 25.53
N THR F 554 45.78 -89.64 25.88
CA THR F 554 45.34 -89.67 27.28
C THR F 554 44.96 -91.11 27.64
N GLY F 555 45.45 -91.57 28.78
CA GLY F 555 45.14 -92.91 29.22
C GLY F 555 45.48 -93.11 30.69
N THR F 556 45.39 -94.36 31.13
CA THR F 556 45.68 -94.73 32.50
C THR F 556 46.69 -95.86 32.52
N GLY F 557 47.63 -95.79 33.44
CA GLY F 557 48.65 -96.81 33.57
C GLY F 557 49.82 -96.31 34.37
N VAL F 558 50.77 -97.24 34.60
CA VAL F 558 51.99 -96.96 35.35
C VAL F 558 53.12 -96.72 34.37
N LEU F 559 53.93 -95.70 34.66
CA LEU F 559 55.08 -95.36 33.83
C LEU F 559 56.35 -95.95 34.42
N THR F 560 57.03 -96.79 33.65
CA THR F 560 58.26 -97.43 34.07
C THR F 560 59.34 -97.20 33.03
N GLU F 561 60.59 -97.20 33.49
CA GLU F 561 61.74 -97.01 32.61
C GLU F 561 61.87 -98.19 31.64
N SER F 562 61.64 -97.94 30.36
CA SER F 562 61.71 -98.98 29.35
C SER F 562 63.14 -99.13 28.83
N ASN F 563 63.33 -100.15 27.99
CA ASN F 563 64.61 -100.43 27.36
C ASN F 563 64.55 -100.32 25.85
N LYS F 564 63.42 -99.89 25.29
CA LYS F 564 63.28 -99.77 23.85
C LYS F 564 64.08 -98.58 23.33
N LYS F 565 64.20 -98.51 22.00
CA LYS F 565 64.94 -97.45 21.32
C LYS F 565 64.04 -96.87 20.25
N PHE F 566 63.36 -95.78 20.58
CA PHE F 566 62.47 -95.13 19.63
C PHE F 566 63.27 -94.42 18.53
N LEU F 567 62.63 -94.24 17.39
CA LEU F 567 63.25 -93.54 16.28
C LEU F 567 63.13 -92.03 16.48
N PRO F 568 64.03 -91.25 15.88
CA PRO F 568 63.99 -89.79 16.07
C PRO F 568 62.67 -89.15 15.65
N PHE F 569 61.95 -89.75 14.71
CA PHE F 569 60.67 -89.20 14.27
C PHE F 569 59.47 -89.88 14.92
N GLN F 570 59.60 -91.13 15.35
CA GLN F 570 58.51 -91.83 16.00
C GLN F 570 58.25 -91.25 17.39
N GLN F 571 56.98 -91.13 17.74
CA GLN F 571 56.58 -90.52 19.01
C GLN F 571 55.82 -91.49 19.91
N PHE F 572 54.88 -92.25 19.36
CA PHE F 572 54.05 -93.14 20.16
C PHE F 572 54.51 -94.59 20.01
N GLY F 573 53.81 -95.49 20.69
CA GLY F 573 54.09 -96.91 20.60
C GLY F 573 52.82 -97.71 20.77
N ARG F 574 52.83 -98.92 20.23
CA ARG F 574 51.65 -99.77 20.25
C ARG F 574 52.06 -101.23 20.12
N ASP F 575 51.36 -102.10 20.83
CA ASP F 575 51.64 -103.53 20.81
C ASP F 575 50.80 -104.21 19.72
N ILE F 576 50.75 -105.55 19.75
CA ILE F 576 50.02 -106.31 18.74
C ILE F 576 48.52 -106.24 18.92
N ALA F 577 48.03 -105.84 20.09
CA ALA F 577 46.60 -105.79 20.37
C ALA F 577 46.03 -104.39 20.22
N ASP F 578 46.69 -103.52 19.45
CA ASP F 578 46.25 -102.15 19.23
C ASP F 578 46.09 -101.40 20.55
N THR F 579 47.08 -101.55 21.42
CA THR F 579 47.09 -100.92 22.73
C THR F 579 48.38 -100.14 22.90
N THR F 580 48.27 -98.90 23.39
CA THR F 580 49.44 -98.08 23.62
C THR F 580 50.14 -98.52 24.90
N ASP F 581 51.41 -98.93 24.77
CA ASP F 581 52.18 -99.39 25.92
C ASP F 581 53.53 -98.68 26.06
N ALA F 582 53.84 -97.71 25.19
CA ALA F 582 55.11 -96.99 25.28
C ALA F 582 54.96 -95.66 24.56
N VAL F 583 55.59 -94.63 25.12
CA VAL F 583 55.57 -93.29 24.53
C VAL F 583 56.72 -92.51 25.14
N ARG F 584 57.21 -91.53 24.38
CA ARG F 584 58.28 -90.66 24.83
C ARG F 584 57.71 -89.35 25.37
N ASP F 585 58.43 -88.76 26.32
CA ASP F 585 58.02 -87.48 26.89
C ASP F 585 58.27 -86.37 25.88
N PRO F 586 57.23 -85.65 25.45
CA PRO F 586 57.44 -84.58 24.46
C PRO F 586 58.32 -83.43 24.94
N GLN F 587 58.65 -83.37 26.22
CA GLN F 587 59.51 -82.32 26.76
C GLN F 587 60.96 -82.75 26.88
N THR F 588 61.21 -83.94 27.41
CA THR F 588 62.56 -84.48 27.56
C THR F 588 62.62 -85.83 26.85
N LEU F 589 63.66 -86.01 26.03
CA LEU F 589 63.81 -87.24 25.25
C LEU F 589 64.17 -88.38 26.19
N GLU F 590 63.16 -89.19 26.54
CA GLU F 590 63.36 -90.33 27.44
C GLU F 590 62.24 -91.31 27.22
N ILE F 591 62.58 -92.59 27.06
CA ILE F 591 61.58 -93.62 26.84
C ILE F 591 60.82 -93.89 28.14
N LEU F 592 59.54 -94.26 28.00
CA LEU F 592 58.69 -94.54 29.15
C LEU F 592 57.74 -95.66 28.79
N ASP F 593 57.88 -96.79 29.47
CA ASP F 593 56.96 -97.90 29.28
C ASP F 593 55.64 -97.61 29.99
N ILE F 594 54.55 -98.06 29.36
CA ILE F 594 53.20 -97.86 29.89
C ILE F 594 52.63 -99.24 30.19
N THR F 595 52.73 -99.66 31.45
CA THR F 595 52.09 -100.91 31.84
C THR F 595 50.71 -100.63 32.43
N PRO F 596 49.74 -101.51 32.19
CA PRO F 596 48.37 -101.26 32.67
C PRO F 596 48.32 -101.16 34.19
N CYS F 597 47.39 -100.35 34.67
CA CYS F 597 47.20 -100.18 36.11
C CYS F 597 46.78 -101.50 36.74
N SER F 598 47.11 -101.67 38.01
CA SER F 598 46.81 -102.91 38.71
C SER F 598 45.30 -103.08 38.86
N PHE F 599 44.77 -104.17 38.33
CA PHE F 599 43.35 -104.46 38.43
C PHE F 599 43.14 -105.96 38.32
N GLY F 600 42.00 -106.42 38.82
CA GLY F 600 41.68 -107.83 38.76
C GLY F 600 40.35 -108.11 39.43
N GLY F 601 40.01 -109.40 39.49
CA GLY F 601 38.78 -109.85 40.11
C GLY F 601 39.04 -110.38 41.50
N VAL F 602 38.07 -110.19 42.39
CA VAL F 602 38.18 -110.63 43.77
C VAL F 602 37.43 -111.94 43.93
N SER F 603 37.81 -112.70 44.96
CA SER F 603 37.17 -113.98 45.25
C SER F 603 37.14 -114.18 46.76
N VAL F 604 35.96 -114.42 47.31
CA VAL F 604 35.78 -114.62 48.74
C VAL F 604 35.65 -116.10 49.01
N ILE F 605 36.55 -116.64 49.83
CA ILE F 605 36.53 -118.04 50.21
C ILE F 605 35.62 -118.16 51.44
N THR F 606 34.37 -118.54 51.20
CA THR F 606 33.38 -118.67 52.26
C THR F 606 33.19 -120.13 52.62
N PRO F 607 33.52 -120.56 53.83
CA PRO F 607 33.30 -121.95 54.22
C PRO F 607 31.86 -122.30 54.51
N GLY F 608 30.93 -121.34 54.38
CA GLY F 608 29.53 -121.60 54.65
C GLY F 608 29.02 -120.84 55.86
N THR F 609 27.85 -120.23 55.73
CA THR F 609 27.26 -119.45 56.82
C THR F 609 26.41 -120.34 57.73
N ASN F 610 27.04 -121.39 58.26
CA ASN F 610 26.36 -122.32 59.16
C ASN F 610 27.15 -122.68 60.40
N THR F 611 28.47 -122.55 60.40
CA THR F 611 29.28 -122.90 61.57
C THR F 611 30.25 -121.78 61.91
N SER F 612 30.49 -120.87 60.97
CA SER F 612 31.41 -119.77 61.18
C SER F 612 31.09 -118.66 60.21
N ASN F 613 31.53 -117.44 60.55
CA ASN F 613 31.31 -116.26 59.71
C ASN F 613 32.61 -115.68 59.17
N GLN F 614 33.76 -116.27 59.48
CA GLN F 614 35.04 -115.78 59.00
C GLN F 614 35.28 -116.25 57.57
N VAL F 615 35.60 -115.31 56.69
CA VAL F 615 35.83 -115.60 55.27
C VAL F 615 37.14 -114.96 54.85
N ALA F 616 37.79 -115.54 53.86
CA ALA F 616 39.04 -115.03 53.31
C ALA F 616 38.78 -114.38 51.96
N VAL F 617 39.64 -113.42 51.61
CA VAL F 617 39.52 -112.68 50.36
C VAL F 617 40.70 -113.03 49.47
N LEU F 618 40.41 -113.32 48.20
CA LEU F 618 41.44 -113.68 47.21
C LEU F 618 41.40 -112.66 46.09
N TYR F 619 42.50 -111.91 45.94
CA TYR F 619 42.63 -110.92 44.87
C TYR F 619 43.38 -111.59 43.72
N GLN F 620 42.63 -112.06 42.72
CA GLN F 620 43.21 -112.76 41.58
C GLN F 620 43.95 -111.79 40.68
N GLY F 621 45.26 -111.97 40.54
CA GLY F 621 46.08 -111.18 39.64
C GLY F 621 47.08 -110.28 40.34
N VAL F 622 46.73 -109.76 41.52
CA VAL F 622 47.62 -108.84 42.22
C VAL F 622 48.79 -109.61 42.84
N ASN F 623 49.84 -108.87 43.19
CA ASN F 623 51.05 -109.42 43.77
C ASN F 623 51.19 -109.06 45.25
N CYS F 624 50.06 -108.92 45.95
CA CYS F 624 50.02 -108.58 47.36
C CYS F 624 50.69 -107.24 47.65
N THR F 625 50.90 -106.41 46.62
CA THR F 625 51.60 -105.14 46.76
C THR F 625 50.74 -103.95 46.38
N GLU F 626 49.51 -104.17 45.93
CA GLU F 626 48.62 -103.07 45.56
C GLU F 626 47.31 -103.06 46.33
N VAL F 627 47.02 -104.06 47.13
CA VAL F 627 45.78 -104.07 47.92
C VAL F 627 45.92 -103.09 49.08
N PRO F 628 45.01 -102.11 49.23
CA PRO F 628 45.05 -101.13 50.32
C PRO F 628 44.94 -101.78 51.70
N SER F 647 44.90 -110.89 59.71
CA SER F 647 45.34 -110.77 58.32
C SER F 647 46.60 -111.59 58.07
N ASN F 648 46.52 -112.55 57.16
CA ASN F 648 47.65 -113.42 56.81
C ASN F 648 47.87 -113.31 55.30
N VAL F 649 48.70 -112.34 54.90
CA VAL F 649 48.98 -112.14 53.49
C VAL F 649 49.92 -113.22 52.99
N PHE F 650 49.54 -113.87 51.88
CA PHE F 650 50.35 -114.93 51.29
C PHE F 650 50.20 -114.86 49.78
N GLN F 651 51.34 -114.82 49.08
CA GLN F 651 51.36 -114.71 47.62
C GLN F 651 51.36 -116.10 47.01
N THR F 652 50.35 -116.38 46.18
CA THR F 652 50.24 -117.65 45.47
C THR F 652 50.45 -117.42 43.97
N ARG F 653 50.45 -118.52 43.22
CA ARG F 653 50.58 -118.46 41.78
C ARG F 653 49.26 -118.16 41.08
N ALA F 654 48.19 -117.88 41.84
CA ALA F 654 46.90 -117.51 41.27
C ALA F 654 46.37 -116.19 41.79
N GLY F 655 46.97 -115.62 42.83
CA GLY F 655 46.50 -114.37 43.39
C GLY F 655 47.01 -114.20 44.80
N CYS F 656 46.45 -113.20 45.48
CA CYS F 656 46.81 -112.88 46.86
C CYS F 656 45.66 -113.30 47.76
N LEU F 657 45.92 -114.23 48.67
CA LEU F 657 44.93 -114.75 49.60
C LEU F 657 45.18 -114.10 50.96
N ILE F 658 44.37 -113.11 51.31
CA ILE F 658 44.48 -112.39 52.57
C ILE F 658 43.35 -112.86 53.47
N GLY F 659 43.71 -113.58 54.54
CA GLY F 659 42.72 -114.07 55.48
C GLY F 659 42.99 -115.49 55.95
N ALA F 660 43.76 -116.24 55.17
CA ALA F 660 44.10 -117.63 55.49
C ALA F 660 45.61 -117.78 55.57
N GLU F 661 46.04 -118.75 56.37
CA GLU F 661 47.46 -119.05 56.56
C GLU F 661 47.82 -120.30 55.76
N TYR F 662 49.06 -120.33 55.27
CA TYR F 662 49.55 -121.43 54.45
C TYR F 662 50.20 -122.48 55.35
N VAL F 663 49.56 -123.63 55.46
CA VAL F 663 50.10 -124.76 56.23
C VAL F 663 50.80 -125.71 55.28
N ASN F 664 51.94 -126.25 55.71
CA ASN F 664 52.75 -127.13 54.90
C ASN F 664 52.26 -128.57 54.89
N ASN F 665 51.06 -128.84 55.42
CA ASN F 665 50.51 -130.18 55.42
C ASN F 665 49.85 -130.47 54.06
N SER F 666 49.15 -131.59 53.97
CA SER F 666 48.50 -131.99 52.72
C SER F 666 47.21 -132.71 53.05
N TYR F 667 46.08 -132.18 52.56
CA TYR F 667 44.79 -132.82 52.76
C TYR F 667 44.02 -132.85 51.44
N GLU F 668 42.75 -133.25 51.49
CA GLU F 668 41.91 -133.27 50.30
C GLU F 668 41.41 -131.87 49.99
N CYS F 669 41.25 -131.59 48.69
CA CYS F 669 40.82 -130.27 48.25
C CYS F 669 39.35 -130.07 48.60
N ASP F 670 39.07 -129.17 49.55
CA ASP F 670 37.71 -128.87 49.96
C ASP F 670 37.16 -127.68 49.19
N ILE F 671 37.89 -126.57 49.19
CA ILE F 671 37.48 -125.36 48.45
C ILE F 671 38.52 -125.08 47.38
N PRO F 672 38.18 -125.23 46.09
CA PRO F 672 39.17 -124.99 45.04
C PRO F 672 39.48 -123.50 44.91
N ILE F 673 40.78 -123.19 44.84
CA ILE F 673 41.27 -121.83 44.70
C ILE F 673 41.95 -121.63 43.35
N GLY F 674 42.89 -122.50 43.00
CA GLY F 674 43.60 -122.41 41.74
C GLY F 674 45.10 -122.57 41.92
N ALA F 675 45.77 -123.01 40.85
CA ALA F 675 47.21 -123.22 40.84
C ALA F 675 47.65 -124.19 41.93
N GLY F 676 46.84 -125.20 42.20
CA GLY F 676 47.17 -126.20 43.20
C GLY F 676 46.90 -125.79 44.62
N ILE F 677 46.20 -124.69 44.86
CA ILE F 677 45.89 -124.20 46.19
C ILE F 677 44.47 -124.60 46.54
N CYS F 678 44.28 -125.12 47.75
CA CYS F 678 42.97 -125.55 48.22
C CYS F 678 42.80 -125.11 49.68
N ALA F 679 41.60 -124.66 50.02
CA ALA F 679 41.30 -124.16 51.35
C ALA F 679 40.27 -125.06 52.03
N SER F 680 40.29 -125.04 53.36
CA SER F 680 39.36 -125.82 54.16
C SER F 680 39.31 -125.25 55.56
N TYR F 681 38.14 -125.33 56.18
CA TYR F 681 37.93 -124.84 57.54
C TYR F 681 38.19 -125.97 58.51
N GLN F 682 39.42 -126.01 59.04
CA GLN F 682 39.84 -127.08 59.94
C GLN F 682 40.71 -126.48 61.04
N THR F 683 40.64 -127.10 62.22
CA THR F 683 41.41 -126.64 63.37
C THR F 683 42.91 -126.70 63.11
N SER F 696 40.71 -122.85 68.68
CA SER F 696 40.19 -121.96 67.64
C SER F 696 40.26 -122.60 66.27
N GLN F 697 39.26 -122.34 65.44
CA GLN F 697 39.17 -122.87 64.09
C GLN F 697 39.17 -121.73 63.09
N SER F 698 40.06 -121.80 62.11
CA SER F 698 40.20 -120.77 61.09
C SER F 698 40.38 -121.43 59.72
N ILE F 699 40.42 -120.59 58.69
CA ILE F 699 40.60 -121.04 57.31
C ILE F 699 42.09 -121.20 57.04
N ILE F 700 42.48 -122.36 56.52
CA ILE F 700 43.88 -122.65 56.21
C ILE F 700 44.02 -122.87 54.71
N ALA F 701 45.25 -122.71 54.23
CA ALA F 701 45.59 -122.91 52.84
C ALA F 701 46.71 -123.94 52.73
N TYR F 702 46.60 -124.83 51.75
CA TYR F 702 47.57 -125.90 51.59
C TYR F 702 47.51 -126.43 50.16
N THR F 703 48.53 -127.19 49.80
CA THR F 703 48.56 -127.87 48.50
C THR F 703 47.79 -129.18 48.61
N MET F 704 46.85 -129.39 47.70
CA MET F 704 46.03 -130.59 47.74
C MET F 704 46.88 -131.83 47.48
N SER F 705 46.57 -132.91 48.21
CA SER F 705 47.26 -134.18 48.05
C SER F 705 46.49 -135.07 47.07
N LEU F 706 47.23 -135.72 46.18
CA LEU F 706 46.62 -136.57 45.17
C LEU F 706 46.25 -137.96 45.69
N GLY F 707 46.53 -138.25 46.96
CA GLY F 707 46.20 -139.54 47.53
C GLY F 707 47.34 -140.12 48.34
N ALA F 708 47.15 -141.34 48.85
CA ALA F 708 48.18 -141.99 49.63
C ALA F 708 49.25 -142.59 48.72
N GLU F 709 50.50 -142.50 49.16
CA GLU F 709 51.64 -143.00 48.39
C GLU F 709 51.83 -144.47 48.71
N ASN F 710 51.31 -145.33 47.84
CA ASN F 710 51.43 -146.77 47.99
C ASN F 710 52.57 -147.31 47.12
N SER F 711 53.26 -148.33 47.64
CA SER F 711 54.40 -148.93 46.97
C SER F 711 54.09 -150.41 46.72
N VAL F 712 53.68 -150.73 45.50
CA VAL F 712 53.38 -152.12 45.15
C VAL F 712 54.69 -152.87 44.98
N ALA F 713 54.90 -153.89 45.81
CA ALA F 713 56.10 -154.71 45.74
C ALA F 713 56.07 -155.54 44.46
N TYR F 714 56.97 -155.24 43.53
CA TYR F 714 57.05 -155.94 42.24
C TYR F 714 58.26 -156.85 42.26
N SER F 715 58.04 -158.14 42.06
CA SER F 715 59.11 -159.13 41.98
C SER F 715 58.92 -159.99 40.73
N ASN F 716 59.87 -160.89 40.50
CA ASN F 716 59.80 -161.75 39.32
C ASN F 716 59.03 -163.05 39.60
N ASN F 717 58.86 -163.42 40.87
CA ASN F 717 58.17 -164.64 41.25
C ASN F 717 57.21 -164.37 42.41
N SER F 718 56.48 -163.26 42.34
CA SER F 718 55.53 -162.89 43.39
C SER F 718 54.24 -162.43 42.73
N ILE F 719 53.12 -162.99 43.18
CA ILE F 719 51.80 -162.65 42.65
C ILE F 719 50.82 -162.57 43.82
N ALA F 720 49.80 -161.74 43.66
CA ALA F 720 48.76 -161.53 44.67
C ALA F 720 47.44 -162.06 44.13
N ILE F 721 47.02 -163.22 44.62
CA ILE F 721 45.76 -163.83 44.23
C ILE F 721 44.75 -163.58 45.35
N PRO F 722 43.61 -162.96 45.08
CA PRO F 722 42.64 -162.69 46.15
C PRO F 722 41.99 -163.96 46.65
N THR F 723 41.61 -163.93 47.93
CA THR F 723 40.97 -165.07 48.59
C THR F 723 39.52 -164.83 48.96
N ASN F 724 39.08 -163.58 49.01
CA ASN F 724 37.70 -163.24 49.35
C ASN F 724 37.21 -162.19 48.38
N PHE F 725 35.97 -161.72 48.60
CA PHE F 725 35.35 -160.74 47.73
C PHE F 725 34.25 -160.02 48.48
N THR F 726 33.98 -158.80 48.04
CA THR F 726 32.93 -157.95 48.64
C THR F 726 32.12 -157.34 47.51
N ILE F 727 30.89 -157.82 47.33
CA ILE F 727 30.03 -157.29 46.29
C ILE F 727 29.56 -155.90 46.69
N SER F 728 29.90 -154.91 45.86
CA SER F 728 29.54 -153.51 46.11
C SER F 728 28.60 -153.03 45.02
N VAL F 729 27.63 -152.19 45.42
CA VAL F 729 26.65 -151.61 44.49
C VAL F 729 26.85 -150.10 44.49
N THR F 730 27.09 -149.54 43.33
CA THR F 730 27.29 -148.10 43.16
C THR F 730 26.15 -147.49 42.37
N THR F 731 26.09 -146.17 42.39
CA THR F 731 25.05 -145.41 41.71
C THR F 731 25.67 -144.36 40.80
N GLU F 732 24.96 -144.05 39.71
CA GLU F 732 25.41 -143.05 38.75
C GLU F 732 24.20 -142.26 38.28
N ILE F 733 24.30 -140.93 38.34
CA ILE F 733 23.21 -140.04 37.96
C ILE F 733 23.44 -139.57 36.54
N LEU F 734 22.39 -139.67 35.71
CA LEU F 734 22.47 -139.23 34.32
C LEU F 734 21.15 -138.58 33.90
N PRO F 735 21.16 -137.28 33.61
CA PRO F 735 19.92 -136.64 33.14
C PRO F 735 19.52 -137.14 31.76
N VAL F 736 18.22 -137.34 31.58
CA VAL F 736 17.67 -137.82 30.31
C VAL F 736 17.08 -136.69 29.50
N SER F 737 16.21 -135.89 30.11
CA SER F 737 15.54 -134.80 29.43
C SER F 737 15.47 -133.59 30.35
N MET F 738 15.00 -132.47 29.80
CA MET F 738 14.86 -131.24 30.57
C MET F 738 13.44 -130.70 30.47
N THR F 739 13.21 -129.50 30.99
CA THR F 739 11.88 -128.91 30.95
C THR F 739 11.54 -128.45 29.54
N LYS F 740 10.36 -128.87 29.05
CA LYS F 740 9.89 -128.47 27.74
C LYS F 740 9.23 -127.10 27.84
N THR F 741 9.75 -126.13 27.09
CA THR F 741 9.27 -124.76 27.15
C THR F 741 8.87 -124.29 25.75
N SER F 742 7.93 -123.36 25.71
CA SER F 742 7.46 -122.77 24.46
C SER F 742 7.02 -121.35 24.75
N VAL F 743 7.47 -120.41 23.90
CA VAL F 743 7.16 -119.00 24.07
C VAL F 743 6.38 -118.52 22.85
N ASP F 744 5.68 -117.40 23.03
CA ASP F 744 4.90 -116.78 21.97
C ASP F 744 5.68 -115.58 21.44
N CYS F 745 6.05 -115.61 20.16
CA CYS F 745 6.82 -114.54 19.55
C CYS F 745 6.00 -113.28 19.34
N THR F 746 4.69 -113.34 19.47
CA THR F 746 3.83 -112.17 19.33
C THR F 746 3.30 -111.65 20.66
N MET F 747 3.60 -112.33 21.77
CA MET F 747 3.15 -111.91 23.09
C MET F 747 4.29 -111.42 23.98
N TYR F 748 5.38 -112.18 24.08
CA TYR F 748 6.53 -111.73 24.86
C TYR F 748 7.20 -110.52 24.23
N ILE F 749 7.13 -110.40 22.90
CA ILE F 749 7.74 -109.27 22.21
C ILE F 749 6.78 -108.09 22.16
N CYS F 750 5.49 -108.35 21.94
CA CYS F 750 4.45 -107.32 21.88
C CYS F 750 3.44 -107.62 22.98
N GLY F 751 3.50 -106.86 24.08
CA GLY F 751 2.59 -107.06 25.18
C GLY F 751 1.31 -106.25 25.06
N ASP F 752 0.25 -106.88 24.58
CA ASP F 752 -1.08 -106.29 24.44
C ASP F 752 -1.08 -105.02 23.61
N SER F 753 -0.14 -104.86 22.68
CA SER F 753 -0.05 -103.67 21.84
C SER F 753 -0.45 -104.02 20.41
N THR F 754 -1.31 -103.18 19.83
CA THR F 754 -1.76 -103.40 18.46
C THR F 754 -0.82 -102.77 17.43
N GLU F 755 -0.08 -101.72 17.80
CA GLU F 755 0.86 -101.12 16.88
C GLU F 755 2.18 -101.87 16.84
N CYS F 756 2.46 -102.66 17.88
CA CYS F 756 3.70 -103.43 17.91
C CYS F 756 3.67 -104.61 16.94
N SER F 757 2.49 -105.23 16.76
CA SER F 757 2.39 -106.38 15.87
C SER F 757 2.58 -105.97 14.41
N ASN F 758 2.15 -104.76 14.04
CA ASN F 758 2.34 -104.30 12.68
C ASN F 758 3.81 -104.09 12.35
N LEU F 759 4.61 -103.69 13.33
CA LEU F 759 6.04 -103.48 13.10
C LEU F 759 6.84 -104.76 13.29
N LEU F 760 6.31 -105.73 14.06
CA LEU F 760 7.00 -107.00 14.24
C LEU F 760 7.14 -107.76 12.93
N LEU F 761 6.15 -107.65 12.04
CA LEU F 761 6.21 -108.35 10.76
C LEU F 761 7.17 -107.70 9.77
N GLN F 762 7.74 -106.54 10.10
CA GLN F 762 8.64 -105.83 9.20
C GLN F 762 10.10 -106.22 9.37
N TYR F 763 10.44 -106.95 10.45
CA TYR F 763 11.81 -107.35 10.69
C TYR F 763 12.18 -108.67 10.02
N GLY F 764 11.28 -109.26 9.26
CA GLY F 764 11.57 -110.49 8.55
C GLY F 764 10.92 -111.72 9.16
N SER F 765 11.60 -112.85 9.07
CA SER F 765 11.08 -114.13 9.56
C SER F 765 11.67 -114.52 10.91
N PHE F 766 11.94 -113.53 11.78
CA PHE F 766 12.51 -113.82 13.08
C PHE F 766 11.53 -114.43 14.06
N CYS F 767 10.23 -114.47 13.73
CA CYS F 767 9.24 -115.07 14.61
C CYS F 767 8.80 -116.46 14.18
N THR F 768 9.15 -116.89 12.96
CA THR F 768 8.76 -118.21 12.49
C THR F 768 9.79 -119.28 12.79
N GLN F 769 11.07 -118.91 12.93
CA GLN F 769 12.12 -119.89 13.20
C GLN F 769 12.29 -120.16 14.69
N LEU F 770 12.04 -119.17 15.55
CA LEU F 770 12.18 -119.36 16.99
C LEU F 770 11.13 -120.30 17.57
N LYS F 771 9.98 -120.43 16.92
CA LYS F 771 8.97 -121.40 17.33
C LYS F 771 9.30 -122.80 16.84
N ARG F 772 9.79 -122.93 15.61
CA ARG F 772 10.23 -124.23 15.12
C ARG F 772 11.42 -124.75 15.90
N ALA F 773 12.29 -123.85 16.37
CA ALA F 773 13.41 -124.26 17.21
C ALA F 773 12.93 -124.93 18.50
N LEU F 774 11.98 -124.29 19.19
CA LEU F 774 11.42 -124.86 20.40
C LEU F 774 10.62 -126.13 20.12
N THR F 775 9.94 -126.21 18.98
CA THR F 775 9.23 -127.43 18.61
C THR F 775 10.22 -128.58 18.42
N GLY F 776 11.32 -128.34 17.72
CA GLY F 776 12.35 -129.34 17.57
C GLY F 776 12.99 -129.72 18.89
N ILE F 777 13.18 -128.76 19.78
CA ILE F 777 13.72 -129.05 21.11
C ILE F 777 12.77 -129.97 21.86
N ALA F 778 11.46 -129.70 21.80
CA ALA F 778 10.50 -130.55 22.49
C ALA F 778 10.46 -131.96 21.88
N VAL F 779 10.53 -132.04 20.55
CA VAL F 779 10.57 -133.34 19.90
C VAL F 779 11.81 -134.12 20.30
N GLU F 780 12.96 -133.43 20.42
CA GLU F 780 14.18 -134.10 20.86
C GLU F 780 14.07 -134.57 22.30
N GLN F 781 13.49 -133.74 23.18
CA GLN F 781 13.33 -134.15 24.57
C GLN F 781 12.38 -135.33 24.71
N ASP F 782 11.35 -135.40 23.86
CA ASP F 782 10.48 -136.56 23.86
C ASP F 782 11.15 -137.81 23.30
N LYS F 783 11.92 -137.67 22.22
CA LYS F 783 12.64 -138.79 21.64
C LYS F 783 13.69 -139.35 22.59
N ASN F 784 14.31 -138.48 23.39
CA ASN F 784 15.28 -138.96 24.38
C ASN F 784 14.62 -139.89 25.39
N THR F 785 13.50 -139.45 25.98
CA THR F 785 12.79 -140.31 26.92
C THR F 785 12.19 -141.54 26.25
N GLN F 786 11.87 -141.45 24.96
CA GLN F 786 11.36 -142.62 24.25
C GLN F 786 12.45 -143.65 23.98
N GLU F 787 13.69 -143.20 23.73
CA GLU F 787 14.78 -144.12 23.41
C GLU F 787 15.54 -144.59 24.63
N VAL F 788 15.45 -143.89 25.76
CA VAL F 788 16.16 -144.26 26.98
C VAL F 788 15.41 -145.33 27.76
N PHE F 789 14.11 -145.14 27.96
CA PHE F 789 13.32 -146.07 28.76
C PHE F 789 12.59 -147.11 27.91
N ALA F 790 11.90 -146.67 26.85
CA ALA F 790 11.14 -147.58 25.99
C ALA F 790 12.09 -148.25 25.01
N GLN F 791 12.77 -149.28 25.50
CA GLN F 791 13.71 -150.07 24.71
C GLN F 791 13.23 -151.49 24.45
N VAL F 792 12.09 -151.88 25.03
CA VAL F 792 11.54 -153.22 24.86
C VAL F 792 10.08 -153.10 24.48
N LYS F 793 9.55 -154.15 23.86
CA LYS F 793 8.15 -154.19 23.45
C LYS F 793 7.26 -154.87 24.47
N GLN F 794 7.77 -155.91 25.13
CA GLN F 794 6.99 -156.66 26.12
C GLN F 794 7.15 -156.02 27.49
N ILE F 795 6.02 -155.76 28.14
CA ILE F 795 6.01 -155.19 29.49
C ILE F 795 5.93 -156.37 30.45
N TYR F 796 7.09 -156.83 30.91
CA TYR F 796 7.16 -157.98 31.78
C TYR F 796 6.67 -157.63 33.18
N LYS F 797 6.12 -158.63 33.87
CA LYS F 797 5.60 -158.47 35.23
C LYS F 797 6.25 -159.49 36.14
N THR F 798 6.55 -159.06 37.37
CA THR F 798 7.19 -159.95 38.32
C THR F 798 6.20 -161.01 38.81
N PRO F 799 6.68 -162.23 39.05
CA PRO F 799 5.79 -163.27 39.58
C PRO F 799 5.29 -162.93 40.97
N PRO F 800 4.22 -163.59 41.44
CA PRO F 800 3.73 -163.28 42.80
C PRO F 800 4.75 -163.59 43.88
N ILE F 801 5.42 -164.75 43.79
CA ILE F 801 6.47 -165.08 44.76
C ILE F 801 7.70 -164.23 44.48
N LYS F 802 8.43 -163.90 45.54
CA LYS F 802 9.62 -163.06 45.44
C LYS F 802 10.80 -163.72 46.13
N TYR F 803 10.99 -165.01 45.87
CA TYR F 803 12.11 -165.79 46.41
C TYR F 803 13.04 -166.09 45.25
N PHE F 804 13.96 -165.17 44.97
CA PHE F 804 14.92 -165.31 43.88
C PHE F 804 16.25 -165.84 44.40
N GLY F 805 16.22 -167.06 44.93
CA GLY F 805 17.41 -167.69 45.46
C GLY F 805 17.94 -167.11 46.75
N GLY F 806 17.19 -166.23 47.39
CA GLY F 806 17.62 -165.61 48.63
C GLY F 806 18.02 -164.16 48.54
N PHE F 807 17.79 -163.50 47.40
CA PHE F 807 18.14 -162.09 47.20
C PHE F 807 16.89 -161.25 47.43
N ASN F 808 17.00 -160.27 48.31
CA ASN F 808 15.87 -159.41 48.68
C ASN F 808 15.85 -158.20 47.74
N PHE F 809 14.85 -158.15 46.85
CA PHE F 809 14.68 -157.05 45.92
C PHE F 809 13.56 -156.11 46.32
N SER F 810 13.26 -156.03 47.63
CA SER F 810 12.16 -155.19 48.09
C SER F 810 12.46 -153.70 47.96
N GLN F 811 13.72 -153.33 47.76
CA GLN F 811 14.09 -151.92 47.65
C GLN F 811 14.02 -151.39 46.23
N ILE F 812 14.19 -152.25 45.22
CA ILE F 812 14.18 -151.81 43.84
C ILE F 812 12.87 -152.15 43.12
N LEU F 813 12.17 -153.20 43.53
CA LEU F 813 10.90 -153.53 42.93
C LEU F 813 9.83 -152.52 43.36
N PRO F 814 8.86 -152.23 42.49
CA PRO F 814 7.81 -151.27 42.84
C PRO F 814 6.94 -151.79 43.97
N ASP F 815 6.50 -150.85 44.83
CA ASP F 815 5.67 -151.20 45.98
C ASP F 815 4.21 -151.04 45.59
N PRO F 816 3.43 -152.12 45.53
CA PRO F 816 2.01 -151.99 45.15
C PRO F 816 1.11 -151.43 46.24
N SER F 817 1.61 -151.30 47.47
CA SER F 817 0.80 -150.81 48.58
C SER F 817 0.83 -149.28 48.67
N LYS F 818 0.53 -148.63 47.55
CA LYS F 818 0.49 -147.17 47.47
C LYS F 818 -0.14 -146.76 46.15
N PRO F 819 -0.78 -145.58 46.08
CA PRO F 819 -1.42 -145.16 44.83
C PRO F 819 -0.45 -144.76 43.73
N SER F 820 0.85 -144.76 43.99
CA SER F 820 1.84 -144.39 42.98
C SER F 820 2.48 -145.58 42.30
N LYS F 821 2.58 -146.72 42.99
CA LYS F 821 3.18 -147.95 42.44
C LYS F 821 4.61 -147.68 41.98
N ARG F 822 5.46 -147.31 42.94
CA ARG F 822 6.85 -146.97 42.66
C ARG F 822 7.74 -147.56 43.75
N SER F 823 9.01 -147.77 43.39
CA SER F 823 9.97 -148.29 44.34
C SER F 823 10.30 -147.25 45.41
N PRO F 824 10.58 -147.68 46.64
CA PRO F 824 10.95 -146.71 47.68
C PRO F 824 12.19 -145.90 47.34
N ILE F 825 13.16 -146.48 46.65
CA ILE F 825 14.31 -145.72 46.18
C ILE F 825 13.85 -144.64 45.20
N GLU F 826 12.96 -144.99 44.28
CA GLU F 826 12.41 -144.00 43.35
C GLU F 826 11.59 -142.96 44.10
N ASP F 827 10.89 -143.35 45.17
CA ASP F 827 10.15 -142.38 45.98
C ASP F 827 11.08 -141.39 46.66
N LEU F 828 12.21 -141.88 47.19
CA LEU F 828 13.19 -140.97 47.79
C LEU F 828 13.84 -140.07 46.75
N LEU F 829 14.09 -140.60 45.55
CA LEU F 829 14.68 -139.79 44.49
C LEU F 829 13.70 -138.74 43.96
N PHE F 830 12.40 -139.01 44.02
CA PHE F 830 11.41 -138.07 43.54
C PHE F 830 11.00 -137.04 44.58
N ASN F 831 11.06 -137.40 45.86
CA ASN F 831 10.71 -136.50 46.96
C ASN F 831 11.88 -135.62 47.39
N LYS F 832 12.97 -135.61 46.62
CA LYS F 832 14.11 -134.77 46.94
C LYS F 832 14.53 -133.85 45.80
N VAL F 833 14.43 -134.28 44.54
CA VAL F 833 14.78 -133.44 43.41
C VAL F 833 13.69 -132.41 43.16
N PHE F 862 5.33 -116.18 33.18
CA PHE F 862 4.06 -116.63 32.61
C PHE F 862 3.38 -115.48 31.87
N ASN F 863 4.18 -114.75 31.08
CA ASN F 863 3.69 -113.61 30.30
C ASN F 863 3.86 -113.87 28.81
N GLY F 864 3.58 -115.10 28.38
CA GLY F 864 3.72 -115.46 26.98
C GLY F 864 4.46 -116.76 26.78
N LEU F 865 4.98 -117.33 27.87
CA LEU F 865 5.72 -118.58 27.83
C LEU F 865 4.93 -119.67 28.56
N THR F 866 4.93 -120.87 28.00
CA THR F 866 4.24 -122.01 28.57
C THR F 866 5.21 -123.16 28.81
N VAL F 867 4.78 -124.13 29.60
CA VAL F 867 5.57 -125.30 29.93
C VAL F 867 4.81 -126.52 29.40
N LEU F 868 5.33 -127.13 28.34
CA LEU F 868 4.67 -128.30 27.76
C LEU F 868 4.98 -129.54 28.59
N PRO F 869 3.98 -130.34 28.92
CA PRO F 869 4.21 -131.57 29.69
C PRO F 869 4.84 -132.63 28.82
N PRO F 870 5.65 -133.52 29.40
CA PRO F 870 6.26 -134.59 28.61
C PRO F 870 5.23 -135.57 28.10
N LEU F 871 5.60 -136.27 27.02
CA LEU F 871 4.70 -137.26 26.43
C LEU F 871 4.52 -138.46 27.35
N LEU F 872 5.61 -138.95 27.94
CA LEU F 872 5.57 -140.08 28.86
C LEU F 872 5.54 -139.55 30.29
N THR F 873 4.47 -139.87 31.01
CA THR F 873 4.33 -139.43 32.39
C THR F 873 5.23 -140.25 33.31
N ASP F 874 5.22 -139.90 34.59
CA ASP F 874 6.03 -140.62 35.57
C ASP F 874 5.55 -142.05 35.76
N GLU F 875 4.24 -142.29 35.61
CA GLU F 875 3.72 -143.64 35.77
C GLU F 875 4.23 -144.56 34.66
N MET F 876 4.29 -144.06 33.42
CA MET F 876 4.80 -144.86 32.32
C MET F 876 6.28 -145.14 32.49
N ILE F 877 7.04 -144.16 32.98
CA ILE F 877 8.46 -144.38 33.24
C ILE F 877 8.65 -145.41 34.34
N ALA F 878 7.83 -145.35 35.39
CA ALA F 878 7.92 -146.36 36.45
C ALA F 878 7.57 -147.74 35.94
N GLN F 879 6.54 -147.85 35.09
CA GLN F 879 6.19 -149.15 34.51
C GLN F 879 7.30 -149.67 33.61
N TYR F 880 7.95 -148.80 32.85
CA TYR F 880 9.08 -149.22 32.02
C TYR F 880 10.24 -149.71 32.88
N THR F 881 10.59 -148.97 33.94
CA THR F 881 11.66 -149.39 34.83
C THR F 881 11.34 -150.67 35.58
N SER F 882 10.07 -150.93 35.89
CA SER F 882 9.67 -152.18 36.50
C SER F 882 9.69 -153.35 35.53
N ALA F 883 9.27 -153.14 34.28
CA ALA F 883 9.33 -154.20 33.28
C ALA F 883 10.77 -154.56 32.95
N LEU F 884 11.64 -153.56 32.82
CA LEU F 884 13.06 -153.84 32.60
C LEU F 884 13.67 -154.58 33.78
N LEU F 885 13.29 -154.20 34.99
CA LEU F 885 13.81 -154.89 36.18
C LEU F 885 13.35 -156.33 36.22
N ALA F 886 12.07 -156.58 35.92
CA ALA F 886 11.55 -157.95 35.89
C ALA F 886 12.22 -158.78 34.80
N GLY F 887 12.47 -158.18 33.63
CA GLY F 887 13.16 -158.90 32.58
C GLY F 887 14.61 -159.19 32.90
N THR F 888 15.27 -158.28 33.64
CA THR F 888 16.64 -158.52 34.05
C THR F 888 16.73 -159.58 35.16
N ILE F 889 15.73 -159.64 36.03
CA ILE F 889 15.76 -160.62 37.10
C ILE F 889 15.35 -162.00 36.61
N THR F 890 14.27 -162.11 35.85
CA THR F 890 13.72 -163.41 35.46
C THR F 890 14.35 -163.98 34.20
N SER F 891 14.96 -163.16 33.35
CA SER F 891 15.52 -163.65 32.10
C SER F 891 16.99 -163.31 31.99
N GLY F 892 17.43 -162.25 32.66
CA GLY F 892 18.82 -161.83 32.60
C GLY F 892 19.08 -160.89 31.42
N TRP F 893 19.71 -161.42 30.36
CA TRP F 893 19.97 -160.67 29.16
C TRP F 893 19.32 -161.26 27.92
N THR F 894 18.56 -162.35 28.07
CA THR F 894 17.92 -162.97 26.90
C THR F 894 16.74 -162.16 26.39
N PHE F 895 16.16 -161.29 27.21
CA PHE F 895 15.03 -160.49 26.80
C PHE F 895 15.43 -159.24 26.03
N GLY F 896 16.73 -158.98 25.89
CA GLY F 896 17.20 -157.82 25.14
C GLY F 896 17.78 -158.20 23.80
N ALA F 897 17.76 -159.49 23.48
CA ALA F 897 18.28 -159.99 22.21
C ALA F 897 17.36 -161.04 21.61
N GLY F 898 16.06 -160.96 21.89
CA GLY F 898 15.10 -161.91 21.38
C GLY F 898 13.99 -162.20 22.36
N PRO F 899 13.46 -163.41 22.32
CA PRO F 899 12.37 -163.77 23.24
C PRO F 899 12.88 -163.95 24.66
N ALA F 900 11.96 -163.78 25.61
CA ALA F 900 12.29 -163.91 27.02
C ALA F 900 12.50 -165.38 27.38
N LEU F 901 13.71 -165.71 27.80
CA LEU F 901 14.08 -167.07 28.20
C LEU F 901 14.16 -167.12 29.72
N GLN F 902 13.27 -167.90 30.33
CA GLN F 902 13.26 -168.02 31.78
C GLN F 902 14.53 -168.72 32.27
N ILE F 903 15.02 -168.28 33.43
CA ILE F 903 16.25 -168.81 34.00
C ILE F 903 16.28 -168.49 35.49
N PRO F 904 16.63 -169.44 36.35
CA PRO F 904 16.73 -169.14 37.79
C PRO F 904 17.82 -168.11 38.06
N PHE F 905 17.58 -167.29 39.09
CA PHE F 905 18.52 -166.25 39.48
C PHE F 905 19.87 -166.82 39.94
N PRO F 906 19.90 -167.91 40.71
CA PRO F 906 21.21 -168.51 41.02
C PRO F 906 21.98 -168.97 39.80
N MET F 907 21.29 -169.35 38.72
CA MET F 907 21.98 -169.68 37.48
C MET F 907 22.39 -168.45 36.68
N GLN F 908 21.56 -167.39 36.71
CA GLN F 908 21.96 -166.13 36.10
C GLN F 908 23.22 -165.57 36.75
N MET F 909 23.31 -165.64 38.07
CA MET F 909 24.51 -165.21 38.76
C MET F 909 25.72 -166.08 38.42
N ALA F 910 25.53 -167.39 38.28
CA ALA F 910 26.64 -168.26 37.91
C ALA F 910 27.13 -167.97 36.49
N TYR F 911 26.20 -167.64 35.59
CA TYR F 911 26.60 -167.27 34.23
C TYR F 911 27.28 -165.91 34.19
N ARG F 912 26.85 -164.98 35.04
CA ARG F 912 27.48 -163.66 35.05
C ARG F 912 28.84 -163.69 35.73
N PHE F 913 29.05 -164.63 36.67
CA PHE F 913 30.35 -164.74 37.32
C PHE F 913 31.40 -165.31 36.38
N ASN F 914 31.00 -166.17 35.44
CA ASN F 914 31.94 -166.76 34.50
C ASN F 914 32.41 -165.78 33.42
N GLY F 915 31.84 -164.59 33.38
CA GLY F 915 32.24 -163.61 32.38
C GLY F 915 33.42 -162.77 32.80
N ILE F 916 33.70 -162.73 34.10
CA ILE F 916 34.82 -161.95 34.63
C ILE F 916 36.03 -162.81 34.95
N GLY F 917 35.91 -164.14 34.86
CA GLY F 917 37.00 -165.07 35.12
C GLY F 917 36.75 -166.00 36.29
N VAL F 918 35.88 -165.59 37.22
CA VAL F 918 35.60 -166.42 38.38
C VAL F 918 34.72 -167.60 37.98
N THR F 919 35.08 -168.79 38.44
CA THR F 919 34.28 -169.96 38.16
C THR F 919 32.95 -169.91 38.91
N GLN F 920 31.99 -170.71 38.43
CA GLN F 920 30.66 -170.74 39.01
C GLN F 920 30.59 -171.49 40.34
N ASN F 921 31.58 -172.33 40.64
CA ASN F 921 31.55 -173.10 41.89
C ASN F 921 31.62 -172.20 43.12
N VAL F 922 32.34 -171.07 43.02
CA VAL F 922 32.41 -170.15 44.14
C VAL F 922 31.03 -169.62 44.49
N LEU F 923 30.19 -169.37 43.49
CA LEU F 923 28.82 -168.94 43.76
C LEU F 923 28.02 -170.05 44.43
N TYR F 924 28.11 -171.28 43.91
CA TYR F 924 27.35 -172.37 44.50
C TYR F 924 27.87 -172.72 45.90
N GLU F 925 29.05 -172.20 46.27
CA GLU F 925 29.57 -172.42 47.62
C GLU F 925 29.29 -171.27 48.58
N ASN F 926 29.20 -170.03 48.08
CA ASN F 926 29.02 -168.86 48.94
C ASN F 926 27.82 -168.03 48.50
N GLN F 927 26.77 -168.70 48.00
CA GLN F 927 25.54 -167.99 47.66
C GLN F 927 24.97 -167.23 48.86
N LYS F 928 25.02 -167.82 50.05
CA LYS F 928 24.49 -167.14 51.23
C LYS F 928 25.25 -165.86 51.52
N LEU F 929 26.59 -165.92 51.51
CA LEU F 929 27.40 -164.73 51.76
C LEU F 929 27.19 -163.68 50.67
N ILE F 930 27.07 -164.12 49.42
CA ILE F 930 26.87 -163.16 48.34
C ILE F 930 25.51 -162.48 48.46
N ALA F 931 24.47 -163.23 48.82
CA ALA F 931 23.16 -162.64 49.01
C ALA F 931 23.16 -161.67 50.19
N ASN F 932 23.83 -162.03 51.28
CA ASN F 932 23.93 -161.12 52.42
C ASN F 932 24.65 -159.83 52.06
N GLN F 933 25.77 -159.93 51.34
CA GLN F 933 26.49 -158.73 50.92
C GLN F 933 25.67 -157.89 49.95
N PHE F 934 24.93 -158.53 49.04
CA PHE F 934 24.09 -157.78 48.11
C PHE F 934 22.98 -157.05 48.85
N ASN F 935 22.35 -157.71 49.82
CA ASN F 935 21.30 -157.06 50.59
C ASN F 935 21.88 -155.90 51.41
N SER F 936 23.04 -156.10 52.03
CA SER F 936 23.67 -155.03 52.80
C SER F 936 24.08 -153.85 51.92
N ALA F 937 24.49 -154.10 50.68
CA ALA F 937 24.85 -153.02 49.76
C ALA F 937 23.63 -152.29 49.23
N ILE F 938 22.54 -153.01 48.96
CA ILE F 938 21.32 -152.36 48.49
C ILE F 938 20.68 -151.54 49.61
N GLY F 939 20.77 -152.02 50.85
CA GLY F 939 20.18 -151.27 51.96
C GLY F 939 20.87 -149.94 52.20
N LYS F 940 22.18 -149.87 51.95
CA LYS F 940 22.93 -148.65 52.16
C LYS F 940 22.74 -147.63 51.04
N ILE F 941 22.17 -148.04 49.90
CA ILE F 941 21.97 -147.10 48.80
C ILE F 941 21.00 -145.99 49.20
N GLN F 942 19.89 -146.36 49.84
CA GLN F 942 18.93 -145.37 50.30
C GLN F 942 19.53 -144.44 51.34
N ASP F 943 20.32 -144.98 52.27
CA ASP F 943 20.96 -144.13 53.27
C ASP F 943 21.95 -143.18 52.65
N SER F 944 22.71 -143.63 51.65
CA SER F 944 23.67 -142.76 50.98
C SER F 944 22.97 -141.68 50.16
N LEU F 945 21.84 -142.02 49.54
CA LEU F 945 21.11 -141.03 48.75
C LEU F 945 20.35 -140.05 49.62
N SER F 946 19.99 -140.44 50.85
CA SER F 946 19.25 -139.54 51.73
C SER F 946 20.18 -138.66 52.57
N SER F 947 21.29 -139.21 53.04
CA SER F 947 22.20 -138.44 53.89
C SER F 947 22.98 -137.40 53.08
N THR F 948 23.32 -137.72 51.84
CA THR F 948 24.10 -136.82 51.01
C THR F 948 23.16 -136.03 50.11
N PRO F 949 22.97 -134.73 50.33
CA PRO F 949 22.09 -133.94 49.46
C PRO F 949 22.71 -133.60 48.12
N SER F 950 24.01 -133.78 47.95
CA SER F 950 24.68 -133.47 46.69
C SER F 950 24.77 -134.67 45.75
N ALA F 951 24.10 -135.77 46.08
CA ALA F 951 24.11 -136.93 45.20
C ALA F 951 23.27 -136.70 43.96
N LEU F 952 22.17 -135.96 44.10
CA LEU F 952 21.30 -135.63 42.98
C LEU F 952 21.60 -134.25 42.40
N GLY F 953 22.86 -133.81 42.47
CA GLY F 953 23.21 -132.50 41.95
C GLY F 953 23.11 -132.40 40.45
N LYS F 954 23.26 -133.53 39.75
CA LYS F 954 23.13 -133.51 38.29
C LYS F 954 21.69 -133.31 37.86
N LEU F 955 20.73 -133.77 38.65
CA LEU F 955 19.32 -133.54 38.36
C LEU F 955 18.86 -132.16 38.78
N GLN F 956 19.48 -131.59 39.83
CA GLN F 956 19.17 -130.23 40.25
C GLN F 956 19.90 -129.17 39.43
N ASP F 957 20.65 -129.58 38.41
CA ASP F 957 21.37 -128.63 37.57
C ASP F 957 20.64 -128.31 36.27
N VAL F 958 19.84 -129.24 35.74
CA VAL F 958 19.08 -128.99 34.52
C VAL F 958 17.72 -128.38 34.80
N VAL F 959 17.30 -128.31 36.07
CA VAL F 959 16.02 -127.72 36.43
C VAL F 959 16.24 -126.29 36.90
N ASN F 960 17.32 -126.07 37.64
CA ASN F 960 17.62 -124.72 38.13
C ASN F 960 18.10 -123.81 37.00
N HIS F 961 18.80 -124.38 36.01
CA HIS F 961 19.26 -123.58 34.88
C HIS F 961 18.09 -123.06 34.07
N ASN F 962 17.09 -123.92 33.82
CA ASN F 962 15.92 -123.48 33.07
C ASN F 962 15.12 -122.42 33.83
N ALA F 963 14.97 -122.60 35.15
CA ALA F 963 14.28 -121.61 35.94
C ALA F 963 15.02 -120.27 35.95
N GLN F 964 16.35 -120.32 36.07
CA GLN F 964 17.14 -119.09 36.04
C GLN F 964 17.02 -118.40 34.68
N ALA F 965 17.07 -119.18 33.60
CA ALA F 965 16.92 -118.59 32.26
C ALA F 965 15.54 -117.96 32.09
N LEU F 966 14.49 -118.62 32.56
CA LEU F 966 13.14 -118.05 32.45
C LEU F 966 13.03 -116.77 33.28
N ASN F 967 13.56 -116.78 34.51
CA ASN F 967 13.51 -115.59 35.35
C ASN F 967 14.27 -114.44 34.72
N THR F 968 15.44 -114.71 34.13
CA THR F 968 16.19 -113.67 33.46
C THR F 968 15.46 -113.13 32.24
N LEU F 969 14.85 -114.02 31.44
CA LEU F 969 14.11 -113.58 30.26
C LEU F 969 12.91 -112.75 30.65
N VAL F 970 12.27 -113.07 31.77
CA VAL F 970 11.12 -112.27 32.22
C VAL F 970 11.59 -110.93 32.78
N LYS F 971 12.66 -110.93 33.57
CA LYS F 971 13.15 -109.69 34.17
C LYS F 971 13.75 -108.74 33.15
N GLN F 972 14.23 -109.26 32.01
CA GLN F 972 14.83 -108.43 30.98
C GLN F 972 13.81 -107.53 30.28
N LEU F 973 12.51 -107.73 30.52
CA LEU F 973 11.50 -106.86 29.92
C LEU F 973 11.53 -105.47 30.56
N SER F 974 11.83 -105.40 31.85
CA SER F 974 11.90 -104.11 32.56
C SER F 974 13.30 -103.52 32.44
N SER F 975 13.74 -103.36 31.18
CA SER F 975 15.05 -102.82 30.88
C SER F 975 14.93 -101.96 29.62
N LYS F 976 15.29 -100.69 29.74
CA LYS F 976 15.20 -99.78 28.61
C LYS F 976 16.34 -100.03 27.63
N PHE F 977 15.98 -100.29 26.37
CA PHE F 977 16.95 -100.50 25.30
C PHE F 977 17.15 -99.25 24.46
N GLY F 978 16.89 -98.08 25.02
CA GLY F 978 17.02 -96.83 24.29
C GLY F 978 15.74 -96.04 24.26
N ALA F 979 14.85 -96.30 25.22
CA ALA F 979 13.56 -95.62 25.33
C ALA F 979 13.48 -94.89 26.66
N ILE F 980 12.41 -94.12 26.82
CA ILE F 980 12.21 -93.37 28.06
C ILE F 980 11.73 -94.27 29.19
N SER F 981 11.06 -95.37 28.85
CA SER F 981 10.54 -96.30 29.85
C SER F 981 10.43 -97.67 29.21
N SER F 982 9.80 -98.61 29.92
CA SER F 982 9.62 -99.97 29.45
C SER F 982 8.18 -100.31 29.10
N VAL F 983 7.20 -99.65 29.71
CA VAL F 983 5.80 -99.92 29.42
C VAL F 983 5.45 -99.35 28.05
N LEU F 984 4.83 -100.17 27.21
CA LEU F 984 4.47 -99.72 25.87
C LEU F 984 3.34 -98.71 25.89
N ASN F 985 2.36 -98.92 26.77
CA ASN F 985 1.23 -97.99 26.85
C ASN F 985 1.68 -96.60 27.32
N ASP F 986 2.61 -96.54 28.27
CA ASP F 986 3.12 -95.25 28.73
C ASP F 986 3.82 -94.51 27.60
N ILE F 987 4.62 -95.21 26.78
CA ILE F 987 5.31 -94.56 25.68
C ILE F 987 4.31 -94.12 24.62
N LEU F 988 3.29 -94.93 24.34
CA LEU F 988 2.30 -94.56 23.33
C LEU F 988 1.40 -93.42 23.79
N SER F 989 1.22 -93.24 25.09
CA SER F 989 0.36 -92.19 25.61
C SER F 989 1.12 -90.88 25.85
N ARG F 990 2.35 -90.96 26.36
CA ARG F 990 3.14 -89.78 26.69
C ARG F 990 3.86 -89.19 25.48
N LEU F 991 3.80 -89.85 24.32
CA LEU F 991 4.48 -89.38 23.13
C LEU F 991 3.54 -89.53 21.93
N ASP F 992 4.01 -89.11 20.77
CA ASP F 992 3.28 -89.21 19.52
C ASP F 992 3.86 -90.32 18.66
N PRO F 993 3.07 -90.87 17.74
CA PRO F 993 3.53 -92.01 16.92
C PRO F 993 4.82 -91.71 16.16
N PRO F 994 4.94 -90.55 15.48
CA PRO F 994 6.18 -90.32 14.73
C PRO F 994 7.43 -90.24 15.59
N GLU F 995 7.27 -89.93 16.88
CA GLU F 995 8.41 -89.96 17.81
C GLU F 995 8.56 -91.31 18.49
N ALA F 996 7.44 -91.97 18.83
CA ALA F 996 7.52 -93.27 19.49
C ALA F 996 7.99 -94.35 18.53
N GLU F 997 7.97 -94.07 17.23
CA GLU F 997 8.48 -95.05 16.25
C GLU F 997 9.99 -95.24 16.37
N VAL F 998 10.70 -94.30 16.97
CA VAL F 998 12.14 -94.45 17.17
C VAL F 998 12.44 -95.30 18.40
N GLN F 999 11.57 -95.26 19.40
CA GLN F 999 11.78 -96.02 20.61
C GLN F 999 11.23 -97.45 20.52
N ILE F 1000 10.07 -97.62 19.88
CA ILE F 1000 9.50 -98.96 19.77
C ILE F 1000 10.33 -99.86 18.86
N ASP F 1001 10.94 -99.30 17.82
CA ASP F 1001 11.78 -100.09 16.94
C ASP F 1001 13.06 -100.56 17.61
N ARG F 1002 13.52 -99.84 18.63
CA ARG F 1002 14.65 -100.30 19.44
C ARG F 1002 14.23 -101.26 20.53
N LEU F 1003 13.05 -101.04 21.13
CA LEU F 1003 12.56 -101.97 22.14
C LEU F 1003 12.29 -103.35 21.54
N ILE F 1004 11.64 -103.40 20.38
CA ILE F 1004 11.38 -104.67 19.72
C ILE F 1004 12.68 -105.35 19.32
N THR F 1005 13.68 -104.59 18.88
CA THR F 1005 14.98 -105.14 18.54
C THR F 1005 15.68 -105.75 19.76
N GLY F 1006 15.67 -105.02 20.89
CA GLY F 1006 16.24 -105.57 22.11
C GLY F 1006 15.53 -106.82 22.58
N ARG F 1007 14.19 -106.84 22.54
CA ARG F 1007 13.45 -108.02 22.94
C ARG F 1007 13.70 -109.20 22.01
N LEU F 1008 13.80 -108.96 20.70
CA LEU F 1008 14.11 -110.03 19.77
C LEU F 1008 15.52 -110.56 19.98
N GLN F 1009 16.48 -109.68 20.27
CA GLN F 1009 17.83 -110.14 20.58
C GLN F 1009 17.87 -110.96 21.86
N SER F 1010 17.11 -110.55 22.87
CA SER F 1010 17.04 -111.33 24.11
C SER F 1010 16.41 -112.70 23.86
N LEU F 1011 15.34 -112.75 23.08
CA LEU F 1011 14.72 -114.04 22.76
C LEU F 1011 15.65 -114.93 21.95
N GLN F 1012 16.40 -114.35 21.02
CA GLN F 1012 17.38 -115.12 20.25
C GLN F 1012 18.50 -115.65 21.14
N THR F 1013 18.96 -114.84 22.10
CA THR F 1013 19.96 -115.31 23.04
C THR F 1013 19.42 -116.45 23.89
N TYR F 1014 18.16 -116.34 24.32
CA TYR F 1014 17.54 -117.43 25.08
C TYR F 1014 17.44 -118.70 24.26
N VAL F 1015 17.05 -118.58 22.99
CA VAL F 1015 16.94 -119.75 22.12
C VAL F 1015 18.31 -120.38 21.89
N THR F 1016 19.34 -119.55 21.72
CA THR F 1016 20.70 -120.07 21.53
C THR F 1016 21.17 -120.82 22.78
N GLN F 1017 20.93 -120.24 23.97
CA GLN F 1017 21.30 -120.94 25.20
C GLN F 1017 20.52 -122.25 25.36
N GLN F 1018 19.23 -122.24 24.99
CA GLN F 1018 18.44 -123.47 25.05
C GLN F 1018 18.97 -124.54 24.10
N LEU F 1019 19.41 -124.15 22.90
CA LEU F 1019 19.99 -125.13 21.98
C LEU F 1019 21.33 -125.64 22.49
N ILE F 1020 22.17 -124.77 23.04
CA ILE F 1020 23.45 -125.21 23.59
C ILE F 1020 23.23 -126.18 24.74
N ARG F 1021 22.22 -125.93 25.58
CA ARG F 1021 21.91 -126.84 26.67
C ARG F 1021 21.31 -128.15 26.17
N ALA F 1022 20.45 -128.08 25.15
CA ALA F 1022 19.86 -129.28 24.57
C ALA F 1022 20.89 -130.17 23.90
N ALA F 1023 21.98 -129.60 23.39
CA ALA F 1023 23.06 -130.43 22.87
C ALA F 1023 23.65 -131.32 23.95
N GLU F 1024 23.98 -130.76 25.11
CA GLU F 1024 24.50 -131.56 26.22
C GLU F 1024 23.43 -132.51 26.76
N ILE F 1025 22.16 -132.08 26.73
CA ILE F 1025 21.08 -132.96 27.17
C ILE F 1025 20.98 -134.18 26.27
N ARG F 1026 21.12 -133.97 24.95
CA ARG F 1026 21.09 -135.09 24.01
C ARG F 1026 22.31 -136.00 24.20
N ALA F 1027 23.47 -135.40 24.45
CA ALA F 1027 24.66 -136.22 24.71
C ALA F 1027 24.47 -137.09 25.95
N SER F 1028 23.97 -136.50 27.04
CA SER F 1028 23.72 -137.26 28.25
C SER F 1028 22.64 -138.31 28.06
N ALA F 1029 21.60 -138.02 27.27
CA ALA F 1029 20.56 -139.01 27.01
C ALA F 1029 21.10 -140.17 26.19
N ASN F 1030 21.96 -139.89 25.21
CA ASN F 1030 22.58 -140.97 24.45
C ASN F 1030 23.50 -141.81 25.32
N LEU F 1031 24.27 -141.18 26.22
CA LEU F 1031 25.11 -141.94 27.15
C LEU F 1031 24.26 -142.81 28.07
N ALA F 1032 23.15 -142.27 28.57
CA ALA F 1032 22.28 -143.04 29.45
C ALA F 1032 21.62 -144.20 28.71
N ALA F 1033 21.23 -143.99 27.46
CA ALA F 1033 20.66 -145.09 26.67
C ALA F 1033 21.70 -146.16 26.38
N THR F 1034 22.94 -145.76 26.07
CA THR F 1034 24.00 -146.74 25.86
C THR F 1034 24.24 -147.55 27.13
N LYS F 1035 24.28 -146.89 28.29
CA LYS F 1035 24.45 -147.62 29.55
C LYS F 1035 23.27 -148.54 29.83
N MET F 1036 22.04 -148.08 29.59
CA MET F 1036 20.87 -148.93 29.79
C MET F 1036 20.91 -150.15 28.89
N SER F 1037 21.40 -150.00 27.66
CA SER F 1037 21.47 -151.11 26.72
C SER F 1037 22.64 -152.04 26.96
N GLU F 1038 23.72 -151.56 27.59
CA GLU F 1038 24.88 -152.41 27.82
C GLU F 1038 24.91 -153.06 29.19
N CYS F 1039 24.73 -152.28 30.26
CA CYS F 1039 24.85 -152.81 31.61
C CYS F 1039 23.62 -153.57 32.08
N VAL F 1040 22.43 -153.17 31.64
CA VAL F 1040 21.18 -153.80 32.07
C VAL F 1040 20.78 -154.94 31.13
N LEU F 1041 20.86 -154.71 29.82
CA LEU F 1041 20.49 -155.72 28.83
C LEU F 1041 21.62 -156.70 28.55
N GLY F 1042 22.65 -156.74 29.37
CA GLY F 1042 23.76 -157.66 29.17
C GLY F 1042 24.85 -157.41 30.17
N GLN F 1043 25.92 -158.19 30.03
CA GLN F 1043 27.09 -158.10 30.90
C GLN F 1043 28.23 -157.48 30.08
N SER F 1044 28.43 -156.17 30.24
CA SER F 1044 29.48 -155.48 29.52
C SER F 1044 30.82 -155.67 30.21
N LYS F 1045 31.88 -155.77 29.40
CA LYS F 1045 33.24 -155.95 29.90
C LYS F 1045 34.03 -154.65 29.88
N ARG F 1046 33.39 -153.52 29.63
CA ARG F 1046 34.07 -152.23 29.59
C ARG F 1046 34.38 -151.76 31.00
N VAL F 1047 35.63 -151.37 31.24
CA VAL F 1047 36.05 -150.95 32.56
C VAL F 1047 35.49 -149.57 32.87
N ASP F 1048 34.98 -149.40 34.10
CA ASP F 1048 34.50 -148.13 34.64
C ASP F 1048 33.18 -147.71 34.01
N PHE F 1049 32.72 -148.45 32.99
CA PHE F 1049 31.47 -148.13 32.33
C PHE F 1049 30.28 -148.48 33.21
N CYS F 1050 30.17 -149.75 33.59
CA CYS F 1050 29.09 -150.21 34.48
C CYS F 1050 29.57 -150.25 35.93
N GLY F 1051 29.93 -149.07 36.45
CA GLY F 1051 30.43 -148.96 37.79
C GLY F 1051 31.92 -149.21 37.89
N LYS F 1052 32.45 -149.02 39.10
CA LYS F 1052 33.86 -149.23 39.38
C LYS F 1052 34.07 -150.66 39.84
N GLY F 1053 34.57 -151.51 38.95
CA GLY F 1053 34.82 -152.90 39.24
C GLY F 1053 34.27 -153.81 38.15
N TYR F 1054 34.37 -155.10 38.41
CA TYR F 1054 33.86 -156.11 37.48
C TYR F 1054 32.33 -156.03 37.45
N HIS F 1055 31.78 -155.69 36.29
CA HIS F 1055 30.34 -155.53 36.15
C HIS F 1055 29.63 -156.88 36.30
N LEU F 1056 28.65 -156.92 37.20
CA LEU F 1056 27.83 -158.12 37.38
C LEU F 1056 26.38 -157.87 36.98
N MET F 1057 25.71 -156.88 37.59
CA MET F 1057 24.33 -156.57 37.28
C MET F 1057 24.13 -155.06 37.32
N SER F 1058 22.95 -154.63 36.86
CA SER F 1058 22.58 -153.22 36.88
C SER F 1058 21.07 -153.12 36.85
N PHE F 1059 20.51 -152.32 37.76
CA PHE F 1059 19.07 -152.17 37.89
C PHE F 1059 18.67 -150.73 37.61
N PRO F 1060 17.80 -150.48 36.63
CA PRO F 1060 17.40 -149.09 36.34
C PRO F 1060 16.41 -148.57 37.37
N GLN F 1061 16.55 -147.29 37.69
CA GLN F 1061 15.67 -146.61 38.64
C GLN F 1061 15.18 -145.31 38.02
N SER F 1062 13.86 -145.12 38.05
CA SER F 1062 13.28 -143.90 37.49
C SER F 1062 13.64 -142.69 38.34
N ALA F 1063 13.70 -141.53 37.68
CA ALA F 1063 14.05 -140.28 38.33
C ALA F 1063 13.44 -139.13 37.54
N PRO F 1064 13.05 -138.04 38.19
CA PRO F 1064 12.50 -136.90 37.45
C PRO F 1064 13.56 -136.25 36.58
N HIS F 1065 13.32 -136.30 35.26
CA HIS F 1065 14.23 -135.74 34.27
C HIS F 1065 15.62 -136.36 34.39
N GLY F 1066 15.66 -137.69 34.46
CA GLY F 1066 16.92 -138.39 34.56
C GLY F 1066 16.68 -139.87 34.79
N VAL F 1067 17.79 -140.58 35.03
CA VAL F 1067 17.75 -142.02 35.27
C VAL F 1067 18.92 -142.37 36.18
N VAL F 1068 18.70 -143.36 37.05
CA VAL F 1068 19.69 -143.81 38.02
C VAL F 1068 19.96 -145.28 37.78
N PHE F 1069 21.24 -145.63 37.67
CA PHE F 1069 21.69 -147.00 37.46
C PHE F 1069 22.36 -147.53 38.72
N LEU F 1070 21.89 -148.68 39.20
CA LEU F 1070 22.47 -149.33 40.37
C LEU F 1070 23.40 -150.45 39.88
N HIS F 1071 24.62 -150.07 39.53
CA HIS F 1071 25.59 -151.01 39.01
C HIS F 1071 26.10 -151.92 40.12
N VAL F 1072 25.98 -153.22 39.92
CA VAL F 1072 26.52 -154.21 40.86
C VAL F 1072 27.92 -154.60 40.40
N THR F 1073 28.92 -154.27 41.21
CA THR F 1073 30.31 -154.50 40.87
C THR F 1073 30.89 -155.60 41.74
N TYR F 1074 31.94 -156.24 41.24
CA TYR F 1074 32.66 -157.30 41.93
C TYR F 1074 34.04 -156.78 42.30
N VAL F 1075 34.25 -156.53 43.59
CA VAL F 1075 35.51 -156.00 44.11
C VAL F 1075 36.15 -157.07 44.98
N PRO F 1076 37.26 -157.67 44.54
CA PRO F 1076 37.94 -158.66 45.39
C PRO F 1076 38.53 -158.02 46.63
N ALA F 1077 38.79 -158.85 47.64
CA ALA F 1077 39.35 -158.39 48.89
C ALA F 1077 40.08 -159.54 49.56
N GLN F 1078 40.87 -159.19 50.59
CA GLN F 1078 41.63 -160.16 51.38
C GLN F 1078 42.58 -160.97 50.49
N GLU F 1079 43.50 -160.25 49.85
CA GLU F 1079 44.50 -160.87 48.99
C GLU F 1079 45.70 -161.32 49.81
N LYS F 1080 46.38 -162.34 49.31
CA LYS F 1080 47.55 -162.91 49.97
C LYS F 1080 48.70 -163.01 48.97
N ASN F 1081 49.92 -163.06 49.51
CA ASN F 1081 51.12 -163.13 48.70
C ASN F 1081 51.50 -164.58 48.46
N PHE F 1082 51.80 -164.91 47.21
CA PHE F 1082 52.19 -166.26 46.83
C PHE F 1082 53.35 -166.20 45.85
N THR F 1083 54.06 -167.33 45.72
CA THR F 1083 55.18 -167.44 44.80
C THR F 1083 54.70 -168.08 43.50
N THR F 1084 54.91 -167.38 42.39
CA THR F 1084 54.47 -167.83 41.08
C THR F 1084 55.65 -168.27 40.25
N ALA F 1085 55.34 -168.84 39.07
CA ALA F 1085 56.37 -169.31 38.14
C ALA F 1085 55.76 -169.34 36.75
N PRO F 1086 56.54 -169.04 35.71
CA PRO F 1086 55.99 -169.10 34.33
C PRO F 1086 55.46 -170.47 33.96
N ALA F 1087 56.30 -171.49 34.06
CA ALA F 1087 55.93 -172.85 33.69
C ALA F 1087 56.68 -173.84 34.57
N ILE F 1088 56.38 -175.12 34.37
CA ILE F 1088 57.02 -176.21 35.10
C ILE F 1088 57.63 -177.18 34.09
N CYS F 1089 58.52 -178.04 34.59
CA CYS F 1089 59.23 -179.00 33.77
C CYS F 1089 59.16 -180.36 34.44
N HIS F 1090 58.23 -181.21 33.98
CA HIS F 1090 58.04 -182.53 34.58
C HIS F 1090 59.04 -183.54 34.01
N ASP F 1091 58.95 -183.81 32.71
CA ASP F 1091 59.78 -184.81 32.05
C ASP F 1091 60.48 -184.21 30.84
N GLY F 1092 61.08 -183.04 31.02
CA GLY F 1092 61.77 -182.34 29.97
C GLY F 1092 60.91 -181.45 29.11
N LYS F 1093 59.59 -181.56 29.21
CA LYS F 1093 58.66 -180.70 28.47
C LYS F 1093 58.08 -179.66 29.40
N ALA F 1094 57.69 -178.51 28.83
CA ALA F 1094 57.18 -177.39 29.58
C ALA F 1094 55.65 -177.41 29.56
N HIS F 1095 55.05 -177.46 30.75
CA HIS F 1095 53.61 -177.42 30.90
C HIS F 1095 53.16 -176.00 31.23
N PHE F 1096 52.11 -175.54 30.54
CA PHE F 1096 51.59 -174.20 30.75
C PHE F 1096 50.14 -174.27 31.23
N PRO F 1097 49.74 -173.39 32.14
CA PRO F 1097 48.36 -173.41 32.64
C PRO F 1097 47.38 -173.07 31.53
N ARG F 1098 46.32 -173.87 31.41
CA ARG F 1098 45.28 -173.61 30.41
C ARG F 1098 44.43 -172.42 30.82
N GLU F 1099 43.77 -172.51 31.98
CA GLU F 1099 43.02 -171.40 32.57
C GLU F 1099 43.35 -171.38 34.05
N GLY F 1100 44.37 -170.62 34.41
CA GLY F 1100 44.76 -170.53 35.81
C GLY F 1100 46.13 -169.88 35.95
N VAL F 1101 46.78 -170.17 37.07
CA VAL F 1101 48.10 -169.62 37.38
C VAL F 1101 48.80 -170.57 38.34
N PHE F 1102 50.06 -170.85 38.06
CA PHE F 1102 50.87 -171.70 38.93
C PHE F 1102 51.32 -170.90 40.14
N VAL F 1103 50.84 -171.28 41.32
CA VAL F 1103 51.19 -170.62 42.56
C VAL F 1103 51.79 -171.65 43.51
N SER F 1104 52.55 -171.15 44.48
CA SER F 1104 53.22 -171.99 45.47
C SER F 1104 53.09 -171.34 46.85
N ASN F 1105 52.85 -172.18 47.86
CA ASN F 1105 52.77 -171.73 49.24
C ASN F 1105 54.08 -171.96 49.99
N GLY F 1106 55.20 -171.90 49.30
CA GLY F 1106 56.51 -172.12 49.90
C GLY F 1106 57.04 -173.54 49.80
N THR F 1107 56.20 -174.52 50.11
CA THR F 1107 56.60 -175.93 50.09
C THR F 1107 56.12 -176.65 48.83
N HIS F 1108 54.82 -176.62 48.57
CA HIS F 1108 54.24 -177.33 47.44
C HIS F 1108 53.85 -176.33 46.34
N TRP F 1109 53.37 -176.87 45.22
CA TRP F 1109 52.91 -176.07 44.09
C TRP F 1109 51.48 -176.44 43.75
N PHE F 1110 50.69 -175.45 43.38
CA PHE F 1110 49.28 -175.66 43.02
C PHE F 1110 48.93 -174.73 41.87
N VAL F 1111 47.66 -174.78 41.46
CA VAL F 1111 47.14 -173.94 40.39
C VAL F 1111 45.80 -173.38 40.84
N THR F 1112 45.69 -172.05 40.83
CA THR F 1112 44.48 -171.35 41.25
C THR F 1112 43.95 -170.51 40.10
N GLN F 1113 42.77 -169.93 40.33
CA GLN F 1113 42.15 -169.07 39.34
C GLN F 1113 42.86 -167.71 39.28
N ARG F 1114 42.48 -166.91 38.28
CA ARG F 1114 43.06 -165.58 38.10
C ARG F 1114 42.37 -164.52 38.93
N ASN F 1115 41.24 -164.84 39.56
CA ASN F 1115 40.52 -163.87 40.38
C ASN F 1115 40.04 -164.45 41.70
N PHE F 1116 40.39 -165.69 42.03
CA PHE F 1116 39.97 -166.31 43.28
C PHE F 1116 40.93 -167.44 43.61
N TYR F 1117 41.41 -167.47 44.86
CA TYR F 1117 42.37 -168.48 45.29
C TYR F 1117 41.62 -169.78 45.55
N GLU F 1118 41.78 -170.74 44.63
CA GLU F 1118 41.19 -172.07 44.77
C GLU F 1118 42.32 -173.09 44.58
N PRO F 1119 42.90 -173.60 45.66
CA PRO F 1119 44.04 -174.51 45.54
C PRO F 1119 43.62 -175.85 44.94
N GLN F 1120 44.23 -176.19 43.82
CA GLN F 1120 43.98 -177.46 43.14
C GLN F 1120 45.30 -178.07 42.70
N ILE F 1121 45.33 -179.40 42.58
CA ILE F 1121 46.53 -180.09 42.16
C ILE F 1121 46.76 -179.84 40.67
N ILE F 1122 48.03 -179.84 40.27
CA ILE F 1122 48.42 -179.60 38.89
C ILE F 1122 48.33 -180.93 38.16
N THR F 1123 47.25 -181.12 37.40
CA THR F 1123 47.02 -182.34 36.65
C THR F 1123 47.31 -182.10 35.17
N THR F 1124 47.11 -183.15 34.36
CA THR F 1124 47.32 -183.07 32.93
C THR F 1124 46.08 -182.60 32.17
N ASP F 1125 45.01 -182.25 32.89
CA ASP F 1125 43.79 -181.76 32.26
C ASP F 1125 43.74 -180.25 32.14
N ASN F 1126 44.35 -179.52 33.06
CA ASN F 1126 44.38 -178.06 33.03
C ASN F 1126 45.72 -177.53 32.54
N THR F 1127 46.57 -178.40 31.96
CA THR F 1127 47.86 -178.00 31.43
C THR F 1127 48.04 -178.60 30.05
N PHE F 1128 48.81 -177.90 29.22
CA PHE F 1128 49.11 -178.36 27.86
C PHE F 1128 50.60 -178.27 27.61
N VAL F 1129 51.12 -179.21 26.83
CA VAL F 1129 52.53 -179.29 26.53
C VAL F 1129 52.84 -178.43 25.31
N SER F 1130 53.89 -177.63 25.41
CA SER F 1130 54.30 -176.76 24.29
C SER F 1130 55.81 -176.55 24.40
N GLY F 1131 56.56 -177.27 23.58
CA GLY F 1131 58.01 -177.15 23.57
C GLY F 1131 58.66 -177.81 24.77
N ASN F 1132 59.97 -177.64 24.86
CA ASN F 1132 60.79 -178.20 25.92
C ASN F 1132 61.23 -177.08 26.87
N CYS F 1133 62.02 -177.46 27.87
CA CYS F 1133 62.44 -176.54 28.92
C CYS F 1133 63.81 -175.96 28.59
N ASP F 1134 63.85 -175.18 27.51
CA ASP F 1134 65.08 -174.53 27.08
C ASP F 1134 64.90 -173.10 26.62
N VAL F 1135 63.68 -172.58 26.57
CA VAL F 1135 63.44 -171.22 26.08
C VAL F 1135 62.71 -170.35 27.10
N VAL F 1136 61.96 -170.92 28.04
CA VAL F 1136 61.23 -170.13 29.02
C VAL F 1136 62.18 -169.74 30.15
N ILE F 1137 62.22 -168.45 30.47
CA ILE F 1137 63.09 -167.93 31.52
C ILE F 1137 62.33 -167.95 32.84
N GLY F 1138 62.87 -168.65 33.82
CA GLY F 1138 62.25 -168.75 35.13
C GLY F 1138 61.47 -170.02 35.39
N ILE F 1139 61.62 -171.05 34.54
CA ILE F 1139 60.84 -172.27 34.72
C ILE F 1139 61.40 -173.07 35.89
N VAL F 1140 60.51 -173.66 36.68
CA VAL F 1140 60.89 -174.45 37.83
C VAL F 1140 60.58 -175.92 37.55
N ASN F 1141 61.01 -176.77 38.47
CA ASN F 1141 60.80 -178.21 38.37
C ASN F 1141 59.65 -178.63 39.28
N ASN F 1142 58.74 -179.43 38.72
CA ASN F 1142 57.58 -179.91 39.48
C ASN F 1142 57.05 -181.16 38.79
N THR F 1143 56.34 -181.97 39.54
CA THR F 1143 55.77 -183.23 39.05
C THR F 1143 54.27 -183.06 38.87
N VAL F 1144 53.77 -183.47 37.71
CA VAL F 1144 52.34 -183.39 37.40
C VAL F 1144 51.67 -184.70 37.78
N TYR F 1145 50.36 -184.63 37.99
CA TYR F 1145 49.56 -185.80 38.37
C TYR F 1145 48.72 -186.21 37.18
N ASP F 1146 49.05 -187.37 36.58
CA ASP F 1146 48.28 -187.90 35.46
C ASP F 1146 47.23 -188.85 35.98
N PRO F 1147 45.94 -188.62 35.69
CA PRO F 1147 44.89 -189.47 36.28
C PRO F 1147 44.79 -190.86 35.68
N LEU F 1148 45.72 -191.20 34.78
CA LEU F 1148 45.69 -192.49 34.10
C LEU F 1148 46.59 -193.53 34.75
N GLN F 1149 47.73 -193.12 35.31
CA GLN F 1149 48.65 -194.08 35.92
C GLN F 1149 48.06 -194.77 37.15
N PRO F 1150 47.50 -194.07 38.14
CA PRO F 1150 46.97 -194.78 39.31
C PRO F 1150 45.72 -195.60 39.01
N GLU F 1151 45.00 -195.28 37.92
CA GLU F 1151 43.81 -196.01 37.55
C GLU F 1151 44.08 -197.12 36.53
N LEU F 1152 45.35 -197.47 36.30
CA LEU F 1152 45.72 -198.51 35.35
C LEU F 1152 46.37 -199.72 35.99
N ASP F 1153 47.21 -199.53 37.01
CA ASP F 1153 47.88 -200.66 37.65
C ASP F 1153 46.91 -201.52 38.47
N SER F 1154 45.77 -200.97 38.86
CA SER F 1154 44.79 -201.73 39.65
C SER F 1154 44.03 -202.71 38.76
N GLU G 1 -1.79 12.09 -49.97
CA GLU G 1 -0.58 11.65 -50.64
C GLU G 1 0.48 11.24 -49.63
N ILE G 2 0.32 11.69 -48.39
CA ILE G 2 1.27 11.38 -47.32
C ILE G 2 0.90 10.00 -46.76
N VAL G 3 1.75 9.01 -47.00
CA VAL G 3 1.52 7.65 -46.54
C VAL G 3 2.20 7.47 -45.20
N LEU G 4 1.43 7.07 -44.18
CA LEU G 4 1.94 6.83 -42.84
C LEU G 4 1.92 5.33 -42.57
N THR G 5 3.09 4.74 -42.39
CA THR G 5 3.22 3.31 -42.15
C THR G 5 3.91 3.07 -40.81
N GLN G 6 3.55 1.96 -40.18
CA GLN G 6 4.15 1.55 -38.90
C GLN G 6 5.21 0.49 -39.14
N SER G 7 6.31 0.59 -38.39
CA SER G 7 7.41 -0.36 -38.51
C SER G 7 7.09 -1.69 -37.83
N PRO G 8 6.60 -1.71 -36.58
CA PRO G 8 6.24 -3.00 -35.98
C PRO G 8 4.99 -3.58 -36.60
N ALA G 9 4.95 -4.91 -36.68
CA ALA G 9 3.82 -5.64 -37.24
C ALA G 9 3.10 -6.47 -36.20
N THR G 10 3.82 -7.35 -35.50
CA THR G 10 3.23 -8.22 -34.47
C THR G 10 4.17 -8.19 -33.26
N LEU G 11 3.81 -7.41 -32.25
CA LEU G 11 4.60 -7.27 -31.03
C LEU G 11 4.03 -8.21 -29.97
N SER G 12 4.74 -9.30 -29.70
CA SER G 12 4.36 -10.28 -28.69
C SER G 12 5.15 -10.10 -27.39
N LEU G 13 5.48 -8.86 -27.05
CA LEU G 13 6.28 -8.61 -25.86
C LEU G 13 5.48 -8.91 -24.59
N SER G 14 6.14 -9.56 -23.63
CA SER G 14 5.50 -9.88 -22.37
C SER G 14 5.31 -8.61 -21.53
N PRO G 15 4.30 -8.59 -20.66
CA PRO G 15 4.10 -7.41 -19.81
C PRO G 15 5.26 -7.21 -18.85
N GLY G 16 5.45 -5.96 -18.45
CA GLY G 16 6.55 -5.62 -17.58
C GLY G 16 7.83 -5.25 -18.30
N GLU G 17 7.73 -4.76 -19.53
CA GLU G 17 8.88 -4.38 -20.34
C GLU G 17 8.54 -3.09 -21.07
N ARG G 18 9.38 -2.72 -22.03
CA ARG G 18 9.18 -1.52 -22.81
C ARG G 18 8.44 -1.85 -24.11
N ALA G 19 8.10 -0.81 -24.86
CA ALA G 19 7.39 -0.96 -26.12
C ALA G 19 7.61 0.28 -26.97
N THR G 20 7.81 0.08 -28.27
CA THR G 20 8.05 1.16 -29.21
C THR G 20 7.17 0.99 -30.43
N LEU G 21 6.72 2.10 -30.99
CA LEU G 21 5.87 2.10 -32.19
C LEU G 21 6.38 3.21 -33.11
N SER G 22 7.12 2.84 -34.14
CA SER G 22 7.69 3.80 -35.07
C SER G 22 6.71 4.10 -36.20
N CYS G 23 6.68 5.37 -36.62
CA CYS G 23 5.81 5.82 -37.69
C CYS G 23 6.56 6.86 -38.51
N ARG G 24 6.68 6.60 -39.81
CA ARG G 24 7.37 7.49 -40.73
C ARG G 24 6.38 8.15 -41.67
N ALA G 25 6.89 9.07 -42.49
CA ALA G 25 6.06 9.79 -43.44
C ALA G 25 6.95 10.30 -44.56
N SER G 26 6.41 10.28 -45.79
CA SER G 26 7.17 10.75 -46.95
C SER G 26 7.36 12.27 -46.90
N GLN G 27 6.27 13.02 -46.82
CA GLN G 27 6.34 14.47 -46.77
C GLN G 27 6.68 14.93 -45.35
N SER G 28 7.46 16.01 -45.26
CA SER G 28 7.87 16.57 -43.98
C SER G 28 6.66 17.20 -43.31
N VAL G 29 6.06 16.49 -42.36
CA VAL G 29 4.88 16.96 -41.66
C VAL G 29 5.31 17.52 -40.30
N SER G 30 4.55 18.51 -39.83
CA SER G 30 4.81 19.12 -38.53
C SER G 30 4.24 18.23 -37.43
N SER G 31 4.19 18.74 -36.20
CA SER G 31 3.69 17.97 -35.07
C SER G 31 2.18 17.79 -35.14
N TYR G 32 1.72 16.94 -36.06
CA TYR G 32 0.30 16.65 -36.24
C TYR G 32 0.05 15.15 -36.18
N LEU G 33 0.65 14.47 -35.21
CA LEU G 33 0.52 13.03 -35.07
C LEU G 33 -0.44 12.71 -33.93
N ALA G 34 -1.42 11.86 -34.20
CA ALA G 34 -2.42 11.46 -33.21
C ALA G 34 -2.40 9.95 -33.08
N TRP G 35 -2.28 9.47 -31.85
CA TRP G 35 -2.27 8.05 -31.55
C TRP G 35 -3.64 7.59 -31.12
N TYR G 36 -4.02 6.38 -31.51
CA TYR G 36 -5.32 5.80 -31.19
C TYR G 36 -5.16 4.39 -30.69
N GLN G 37 -6.11 3.96 -29.87
CA GLN G 37 -6.16 2.60 -29.35
C GLN G 37 -7.58 2.08 -29.53
N GLN G 38 -7.71 0.93 -30.22
CA GLN G 38 -9.01 0.35 -30.54
C GLN G 38 -9.05 -1.08 -30.03
N LYS G 39 -9.86 -1.33 -29.02
CA LYS G 39 -10.08 -2.69 -28.54
C LYS G 39 -10.86 -3.48 -29.60
N PRO G 40 -10.65 -4.80 -29.66
CA PRO G 40 -11.38 -5.61 -30.64
C PRO G 40 -12.88 -5.62 -30.37
N GLY G 41 -13.65 -5.01 -31.26
CA GLY G 41 -15.09 -4.92 -31.09
C GLY G 41 -15.56 -3.55 -30.67
N GLN G 42 -14.77 -2.89 -29.81
CA GLN G 42 -15.13 -1.57 -29.32
C GLN G 42 -14.68 -0.49 -30.31
N ALA G 43 -14.89 0.78 -29.92
CA ALA G 43 -14.54 1.94 -30.73
C ALA G 43 -13.14 2.43 -30.42
N PRO G 44 -12.45 3.00 -31.40
CA PRO G 44 -11.10 3.52 -31.15
C PRO G 44 -11.12 4.69 -30.19
N ARG G 45 -10.06 4.79 -29.39
CA ARG G 45 -9.90 5.86 -28.42
C ARG G 45 -8.54 6.53 -28.62
N LEU G 46 -8.55 7.86 -28.72
CA LEU G 46 -7.31 8.60 -28.91
C LEU G 46 -6.51 8.64 -27.62
N LEU G 47 -5.21 8.37 -27.71
CA LEU G 47 -4.32 8.37 -26.56
C LEU G 47 -3.50 9.66 -26.48
N ILE G 48 -2.75 9.96 -27.53
CA ILE G 48 -1.88 11.14 -27.57
C ILE G 48 -2.24 11.95 -28.81
N TYR G 49 -2.48 13.25 -28.63
CA TYR G 49 -2.76 14.16 -29.73
C TYR G 49 -1.59 15.11 -29.91
N ASP G 50 -1.28 15.43 -31.17
CA ASP G 50 -0.19 16.30 -31.56
C ASP G 50 1.18 15.78 -31.12
N ALA G 51 1.26 14.54 -30.63
CA ALA G 51 2.50 13.91 -30.20
C ALA G 51 3.23 14.70 -29.13
N SER G 52 2.54 15.57 -28.41
CA SER G 52 3.17 16.38 -27.38
C SER G 52 2.39 16.33 -26.07
N ASN G 53 1.08 16.09 -26.16
CA ASN G 53 0.21 16.07 -24.99
C ASN G 53 -0.67 14.84 -25.02
N ARG G 54 -0.92 14.27 -23.85
CA ARG G 54 -1.77 13.09 -23.71
C ARG G 54 -3.22 13.48 -23.48
N ALA G 55 -4.11 12.52 -23.65
CA ALA G 55 -5.54 12.74 -23.47
C ALA G 55 -5.88 12.71 -21.98
N THR G 56 -7.17 12.74 -21.67
CA THR G 56 -7.65 12.74 -20.29
C THR G 56 -8.48 11.48 -20.08
N GLY G 57 -7.98 10.55 -19.27
CA GLY G 57 -8.68 9.32 -18.98
C GLY G 57 -7.79 8.11 -19.05
N ILE G 58 -6.78 8.15 -19.90
CA ILE G 58 -5.83 7.05 -20.05
C ILE G 58 -4.72 7.21 -19.02
N PRO G 59 -4.02 6.14 -18.64
CA PRO G 59 -2.92 6.28 -17.67
C PRO G 59 -1.79 7.12 -18.24
N ALA G 60 -0.84 7.44 -17.36
CA ALA G 60 0.31 8.27 -17.72
C ALA G 60 1.43 7.48 -18.38
N ARG G 61 1.23 6.19 -18.66
CA ARG G 61 2.26 5.37 -19.28
C ARG G 61 2.14 5.37 -20.80
N PHE G 62 2.08 6.58 -21.38
CA PHE G 62 1.99 6.71 -22.84
C PHE G 62 2.82 7.90 -23.32
N SER G 63 3.94 8.17 -22.67
CA SER G 63 4.79 9.30 -23.05
C SER G 63 5.47 9.02 -24.38
N GLY G 64 5.15 9.83 -25.39
CA GLY G 64 5.72 9.69 -26.71
C GLY G 64 6.59 10.89 -27.08
N SER G 65 7.29 10.75 -28.19
CA SER G 65 8.18 11.80 -28.69
C SER G 65 8.28 11.67 -30.20
N GLY G 66 9.20 12.43 -30.80
CA GLY G 66 9.40 12.40 -32.23
C GLY G 66 8.66 13.50 -32.95
N SER G 67 9.30 14.08 -33.98
CA SER G 67 8.69 15.16 -34.74
C SER G 67 9.37 15.24 -36.10
N GLY G 68 8.60 15.66 -37.10
CA GLY G 68 9.13 15.80 -38.44
C GLY G 68 8.75 14.65 -39.36
N THR G 69 9.71 13.79 -39.68
CA THR G 69 9.49 12.66 -40.56
C THR G 69 9.41 11.33 -39.83
N ASP G 70 9.60 11.31 -38.52
CA ASP G 70 9.55 10.09 -37.73
C ASP G 70 8.90 10.36 -36.39
N PHE G 71 8.04 9.45 -35.96
CA PHE G 71 7.36 9.53 -34.68
C PHE G 71 7.49 8.20 -33.95
N THR G 72 7.47 8.28 -32.62
CA THR G 72 7.62 7.08 -31.79
C THR G 72 6.80 7.25 -30.51
N LEU G 73 6.50 6.11 -29.88
CA LEU G 73 5.78 6.07 -28.62
C LEU G 73 6.54 5.16 -27.67
N THR G 74 6.95 5.70 -26.53
CA THR G 74 7.78 4.98 -25.55
C THR G 74 6.89 4.57 -24.38
N ILE G 75 6.39 3.34 -24.42
CA ILE G 75 5.59 2.78 -23.33
C ILE G 75 6.56 1.96 -22.49
N SER G 76 7.15 2.60 -21.49
CA SER G 76 8.15 1.98 -20.63
C SER G 76 7.55 1.32 -19.39
N SER G 77 6.26 1.00 -19.43
CA SER G 77 5.57 0.37 -18.32
C SER G 77 4.94 -0.94 -18.77
N LEU G 78 4.33 -1.65 -17.82
CA LEU G 78 3.69 -2.92 -18.12
C LEU G 78 2.42 -2.71 -18.93
N GLU G 79 1.89 -3.81 -19.47
CA GLU G 79 0.70 -3.80 -20.32
C GLU G 79 -0.35 -4.70 -19.66
N PRO G 80 -1.11 -4.17 -18.71
CA PRO G 80 -2.15 -4.98 -18.05
C PRO G 80 -3.25 -5.41 -19.01
N GLU G 81 -3.85 -4.44 -19.71
CA GLU G 81 -4.94 -4.72 -20.64
C GLU G 81 -4.74 -3.93 -21.93
N ASP G 82 -3.50 -3.93 -22.43
CA ASP G 82 -3.17 -3.22 -23.66
C ASP G 82 -3.33 -4.08 -24.91
N PHE G 83 -4.19 -5.10 -24.85
CA PHE G 83 -4.44 -5.98 -25.99
C PHE G 83 -5.33 -5.24 -26.97
N ALA G 84 -4.71 -4.49 -27.88
CA ALA G 84 -5.43 -3.70 -28.87
C ALA G 84 -4.48 -3.35 -30.00
N VAL G 85 -5.04 -2.74 -31.04
CA VAL G 85 -4.28 -2.31 -32.21
C VAL G 85 -4.12 -0.79 -32.14
N TYR G 86 -2.89 -0.32 -32.30
CA TYR G 86 -2.57 1.10 -32.22
C TYR G 86 -2.34 1.63 -33.63
N TYR G 87 -3.26 2.49 -34.09
CA TYR G 87 -3.17 3.10 -35.41
C TYR G 87 -2.55 4.49 -35.29
N CYS G 88 -2.44 5.16 -36.43
CA CYS G 88 -1.90 6.52 -36.48
C CYS G 88 -2.72 7.34 -37.47
N GLN G 89 -2.69 8.65 -37.26
CA GLN G 89 -3.43 9.58 -38.12
C GLN G 89 -2.74 10.93 -38.12
N GLN G 90 -2.58 11.52 -39.30
CA GLN G 90 -2.00 12.85 -39.42
C GLN G 90 -3.07 13.91 -39.30
N ARG G 91 -2.73 15.03 -38.67
CA ARG G 91 -3.66 16.12 -38.45
C ARG G 91 -3.33 17.36 -39.28
N SER G 92 -2.39 17.24 -40.23
CA SER G 92 -2.03 18.38 -41.07
C SER G 92 -3.07 18.62 -42.15
N ASN G 93 -3.30 17.61 -43.00
CA ASN G 93 -4.29 17.72 -44.07
C ASN G 93 -5.69 17.66 -43.48
N TRP G 94 -6.40 18.79 -43.54
CA TRP G 94 -7.76 18.81 -42.98
C TRP G 94 -8.74 17.98 -43.80
N PRO G 95 -8.84 18.14 -45.12
CA PRO G 95 -9.78 17.31 -45.89
C PRO G 95 -9.21 15.98 -46.38
N GLN G 96 -8.01 15.60 -45.95
CA GLN G 96 -7.34 14.38 -46.43
C GLN G 96 -6.78 13.58 -45.26
N TYR G 97 -7.60 13.35 -44.25
CA TYR G 97 -7.19 12.52 -43.12
C TYR G 97 -6.93 11.09 -43.59
N THR G 98 -5.68 10.64 -43.46
CA THR G 98 -5.27 9.32 -43.89
C THR G 98 -4.74 8.53 -42.70
N PHE G 99 -5.13 7.26 -42.62
CA PHE G 99 -4.70 6.37 -41.56
C PHE G 99 -3.60 5.44 -42.08
N GLY G 100 -3.21 4.48 -41.24
CA GLY G 100 -2.18 3.52 -41.61
C GLY G 100 -2.44 2.18 -40.98
N GLN G 101 -1.71 1.18 -41.47
CA GLN G 101 -1.84 -0.19 -40.96
C GLN G 101 -1.20 -0.27 -39.59
N GLY G 102 -2.03 -0.25 -38.55
CA GLY G 102 -1.52 -0.29 -37.19
C GLY G 102 -0.92 -1.62 -36.81
N THR G 103 -0.24 -1.62 -35.67
CA THR G 103 0.42 -2.82 -35.16
C THR G 103 -0.48 -3.52 -34.16
N LYS G 104 -0.60 -4.83 -34.29
CA LYS G 104 -1.43 -5.65 -33.41
C LYS G 104 -0.57 -6.16 -32.26
N LEU G 105 -0.73 -5.56 -31.09
CA LEU G 105 0.03 -5.95 -29.90
C LEU G 105 -0.78 -6.93 -29.07
N GLU G 106 -0.10 -7.91 -28.49
CA GLU G 106 -0.72 -8.90 -27.62
C GLU G 106 0.11 -9.07 -26.37
N ILE G 107 -0.42 -9.86 -25.42
CA ILE G 107 0.25 -10.07 -24.15
C ILE G 107 1.36 -11.11 -24.30
N LYS G 108 1.05 -12.24 -24.93
CA LYS G 108 2.02 -13.31 -25.12
C LYS G 108 1.66 -14.06 -26.39
N GLY G 109 2.33 -15.18 -26.63
CA GLY G 109 2.10 -15.99 -27.81
C GLY G 109 3.14 -17.07 -28.02
N SER G 123 -18.96 11.68 -18.43
CA SER G 123 -18.97 11.38 -19.86
C SER G 123 -20.38 11.52 -20.43
N GLU G 124 -20.94 12.72 -20.34
CA GLU G 124 -22.29 12.95 -20.86
C GLU G 124 -22.33 13.00 -22.38
N VAL G 125 -21.18 13.21 -23.04
CA VAL G 125 -21.14 13.23 -24.49
C VAL G 125 -21.28 11.81 -25.02
N GLN G 126 -22.34 11.58 -25.81
CA GLN G 126 -22.59 10.26 -26.36
C GLN G 126 -23.43 10.40 -27.62
N LEU G 127 -23.05 9.66 -28.66
CA LEU G 127 -23.76 9.71 -29.94
C LEU G 127 -23.80 8.30 -30.52
N VAL G 128 -24.99 7.88 -30.96
CA VAL G 128 -25.19 6.54 -31.49
C VAL G 128 -25.57 6.64 -32.97
N GLU G 129 -25.63 5.48 -33.63
CA GLU G 129 -25.98 5.39 -35.03
C GLU G 129 -27.07 4.35 -35.22
N SER G 130 -27.58 4.27 -36.45
CA SER G 130 -28.63 3.32 -36.79
C SER G 130 -28.61 3.07 -38.28
N GLY G 131 -29.27 1.98 -38.69
CA GLY G 131 -29.34 1.63 -40.10
C GLY G 131 -28.30 0.63 -40.53
N GLY G 132 -28.74 -0.49 -41.09
CA GLY G 132 -27.80 -1.50 -41.54
C GLY G 132 -28.54 -2.71 -42.08
N GLY G 133 -27.76 -3.75 -42.39
CA GLY G 133 -28.32 -4.97 -42.93
C GLY G 133 -27.87 -5.28 -44.34
N LEU G 134 -28.69 -6.00 -45.10
CA LEU G 134 -28.35 -6.32 -46.47
C LEU G 134 -28.35 -5.08 -47.34
N VAL G 135 -27.50 -5.08 -48.37
CA VAL G 135 -27.36 -3.92 -49.24
C VAL G 135 -27.51 -4.27 -50.72
N LYS G 136 -27.38 -5.53 -51.13
CA LYS G 136 -27.50 -5.85 -52.55
C LYS G 136 -28.89 -5.55 -53.11
N PRO G 137 -29.99 -5.95 -52.47
CA PRO G 137 -31.31 -5.51 -52.95
C PRO G 137 -31.58 -4.08 -52.49
N GLY G 138 -31.94 -3.21 -53.44
CA GLY G 138 -32.21 -1.83 -53.11
C GLY G 138 -30.95 -1.06 -52.72
N ARG G 139 -30.08 -0.82 -53.69
CA ARG G 139 -28.79 -0.17 -53.42
C ARG G 139 -28.99 1.31 -53.08
N SER G 140 -29.64 1.59 -51.96
CA SER G 140 -29.84 2.96 -51.50
C SER G 140 -30.02 2.92 -49.99
N LEU G 141 -28.99 3.28 -49.25
CA LEU G 141 -29.00 3.29 -47.79
C LEU G 141 -29.05 4.73 -47.29
N ARG G 142 -29.45 4.87 -46.01
CA ARG G 142 -29.52 6.17 -45.37
C ARG G 142 -29.32 5.94 -43.88
N LEU G 143 -28.10 6.17 -43.39
CA LEU G 143 -27.78 5.98 -41.99
C LEU G 143 -28.08 7.25 -41.20
N SER G 144 -27.87 7.17 -39.88
CA SER G 144 -28.15 8.29 -39.00
C SER G 144 -27.04 8.40 -37.96
N CYS G 145 -26.90 9.60 -37.39
CA CYS G 145 -25.91 9.87 -36.35
C CYS G 145 -26.53 10.91 -35.41
N THR G 146 -27.16 10.43 -34.35
CA THR G 146 -27.86 11.27 -33.39
C THR G 146 -27.03 11.43 -32.12
N ALA G 147 -26.80 12.68 -31.73
CA ALA G 147 -26.03 12.99 -30.53
C ALA G 147 -26.94 13.59 -29.47
N SER G 148 -26.60 13.33 -28.20
CA SER G 148 -27.35 13.86 -27.07
C SER G 148 -26.45 14.55 -26.05
N GLY G 149 -25.18 14.77 -26.38
CA GLY G 149 -24.25 15.41 -25.47
C GLY G 149 -23.97 16.86 -25.82
N PHE G 150 -22.86 17.10 -26.50
CA PHE G 150 -22.48 18.45 -26.90
C PHE G 150 -23.57 19.10 -27.75
N THR G 151 -23.57 20.43 -27.74
CA THR G 151 -24.56 21.20 -28.51
C THR G 151 -24.28 21.04 -29.99
N PHE G 152 -25.16 20.34 -30.70
CA PHE G 152 -24.99 20.12 -32.13
C PHE G 152 -25.27 21.40 -32.90
N GLY G 153 -24.34 21.80 -33.75
CA GLY G 153 -24.50 23.00 -34.54
C GLY G 153 -23.23 23.82 -34.62
N ASP G 154 -22.40 23.75 -33.58
CA ASP G 154 -21.13 24.48 -33.53
C ASP G 154 -19.93 23.59 -33.83
N TYR G 155 -20.16 22.33 -34.22
CA TYR G 155 -19.09 21.40 -34.53
C TYR G 155 -19.39 20.70 -35.85
N ALA G 156 -18.33 20.38 -36.59
CA ALA G 156 -18.45 19.67 -37.85
C ALA G 156 -18.45 18.17 -37.59
N MET G 157 -19.05 17.43 -38.53
CA MET G 157 -19.20 15.98 -38.42
C MET G 157 -18.34 15.31 -39.48
N SER G 158 -17.42 14.46 -39.06
CA SER G 158 -16.57 13.69 -39.94
C SER G 158 -16.95 12.22 -39.88
N TRP G 159 -16.73 11.51 -40.99
CA TRP G 159 -17.08 10.10 -41.12
C TRP G 159 -15.85 9.28 -41.46
N PHE G 160 -15.74 8.12 -40.83
CA PHE G 160 -14.64 7.20 -41.08
C PHE G 160 -15.18 5.77 -41.12
N ARG G 161 -14.71 5.00 -42.09
CA ARG G 161 -15.11 3.61 -42.24
C ARG G 161 -13.96 2.68 -41.85
N GLN G 162 -14.31 1.49 -41.40
CA GLN G 162 -13.33 0.50 -40.93
C GLN G 162 -13.60 -0.82 -41.65
N ALA G 163 -12.76 -1.13 -42.65
CA ALA G 163 -12.90 -2.39 -43.35
C ALA G 163 -12.37 -3.54 -42.49
N PRO G 164 -12.97 -4.72 -42.62
CA PRO G 164 -12.52 -5.87 -41.81
C PRO G 164 -11.09 -6.26 -42.15
N GLY G 165 -10.21 -6.12 -41.15
CA GLY G 165 -8.81 -6.49 -41.34
C GLY G 165 -8.04 -5.58 -42.26
N LYS G 166 -8.44 -4.32 -42.39
CA LYS G 166 -7.74 -3.38 -43.24
C LYS G 166 -7.41 -2.09 -42.49
N GLY G 167 -8.26 -1.73 -41.53
CA GLY G 167 -8.06 -0.54 -40.74
C GLY G 167 -9.08 0.54 -41.09
N LEU G 168 -8.83 1.73 -40.54
CA LEU G 168 -9.71 2.87 -40.77
C LEU G 168 -9.45 3.48 -42.15
N GLU G 169 -10.47 4.16 -42.67
CA GLU G 169 -10.38 4.78 -43.97
C GLU G 169 -11.22 6.04 -43.99
N TRP G 170 -10.82 7.00 -44.83
CA TRP G 170 -11.50 8.28 -44.93
C TRP G 170 -12.76 8.17 -45.78
N VAL G 171 -13.80 8.88 -45.36
CA VAL G 171 -15.07 8.89 -46.08
C VAL G 171 -15.39 10.31 -46.51
N GLY G 172 -15.53 11.22 -45.55
CA GLY G 172 -15.87 12.59 -45.85
C GLY G 172 -16.30 13.33 -44.60
N PHE G 173 -16.64 14.59 -44.79
CA PHE G 173 -17.06 15.44 -43.68
C PHE G 173 -17.89 16.60 -44.23
N ILE G 174 -18.65 17.22 -43.34
CA ILE G 174 -19.45 18.40 -43.65
C ILE G 174 -19.01 19.52 -42.72
N ARG G 175 -18.62 20.66 -43.31
CA ARG G 175 -18.16 21.79 -42.52
C ARG G 175 -19.30 22.35 -41.68
N SER G 176 -18.93 23.08 -40.62
CA SER G 176 -19.91 23.66 -39.72
C SER G 176 -20.68 24.78 -40.42
N LYS G 177 -21.80 25.18 -39.80
CA LYS G 177 -22.63 26.23 -40.38
C LYS G 177 -21.91 27.56 -40.43
N ALA G 178 -20.93 27.77 -39.53
CA ALA G 178 -20.21 29.03 -39.51
C ALA G 178 -19.25 29.15 -40.70
N TYR G 179 -18.44 28.11 -40.92
CA TYR G 179 -17.44 28.14 -41.98
C TYR G 179 -17.97 27.54 -43.29
N GLY G 180 -19.11 28.03 -43.74
CA GLY G 180 -19.68 27.61 -45.00
C GLY G 180 -20.30 26.23 -44.97
N GLY G 181 -21.35 26.03 -45.78
CA GLY G 181 -22.02 24.75 -45.85
C GLY G 181 -21.55 23.89 -47.00
N THR G 182 -20.27 23.99 -47.35
CA THR G 182 -19.72 23.23 -48.45
C THR G 182 -19.42 21.79 -48.02
N THR G 183 -18.88 21.00 -48.94
CA THR G 183 -18.55 19.61 -48.68
C THR G 183 -17.28 19.25 -49.42
N GLU G 184 -16.68 18.13 -49.00
CA GLU G 184 -15.45 17.65 -49.63
C GLU G 184 -15.34 16.15 -49.36
N TYR G 185 -15.39 15.36 -50.41
CA TYR G 185 -15.30 13.91 -50.30
C TYR G 185 -13.93 13.43 -50.76
N ALA G 186 -13.74 12.11 -50.75
CA ALA G 186 -12.49 11.50 -51.16
C ALA G 186 -12.52 11.23 -52.67
N ALA G 187 -11.52 10.49 -53.16
CA ALA G 187 -11.44 10.16 -54.58
C ALA G 187 -12.25 8.93 -54.94
N SER G 188 -12.38 7.97 -54.01
CA SER G 188 -13.12 6.74 -54.27
C SER G 188 -14.60 6.86 -53.93
N VAL G 189 -15.02 7.96 -53.31
CA VAL G 189 -16.41 8.18 -52.94
C VAL G 189 -16.98 9.44 -53.59
N LYS G 190 -16.26 10.03 -54.54
CA LYS G 190 -16.74 11.24 -55.20
C LYS G 190 -17.86 10.88 -56.18
N GLY G 191 -18.99 11.57 -56.06
CA GLY G 191 -20.13 11.32 -56.91
C GLY G 191 -20.98 10.13 -56.51
N ARG G 192 -20.65 9.44 -55.42
CA ARG G 192 -21.40 8.28 -54.96
C ARG G 192 -22.07 8.51 -53.62
N PHE G 193 -21.35 9.03 -52.64
CA PHE G 193 -21.87 9.26 -51.30
C PHE G 193 -22.07 10.76 -51.08
N THR G 194 -23.29 11.13 -50.67
CA THR G 194 -23.62 12.51 -50.35
C THR G 194 -24.03 12.60 -48.89
N ILE G 195 -23.38 13.50 -48.15
CA ILE G 195 -23.62 13.67 -46.72
C ILE G 195 -24.35 14.98 -46.49
N SER G 196 -25.38 14.93 -45.65
CA SER G 196 -26.17 16.11 -45.32
C SER G 196 -26.42 16.12 -43.82
N ARG G 197 -26.65 17.32 -43.28
CA ARG G 197 -26.87 17.51 -41.86
C ARG G 197 -28.30 17.99 -41.60
N ASP G 198 -28.75 17.79 -40.37
CA ASP G 198 -30.09 18.14 -39.91
C ASP G 198 -30.01 18.87 -38.58
N ASP G 199 -29.14 19.88 -38.51
CA ASP G 199 -28.90 20.63 -37.27
C ASP G 199 -30.18 21.11 -36.60
N SER G 200 -31.28 21.25 -37.35
CA SER G 200 -32.55 21.58 -36.71
C SER G 200 -33.03 20.46 -35.80
N LYS G 201 -32.65 19.22 -36.10
CA LYS G 201 -32.99 18.07 -35.29
C LYS G 201 -31.78 17.42 -34.63
N SER G 202 -30.58 17.97 -34.83
CA SER G 202 -29.35 17.45 -34.23
C SER G 202 -29.12 15.99 -34.59
N ILE G 203 -29.28 15.69 -35.88
CA ILE G 203 -29.06 14.35 -36.42
C ILE G 203 -28.27 14.47 -37.71
N ALA G 204 -27.25 13.62 -37.85
CA ALA G 204 -26.41 13.60 -39.06
C ALA G 204 -26.73 12.37 -39.87
N TYR G 205 -26.97 12.56 -41.17
CA TYR G 205 -27.32 11.49 -42.09
C TYR G 205 -26.18 11.26 -43.09
N LEU G 206 -26.34 10.20 -43.88
CA LEU G 206 -25.34 9.86 -44.89
C LEU G 206 -26.02 9.01 -45.96
N GLN G 207 -26.14 9.55 -47.17
CA GLN G 207 -26.71 8.82 -48.28
C GLN G 207 -25.66 7.90 -48.89
N MET G 208 -26.08 6.69 -49.26
CA MET G 208 -25.18 5.66 -49.77
C MET G 208 -25.67 5.11 -51.10
N ASN G 209 -26.01 6.02 -52.02
CA ASN G 209 -26.41 5.61 -53.35
C ASN G 209 -25.22 5.03 -54.12
N SER G 210 -25.52 4.16 -55.08
CA SER G 210 -24.53 3.48 -55.90
C SER G 210 -23.54 2.70 -55.04
N LEU G 211 -24.08 1.73 -54.32
CA LEU G 211 -23.29 0.91 -53.41
C LEU G 211 -22.70 -0.29 -54.16
N LYS G 212 -21.47 -0.65 -53.80
CA LYS G 212 -20.76 -1.76 -54.40
C LYS G 212 -20.46 -2.82 -53.34
N THR G 213 -19.70 -3.83 -53.74
CA THR G 213 -19.35 -4.92 -52.82
C THR G 213 -18.19 -4.56 -51.91
N GLU G 214 -17.36 -3.58 -52.28
CA GLU G 214 -16.21 -3.21 -51.45
C GLU G 214 -16.58 -2.26 -50.33
N ASP G 215 -17.75 -1.63 -50.39
CA ASP G 215 -18.17 -0.67 -49.36
C ASP G 215 -19.03 -1.36 -48.30
N THR G 216 -18.42 -2.30 -47.59
CA THR G 216 -19.07 -3.05 -46.52
C THR G 216 -18.29 -2.89 -45.21
N ALA G 217 -17.88 -1.66 -44.91
CA ALA G 217 -17.09 -1.38 -43.74
C ALA G 217 -17.97 -0.89 -42.59
N VAL G 218 -17.35 -0.59 -41.45
CA VAL G 218 -18.04 -0.11 -40.26
C VAL G 218 -17.80 1.39 -40.16
N TYR G 219 -18.86 2.16 -40.36
CA TYR G 219 -18.76 3.62 -40.37
C TYR G 219 -18.88 4.19 -38.96
N TYR G 220 -18.24 5.33 -38.75
CA TYR G 220 -18.28 6.03 -37.48
C TYR G 220 -18.38 7.53 -37.73
N CYS G 221 -19.18 8.21 -36.90
CA CYS G 221 -19.29 9.66 -36.95
C CYS G 221 -18.67 10.26 -35.70
N THR G 222 -17.75 11.20 -35.89
CA THR G 222 -17.02 11.85 -34.80
C THR G 222 -17.16 13.36 -34.93
N ARG G 223 -16.60 14.07 -33.96
CA ARG G 223 -16.62 15.52 -33.97
C ARG G 223 -15.42 16.06 -34.75
N ASP G 224 -15.33 17.39 -34.83
CA ASP G 224 -14.25 18.06 -35.53
C ASP G 224 -13.84 19.29 -34.73
N ARG G 225 -13.08 20.18 -35.37
CA ARG G 225 -12.62 21.39 -34.70
C ARG G 225 -13.79 22.27 -34.30
N TYR G 226 -13.59 23.04 -33.23
CA TYR G 226 -14.63 23.94 -32.72
C TYR G 226 -14.73 25.16 -33.64
N ALA G 227 -15.93 25.41 -34.17
CA ALA G 227 -16.12 26.57 -35.01
C ALA G 227 -15.96 27.87 -34.24
N ARG G 228 -16.24 27.85 -32.94
CA ARG G 228 -16.08 29.03 -32.08
C ARG G 228 -14.72 28.95 -31.41
N TYR G 229 -13.74 29.68 -31.97
CA TYR G 229 -12.39 29.69 -31.45
C TYR G 229 -12.18 30.72 -30.34
N ASP G 230 -13.27 31.26 -29.79
CA ASP G 230 -13.13 32.25 -28.72
C ASP G 230 -12.61 31.62 -27.44
N ILE G 231 -13.17 30.48 -27.05
CA ILE G 231 -12.73 29.80 -25.83
C ILE G 231 -11.37 29.15 -26.01
N LEU G 232 -10.96 28.85 -27.25
CA LEU G 232 -9.68 28.23 -27.51
C LEU G 232 -8.50 29.20 -27.42
N THR G 233 -8.75 30.47 -27.08
CA THR G 233 -7.68 31.45 -26.97
C THR G 233 -7.04 31.43 -25.59
N GLY G 234 -7.84 31.66 -24.54
CA GLY G 234 -7.31 31.64 -23.19
C GLY G 234 -6.99 30.24 -22.69
N LEU G 235 -7.70 29.23 -23.20
CA LEU G 235 -7.48 27.85 -22.80
C LEU G 235 -6.29 27.28 -23.57
N SER G 236 -5.32 26.73 -22.84
CA SER G 236 -4.14 26.16 -23.46
C SER G 236 -4.41 24.72 -23.88
N PRO G 237 -3.99 24.31 -25.09
CA PRO G 237 -4.21 22.94 -25.57
C PRO G 237 -3.32 21.89 -24.89
N ALA G 238 -3.35 21.89 -23.56
CA ALA G 238 -2.56 20.94 -22.79
C ALA G 238 -3.30 20.36 -21.59
N GLY G 239 -4.57 20.68 -21.40
CA GLY G 239 -5.32 20.18 -20.27
C GLY G 239 -6.57 19.41 -20.67
N ALA G 240 -7.41 19.07 -19.69
CA ALA G 240 -8.63 18.34 -19.97
C ALA G 240 -9.70 19.22 -20.61
N ASP G 241 -9.63 20.53 -20.42
CA ASP G 241 -10.64 21.42 -20.99
C ASP G 241 -10.56 21.43 -22.51
N TYR G 242 -9.35 21.49 -23.07
CA TYR G 242 -9.20 21.47 -24.52
C TYR G 242 -9.62 20.13 -25.10
N PHE G 243 -9.41 19.04 -24.37
CA PHE G 243 -9.83 17.73 -24.85
C PHE G 243 -11.34 17.53 -24.71
N TYR G 244 -11.98 18.24 -23.79
CA TYR G 244 -13.42 18.10 -23.58
C TYR G 244 -14.22 19.01 -24.49
N TYR G 245 -13.74 20.23 -24.75
CA TYR G 245 -14.49 21.18 -25.57
C TYR G 245 -14.26 20.99 -27.07
N ALA G 246 -13.01 21.07 -27.50
CA ALA G 246 -12.66 21.01 -28.93
C ALA G 246 -11.82 19.76 -29.18
N MET G 247 -12.49 18.65 -29.46
CA MET G 247 -11.83 17.39 -29.78
C MET G 247 -12.86 16.42 -30.33
N ASP G 248 -12.38 15.47 -31.14
CA ASP G 248 -13.26 14.47 -31.74
C ASP G 248 -13.59 13.38 -30.72
N VAL G 249 -14.81 12.86 -30.80
CA VAL G 249 -15.30 11.81 -29.91
C VAL G 249 -15.84 10.69 -30.77
N TRP G 250 -15.32 9.48 -30.57
CA TRP G 250 -15.75 8.32 -31.34
C TRP G 250 -17.05 7.75 -30.75
N GLY G 251 -17.85 7.14 -31.62
CA GLY G 251 -19.09 6.53 -31.21
C GLY G 251 -19.24 5.09 -31.66
N GLN G 252 -20.47 4.62 -31.77
CA GLN G 252 -20.72 3.25 -32.21
C GLN G 252 -20.70 3.16 -33.73
N GLY G 253 -20.78 1.93 -34.23
CA GLY G 253 -20.77 1.69 -35.66
C GLY G 253 -21.71 0.59 -36.10
N THR G 254 -22.29 0.74 -37.28
CA THR G 254 -23.22 -0.25 -37.81
C THR G 254 -22.47 -1.24 -38.70
N THR G 255 -23.22 -2.19 -39.26
CA THR G 255 -22.66 -3.23 -40.12
C THR G 255 -23.36 -3.22 -41.47
N VAL G 256 -22.59 -3.47 -42.53
CA VAL G 256 -23.10 -3.52 -43.89
C VAL G 256 -22.81 -4.90 -44.45
N THR G 257 -23.85 -5.60 -44.88
CA THR G 257 -23.74 -6.94 -45.42
C THR G 257 -24.11 -6.94 -46.89
N VAL G 258 -23.29 -7.62 -47.70
CA VAL G 258 -23.51 -7.71 -49.14
C VAL G 258 -23.58 -9.18 -49.53
N SER G 259 -24.27 -9.44 -50.63
CA SER G 259 -24.44 -10.80 -51.14
C SER G 259 -24.51 -10.73 -52.67
N SER G 260 -24.93 -11.84 -53.28
CA SER G 260 -25.03 -11.92 -54.73
C SER G 260 -26.46 -11.68 -55.18
N VAL H 3 -3.41 73.99 20.84
CA VAL H 3 -2.75 74.79 21.86
C VAL H 3 -3.76 75.72 22.55
N LEU H 4 -3.74 75.71 23.88
CA LEU H 4 -4.63 76.53 24.69
C LEU H 4 -3.83 77.66 25.32
N THR H 5 -4.16 78.89 24.93
CA THR H 5 -3.48 80.06 25.48
C THR H 5 -3.88 80.26 26.94
N GLN H 6 -2.88 80.34 27.83
CA GLN H 6 -3.12 80.49 29.24
C GLN H 6 -1.97 81.29 29.85
N PRO H 7 -2.26 82.23 30.74
CA PRO H 7 -1.18 82.97 31.39
C PRO H 7 -0.30 82.04 32.20
N PRO H 8 1.01 82.31 32.27
CA PRO H 8 1.89 81.39 32.98
C PRO H 8 1.73 81.45 34.49
N SER H 9 1.46 82.63 35.05
CA SER H 9 1.32 82.78 36.49
C SER H 9 0.49 84.02 36.79
N ALA H 10 -0.37 83.91 37.81
CA ALA H 10 -1.21 85.00 38.25
C ALA H 10 -0.96 85.27 39.74
N SER H 11 -1.58 86.33 40.23
CA SER H 11 -1.44 86.73 41.63
C SER H 11 -2.79 87.16 42.18
N GLY H 12 -2.89 87.17 43.50
CA GLY H 12 -4.12 87.55 44.16
C GLY H 12 -4.00 87.64 45.67
N THR H 13 -4.80 88.51 46.30
CA THR H 13 -4.78 88.70 47.74
C THR H 13 -5.92 87.93 48.39
N PRO H 14 -5.72 87.44 49.63
CA PRO H 14 -6.79 86.71 50.30
C PRO H 14 -7.97 87.60 50.67
N GLY H 15 -9.10 87.37 50.03
CA GLY H 15 -10.28 88.17 50.27
C GLY H 15 -10.90 88.71 48.99
N GLN H 16 -10.14 88.66 47.90
CA GLN H 16 -10.60 89.13 46.60
C GLN H 16 -10.76 87.95 45.66
N ARG H 17 -11.59 88.16 44.63
CA ARG H 17 -11.87 87.13 43.62
C ARG H 17 -11.05 87.42 42.37
N VAL H 18 -10.35 86.40 41.88
CA VAL H 18 -9.53 86.51 40.69
C VAL H 18 -10.12 85.64 39.59
N THR H 19 -9.70 85.90 38.36
CA THR H 19 -10.16 85.16 37.19
C THR H 19 -8.97 84.55 36.47
N ILE H 20 -9.17 83.35 35.93
CA ILE H 20 -8.15 82.63 35.18
C ILE H 20 -8.74 82.26 33.83
N SER H 21 -8.30 82.96 32.79
CA SER H 21 -8.82 82.74 31.44
C SER H 21 -7.94 81.74 30.69
N CYS H 22 -8.58 80.98 29.80
CA CYS H 22 -7.88 80.00 28.96
C CYS H 22 -8.61 79.94 27.62
N SER H 23 -8.11 80.69 26.65
CA SER H 23 -8.74 80.77 25.33
C SER H 23 -8.21 79.67 24.43
N GLY H 24 -8.89 79.49 23.30
CA GLY H 24 -8.49 78.48 22.34
C GLY H 24 -9.23 78.68 21.03
N SER H 25 -8.95 77.79 20.09
CA SER H 25 -9.60 77.85 18.79
C SER H 25 -11.04 77.37 18.88
N SER H 26 -11.80 77.61 17.81
CA SER H 26 -13.19 77.23 17.74
C SER H 26 -13.39 75.75 17.42
N SER H 27 -12.31 74.97 17.37
CA SER H 27 -12.41 73.55 17.07
C SER H 27 -12.34 72.65 18.30
N ASN H 28 -11.87 73.18 19.44
CA ASN H 28 -11.75 72.40 20.66
C ASN H 28 -12.54 72.98 21.82
N ILE H 29 -12.59 74.30 21.95
CA ILE H 29 -13.35 74.92 23.04
C ILE H 29 -14.75 75.31 22.58
N GLY H 30 -14.86 75.89 21.37
CA GLY H 30 -16.17 76.31 20.88
C GLY H 30 -17.12 75.18 20.56
N SER H 31 -16.61 73.97 20.36
CA SER H 31 -17.43 72.81 20.05
C SER H 31 -17.51 71.80 21.18
N ASN H 32 -16.72 71.95 22.23
CA ASN H 32 -16.72 71.00 23.33
C ASN H 32 -16.77 71.73 24.68
N THR H 33 -16.61 70.99 25.77
CA THR H 33 -16.62 71.54 27.11
C THR H 33 -15.20 71.67 27.65
N VAL H 34 -15.01 72.65 28.53
CA VAL H 34 -13.71 72.92 29.15
C VAL H 34 -13.71 72.36 30.56
N ASN H 35 -12.63 71.67 30.93
CA ASN H 35 -12.49 71.07 32.24
C ASN H 35 -11.29 71.69 32.95
N TRP H 36 -11.51 72.22 34.14
CA TRP H 36 -10.47 72.83 34.94
C TRP H 36 -9.92 71.83 35.96
N TYR H 37 -8.63 71.93 36.23
CA TYR H 37 -7.96 71.03 37.16
C TYR H 37 -7.06 71.84 38.08
N GLN H 38 -6.72 71.25 39.22
CA GLN H 38 -5.82 71.86 40.19
C GLN H 38 -4.91 70.79 40.77
N GLN H 39 -3.61 71.02 40.72
CA GLN H 39 -2.61 70.07 41.18
C GLN H 39 -1.69 70.76 42.18
N LEU H 40 -1.81 70.39 43.45
CA LEU H 40 -0.91 70.93 44.47
C LEU H 40 0.50 70.41 44.23
N PRO H 41 1.52 71.18 44.63
CA PRO H 41 2.91 70.74 44.43
C PRO H 41 3.19 69.46 45.21
N GLY H 42 3.48 68.39 44.47
CA GLY H 42 3.79 67.11 45.07
C GLY H 42 2.64 66.14 45.19
N THR H 43 1.52 66.42 44.53
CA THR H 43 0.36 65.53 44.61
C THR H 43 -0.24 65.30 43.23
N ALA H 44 -1.43 64.67 43.17
CA ALA H 44 -2.12 64.38 41.93
C ALA H 44 -3.20 65.43 41.66
N PRO H 45 -3.47 65.75 40.40
CA PRO H 45 -4.51 66.73 40.08
C PRO H 45 -5.90 66.21 40.43
N LYS H 46 -6.88 67.08 40.25
CA LYS H 46 -8.27 66.75 40.53
C LYS H 46 -9.17 67.66 39.70
N LEU H 47 -10.33 67.14 39.33
CA LEU H 47 -11.28 67.91 38.52
C LEU H 47 -12.04 68.89 39.40
N LEU H 48 -12.18 70.12 38.92
CA LEU H 48 -12.87 71.18 39.65
C LEU H 48 -14.17 71.59 39.00
N ILE H 49 -14.16 71.94 37.71
CA ILE H 49 -15.34 72.35 36.99
C ILE H 49 -15.44 71.53 35.71
N TYR H 50 -16.56 70.83 35.54
CA TYR H 50 -16.84 70.06 34.34
C TYR H 50 -18.14 70.53 33.73
N SER H 51 -18.25 70.37 32.41
CA SER H 51 -19.40 70.81 31.61
C SER H 51 -19.60 72.33 31.68
N ASN H 52 -18.59 73.06 32.17
CA ASN H 52 -18.59 74.52 32.23
C ASN H 52 -19.64 75.08 33.18
N ASN H 53 -20.52 74.24 33.71
CA ASN H 53 -21.55 74.71 34.62
C ASN H 53 -21.76 73.82 35.83
N GLN H 54 -21.04 72.71 35.96
CA GLN H 54 -21.21 71.78 37.06
C GLN H 54 -19.90 71.60 37.83
N ARG H 55 -20.02 71.18 39.09
CA ARG H 55 -18.89 70.91 39.95
C ARG H 55 -19.19 69.65 40.76
N PRO H 56 -18.17 68.82 41.04
CA PRO H 56 -18.41 67.61 41.83
C PRO H 56 -18.70 67.93 43.29
N SER H 57 -19.02 66.89 44.07
CA SER H 57 -19.32 67.09 45.49
C SER H 57 -18.07 67.42 46.29
N GLY H 58 -16.90 66.99 45.82
CA GLY H 58 -15.68 67.27 46.55
C GLY H 58 -15.27 68.74 46.48
N VAL H 59 -15.48 69.36 45.32
CA VAL H 59 -15.13 70.77 45.12
C VAL H 59 -16.27 71.64 45.63
N PRO H 60 -16.01 72.58 46.53
CA PRO H 60 -17.09 73.45 47.03
C PRO H 60 -17.59 74.39 45.96
N ASP H 61 -18.62 75.14 46.31
CA ASP H 61 -19.23 76.12 45.41
C ASP H 61 -18.47 77.43 45.35
N ARG H 62 -17.31 77.52 46.01
CA ARG H 62 -16.53 78.75 45.99
C ARG H 62 -15.85 79.00 44.66
N PHE H 63 -15.76 77.99 43.80
CA PHE H 63 -15.16 78.13 42.48
C PHE H 63 -16.25 78.37 41.43
N SER H 64 -15.97 79.26 40.50
CA SER H 64 -16.90 79.60 39.43
C SER H 64 -16.22 79.42 38.08
N GLY H 65 -17.00 78.98 37.10
CA GLY H 65 -16.49 78.77 35.76
C GLY H 65 -17.54 79.05 34.72
N SER H 66 -17.10 79.48 33.56
CA SER H 66 -18.01 79.79 32.46
C SER H 66 -17.25 79.74 31.15
N LYS H 67 -17.96 79.39 30.07
CA LYS H 67 -17.39 79.30 28.73
C LYS H 67 -18.21 80.19 27.81
N SER H 68 -17.61 81.30 27.38
CA SER H 68 -18.28 82.28 26.50
C SER H 68 -17.65 82.17 25.13
N GLY H 69 -18.38 81.56 24.19
CA GLY H 69 -17.91 81.43 22.83
C GLY H 69 -16.79 80.43 22.66
N THR H 70 -15.58 80.92 22.36
CA THR H 70 -14.41 80.08 22.16
C THR H 70 -13.38 80.27 23.27
N SER H 71 -13.79 80.79 24.43
CA SER H 71 -12.89 81.01 25.54
C SER H 71 -13.58 80.64 26.84
N ALA H 72 -12.78 80.34 27.85
CA ALA H 72 -13.27 79.97 29.18
C ALA H 72 -12.65 80.86 30.23
N SER H 73 -13.25 80.84 31.42
CA SER H 73 -12.78 81.66 32.53
C SER H 73 -12.97 80.89 33.83
N LEU H 74 -11.96 80.93 34.70
CA LEU H 74 -12.00 80.25 36.00
C LEU H 74 -11.96 81.32 37.09
N ALA H 75 -13.09 81.52 37.74
CA ALA H 75 -13.21 82.51 38.81
C ALA H 75 -13.15 81.82 40.17
N ILE H 76 -12.25 82.28 41.02
CA ILE H 76 -12.06 81.73 42.36
C ILE H 76 -12.49 82.81 43.34
N SER H 77 -13.72 82.74 43.83
CA SER H 77 -14.24 83.72 44.76
C SER H 77 -13.72 83.42 46.16
N GLY H 78 -13.05 84.39 46.77
CA GLY H 78 -12.53 84.23 48.11
C GLY H 78 -11.42 83.20 48.22
N LEU H 79 -10.28 83.49 47.58
CA LEU H 79 -9.16 82.56 47.63
C LEU H 79 -8.52 82.57 49.02
N GLN H 80 -8.09 81.40 49.47
CA GLN H 80 -7.48 81.22 50.77
C GLN H 80 -5.97 80.97 50.60
N SER H 81 -5.31 80.73 51.73
CA SER H 81 -3.87 80.47 51.71
C SER H 81 -3.54 79.11 51.12
N GLU H 82 -4.51 78.20 51.04
CA GLU H 82 -4.30 76.87 50.49
C GLU H 82 -4.53 76.82 48.98
N ASP H 83 -4.95 77.92 48.37
CA ASP H 83 -5.19 77.97 46.92
C ASP H 83 -3.94 78.41 46.16
N GLU H 84 -2.83 77.70 46.40
CA GLU H 84 -1.55 77.98 45.74
C GLU H 84 -1.14 76.72 44.99
N ALA H 85 -1.50 76.67 43.70
CA ALA H 85 -1.20 75.52 42.86
C ALA H 85 -1.23 75.98 41.41
N ASP H 86 -1.22 75.02 40.48
CA ASP H 86 -1.26 75.28 39.05
C ASP H 86 -2.59 74.79 38.49
N TYR H 87 -3.24 75.65 37.70
CA TYR H 87 -4.54 75.34 37.12
C TYR H 87 -4.37 75.11 35.62
N TYR H 88 -4.91 74.00 35.14
CA TYR H 88 -4.84 73.63 33.74
C TYR H 88 -6.24 73.46 33.16
N CYS H 89 -6.40 73.84 31.90
CA CYS H 89 -7.64 73.66 31.16
C CYS H 89 -7.53 72.46 30.24
N ALA H 90 -8.68 71.87 29.93
CA ALA H 90 -8.75 70.66 29.12
C ALA H 90 -9.82 70.81 28.06
N ALA H 91 -9.50 70.37 26.84
CA ALA H 91 -10.45 70.42 25.74
C ALA H 91 -10.12 69.30 24.75
N TRP H 92 -11.16 68.70 24.19
CA TRP H 92 -11.04 67.61 23.24
C TRP H 92 -11.33 68.15 21.84
N ASP H 93 -10.29 68.30 21.03
CA ASP H 93 -10.45 68.79 19.68
C ASP H 93 -11.07 67.71 18.79
N ASP H 94 -11.63 68.15 17.66
CA ASP H 94 -12.26 67.22 16.72
C ASP H 94 -11.24 66.36 15.98
N SER H 95 -9.94 66.65 16.10
CA SER H 95 -8.90 65.87 15.47
C SER H 95 -8.45 64.69 16.32
N LEU H 96 -9.28 64.26 17.26
CA LEU H 96 -9.00 63.11 18.14
C LEU H 96 -7.70 63.33 18.92
N ASN H 97 -7.71 64.36 19.76
CA ASN H 97 -6.56 64.67 20.60
C ASN H 97 -7.03 65.46 21.81
N TRP H 98 -6.38 65.22 22.94
CA TRP H 98 -6.67 65.91 24.20
C TRP H 98 -5.57 66.94 24.44
N VAL H 99 -5.89 68.21 24.24
CA VAL H 99 -4.93 69.30 24.40
C VAL H 99 -5.15 69.96 25.75
N PHE H 100 -4.06 70.19 26.48
CA PHE H 100 -4.10 70.85 27.77
C PHE H 100 -3.74 72.33 27.62
N GLY H 101 -3.72 73.04 28.74
CA GLY H 101 -3.38 74.45 28.74
C GLY H 101 -1.91 74.70 28.95
N GLY H 102 -1.58 75.75 29.69
CA GLY H 102 -0.20 76.09 29.97
C GLY H 102 0.13 76.10 31.45
N GLY H 103 -0.89 76.28 32.29
CA GLY H 103 -0.70 76.29 33.72
C GLY H 103 -0.63 77.69 34.30
N THR H 104 -1.44 77.96 35.33
CA THR H 104 -1.48 79.25 36.00
C THR H 104 -0.97 79.08 37.41
N LYS H 105 0.25 79.55 37.68
CA LYS H 105 0.85 79.46 39.01
C LYS H 105 0.28 80.54 39.89
N LEU H 106 -0.85 80.25 40.53
CA LEU H 106 -1.50 81.20 41.41
C LEU H 106 -0.70 81.32 42.70
N THR H 107 -0.16 82.51 42.96
CA THR H 107 0.64 82.77 44.15
C THR H 107 -0.09 83.79 45.01
N VAL H 108 -0.51 83.37 46.20
CA VAL H 108 -1.21 84.26 47.11
C VAL H 108 -0.23 85.23 47.76
N LEU H 109 -0.73 86.39 48.15
CA LEU H 109 0.07 87.42 48.80
C LEU H 109 -0.20 87.52 50.29
N GLY H 110 -0.71 86.45 50.90
CA GLY H 110 -1.00 86.45 52.32
C GLY H 110 -0.19 85.43 53.09
N GLU H 125 -12.98 52.79 49.04
CA GLU H 125 -12.89 54.03 48.28
C GLU H 125 -12.23 53.80 46.93
N VAL H 126 -12.41 54.74 46.01
CA VAL H 126 -11.86 54.64 44.67
C VAL H 126 -10.36 54.91 44.73
N GLN H 127 -9.56 53.92 44.35
CA GLN H 127 -8.10 54.02 44.36
C GLN H 127 -7.55 53.51 43.04
N LEU H 128 -6.72 54.32 42.39
CA LEU H 128 -6.07 53.96 41.14
C LEU H 128 -4.56 53.92 41.38
N VAL H 129 -4.02 52.73 41.60
CA VAL H 129 -2.60 52.52 41.86
C VAL H 129 -1.97 51.89 40.63
N GLU H 130 -0.85 52.48 40.19
CA GLU H 130 -0.12 51.97 39.03
C GLU H 130 1.34 51.78 39.40
N SER H 131 1.99 50.83 38.73
CA SER H 131 3.38 50.49 38.98
C SER H 131 4.12 50.40 37.65
N GLY H 132 5.40 50.06 37.73
CA GLY H 132 6.21 49.95 36.53
C GLY H 132 7.22 51.07 36.38
N GLY H 133 8.47 50.80 36.70
CA GLY H 133 9.49 51.82 36.59
C GLY H 133 10.88 51.22 36.65
N GLY H 134 11.86 52.08 36.91
CA GLY H 134 13.24 51.66 37.01
C GLY H 134 13.99 51.88 35.70
N VAL H 135 14.61 50.82 35.19
CA VAL H 135 15.33 50.91 33.92
C VAL H 135 14.33 51.10 32.80
N VAL H 136 14.44 52.21 32.08
CA VAL H 136 13.52 52.48 30.97
C VAL H 136 14.01 51.85 29.67
N GLN H 137 15.34 51.75 29.49
CA GLN H 137 15.96 51.22 28.28
C GLN H 137 15.41 51.94 27.04
N PRO H 138 15.79 53.21 26.83
CA PRO H 138 15.26 53.94 25.66
C PRO H 138 15.71 53.33 24.35
N GLY H 139 14.92 52.38 23.85
CA GLY H 139 15.26 51.70 22.61
C GLY H 139 14.95 50.21 22.67
N GLY H 140 14.49 49.76 23.83
CA GLY H 140 14.08 48.38 23.99
C GLY H 140 12.59 48.21 24.20
N SER H 141 12.18 47.98 25.43
CA SER H 141 10.76 47.81 25.75
C SER H 141 10.56 48.05 27.24
N LEU H 142 9.33 48.45 27.58
CA LEU H 142 8.96 48.72 28.96
C LEU H 142 7.47 48.47 29.14
N ARG H 143 7.11 47.85 30.26
CA ARG H 143 5.73 47.51 30.57
C ARG H 143 5.21 48.43 31.67
N LEU H 144 4.00 48.94 31.47
CA LEU H 144 3.36 49.84 32.44
C LEU H 144 1.94 49.36 32.66
N SER H 145 1.59 49.08 33.91
CA SER H 145 0.27 48.60 34.27
C SER H 145 -0.36 49.53 35.31
N CYS H 146 -1.69 49.54 35.35
CA CYS H 146 -2.44 50.36 36.29
C CYS H 146 -3.59 49.53 36.85
N ALA H 147 -3.58 49.33 38.17
CA ALA H 147 -4.63 48.56 38.81
C ALA H 147 -5.89 49.41 38.97
N ALA H 148 -7.03 48.73 39.09
CA ALA H 148 -8.31 49.40 39.22
C ALA H 148 -9.29 48.47 39.92
N SER H 149 -9.87 48.96 41.02
CA SER H 149 -10.83 48.16 41.79
C SER H 149 -11.64 49.04 42.73
N GLY H 150 -12.96 48.89 42.70
CA GLY H 150 -13.84 49.60 43.60
C GLY H 150 -14.65 50.73 43.01
N PHE H 151 -14.66 50.90 41.68
CA PHE H 151 -15.43 51.97 41.06
C PHE H 151 -16.14 51.52 39.79
N ARG H 152 -16.44 50.22 39.65
CA ARG H 152 -17.12 49.67 38.48
C ARG H 152 -16.33 49.98 37.20
N PHE H 153 -15.14 49.36 37.14
CA PHE H 153 -14.22 49.59 36.03
C PHE H 153 -14.86 49.29 34.67
N ASP H 154 -15.83 48.36 34.63
CA ASP H 154 -16.46 48.00 33.37
C ASP H 154 -17.34 49.10 32.81
N ASP H 155 -17.67 50.11 33.60
CA ASP H 155 -18.54 51.20 33.14
C ASP H 155 -17.79 52.49 32.85
N HIS H 156 -16.69 52.76 33.55
CA HIS H 156 -15.94 53.99 33.38
C HIS H 156 -14.74 53.78 32.46
N ALA H 157 -14.40 54.82 31.71
CA ALA H 157 -13.27 54.78 30.80
C ALA H 157 -11.99 55.17 31.55
N MET H 158 -10.86 55.12 30.84
CA MET H 158 -9.57 55.43 31.40
C MET H 158 -8.82 56.39 30.49
N HIS H 159 -7.80 57.05 31.05
CA HIS H 159 -6.96 57.98 30.32
C HIS H 159 -5.51 57.77 30.73
N TRP H 160 -4.61 58.51 30.09
CA TRP H 160 -3.19 58.47 30.41
C TRP H 160 -2.64 59.88 30.23
N VAL H 161 -2.27 60.53 31.33
CA VAL H 161 -1.75 61.89 31.31
C VAL H 161 -0.38 61.87 31.96
N ARG H 162 0.64 62.26 31.21
CA ARG H 162 2.00 62.35 31.71
C ARG H 162 2.37 63.80 32.01
N GLN H 163 3.29 63.98 32.94
CA GLN H 163 3.72 65.31 33.37
C GLN H 163 5.22 65.28 33.59
N ALA H 164 5.96 66.02 32.75
CA ALA H 164 7.40 66.10 32.92
C ALA H 164 7.74 66.95 34.15
N PRO H 165 8.87 66.69 34.80
CA PRO H 165 9.27 67.50 35.95
C PRO H 165 9.52 68.96 35.58
N GLY H 166 8.67 69.85 36.09
CA GLY H 166 8.76 71.26 35.76
C GLY H 166 7.95 71.70 34.57
N LYS H 167 7.17 70.81 33.97
CA LYS H 167 6.35 71.12 32.81
C LYS H 167 4.88 70.88 33.15
N GLY H 168 4.02 71.02 32.15
CA GLY H 168 2.59 70.84 32.31
C GLY H 168 2.15 69.41 32.04
N LEU H 169 0.84 69.24 31.95
CA LEU H 169 0.25 67.94 31.69
C LEU H 169 0.22 67.64 30.20
N GLU H 170 0.41 66.37 29.86
CA GLU H 170 0.42 65.92 28.47
C GLU H 170 -0.36 64.63 28.36
N TRP H 171 -1.32 64.61 27.44
CA TRP H 171 -2.16 63.42 27.23
C TRP H 171 -1.41 62.40 26.39
N VAL H 172 -1.62 61.12 26.72
CA VAL H 172 -0.95 60.01 26.05
C VAL H 172 -1.92 59.21 25.18
N SER H 173 -2.94 58.63 25.78
CA SER H 173 -3.90 57.80 25.04
C SER H 173 -5.19 57.72 25.84
N VAL H 174 -6.21 57.15 25.20
CA VAL H 174 -7.52 57.00 25.82
C VAL H 174 -8.13 55.69 25.35
N ILE H 175 -8.87 55.02 26.23
CA ILE H 175 -9.54 53.77 25.92
C ILE H 175 -11.01 53.91 26.31
N SER H 176 -11.89 53.44 25.44
CA SER H 176 -13.33 53.51 25.70
C SER H 176 -13.72 52.53 26.81
N GLY H 177 -14.89 52.77 27.39
CA GLY H 177 -15.39 51.90 28.44
C GLY H 177 -15.75 50.50 27.98
N ASP H 178 -16.03 50.33 26.69
CA ASP H 178 -16.36 49.03 26.13
C ASP H 178 -15.14 48.30 25.60
N GLY H 179 -13.96 48.94 25.60
CA GLY H 179 -12.77 48.29 25.08
C GLY H 179 -12.71 48.19 23.58
N GLY H 180 -13.34 49.13 22.87
CA GLY H 180 -13.36 49.10 21.42
C GLY H 180 -12.42 50.11 20.78
N SER H 181 -12.99 51.22 20.30
CA SER H 181 -12.20 52.24 19.63
C SER H 181 -11.31 52.97 20.64
N THR H 182 -10.06 53.20 20.24
CA THR H 182 -9.10 53.92 21.06
C THR H 182 -8.41 54.99 20.22
N TYR H 183 -7.79 55.95 20.91
CA TYR H 183 -7.12 57.06 20.24
C TYR H 183 -5.79 57.31 20.92
N TYR H 184 -4.85 57.86 20.15
CA TYR H 184 -3.51 58.19 20.65
C TYR H 184 -3.17 59.62 20.27
N ALA H 185 -2.13 60.14 20.91
CA ALA H 185 -1.67 61.49 20.63
C ALA H 185 -0.90 61.51 19.31
N ASP H 186 -0.68 62.72 18.80
CA ASP H 186 0.02 62.88 17.52
C ASP H 186 1.50 62.56 17.62
N SER H 187 2.09 62.65 18.81
CA SER H 187 3.51 62.41 18.99
C SER H 187 3.82 60.99 19.44
N VAL H 188 2.82 60.20 19.81
CA VAL H 188 3.05 58.84 20.28
C VAL H 188 2.21 57.86 19.47
N LYS H 189 1.73 58.31 18.31
CA LYS H 189 0.90 57.47 17.45
C LYS H 189 1.76 56.44 16.74
N GLY H 190 1.33 55.18 16.80
CA GLY H 190 2.02 54.09 16.14
C GLY H 190 3.03 53.34 17.00
N ARG H 191 3.35 53.84 18.19
CA ARG H 191 4.33 53.21 19.05
C ARG H 191 3.73 52.59 20.31
N PHE H 192 2.64 53.14 20.83
CA PHE H 192 2.02 52.64 22.05
C PHE H 192 0.85 51.72 21.72
N SER H 193 0.54 50.84 22.67
CA SER H 193 -0.57 49.90 22.55
C SER H 193 -1.28 49.84 23.90
N ILE H 194 -2.46 50.44 23.98
CA ILE H 194 -3.24 50.50 25.21
C ILE H 194 -4.31 49.43 25.17
N SER H 195 -4.55 48.79 26.31
CA SER H 195 -5.57 47.75 26.41
C SER H 195 -5.99 47.63 27.87
N ARG H 196 -7.08 46.89 28.09
CA ARG H 196 -7.61 46.68 29.43
C ARG H 196 -8.04 45.22 29.56
N ASP H 197 -8.30 44.81 30.80
CA ASP H 197 -8.73 43.45 31.12
C ASP H 197 -9.95 43.56 32.02
N ASP H 198 -11.14 43.32 31.45
CA ASP H 198 -12.37 43.39 32.23
C ASP H 198 -12.49 42.27 33.24
N SER H 199 -11.77 41.17 33.05
CA SER H 199 -11.84 40.05 33.99
C SER H 199 -10.93 40.27 35.19
N LYS H 200 -9.72 40.78 34.96
CA LYS H 200 -8.76 41.02 36.02
C LYS H 200 -8.85 42.42 36.61
N ASN H 201 -9.61 43.33 35.97
CA ASN H 201 -9.77 44.71 36.43
C ASN H 201 -8.42 45.41 36.55
N SER H 202 -7.75 45.53 35.41
CA SER H 202 -6.44 46.17 35.36
C SER H 202 -6.28 46.89 34.02
N LEU H 203 -5.46 47.93 34.02
CA LEU H 203 -5.20 48.74 32.84
C LEU H 203 -3.73 48.59 32.46
N TYR H 204 -3.47 48.32 31.18
CA TYR H 204 -2.12 48.12 30.68
C TYR H 204 -1.78 49.18 29.64
N LEU H 205 -0.48 49.37 29.43
CA LEU H 205 0.00 50.33 28.43
C LEU H 205 1.37 49.85 27.97
N GLN H 206 1.42 49.25 26.79
CA GLN H 206 2.67 48.74 26.23
C GLN H 206 3.39 49.87 25.49
N MET H 207 4.50 50.32 26.05
CA MET H 207 5.32 51.38 25.45
C MET H 207 6.50 50.75 24.72
N ASN H 208 6.75 51.24 23.50
CA ASN H 208 7.84 50.73 22.67
C ASN H 208 8.62 51.88 22.08
N SER H 209 9.95 51.74 22.04
CA SER H 209 10.85 52.72 21.47
C SER H 209 10.67 54.10 22.13
N LEU H 210 10.88 54.14 23.43
CA LEU H 210 10.77 55.39 24.17
C LEU H 210 12.01 56.26 23.92
N ARG H 211 11.76 57.55 23.66
CA ARG H 211 12.84 58.49 23.41
C ARG H 211 13.33 59.11 24.72
N THR H 212 14.33 59.97 24.61
CA THR H 212 14.89 60.64 25.79
C THR H 212 14.07 61.84 26.24
N GLU H 213 13.02 62.20 25.52
CA GLU H 213 12.17 63.33 25.87
C GLU H 213 10.85 62.89 26.51
N ASP H 214 10.77 61.65 26.97
CA ASP H 214 9.57 61.10 27.59
C ASP H 214 9.74 60.91 29.09
N THR H 215 10.45 61.84 29.74
CA THR H 215 10.66 61.78 31.18
C THR H 215 9.45 62.36 31.89
N ALA H 216 8.61 61.50 32.45
CA ALA H 216 7.39 61.93 33.12
C ALA H 216 6.97 60.83 34.09
N LEU H 217 5.76 60.96 34.64
CA LEU H 217 5.24 59.99 35.60
C LEU H 217 4.14 59.11 35.05
N TYR H 218 3.44 59.54 33.98
CA TYR H 218 2.38 58.77 33.35
C TYR H 218 1.27 58.44 34.35
N TYR H 219 0.61 59.50 34.83
CA TYR H 219 -0.47 59.33 35.79
C TYR H 219 -1.63 58.55 35.17
N CYS H 220 -2.17 57.62 35.94
CA CYS H 220 -3.31 56.81 35.51
C CYS H 220 -4.59 57.53 35.89
N ALA H 221 -5.25 58.12 34.89
CA ALA H 221 -6.45 58.91 35.12
C ALA H 221 -7.71 58.07 34.89
N LYS H 222 -8.73 58.34 35.70
CA LYS H 222 -10.00 57.63 35.63
C LYS H 222 -11.07 58.57 35.08
N ASP H 223 -11.77 58.12 34.05
CA ASP H 223 -12.82 58.91 33.42
C ASP H 223 -14.16 58.67 34.12
N ARG H 224 -15.03 59.68 34.03
CA ARG H 224 -16.36 59.60 34.61
C ARG H 224 -17.44 59.23 33.61
N SER H 225 -17.14 59.28 32.32
CA SER H 225 -18.08 58.94 31.27
C SER H 225 -17.90 57.48 30.86
N TYR H 226 -18.59 57.08 29.79
CA TYR H 226 -18.52 55.71 29.28
C TYR H 226 -17.81 55.62 27.93
N GLY H 227 -18.25 56.39 26.94
CA GLY H 227 -17.66 56.37 25.64
C GLY H 227 -16.52 57.36 25.50
N PRO H 228 -15.87 57.34 24.34
CA PRO H 228 -14.77 58.29 24.09
C PRO H 228 -15.29 59.72 24.06
N PRO H 229 -14.40 60.70 24.28
CA PRO H 229 -14.87 62.11 24.30
C PRO H 229 -15.37 62.61 22.95
N ASP H 230 -15.17 61.86 21.86
CA ASP H 230 -15.62 62.34 20.55
C ASP H 230 -17.14 62.28 20.43
N VAL H 231 -17.78 61.29 21.03
CA VAL H 231 -19.24 61.17 20.97
C VAL H 231 -19.90 61.84 22.17
N PHE H 232 -19.34 61.67 23.36
CA PHE H 232 -19.87 62.29 24.58
C PHE H 232 -19.04 63.53 24.88
N ASN H 233 -19.39 64.62 24.22
CA ASN H 233 -18.67 65.89 24.35
C ASN H 233 -19.24 66.77 25.46
N TYR H 234 -20.00 66.20 26.39
CA TYR H 234 -20.57 66.98 27.50
C TYR H 234 -20.49 66.25 28.82
N GLU H 235 -19.81 65.10 28.91
CA GLU H 235 -19.72 64.34 30.14
C GLU H 235 -18.31 63.88 30.48
N TYR H 236 -17.36 63.97 29.55
CA TYR H 236 -16.01 63.50 29.81
C TYR H 236 -15.34 64.34 30.89
N GLY H 237 -14.52 63.67 31.71
CA GLY H 237 -13.82 64.34 32.80
C GLY H 237 -13.03 63.39 33.66
N MET H 238 -11.82 63.79 34.04
CA MET H 238 -10.93 62.95 34.85
C MET H 238 -11.14 63.30 36.31
N ASP H 239 -11.94 62.49 37.01
CA ASP H 239 -12.25 62.75 38.40
C ASP H 239 -11.15 62.23 39.33
N VAL H 240 -10.91 60.92 39.29
CA VAL H 240 -9.97 60.27 40.19
C VAL H 240 -8.65 60.08 39.46
N TRP H 241 -7.55 60.42 40.14
CA TRP H 241 -6.20 60.28 39.61
C TRP H 241 -5.41 59.28 40.47
N GLY H 242 -4.13 59.12 40.13
CA GLY H 242 -3.27 58.21 40.86
C GLY H 242 -1.86 58.76 40.97
N GLN H 243 -1.04 58.03 41.71
CA GLN H 243 0.36 58.40 41.92
C GLN H 243 1.20 57.72 40.84
N GLY H 244 1.64 58.50 39.86
CA GLY H 244 2.44 57.97 38.78
C GLY H 244 3.83 57.55 39.23
N THR H 245 4.50 56.81 38.35
CA THR H 245 5.85 56.33 38.58
C THR H 245 6.83 57.14 37.73
N THR H 246 7.77 57.79 38.39
CA THR H 246 8.75 58.62 37.69
C THR H 246 9.75 57.74 36.95
N VAL H 247 9.83 57.90 35.63
CA VAL H 247 10.78 57.13 34.84
C VAL H 247 12.17 57.76 34.93
N THR H 248 13.18 56.97 34.60
CA THR H 248 14.59 57.38 34.65
C THR H 248 15.26 57.15 33.30
N VAL H 249 14.59 57.58 32.23
CA VAL H 249 15.12 57.39 30.88
C VAL H 249 16.29 58.34 30.67
N SER H 250 17.45 57.78 30.36
CA SER H 250 18.67 58.57 30.13
C SER H 250 19.59 57.77 29.22
N SER H 251 20.78 58.32 29.00
CA SER H 251 21.78 57.66 28.16
C SER H 251 22.42 56.48 28.88
N GLU I 1 -52.87 20.15 20.61
CA GLU I 1 -54.03 19.38 20.18
C GLU I 1 -53.64 18.36 19.10
N ILE I 2 -52.49 18.58 18.48
CA ILE I 2 -52.00 17.70 17.43
C ILE I 2 -51.30 16.52 18.09
N VAL I 3 -51.90 15.33 17.99
CA VAL I 3 -51.35 14.13 18.60
C VAL I 3 -50.48 13.42 17.55
N LEU I 4 -49.23 13.17 17.89
CA LEU I 4 -48.28 12.48 17.02
C LEU I 4 -48.01 11.09 17.59
N THR I 5 -48.39 10.06 16.84
CA THR I 5 -48.23 8.68 17.25
C THR I 5 -47.36 7.94 16.25
N GLN I 6 -46.53 7.04 16.75
CA GLN I 6 -45.64 6.23 15.91
C GLN I 6 -46.29 4.88 15.63
N SER I 7 -46.16 4.42 14.38
CA SER I 7 -46.75 3.13 14.01
C SER I 7 -45.94 1.96 14.55
N PRO I 8 -44.61 1.89 14.37
CA PRO I 8 -43.88 0.76 14.95
C PRO I 8 -43.82 0.84 16.46
N ALA I 9 -43.83 -0.33 17.10
CA ALA I 9 -43.78 -0.44 18.56
C ALA I 9 -42.49 -1.09 19.04
N THR I 10 -42.17 -2.28 18.55
CA THR I 10 -40.97 -3.02 18.95
C THR I 10 -40.30 -3.55 17.68
N LEU I 11 -39.29 -2.83 17.20
CA LEU I 11 -38.57 -3.23 15.99
C LEU I 11 -37.34 -4.04 16.41
N SER I 12 -37.45 -5.36 16.27
CA SER I 12 -36.36 -6.28 16.61
C SER I 12 -35.60 -6.74 15.37
N LEU I 13 -35.47 -5.88 14.37
CA LEU I 13 -34.79 -6.25 13.14
C LEU I 13 -33.29 -6.39 13.37
N SER I 14 -32.69 -7.40 12.76
CA SER I 14 -31.26 -7.62 12.87
C SER I 14 -30.51 -6.54 12.09
N PRO I 15 -29.27 -6.24 12.47
CA PRO I 15 -28.50 -5.24 11.74
C PRO I 15 -28.20 -5.70 10.32
N GLY I 16 -27.95 -4.73 9.44
CA GLY I 16 -27.74 -5.02 8.04
C GLY I 16 -28.99 -5.08 7.21
N GLU I 17 -30.04 -4.38 7.62
CA GLU I 17 -31.31 -4.36 6.90
C GLU I 17 -31.84 -2.93 6.90
N ARG I 18 -33.10 -2.77 6.51
CA ARG I 18 -33.74 -1.46 6.46
C ARG I 18 -34.54 -1.21 7.74
N ALA I 19 -35.04 0.01 7.88
CA ALA I 19 -35.81 0.40 9.04
C ALA I 19 -36.69 1.58 8.67
N THR I 20 -37.94 1.55 9.14
CA THR I 20 -38.92 2.59 8.85
C THR I 20 -39.61 3.02 10.13
N LEU I 21 -39.94 4.31 10.23
CA LEU I 21 -40.63 4.86 11.38
C LEU I 21 -41.73 5.80 10.86
N SER I 22 -42.97 5.35 10.93
CA SER I 22 -44.10 6.11 10.43
C SER I 22 -44.66 7.00 11.54
N CYS I 23 -45.01 8.23 11.18
CA CYS I 23 -45.57 9.20 12.12
C CYS I 23 -46.66 9.98 11.42
N ARG I 24 -47.88 9.90 11.94
CA ARG I 24 -49.03 10.60 11.38
C ARG I 24 -49.40 11.79 12.26
N ALA I 25 -50.39 12.55 11.80
CA ALA I 25 -50.86 13.71 12.54
C ALA I 25 -52.29 14.03 12.12
N SER I 26 -53.10 14.44 13.10
CA SER I 26 -54.49 14.77 12.80
C SER I 26 -54.59 16.04 11.98
N GLN I 27 -54.02 17.13 12.48
CA GLN I 27 -54.04 18.41 11.78
C GLN I 27 -52.97 18.43 10.69
N SER I 28 -53.29 19.09 9.58
CA SER I 28 -52.36 19.18 8.46
C SER I 28 -51.21 20.11 8.84
N VAL I 29 -50.08 19.52 9.21
CA VAL I 29 -48.91 20.27 9.64
C VAL I 29 -47.93 20.36 8.48
N SER I 30 -47.17 21.45 8.45
CA SER I 30 -46.16 21.65 7.42
C SER I 30 -44.90 20.87 7.79
N SER I 31 -43.80 21.15 7.09
CA SER I 31 -42.55 20.44 7.32
C SER I 31 -41.90 20.89 8.63
N TYR I 32 -42.46 20.48 9.75
CA TYR I 32 -41.95 20.82 11.08
C TYR I 32 -41.75 19.56 11.91
N LEU I 33 -41.15 18.53 11.31
CA LEU I 33 -40.91 17.26 11.98
C LEU I 33 -39.45 17.17 12.39
N ALA I 34 -39.21 16.88 13.66
CA ALA I 34 -37.87 16.76 14.22
C ALA I 34 -37.69 15.37 14.83
N TRP I 35 -36.66 14.66 14.39
CA TRP I 35 -36.36 13.33 14.90
C TRP I 35 -35.30 13.42 15.99
N TYR I 36 -35.41 12.52 16.98
CA TYR I 36 -34.50 12.50 18.10
C TYR I 36 -34.08 11.06 18.39
N GLN I 37 -32.89 10.92 18.96
CA GLN I 37 -32.37 9.62 19.39
C GLN I 37 -31.85 9.76 20.81
N GLN I 38 -32.39 8.96 21.73
CA GLN I 38 -32.04 9.03 23.15
C GLN I 38 -31.57 7.66 23.61
N LYS I 39 -30.27 7.56 23.93
CA LYS I 39 -29.74 6.33 24.50
C LYS I 39 -30.30 6.15 25.92
N PRO I 40 -30.44 4.90 26.37
CA PRO I 40 -30.95 4.67 27.73
C PRO I 40 -29.99 5.18 28.79
N GLY I 41 -30.41 6.23 29.51
CA GLY I 41 -29.61 6.87 30.53
C GLY I 41 -29.01 8.20 30.11
N GLN I 42 -28.64 8.33 28.84
CA GLN I 42 -28.04 9.56 28.33
C GLN I 42 -29.12 10.55 27.93
N ALA I 43 -28.68 11.68 27.33
CA ALA I 43 -29.57 12.75 26.89
C ALA I 43 -29.98 12.54 25.43
N PRO I 44 -31.18 12.97 25.06
CA PRO I 44 -31.61 12.84 23.67
C PRO I 44 -30.77 13.69 22.74
N ARG I 45 -30.63 13.22 21.50
CA ARG I 45 -29.89 13.91 20.46
C ARG I 45 -30.73 13.98 19.19
N LEU I 46 -30.84 15.17 18.62
CA LEU I 46 -31.63 15.36 17.41
C LEU I 46 -30.87 14.83 16.19
N LEU I 47 -31.56 14.07 15.35
CA LEU I 47 -30.98 13.50 14.14
C LEU I 47 -31.35 14.30 12.90
N ILE I 48 -32.64 14.46 12.63
CA ILE I 48 -33.14 15.18 11.47
C ILE I 48 -34.09 16.27 11.94
N TYR I 49 -33.86 17.50 11.48
CA TYR I 49 -34.72 18.62 11.79
C TYR I 49 -35.46 19.06 10.53
N ASP I 50 -36.72 19.45 10.70
CA ASP I 50 -37.61 19.88 9.63
C ASP I 50 -37.86 18.79 8.58
N ALA I 51 -37.44 17.56 8.86
CA ALA I 51 -37.63 16.41 7.97
C ALA I 51 -37.05 16.63 6.58
N SER I 52 -36.10 17.56 6.44
CA SER I 52 -35.51 17.83 5.14
C SER I 52 -33.99 17.87 5.22
N ASN I 53 -33.45 18.20 6.39
CA ASN I 53 -32.01 18.33 6.58
C ASN I 53 -31.58 17.56 7.82
N ARG I 54 -30.40 16.94 7.74
CA ARG I 54 -29.85 16.19 8.85
C ARG I 54 -28.97 17.07 9.72
N ALA I 55 -28.66 16.58 10.92
CA ALA I 55 -27.82 17.30 11.86
C ALA I 55 -26.35 17.16 11.49
N THR I 56 -25.48 17.70 12.34
CA THR I 56 -24.04 17.64 12.13
C THR I 56 -23.42 16.82 13.25
N GLY I 57 -22.89 15.65 12.92
CA GLY I 57 -22.26 14.78 13.89
C GLY I 57 -22.68 13.33 13.77
N ILE I 58 -23.92 13.11 13.32
CA ILE I 58 -24.45 11.75 13.16
C ILE I 58 -24.07 11.26 11.77
N PRO I 59 -24.02 9.94 11.54
CA PRO I 59 -23.70 9.43 10.20
C PRO I 59 -24.75 9.83 9.18
N ALA I 60 -24.40 9.63 7.92
CA ALA I 60 -25.29 9.98 6.81
C ALA I 60 -26.37 8.95 6.55
N ARG I 61 -26.46 7.90 7.35
CA ARG I 61 -27.46 6.85 7.16
C ARG I 61 -28.76 7.18 7.90
N PHE I 62 -29.29 8.38 7.68
CA PHE I 62 -30.54 8.80 8.30
C PHE I 62 -31.40 9.62 7.33
N SER I 63 -31.32 9.30 6.04
CA SER I 63 -32.08 10.04 5.03
C SER I 63 -33.56 9.75 5.18
N GLY I 64 -34.34 10.78 5.53
CA GLY I 64 -35.77 10.66 5.69
C GLY I 64 -36.52 11.49 4.66
N SER I 65 -37.83 11.32 4.66
CA SER I 65 -38.71 12.03 3.73
C SER I 65 -40.09 12.15 4.36
N GLY I 66 -41.07 12.57 3.56
CA GLY I 66 -42.42 12.72 4.04
C GLY I 66 -42.80 14.16 4.34
N SER I 67 -44.02 14.55 4.01
CA SER I 67 -44.48 15.90 4.25
C SER I 67 -46.00 15.90 4.32
N GLY I 68 -46.54 16.78 5.15
CA GLY I 68 -47.98 16.89 5.32
C GLY I 68 -48.48 16.21 6.58
N THR I 69 -49.32 15.19 6.41
CA THR I 69 -49.90 14.46 7.53
C THR I 69 -49.23 13.12 7.77
N ASP I 70 -48.11 12.85 7.11
CA ASP I 70 -47.40 11.59 7.28
C ASP I 70 -45.90 11.82 7.11
N PHE I 71 -45.11 11.19 7.96
CA PHE I 71 -43.66 11.28 7.91
C PHE I 71 -43.06 9.89 8.05
N THR I 72 -41.85 9.74 7.51
CA THR I 72 -41.16 8.45 7.54
C THR I 72 -39.66 8.68 7.53
N LEU I 73 -38.93 7.70 8.05
CA LEU I 73 -37.47 7.74 8.08
C LEU I 73 -36.96 6.45 7.46
N THR I 74 -36.14 6.58 6.42
CA THR I 74 -35.63 5.44 5.66
C THR I 74 -34.16 5.21 6.05
N ILE I 75 -33.96 4.33 7.03
CA ILE I 75 -32.61 3.94 7.44
C ILE I 75 -32.28 2.65 6.70
N SER I 76 -31.68 2.80 5.52
CA SER I 76 -31.35 1.67 4.65
C SER I 76 -29.94 1.13 4.88
N SER I 77 -29.39 1.32 6.08
CA SER I 77 -28.05 0.84 6.40
C SER I 77 -28.12 0.01 7.68
N LEU I 78 -26.97 -0.55 8.06
CA LEU I 78 -26.89 -1.37 9.25
C LEU I 78 -27.00 -0.50 10.51
N GLU I 79 -27.21 -1.16 11.65
CA GLU I 79 -27.36 -0.50 12.95
C GLU I 79 -26.25 -0.99 13.87
N PRO I 80 -25.07 -0.38 13.82
CA PRO I 80 -23.98 -0.82 14.71
C PRO I 80 -24.28 -0.57 16.18
N GLU I 81 -24.65 0.65 16.54
CA GLU I 81 -24.95 1.00 17.93
C GLU I 81 -26.21 1.87 17.99
N ASP I 82 -27.23 1.51 17.22
CA ASP I 82 -28.47 2.25 17.16
C ASP I 82 -29.48 1.80 18.22
N PHE I 83 -29.01 1.18 19.31
CA PHE I 83 -29.90 0.74 20.38
C PHE I 83 -30.38 1.95 21.18
N ALA I 84 -31.54 2.48 20.81
CA ALA I 84 -32.11 3.65 21.47
C ALA I 84 -33.58 3.77 21.06
N VAL I 85 -34.27 4.73 21.65
CA VAL I 85 -35.66 5.00 21.35
C VAL I 85 -35.74 6.29 20.53
N TYR I 86 -36.45 6.23 19.41
CA TYR I 86 -36.57 7.38 18.50
C TYR I 86 -37.93 8.02 18.70
N TYR I 87 -37.93 9.24 19.25
CA TYR I 87 -39.15 10.00 19.47
C TYR I 87 -39.37 10.99 18.33
N CYS I 88 -40.45 11.77 18.44
CA CYS I 88 -40.78 12.77 17.45
C CYS I 88 -41.26 14.03 18.16
N GLN I 89 -41.15 15.15 17.45
CA GLN I 89 -41.58 16.44 17.99
C GLN I 89 -41.94 17.36 16.85
N GLN I 90 -43.08 18.04 16.98
CA GLN I 90 -43.53 18.99 15.98
C GLN I 90 -43.01 20.39 16.28
N ARG I 91 -42.54 21.07 15.25
CA ARG I 91 -41.97 22.41 15.37
C ARG I 91 -42.93 23.51 14.94
N SER I 92 -44.18 23.16 14.65
CA SER I 92 -45.15 24.17 14.23
C SER I 92 -45.63 25.01 15.40
N ASN I 93 -46.20 24.37 16.42
CA ASN I 93 -46.69 25.07 17.60
C ASN I 93 -45.51 25.44 18.48
N TRP I 94 -45.21 26.75 18.56
CA TRP I 94 -44.08 27.19 19.38
C TRP I 94 -44.33 27.00 20.87
N PRO I 95 -45.45 27.45 21.45
CA PRO I 95 -45.68 27.23 22.88
C PRO I 95 -46.35 25.91 23.23
N GLN I 96 -46.53 25.00 22.28
CA GLN I 96 -47.25 23.75 22.49
C GLN I 96 -46.46 22.57 21.91
N TYR I 97 -45.17 22.51 22.22
CA TYR I 97 -44.36 21.38 21.78
C TYR I 97 -44.86 20.08 22.39
N THR I 98 -45.32 19.17 21.55
CA THR I 98 -45.87 17.89 21.98
C THR I 98 -45.04 16.75 21.39
N PHE I 99 -44.76 15.76 22.23
CA PHE I 99 -44.00 14.59 21.83
C PHE I 99 -44.93 13.40 21.60
N GLY I 100 -44.35 12.23 21.34
CA GLY I 100 -45.13 11.03 21.12
C GLY I 100 -44.40 9.81 21.64
N GLN I 101 -45.14 8.71 21.74
CA GLN I 101 -44.60 7.45 22.22
C GLN I 101 -43.69 6.86 21.16
N GLY I 102 -42.38 7.02 21.35
CA GLY I 102 -41.42 6.55 20.38
C GLY I 102 -41.33 5.03 20.35
N THR I 103 -40.64 4.54 19.31
CA THR I 103 -40.46 3.11 19.10
C THR I 103 -39.12 2.68 19.69
N LYS I 104 -39.14 1.58 20.44
CA LYS I 104 -37.95 1.04 21.08
C LYS I 104 -37.30 0.05 20.13
N LEU I 105 -36.17 0.43 19.54
CA LEU I 105 -35.43 -0.43 18.61
C LEU I 105 -34.30 -1.13 19.34
N GLU I 106 -34.06 -2.37 18.96
CA GLU I 106 -32.99 -3.19 19.54
C GLU I 106 -32.22 -3.87 18.42
N ILE I 107 -31.15 -4.57 18.80
CA ILE I 107 -30.32 -5.24 17.81
C ILE I 107 -30.92 -6.60 17.42
N LYS I 108 -31.31 -7.39 18.41
CA LYS I 108 -31.88 -8.71 18.15
C LYS I 108 -32.86 -9.03 19.29
N GLY I 109 -33.33 -10.27 19.31
CA GLY I 109 -34.27 -10.71 20.33
C GLY I 109 -34.92 -12.05 20.01
N SER I 123 -17.19 20.94 20.67
CA SER I 123 -18.42 20.94 21.47
C SER I 123 -18.25 21.73 22.75
N GLU I 124 -17.95 23.02 22.61
CA GLU I 124 -17.75 23.88 23.78
C GLU I 124 -19.07 24.21 24.48
N VAL I 125 -20.20 24.06 23.79
CA VAL I 125 -21.50 24.33 24.39
C VAL I 125 -21.84 23.22 25.38
N GLN I 126 -21.99 23.58 26.65
CA GLN I 126 -22.31 22.60 27.68
C GLN I 126 -23.04 23.30 28.81
N LEU I 127 -24.12 22.67 29.30
CA LEU I 127 -24.92 23.21 30.37
C LEU I 127 -25.35 22.07 31.29
N VAL I 128 -25.19 22.27 32.59
CA VAL I 128 -25.51 21.25 33.59
C VAL I 128 -26.65 21.76 34.46
N GLU I 129 -27.17 20.87 35.30
CA GLU I 129 -28.27 21.18 36.20
C GLU I 129 -27.89 20.75 37.62
N SER I 130 -28.77 21.09 38.57
CA SER I 130 -28.55 20.75 39.97
C SER I 130 -29.89 20.78 40.69
N GLY I 131 -29.92 20.16 41.87
CA GLY I 131 -31.12 20.13 42.67
C GLY I 131 -31.94 18.87 42.47
N GLY I 132 -32.21 18.16 43.56
CA GLY I 132 -32.98 16.94 43.47
C GLY I 132 -33.07 16.25 44.82
N GLY I 133 -33.68 15.06 44.82
CA GLY I 133 -33.85 14.29 46.03
C GLY I 133 -35.30 14.11 46.43
N LEU I 134 -35.55 13.95 47.72
CA LEU I 134 -36.91 13.79 48.20
C LEU I 134 -37.70 15.08 48.04
N VAL I 135 -39.00 14.94 47.79
CA VAL I 135 -39.86 16.09 47.56
C VAL I 135 -41.07 16.13 48.48
N LYS I 136 -41.46 15.02 49.13
CA LYS I 136 -42.64 15.05 49.99
C LYS I 136 -42.47 15.97 51.19
N PRO I 137 -41.37 15.92 51.96
CA PRO I 137 -41.17 16.92 53.01
C PRO I 137 -40.71 18.23 52.40
N GLY I 138 -41.43 19.31 52.71
CA GLY I 138 -41.07 20.61 52.17
C GLY I 138 -41.31 20.73 50.68
N ARG I 139 -42.58 20.69 50.29
CA ARG I 139 -42.96 20.75 48.88
C ARG I 139 -42.60 22.09 48.25
N SER I 140 -41.30 22.40 48.19
CA SER I 140 -40.84 23.64 47.55
C SER I 140 -39.42 23.40 47.06
N LEU I 141 -39.27 23.17 45.76
CA LEU I 141 -37.97 22.94 45.13
C LEU I 141 -37.56 24.15 44.30
N ARG I 142 -36.26 24.21 44.00
CA ARG I 142 -35.69 25.29 43.19
C ARG I 142 -34.47 24.73 42.48
N LEU I 143 -34.64 24.34 41.22
CA LEU I 143 -33.55 23.76 40.43
C LEU I 143 -32.75 24.87 39.75
N SER I 144 -31.68 24.47 39.05
CA SER I 144 -30.82 25.42 38.37
C SER I 144 -30.42 24.86 37.01
N CYS I 145 -30.04 25.76 36.11
CA CYS I 145 -29.58 25.39 34.77
C CYS I 145 -28.50 26.40 34.37
N THR I 146 -27.24 26.04 34.63
CA THR I 146 -26.10 26.92 34.39
C THR I 146 -25.39 26.47 33.12
N ALA I 147 -25.18 27.41 32.19
CA ALA I 147 -24.48 27.16 30.94
C ALA I 147 -23.14 27.87 30.92
N SER I 148 -22.16 27.24 30.27
CA SER I 148 -20.82 27.80 30.13
C SER I 148 -20.37 27.86 28.68
N GLY I 149 -21.26 27.60 27.73
CA GLY I 149 -20.91 27.61 26.33
C GLY I 149 -21.39 28.86 25.61
N PHE I 150 -22.52 28.75 24.92
CA PHE I 150 -23.10 29.88 24.19
C PHE I 150 -23.35 31.05 25.12
N THR I 151 -23.37 32.26 24.53
CA THR I 151 -23.61 33.48 25.29
C THR I 151 -25.05 33.48 25.79
N PHE I 152 -25.22 33.37 27.10
CA PHE I 152 -26.56 33.33 27.69
C PHE I 152 -27.17 34.73 27.65
N GLY I 153 -28.39 34.82 27.09
CA GLY I 153 -29.07 36.09 27.00
C GLY I 153 -29.72 36.31 25.64
N ASP I 154 -29.09 35.79 24.59
CA ASP I 154 -29.61 35.90 23.23
C ASP I 154 -30.46 34.71 22.83
N TYR I 155 -30.73 33.79 23.75
CA TYR I 155 -31.54 32.61 23.45
C TYR I 155 -32.53 32.40 24.58
N ALA I 156 -33.68 31.82 24.24
CA ALA I 156 -34.70 31.49 25.23
C ALA I 156 -34.44 30.10 25.81
N MET I 157 -34.94 29.89 27.01
CA MET I 157 -34.74 28.64 27.74
C MET I 157 -36.08 27.90 27.83
N SER I 158 -36.09 26.67 27.32
CA SER I 158 -37.26 25.81 27.37
C SER I 158 -36.96 24.60 28.25
N TRP I 159 -38.01 24.09 28.91
CA TRP I 159 -37.89 22.97 29.83
C TRP I 159 -38.74 21.80 29.35
N PHE I 160 -38.19 20.60 29.48
CA PHE I 160 -38.88 19.38 29.10
C PHE I 160 -38.65 18.33 30.17
N ARG I 161 -39.73 17.63 30.56
CA ARG I 161 -39.66 16.58 31.55
C ARG I 161 -39.84 15.22 30.89
N GLN I 162 -39.27 14.19 31.50
CA GLN I 162 -39.29 12.83 30.97
C GLN I 162 -39.74 11.89 32.07
N ALA I 163 -41.01 11.46 32.01
CA ALA I 163 -41.52 10.52 32.99
C ALA I 163 -40.95 9.12 32.72
N PRO I 164 -40.73 8.33 33.77
CA PRO I 164 -40.18 6.97 33.57
C PRO I 164 -41.13 6.10 32.76
N GLY I 165 -40.67 5.69 31.59
CA GLY I 165 -41.47 4.82 30.73
C GLY I 165 -42.69 5.48 30.13
N LYS I 166 -42.64 6.80 29.92
CA LYS I 166 -43.77 7.51 29.32
C LYS I 166 -43.31 8.39 28.17
N GLY I 167 -42.07 8.84 28.22
CA GLY I 167 -41.50 9.69 27.19
C GLY I 167 -41.35 11.13 27.66
N LEU I 168 -41.00 11.99 26.72
CA LEU I 168 -40.82 13.40 27.00
C LEU I 168 -42.17 14.09 27.13
N GLU I 169 -42.15 15.24 27.83
CA GLU I 169 -43.37 16.00 28.06
C GLU I 169 -43.01 17.47 28.16
N TRP I 170 -43.97 18.33 27.81
CA TRP I 170 -43.77 19.77 27.80
C TRP I 170 -43.95 20.34 29.21
N VAL I 171 -43.12 21.33 29.54
CA VAL I 171 -43.18 21.99 30.84
C VAL I 171 -43.48 23.47 30.64
N GLY I 172 -42.58 24.16 29.95
CA GLY I 172 -42.74 25.58 29.71
C GLY I 172 -41.48 26.18 29.16
N PHE I 173 -41.52 27.49 28.97
CA PHE I 173 -40.37 28.22 28.44
C PHE I 173 -40.51 29.69 28.81
N ILE I 174 -39.36 30.38 28.82
CA ILE I 174 -39.31 31.81 29.07
C ILE I 174 -38.71 32.48 27.84
N ARG I 175 -39.42 33.45 27.28
CA ARG I 175 -38.97 34.13 26.08
C ARG I 175 -37.71 34.95 26.37
N SER I 176 -36.96 35.23 25.31
CA SER I 176 -35.73 36.00 25.44
C SER I 176 -36.04 37.44 25.84
N LYS I 177 -34.99 38.14 26.27
CA LYS I 177 -35.14 39.53 26.71
C LYS I 177 -35.55 40.43 25.55
N ALA I 178 -35.21 40.05 24.32
CA ALA I 178 -35.56 40.87 23.16
C ALA I 178 -37.04 40.78 22.85
N TYR I 179 -37.58 39.58 22.75
CA TYR I 179 -38.99 39.36 22.39
C TYR I 179 -39.89 39.27 23.62
N GLY I 180 -39.81 40.28 24.48
CA GLY I 180 -40.67 40.35 25.65
C GLY I 180 -40.33 39.37 26.76
N GLY I 181 -40.58 39.76 28.00
CA GLY I 181 -40.30 38.92 29.13
C GLY I 181 -41.51 38.17 29.66
N THR I 182 -42.41 37.78 28.75
CA THR I 182 -43.61 37.06 29.13
C THR I 182 -43.30 35.57 29.33
N THR I 183 -44.34 34.81 29.66
CA THR I 183 -44.20 33.39 29.89
C THR I 183 -45.43 32.66 29.36
N GLU I 184 -45.30 31.34 29.21
CA GLU I 184 -46.41 30.51 28.72
C GLU I 184 -46.16 29.09 29.19
N TYR I 185 -47.02 28.60 30.08
CA TYR I 185 -46.90 27.25 30.61
C TYR I 185 -47.91 26.33 29.92
N ALA I 186 -47.98 25.08 30.38
CA ALA I 186 -48.91 24.10 29.82
C ALA I 186 -50.23 24.14 30.58
N ALA I 187 -51.10 23.17 30.31
CA ALA I 187 -52.39 23.12 30.98
C ALA I 187 -52.32 22.41 32.32
N SER I 188 -51.43 21.42 32.45
CA SER I 188 -51.29 20.68 33.70
C SER I 188 -50.32 21.31 34.68
N VAL I 189 -49.59 22.36 34.28
CA VAL I 189 -48.64 23.04 35.13
C VAL I 189 -48.96 24.52 35.28
N LYS I 190 -50.15 24.94 34.83
CA LYS I 190 -50.52 26.35 34.94
C LYS I 190 -50.85 26.69 36.40
N GLY I 191 -50.24 27.76 36.90
CA GLY I 191 -50.45 28.18 38.27
C GLY I 191 -49.68 27.39 39.30
N ARG I 192 -48.84 26.45 38.89
CA ARG I 192 -48.08 25.63 39.82
C ARG I 192 -46.57 25.86 39.71
N PHE I 193 -46.03 25.82 38.50
CA PHE I 193 -44.60 25.99 38.26
C PHE I 193 -44.35 27.37 37.67
N THR I 194 -43.45 28.12 38.31
CA THR I 194 -43.05 29.44 37.84
C THR I 194 -41.57 29.41 37.50
N ILE I 195 -41.24 29.81 36.27
CA ILE I 195 -39.87 29.79 35.77
C ILE I 195 -39.36 31.21 35.65
N SER I 196 -38.14 31.44 36.13
CA SER I 196 -37.51 32.75 36.07
C SER I 196 -36.06 32.58 35.62
N ARG I 197 -35.53 33.64 35.00
CA ARG I 197 -34.17 33.63 34.48
C ARG I 197 -33.29 34.59 35.25
N ASP I 198 -31.98 34.36 35.17
CA ASP I 198 -30.96 35.14 35.85
C ASP I 198 -29.84 35.50 34.88
N ASP I 199 -30.22 36.02 33.71
CA ASP I 199 -29.27 36.35 32.64
C ASP I 199 -28.08 37.17 33.13
N SER I 200 -28.23 37.91 34.22
CA SER I 200 -27.08 38.62 34.79
C SER I 200 -26.03 37.64 35.29
N LYS I 201 -26.44 36.45 35.72
CA LYS I 201 -25.52 35.42 36.18
C LYS I 201 -25.47 34.21 35.25
N SER I 202 -26.23 34.24 34.16
CA SER I 202 -26.25 33.15 33.17
C SER I 202 -26.66 31.83 33.81
N ILE I 203 -27.71 31.87 34.61
CA ILE I 203 -28.26 30.69 35.28
C ILE I 203 -29.78 30.72 35.13
N ALA I 204 -30.35 29.57 34.79
CA ALA I 204 -31.80 29.43 34.64
C ALA I 204 -32.35 28.61 35.80
N TYR I 205 -33.35 29.16 36.49
CA TYR I 205 -33.95 28.51 37.65
C TYR I 205 -35.35 28.02 37.30
N LEU I 206 -35.96 27.32 38.26
CA LEU I 206 -37.30 26.77 38.08
C LEU I 206 -37.89 26.51 39.45
N GLN I 207 -39.00 27.16 39.77
CA GLN I 207 -39.70 26.93 41.02
C GLN I 207 -40.71 25.80 40.87
N MET I 208 -40.80 24.96 41.90
CA MET I 208 -41.64 23.76 41.87
C MET I 208 -42.59 23.74 43.06
N ASN I 209 -43.26 24.85 43.30
CA ASN I 209 -44.25 24.90 44.37
C ASN I 209 -45.46 24.04 44.03
N SER I 210 -46.14 23.56 45.07
CA SER I 210 -47.32 22.70 44.93
C SER I 210 -46.99 21.44 44.14
N LEU I 211 -46.06 20.66 44.67
CA LEU I 211 -45.60 19.44 44.03
C LEU I 211 -46.49 18.26 44.41
N LYS I 212 -46.73 17.38 43.45
CA LYS I 212 -47.58 16.20 43.64
C LYS I 212 -46.75 14.94 43.41
N THR I 213 -47.43 13.79 43.42
CA THR I 213 -46.76 12.52 43.23
C THR I 213 -46.48 12.21 41.77
N GLU I 214 -47.25 12.78 40.84
CA GLU I 214 -47.04 12.51 39.42
C GLU I 214 -45.92 13.33 38.81
N ASP I 215 -45.47 14.38 39.49
CA ASP I 215 -44.41 15.24 38.96
C ASP I 215 -43.05 14.79 39.48
N THR I 216 -42.68 13.57 39.08
CA THR I 216 -41.40 12.97 39.42
C THR I 216 -40.63 12.57 38.17
N ALA I 217 -40.62 13.47 37.18
CA ALA I 217 -39.96 13.19 35.91
C ALA I 217 -38.55 13.76 35.90
N VAL I 218 -37.83 13.52 34.81
CA VAL I 218 -36.47 14.01 34.63
C VAL I 218 -36.53 15.26 33.76
N TYR I 219 -36.23 16.41 34.36
CA TYR I 219 -36.33 17.69 33.67
C TYR I 219 -35.04 17.99 32.92
N TYR I 220 -35.19 18.63 31.75
CA TYR I 220 -34.07 19.04 30.93
C TYR I 220 -34.28 20.47 30.46
N CYS I 221 -33.20 21.25 30.44
CA CYS I 221 -33.22 22.61 29.94
C CYS I 221 -32.42 22.68 28.64
N THR I 222 -33.05 23.20 27.59
CA THR I 222 -32.45 23.29 26.26
C THR I 222 -32.53 24.73 25.78
N ARG I 223 -32.00 24.97 24.57
CA ARG I 223 -32.04 26.29 23.96
C ARG I 223 -33.29 26.44 23.11
N ASP I 224 -33.44 27.61 22.49
CA ASP I 224 -34.59 27.92 21.65
C ASP I 224 -34.08 28.70 20.44
N ARG I 225 -35.01 29.33 19.72
CA ARG I 225 -34.66 30.08 18.52
C ARG I 225 -33.73 31.25 18.87
N TYR I 226 -32.95 31.67 17.87
CA TYR I 226 -32.01 32.77 18.05
C TYR I 226 -32.77 34.09 17.97
N ALA I 227 -32.64 34.92 19.01
CA ALA I 227 -33.30 36.22 19.01
C ALA I 227 -32.71 37.16 17.97
N ARG I 228 -31.42 36.99 17.64
CA ARG I 228 -30.75 37.81 16.65
C ARG I 228 -30.80 37.07 15.32
N TYR I 229 -31.81 37.40 14.51
CA TYR I 229 -32.00 36.77 13.20
C TYR I 229 -31.15 37.41 12.10
N ASP I 230 -30.18 38.26 12.46
CA ASP I 230 -29.34 38.89 11.45
C ASP I 230 -28.45 37.87 10.76
N ILE I 231 -27.81 37.00 11.54
CA ILE I 231 -26.92 36.00 10.96
C ILE I 231 -27.72 34.91 10.25
N LEU I 232 -28.99 34.72 10.60
CA LEU I 232 -29.82 33.70 9.97
C LEU I 232 -30.31 34.10 8.59
N THR I 233 -29.91 35.27 8.08
CA THR I 233 -30.34 35.71 6.75
C THR I 233 -29.40 35.20 5.66
N GLY I 234 -28.11 35.54 5.76
CA GLY I 234 -27.15 35.07 4.78
C GLY I 234 -26.83 33.60 4.92
N LEU I 235 -26.96 33.05 6.12
CA LEU I 235 -26.68 31.65 6.38
C LEU I 235 -27.92 30.82 6.06
N SER I 236 -27.76 29.80 5.21
CA SER I 236 -28.89 28.96 4.86
C SER I 236 -29.04 27.83 5.86
N PRO I 237 -30.29 27.49 6.22
CA PRO I 237 -30.50 26.39 7.18
C PRO I 237 -30.23 25.02 6.60
N ALA I 238 -29.02 24.82 6.06
CA ALA I 238 -28.65 23.53 5.49
C ALA I 238 -27.23 23.10 5.83
N GLY I 239 -26.51 23.85 6.66
CA GLY I 239 -25.15 23.49 7.01
C GLY I 239 -24.94 23.35 8.50
N ALA I 240 -23.69 23.17 8.92
CA ALA I 240 -23.37 23.04 10.33
C ALA I 240 -23.46 24.35 11.10
N ASP I 241 -23.33 25.49 10.40
CA ASP I 241 -23.40 26.78 11.08
C ASP I 241 -24.79 27.03 11.65
N TYR I 242 -25.83 26.71 10.88
CA TYR I 242 -27.20 26.92 11.37
C TYR I 242 -27.50 25.98 12.53
N PHE I 243 -26.95 24.77 12.51
CA PHE I 243 -27.16 23.83 13.61
C PHE I 243 -26.32 24.19 14.83
N TYR I 244 -25.24 24.95 14.65
CA TYR I 244 -24.38 25.34 15.77
C TYR I 244 -24.84 26.62 16.43
N TYR I 245 -25.34 27.58 15.65
CA TYR I 245 -25.73 28.88 16.19
C TYR I 245 -27.18 28.87 16.70
N ALA I 246 -28.13 28.58 15.82
CA ALA I 246 -29.55 28.64 16.14
C ALA I 246 -30.10 27.21 16.16
N MET I 247 -30.02 26.57 17.32
CA MET I 247 -30.55 25.22 17.51
C MET I 247 -30.54 24.92 19.01
N ASP I 248 -31.41 23.99 19.41
CA ASP I 248 -31.50 23.58 20.79
C ASP I 248 -30.42 22.55 21.12
N VAL I 249 -29.93 22.60 22.36
CA VAL I 249 -28.89 21.70 22.84
C VAL I 249 -29.38 21.06 24.13
N TRP I 250 -29.41 19.73 24.15
CA TRP I 250 -29.85 19.01 25.33
C TRP I 250 -28.73 18.89 26.36
N GLY I 251 -29.11 18.77 27.62
CA GLY I 251 -28.15 18.65 28.70
C GLY I 251 -28.46 17.51 29.64
N GLN I 252 -27.95 17.59 30.87
CA GLN I 252 -28.17 16.54 31.85
C GLN I 252 -29.56 16.70 32.49
N GLY I 253 -29.91 15.73 33.32
CA GLY I 253 -31.20 15.74 33.98
C GLY I 253 -31.14 15.28 35.42
N THR I 254 -31.94 15.88 36.29
CA THR I 254 -31.97 15.54 37.70
C THR I 254 -33.04 14.48 37.96
N THR I 255 -33.17 14.09 39.23
CA THR I 255 -34.14 13.08 39.64
C THR I 255 -35.01 13.63 40.76
N VAL I 256 -36.30 13.29 40.71
CA VAL I 256 -37.27 13.72 41.72
C VAL I 256 -37.83 12.47 42.38
N THR I 257 -37.69 12.39 43.71
CA THR I 257 -38.15 11.24 44.47
C THR I 257 -39.31 11.66 45.38
N VAL I 258 -40.38 10.87 45.36
CA VAL I 258 -41.55 11.14 46.18
C VAL I 258 -41.85 9.92 47.04
N SER I 259 -42.51 10.15 48.16
CA SER I 259 -42.85 9.08 49.10
C SER I 259 -44.17 9.45 49.79
N SER I 260 -44.49 8.73 50.85
CA SER I 260 -45.71 8.98 51.60
C SER I 260 -45.46 9.88 52.80
N VAL J 3 8.67 62.99 -35.57
CA VAL J 3 9.25 63.23 -36.89
C VAL J 3 10.33 64.31 -36.80
N LEU J 4 11.48 64.04 -37.39
CA LEU J 4 12.61 64.96 -37.40
C LEU J 4 12.77 65.55 -38.79
N THR J 5 12.58 66.86 -38.90
CA THR J 5 12.72 67.53 -40.20
C THR J 5 14.19 67.56 -40.61
N GLN J 6 14.46 67.12 -41.83
CA GLN J 6 15.82 67.07 -42.35
C GLN J 6 15.78 67.23 -43.86
N PRO J 7 16.68 68.03 -44.44
CA PRO J 7 16.70 68.16 -45.88
C PRO J 7 17.00 66.83 -46.55
N PRO J 8 16.44 66.58 -47.73
CA PRO J 8 16.66 65.27 -48.37
C PRO J 8 18.07 65.09 -48.90
N SER J 9 18.67 66.14 -49.46
CA SER J 9 20.01 66.03 -50.03
C SER J 9 20.65 67.41 -50.06
N ALA J 10 21.91 67.48 -49.67
CA ALA J 10 22.70 68.70 -49.67
C ALA J 10 23.87 68.55 -50.63
N SER J 11 24.57 69.67 -50.86
CA SER J 11 25.71 69.69 -51.75
C SER J 11 26.79 70.59 -51.16
N GLY J 12 28.02 70.41 -51.66
CA GLY J 12 29.14 71.19 -51.20
C GLY J 12 30.42 70.93 -51.99
N THR J 13 31.31 71.93 -52.01
CA THR J 13 32.57 71.84 -52.73
C THR J 13 33.71 71.49 -51.78
N PRO J 14 34.73 70.76 -52.26
CA PRO J 14 35.86 70.42 -51.39
C PRO J 14 36.69 71.63 -51.02
N GLY J 15 36.66 72.01 -49.74
CA GLY J 15 37.40 73.16 -49.27
C GLY J 15 36.54 74.11 -48.45
N GLN J 16 35.23 73.92 -48.50
CA GLN J 16 34.27 74.74 -47.75
C GLN J 16 33.62 73.91 -46.66
N ARG J 17 33.11 74.60 -45.65
CA ARG J 17 32.46 73.97 -44.51
C ARG J 17 30.94 74.11 -44.69
N VAL J 18 30.29 72.99 -44.98
CA VAL J 18 28.84 72.96 -45.14
C VAL J 18 28.19 72.65 -43.80
N THR J 19 26.89 72.95 -43.69
CA THR J 19 26.14 72.70 -42.48
C THR J 19 24.90 71.87 -42.82
N ILE J 20 24.56 70.94 -41.91
CA ILE J 20 23.40 70.07 -42.08
C ILE J 20 22.55 70.22 -40.83
N SER J 21 21.44 70.94 -40.95
CA SER J 21 20.53 71.18 -39.84
C SER J 21 19.46 70.09 -39.78
N CYS J 22 18.95 69.86 -38.57
CA CYS J 22 17.89 68.86 -38.36
C CYS J 22 17.07 69.33 -37.16
N SER J 23 15.94 69.95 -37.44
CA SER J 23 15.08 70.50 -36.39
C SER J 23 14.04 69.47 -35.95
N GLY J 24 13.36 69.79 -34.86
CA GLY J 24 12.34 68.91 -34.33
C GLY J 24 11.50 69.63 -33.29
N SER J 25 10.60 68.88 -32.68
CA SER J 25 9.72 69.42 -31.66
C SER J 25 10.48 69.60 -30.34
N SER J 26 9.82 70.27 -29.39
CA SER J 26 10.40 70.51 -28.07
C SER J 26 10.27 69.32 -27.13
N SER J 27 9.81 68.17 -27.64
CA SER J 27 9.64 66.98 -26.81
C SER J 27 10.75 65.95 -27.01
N ASN J 28 11.51 66.04 -28.08
CA ASN J 28 12.57 65.09 -28.38
C ASN J 28 13.95 65.73 -28.46
N ILE J 29 14.06 66.93 -29.03
CA ILE J 29 15.33 67.62 -29.13
C ILE J 29 15.53 68.60 -27.98
N GLY J 30 14.48 69.33 -27.61
CA GLY J 30 14.60 70.31 -26.54
C GLY J 30 14.86 69.71 -25.18
N SER J 31 14.54 68.43 -24.98
CA SER J 31 14.74 67.76 -23.71
C SER J 31 15.81 66.69 -23.74
N ASN J 32 16.31 66.30 -24.91
CA ASN J 32 17.31 65.25 -25.01
C ASN J 32 18.47 65.69 -25.90
N THR J 33 19.38 64.77 -26.20
CA THR J 33 20.54 65.06 -27.02
C THR J 33 20.34 64.50 -28.42
N VAL J 34 20.98 65.15 -29.40
CA VAL J 34 20.90 64.75 -30.80
C VAL J 34 22.18 64.01 -31.17
N ASN J 35 22.03 62.88 -31.88
CA ASN J 35 23.14 62.05 -32.29
C ASN J 35 23.18 62.00 -33.82
N TRP J 36 24.36 62.24 -34.38
CA TRP J 36 24.57 62.21 -35.82
C TRP J 36 25.25 60.92 -36.23
N TYR J 37 24.85 60.39 -37.39
CA TYR J 37 25.40 59.15 -37.91
C TYR J 37 25.80 59.34 -39.37
N GLN J 38 26.67 58.44 -39.85
CA GLN J 38 27.13 58.45 -41.23
C GLN J 38 27.24 57.02 -41.70
N GLN J 39 26.58 56.71 -42.82
CA GLN J 39 26.55 55.36 -43.37
C GLN J 39 26.95 55.42 -44.85
N LEU J 40 28.13 54.90 -45.15
CA LEU J 40 28.56 54.83 -46.54
C LEU J 40 27.70 53.82 -47.30
N PRO J 41 27.52 54.02 -48.60
CA PRO J 41 26.71 53.09 -49.40
C PRO J 41 27.31 51.69 -49.39
N GLY J 42 26.57 50.75 -48.82
CA GLY J 42 27.00 49.37 -48.73
C GLY J 42 27.69 48.97 -47.45
N THR J 43 27.62 49.80 -46.41
CA THR J 43 28.26 49.49 -45.13
C THR J 43 27.32 49.77 -43.97
N ALA J 44 27.85 49.73 -42.73
CA ALA J 44 27.09 49.98 -41.52
C ALA J 44 27.34 51.39 -41.02
N PRO J 45 26.32 52.02 -40.40
CA PRO J 45 26.49 53.38 -39.88
C PRO J 45 27.47 53.41 -38.72
N LYS J 46 27.74 54.64 -38.26
CA LYS J 46 28.65 54.85 -37.14
C LYS J 46 28.31 56.19 -36.49
N LEU J 47 28.50 56.26 -35.18
CA LEU J 47 28.21 57.49 -34.44
C LEU J 47 29.34 58.51 -34.64
N LEU J 48 28.96 59.75 -34.92
CA LEU J 48 29.92 60.82 -35.15
C LEU J 48 29.92 61.85 -34.03
N ILE J 49 28.76 62.39 -33.67
CA ILE J 49 28.65 63.40 -32.62
C ILE J 49 27.59 62.95 -31.64
N TYR J 50 27.97 62.82 -30.37
CA TYR J 50 27.04 62.48 -29.30
C TYR J 50 27.07 63.55 -28.23
N SER J 51 25.95 63.70 -27.52
CA SER J 51 25.76 64.72 -26.49
C SER J 51 25.90 66.13 -27.02
N ASN J 52 25.88 66.30 -28.35
CA ASN J 52 25.90 67.58 -29.03
C ASN J 52 27.22 68.34 -28.83
N ASN J 53 28.10 67.83 -27.96
CA ASN J 53 29.37 68.50 -27.71
C ASN J 53 30.56 67.56 -27.65
N GLN J 54 30.36 66.25 -27.80
CA GLN J 54 31.46 65.29 -27.72
C GLN J 54 31.52 64.45 -28.98
N ARG J 55 32.71 63.89 -29.25
CA ARG J 55 32.94 63.01 -30.37
C ARG J 55 33.83 61.86 -29.92
N PRO J 56 33.63 60.66 -30.47
CA PRO J 56 34.47 59.52 -30.07
C PRO J 56 35.90 59.64 -30.60
N SER J 57 36.75 58.69 -30.23
CA SER J 57 38.14 58.73 -30.68
C SER J 57 38.28 58.36 -32.15
N GLY J 58 37.33 57.58 -32.68
CA GLY J 58 37.42 57.20 -34.08
C GLY J 58 37.10 58.34 -35.02
N VAL J 59 36.14 59.17 -34.66
CA VAL J 59 35.76 60.31 -35.50
C VAL J 59 36.70 61.48 -35.22
N PRO J 60 37.36 62.04 -36.23
CA PRO J 60 38.27 63.16 -35.98
C PRO J 60 37.50 64.41 -35.57
N ASP J 61 38.26 65.44 -35.21
CA ASP J 61 37.70 66.71 -34.78
C ASP J 61 37.25 67.58 -35.95
N ARG J 62 37.34 67.08 -37.18
CA ARG J 62 36.93 67.88 -38.34
C ARG J 62 35.42 68.08 -38.39
N PHE J 63 34.64 67.23 -37.74
CA PHE J 63 33.20 67.38 -37.70
C PHE J 63 32.79 68.24 -36.50
N SER J 64 31.83 69.12 -36.72
CA SER J 64 31.34 70.03 -35.69
C SER J 64 29.83 69.88 -35.54
N GLY J 65 29.36 70.01 -34.30
CA GLY J 65 27.93 69.90 -34.03
C GLY J 65 27.54 70.84 -32.92
N SER J 66 26.27 71.25 -32.95
CA SER J 66 25.74 72.16 -31.95
C SER J 66 24.22 72.02 -31.91
N LYS J 67 23.66 72.24 -30.71
CA LYS J 67 22.22 72.16 -30.50
C LYS J 67 21.76 73.48 -29.87
N SER J 68 21.06 74.28 -30.66
CA SER J 68 20.57 75.59 -30.23
C SER J 68 19.06 75.51 -30.06
N GLY J 69 18.61 75.38 -28.82
CA GLY J 69 17.19 75.32 -28.53
C GLY J 69 16.56 74.00 -28.92
N THR J 70 15.67 74.03 -29.91
CA THR J 70 14.98 72.84 -30.39
C THR J 70 15.47 72.40 -31.76
N SER J 71 16.67 72.83 -32.17
CA SER J 71 17.22 72.48 -33.47
C SER J 71 18.70 72.17 -33.32
N ALA J 72 19.19 71.31 -34.20
CA ALA J 72 20.59 70.90 -34.22
C ALA J 72 21.19 71.21 -35.58
N SER J 73 22.52 71.14 -35.65
CA SER J 73 23.24 71.41 -36.88
C SER J 73 24.49 70.54 -36.95
N LEU J 74 24.79 70.04 -38.14
CA LEU J 74 25.95 69.20 -38.39
C LEU J 74 26.88 69.95 -39.35
N ALA J 75 27.97 70.48 -38.81
CA ALA J 75 28.94 71.24 -39.58
C ALA J 75 30.14 70.34 -39.90
N ILE J 76 30.44 70.19 -41.19
CA ILE J 76 31.56 69.39 -41.66
C ILE J 76 32.61 70.35 -42.19
N SER J 77 33.60 70.68 -41.36
CA SER J 77 34.66 71.60 -41.74
C SER J 77 35.68 70.89 -42.62
N GLY J 78 35.86 71.39 -43.84
CA GLY J 78 36.82 70.80 -44.75
C GLY J 78 36.44 69.42 -45.23
N LEU J 79 35.35 69.32 -45.99
CA LEU J 79 34.90 68.03 -46.50
C LEU J 79 35.84 67.54 -47.58
N GLN J 80 36.08 66.23 -47.59
CA GLN J 80 36.95 65.57 -48.55
C GLN J 80 36.12 64.78 -49.55
N SER J 81 36.82 64.07 -50.45
CA SER J 81 36.15 63.27 -51.45
C SER J 81 35.50 62.03 -50.86
N GLU J 82 35.90 61.62 -49.65
CA GLU J 82 35.33 60.45 -48.99
C GLU J 82 34.11 60.78 -48.15
N ASP J 83 33.73 62.06 -48.05
CA ASP J 83 32.57 62.47 -47.27
C ASP J 83 31.30 62.48 -48.12
N GLU J 84 31.01 61.35 -48.77
CA GLU J 84 29.82 61.20 -49.60
C GLU J 84 29.01 60.04 -49.04
N ALA J 85 28.03 60.37 -48.20
CA ALA J 85 27.18 59.36 -47.56
C ALA J 85 25.87 60.03 -47.16
N ASP J 86 25.08 59.32 -46.35
CA ASP J 86 23.80 59.82 -45.87
C ASP J 86 23.87 60.00 -44.35
N TYR J 87 23.45 61.16 -43.87
CA TYR J 87 23.48 61.49 -42.46
C TYR J 87 22.06 61.50 -41.91
N TYR J 88 21.86 60.80 -40.79
CA TYR J 88 20.56 60.71 -40.14
C TYR J 88 20.62 61.33 -38.75
N CYS J 89 19.49 61.83 -38.30
CA CYS J 89 19.37 62.42 -36.97
C CYS J 89 18.84 61.38 -35.99
N ALA J 90 19.06 61.65 -34.70
CA ALA J 90 18.63 60.73 -33.66
C ALA J 90 18.18 61.52 -32.45
N ALA J 91 17.00 61.18 -31.92
CA ALA J 91 16.45 61.85 -30.75
C ALA J 91 15.45 60.91 -30.07
N TRP J 92 15.51 60.88 -28.75
CA TRP J 92 14.62 60.04 -27.95
C TRP J 92 13.51 60.89 -27.37
N ASP J 93 12.28 60.63 -27.80
CA ASP J 93 11.14 61.38 -27.32
C ASP J 93 10.69 60.85 -25.96
N ASP J 94 9.94 61.69 -25.25
CA ASP J 94 9.43 61.31 -23.93
C ASP J 94 8.33 60.26 -24.00
N SER J 95 7.81 59.97 -25.20
CA SER J 95 6.79 58.95 -25.38
C SER J 95 7.37 57.55 -25.55
N LEU J 96 8.61 57.33 -25.12
CA LEU J 96 9.28 56.04 -25.18
C LEU J 96 9.36 55.53 -26.63
N ASN J 97 10.07 56.30 -27.45
CA ASN J 97 10.27 55.93 -28.85
C ASN J 97 11.52 56.61 -29.36
N TRP J 98 12.20 55.94 -30.28
CA TRP J 98 13.42 56.45 -30.92
C TRP J 98 13.08 56.84 -32.36
N VAL J 99 13.01 58.13 -32.62
CA VAL J 99 12.67 58.66 -33.93
C VAL J 99 13.94 59.11 -34.65
N PHE J 100 14.06 58.74 -35.92
CA PHE J 100 15.20 59.12 -36.74
C PHE J 100 14.85 60.33 -37.60
N GLY J 101 15.80 60.75 -38.43
CA GLY J 101 15.59 61.88 -39.31
C GLY J 101 15.06 61.47 -40.67
N GLY J 102 15.53 62.14 -41.72
CA GLY J 102 15.08 61.84 -43.07
C GLY J 102 16.21 61.41 -43.98
N GLY J 103 17.44 61.81 -43.63
CA GLY J 103 18.60 61.46 -44.44
C GLY J 103 19.05 62.58 -45.35
N THR J 104 20.33 62.92 -45.30
CA THR J 104 20.92 63.98 -46.12
C THR J 104 21.95 63.35 -47.05
N LYS J 105 21.61 63.25 -48.34
CA LYS J 105 22.49 62.67 -49.34
C LYS J 105 23.52 63.73 -49.73
N LEU J 106 24.61 63.80 -48.98
CA LEU J 106 25.67 64.75 -49.26
C LEU J 106 26.46 64.30 -50.48
N THR J 107 26.39 65.08 -51.56
CA THR J 107 27.06 64.77 -52.81
C THR J 107 28.12 65.84 -53.07
N VAL J 108 29.39 65.42 -53.05
CA VAL J 108 30.48 66.35 -53.29
C VAL J 108 30.57 66.67 -54.78
N LEU J 109 31.11 67.86 -55.09
CA LEU J 109 31.27 68.31 -56.45
C LEU J 109 32.73 68.23 -56.92
N GLY J 110 33.53 67.37 -56.30
CA GLY J 110 34.92 67.23 -56.68
C GLY J 110 35.27 65.83 -57.15
N GLU J 125 38.81 42.98 -30.91
CA GLU J 125 37.99 44.15 -31.21
C GLU J 125 36.51 43.87 -30.96
N VAL J 126 35.70 44.91 -31.05
CA VAL J 126 34.26 44.80 -30.81
C VAL J 126 33.58 44.47 -32.14
N GLN J 127 32.92 43.30 -32.19
CA GLN J 127 32.23 42.85 -33.39
C GLN J 127 30.84 42.35 -33.02
N LEU J 128 29.83 42.85 -33.73
CA LEU J 128 28.44 42.46 -33.51
C LEU J 128 27.95 41.79 -34.80
N VAL J 129 27.95 40.46 -34.81
CA VAL J 129 27.54 39.67 -35.96
C VAL J 129 26.19 39.03 -35.64
N GLU J 130 25.23 39.20 -36.55
CA GLU J 130 23.91 38.63 -36.41
C GLU J 130 23.55 37.84 -37.67
N SER J 131 22.70 36.84 -37.49
CA SER J 131 22.28 35.96 -38.58
C SER J 131 20.77 35.78 -38.51
N GLY J 132 20.25 34.92 -39.38
CA GLY J 132 18.83 34.66 -39.43
C GLY J 132 18.15 35.31 -40.61
N GLY J 133 17.86 34.52 -41.64
CA GLY J 133 17.22 35.06 -42.82
C GLY J 133 16.69 33.97 -43.71
N GLY J 134 16.34 34.35 -44.93
CA GLY J 134 15.82 33.42 -45.91
C GLY J 134 14.30 33.45 -45.95
N VAL J 135 13.68 32.30 -45.68
CA VAL J 135 12.22 32.22 -45.65
C VAL J 135 11.70 33.00 -44.46
N VAL J 136 10.99 34.09 -44.72
CA VAL J 136 10.46 34.91 -43.64
C VAL J 136 9.12 34.39 -43.14
N GLN J 137 8.32 33.76 -44.00
CA GLN J 137 6.99 33.26 -43.68
C GLN J 137 6.14 34.35 -43.05
N PRO J 138 5.70 35.34 -43.82
CA PRO J 138 4.90 36.43 -43.24
C PRO J 138 3.56 35.94 -42.72
N GLY J 139 3.53 35.47 -41.48
CA GLY J 139 2.31 34.96 -40.89
C GLY J 139 2.57 33.72 -40.05
N GLY J 140 3.82 33.27 -40.01
CA GLY J 140 4.21 32.15 -39.19
C GLY J 140 5.09 32.55 -38.03
N SER J 141 6.39 32.25 -38.13
CA SER J 141 7.33 32.58 -37.07
C SER J 141 8.73 32.69 -37.67
N LEU J 142 9.58 33.44 -36.98
CA LEU J 142 10.95 33.65 -37.42
C LEU J 142 11.82 33.99 -36.21
N ARG J 143 13.03 33.44 -36.19
CA ARG J 143 13.96 33.63 -35.08
C ARG J 143 15.16 34.43 -35.57
N LEU J 144 15.52 35.47 -34.82
CA LEU J 144 16.66 36.33 -35.15
C LEU J 144 17.53 36.47 -33.92
N SER J 145 18.82 36.17 -34.07
CA SER J 145 19.78 36.26 -32.98
C SER J 145 20.94 37.15 -33.38
N CYS J 146 21.62 37.70 -32.36
CA CYS J 146 22.77 38.56 -32.57
C CYS J 146 23.85 38.18 -31.58
N ALA J 147 25.03 37.83 -32.09
CA ALA J 147 26.14 37.45 -31.23
C ALA J 147 26.83 38.69 -30.66
N ALA J 148 27.51 38.49 -29.53
CA ALA J 148 28.20 39.58 -28.85
C ALA J 148 29.26 39.00 -27.93
N SER J 149 30.49 39.47 -28.08
CA SER J 149 31.60 38.98 -27.26
C SER J 149 32.78 39.94 -27.41
N GLY J 150 33.37 40.33 -26.28
CA GLY J 150 34.56 41.15 -26.27
C GLY J 150 34.38 42.60 -25.89
N PHE J 151 33.19 43.00 -25.41
CA PHE J 151 32.98 44.40 -25.03
C PHE J 151 32.18 44.53 -23.75
N ARG J 152 32.21 43.53 -22.86
CA ARG J 152 31.48 43.55 -21.60
C ARG J 152 29.97 43.74 -21.84
N PHE J 153 29.40 42.70 -22.47
CA PHE J 153 27.99 42.74 -22.85
C PHE J 153 27.08 42.97 -21.66
N ASP J 154 27.49 42.55 -20.46
CA ASP J 154 26.65 42.68 -19.28
C ASP J 154 26.51 44.13 -18.81
N ASP J 155 27.38 45.04 -19.29
CA ASP J 155 27.34 46.44 -18.88
C ASP J 155 26.72 47.35 -19.94
N HIS J 156 26.94 47.06 -21.22
CA HIS J 156 26.44 47.91 -22.29
C HIS J 156 25.07 47.41 -22.76
N ALA J 157 24.22 48.36 -23.16
CA ALA J 157 22.89 48.04 -23.66
C ALA J 157 22.95 47.74 -25.15
N MET J 158 21.79 47.38 -25.70
CA MET J 158 21.66 47.04 -27.11
C MET J 158 20.46 47.76 -27.71
N HIS J 159 20.42 47.80 -29.04
CA HIS J 159 19.33 48.40 -29.78
C HIS J 159 19.00 47.54 -31.00
N TRP J 160 17.99 47.96 -31.75
CA TRP J 160 17.58 47.28 -32.98
C TRP J 160 17.11 48.35 -33.96
N VAL J 161 17.89 48.59 -35.00
CA VAL J 161 17.58 49.60 -36.01
C VAL J 161 17.52 48.89 -37.36
N ARG J 162 16.35 48.95 -38.00
CA ARG J 162 16.16 48.37 -39.33
C ARG J 162 16.19 49.46 -40.39
N GLN J 163 16.58 49.07 -41.60
CA GLN J 163 16.70 50.00 -42.72
C GLN J 163 16.21 49.32 -43.98
N ALA J 164 15.09 49.80 -44.52
CA ALA J 164 14.56 49.25 -45.76
C ALA J 164 15.46 49.64 -46.93
N PRO J 165 15.52 48.81 -47.98
CA PRO J 165 16.33 49.15 -49.15
C PRO J 165 15.84 50.42 -49.84
N GLY J 166 16.64 51.47 -49.79
CA GLY J 166 16.26 52.75 -50.37
C GLY J 166 15.56 53.69 -49.42
N LYS J 167 15.42 53.32 -48.15
CA LYS J 167 14.75 54.15 -47.14
C LYS J 167 15.74 54.50 -46.03
N GLY J 168 15.24 55.15 -44.99
CA GLY J 168 16.06 55.57 -43.87
C GLY J 168 16.09 54.54 -42.76
N LEU J 169 16.66 54.95 -41.63
CA LEU J 169 16.77 54.07 -40.47
C LEU J 169 15.48 54.09 -39.66
N GLU J 170 15.08 52.91 -39.18
CA GLU J 170 13.87 52.76 -38.39
C GLU J 170 14.18 51.96 -37.14
N TRP J 171 13.84 52.52 -35.98
CA TRP J 171 14.09 51.85 -34.71
C TRP J 171 13.05 50.76 -34.47
N VAL J 172 13.48 49.65 -33.88
CA VAL J 172 12.63 48.49 -33.63
C VAL J 172 12.34 48.34 -32.14
N SER J 173 13.37 48.11 -31.33
CA SER J 173 13.19 47.90 -29.90
C SER J 173 14.48 48.29 -29.19
N VAL J 174 14.42 48.27 -27.85
CA VAL J 174 15.55 48.62 -27.01
C VAL J 174 15.51 47.76 -25.77
N ILE J 175 16.69 47.43 -25.26
CA ILE J 175 16.83 46.63 -24.04
C ILE J 175 17.89 47.28 -23.16
N SER J 176 17.61 47.37 -21.86
CA SER J 176 18.54 47.96 -20.92
C SER J 176 19.71 47.02 -20.67
N GLY J 177 20.76 47.56 -20.05
CA GLY J 177 21.93 46.76 -19.74
C GLY J 177 21.67 45.71 -18.67
N ASP J 178 20.71 45.98 -17.77
CA ASP J 178 20.36 45.04 -16.72
C ASP J 178 19.32 44.01 -17.15
N GLY J 179 18.75 44.17 -18.34
CA GLY J 179 17.72 43.25 -18.81
C GLY J 179 16.39 43.40 -18.12
N GLY J 180 16.02 44.61 -17.75
CA GLY J 180 14.75 44.85 -17.08
C GLY J 180 13.68 45.44 -17.97
N SER J 181 13.46 46.74 -17.85
CA SER J 181 12.43 47.39 -18.65
C SER J 181 12.86 47.50 -20.10
N THR J 182 11.91 47.27 -21.02
CA THR J 182 12.15 47.36 -22.44
C THR J 182 11.05 48.17 -23.10
N TYR J 183 11.34 48.68 -24.29
CA TYR J 183 10.40 49.52 -25.02
C TYR J 183 10.37 49.07 -26.49
N TYR J 184 9.23 49.33 -27.14
CA TYR J 184 9.04 48.97 -28.53
C TYR J 184 8.50 50.16 -29.29
N ALA J 185 8.59 50.10 -30.61
CA ALA J 185 8.08 51.17 -31.46
C ALA J 185 6.55 51.13 -31.50
N ASP J 186 5.96 52.23 -31.98
CA ASP J 186 4.51 52.33 -32.05
C ASP J 186 3.90 51.43 -33.11
N SER J 187 4.69 51.00 -34.10
CA SER J 187 4.18 50.17 -35.18
C SER J 187 4.45 48.69 -34.97
N VAL J 188 5.32 48.32 -34.02
CA VAL J 188 5.66 46.93 -33.77
C VAL J 188 5.37 46.54 -32.31
N LYS J 189 4.59 47.36 -31.61
CA LYS J 189 4.28 47.08 -30.21
C LYS J 189 3.27 45.94 -30.11
N GLY J 190 3.57 44.95 -29.27
CA GLY J 190 2.68 43.84 -29.04
C GLY J 190 2.95 42.61 -29.89
N ARG J 191 3.86 42.70 -30.87
CA ARG J 191 4.16 41.57 -31.74
C ARG J 191 5.57 41.03 -31.58
N PHE J 192 6.51 41.85 -31.14
CA PHE J 192 7.90 41.43 -30.97
C PHE J 192 8.19 41.09 -29.51
N SER J 193 9.25 40.30 -29.32
CA SER J 193 9.70 39.90 -27.99
C SER J 193 11.22 39.93 -27.99
N ILE J 194 11.80 40.88 -27.27
CA ILE J 194 13.25 41.07 -27.21
C ILE J 194 13.75 40.55 -25.87
N SER J 195 14.90 39.90 -25.88
CA SER J 195 15.51 39.36 -24.67
C SER J 195 16.99 39.17 -24.90
N ARG J 196 17.73 38.95 -23.83
CA ARG J 196 19.17 38.74 -23.88
C ARG J 196 19.54 37.61 -22.92
N ASP J 197 20.76 37.11 -23.08
CA ASP J 197 21.30 36.04 -22.25
C ASP J 197 22.67 36.49 -21.74
N ASP J 198 22.71 36.90 -20.47
CA ASP J 198 23.97 37.37 -19.88
C ASP J 198 24.97 36.24 -19.70
N SER J 199 24.52 35.00 -19.66
CA SER J 199 25.45 33.88 -19.50
C SER J 199 26.07 33.46 -20.82
N LYS J 200 25.28 33.43 -21.89
CA LYS J 200 25.77 33.04 -23.21
C LYS J 200 26.25 34.22 -24.04
N ASN J 201 25.99 35.45 -23.60
CA ASN J 201 26.41 36.66 -24.30
C ASN J 201 25.85 36.68 -25.73
N SER J 202 24.51 36.70 -25.82
CA SER J 202 23.83 36.72 -27.10
C SER J 202 22.56 37.54 -26.98
N LEU J 203 22.16 38.15 -28.09
CA LEU J 203 20.96 38.98 -28.17
C LEU J 203 19.96 38.33 -29.12
N TYR J 204 18.72 38.19 -28.65
CA TYR J 204 17.66 37.56 -29.42
C TYR J 204 16.54 38.56 -29.69
N LEU J 205 15.75 38.27 -30.72
CA LEU J 205 14.60 39.13 -31.07
C LEU J 205 13.56 38.23 -31.75
N GLN J 206 12.54 37.86 -30.98
CA GLN J 206 11.47 37.00 -31.50
C GLN J 206 10.46 37.86 -32.25
N MET J 207 10.34 37.64 -33.56
CA MET J 207 9.41 38.36 -34.40
C MET J 207 8.26 37.45 -34.79
N ASN J 208 7.04 37.97 -34.68
CA ASN J 208 5.84 37.20 -35.00
C ASN J 208 4.90 38.05 -35.84
N SER J 209 4.21 37.40 -36.79
CA SER J 209 3.24 38.05 -37.66
C SER J 209 3.87 39.23 -38.41
N LEU J 210 4.96 38.94 -39.12
CA LEU J 210 5.62 39.98 -39.92
C LEU J 210 4.79 40.31 -41.15
N ARG J 211 4.64 41.59 -41.44
CA ARG J 211 3.88 42.05 -42.59
C ARG J 211 4.79 42.18 -43.80
N THR J 212 4.21 42.56 -44.94
CA THR J 212 4.96 42.71 -46.17
C THR J 212 5.73 44.03 -46.25
N GLU J 213 5.57 44.91 -45.26
CA GLU J 213 6.26 46.19 -45.23
C GLU J 213 7.43 46.20 -44.26
N ASP J 214 7.88 45.03 -43.82
CA ASP J 214 8.99 44.90 -42.88
C ASP J 214 10.24 44.38 -43.56
N THR J 215 10.45 44.79 -44.82
CA THR J 215 11.63 44.38 -45.58
C THR J 215 12.80 45.28 -45.20
N ALA J 216 13.73 44.75 -44.41
CA ALA J 216 14.88 45.51 -43.95
C ALA J 216 15.98 44.52 -43.55
N LEU J 217 17.02 45.03 -42.90
CA LEU J 217 18.15 44.21 -42.49
C LEU J 217 18.20 43.97 -41.00
N TYR J 218 17.57 44.81 -40.19
CA TYR J 218 17.54 44.67 -38.73
C TYR J 218 18.96 44.66 -38.15
N TYR J 219 19.65 45.78 -38.31
CA TYR J 219 21.02 45.91 -37.81
C TYR J 219 21.05 45.78 -36.30
N CYS J 220 22.04 45.03 -35.81
CA CYS J 220 22.23 44.83 -34.37
C CYS J 220 23.15 45.94 -33.87
N ALA J 221 22.58 46.92 -33.18
CA ALA J 221 23.31 48.08 -32.70
C ALA J 221 23.71 47.90 -31.25
N LYS J 222 24.89 48.40 -30.90
CA LYS J 222 25.44 48.32 -29.55
C LYS J 222 25.43 49.71 -28.92
N ASP J 223 24.88 49.79 -27.72
CA ASP J 223 24.80 51.05 -26.99
C ASP J 223 26.03 51.26 -26.12
N ARG J 224 26.36 52.52 -25.88
CA ARG J 224 27.49 52.89 -25.03
C ARG J 224 27.09 53.20 -23.60
N SER J 225 25.80 53.41 -23.33
CA SER J 225 25.33 53.71 -22.00
C SER J 225 24.95 52.40 -21.29
N TYR J 226 24.31 52.51 -20.13
CA TYR J 226 23.90 51.36 -19.34
C TYR J 226 22.38 51.19 -19.33
N GLY J 227 21.65 52.22 -18.92
CA GLY J 227 20.21 52.15 -18.84
C GLY J 227 19.54 52.62 -20.11
N PRO J 228 18.21 52.57 -20.14
CA PRO J 228 17.47 53.04 -21.31
C PRO J 228 17.61 54.54 -21.47
N PRO J 229 17.34 55.07 -22.68
CA PRO J 229 17.50 56.52 -22.89
C PRO J 229 16.53 57.38 -22.09
N ASP J 230 15.52 56.78 -21.44
CA ASP J 230 14.56 57.58 -20.67
C ASP J 230 15.16 58.11 -19.39
N VAL J 231 16.07 57.37 -18.76
CA VAL J 231 16.72 57.82 -17.53
C VAL J 231 18.06 58.50 -17.81
N PHE J 232 18.88 57.91 -18.67
CA PHE J 232 20.17 58.48 -19.04
C PHE J 232 20.01 59.15 -20.41
N ASN J 233 19.54 60.39 -20.38
CA ASN J 233 19.28 61.15 -21.60
C ASN J 233 20.46 62.02 -22.02
N TYR J 234 21.67 61.69 -21.56
CA TYR J 234 22.84 62.47 -21.94
C TYR J 234 24.06 61.59 -22.22
N GLU J 235 23.90 60.27 -22.28
CA GLU J 235 25.00 59.36 -22.51
C GLU J 235 24.72 58.29 -23.56
N TYR J 236 23.47 58.10 -23.96
CA TYR J 236 23.12 57.06 -24.92
C TYR J 236 23.75 57.34 -26.28
N GLY J 237 24.06 56.28 -27.00
CA GLY J 237 24.66 56.39 -28.32
C GLY J 237 25.04 55.04 -28.92
N MET J 238 24.76 54.87 -30.20
CA MET J 238 25.05 53.61 -30.90
C MET J 238 26.42 53.74 -31.56
N ASP J 239 27.44 53.22 -30.86
CA ASP J 239 28.81 53.34 -31.36
C ASP J 239 29.13 52.26 -32.39
N VAL J 240 29.04 50.99 -31.99
CA VAL J 240 29.41 49.87 -32.84
C VAL J 240 28.15 49.29 -33.46
N TRP J 241 28.19 49.07 -34.78
CA TRP J 241 27.10 48.50 -35.54
C TRP J 241 27.52 47.13 -36.08
N GLY J 242 26.64 46.53 -36.88
CA GLY J 242 26.91 45.23 -37.47
C GLY J 242 26.29 45.12 -38.84
N GLN J 243 26.54 43.98 -39.48
CA GLN J 243 26.03 43.72 -40.82
C GLN J 243 24.70 42.99 -40.70
N GLY J 244 23.61 43.67 -41.02
CA GLY J 244 22.29 43.09 -40.93
C GLY J 244 22.05 42.04 -42.00
N THR J 245 20.96 41.29 -41.81
CA THR J 245 20.56 40.23 -42.72
C THR J 245 19.31 40.69 -43.48
N THR J 246 19.43 40.81 -44.79
CA THR J 246 18.31 41.27 -45.62
C THR J 246 17.24 40.19 -45.69
N VAL J 247 16.04 40.51 -45.22
CA VAL J 247 14.93 39.57 -45.28
C VAL J 247 14.30 39.60 -46.67
N THR J 248 13.57 38.53 -47.00
CA THR J 248 12.93 38.36 -48.29
C THR J 248 11.44 38.08 -48.11
N VAL J 249 10.80 38.89 -47.27
CA VAL J 249 9.37 38.72 -47.02
C VAL J 249 8.58 39.14 -48.25
N SER J 250 7.79 38.22 -48.79
CA SER J 250 6.98 38.49 -49.97
C SER J 250 5.77 37.54 -49.95
N SER J 251 5.00 37.55 -51.04
CA SER J 251 3.84 36.69 -51.15
C SER J 251 4.24 35.25 -51.45
N VAL K 3 30.77 -64.49 -15.02
CA VAL K 3 32.10 -64.88 -15.48
C VAL K 3 32.01 -66.10 -16.39
N LEU K 4 32.64 -66.00 -17.57
CA LEU K 4 32.55 -67.02 -18.59
C LEU K 4 33.95 -67.39 -19.06
N THR K 5 34.19 -68.69 -19.21
CA THR K 5 35.47 -69.17 -19.72
C THR K 5 35.40 -69.35 -21.23
N GLN K 6 36.35 -68.74 -21.95
CA GLN K 6 36.45 -68.91 -23.40
C GLN K 6 37.92 -69.00 -23.77
N PRO K 7 38.31 -69.99 -24.57
CA PRO K 7 39.70 -70.08 -24.98
C PRO K 7 40.09 -68.87 -25.82
N PRO K 8 41.39 -68.53 -25.84
CA PRO K 8 41.79 -67.27 -26.48
C PRO K 8 41.70 -67.29 -28.00
N SER K 9 42.10 -68.40 -28.64
CA SER K 9 42.16 -68.43 -30.09
C SER K 9 42.05 -69.86 -30.59
N ALA K 10 41.43 -70.03 -31.75
CA ALA K 10 41.30 -71.33 -32.41
C ALA K 10 41.97 -71.26 -33.78
N SER K 11 41.92 -72.39 -34.49
CA SER K 11 42.51 -72.50 -35.82
C SER K 11 41.58 -73.30 -36.71
N GLY K 12 41.80 -73.16 -38.02
CA GLY K 12 41.00 -73.87 -39.00
C GLY K 12 41.48 -73.69 -40.42
N THR K 13 41.28 -74.72 -41.27
CA THR K 13 41.71 -74.69 -42.65
C THR K 13 40.53 -74.36 -43.57
N PRO K 14 40.77 -73.67 -44.69
CA PRO K 14 39.68 -73.35 -45.61
C PRO K 14 39.11 -74.58 -46.31
N GLY K 15 37.87 -74.93 -45.98
CA GLY K 15 37.24 -76.10 -46.55
C GLY K 15 36.63 -77.00 -45.51
N GLN K 16 37.02 -76.82 -44.25
CA GLN K 16 36.52 -77.61 -43.15
C GLN K 16 35.66 -76.75 -42.23
N ARG K 17 34.83 -77.41 -41.43
CA ARG K 17 33.94 -76.75 -40.48
C ARG K 17 34.53 -76.84 -39.08
N VAL K 18 34.59 -75.70 -38.40
CA VAL K 18 35.12 -75.64 -37.04
C VAL K 18 34.01 -75.19 -36.09
N THR K 19 34.26 -75.40 -34.80
CA THR K 19 33.31 -75.04 -33.75
C THR K 19 33.99 -74.09 -32.76
N ILE K 20 33.21 -73.17 -32.21
CA ILE K 20 33.69 -72.20 -31.23
C ILE K 20 32.81 -72.35 -29.99
N SER K 21 33.35 -72.94 -28.94
CA SER K 21 32.60 -73.21 -27.72
C SER K 21 32.77 -72.08 -26.71
N CYS K 22 31.69 -71.83 -25.95
CA CYS K 22 31.69 -70.77 -24.93
C CYS K 22 30.67 -71.19 -23.87
N SER K 23 31.17 -71.58 -22.71
CA SER K 23 30.33 -72.10 -21.65
C SER K 23 29.85 -70.99 -20.71
N GLY K 24 28.83 -71.31 -19.92
CA GLY K 24 28.29 -70.36 -18.96
C GLY K 24 27.48 -71.08 -17.91
N SER K 25 27.33 -70.42 -16.77
CA SER K 25 26.63 -71.02 -15.63
C SER K 25 25.15 -71.21 -15.97
N SER K 26 24.44 -71.92 -15.07
CA SER K 26 23.05 -72.28 -15.28
C SER K 26 22.08 -71.11 -15.11
N SER K 27 22.59 -69.89 -15.04
CA SER K 27 21.74 -68.70 -14.97
C SER K 27 21.86 -67.79 -16.18
N ASN K 28 22.76 -68.09 -17.11
CA ASN K 28 22.99 -67.24 -18.26
C ASN K 28 22.85 -67.97 -19.60
N ILE K 29 23.29 -69.21 -19.68
CA ILE K 29 23.12 -70.01 -20.89
C ILE K 29 22.07 -71.11 -20.68
N GLY K 30 22.09 -71.77 -19.52
CA GLY K 30 21.07 -72.76 -19.21
C GLY K 30 19.68 -72.18 -19.10
N SER K 31 19.55 -70.88 -18.85
CA SER K 31 18.25 -70.23 -18.72
C SER K 31 18.03 -69.13 -19.74
N ASN K 32 19.05 -68.36 -20.10
CA ASN K 32 18.89 -67.30 -21.10
C ASN K 32 19.50 -67.73 -22.43
N THR K 33 19.48 -66.84 -23.42
CA THR K 33 19.94 -67.15 -24.76
C THR K 33 21.38 -66.69 -24.97
N VAL K 34 22.00 -67.21 -26.03
CA VAL K 34 23.37 -66.88 -26.39
C VAL K 34 23.35 -66.09 -27.70
N ASN K 35 24.13 -65.02 -27.73
CA ASN K 35 24.27 -64.17 -28.91
C ASN K 35 25.73 -64.14 -29.33
N TRP K 36 25.99 -64.42 -30.60
CA TRP K 36 27.35 -64.43 -31.15
C TRP K 36 27.61 -63.16 -31.92
N TYR K 37 28.83 -62.64 -31.80
CA TYR K 37 29.24 -61.43 -32.49
C TYR K 37 30.58 -61.65 -33.18
N GLN K 38 30.85 -60.84 -34.19
CA GLN K 38 32.09 -60.89 -34.94
C GLN K 38 32.54 -59.48 -35.26
N GLN K 39 33.80 -59.16 -34.91
CA GLN K 39 34.35 -57.84 -35.10
C GLN K 39 35.67 -57.96 -35.86
N LEU K 40 35.68 -57.50 -37.10
CA LEU K 40 36.90 -57.48 -37.88
C LEU K 40 37.89 -56.48 -37.28
N PRO K 41 39.20 -56.72 -37.44
CA PRO K 41 40.19 -55.79 -36.88
C PRO K 41 40.06 -54.41 -37.51
N GLY K 42 39.71 -53.43 -36.67
CA GLY K 42 39.54 -52.06 -37.11
C GLY K 42 38.13 -51.64 -37.46
N THR K 43 37.12 -52.44 -37.09
CA THR K 43 35.74 -52.11 -37.39
C THR K 43 34.86 -52.34 -36.18
N ALA K 44 33.52 -52.28 -36.37
CA ALA K 44 32.55 -52.47 -35.31
C ALA K 44 31.97 -53.88 -35.37
N PRO K 45 31.63 -54.46 -34.22
CA PRO K 45 31.06 -55.81 -34.20
C PRO K 45 29.68 -55.84 -34.86
N LYS K 46 29.20 -57.06 -35.07
CA LYS K 46 27.89 -57.28 -35.68
C LYS K 46 27.32 -58.58 -35.15
N LEU K 47 25.98 -58.61 -35.02
CA LEU K 47 25.30 -59.78 -34.52
C LEU K 47 25.21 -60.84 -35.62
N LEU K 48 25.57 -62.08 -35.27
CA LEU K 48 25.54 -63.20 -36.22
C LEU K 48 24.41 -64.18 -35.93
N ILE K 49 24.31 -64.69 -34.70
CA ILE K 49 23.28 -65.65 -34.33
C ILE K 49 22.58 -65.14 -33.08
N TYR K 50 21.26 -64.98 -33.16
CA TYR K 50 20.45 -64.58 -32.03
C TYR K 50 19.37 -65.62 -31.78
N SER K 51 18.93 -65.71 -30.52
CA SER K 51 17.92 -66.68 -30.07
C SER K 51 18.37 -68.12 -30.27
N ASN K 52 19.67 -68.33 -30.52
CA ASN K 52 20.28 -69.65 -30.64
C ASN K 52 19.79 -70.44 -31.86
N ASN K 53 18.75 -69.93 -32.53
CA ASN K 53 18.22 -70.63 -33.70
C ASN K 53 17.92 -69.73 -34.87
N GLN K 54 18.13 -68.42 -34.77
CA GLN K 54 17.81 -67.48 -35.84
C GLN K 54 19.05 -66.69 -36.22
N ARG K 55 19.03 -66.17 -37.46
CA ARG K 55 20.08 -65.33 -37.99
C ARG K 55 19.46 -64.19 -38.79
N PRO K 56 20.05 -63.00 -38.75
CA PRO K 56 19.48 -61.88 -39.51
C PRO K 56 19.66 -62.05 -41.01
N SER K 57 19.09 -61.12 -41.79
CA SER K 57 19.20 -61.20 -43.23
C SER K 57 20.60 -60.87 -43.74
N GLY K 58 21.38 -60.13 -42.97
CA GLY K 58 22.73 -59.80 -43.41
C GLY K 58 23.69 -60.95 -43.30
N VAL K 59 23.55 -61.76 -42.24
CA VAL K 59 24.42 -62.92 -42.03
C VAL K 59 23.88 -64.09 -42.83
N PRO K 60 24.70 -64.71 -43.69
CA PRO K 60 24.22 -65.86 -44.47
C PRO K 60 23.96 -67.09 -43.61
N ASP K 61 23.47 -68.15 -44.23
CA ASP K 61 23.17 -69.39 -43.52
C ASP K 61 24.41 -70.27 -43.32
N ARG K 62 25.60 -69.78 -43.69
CA ARG K 62 26.81 -70.57 -43.52
C ARG K 62 27.22 -70.70 -42.06
N PHE K 63 26.75 -69.81 -41.19
CA PHE K 63 27.05 -69.89 -39.77
C PHE K 63 25.97 -70.70 -39.06
N SER K 64 26.41 -71.56 -38.14
CA SER K 64 25.51 -72.42 -37.38
C SER K 64 25.71 -72.18 -35.88
N GLY K 65 24.62 -72.34 -35.14
CA GLY K 65 24.66 -72.16 -33.70
C GLY K 65 23.73 -73.13 -33.01
N SER K 66 24.07 -73.47 -31.76
CA SER K 66 23.28 -74.41 -30.99
C SER K 66 23.56 -74.19 -29.51
N LYS K 67 22.50 -74.22 -28.71
CA LYS K 67 22.57 -74.04 -27.26
C LYS K 67 22.11 -75.35 -26.62
N SER K 68 23.07 -76.19 -26.22
CA SER K 68 22.78 -77.49 -25.61
C SER K 68 23.07 -77.39 -24.12
N GLY K 69 22.00 -77.34 -23.32
CA GLY K 69 22.14 -77.29 -21.87
C GLY K 69 22.68 -75.98 -21.36
N THR K 70 23.88 -76.01 -20.76
CA THR K 70 24.50 -74.82 -20.18
C THR K 70 25.76 -74.40 -20.94
N SER K 71 25.90 -74.82 -22.19
CA SER K 71 27.05 -74.47 -23.00
C SER K 71 26.59 -74.01 -24.37
N ALA K 72 27.44 -73.23 -25.04
CA ALA K 72 27.16 -72.69 -26.36
C ALA K 72 28.23 -73.13 -27.35
N SER K 73 27.87 -73.14 -28.62
CA SER K 73 28.78 -73.56 -29.68
C SER K 73 28.48 -72.76 -30.94
N LEU K 74 29.54 -72.30 -31.60
CA LEU K 74 29.44 -71.54 -32.84
C LEU K 74 30.12 -72.33 -33.95
N ALA K 75 29.32 -72.95 -34.82
CA ALA K 75 29.83 -73.75 -35.92
C ALA K 75 29.89 -72.91 -37.19
N ILE K 76 31.07 -72.79 -37.76
CA ILE K 76 31.28 -72.03 -38.99
C ILE K 76 31.58 -73.04 -40.09
N SER K 77 30.56 -73.40 -40.86
CA SER K 77 30.71 -74.36 -41.93
C SER K 77 31.30 -73.69 -43.17
N GLY K 78 32.43 -74.21 -43.64
CA GLY K 78 33.09 -73.67 -44.80
C GLY K 78 33.67 -72.28 -44.59
N LEU K 79 34.67 -72.18 -43.72
CA LEU K 79 35.29 -70.88 -43.45
C LEU K 79 36.12 -70.43 -44.64
N GLN K 80 36.05 -69.14 -44.94
CA GLN K 80 36.77 -68.54 -46.05
C GLN K 80 37.95 -67.73 -45.52
N SER K 81 38.65 -67.07 -46.45
CA SER K 81 39.81 -66.27 -46.07
C SER K 81 39.41 -64.99 -45.34
N GLU K 82 38.15 -64.57 -45.44
CA GLU K 82 37.66 -63.38 -44.78
C GLU K 82 37.14 -63.64 -43.38
N ASP K 83 37.13 -64.89 -42.93
CA ASP K 83 36.67 -65.24 -41.59
C ASP K 83 37.81 -65.23 -40.58
N GLU K 84 38.52 -64.11 -40.50
CA GLU K 84 39.62 -63.91 -39.57
C GLU K 84 39.28 -62.71 -38.70
N ALA K 85 38.68 -62.98 -37.54
CA ALA K 85 38.26 -61.93 -36.62
C ALA K 85 38.16 -62.54 -35.22
N ASP K 86 37.56 -61.80 -34.30
CA ASP K 86 37.37 -62.23 -32.92
C ASP K 86 35.88 -62.40 -32.64
N TYR K 87 35.52 -63.51 -32.01
CA TYR K 87 34.14 -63.83 -31.70
C TYR K 87 33.93 -63.77 -30.19
N TYR K 88 32.89 -63.07 -29.75
CA TYR K 88 32.56 -62.92 -28.34
C TYR K 88 31.18 -63.49 -28.06
N CYS K 89 30.97 -63.87 -26.80
CA CYS K 89 29.71 -64.43 -26.35
C CYS K 89 28.90 -63.36 -25.60
N ALA K 90 27.61 -63.65 -25.42
CA ALA K 90 26.70 -62.71 -24.77
C ALA K 90 25.68 -63.49 -23.96
N ALA K 91 25.37 -62.98 -22.76
CA ALA K 91 24.44 -63.65 -21.87
C ALA K 91 23.96 -62.67 -20.81
N TRP K 92 22.93 -63.08 -20.07
CA TRP K 92 22.32 -62.27 -19.02
C TRP K 92 22.26 -63.10 -17.74
N ASP K 93 23.06 -62.72 -16.75
CA ASP K 93 23.09 -63.44 -15.48
C ASP K 93 21.94 -62.97 -14.58
N ASP K 94 21.76 -63.69 -13.47
CA ASP K 94 20.70 -63.35 -12.51
C ASP K 94 20.97 -62.03 -11.81
N SER K 95 22.20 -61.53 -11.83
CA SER K 95 22.53 -60.23 -11.25
C SER K 95 22.20 -59.07 -12.19
N LEU K 96 21.42 -59.32 -13.24
CA LEU K 96 21.01 -58.30 -14.20
C LEU K 96 22.23 -57.65 -14.85
N ASN K 97 23.01 -58.47 -15.57
CA ASN K 97 24.23 -57.99 -16.21
C ASN K 97 24.38 -58.67 -17.56
N TRP K 98 25.00 -57.95 -18.49
CA TRP K 98 25.31 -58.46 -19.82
C TRP K 98 26.76 -58.96 -19.80
N VAL K 99 26.93 -60.24 -19.52
CA VAL K 99 28.25 -60.83 -19.35
C VAL K 99 28.77 -61.27 -20.71
N PHE K 100 30.06 -61.09 -20.95
CA PHE K 100 30.71 -61.49 -22.18
C PHE K 100 31.58 -62.73 -21.94
N GLY K 101 32.14 -63.26 -23.02
CA GLY K 101 33.06 -64.38 -22.94
C GLY K 101 34.50 -63.93 -22.82
N GLY K 102 35.38 -64.52 -23.62
CA GLY K 102 36.79 -64.16 -23.59
C GLY K 102 37.33 -63.71 -24.93
N GLY K 103 36.69 -64.13 -26.01
CA GLY K 103 37.16 -63.80 -27.34
C GLY K 103 37.93 -64.91 -27.99
N THR K 104 37.60 -65.24 -29.24
CA THR K 104 38.25 -66.31 -29.98
C THR K 104 38.87 -65.72 -31.25
N LYS K 105 40.19 -65.63 -31.27
CA LYS K 105 40.92 -65.09 -32.41
C LYS K 105 41.06 -66.19 -33.46
N LEU K 106 40.08 -66.28 -34.35
CA LEU K 106 40.10 -67.29 -35.40
C LEU K 106 41.12 -66.90 -36.46
N THR K 107 42.15 -67.73 -36.63
CA THR K 107 43.22 -67.50 -37.59
C THR K 107 43.19 -68.62 -38.63
N VAL K 108 42.89 -68.27 -39.87
CA VAL K 108 42.84 -69.25 -40.94
C VAL K 108 44.25 -69.65 -41.35
N LEU K 109 44.37 -70.81 -42.00
CA LEU K 109 45.65 -71.32 -42.46
C LEU K 109 45.74 -71.34 -43.99
N GLY K 110 44.96 -70.51 -44.66
CA GLY K 110 44.98 -70.46 -46.11
C GLY K 110 45.52 -69.15 -46.65
N GLU K 125 19.63 -45.00 -44.43
CA GLU K 125 20.01 -46.23 -43.76
C GLU K 125 20.22 -46.00 -42.26
N VAL K 126 20.25 -47.08 -41.49
CA VAL K 126 20.44 -46.98 -40.05
C VAL K 126 21.89 -46.63 -39.76
N GLN K 127 22.09 -45.47 -39.13
CA GLN K 127 23.42 -45.00 -38.78
C GLN K 127 23.43 -44.51 -37.34
N LEU K 128 24.40 -45.00 -36.57
CA LEU K 128 24.58 -44.61 -35.17
C LEU K 128 25.95 -43.96 -35.03
N VAL K 129 25.98 -42.63 -35.08
CA VAL K 129 27.22 -41.86 -34.98
C VAL K 129 27.26 -41.19 -33.63
N GLU K 130 28.38 -41.35 -32.92
CA GLU K 130 28.58 -40.75 -31.61
C GLU K 130 29.89 -39.98 -31.60
N SER K 131 29.93 -38.93 -30.79
CA SER K 131 31.09 -38.06 -30.68
C SER K 131 31.40 -37.83 -29.20
N GLY K 132 32.43 -37.04 -28.94
CA GLY K 132 32.84 -36.74 -27.58
C GLY K 132 34.11 -37.44 -27.17
N GLY K 133 35.21 -36.70 -27.16
CA GLY K 133 36.48 -37.28 -26.79
C GLY K 133 37.52 -36.21 -26.50
N GLY K 134 38.78 -36.60 -26.59
CA GLY K 134 39.87 -35.68 -26.32
C GLY K 134 40.31 -35.75 -24.87
N VAL K 135 40.34 -34.58 -24.22
CA VAL K 135 40.73 -34.52 -22.82
C VAL K 135 39.63 -35.17 -21.98
N VAL K 136 39.95 -36.29 -21.35
CA VAL K 136 38.97 -36.99 -20.52
C VAL K 136 38.88 -36.40 -19.11
N GLN K 137 39.98 -35.81 -18.61
CA GLN K 137 40.05 -35.25 -17.26
C GLN K 137 39.62 -36.27 -16.22
N PRO K 138 40.43 -37.30 -15.95
CA PRO K 138 40.03 -38.33 -14.97
C PRO K 138 39.92 -37.75 -13.57
N GLY K 139 38.73 -37.25 -13.23
CA GLY K 139 38.50 -36.65 -11.93
C GLY K 139 37.64 -35.41 -12.03
N GLY K 140 37.27 -35.04 -13.25
CA GLY K 140 36.37 -33.92 -13.48
C GLY K 140 35.03 -34.34 -14.03
N SER K 141 34.81 -34.09 -15.31
CA SER K 141 33.56 -34.45 -15.96
C SER K 141 33.78 -34.56 -17.46
N LEU K 142 32.90 -35.31 -18.11
CA LEU K 142 32.96 -35.50 -19.55
C LEU K 142 31.56 -35.82 -20.07
N ARG K 143 31.21 -35.23 -21.22
CA ARG K 143 29.91 -35.42 -21.84
C ARG K 143 30.06 -36.31 -23.06
N LEU K 144 29.21 -37.32 -23.18
CA LEU K 144 29.22 -38.25 -24.30
C LEU K 144 27.81 -38.39 -24.84
N SER K 145 27.64 -38.13 -26.13
CA SER K 145 26.35 -38.22 -26.79
C SER K 145 26.43 -39.16 -27.99
N CYS K 146 25.28 -39.73 -28.36
CA CYS K 146 25.19 -40.63 -29.49
C CYS K 146 23.95 -40.27 -30.30
N ALA K 147 24.14 -39.88 -31.55
CA ALA K 147 23.03 -39.52 -32.42
C ALA K 147 22.30 -40.76 -32.91
N ALA K 148 21.04 -40.58 -33.27
CA ALA K 148 20.20 -41.68 -33.72
C ALA K 148 19.06 -41.12 -34.56
N SER K 149 18.96 -41.58 -35.81
CA SER K 149 17.91 -41.11 -36.71
C SER K 149 17.82 -42.07 -37.88
N GLY K 150 16.60 -42.55 -38.17
CA GLY K 150 16.35 -43.40 -39.29
C GLY K 150 15.97 -44.83 -38.98
N PHE K 151 15.77 -45.17 -37.70
CA PHE K 151 15.40 -46.55 -37.34
C PHE K 151 14.32 -46.59 -36.27
N ARG K 152 13.51 -45.55 -36.15
CA ARG K 152 12.44 -45.48 -35.15
C ARG K 152 13.00 -45.62 -33.73
N PHE K 153 13.79 -44.62 -33.35
CA PHE K 153 14.48 -44.62 -32.06
C PHE K 153 13.50 -44.76 -30.90
N ASP K 154 12.25 -44.30 -31.07
CA ASP K 154 11.28 -44.39 -29.99
C ASP K 154 10.86 -45.82 -29.69
N ASP K 155 11.05 -46.75 -30.62
CA ASP K 155 10.69 -48.15 -30.42
C ASP K 155 11.88 -49.02 -30.03
N HIS K 156 12.92 -49.03 -30.85
CA HIS K 156 14.09 -49.86 -30.58
C HIS K 156 14.90 -49.29 -29.42
N ALA K 157 15.47 -50.18 -28.62
CA ALA K 157 16.28 -49.77 -27.48
C ALA K 157 17.72 -49.56 -27.92
N MET K 158 18.60 -49.30 -26.96
CA MET K 158 20.01 -49.05 -27.21
C MET K 158 20.85 -49.93 -26.30
N HIS K 159 22.16 -49.70 -26.33
CA HIS K 159 23.11 -50.41 -25.49
C HIS K 159 24.30 -49.50 -25.20
N TRP K 160 25.25 -50.03 -24.44
CA TRP K 160 26.49 -49.31 -24.12
C TRP K 160 27.58 -50.35 -23.86
N VAL K 161 28.44 -50.57 -24.83
CA VAL K 161 29.53 -51.53 -24.74
C VAL K 161 30.83 -50.83 -25.10
N ARG K 162 31.77 -50.81 -24.16
CA ARG K 162 33.09 -50.24 -24.40
C ARG K 162 34.10 -51.36 -24.59
N GLN K 163 35.18 -51.03 -25.31
CA GLN K 163 36.21 -52.01 -25.64
C GLN K 163 37.58 -51.35 -25.47
N ALA K 164 38.38 -51.89 -24.55
CA ALA K 164 39.73 -51.36 -24.35
C ALA K 164 40.64 -51.80 -25.48
N PRO K 165 41.66 -50.99 -25.82
CA PRO K 165 42.60 -51.39 -26.88
C PRO K 165 43.38 -52.65 -26.53
N GLY K 166 43.14 -53.72 -27.28
CA GLY K 166 43.79 -54.99 -27.03
C GLY K 166 43.06 -55.92 -26.09
N LYS K 167 41.88 -55.53 -25.61
CA LYS K 167 41.08 -56.34 -24.70
C LYS K 167 39.73 -56.67 -25.34
N GLY K 168 38.86 -57.29 -24.56
CA GLY K 168 37.54 -57.66 -25.02
C GLY K 168 36.52 -56.56 -24.79
N LEU K 169 35.24 -56.94 -24.92
CA LEU K 169 34.15 -56.01 -24.73
C LEU K 169 33.79 -55.89 -23.26
N GLU K 170 33.42 -54.68 -22.84
CA GLU K 170 33.03 -54.41 -21.46
C GLU K 170 31.65 -53.80 -21.46
N TRP K 171 30.73 -54.42 -20.70
CA TRP K 171 29.36 -53.94 -20.64
C TRP K 171 29.25 -52.74 -19.71
N VAL K 172 28.55 -51.71 -20.16
CA VAL K 172 28.40 -50.46 -19.42
C VAL K 172 26.98 -50.33 -18.87
N SER K 173 25.98 -50.24 -19.75
CA SER K 173 24.60 -50.04 -19.33
C SER K 173 23.69 -50.34 -20.51
N VAL K 174 22.39 -50.35 -20.24
CA VAL K 174 21.37 -50.58 -21.26
C VAL K 174 20.08 -49.95 -20.78
N ILE K 175 19.27 -49.49 -21.72
CA ILE K 175 17.98 -48.87 -21.43
C ILE K 175 16.93 -49.52 -22.32
N SER K 176 15.72 -49.68 -21.78
CA SER K 176 14.61 -50.19 -22.57
C SER K 176 14.14 -49.14 -23.58
N GLY K 177 13.19 -49.55 -24.43
CA GLY K 177 12.68 -48.65 -25.44
C GLY K 177 11.84 -47.52 -24.89
N ASP K 178 11.22 -47.73 -23.72
CA ASP K 178 10.38 -46.72 -23.10
C ASP K 178 11.16 -45.74 -22.24
N GLY K 179 12.46 -45.93 -22.09
CA GLY K 179 13.24 -45.05 -21.23
C GLY K 179 13.07 -45.33 -19.75
N GLY K 180 12.94 -46.59 -19.37
CA GLY K 180 12.68 -46.96 -18.00
C GLY K 180 13.85 -47.61 -17.29
N SER K 181 13.81 -48.94 -17.19
CA SER K 181 14.81 -49.66 -16.41
C SER K 181 16.18 -49.61 -17.07
N THR K 182 17.20 -49.37 -16.26
CA THR K 182 18.59 -49.40 -16.69
C THR K 182 19.41 -50.13 -15.63
N TYR K 183 20.45 -50.83 -16.09
CA TYR K 183 21.29 -51.64 -15.23
C TYR K 183 22.74 -51.22 -15.37
N TYR K 184 23.43 -51.13 -14.23
CA TYR K 184 24.81 -50.66 -14.17
C TYR K 184 25.73 -51.84 -13.84
N ALA K 185 26.94 -51.78 -14.40
CA ALA K 185 27.96 -52.77 -14.10
C ALA K 185 28.60 -52.49 -12.75
N ASP K 186 29.12 -53.55 -12.12
CA ASP K 186 29.68 -53.43 -10.77
C ASP K 186 30.81 -52.42 -10.70
N SER K 187 31.60 -52.25 -11.76
CA SER K 187 32.74 -51.36 -11.76
C SER K 187 32.37 -49.88 -11.81
N VAL K 188 31.20 -49.56 -12.37
CA VAL K 188 30.73 -48.18 -12.45
C VAL K 188 29.30 -48.03 -11.92
N LYS K 189 28.88 -48.90 -11.03
CA LYS K 189 27.51 -48.88 -10.54
C LYS K 189 27.27 -47.67 -9.64
N GLY K 190 26.26 -46.87 -9.98
CA GLY K 190 25.84 -45.76 -9.16
C GLY K 190 26.53 -44.45 -9.45
N ARG K 191 27.23 -44.31 -10.57
CA ARG K 191 27.99 -43.11 -10.86
C ARG K 191 27.60 -42.43 -12.17
N PHE K 192 27.10 -43.16 -13.15
CA PHE K 192 26.74 -42.58 -14.43
C PHE K 192 25.27 -42.20 -14.46
N SER K 193 24.86 -41.61 -15.57
CA SER K 193 23.46 -41.24 -15.79
C SER K 193 23.13 -41.45 -17.26
N ILE K 194 22.48 -42.56 -17.57
CA ILE K 194 22.04 -42.87 -18.93
C ILE K 194 20.57 -42.49 -19.08
N SER K 195 20.29 -41.67 -20.08
CA SER K 195 18.92 -41.25 -20.36
C SER K 195 18.86 -40.78 -21.81
N ARG K 196 17.66 -40.83 -22.37
CA ARG K 196 17.45 -40.52 -23.77
C ARG K 196 16.47 -39.35 -23.90
N ASP K 197 16.40 -38.80 -25.12
CA ASP K 197 15.51 -37.70 -25.46
C ASP K 197 14.71 -38.11 -26.70
N ASP K 198 13.46 -38.49 -26.50
CA ASP K 198 12.62 -38.93 -27.61
C ASP K 198 12.26 -37.80 -28.55
N SER K 199 12.35 -36.55 -28.10
CA SER K 199 12.02 -35.41 -28.96
C SER K 199 13.18 -35.06 -29.90
N LYS K 200 14.41 -35.09 -29.39
CA LYS K 200 15.58 -34.74 -30.18
C LYS K 200 16.21 -35.95 -30.86
N ASN K 201 15.79 -37.17 -30.50
CA ASN K 201 16.33 -38.40 -31.08
C ASN K 201 17.85 -38.49 -30.88
N SER K 202 18.24 -38.51 -29.60
CA SER K 202 19.64 -38.59 -29.24
C SER K 202 19.78 -39.35 -27.93
N LEU K 203 20.94 -39.97 -27.74
CA LEU K 203 21.24 -40.75 -26.54
C LEU K 203 22.43 -40.13 -25.83
N TYR K 204 22.34 -40.05 -24.50
CA TYR K 204 23.37 -39.46 -23.67
C TYR K 204 23.80 -40.42 -22.57
N LEU K 205 25.02 -40.24 -22.09
CA LEU K 205 25.54 -41.03 -20.96
C LEU K 205 26.55 -40.15 -20.22
N GLN K 206 26.10 -39.54 -19.13
CA GLN K 206 26.95 -38.63 -18.36
C GLN K 206 27.89 -39.45 -17.47
N MET K 207 29.19 -39.20 -17.61
CA MET K 207 30.20 -39.90 -16.84
C MET K 207 30.85 -38.94 -15.85
N ASN K 208 30.94 -39.36 -14.59
CA ASN K 208 31.55 -38.55 -13.54
C ASN K 208 32.47 -39.43 -12.70
N SER K 209 33.52 -38.83 -12.15
CA SER K 209 34.50 -39.51 -11.29
C SER K 209 35.08 -40.73 -12.00
N LEU K 210 35.63 -40.51 -13.18
CA LEU K 210 36.30 -41.56 -13.93
C LEU K 210 37.76 -41.66 -13.54
N ARG K 211 38.26 -42.88 -13.43
CA ARG K 211 39.65 -43.12 -13.06
C ARG K 211 40.52 -43.16 -14.32
N THR K 212 41.81 -43.39 -14.12
CA THR K 212 42.75 -43.51 -15.23
C THR K 212 42.87 -44.93 -15.76
N GLU K 213 41.93 -45.81 -15.42
CA GLU K 213 42.01 -47.22 -15.76
C GLU K 213 40.85 -47.69 -16.63
N ASP K 214 40.18 -46.76 -17.33
CA ASP K 214 39.03 -47.09 -18.16
C ASP K 214 39.19 -46.56 -19.59
N THR K 215 40.35 -46.81 -20.19
CA THR K 215 40.62 -46.40 -21.57
C THR K 215 39.88 -47.32 -22.51
N ALA K 216 38.86 -46.80 -23.20
CA ALA K 216 38.04 -47.59 -24.11
C ALA K 216 37.41 -46.65 -25.12
N LEU K 217 36.43 -47.15 -25.87
CA LEU K 217 35.77 -46.36 -26.92
C LEU K 217 34.29 -46.13 -26.66
N TYR K 218 33.63 -46.98 -25.88
CA TYR K 218 32.20 -46.85 -25.58
C TYR K 218 31.36 -46.86 -26.87
N TYR K 219 31.40 -47.99 -27.56
CA TYR K 219 30.62 -48.14 -28.78
C TYR K 219 29.13 -48.00 -28.51
N CYS K 220 28.46 -47.19 -29.31
CA CYS K 220 27.03 -46.96 -29.19
C CYS K 220 26.30 -48.00 -30.02
N ALA K 221 25.77 -49.02 -29.35
CA ALA K 221 25.09 -50.13 -30.02
C ALA K 221 23.58 -49.91 -30.00
N LYS K 222 22.91 -50.47 -31.01
CA LYS K 222 21.46 -50.35 -31.16
C LYS K 222 20.81 -51.70 -30.88
N ASP K 223 19.81 -51.71 -30.02
CA ASP K 223 19.12 -52.93 -29.66
C ASP K 223 17.93 -53.17 -30.60
N ARG K 224 17.58 -54.45 -30.77
CA ARG K 224 16.45 -54.84 -31.59
C ARG K 224 15.19 -55.13 -30.78
N SER K 225 15.30 -55.24 -29.46
CA SER K 225 14.17 -55.48 -28.59
C SER K 225 13.61 -54.16 -28.07
N TYR K 226 12.64 -54.24 -27.16
CA TYR K 226 11.99 -53.06 -26.60
C TYR K 226 12.25 -52.89 -25.12
N GLY K 227 11.94 -53.92 -24.31
CA GLY K 227 12.04 -53.81 -22.87
C GLY K 227 13.41 -54.19 -22.34
N PRO K 228 13.54 -54.20 -21.01
CA PRO K 228 14.81 -54.56 -20.39
C PRO K 228 15.14 -56.03 -20.65
N PRO K 229 16.41 -56.42 -20.53
CA PRO K 229 16.78 -57.81 -20.83
C PRO K 229 16.24 -58.83 -19.83
N ASP K 230 15.70 -58.40 -18.70
CA ASP K 230 15.21 -59.35 -17.71
C ASP K 230 13.87 -59.95 -18.10
N VAL K 231 13.02 -59.20 -18.80
CA VAL K 231 11.71 -59.71 -19.21
C VAL K 231 11.78 -60.34 -20.60
N PHE K 232 12.33 -59.62 -21.57
CA PHE K 232 12.46 -60.12 -22.95
C PHE K 232 13.79 -60.85 -23.06
N ASN K 233 13.83 -62.08 -22.55
CA ASN K 233 15.03 -62.90 -22.55
C ASN K 233 15.15 -63.77 -23.80
N TYR K 234 14.42 -63.42 -24.87
CA TYR K 234 14.48 -64.21 -26.11
C TYR K 234 14.50 -63.32 -27.35
N GLU K 235 14.65 -62.01 -27.21
CA GLU K 235 14.64 -61.10 -28.34
C GLU K 235 15.77 -60.09 -28.34
N TYR K 236 16.48 -59.91 -27.22
CA TYR K 236 17.53 -58.91 -27.14
C TYR K 236 18.69 -59.24 -28.08
N GLY K 237 19.30 -58.19 -28.63
CA GLY K 237 20.41 -58.35 -29.55
C GLY K 237 20.87 -57.03 -30.14
N MET K 238 22.18 -56.84 -30.24
CA MET K 238 22.76 -55.61 -30.77
C MET K 238 23.01 -55.80 -32.26
N ASP K 239 22.08 -55.31 -33.08
CA ASP K 239 22.20 -55.49 -34.53
C ASP K 239 23.12 -54.43 -35.14
N VAL K 240 22.75 -53.16 -35.00
CA VAL K 240 23.49 -52.05 -35.60
C VAL K 240 24.44 -51.46 -34.56
N TRP K 241 25.67 -51.21 -34.96
CA TRP K 241 26.69 -50.63 -34.11
C TRP K 241 27.16 -49.29 -34.69
N GLY K 242 28.18 -48.71 -34.08
CA GLY K 242 28.73 -47.45 -34.52
C GLY K 242 30.22 -47.39 -34.30
N GLN K 243 30.82 -46.28 -34.71
CA GLN K 243 32.25 -46.06 -34.56
C GLN K 243 32.50 -45.30 -33.27
N GLY K 244 33.05 -46.01 -32.27
CA GLY K 244 33.30 -45.38 -30.99
C GLY K 244 34.43 -44.37 -31.05
N THR K 245 34.50 -43.55 -30.00
CA THR K 245 35.51 -42.51 -29.88
C THR K 245 36.56 -42.96 -28.86
N THR K 246 37.80 -43.11 -29.33
CA THR K 246 38.89 -43.55 -28.45
C THR K 246 39.25 -42.43 -27.48
N VAL K 247 39.11 -42.71 -26.19
CA VAL K 247 39.45 -41.74 -25.17
C VAL K 247 40.96 -41.71 -24.93
N THR K 248 41.43 -40.63 -24.32
CA THR K 248 42.85 -40.43 -24.03
C THR K 248 43.04 -40.12 -22.55
N VAL K 249 42.41 -40.93 -21.70
CA VAL K 249 42.49 -40.72 -20.26
C VAL K 249 43.85 -41.18 -19.76
N SER K 250 44.60 -40.27 -19.14
CA SER K 250 45.92 -40.59 -18.62
C SER K 250 46.22 -39.62 -17.49
N SER K 251 47.48 -39.63 -17.03
CA SER K 251 47.91 -38.76 -15.95
C SER K 251 48.12 -37.33 -16.46
N GLU L 1 -35.53 -35.62 -25.49
CA GLU L 1 -36.95 -35.53 -25.15
C GLU L 1 -37.15 -34.63 -23.93
N ILE L 2 -36.10 -34.45 -23.15
CA ILE L 2 -36.15 -33.61 -21.95
C ILE L 2 -35.96 -32.16 -22.37
N VAL L 3 -37.03 -31.37 -22.30
CA VAL L 3 -36.99 -29.97 -22.68
C VAL L 3 -36.69 -29.12 -21.45
N LEU L 4 -35.62 -28.33 -21.52
CA LEU L 4 -35.21 -27.45 -20.43
C LEU L 4 -35.50 -26.01 -20.83
N THR L 5 -36.43 -25.38 -20.11
CA THR L 5 -36.82 -24.01 -20.38
C THR L 5 -36.59 -23.15 -19.15
N GLN L 6 -36.17 -21.91 -19.36
CA GLN L 6 -35.94 -20.95 -18.30
C GLN L 6 -37.15 -20.04 -18.15
N SER L 7 -37.52 -19.74 -16.90
CA SER L 7 -38.68 -18.88 -16.67
C SER L 7 -38.37 -17.41 -16.96
N PRO L 8 -37.30 -16.81 -16.46
CA PRO L 8 -37.01 -15.42 -16.81
C PRO L 8 -36.58 -15.28 -18.25
N ALA L 9 -36.93 -14.14 -18.85
CA ALA L 9 -36.58 -13.85 -20.23
C ALA L 9 -35.61 -12.68 -20.34
N THR L 10 -35.96 -11.51 -19.78
CA THR L 10 -35.11 -10.32 -19.83
C THR L 10 -35.12 -9.69 -18.44
N LEU L 11 -34.10 -9.98 -17.64
CA LEU L 11 -33.98 -9.42 -16.30
C LEU L 11 -33.05 -8.21 -16.36
N SER L 12 -33.60 -7.03 -16.11
CA SER L 12 -32.84 -5.78 -16.10
C SER L 12 -32.47 -5.34 -14.69
N LEU L 13 -32.19 -6.30 -13.81
CA LEU L 13 -31.86 -5.98 -12.42
C LEU L 13 -30.50 -5.29 -12.35
N SER L 14 -30.46 -4.12 -11.72
CA SER L 14 -29.22 -3.38 -11.60
C SER L 14 -28.28 -4.07 -10.61
N PRO L 15 -26.97 -3.88 -10.76
CA PRO L 15 -26.04 -4.47 -9.80
C PRO L 15 -26.25 -3.93 -8.39
N GLY L 16 -26.09 -4.83 -7.42
CA GLY L 16 -26.36 -4.48 -6.04
C GLY L 16 -27.63 -5.07 -5.48
N GLU L 17 -28.23 -6.04 -6.16
CA GLU L 17 -29.45 -6.70 -5.70
C GLU L 17 -29.28 -8.20 -5.92
N ARG L 18 -30.36 -8.94 -5.74
CA ARG L 18 -30.35 -10.39 -5.89
C ARG L 18 -30.66 -10.77 -7.34
N ALA L 19 -30.48 -12.05 -7.64
CA ALA L 19 -30.74 -12.59 -8.96
C ALA L 19 -31.07 -14.07 -8.85
N THR L 20 -32.16 -14.47 -9.48
CA THR L 20 -32.63 -15.86 -9.42
C THR L 20 -32.58 -16.48 -10.80
N LEU L 21 -32.41 -17.80 -10.83
CA LEU L 21 -32.31 -18.56 -12.08
C LEU L 21 -33.02 -19.89 -11.88
N SER L 22 -34.25 -19.98 -12.40
CA SER L 22 -35.04 -21.20 -12.29
C SER L 22 -35.00 -21.98 -13.61
N CYS L 23 -34.92 -23.30 -13.51
CA CYS L 23 -34.88 -24.18 -14.67
C CYS L 23 -35.67 -25.44 -14.37
N ARG L 24 -36.74 -25.67 -15.13
CA ARG L 24 -37.58 -26.85 -14.96
C ARG L 24 -37.34 -27.82 -16.11
N ALA L 25 -37.92 -29.01 -15.98
CA ALA L 25 -37.79 -30.05 -16.98
C ALA L 25 -38.96 -31.02 -16.86
N SER L 26 -39.31 -31.64 -17.99
CA SER L 26 -40.42 -32.59 -18.00
C SER L 26 -40.06 -33.86 -17.24
N GLN L 27 -39.00 -34.54 -17.67
CA GLN L 27 -38.55 -35.75 -17.00
C GLN L 27 -37.78 -35.39 -15.74
N SER L 28 -37.98 -36.16 -14.68
CA SER L 28 -37.30 -35.93 -13.41
C SER L 28 -35.84 -36.30 -13.55
N VAL L 29 -34.99 -35.30 -13.77
CA VAL L 29 -33.55 -35.50 -13.94
C VAL L 29 -32.89 -35.42 -12.57
N SER L 30 -31.88 -36.26 -12.38
CA SER L 30 -31.14 -36.30 -11.12
C SER L 30 -30.13 -35.14 -11.10
N SER L 31 -29.19 -35.19 -10.16
CA SER L 31 -28.21 -34.12 -10.02
C SER L 31 -27.23 -34.13 -11.18
N TYR L 32 -27.68 -33.71 -12.35
CA TYR L 32 -26.88 -33.73 -13.57
C TYR L 32 -27.06 -32.43 -14.35
N LEU L 33 -27.21 -31.31 -13.65
CA LEU L 33 -27.44 -30.02 -14.29
C LEU L 33 -26.13 -29.24 -14.36
N ALA L 34 -25.83 -28.71 -15.55
CA ALA L 34 -24.65 -27.89 -15.77
C ALA L 34 -25.08 -26.47 -16.09
N TRP L 35 -24.56 -25.51 -15.33
CA TRP L 35 -24.87 -24.10 -15.52
C TRP L 35 -23.72 -23.40 -16.23
N TYR L 36 -24.04 -22.76 -17.37
CA TYR L 36 -23.05 -22.01 -18.13
C TYR L 36 -23.31 -20.52 -17.98
N GLN L 37 -22.22 -19.76 -17.99
CA GLN L 37 -22.27 -18.30 -17.99
C GLN L 37 -21.38 -17.80 -19.12
N GLN L 38 -21.99 -17.41 -20.23
CA GLN L 38 -21.28 -17.13 -21.48
C GLN L 38 -21.35 -15.63 -21.78
N LYS L 39 -20.18 -15.00 -21.93
CA LYS L 39 -20.13 -13.62 -22.37
C LYS L 39 -20.48 -13.52 -23.85
N PRO L 40 -21.05 -12.40 -24.28
CA PRO L 40 -21.37 -12.23 -25.70
C PRO L 40 -20.12 -12.11 -26.57
N GLY L 41 -19.89 -13.12 -27.41
CA GLY L 41 -18.72 -13.13 -28.27
C GLY L 41 -17.64 -14.09 -27.82
N GLN L 42 -17.49 -14.24 -26.51
CA GLN L 42 -16.47 -15.12 -25.95
C GLN L 42 -17.00 -16.55 -25.85
N ALA L 43 -16.24 -17.42 -25.17
CA ALA L 43 -16.56 -18.83 -24.99
C ALA L 43 -17.41 -19.05 -23.74
N PRO L 44 -18.28 -20.05 -23.76
CA PRO L 44 -19.10 -20.34 -22.57
C PRO L 44 -18.25 -20.78 -21.39
N ARG L 45 -18.74 -20.54 -20.20
CA ARG L 45 -18.06 -20.87 -18.96
C ARG L 45 -19.03 -21.54 -17.99
N LEU L 46 -18.68 -22.73 -17.53
CA LEU L 46 -19.58 -23.48 -16.65
C LEU L 46 -19.46 -22.97 -15.21
N LEU L 47 -20.60 -22.89 -14.53
CA LEU L 47 -20.65 -22.38 -13.16
C LEU L 47 -20.73 -23.52 -12.14
N ILE L 48 -21.78 -24.33 -12.21
CA ILE L 48 -22.01 -25.42 -11.27
C ILE L 48 -22.45 -26.65 -12.07
N TYR L 49 -21.61 -27.67 -12.06
CA TYR L 49 -21.88 -28.91 -12.78
C TYR L 49 -22.56 -29.92 -11.85
N ASP L 50 -23.49 -30.68 -12.42
CA ASP L 50 -24.25 -31.71 -11.72
C ASP L 50 -25.11 -31.14 -10.58
N ALA L 51 -25.22 -29.82 -10.48
CA ALA L 51 -25.99 -29.16 -9.43
C ALA L 51 -25.59 -29.61 -8.03
N SER L 52 -24.33 -30.02 -7.85
CA SER L 52 -23.90 -30.56 -6.56
C SER L 52 -22.69 -29.80 -6.04
N ASN L 53 -21.79 -29.40 -6.93
CA ASN L 53 -20.60 -28.65 -6.56
C ASN L 53 -20.31 -27.59 -7.60
N ARG L 54 -19.48 -26.62 -7.25
CA ARG L 54 -19.17 -25.49 -8.11
C ARG L 54 -17.95 -25.78 -8.98
N ALA L 55 -17.75 -24.93 -9.97
CA ALA L 55 -16.60 -25.00 -10.85
C ALA L 55 -15.43 -24.24 -10.23
N THR L 56 -14.39 -23.98 -11.03
CA THR L 56 -13.21 -23.25 -10.59
C THR L 56 -13.03 -22.04 -11.49
N GLY L 57 -12.77 -20.88 -10.89
CA GLY L 57 -12.53 -19.67 -11.64
C GLY L 57 -13.48 -18.54 -11.32
N ILE L 58 -14.75 -18.88 -11.09
CA ILE L 58 -15.78 -17.89 -10.80
C ILE L 58 -15.76 -17.58 -9.31
N PRO L 59 -16.20 -16.40 -8.88
CA PRO L 59 -16.19 -16.07 -7.46
C PRO L 59 -17.22 -16.88 -6.68
N ALA L 60 -17.31 -16.59 -5.39
CA ALA L 60 -18.21 -17.31 -4.49
C ALA L 60 -19.63 -16.77 -4.50
N ARG L 61 -19.98 -15.92 -5.46
CA ARG L 61 -21.34 -15.36 -5.53
C ARG L 61 -22.27 -16.26 -6.34
N PHE L 62 -22.30 -17.54 -5.99
CA PHE L 62 -23.11 -18.52 -6.71
C PHE L 62 -23.75 -19.55 -5.76
N SER L 63 -24.12 -19.11 -4.56
CA SER L 63 -24.69 -20.00 -3.57
C SER L 63 -26.10 -20.41 -3.97
N GLY L 64 -26.33 -21.71 -4.13
CA GLY L 64 -27.61 -22.23 -4.53
C GLY L 64 -27.95 -23.54 -3.82
N SER L 65 -29.07 -24.11 -4.24
CA SER L 65 -29.56 -25.38 -3.70
C SER L 65 -30.52 -26.01 -4.71
N GLY L 66 -31.26 -27.01 -4.28
CA GLY L 66 -32.28 -27.61 -5.11
C GLY L 66 -31.84 -28.87 -5.83
N SER L 67 -32.80 -29.74 -6.14
CA SER L 67 -32.50 -30.99 -6.82
C SER L 67 -33.80 -31.55 -7.41
N GLY L 68 -33.66 -32.23 -8.55
CA GLY L 68 -34.78 -32.91 -9.18
C GLY L 68 -35.32 -32.22 -10.41
N THR L 69 -36.57 -31.75 -10.34
CA THR L 69 -37.20 -31.05 -11.45
C THR L 69 -37.06 -29.54 -11.36
N ASP L 70 -36.26 -29.04 -10.42
CA ASP L 70 -36.07 -27.61 -10.25
C ASP L 70 -34.68 -27.36 -9.67
N PHE L 71 -34.09 -26.24 -10.07
CA PHE L 71 -32.79 -25.80 -9.55
C PHE L 71 -32.88 -24.32 -9.24
N THR L 72 -32.01 -23.87 -8.33
CA THR L 72 -32.01 -22.45 -7.96
C THR L 72 -30.59 -22.00 -7.73
N LEU L 73 -30.36 -20.70 -7.91
CA LEU L 73 -29.05 -20.09 -7.76
C LEU L 73 -29.24 -18.63 -7.34
N THR L 74 -29.16 -18.38 -6.04
CA THR L 74 -29.43 -17.05 -5.47
C THR L 74 -28.11 -16.31 -5.33
N ILE L 75 -27.95 -15.24 -6.13
CA ILE L 75 -26.74 -14.42 -6.11
C ILE L 75 -27.07 -13.21 -5.25
N SER L 76 -26.57 -13.21 -4.01
CA SER L 76 -26.79 -12.13 -3.07
C SER L 76 -25.70 -11.05 -3.13
N SER L 77 -25.02 -10.94 -4.27
CA SER L 77 -23.98 -9.94 -4.48
C SER L 77 -24.36 -9.07 -5.67
N LEU L 78 -23.56 -8.03 -5.91
CA LEU L 78 -23.80 -7.13 -7.02
C LEU L 78 -23.39 -7.79 -8.34
N GLU L 79 -23.61 -7.06 -9.44
CA GLU L 79 -23.35 -7.54 -10.79
C GLU L 79 -22.24 -6.67 -11.41
N PRO L 80 -20.98 -6.94 -11.07
CA PRO L 80 -19.89 -6.15 -11.68
C PRO L 80 -19.75 -6.41 -13.17
N GLU L 81 -19.69 -7.69 -13.56
CA GLU L 81 -19.57 -8.09 -14.96
C GLU L 81 -20.54 -9.22 -15.27
N ASP L 82 -21.78 -9.10 -14.81
CA ASP L 82 -22.80 -10.11 -15.05
C ASP L 82 -23.49 -9.93 -16.40
N PHE L 83 -22.90 -9.18 -17.32
CA PHE L 83 -23.45 -9.04 -18.66
C PHE L 83 -23.19 -10.30 -19.47
N ALA L 84 -23.93 -11.36 -19.16
CA ALA L 84 -23.74 -12.66 -19.80
C ALA L 84 -25.03 -13.45 -19.65
N VAL L 85 -25.25 -14.38 -20.58
CA VAL L 85 -26.47 -15.18 -20.63
C VAL L 85 -26.26 -16.42 -19.79
N TYR L 86 -27.18 -16.67 -18.86
CA TYR L 86 -27.11 -17.80 -17.94
C TYR L 86 -27.90 -18.96 -18.54
N TYR L 87 -27.19 -20.01 -18.96
CA TYR L 87 -27.79 -21.16 -19.59
C TYR L 87 -27.95 -22.30 -18.59
N CYS L 88 -28.35 -23.46 -19.11
CA CYS L 88 -28.46 -24.68 -18.32
C CYS L 88 -28.28 -25.88 -19.25
N GLN L 89 -27.58 -26.90 -18.74
CA GLN L 89 -27.33 -28.11 -19.51
C GLN L 89 -27.51 -29.31 -18.60
N GLN L 90 -28.05 -30.40 -19.15
CA GLN L 90 -28.23 -31.63 -18.40
C GLN L 90 -27.09 -32.59 -18.68
N ARG L 91 -26.74 -33.40 -17.68
CA ARG L 91 -25.66 -34.37 -17.79
C ARG L 91 -26.15 -35.81 -17.63
N SER L 92 -27.47 -36.03 -17.63
CA SER L 92 -27.99 -37.38 -17.45
C SER L 92 -27.83 -38.21 -18.72
N ASN L 93 -28.44 -37.78 -19.81
CA ASN L 93 -28.31 -38.47 -21.09
C ASN L 93 -26.96 -38.14 -21.69
N TRP L 94 -26.09 -39.16 -21.84
CA TRP L 94 -24.75 -38.89 -22.35
C TRP L 94 -24.75 -38.56 -23.84
N PRO L 95 -25.34 -39.35 -24.73
CA PRO L 95 -25.36 -38.99 -26.16
C PRO L 95 -26.45 -38.00 -26.55
N GLN L 96 -27.10 -37.35 -25.59
CA GLN L 96 -28.21 -36.43 -25.84
C GLN L 96 -28.05 -35.16 -25.03
N TYR L 97 -26.86 -34.56 -25.08
CA TYR L 97 -26.64 -33.27 -24.45
C TYR L 97 -27.60 -32.23 -25.01
N THR L 98 -28.51 -31.75 -24.18
CA THR L 98 -29.52 -30.78 -24.59
C THR L 98 -29.36 -29.50 -23.78
N PHE L 99 -29.41 -28.36 -24.49
CA PHE L 99 -29.30 -27.05 -23.87
C PHE L 99 -30.68 -26.40 -23.79
N GLY L 100 -30.72 -25.13 -23.37
CA GLY L 100 -31.96 -24.41 -23.27
C GLY L 100 -31.76 -22.93 -23.58
N GLN L 101 -32.88 -22.25 -23.78
CA GLN L 101 -32.88 -20.82 -24.09
C GLN L 101 -32.53 -20.04 -22.83
N GLY L 102 -31.28 -19.58 -22.75
CA GLY L 102 -30.84 -18.85 -21.57
C GLY L 102 -31.48 -17.48 -21.46
N THR L 103 -31.32 -16.90 -20.27
CA THR L 103 -31.87 -15.59 -19.95
C THR L 103 -30.77 -14.55 -20.03
N LYS L 104 -31.08 -13.42 -20.66
CA LYS L 104 -30.11 -12.34 -20.87
C LYS L 104 -30.27 -11.31 -19.76
N LEU L 105 -29.31 -11.26 -18.85
CA LEU L 105 -29.28 -10.26 -17.78
C LEU L 105 -28.26 -9.18 -18.12
N GLU L 106 -28.59 -7.93 -17.77
CA GLU L 106 -27.75 -6.79 -18.10
C GLU L 106 -27.56 -5.93 -16.86
N ILE L 107 -26.84 -4.82 -17.03
CA ILE L 107 -26.52 -3.92 -15.92
C ILE L 107 -27.65 -2.94 -15.65
N LYS L 108 -28.25 -2.39 -16.71
CA LYS L 108 -29.36 -1.46 -16.56
C LYS L 108 -30.16 -1.46 -17.87
N GLY L 109 -31.11 -0.53 -17.97
CA GLY L 109 -31.93 -0.42 -19.15
C GLY L 109 -33.16 0.45 -18.94
N SER L 123 -3.01 -21.44 -16.40
CA SER L 123 -4.09 -21.99 -17.21
C SER L 123 -3.53 -22.62 -18.49
N GLU L 124 -3.07 -23.86 -18.38
CA GLU L 124 -2.52 -24.55 -19.54
C GLU L 124 -3.60 -25.11 -20.46
N VAL L 125 -4.86 -25.09 -20.03
CA VAL L 125 -5.95 -25.59 -20.87
C VAL L 125 -6.24 -24.57 -21.96
N GLN L 126 -5.88 -24.90 -23.20
CA GLN L 126 -6.12 -24.02 -24.33
C GLN L 126 -6.14 -24.85 -25.60
N LEU L 127 -7.11 -24.56 -26.47
CA LEU L 127 -7.27 -25.29 -27.73
C LEU L 127 -7.72 -24.33 -28.81
N VAL L 128 -7.35 -24.62 -30.05
CA VAL L 128 -7.76 -23.82 -31.20
C VAL L 128 -8.52 -24.73 -32.17
N GLU L 129 -9.32 -24.11 -33.03
CA GLU L 129 -10.11 -24.81 -34.02
C GLU L 129 -9.85 -24.22 -35.40
N SER L 130 -10.38 -24.88 -36.42
CA SER L 130 -10.27 -24.41 -37.79
C SER L 130 -11.42 -25.00 -38.60
N GLY L 131 -11.57 -24.48 -39.82
CA GLY L 131 -12.63 -24.93 -40.70
C GLY L 131 -13.79 -23.97 -40.76
N GLY L 132 -13.90 -23.23 -41.87
CA GLY L 132 -14.97 -22.27 -42.00
C GLY L 132 -14.86 -21.50 -43.30
N GLY L 133 -15.72 -20.50 -43.43
CA GLY L 133 -15.78 -19.68 -44.62
C GLY L 133 -17.07 -19.86 -45.39
N LEU L 134 -17.00 -19.62 -46.69
CA LEU L 134 -18.15 -19.83 -47.56
C LEU L 134 -18.49 -21.31 -47.63
N VAL L 135 -19.80 -21.60 -47.63
CA VAL L 135 -20.27 -22.98 -47.61
C VAL L 135 -21.08 -23.36 -48.83
N LYS L 136 -21.73 -22.42 -49.53
CA LYS L 136 -22.54 -22.80 -50.68
C LYS L 136 -21.71 -23.23 -51.88
N PRO L 137 -20.70 -22.47 -52.33
CA PRO L 137 -19.82 -23.01 -53.38
C PRO L 137 -18.89 -24.04 -52.79
N GLY L 138 -18.93 -25.26 -53.32
CA GLY L 138 -18.14 -26.32 -52.74
C GLY L 138 -18.68 -26.75 -51.39
N ARG L 139 -19.85 -27.38 -51.38
CA ARG L 139 -20.55 -27.71 -50.15
C ARG L 139 -19.80 -28.79 -49.38
N SER L 140 -18.62 -28.45 -48.86
CA SER L 140 -17.83 -29.41 -48.07
C SER L 140 -16.99 -28.60 -47.08
N LEU L 141 -17.43 -28.60 -45.83
CA LEU L 141 -16.69 -28.00 -44.72
C LEU L 141 -16.33 -29.07 -43.71
N ARG L 142 -15.10 -29.00 -43.23
CA ARG L 142 -14.55 -30.02 -42.32
C ARG L 142 -13.78 -29.28 -41.23
N LEU L 143 -14.39 -29.13 -40.06
CA LEU L 143 -13.74 -28.45 -38.96
C LEU L 143 -12.68 -29.35 -38.34
N SER L 144 -11.70 -28.73 -37.68
CA SER L 144 -10.62 -29.45 -37.03
C SER L 144 -10.46 -28.93 -35.60
N CYS L 145 -9.92 -29.78 -34.74
CA CYS L 145 -9.83 -29.47 -33.31
C CYS L 145 -8.51 -30.02 -32.79
N THR L 146 -7.52 -29.14 -32.66
CA THR L 146 -6.22 -29.48 -32.09
C THR L 146 -6.07 -28.77 -30.75
N ALA L 147 -5.71 -29.54 -29.72
CA ALA L 147 -5.57 -29.02 -28.37
C ALA L 147 -4.11 -29.05 -27.93
N SER L 148 -3.76 -28.11 -27.05
CA SER L 148 -2.42 -28.03 -26.50
C SER L 148 -2.41 -27.98 -24.97
N GLY L 149 -3.53 -28.37 -24.33
CA GLY L 149 -3.61 -28.38 -22.88
C GLY L 149 -3.45 -29.76 -22.31
N PHE L 150 -4.57 -30.40 -21.99
CA PHE L 150 -4.55 -31.79 -21.54
C PHE L 150 -3.92 -32.69 -22.60
N THR L 151 -3.54 -33.89 -22.17
CA THR L 151 -3.01 -34.88 -23.09
C THR L 151 -4.10 -35.30 -24.07
N PHE L 152 -4.00 -34.84 -25.31
CA PHE L 152 -4.99 -35.16 -26.32
C PHE L 152 -4.96 -36.65 -26.63
N GLY L 153 -6.07 -37.33 -26.35
CA GLY L 153 -6.17 -38.75 -26.64
C GLY L 153 -6.80 -39.56 -25.53
N ASP L 154 -6.57 -39.16 -24.28
CA ASP L 154 -7.15 -39.85 -23.13
C ASP L 154 -8.56 -39.38 -22.82
N TYR L 155 -9.09 -38.44 -23.60
CA TYR L 155 -10.42 -37.88 -23.36
C TYR L 155 -11.21 -37.91 -24.66
N ALA L 156 -12.49 -38.23 -24.54
CA ALA L 156 -13.38 -38.28 -25.69
C ALA L 156 -13.57 -36.89 -26.28
N MET L 157 -13.81 -36.86 -27.59
CA MET L 157 -13.95 -35.61 -28.33
C MET L 157 -15.42 -35.36 -28.63
N SER L 158 -15.94 -34.25 -28.13
CA SER L 158 -17.33 -33.87 -28.32
C SER L 158 -17.43 -32.53 -29.04
N TRP L 159 -18.58 -32.29 -29.66
CA TRP L 159 -18.82 -31.07 -30.43
C TRP L 159 -20.16 -30.47 -30.04
N PHE L 160 -20.25 -29.14 -30.09
CA PHE L 160 -21.46 -28.40 -29.79
C PHE L 160 -21.49 -27.16 -30.67
N ARG L 161 -22.63 -26.91 -31.31
CA ARG L 161 -22.79 -25.74 -32.17
C ARG L 161 -23.64 -24.68 -31.48
N GLN L 162 -23.40 -23.42 -31.84
CA GLN L 162 -24.08 -22.28 -31.25
C GLN L 162 -24.61 -21.41 -32.38
N ALA L 163 -25.92 -21.50 -32.62
CA ALA L 163 -26.53 -20.73 -33.69
C ALA L 163 -26.71 -19.27 -33.27
N PRO L 164 -26.58 -18.34 -34.22
CA PRO L 164 -26.76 -16.91 -33.87
C PRO L 164 -28.19 -16.61 -33.46
N GLY L 165 -28.36 -16.19 -32.20
CA GLY L 165 -29.67 -15.83 -31.70
C GLY L 165 -30.64 -16.98 -31.56
N LYS L 166 -30.14 -18.19 -31.33
CA LYS L 166 -31.01 -19.35 -31.16
C LYS L 166 -30.64 -20.12 -29.91
N GLY L 167 -29.38 -20.03 -29.50
CA GLY L 167 -28.91 -20.69 -28.30
C GLY L 167 -27.90 -21.78 -28.62
N LEU L 168 -27.57 -22.55 -27.59
CA LEU L 168 -26.60 -23.63 -27.71
C LEU L 168 -27.29 -24.89 -28.25
N GLU L 169 -26.52 -25.70 -28.97
CA GLU L 169 -27.08 -26.86 -29.65
C GLU L 169 -26.05 -27.99 -29.68
N TRP L 170 -26.55 -29.21 -29.90
CA TRP L 170 -25.74 -30.41 -29.90
C TRP L 170 -25.42 -30.85 -31.33
N VAL L 171 -24.23 -31.44 -31.51
CA VAL L 171 -23.79 -31.88 -32.83
C VAL L 171 -23.51 -33.37 -32.82
N GLY L 172 -22.52 -33.78 -32.02
CA GLY L 172 -22.08 -35.16 -32.04
C GLY L 172 -20.78 -35.30 -31.29
N PHE L 173 -20.24 -36.52 -31.33
CA PHE L 173 -19.04 -36.84 -30.57
C PHE L 173 -18.51 -38.20 -31.00
N ILE L 174 -17.23 -38.42 -30.70
CA ILE L 174 -16.61 -39.74 -30.80
C ILE L 174 -16.00 -40.06 -29.45
N ARG L 175 -16.27 -41.26 -28.95
CA ARG L 175 -15.72 -41.66 -27.66
C ARG L 175 -14.21 -41.83 -27.76
N SER L 176 -13.55 -41.75 -26.60
CA SER L 176 -12.09 -41.82 -26.55
C SER L 176 -11.61 -43.19 -27.00
N LYS L 177 -10.28 -43.33 -27.05
CA LYS L 177 -9.69 -44.56 -27.57
C LYS L 177 -9.95 -45.75 -26.65
N ALA L 178 -10.23 -45.50 -25.37
CA ALA L 178 -10.41 -46.60 -24.43
C ALA L 178 -11.77 -47.25 -24.58
N TYR L 179 -12.84 -46.46 -24.47
CA TYR L 179 -14.21 -47.00 -24.50
C TYR L 179 -14.73 -47.18 -25.92
N GLY L 180 -14.00 -47.97 -26.72
CA GLY L 180 -14.45 -48.32 -28.05
C GLY L 180 -14.38 -47.19 -29.05
N GLY L 181 -14.46 -47.53 -30.34
CA GLY L 181 -14.46 -46.54 -31.40
C GLY L 181 -15.82 -46.35 -32.03
N THR L 182 -16.87 -46.55 -31.26
CA THR L 182 -18.23 -46.39 -31.76
C THR L 182 -18.59 -44.91 -31.88
N THR L 183 -19.83 -44.64 -32.27
CA THR L 183 -20.28 -43.28 -32.47
C THR L 183 -21.76 -43.17 -32.13
N GLU L 184 -22.21 -41.93 -31.93
CA GLU L 184 -23.62 -41.65 -31.65
C GLU L 184 -23.87 -40.19 -32.00
N TYR L 185 -24.84 -39.95 -32.87
CA TYR L 185 -25.20 -38.61 -33.30
C TYR L 185 -26.64 -38.29 -32.95
N ALA L 186 -27.09 -37.10 -33.33
CA ALA L 186 -28.45 -36.67 -33.08
C ALA L 186 -29.34 -37.07 -34.25
N ALA L 187 -30.58 -36.57 -34.27
CA ALA L 187 -31.52 -36.90 -35.33
C ALA L 187 -31.36 -36.03 -36.57
N SER L 188 -30.97 -34.77 -36.41
CA SER L 188 -30.81 -33.86 -37.53
C SER L 188 -29.44 -33.93 -38.17
N VAL L 189 -28.51 -34.71 -37.61
CA VAL L 189 -27.16 -34.83 -38.14
C VAL L 189 -26.84 -36.28 -38.52
N LYS L 190 -27.85 -37.15 -38.54
CA LYS L 190 -27.61 -38.55 -38.91
C LYS L 190 -27.43 -38.67 -40.41
N GLY L 191 -26.35 -39.32 -40.82
CA GLY L 191 -26.03 -39.48 -42.23
C GLY L 191 -25.40 -38.28 -42.88
N ARG L 192 -25.21 -37.18 -42.14
CA ARG L 192 -24.60 -35.97 -42.67
C ARG L 192 -23.34 -35.58 -41.92
N PHE L 193 -23.33 -35.69 -40.60
CA PHE L 193 -22.19 -35.33 -39.77
C PHE L 193 -21.49 -36.60 -39.31
N THR L 194 -20.31 -36.86 -39.86
CA THR L 194 -19.48 -38.00 -39.49
C THR L 194 -18.18 -37.48 -38.92
N ILE L 195 -17.88 -37.86 -37.67
CA ILE L 195 -16.71 -37.37 -36.97
C ILE L 195 -15.61 -38.41 -37.05
N SER L 196 -14.40 -37.98 -37.40
CA SER L 196 -13.24 -38.84 -37.47
C SER L 196 -12.15 -38.28 -36.56
N ARG L 197 -11.52 -39.17 -35.82
CA ARG L 197 -10.51 -38.78 -34.84
C ARG L 197 -9.13 -39.23 -35.29
N ASP L 198 -8.13 -38.42 -34.95
CA ASP L 198 -6.73 -38.62 -35.32
C ASP L 198 -5.84 -38.38 -34.11
N ASP L 199 -6.18 -39.02 -32.98
CA ASP L 199 -5.45 -38.81 -31.73
C ASP L 199 -3.96 -39.13 -31.86
N SER L 200 -3.55 -39.84 -32.92
CA SER L 200 -2.13 -40.05 -33.15
C SER L 200 -1.40 -38.76 -33.44
N LYS L 201 -2.10 -37.77 -34.02
CA LYS L 201 -1.53 -36.46 -34.30
C LYS L 201 -2.14 -35.36 -33.44
N SER L 202 -2.90 -35.73 -32.40
CA SER L 202 -3.54 -34.76 -31.50
C SER L 202 -4.49 -33.83 -32.28
N ILE L 203 -5.24 -34.42 -33.22
CA ILE L 203 -6.18 -33.70 -34.05
C ILE L 203 -7.47 -34.52 -34.12
N ALA L 204 -8.61 -33.83 -34.13
CA ALA L 204 -9.91 -34.45 -34.33
C ALA L 204 -10.63 -33.75 -35.47
N TYR L 205 -11.09 -34.51 -36.45
CA TYR L 205 -11.75 -33.97 -37.63
C TYR L 205 -13.26 -34.16 -37.52
N LEU L 206 -13.98 -33.53 -38.44
CA LEU L 206 -15.44 -33.62 -38.47
C LEU L 206 -15.89 -33.32 -39.90
N GLN L 207 -16.41 -34.33 -40.58
CA GLN L 207 -16.91 -34.15 -41.94
C GLN L 207 -18.38 -33.73 -41.91
N MET L 208 -18.70 -32.73 -42.73
CA MET L 208 -20.03 -32.13 -42.77
C MET L 208 -20.57 -32.14 -44.20
N ASN L 209 -20.50 -33.29 -44.86
CA ASN L 209 -21.04 -33.42 -46.20
C ASN L 209 -22.54 -33.19 -46.20
N SER L 210 -23.07 -32.83 -47.37
CA SER L 210 -24.48 -32.50 -47.55
C SER L 210 -24.91 -31.36 -46.61
N LEU L 211 -24.25 -30.21 -46.78
CA LEU L 211 -24.50 -29.04 -45.96
C LEU L 211 -25.64 -28.22 -46.54
N LYS L 212 -26.45 -27.64 -45.66
CA LYS L 212 -27.62 -26.86 -46.05
C LYS L 212 -27.45 -25.43 -45.56
N THR L 213 -28.52 -24.63 -45.74
CA THR L 213 -28.48 -23.23 -45.33
C THR L 213 -28.73 -23.05 -43.83
N GLU L 214 -29.41 -24.00 -43.18
CA GLU L 214 -29.70 -23.88 -41.76
C GLU L 214 -28.52 -24.29 -40.87
N ASP L 215 -27.50 -24.93 -41.44
CA ASP L 215 -26.34 -25.37 -40.66
C ASP L 215 -25.22 -24.35 -40.76
N THR L 216 -25.47 -23.16 -40.22
CA THR L 216 -24.52 -22.07 -40.20
C THR L 216 -24.25 -21.62 -38.77
N ALA L 217 -24.07 -22.57 -37.86
CA ALA L 217 -23.83 -22.29 -36.46
C ALA L 217 -22.33 -22.31 -36.16
N VAL L 218 -21.98 -21.97 -34.92
CA VAL L 218 -20.61 -21.93 -34.47
C VAL L 218 -20.35 -23.18 -33.63
N TYR L 219 -19.64 -24.15 -34.21
CA TYR L 219 -19.35 -25.41 -33.54
C TYR L 219 -18.20 -25.23 -32.55
N TYR L 220 -18.29 -25.94 -31.43
CA TYR L 220 -17.25 -25.92 -30.41
C TYR L 220 -16.91 -27.33 -29.98
N CYS L 221 -15.61 -27.62 -29.87
CA CYS L 221 -15.14 -28.91 -29.38
C CYS L 221 -14.62 -28.76 -27.96
N THR L 222 -15.16 -29.56 -27.05
CA THR L 222 -14.77 -29.54 -25.65
C THR L 222 -14.34 -30.95 -25.23
N ARG L 223 -14.17 -31.13 -23.93
CA ARG L 223 -13.79 -32.43 -23.39
C ARG L 223 -15.02 -33.25 -23.06
N ASP L 224 -14.80 -34.52 -22.74
CA ASP L 224 -15.86 -35.43 -22.33
C ASP L 224 -15.31 -36.30 -21.20
N ARG L 225 -15.99 -37.40 -20.91
CA ARG L 225 -15.63 -38.24 -19.77
C ARG L 225 -14.20 -38.75 -19.89
N TYR L 226 -13.50 -38.74 -18.76
CA TYR L 226 -12.16 -39.33 -18.68
C TYR L 226 -12.32 -40.84 -18.51
N ALA L 227 -11.97 -41.59 -19.55
CA ALA L 227 -12.12 -43.04 -19.50
C ALA L 227 -11.24 -43.67 -18.42
N ARG L 228 -10.22 -42.94 -17.97
CA ARG L 228 -9.36 -43.37 -16.87
C ARG L 228 -10.02 -42.93 -15.56
N TYR L 229 -10.48 -43.90 -14.77
CA TYR L 229 -11.24 -43.65 -13.56
C TYR L 229 -10.52 -44.08 -12.28
N ASP L 230 -9.29 -44.61 -12.39
CA ASP L 230 -8.58 -45.09 -11.21
C ASP L 230 -8.27 -43.94 -10.25
N ILE L 231 -7.97 -42.75 -10.80
CA ILE L 231 -7.63 -41.60 -9.98
C ILE L 231 -8.86 -40.94 -9.38
N LEU L 232 -9.99 -40.97 -10.09
CA LEU L 232 -11.18 -40.25 -9.69
C LEU L 232 -11.83 -40.79 -8.41
N THR L 233 -11.48 -41.99 -7.98
CA THR L 233 -12.07 -42.53 -6.75
C THR L 233 -11.30 -42.06 -5.52
N GLY L 234 -9.99 -41.85 -5.67
CA GLY L 234 -9.19 -41.41 -4.54
C GLY L 234 -9.44 -39.96 -4.16
N LEU L 235 -9.55 -39.08 -5.15
CA LEU L 235 -9.76 -37.66 -4.89
C LEU L 235 -11.24 -37.32 -5.00
N SER L 236 -11.79 -36.70 -3.96
CA SER L 236 -13.20 -36.36 -3.86
C SER L 236 -13.51 -35.08 -4.62
N PRO L 237 -14.61 -35.07 -5.38
CA PRO L 237 -14.96 -33.87 -6.18
C PRO L 237 -15.45 -32.71 -5.32
N ALA L 238 -14.55 -32.15 -4.50
CA ALA L 238 -14.90 -30.99 -3.69
C ALA L 238 -13.89 -29.86 -3.79
N GLY L 239 -12.90 -29.96 -4.67
CA GLY L 239 -11.92 -28.91 -4.86
C GLY L 239 -11.63 -28.66 -6.33
N ALA L 240 -10.42 -28.20 -6.64
CA ALA L 240 -10.07 -27.93 -8.03
C ALA L 240 -9.53 -29.17 -8.74
N ASP L 241 -9.33 -30.28 -8.02
CA ASP L 241 -8.74 -31.46 -8.63
C ASP L 241 -9.69 -32.11 -9.64
N TYR L 242 -10.95 -32.30 -9.26
CA TYR L 242 -11.92 -32.86 -10.20
C TYR L 242 -12.14 -31.94 -11.38
N PHE L 243 -11.93 -30.64 -11.20
CA PHE L 243 -12.01 -29.69 -12.31
C PHE L 243 -10.77 -29.73 -13.19
N TYR L 244 -9.64 -30.17 -12.65
CA TYR L 244 -8.40 -30.22 -13.43
C TYR L 244 -8.24 -31.53 -14.18
N TYR L 245 -8.73 -32.65 -13.63
CA TYR L 245 -8.53 -33.94 -14.27
C TYR L 245 -9.70 -34.30 -15.20
N ALA L 246 -10.91 -34.39 -14.66
CA ALA L 246 -12.09 -34.81 -15.41
C ALA L 246 -13.09 -33.66 -15.43
N MET L 247 -13.01 -32.83 -16.48
CA MET L 247 -13.89 -31.69 -16.65
C MET L 247 -13.81 -31.21 -18.09
N ASP L 248 -14.96 -30.83 -18.63
CA ASP L 248 -15.01 -30.27 -19.97
C ASP L 248 -14.92 -28.75 -19.91
N VAL L 249 -14.21 -28.18 -20.89
CA VAL L 249 -14.00 -26.73 -20.98
C VAL L 249 -14.25 -26.31 -22.42
N TRP L 250 -14.99 -25.22 -22.59
CA TRP L 250 -15.30 -24.70 -23.92
C TRP L 250 -14.11 -23.92 -24.47
N GLY L 251 -14.08 -23.78 -25.80
CA GLY L 251 -13.02 -23.08 -26.49
C GLY L 251 -13.56 -22.13 -27.53
N GLN L 252 -12.70 -21.77 -28.49
CA GLN L 252 -13.07 -20.86 -29.56
C GLN L 252 -13.76 -21.63 -30.69
N GLY L 253 -14.48 -20.89 -31.53
CA GLY L 253 -15.20 -21.50 -32.64
C GLY L 253 -15.09 -20.71 -33.93
N THR L 254 -15.32 -21.39 -35.05
CA THR L 254 -15.25 -20.77 -36.37
C THR L 254 -16.64 -20.32 -36.83
N THR L 255 -16.69 -19.68 -37.99
CA THR L 255 -17.92 -19.15 -38.54
C THR L 255 -18.20 -19.79 -39.90
N VAL L 256 -19.48 -19.96 -40.20
CA VAL L 256 -19.94 -20.53 -41.47
C VAL L 256 -20.82 -19.50 -42.15
N THR L 257 -20.48 -19.16 -43.39
CA THR L 257 -21.24 -18.19 -44.17
C THR L 257 -21.90 -18.87 -45.35
N VAL L 258 -23.20 -18.63 -45.51
CA VAL L 258 -23.99 -19.23 -46.58
C VAL L 258 -24.49 -18.12 -47.49
N SER L 259 -24.71 -18.46 -48.76
CA SER L 259 -25.20 -17.51 -49.75
C SER L 259 -26.07 -18.27 -50.76
N SER L 260 -26.38 -17.60 -51.87
CA SER L 260 -27.19 -18.21 -52.92
C SER L 260 -26.33 -18.75 -54.04
N VAL M 3 -20.94 -73.57 10.15
CA VAL M 3 -22.11 -74.36 9.79
C VAL M 3 -22.56 -75.21 10.99
N LEU M 4 -23.84 -75.15 11.29
CA LEU M 4 -24.44 -75.90 12.41
C LEU M 4 -25.26 -77.04 11.84
N THR M 5 -24.85 -78.27 12.12
CA THR M 5 -25.58 -79.44 11.64
C THR M 5 -26.90 -79.57 12.39
N GLN M 6 -28.00 -79.67 11.64
CA GLN M 6 -29.33 -79.76 12.22
C GLN M 6 -30.20 -80.62 11.32
N PRO M 7 -31.00 -81.53 11.88
CA PRO M 7 -31.88 -82.33 11.04
C PRO M 7 -32.87 -81.46 10.31
N PRO M 8 -33.27 -81.84 9.09
CA PRO M 8 -34.19 -80.98 8.33
C PRO M 8 -35.60 -80.96 8.90
N SER M 9 -36.10 -82.09 9.40
CA SER M 9 -37.46 -82.15 9.92
C SER M 9 -37.58 -83.33 10.87
N ALA M 10 -38.31 -83.14 11.96
CA ALA M 10 -38.56 -84.17 12.95
C ALA M 10 -40.06 -84.41 13.08
N SER M 11 -40.41 -85.50 13.75
CA SER M 11 -41.80 -85.88 13.95
C SER M 11 -41.98 -86.37 15.38
N GLY M 12 -43.23 -86.34 15.83
CA GLY M 12 -43.55 -86.79 17.17
C GLY M 12 -45.05 -86.78 17.39
N THR M 13 -45.48 -87.64 18.32
CA THR M 13 -46.88 -87.78 18.67
C THR M 13 -47.23 -86.88 19.86
N PRO M 14 -48.48 -86.39 19.92
CA PRO M 14 -48.87 -85.54 21.04
C PRO M 14 -48.98 -86.32 22.35
N GLY M 15 -48.05 -86.07 23.27
CA GLY M 15 -48.03 -86.78 24.53
C GLY M 15 -46.65 -87.28 24.90
N GLN M 16 -45.75 -87.30 23.92
CA GLN M 16 -44.38 -87.76 24.11
C GLN M 16 -43.42 -86.58 24.00
N ARG M 17 -42.24 -86.75 24.60
CA ARG M 17 -41.20 -85.74 24.60
C ARG M 17 -40.19 -86.07 23.50
N VAL M 18 -39.96 -85.13 22.59
CA VAL M 18 -39.01 -85.30 21.51
C VAL M 18 -37.79 -84.42 21.79
N THR M 19 -36.69 -84.75 21.13
CA THR M 19 -35.44 -84.00 21.27
C THR M 19 -35.01 -83.46 19.91
N ILE M 20 -34.43 -82.26 19.93
CA ILE M 20 -33.96 -81.58 18.72
C ILE M 20 -32.49 -81.23 18.98
N SER M 21 -31.58 -82.01 18.40
CA SER M 21 -30.15 -81.77 18.57
C SER M 21 -29.61 -80.87 17.47
N CYS M 22 -28.52 -80.18 17.78
CA CYS M 22 -27.87 -79.29 16.81
C CYS M 22 -26.38 -79.25 17.17
N SER M 23 -25.60 -80.01 16.42
CA SER M 23 -24.17 -80.13 16.69
C SER M 23 -23.38 -79.05 15.94
N GLY M 24 -22.12 -78.91 16.30
CA GLY M 24 -21.26 -77.93 15.66
C GLY M 24 -19.83 -78.12 16.10
N SER M 25 -18.97 -77.24 15.58
CA SER M 25 -17.55 -77.30 15.92
C SER M 25 -17.30 -76.74 17.31
N SER M 26 -16.07 -76.92 17.79
CA SER M 26 -15.69 -76.44 19.11
C SER M 26 -15.35 -74.96 19.14
N SER M 27 -15.53 -74.25 18.03
CA SER M 27 -15.23 -72.82 17.96
C SER M 27 -16.46 -71.95 18.10
N ASN M 28 -17.66 -72.50 17.91
CA ASN M 28 -18.91 -71.74 18.01
C ASN M 28 -19.81 -72.23 19.12
N ILE M 29 -19.96 -73.55 19.27
CA ILE M 29 -20.80 -74.12 20.33
C ILE M 29 -19.99 -74.48 21.56
N GLY M 30 -18.81 -75.08 21.38
CA GLY M 30 -17.99 -75.48 22.51
C GLY M 30 -17.45 -74.34 23.32
N SER M 31 -17.35 -73.14 22.74
CA SER M 31 -16.83 -71.97 23.43
C SER M 31 -17.88 -70.93 23.76
N ASN M 32 -19.11 -71.09 23.25
CA ASN M 32 -20.16 -70.11 23.50
C ASN M 32 -21.46 -70.78 23.91
N THR M 33 -22.53 -70.02 24.01
CA THR M 33 -23.84 -70.53 24.39
C THR M 33 -24.73 -70.70 23.16
N VAL M 34 -25.67 -71.63 23.26
CA VAL M 34 -26.61 -71.93 22.18
C VAL M 34 -27.96 -71.34 22.53
N ASN M 35 -28.60 -70.72 21.53
CA ASN M 35 -29.91 -70.10 21.69
C ASN M 35 -30.90 -70.75 20.73
N TRP M 36 -32.02 -71.21 21.27
CA TRP M 36 -33.06 -71.85 20.46
C TRP M 36 -34.15 -70.85 20.13
N TYR M 37 -34.66 -70.94 18.90
CA TYR M 37 -35.72 -70.05 18.43
C TYR M 37 -36.84 -70.87 17.81
N GLN M 38 -38.02 -70.28 17.77
CA GLN M 38 -39.20 -70.90 17.18
C GLN M 38 -39.97 -69.85 16.39
N GLN M 39 -40.25 -70.14 15.12
CA GLN M 39 -40.93 -69.21 14.23
C GLN M 39 -42.12 -69.92 13.59
N LEU M 40 -43.32 -69.52 13.97
CA LEU M 40 -44.52 -70.07 13.35
C LEU M 40 -44.62 -69.61 11.90
N PRO M 41 -45.24 -70.41 11.04
CA PRO M 41 -45.37 -70.03 9.62
C PRO M 41 -46.16 -68.74 9.47
N GLY M 42 -45.47 -67.71 8.96
CA GLY M 42 -46.09 -66.42 8.74
C GLY M 42 -45.93 -65.42 9.87
N THR M 43 -45.02 -65.67 10.81
CA THR M 43 -44.81 -64.75 11.92
C THR M 43 -43.32 -64.53 12.17
N ALA M 44 -42.98 -63.89 13.30
CA ALA M 44 -41.61 -63.60 13.68
C ALA M 44 -41.12 -64.61 14.71
N PRO M 45 -39.83 -64.94 14.69
CA PRO M 45 -39.28 -65.90 15.66
C PRO M 45 -39.30 -65.33 17.07
N LYS M 46 -38.95 -66.20 18.02
CA LYS M 46 -38.89 -65.82 19.43
C LYS M 46 -37.87 -66.71 20.14
N LEU M 47 -37.18 -66.14 21.11
CA LEU M 47 -36.17 -66.87 21.86
C LEU M 47 -36.84 -67.78 22.88
N LEU M 48 -36.41 -69.04 22.91
CA LEU M 48 -36.95 -70.04 23.82
C LEU M 48 -36.01 -70.39 24.96
N ILE M 49 -34.77 -70.75 24.66
CA ILE M 49 -33.79 -71.14 25.66
C ILE M 49 -32.52 -70.33 25.43
N TYR M 50 -32.07 -69.62 26.46
CA TYR M 50 -30.84 -68.85 26.41
C TYR M 50 -29.91 -69.32 27.53
N SER M 51 -28.61 -69.20 27.28
CA SER M 51 -27.55 -69.61 28.21
C SER M 51 -27.60 -71.10 28.50
N ASN M 52 -28.36 -71.86 27.71
CA ASN M 52 -28.42 -73.32 27.77
C ASN M 52 -29.05 -73.83 29.06
N ASN M 53 -29.37 -72.94 29.99
CA ASN M 53 -29.98 -73.35 31.25
C ASN M 53 -31.10 -72.43 31.73
N GLN M 54 -31.41 -71.36 31.01
CA GLN M 54 -32.44 -70.42 31.41
C GLN M 54 -33.46 -70.22 30.29
N ARG M 55 -34.66 -69.78 30.69
CA ARG M 55 -35.76 -69.50 29.78
C ARG M 55 -36.44 -68.21 30.20
N PRO M 56 -36.92 -67.41 29.25
CA PRO M 56 -37.59 -66.16 29.62
C PRO M 56 -38.96 -66.39 30.24
N SER M 57 -39.62 -65.31 30.66
CA SER M 57 -40.94 -65.45 31.28
C SER M 57 -42.01 -65.84 30.25
N GLY M 58 -41.84 -65.42 29.00
CA GLY M 58 -42.83 -65.75 27.99
C GLY M 58 -42.85 -67.23 27.63
N VAL M 59 -41.69 -67.88 27.66
CA VAL M 59 -41.58 -69.31 27.35
C VAL M 59 -41.82 -70.11 28.62
N PRO M 60 -42.77 -71.05 28.63
CA PRO M 60 -43.02 -71.83 29.84
C PRO M 60 -41.88 -72.79 30.16
N ASP M 61 -41.99 -73.50 31.28
CA ASP M 61 -40.97 -74.46 31.70
C ASP M 61 -41.10 -75.81 30.99
N ARG M 62 -42.01 -75.93 30.03
CA ARG M 62 -42.18 -77.20 29.33
C ARG M 62 -41.02 -77.46 28.37
N PHE M 63 -40.35 -76.42 27.89
CA PHE M 63 -39.21 -76.58 27.00
C PHE M 63 -37.95 -76.83 27.83
N SER M 64 -37.07 -77.68 27.29
CA SER M 64 -35.82 -78.03 27.94
C SER M 64 -34.66 -77.83 26.98
N GLY M 65 -33.54 -77.35 27.50
CA GLY M 65 -32.35 -77.14 26.70
C GLY M 65 -31.11 -77.46 27.49
N SER M 66 -30.10 -77.96 26.79
CA SER M 66 -28.83 -78.34 27.41
C SER M 66 -27.75 -78.42 26.35
N LYS M 67 -26.55 -78.00 26.71
CA LYS M 67 -25.39 -78.04 25.82
C LYS M 67 -24.33 -78.93 26.46
N SER M 68 -24.13 -80.12 25.90
CA SER M 68 -23.17 -81.10 26.40
C SER M 68 -21.98 -81.13 25.46
N GLY M 69 -20.86 -80.58 25.91
CA GLY M 69 -19.64 -80.57 25.11
C GLY M 69 -19.69 -79.59 23.96
N THR M 70 -19.72 -80.11 22.74
CA THR M 70 -19.76 -79.28 21.54
C THR M 70 -21.08 -79.40 20.79
N SER M 71 -22.13 -79.89 21.46
CA SER M 71 -23.43 -80.05 20.84
C SER M 71 -24.51 -79.63 21.82
N ALA M 72 -25.67 -79.27 21.29
CA ALA M 72 -26.82 -78.83 22.07
C ALA M 72 -28.02 -79.73 21.77
N SER M 73 -29.04 -79.62 22.61
CA SER M 73 -30.25 -80.42 22.47
C SER M 73 -31.44 -79.61 22.93
N LEU M 74 -32.53 -79.69 22.18
CA LEU M 74 -33.79 -79.00 22.49
C LEU M 74 -34.86 -80.05 22.74
N ALA M 75 -35.21 -80.24 24.02
CA ALA M 75 -36.23 -81.20 24.42
C ALA M 75 -37.55 -80.47 24.68
N ILE M 76 -38.60 -80.90 23.99
CA ILE M 76 -39.94 -80.32 24.13
C ILE M 76 -40.79 -81.36 24.85
N SER M 77 -40.97 -81.18 26.16
CA SER M 77 -41.76 -82.12 26.96
C SER M 77 -43.24 -81.81 26.81
N GLY M 78 -44.01 -82.80 26.36
CA GLY M 78 -45.44 -82.64 26.20
C GLY M 78 -45.81 -81.68 25.09
N LEU M 79 -45.49 -82.05 23.86
CA LEU M 79 -45.82 -81.19 22.72
C LEU M 79 -47.31 -81.24 22.43
N GLN M 80 -47.88 -80.07 22.12
CA GLN M 80 -49.29 -79.94 21.80
C GLN M 80 -49.47 -79.73 20.30
N SER M 81 -50.72 -79.49 19.90
CA SER M 81 -51.04 -79.29 18.49
C SER M 81 -50.52 -77.95 17.97
N GLU M 82 -50.19 -77.02 18.85
CA GLU M 82 -49.68 -75.71 18.46
C GLU M 82 -48.16 -75.68 18.31
N ASP M 83 -47.48 -76.78 18.61
CA ASP M 83 -46.03 -76.86 18.48
C ASP M 83 -45.61 -77.37 17.11
N GLU M 84 -46.10 -76.71 16.06
CA GLU M 84 -45.79 -77.05 14.67
C GLU M 84 -45.14 -75.83 14.04
N ALA M 85 -43.81 -75.79 14.06
CA ALA M 85 -43.06 -74.67 13.51
C ALA M 85 -41.65 -75.16 13.18
N ASP M 86 -40.75 -74.22 12.91
CA ASP M 86 -39.36 -74.51 12.58
C ASP M 86 -38.47 -73.98 13.70
N TYR M 87 -37.45 -74.76 14.06
CA TYR M 87 -36.52 -74.41 15.13
C TYR M 87 -35.13 -74.24 14.54
N TYR M 88 -34.49 -73.12 14.87
CA TYR M 88 -33.15 -72.81 14.39
C TYR M 88 -32.19 -72.69 15.57
N CYS M 89 -30.91 -72.95 15.30
CA CYS M 89 -29.86 -72.85 16.29
C CYS M 89 -29.15 -71.50 16.18
N ALA M 90 -28.42 -71.16 17.23
CA ALA M 90 -27.70 -69.88 17.27
C ALA M 90 -26.38 -70.07 17.99
N ALA M 91 -25.30 -69.59 17.38
CA ALA M 91 -23.97 -69.67 17.97
C ALA M 91 -23.11 -68.57 17.39
N TRP M 92 -22.30 -67.95 18.24
CA TRP M 92 -21.40 -66.87 17.83
C TRP M 92 -19.98 -67.41 17.80
N ASP M 93 -19.46 -67.61 16.59
CA ASP M 93 -18.10 -68.11 16.44
C ASP M 93 -17.09 -67.02 16.79
N ASP M 94 -15.86 -67.45 17.10
CA ASP M 94 -14.79 -66.52 17.45
C ASP M 94 -14.30 -65.70 16.26
N SER M 95 -14.73 -66.04 15.05
CA SER M 95 -14.34 -65.30 13.85
C SER M 95 -15.28 -64.12 13.57
N LEU M 96 -16.01 -63.66 14.58
CA LEU M 96 -16.92 -62.51 14.47
C LEU M 96 -18.00 -62.78 13.41
N ASN M 97 -18.79 -63.82 13.65
CA ASN M 97 -19.88 -64.17 12.76
C ASN M 97 -20.95 -64.92 13.55
N TRP M 98 -22.21 -64.68 13.20
CA TRP M 98 -23.34 -65.35 13.82
C TRP M 98 -23.85 -66.41 12.85
N VAL M 99 -23.59 -67.68 13.17
CA VAL M 99 -23.98 -68.80 12.33
C VAL M 99 -25.25 -69.42 12.89
N PHE M 100 -26.23 -69.66 12.03
CA PHE M 100 -27.48 -70.29 12.40
C PHE M 100 -27.44 -71.78 12.06
N GLY M 101 -28.55 -72.47 12.33
CA GLY M 101 -28.65 -73.87 12.04
C GLY M 101 -29.21 -74.16 10.66
N GLY M 102 -30.03 -75.20 10.55
CA GLY M 102 -30.62 -75.57 9.28
C GLY M 102 -32.12 -75.54 9.29
N GLY M 103 -32.72 -75.65 10.48
CA GLY M 103 -34.16 -75.65 10.62
C GLY M 103 -34.75 -77.03 10.75
N THR M 104 -35.57 -77.22 11.79
CA THR M 104 -36.23 -78.50 12.05
C THR M 104 -37.73 -78.29 11.94
N LYS M 105 -38.33 -78.80 10.86
CA LYS M 105 -39.76 -78.69 10.63
C LYS M 105 -40.47 -79.74 11.48
N LEU M 106 -40.87 -79.34 12.68
CA LEU M 106 -41.56 -80.24 13.60
C LEU M 106 -42.98 -80.44 13.11
N THR M 107 -43.31 -81.67 12.71
CA THR M 107 -44.64 -82.02 12.20
C THR M 107 -45.30 -82.97 13.20
N VAL M 108 -46.38 -82.52 13.82
CA VAL M 108 -47.10 -83.34 14.79
C VAL M 108 -47.99 -84.34 14.05
N LEU M 109 -48.29 -85.44 14.74
CA LEU M 109 -49.12 -86.50 14.18
C LEU M 109 -50.49 -86.57 14.86
N GLY M 110 -50.94 -85.45 15.46
CA GLY M 110 -52.23 -85.42 16.13
C GLY M 110 -53.22 -84.49 15.46
N GLU M 125 -45.66 -51.41 25.55
CA GLU M 125 -44.93 -52.65 25.31
C GLU M 125 -43.76 -52.42 24.37
N VAL M 126 -42.97 -53.47 24.15
CA VAL M 126 -41.80 -53.40 23.28
C VAL M 126 -42.24 -53.72 21.86
N GLN M 127 -42.03 -52.79 20.94
CA GLN M 127 -42.40 -52.96 19.55
C GLN M 127 -41.27 -52.47 18.66
N LEU M 128 -40.84 -53.33 17.74
CA LEU M 128 -39.79 -53.00 16.77
C LEU M 128 -40.41 -52.99 15.38
N VAL M 129 -40.73 -51.80 14.89
CA VAL M 129 -41.35 -51.61 13.58
C VAL M 129 -40.31 -51.04 12.62
N GLU M 130 -40.14 -51.69 11.48
CA GLU M 130 -39.19 -51.27 10.46
C GLU M 130 -39.91 -51.13 9.12
N SER M 131 -39.42 -50.21 8.31
CA SER M 131 -39.99 -49.94 6.99
C SER M 131 -38.88 -49.91 5.96
N GLY M 132 -39.25 -49.65 4.71
CA GLY M 132 -38.29 -49.61 3.63
C GLY M 132 -38.39 -50.80 2.70
N GLY M 133 -39.01 -50.62 1.54
CA GLY M 133 -39.15 -51.71 0.61
C GLY M 133 -39.59 -51.22 -0.75
N GLY M 134 -40.11 -52.14 -1.54
CA GLY M 134 -40.58 -51.83 -2.88
C GLY M 134 -39.45 -51.95 -3.90
N VAL M 135 -39.13 -50.85 -4.57
CA VAL M 135 -38.04 -50.84 -5.53
C VAL M 135 -36.72 -51.00 -4.79
N VAL M 136 -35.99 -52.08 -5.09
CA VAL M 136 -34.72 -52.35 -4.44
C VAL M 136 -33.55 -51.76 -5.20
N GLN M 137 -33.65 -51.61 -6.53
CA GLN M 137 -32.59 -51.11 -7.39
C GLN M 137 -31.30 -51.90 -7.17
N PRO M 138 -31.25 -53.16 -7.62
CA PRO M 138 -30.03 -53.96 -7.42
C PRO M 138 -28.84 -53.39 -8.19
N GLY M 139 -28.13 -52.45 -7.57
CA GLY M 139 -27.00 -51.81 -8.20
C GLY M 139 -26.89 -50.34 -7.88
N GLY M 140 -27.91 -49.81 -7.20
CA GLY M 140 -27.91 -48.42 -6.79
C GLY M 140 -27.70 -48.24 -5.30
N SER M 141 -28.76 -47.85 -4.59
CA SER M 141 -28.67 -47.60 -3.16
C SER M 141 -30.03 -47.86 -2.52
N LEU M 142 -30.00 -48.19 -1.24
CA LEU M 142 -31.22 -48.46 -0.49
C LEU M 142 -30.95 -48.25 1.00
N ARG M 143 -31.84 -47.49 1.65
CA ARG M 143 -31.74 -47.20 3.08
C ARG M 143 -32.83 -47.94 3.81
N LEU M 144 -32.46 -48.66 4.87
CA LEU M 144 -33.39 -49.44 5.67
C LEU M 144 -33.34 -48.94 7.10
N SER M 145 -34.50 -48.57 7.64
CA SER M 145 -34.61 -48.02 8.98
C SER M 145 -35.48 -48.93 9.84
N CYS M 146 -35.24 -48.88 11.16
CA CYS M 146 -36.00 -49.66 12.12
C CYS M 146 -36.25 -48.79 13.35
N ALA M 147 -37.52 -48.55 13.67
CA ALA M 147 -37.87 -47.75 14.82
C ALA M 147 -37.72 -48.55 16.11
N ALA M 148 -37.59 -47.82 17.22
CA ALA M 148 -37.39 -48.44 18.52
C ALA M 148 -37.85 -47.49 19.61
N SER M 149 -38.71 -47.98 20.50
CA SER M 149 -39.22 -47.16 21.60
C SER M 149 -39.88 -48.06 22.63
N GLY M 150 -39.53 -47.86 23.89
CA GLY M 150 -40.15 -48.57 24.99
C GLY M 150 -39.32 -49.67 25.64
N PHE M 151 -38.04 -49.80 25.29
CA PHE M 151 -37.22 -50.85 25.89
C PHE M 151 -35.80 -50.37 26.21
N ARG M 152 -35.61 -49.07 26.41
CA ARG M 152 -34.30 -48.49 26.74
C ARG M 152 -33.28 -48.82 25.64
N PHE M 153 -33.54 -48.23 24.47
CA PHE M 153 -32.71 -48.50 23.29
C PHE M 153 -31.25 -48.13 23.53
N ASP M 154 -30.98 -47.17 24.42
CA ASP M 154 -29.61 -46.77 24.70
C ASP M 154 -28.80 -47.84 25.42
N ASP M 155 -29.45 -48.86 25.97
CA ASP M 155 -28.76 -49.92 26.68
C ASP M 155 -28.69 -51.23 25.89
N HIS M 156 -29.83 -51.72 25.41
CA HIS M 156 -29.85 -52.98 24.69
C HIS M 156 -29.28 -52.82 23.29
N ALA M 157 -28.59 -53.87 22.83
CA ALA M 157 -28.00 -53.88 21.51
C ALA M 157 -29.04 -54.31 20.47
N MET M 158 -28.63 -54.32 19.20
CA MET M 158 -29.51 -54.68 18.11
C MET M 158 -28.80 -55.65 17.17
N HIS M 159 -29.57 -56.32 16.33
CA HIS M 159 -29.05 -57.27 15.36
C HIS M 159 -29.77 -57.06 14.03
N TRP M 160 -29.37 -57.86 13.04
CA TRP M 160 -30.01 -57.84 11.73
C TRP M 160 -30.00 -59.26 11.18
N VAL M 161 -31.17 -59.87 11.09
CA VAL M 161 -31.33 -61.25 10.62
C VAL M 161 -32.29 -61.24 9.44
N ARG M 162 -31.83 -61.75 8.30
CA ARG M 162 -32.64 -61.86 7.10
C ARG M 162 -33.04 -63.31 6.87
N GLN M 163 -34.16 -63.50 6.18
CA GLN M 163 -34.69 -64.84 5.91
C GLN M 163 -35.26 -64.86 4.50
N ALA M 164 -34.64 -65.63 3.62
CA ALA M 164 -35.14 -65.76 2.27
C ALA M 164 -36.42 -66.58 2.24
N PRO M 165 -37.31 -66.33 1.28
CA PRO M 165 -38.56 -67.12 1.19
C PRO M 165 -38.28 -68.59 0.93
N GLY M 166 -38.60 -69.44 1.89
CA GLY M 166 -38.34 -70.86 1.78
C GLY M 166 -37.00 -71.31 2.31
N LYS M 167 -36.21 -70.42 2.89
CA LYS M 167 -34.91 -70.74 3.43
C LYS M 167 -34.88 -70.44 4.94
N GLY M 168 -33.70 -70.56 5.54
CA GLY M 168 -33.54 -70.33 6.96
C GLY M 168 -33.16 -68.90 7.27
N LEU M 169 -32.75 -68.69 8.53
CA LEU M 169 -32.34 -67.37 8.98
C LEU M 169 -30.88 -67.12 8.65
N GLU M 170 -30.58 -65.88 8.28
CA GLU M 170 -29.22 -65.47 7.92
C GLU M 170 -28.90 -64.16 8.62
N TRP M 171 -27.80 -64.14 9.37
CA TRP M 171 -27.38 -62.95 10.08
C TRP M 171 -26.73 -61.96 9.12
N VAL M 172 -27.00 -60.68 9.34
CA VAL M 172 -26.51 -59.60 8.49
C VAL M 172 -25.41 -58.79 9.18
N SER M 173 -25.74 -58.15 10.30
CA SER M 173 -24.78 -57.31 11.00
C SER M 173 -25.17 -57.23 12.47
N VAL M 174 -24.29 -56.63 13.26
CA VAL M 174 -24.51 -56.45 14.69
C VAL M 174 -23.94 -55.10 15.10
N ILE M 175 -24.59 -54.47 16.07
CA ILE M 175 -24.17 -53.19 16.61
C ILE M 175 -24.27 -53.24 18.13
N SER M 176 -23.23 -52.74 18.79
CA SER M 176 -23.20 -52.74 20.25
C SER M 176 -24.14 -51.69 20.82
N GLY M 177 -24.42 -51.82 22.12
CA GLY M 177 -25.29 -50.86 22.78
C GLY M 177 -24.67 -49.48 22.93
N ASP M 178 -23.35 -49.42 22.99
CA ASP M 178 -22.63 -48.15 23.12
C ASP M 178 -22.35 -47.50 21.78
N GLY M 179 -22.66 -48.16 20.66
CA GLY M 179 -22.41 -47.59 19.36
C GLY M 179 -20.95 -47.56 18.96
N GLY M 180 -20.16 -48.53 19.40
CA GLY M 180 -18.76 -48.57 19.08
C GLY M 180 -18.41 -49.57 18.00
N SER M 181 -17.86 -50.72 18.41
CA SER M 181 -17.45 -51.74 17.44
C SER M 181 -18.67 -52.42 16.83
N THR M 182 -18.62 -52.63 15.52
CA THR M 182 -19.68 -53.30 14.78
C THR M 182 -19.07 -54.36 13.88
N TYR M 183 -19.89 -55.35 13.52
CA TYR M 183 -19.44 -56.46 12.69
C TYR M 183 -20.50 -56.79 11.65
N TYR M 184 -20.07 -57.47 10.59
CA TYR M 184 -20.95 -57.90 9.51
C TYR M 184 -20.69 -59.37 9.22
N ALA M 185 -21.51 -59.93 8.34
CA ALA M 185 -21.31 -61.32 7.93
C ALA M 185 -20.17 -61.42 6.92
N ASP M 186 -19.79 -62.66 6.61
CA ASP M 186 -18.69 -62.89 5.67
C ASP M 186 -19.09 -62.59 4.24
N SER M 187 -20.38 -62.60 3.92
CA SER M 187 -20.84 -62.34 2.56
C SER M 187 -21.38 -60.93 2.37
N VAL M 188 -21.54 -60.16 3.44
CA VAL M 188 -22.07 -58.81 3.36
C VAL M 188 -21.05 -57.76 3.80
N LYS M 189 -19.82 -58.19 4.10
CA LYS M 189 -18.79 -57.26 4.55
C LYS M 189 -18.25 -56.45 3.38
N GLY M 190 -18.11 -55.14 3.59
CA GLY M 190 -17.54 -54.26 2.59
C GLY M 190 -18.54 -53.51 1.74
N ARG M 191 -19.82 -53.87 1.80
CA ARG M 191 -20.84 -53.21 0.98
C ARG M 191 -21.87 -52.45 1.80
N PHE M 192 -22.14 -52.86 3.03
CA PHE M 192 -23.15 -52.22 3.86
C PHE M 192 -22.53 -51.16 4.77
N SER M 193 -23.34 -50.17 5.12
CA SER M 193 -22.93 -49.12 6.06
C SER M 193 -24.06 -48.93 7.06
N ILE M 194 -23.86 -49.44 8.27
CA ILE M 194 -24.87 -49.42 9.32
C ILE M 194 -24.84 -48.05 9.99
N SER M 195 -25.97 -47.68 10.60
CA SER M 195 -26.06 -46.41 11.32
C SER M 195 -27.13 -46.53 12.40
N ARG M 196 -26.98 -45.74 13.45
CA ARG M 196 -27.96 -45.68 14.53
C ARG M 196 -27.95 -44.27 15.11
N ASP M 197 -29.01 -43.96 15.86
CA ASP M 197 -29.17 -42.65 16.50
C ASP M 197 -29.70 -42.87 17.91
N ASP M 198 -28.89 -42.53 18.91
CA ASP M 198 -29.31 -42.68 20.30
C ASP M 198 -30.27 -41.58 20.74
N SER M 199 -30.28 -40.45 20.04
CA SER M 199 -31.18 -39.36 20.41
C SER M 199 -32.58 -39.57 19.83
N LYS M 200 -32.67 -40.07 18.60
CA LYS M 200 -33.96 -40.33 17.96
C LYS M 200 -34.51 -41.71 18.25
N ASN M 201 -33.70 -42.60 18.84
CA ASN M 201 -34.12 -43.96 19.18
C ASN M 201 -34.60 -44.72 17.93
N SER M 202 -33.68 -44.91 16.99
CA SER M 202 -33.99 -45.60 15.76
C SER M 202 -32.75 -46.34 15.26
N LEU M 203 -32.99 -47.44 14.56
CA LEU M 203 -31.93 -48.26 13.98
C LEU M 203 -31.99 -48.15 12.46
N TYR M 204 -30.83 -48.03 11.83
CA TYR M 204 -30.74 -47.85 10.39
C TYR M 204 -29.81 -48.89 9.78
N LEU M 205 -29.92 -49.06 8.46
CA LEU M 205 -29.02 -49.96 7.73
C LEU M 205 -28.97 -49.47 6.28
N GLN M 206 -27.91 -48.74 5.94
CA GLN M 206 -27.71 -48.27 4.58
C GLN M 206 -27.02 -49.36 3.76
N MET M 207 -27.66 -49.76 2.66
CA MET M 207 -27.15 -50.83 1.80
C MET M 207 -26.91 -50.30 0.40
N ASN M 208 -25.80 -50.74 -0.20
CA ASN M 208 -25.45 -50.37 -1.56
C ASN M 208 -24.95 -51.59 -2.31
N SER M 209 -25.18 -51.60 -3.63
CA SER M 209 -24.76 -52.68 -4.52
C SER M 209 -25.33 -54.03 -4.06
N LEU M 210 -26.66 -54.09 -4.02
CA LEU M 210 -27.33 -55.32 -3.64
C LEU M 210 -27.41 -56.28 -4.83
N ARG M 211 -27.08 -57.54 -4.59
CA ARG M 211 -27.11 -58.55 -5.63
C ARG M 211 -28.52 -59.14 -5.76
N THR M 212 -28.67 -60.09 -6.67
CA THR M 212 -29.95 -60.73 -6.92
C THR M 212 -30.24 -61.88 -5.95
N GLU M 213 -29.30 -62.21 -5.06
CA GLU M 213 -29.49 -63.29 -4.10
C GLU M 213 -29.77 -62.77 -2.69
N ASP M 214 -30.14 -61.50 -2.56
CA ASP M 214 -30.43 -60.89 -1.27
C ASP M 214 -31.93 -60.68 -1.07
N THR M 215 -32.73 -61.62 -1.57
CA THR M 215 -34.19 -61.54 -1.43
C THR M 215 -34.57 -62.10 -0.06
N ALA M 216 -34.94 -61.20 0.85
CA ALA M 216 -35.31 -61.59 2.22
C ALA M 216 -36.15 -60.48 2.82
N LEU M 217 -36.40 -60.57 4.13
CA LEU M 217 -37.20 -59.59 4.84
C LEU M 217 -36.40 -58.67 5.74
N TYR M 218 -35.20 -59.08 6.17
CA TYR M 218 -34.33 -58.27 7.02
C TYR M 218 -35.03 -57.90 8.33
N TYR M 219 -35.33 -58.93 9.13
CA TYR M 219 -35.99 -58.71 10.41
C TYR M 219 -35.11 -57.89 11.33
N CYS M 220 -35.73 -56.95 12.04
CA CYS M 220 -35.03 -56.08 12.99
C CYS M 220 -35.05 -56.77 14.36
N ALA M 221 -33.92 -57.36 14.73
CA ALA M 221 -33.82 -58.13 15.96
C ALA M 221 -33.25 -57.27 17.09
N LYS M 222 -33.81 -57.43 18.28
CA LYS M 222 -33.38 -56.68 19.46
C LYS M 222 -32.62 -57.60 20.41
N ASP M 223 -31.42 -57.19 20.80
CA ASP M 223 -30.60 -57.97 21.71
C ASP M 223 -30.96 -57.68 23.16
N ARG M 224 -30.71 -58.66 24.02
CA ARG M 224 -30.96 -58.52 25.45
C ARG M 224 -29.71 -58.12 26.24
N SER M 225 -28.53 -58.23 25.64
CA SER M 225 -27.29 -57.87 26.31
C SER M 225 -26.93 -56.42 26.00
N TYR M 226 -25.72 -56.00 26.42
CA TYR M 226 -25.25 -54.65 26.20
C TYR M 226 -24.12 -54.57 25.18
N GLY M 227 -23.05 -55.33 25.38
CA GLY M 227 -21.92 -55.31 24.48
C GLY M 227 -22.08 -56.29 23.33
N PRO M 228 -21.11 -56.32 22.43
CA PRO M 228 -21.15 -57.25 21.31
C PRO M 228 -21.07 -58.69 21.79
N PRO M 229 -21.54 -59.66 21.00
CA PRO M 229 -21.51 -61.06 21.44
C PRO M 229 -20.11 -61.63 21.60
N ASP M 230 -19.07 -60.94 21.11
CA ASP M 230 -17.71 -61.49 21.24
C ASP M 230 -17.19 -61.39 22.67
N VAL M 231 -17.55 -60.34 23.40
CA VAL M 231 -17.11 -60.18 24.77
C VAL M 231 -18.09 -60.81 25.76
N PHE M 232 -19.40 -60.64 25.52
CA PHE M 232 -20.42 -61.22 26.38
C PHE M 232 -20.94 -62.49 25.71
N ASN M 233 -20.21 -63.58 25.93
CA ASN M 233 -20.53 -64.87 25.32
C ASN M 233 -21.43 -65.73 26.21
N TYR M 234 -22.13 -65.13 27.17
CA TYR M 234 -23.04 -65.88 28.02
C TYR M 234 -24.36 -65.15 28.27
N GLU M 235 -24.60 -64.02 27.59
CA GLU M 235 -25.82 -63.26 27.80
C GLU M 235 -26.52 -62.84 26.52
N TYR M 236 -25.88 -62.97 25.36
CA TYR M 236 -26.49 -62.52 24.11
C TYR M 236 -27.73 -63.35 23.79
N GLY M 237 -28.71 -62.70 23.16
CA GLY M 237 -29.95 -63.35 22.80
C GLY M 237 -30.95 -62.39 22.19
N MET M 238 -31.63 -62.82 21.13
CA MET M 238 -32.61 -61.99 20.43
C MET M 238 -33.99 -62.29 21.00
N ASP M 239 -34.45 -61.43 21.92
CA ASP M 239 -35.73 -61.65 22.57
C ASP M 239 -36.90 -61.16 21.72
N VAL M 240 -36.91 -59.86 21.41
CA VAL M 240 -38.01 -59.23 20.68
C VAL M 240 -37.60 -59.07 19.22
N TRP M 241 -38.49 -59.45 18.31
CA TRP M 241 -38.29 -59.35 16.88
C TRP M 241 -39.25 -58.33 16.29
N GLY M 242 -39.24 -58.21 14.97
CA GLY M 242 -40.11 -57.28 14.26
C GLY M 242 -40.61 -57.88 12.97
N GLN M 243 -41.50 -57.14 12.31
CA GLN M 243 -42.09 -57.56 11.04
C GLN M 243 -41.22 -57.00 9.91
N GLY M 244 -40.43 -57.88 9.29
CA GLY M 244 -39.57 -57.44 8.22
C GLY M 244 -40.33 -57.06 6.96
N THR M 245 -39.64 -56.37 6.06
CA THR M 245 -40.19 -55.93 4.80
C THR M 245 -39.63 -56.78 3.67
N THR M 246 -40.50 -57.48 2.96
CA THR M 246 -40.07 -58.35 1.88
C THR M 246 -39.60 -57.52 0.69
N VAL M 247 -38.33 -57.68 0.32
CA VAL M 247 -37.79 -56.95 -0.82
C VAL M 247 -38.19 -57.65 -2.12
N THR M 248 -38.13 -56.91 -3.22
CA THR M 248 -38.50 -57.38 -4.54
C THR M 248 -37.34 -57.16 -5.53
N VAL M 249 -36.14 -57.52 -5.10
CA VAL M 249 -34.95 -57.35 -5.94
C VAL M 249 -35.00 -58.35 -7.08
N SER M 250 -35.00 -57.86 -8.31
CA SER M 250 -35.04 -58.71 -9.49
C SER M 250 -34.42 -57.95 -10.66
N SER M 251 -34.47 -58.57 -11.84
CA SER M 251 -33.92 -57.95 -13.04
C SER M 251 -34.82 -56.83 -13.54
CA GLU N 1 -7.29 -17.28 56.82
C GLU N 1 -6.32 -16.33 56.13
N ILE N 2 -6.01 -16.63 54.87
CA ILE N 2 -5.09 -15.81 54.08
C ILE N 2 -5.88 -14.64 53.50
N VAL N 3 -5.59 -13.44 53.98
CA VAL N 3 -6.27 -12.24 53.54
C VAL N 3 -5.46 -11.61 52.41
N LEU N 4 -6.10 -11.38 51.27
CA LEU N 4 -5.47 -10.76 50.10
C LEU N 4 -6.05 -9.36 49.94
N THR N 5 -5.20 -8.36 50.07
CA THR N 5 -5.60 -6.96 49.97
C THR N 5 -4.82 -6.27 48.85
N GLN N 6 -5.46 -5.32 48.20
CA GLN N 6 -4.84 -4.53 47.14
C GLN N 6 -4.38 -3.18 47.70
N SER N 7 -3.21 -2.73 47.24
CA SER N 7 -2.66 -1.46 47.69
C SER N 7 -3.36 -0.28 47.01
N PRO N 8 -3.53 -0.28 45.68
CA PRO N 8 -4.27 0.82 45.06
C PRO N 8 -5.76 0.73 45.36
N ALA N 9 -6.40 1.90 45.47
CA ALA N 9 -7.82 1.99 45.75
C ALA N 9 -8.59 2.59 44.58
N THR N 10 -8.20 3.77 44.13
CA THR N 10 -8.86 4.45 43.00
C THR N 10 -7.78 4.97 42.07
N LEU N 11 -7.48 4.21 41.01
CA LEU N 11 -6.47 4.59 40.03
C LEU N 11 -7.15 5.34 38.89
N SER N 12 -7.07 6.67 38.93
CA SER N 12 -7.67 7.53 37.91
C SER N 12 -6.64 7.98 36.88
N LEU N 13 -5.69 7.10 36.55
CA LEU N 13 -4.65 7.46 35.59
C LEU N 13 -5.23 7.62 34.20
N SER N 14 -4.74 8.62 33.48
CA SER N 14 -5.21 8.87 32.12
C SER N 14 -4.72 7.78 31.18
N PRO N 15 -5.45 7.51 30.10
CA PRO N 15 -5.00 6.51 29.13
C PRO N 15 -3.69 6.92 28.47
N GLY N 16 -2.94 5.91 28.05
CA GLY N 16 -1.62 6.15 27.49
C GLY N 16 -0.51 6.21 28.51
N GLU N 17 -0.70 5.58 29.67
CA GLU N 17 0.29 5.57 30.73
C GLU N 17 0.41 4.15 31.26
N ARG N 18 1.12 3.98 32.37
CA ARG N 18 1.32 2.69 32.99
C ARG N 18 0.24 2.44 34.04
N ALA N 19 0.32 1.27 34.68
CA ALA N 19 -0.63 0.88 35.70
C ALA N 19 -0.01 -0.20 36.57
N THR N 20 -0.22 -0.10 37.88
CA THR N 20 0.32 -1.06 38.84
C THR N 20 -0.78 -1.53 39.77
N LEU N 21 -0.75 -2.81 40.10
CA LEU N 21 -1.74 -3.42 41.00
C LEU N 21 -0.99 -4.34 41.96
N SER N 22 -0.79 -3.89 43.19
CA SER N 22 -0.06 -4.65 44.20
C SER N 22 -1.03 -5.46 45.04
N CYS N 23 -0.61 -6.69 45.36
CA CYS N 23 -1.41 -7.60 46.18
C CYS N 23 -0.48 -8.34 47.12
N ARG N 24 -0.72 -8.20 48.42
CA ARG N 24 0.08 -8.84 49.46
C ARG N 24 -0.72 -9.95 50.13
N ALA N 25 -0.03 -10.70 50.98
CA ALA N 25 -0.65 -11.80 51.71
C ALA N 25 0.16 -12.08 52.97
N SER N 26 -0.55 -12.46 54.03
CA SER N 26 0.11 -12.75 55.30
C SER N 26 0.90 -14.06 55.22
N GLN N 27 0.23 -15.15 54.86
CA GLN N 27 0.88 -16.45 54.77
C GLN N 27 1.66 -16.54 53.46
N SER N 28 2.81 -17.21 53.52
CA SER N 28 3.67 -17.37 52.35
C SER N 28 3.00 -18.33 51.38
N VAL N 29 2.36 -17.80 50.35
CA VAL N 29 1.65 -18.59 49.35
C VAL N 29 2.54 -18.76 48.13
N SER N 30 2.38 -19.89 47.45
CA SER N 30 3.13 -20.17 46.24
C SER N 30 2.49 -19.44 45.06
N SER N 31 2.91 -19.78 43.84
CA SER N 31 2.40 -19.11 42.65
C SER N 31 0.97 -19.55 42.35
N TYR N 32 0.03 -19.05 43.14
CA TYR N 32 -1.39 -19.36 42.99
C TYR N 32 -2.21 -18.08 42.95
N LEU N 33 -1.74 -17.09 42.19
CA LEU N 33 -2.41 -15.80 42.08
C LEU N 33 -3.13 -15.73 40.75
N ALA N 34 -4.41 -15.37 40.79
CA ALA N 34 -5.25 -15.26 39.60
C ALA N 34 -5.84 -13.86 39.53
N TRP N 35 -5.67 -13.21 38.39
CA TRP N 35 -6.20 -11.87 38.16
C TRP N 35 -7.53 -11.95 37.43
N TYR N 36 -8.48 -11.10 37.84
CA TYR N 36 -9.80 -11.06 37.24
C TYR N 36 -10.16 -9.64 36.87
N GLN N 37 -11.02 -9.50 35.86
CA GLN N 37 -11.53 -8.21 35.42
C GLN N 37 -13.04 -8.33 35.29
N GLN N 38 -13.77 -7.48 36.01
CA GLN N 38 -15.23 -7.52 36.03
C GLN N 38 -15.77 -6.17 35.59
N LYS N 39 -16.39 -6.13 34.41
CA LYS N 39 -17.06 -4.92 33.97
C LYS N 39 -18.29 -4.65 34.83
N PRO N 40 -18.68 -3.39 34.99
CA PRO N 40 -19.87 -3.09 35.79
C PRO N 40 -21.14 -3.62 35.16
N GLY N 41 -21.75 -4.62 35.80
CA GLY N 41 -22.95 -5.23 35.27
C GLY N 41 -22.69 -6.60 34.68
N GLN N 42 -21.55 -6.76 34.00
CA GLN N 42 -21.21 -8.02 33.38
C GLN N 42 -20.56 -8.97 34.39
N ALA N 43 -20.13 -10.15 33.90
CA ALA N 43 -19.52 -11.17 34.72
C ALA N 43 -18.00 -11.01 34.74
N PRO N 44 -17.36 -11.38 35.86
CA PRO N 44 -15.89 -11.27 35.92
C PRO N 44 -15.22 -12.21 34.94
N ARG N 45 -14.10 -11.75 34.37
CA ARG N 45 -13.32 -12.52 33.42
C ARG N 45 -11.88 -12.60 33.89
N LEU N 46 -11.32 -13.80 33.91
CA LEU N 46 -9.94 -13.98 34.36
C LEU N 46 -8.97 -13.51 33.28
N LEU N 47 -7.91 -12.82 33.73
CA LEU N 47 -6.89 -12.31 32.83
C LEU N 47 -5.59 -13.11 32.89
N ILE N 48 -5.02 -13.27 34.08
CA ILE N 48 -3.78 -14.01 34.27
C ILE N 48 -4.01 -15.05 35.36
N TYR N 49 -3.65 -16.30 35.08
CA TYR N 49 -3.75 -17.39 36.04
C TYR N 49 -2.35 -17.82 36.45
N ASP N 50 -2.19 -18.16 37.73
CA ASP N 50 -0.94 -18.57 38.35
C ASP N 50 0.14 -17.50 38.28
N ALA N 51 -0.21 -16.27 37.88
CA ALA N 51 0.71 -15.14 37.79
C ALA N 51 1.90 -15.42 36.89
N SER N 52 1.80 -16.38 35.99
CA SER N 52 2.91 -16.71 35.10
C SER N 52 2.44 -16.81 33.64
N ASN N 53 1.16 -17.13 33.44
CA ASN N 53 0.61 -17.32 32.10
C ASN N 53 -0.69 -16.55 31.98
N ARG N 54 -0.88 -15.93 30.81
CA ARG N 54 -2.09 -15.18 30.54
C ARG N 54 -3.18 -16.08 29.95
N ALA N 55 -4.40 -15.57 29.96
CA ALA N 55 -5.54 -16.31 29.45
C ALA N 55 -5.57 -16.22 27.92
N THR N 56 -6.64 -16.74 27.31
CA THR N 56 -6.81 -16.73 25.86
C THR N 56 -8.04 -15.90 25.52
N GLY N 57 -7.83 -14.77 24.86
CA GLY N 57 -8.92 -13.90 24.47
C GLY N 57 -8.65 -12.44 24.80
N ILE N 58 -7.89 -12.19 25.86
CA ILE N 58 -7.57 -10.84 26.29
C ILE N 58 -6.31 -10.39 25.55
N PRO N 59 -6.07 -9.09 25.40
CA PRO N 59 -4.86 -8.63 24.73
C PRO N 59 -3.61 -9.01 25.51
N ALA N 60 -2.46 -8.87 24.85
CA ALA N 60 -1.18 -9.23 25.43
C ALA N 60 -0.62 -8.15 26.35
N ARG N 61 -1.35 -7.06 26.58
CA ARG N 61 -0.88 -5.98 27.44
C ARG N 61 -1.28 -6.20 28.90
N PHE N 62 -0.96 -7.40 29.42
CA PHE N 62 -1.25 -7.74 30.81
C PHE N 62 -0.12 -8.54 31.43
N SER N 63 1.12 -8.28 31.03
CA SER N 63 2.26 -9.02 31.54
C SER N 63 2.46 -8.70 33.02
N GLY N 64 2.29 -9.70 33.88
CA GLY N 64 2.46 -9.54 35.31
C GLY N 64 3.61 -10.38 35.83
N SER N 65 3.95 -10.16 37.10
CA SER N 65 5.03 -10.87 37.75
C SER N 65 4.74 -10.92 39.24
N GLY N 66 5.74 -11.33 40.02
CA GLY N 66 5.58 -11.43 41.45
C GLY N 66 5.35 -12.85 41.93
N SER N 67 5.95 -13.21 43.06
CA SER N 67 5.79 -14.55 43.62
C SER N 67 6.12 -14.50 45.10
N GLY N 68 5.42 -15.34 45.87
CA GLY N 68 5.64 -15.42 47.30
C GLY N 68 4.61 -14.66 48.10
N THR N 69 5.01 -13.54 48.71
CA THR N 69 4.13 -12.73 49.52
C THR N 69 3.72 -11.42 48.87
N ASP N 70 4.20 -11.15 47.65
CA ASP N 70 3.88 -9.92 46.95
C ASP N 70 3.68 -10.21 45.47
N PHE N 71 2.63 -9.63 44.90
CA PHE N 71 2.32 -9.78 43.48
C PHE N 71 2.04 -8.41 42.88
N THR N 72 2.32 -8.28 41.58
CA THR N 72 2.12 -7.01 40.89
C THR N 72 1.72 -7.27 39.45
N LEU N 73 0.97 -6.33 38.89
CA LEU N 73 0.55 -6.38 37.49
C LEU N 73 1.07 -5.13 36.79
N THR N 74 1.88 -5.34 35.75
CA THR N 74 2.52 -4.24 35.02
C THR N 74 1.77 -4.05 33.70
N ILE N 75 0.80 -3.15 33.71
CA ILE N 75 0.06 -2.79 32.50
C ILE N 75 0.74 -1.54 31.95
N SER N 76 1.73 -1.74 31.08
CA SER N 76 2.51 -0.65 30.51
C SER N 76 1.98 -0.17 29.18
N SER N 77 0.67 -0.35 28.92
CA SER N 77 0.06 0.08 27.67
C SER N 77 -1.16 0.95 27.99
N LEU N 78 -1.80 1.44 26.94
CA LEU N 78 -2.97 2.29 27.10
C LEU N 78 -4.16 1.47 27.60
N GLU N 79 -5.21 2.19 28.03
CA GLU N 79 -6.43 1.59 28.56
C GLU N 79 -7.61 2.04 27.70
N PRO N 80 -7.86 1.37 26.58
CA PRO N 80 -8.98 1.77 25.72
C PRO N 80 -10.34 1.57 26.38
N GLU N 81 -10.58 0.36 26.89
CA GLU N 81 -11.84 0.03 27.55
C GLU N 81 -11.59 -0.76 28.83
N ASP N 82 -10.61 -0.32 29.62
CA ASP N 82 -10.25 -0.97 30.87
C ASP N 82 -11.05 -0.44 32.06
N PHE N 83 -12.22 0.13 31.83
CA PHE N 83 -13.06 0.63 32.91
C PHE N 83 -13.71 -0.53 33.65
N ALA N 84 -13.02 -1.06 34.66
CA ALA N 84 -13.52 -2.20 35.43
C ALA N 84 -12.75 -2.29 36.73
N VAL N 85 -13.17 -3.22 37.58
CA VAL N 85 -12.54 -3.46 38.87
C VAL N 85 -11.73 -4.76 38.77
N TYR N 86 -10.47 -4.70 39.17
CA TYR N 86 -9.55 -5.84 39.11
C TYR N 86 -9.45 -6.45 40.50
N TYR N 87 -10.00 -7.66 40.66
CA TYR N 87 -9.96 -8.38 41.92
C TYR N 87 -8.80 -9.37 41.92
N CYS N 88 -8.65 -10.09 43.04
CA CYS N 88 -7.61 -11.09 43.19
C CYS N 88 -8.19 -12.30 43.89
N GLN N 89 -7.64 -13.48 43.58
CA GLN N 89 -8.09 -14.72 44.18
C GLN N 89 -6.92 -15.69 44.26
N GLN N 90 -6.78 -16.34 45.41
CA GLN N 90 -5.73 -17.33 45.62
C GLN N 90 -6.22 -18.71 45.16
N ARG N 91 -5.28 -19.51 44.66
CA ARG N 91 -5.58 -20.85 44.17
C ARG N 91 -4.93 -21.94 45.01
N SER N 92 -4.30 -21.59 46.13
CA SER N 92 -3.67 -22.58 46.98
C SER N 92 -4.71 -23.35 47.80
N ASN N 93 -5.51 -22.64 48.59
CA ASN N 93 -6.55 -23.27 49.39
C ASN N 93 -7.71 -23.66 48.50
N TRP N 94 -7.88 -24.98 48.29
CA TRP N 94 -8.97 -25.44 47.43
C TRP N 94 -10.35 -25.20 48.04
N PRO N 95 -10.63 -25.60 49.28
CA PRO N 95 -11.97 -25.34 49.86
C PRO N 95 -12.12 -23.99 50.54
N GLN N 96 -11.15 -23.08 50.41
CA GLN N 96 -11.17 -21.80 51.10
C GLN N 96 -10.80 -20.67 50.14
N TYR N 97 -11.44 -20.65 48.97
CA TYR N 97 -11.24 -19.57 48.01
C TYR N 97 -11.69 -18.24 48.59
N THR N 98 -10.76 -17.32 48.80
CA THR N 98 -11.05 -16.01 49.38
C THR N 98 -10.66 -14.91 48.40
N PHE N 99 -11.52 -13.91 48.28
CA PHE N 99 -11.30 -12.78 47.40
C PHE N 99 -10.83 -11.57 48.21
N GLY N 100 -10.70 -10.43 47.53
CA GLY N 100 -10.29 -9.20 48.19
C GLY N 100 -10.94 -8.00 47.54
N GLN N 101 -10.84 -6.86 48.23
CA GLN N 101 -11.41 -5.61 47.74
C GLN N 101 -10.59 -5.12 46.56
N GLY N 102 -11.12 -5.30 45.35
CA GLY N 102 -10.40 -4.92 44.15
C GLY N 102 -10.30 -3.41 43.98
N THR N 103 -9.40 -3.01 43.10
CA THR N 103 -9.17 -1.61 42.81
C THR N 103 -10.02 -1.16 41.64
N LYS N 104 -10.72 -0.04 41.80
CA LYS N 104 -11.61 0.49 40.78
C LYS N 104 -10.82 1.44 39.89
N LEU N 105 -10.48 0.99 38.69
CA LEU N 105 -9.75 1.80 37.72
C LEU N 105 -10.74 2.41 36.72
N GLU N 106 -10.47 3.65 36.33
CA GLU N 106 -11.29 4.36 35.34
C GLU N 106 -10.38 5.06 34.36
N ILE N 107 -10.99 5.72 33.37
CA ILE N 107 -10.24 6.40 32.32
C ILE N 107 -9.72 7.75 32.79
N LYS N 108 -10.57 8.56 33.40
CA LYS N 108 -10.20 9.89 33.88
C LYS N 108 -11.05 10.23 35.09
N GLY N 109 -10.96 11.49 35.53
CA GLY N 109 -11.72 11.94 36.67
C GLY N 109 -11.38 13.36 37.09
N SER N 123 -16.87 -20.01 21.30
CA SER N 123 -17.32 -19.96 22.69
C SER N 123 -18.62 -20.74 22.88
N GLU N 124 -18.57 -22.04 22.59
CA GLU N 124 -19.76 -22.87 22.74
C GLU N 124 -20.10 -23.15 24.20
N VAL N 125 -19.16 -22.96 25.12
CA VAL N 125 -19.42 -23.17 26.54
C VAL N 125 -20.25 -22.00 27.07
N GLN N 126 -21.45 -22.32 27.56
CA GLN N 126 -22.34 -21.30 28.09
C GLN N 126 -23.27 -21.94 29.11
N LEU N 127 -23.45 -21.26 30.25
CA LEU N 127 -24.30 -21.76 31.32
C LEU N 127 -25.04 -20.58 31.93
N VAL N 128 -26.35 -20.70 32.10
CA VAL N 128 -27.19 -19.64 32.63
C VAL N 128 -27.78 -20.10 33.96
N GLU N 129 -28.46 -19.16 34.63
CA GLU N 129 -29.10 -19.42 35.91
C GLU N 129 -30.54 -18.95 35.86
N SER N 130 -31.28 -19.26 36.93
CA SER N 130 -32.69 -18.87 37.03
C SER N 130 -33.07 -18.83 38.50
N GLY N 131 -34.19 -18.17 38.78
CA GLY N 131 -34.70 -18.07 40.14
C GLY N 131 -34.31 -16.78 40.83
N GLY N 132 -35.29 -16.05 41.33
CA GLY N 132 -35.01 -14.80 42.02
C GLY N 132 -36.29 -14.14 42.46
N GLY N 133 -36.14 -12.92 42.98
CA GLY N 133 -37.29 -12.15 43.45
C GLY N 133 -37.26 -11.90 44.94
N LEU N 134 -38.44 -11.71 45.53
CA LEU N 134 -38.52 -11.49 46.97
C LEU N 134 -38.15 -12.74 47.73
N VAL N 135 -37.60 -12.55 48.92
CA VAL N 135 -37.15 -13.66 49.75
C VAL N 135 -37.75 -13.66 51.14
N LYS N 136 -38.24 -12.52 51.66
CA LYS N 136 -38.79 -12.50 53.00
C LYS N 136 -40.03 -13.37 53.13
N PRO N 137 -41.03 -13.30 52.25
CA PRO N 137 -42.15 -14.27 52.33
C PRO N 137 -41.72 -15.61 51.78
N GLY N 138 -41.78 -16.64 52.62
CA GLY N 138 -41.35 -17.96 52.22
C GLY N 138 -39.84 -18.11 52.12
N ARG N 139 -39.18 -18.24 53.27
CA ARG N 139 -37.72 -18.30 53.30
C ARG N 139 -37.21 -19.65 52.83
N SER N 140 -37.41 -19.96 51.55
CA SER N 140 -36.95 -21.23 50.98
C SER N 140 -36.83 -21.03 49.47
N LEU N 141 -35.60 -20.86 49.00
CA LEU N 141 -35.33 -20.66 47.59
C LEU N 141 -34.63 -21.89 47.02
N ARG N 142 -34.64 -21.98 45.68
CA ARG N 142 -33.99 -23.09 44.99
C ARG N 142 -33.61 -22.58 43.60
N LEU N 143 -32.35 -22.24 43.42
CA LEU N 143 -31.85 -21.72 42.16
C LEU N 143 -31.43 -22.88 41.24
N SER N 144 -31.02 -22.53 40.03
CA SER N 144 -30.61 -23.52 39.04
C SER N 144 -29.38 -23.02 38.30
N CYS N 145 -28.63 -23.97 37.73
CA CYS N 145 -27.43 -23.67 36.94
C CYS N 145 -27.35 -24.72 35.84
N THR N 146 -27.90 -24.38 34.67
CA THR N 146 -27.98 -25.30 33.55
C THR N 146 -26.90 -24.93 32.53
N ALA N 147 -26.09 -25.92 32.14
CA ALA N 147 -25.03 -25.73 31.16
C ALA N 147 -25.35 -26.50 29.89
N SER N 148 -24.89 -25.94 28.76
CA SER N 148 -25.10 -26.58 27.46
C SER N 148 -23.80 -26.70 26.68
N GLY N 149 -22.66 -26.44 27.29
CA GLY N 149 -21.38 -26.51 26.62
C GLY N 149 -20.60 -27.77 26.95
N PHE N 150 -19.65 -27.65 27.88
CA PHE N 150 -18.82 -28.78 28.29
C PHE N 150 -19.68 -29.92 28.82
N THR N 151 -19.14 -31.14 28.73
CA THR N 151 -19.82 -32.33 29.21
C THR N 151 -19.95 -32.27 30.73
N PHE N 152 -21.18 -32.11 31.21
CA PHE N 152 -21.40 -32.02 32.65
C PHE N 152 -21.25 -33.39 33.29
N GLY N 153 -20.43 -33.48 34.32
CA GLY N 153 -20.19 -34.73 35.02
C GLY N 153 -18.74 -34.98 35.34
N ASP N 154 -17.84 -34.45 34.51
CA ASP N 154 -16.40 -34.58 34.71
C ASP N 154 -15.79 -33.34 35.35
N TYR N 155 -16.60 -32.38 35.76
CA TYR N 155 -16.12 -31.16 36.38
C TYR N 155 -16.96 -30.84 37.62
N ALA N 156 -16.32 -30.21 38.60
CA ALA N 156 -17.01 -29.80 39.81
C ALA N 156 -17.60 -28.40 39.63
N MET N 157 -18.64 -28.11 40.42
CA MET N 157 -19.37 -26.85 40.34
C MET N 157 -19.12 -26.06 41.62
N SER N 158 -18.55 -24.86 41.46
CA SER N 158 -18.31 -23.95 42.58
C SER N 158 -19.24 -22.76 42.49
N TRP N 159 -19.61 -22.22 43.66
CA TRP N 159 -20.54 -21.11 43.75
C TRP N 159 -19.86 -19.92 44.42
N PHE N 160 -20.09 -18.72 43.87
CA PHE N 160 -19.54 -17.49 44.42
C PHE N 160 -20.63 -16.43 44.41
N ARG N 161 -20.76 -15.70 45.52
CA ARG N 161 -21.73 -14.63 45.65
C ARG N 161 -21.02 -13.28 45.61
N GLN N 162 -21.75 -12.26 45.15
CA GLN N 162 -21.22 -10.91 44.99
C GLN N 162 -22.16 -9.94 45.69
N ALA N 163 -21.77 -9.48 46.87
CA ALA N 163 -22.58 -8.51 47.60
C ALA N 163 -22.44 -7.13 46.95
N PRO N 164 -23.50 -6.31 47.00
CA PRO N 164 -23.43 -4.97 46.38
C PRO N 164 -22.36 -4.09 47.01
N GLY N 165 -21.35 -3.72 46.23
CA GLY N 165 -20.28 -2.87 46.71
C GLY N 165 -19.40 -3.50 47.75
N LYS N 166 -19.25 -4.82 47.73
CA LYS N 166 -18.39 -5.52 48.69
C LYS N 166 -17.40 -6.43 47.98
N GLY N 167 -17.80 -6.95 46.83
CA GLY N 167 -16.96 -7.84 46.05
C GLY N 167 -17.48 -9.27 46.08
N LEU N 168 -16.65 -10.17 45.55
CA LEU N 168 -17.00 -11.58 45.50
C LEU N 168 -16.80 -12.23 46.87
N GLU N 169 -17.51 -13.34 47.09
CA GLU N 169 -17.44 -14.06 48.35
C GLU N 169 -17.67 -15.54 48.09
N TRP N 170 -17.10 -16.36 48.96
CA TRP N 170 -17.20 -17.82 48.82
C TRP N 170 -18.55 -18.32 49.32
N VAL N 171 -19.07 -19.33 48.64
CA VAL N 171 -20.34 -19.95 49.02
C VAL N 171 -20.13 -21.43 49.31
N GLY N 172 -19.69 -22.17 48.31
CA GLY N 172 -19.47 -23.60 48.47
C GLY N 172 -19.25 -24.26 47.13
N PHE N 173 -19.05 -25.58 47.20
CA PHE N 173 -18.79 -26.36 45.99
C PHE N 173 -19.13 -27.81 46.27
N ILE N 174 -19.35 -28.56 45.19
CA ILE N 174 -19.61 -30.00 45.25
C ILE N 174 -18.56 -30.69 44.40
N ARG N 175 -17.86 -31.65 44.99
CA ARG N 175 -16.80 -32.36 44.27
C ARG N 175 -17.40 -33.21 43.15
N SER N 176 -16.54 -33.57 42.19
CA SER N 176 -16.96 -34.37 41.06
C SER N 176 -17.30 -35.79 41.51
N LYS N 177 -17.99 -36.52 40.62
CA LYS N 177 -18.37 -37.89 40.93
C LYS N 177 -17.17 -38.80 41.08
N ALA N 178 -16.04 -38.46 40.44
CA ALA N 178 -14.86 -39.30 40.53
C ALA N 178 -14.19 -39.18 41.90
N TYR N 179 -13.95 -37.95 42.35
CA TYR N 179 -13.25 -37.72 43.62
C TYR N 179 -14.23 -37.58 44.79
N GLY N 180 -15.11 -38.56 44.94
CA GLY N 180 -16.03 -38.58 46.07
C GLY N 180 -17.16 -37.59 45.95
N GLY N 181 -18.32 -37.95 46.52
CA GLY N 181 -19.48 -37.07 46.48
C GLY N 181 -19.68 -36.29 47.77
N THR N 182 -18.58 -35.90 48.40
CA THR N 182 -18.64 -35.16 49.65
C THR N 182 -18.91 -33.68 49.36
N THR N 183 -18.98 -32.88 50.42
CA THR N 183 -19.23 -31.45 50.31
C THR N 183 -18.43 -30.71 51.36
N GLU N 184 -18.28 -29.40 51.15
CA GLU N 184 -17.54 -28.56 52.09
C GLU N 184 -18.04 -27.12 51.91
N TYR N 185 -18.61 -26.56 52.97
CA TYR N 185 -19.13 -25.21 52.95
C TYR N 185 -18.22 -24.27 53.76
N ALA N 186 -18.62 -23.01 53.84
CA ALA N 186 -17.87 -22.00 54.58
C ALA N 186 -18.33 -21.98 56.04
N ALA N 187 -17.86 -20.98 56.78
CA ALA N 187 -18.23 -20.87 58.19
C ALA N 187 -19.56 -20.15 58.39
N SER N 188 -19.88 -19.20 57.51
CA SER N 188 -21.12 -18.44 57.62
C SER N 188 -22.29 -19.10 56.91
N VAL N 189 -22.06 -20.18 56.18
CA VAL N 189 -23.11 -20.90 55.46
C VAL N 189 -23.19 -22.36 55.88
N LYS N 190 -22.49 -22.74 56.94
CA LYS N 190 -22.53 -24.12 57.41
C LYS N 190 -23.85 -24.43 58.10
N GLY N 191 -24.53 -25.49 57.65
CA GLY N 191 -25.80 -25.86 58.21
C GLY N 191 -27.00 -25.09 57.69
N ARG N 192 -26.79 -24.16 56.75
CA ARG N 192 -27.87 -23.36 56.18
C ARG N 192 -28.09 -23.64 54.71
N PHE N 193 -27.04 -23.64 53.90
CA PHE N 193 -27.14 -23.85 52.46
C PHE N 193 -26.65 -25.25 52.13
N THR N 194 -27.47 -26.00 51.40
CA THR N 194 -27.13 -27.34 50.94
C THR N 194 -27.16 -27.36 49.42
N ILE N 195 -26.06 -27.82 48.82
CA ILE N 195 -25.91 -27.85 47.37
C ILE N 195 -25.97 -29.29 46.90
N SER N 196 -26.73 -29.53 45.84
CA SER N 196 -26.87 -30.86 45.25
C SER N 196 -26.78 -30.75 43.74
N ARG N 197 -26.34 -31.82 43.10
CA ARG N 197 -26.16 -31.88 41.67
C ARG N 197 -27.17 -32.81 41.03
N ASP N 198 -27.39 -32.61 39.73
CA ASP N 198 -28.34 -33.37 38.93
C ASP N 198 -27.70 -33.81 37.62
N ASP N 199 -26.49 -34.39 37.73
CA ASP N 199 -25.71 -34.78 36.56
C ASP N 199 -26.51 -35.61 35.55
N SER N 200 -27.57 -36.29 35.99
CA SER N 200 -28.43 -36.99 35.04
C SER N 200 -29.14 -36.03 34.10
N LYS N 201 -29.35 -34.78 34.55
CA LYS N 201 -29.97 -33.75 33.73
C LYS N 201 -29.04 -32.59 33.42
N SER N 202 -27.79 -32.64 33.89
CA SER N 202 -26.79 -31.59 33.65
C SER N 202 -27.27 -30.23 34.14
N ILE N 203 -27.82 -30.21 35.35
CA ILE N 203 -28.30 -29.00 36.00
C ILE N 203 -27.81 -28.98 37.44
N ALA N 204 -27.30 -27.82 37.87
CA ALA N 204 -26.82 -27.63 39.22
C ALA N 204 -27.80 -26.78 40.01
N TYR N 205 -28.17 -27.24 41.20
CA TYR N 205 -29.13 -26.56 42.06
C TYR N 205 -28.43 -26.07 43.32
N LEU N 206 -29.17 -25.30 44.12
CA LEU N 206 -28.65 -24.76 45.37
C LEU N 206 -29.83 -24.44 46.27
N GLN N 207 -29.93 -25.14 47.41
CA GLN N 207 -30.98 -24.86 48.37
C GLN N 207 -30.59 -23.71 49.27
N MET N 208 -31.55 -22.83 49.58
CA MET N 208 -31.30 -21.61 50.33
C MET N 208 -32.24 -21.53 51.53
N ASN N 209 -32.34 -22.61 52.29
CA ASN N 209 -33.14 -22.61 53.50
C ASN N 209 -32.50 -21.72 54.57
N SER N 210 -33.34 -21.19 55.46
CA SER N 210 -32.92 -20.31 56.54
C SER N 210 -32.19 -19.09 55.98
N LEU N 211 -32.92 -18.30 55.20
CA LEU N 211 -32.38 -17.12 54.56
C LEU N 211 -32.53 -15.91 55.48
N LYS N 212 -31.53 -15.03 55.46
CA LYS N 212 -31.51 -13.83 56.27
C LYS N 212 -31.49 -12.60 55.37
N THR N 213 -31.33 -11.43 56.00
CA THR N 213 -31.31 -10.18 55.25
C THR N 213 -29.96 -9.90 54.62
N GLU N 214 -28.88 -10.46 55.17
CA GLU N 214 -27.54 -10.22 54.65
C GLU N 214 -27.21 -11.08 53.45
N ASP N 215 -27.97 -12.12 53.18
CA ASP N 215 -27.70 -13.01 52.05
C ASP N 215 -28.52 -12.61 50.83
N THR N 216 -28.24 -11.41 50.33
CA THR N 216 -28.89 -10.85 49.16
C THR N 216 -27.88 -10.50 48.08
N ALA N 217 -26.92 -11.39 47.84
CA ALA N 217 -25.85 -11.17 46.89
C ALA N 217 -26.19 -11.79 45.54
N VAL N 218 -25.31 -11.58 44.57
CA VAL N 218 -25.47 -12.11 43.22
C VAL N 218 -24.62 -13.37 43.11
N TYR N 219 -25.26 -14.52 43.00
CA TYR N 219 -24.56 -15.80 42.95
C TYR N 219 -24.15 -16.15 41.54
N TYR N 220 -23.03 -16.87 41.43
CA TYR N 220 -22.51 -17.33 40.14
C TYR N 220 -22.03 -18.76 40.29
N CYS N 221 -22.28 -19.57 39.25
CA CYS N 221 -21.79 -20.94 39.19
C CYS N 221 -20.73 -21.05 38.11
N THR N 222 -19.56 -21.56 38.47
CA THR N 222 -18.43 -21.69 37.56
C THR N 222 -17.95 -23.14 37.56
N ARG N 223 -16.91 -23.40 36.77
CA ARG N 223 -16.32 -24.73 36.68
C ARG N 223 -15.19 -24.86 37.69
N ASP N 224 -14.58 -26.04 37.73
CA ASP N 224 -13.49 -26.34 38.65
C ASP N 224 -12.45 -27.18 37.90
N ARG N 225 -11.54 -27.78 38.66
CA ARG N 225 -10.48 -28.59 38.07
C ARG N 225 -11.07 -29.80 37.34
N TYR N 226 -10.32 -30.26 36.34
CA TYR N 226 -10.74 -31.41 35.54
C TYR N 226 -10.48 -32.70 36.33
N ALA N 227 -11.53 -33.49 36.53
CA ALA N 227 -11.38 -34.75 37.25
C ALA N 227 -10.55 -35.75 36.47
N ARG N 228 -10.51 -35.63 35.14
CA ARG N 228 -9.73 -36.51 34.28
C ARG N 228 -8.41 -35.82 33.96
N TYR N 229 -7.37 -36.15 34.71
CA TYR N 229 -6.05 -35.56 34.53
C TYR N 229 -5.22 -36.25 33.46
N ASP N 230 -5.83 -37.12 32.65
CA ASP N 230 -5.09 -37.80 31.60
C ASP N 230 -4.64 -36.84 30.51
N ILE N 231 -5.53 -35.94 30.07
CA ILE N 231 -5.17 -34.99 29.03
C ILE N 231 -4.27 -33.89 29.57
N LEU N 232 -4.30 -33.63 30.88
CA LEU N 232 -3.47 -32.59 31.47
C LEU N 232 -2.00 -32.98 31.58
N THR N 233 -1.65 -34.22 31.25
CA THR N 233 -0.26 -34.65 31.35
C THR N 233 0.55 -34.18 30.15
N GLY N 234 0.13 -34.56 28.94
CA GLY N 234 0.83 -34.15 27.74
C GLY N 234 0.63 -32.69 27.41
N LEU N 235 -0.50 -32.12 27.81
CA LEU N 235 -0.79 -30.71 27.56
C LEU N 235 -0.14 -29.85 28.62
N SER N 236 0.65 -28.87 28.19
CA SER N 236 1.34 -27.99 29.13
C SER N 236 0.42 -26.84 29.54
N PRO N 237 0.41 -26.48 30.83
CA PRO N 237 -0.46 -25.39 31.28
C PRO N 237 0.05 -24.01 30.86
N ALA N 238 0.30 -23.83 29.56
CA ALA N 238 0.78 -22.55 29.05
C ALA N 238 0.11 -22.13 27.74
N GLY N 239 -0.86 -22.89 27.24
CA GLY N 239 -1.51 -22.54 25.99
C GLY N 239 -3.01 -22.40 26.13
N ALA N 240 -3.70 -22.27 24.99
CA ALA N 240 -5.15 -22.13 25.01
C ALA N 240 -5.87 -23.44 25.32
N ASP N 241 -5.23 -24.58 25.09
CA ASP N 241 -5.87 -25.86 25.35
C ASP N 241 -6.11 -26.08 26.84
N TYR N 242 -5.12 -25.72 27.67
CA TYR N 242 -5.29 -25.87 29.12
C TYR N 242 -6.35 -24.91 29.64
N PHE N 243 -6.43 -23.71 29.06
CA PHE N 243 -7.45 -22.75 29.47
C PHE N 243 -8.83 -23.13 28.97
N TYR N 244 -8.93 -23.93 27.90
CA TYR N 244 -10.21 -24.33 27.36
C TYR N 244 -10.75 -25.60 28.02
N TYR N 245 -9.87 -26.55 28.33
CA TYR N 245 -10.31 -27.82 28.90
C TYR N 245 -10.48 -27.75 30.42
N ALA N 246 -9.40 -27.42 31.13
CA ALA N 246 -9.40 -27.42 32.59
C ALA N 246 -9.25 -25.97 33.08
N MET N 247 -10.37 -25.29 33.24
CA MET N 247 -10.40 -23.93 33.75
C MET N 247 -11.83 -23.56 34.07
N ASP N 248 -11.99 -22.61 34.99
CA ASP N 248 -13.30 -22.14 35.39
C ASP N 248 -13.85 -21.13 34.39
N VAL N 249 -15.15 -21.17 34.19
CA VAL N 249 -15.85 -20.27 33.26
C VAL N 249 -16.98 -19.60 34.02
N TRP N 250 -16.97 -18.28 34.06
CA TRP N 250 -18.00 -17.52 34.76
C TRP N 250 -19.26 -17.42 33.91
N GLY N 251 -20.41 -17.31 34.58
CA GLY N 251 -21.68 -17.19 33.90
C GLY N 251 -22.50 -16.01 34.37
N GLN N 252 -23.81 -16.06 34.16
CA GLN N 252 -24.69 -14.98 34.57
C GLN N 252 -25.02 -15.10 36.06
N GLY N 253 -25.71 -14.09 36.59
CA GLY N 253 -26.09 -14.09 37.98
C GLY N 253 -27.49 -13.56 38.22
N THR N 254 -28.17 -14.11 39.22
CA THR N 254 -29.52 -13.70 39.55
C THR N 254 -29.50 -12.61 40.64
N THR N 255 -30.67 -12.11 40.97
CA THR N 255 -30.82 -11.07 41.98
C THR N 255 -31.70 -11.55 43.12
N VAL N 256 -31.36 -11.15 44.34
CA VAL N 256 -32.10 -11.51 45.54
C VAL N 256 -32.57 -10.23 46.21
N THR N 257 -33.88 -10.10 46.39
CA THR N 257 -34.48 -8.92 47.00
C THR N 257 -35.08 -9.29 48.35
N VAL N 258 -34.82 -8.46 49.35
CA VAL N 258 -35.32 -8.67 50.70
C VAL N 258 -36.11 -7.43 51.13
N SER N 259 -37.04 -7.64 52.06
CA SER N 259 -37.88 -6.57 52.57
C SER N 259 -38.22 -6.88 54.03
N SER N 260 -39.18 -6.14 54.57
CA SER N 260 -39.60 -6.32 55.95
C SER N 260 -40.84 -7.21 56.04
N VAL O 3 25.86 -57.93 42.24
CA VAL O 3 26.18 -58.10 43.64
C VAL O 3 27.61 -58.62 43.79
N LEU O 4 28.39 -57.98 44.66
CA LEU O 4 29.77 -58.35 44.92
C LEU O 4 29.87 -59.01 46.29
N THR O 5 30.24 -60.28 46.30
CA THR O 5 30.38 -61.01 47.56
C THR O 5 31.59 -60.51 48.32
N GLN O 6 31.38 -60.15 49.59
CA GLN O 6 32.45 -59.62 50.43
C GLN O 6 32.17 -60.01 51.87
N PRO O 7 33.19 -60.45 52.62
CA PRO O 7 32.98 -60.77 54.02
C PRO O 7 32.53 -59.55 54.79
N PRO O 8 31.70 -59.73 55.81
CA PRO O 8 31.19 -58.56 56.54
C PRO O 8 32.23 -57.89 57.42
N SER O 9 33.11 -58.68 58.06
CA SER O 9 34.12 -58.11 58.94
C SER O 9 35.28 -59.09 59.06
N ALA O 10 36.50 -58.56 59.01
CA ALA O 10 37.72 -59.34 59.16
C ALA O 10 38.50 -58.86 60.37
N SER O 11 39.54 -59.61 60.70
CA SER O 11 40.39 -59.29 61.85
C SER O 11 41.84 -59.56 61.49
N GLY O 12 42.75 -58.95 62.26
CA GLY O 12 44.16 -59.12 62.04
C GLY O 12 45.02 -58.51 63.14
N THR O 13 46.22 -59.06 63.35
CA THR O 13 47.15 -58.59 64.36
C THR O 13 48.20 -57.68 63.75
N PRO O 14 48.67 -56.67 64.50
CA PRO O 14 49.70 -55.78 63.96
C PRO O 14 51.03 -56.48 63.77
N GLY O 15 51.45 -56.65 62.52
CA GLY O 15 52.69 -57.33 62.21
C GLY O 15 52.53 -58.41 61.17
N GLN O 16 51.28 -58.80 60.91
CA GLN O 16 50.97 -59.83 59.92
C GLN O 16 50.23 -59.20 58.74
N ARG O 17 50.24 -59.94 57.63
CA ARG O 17 49.59 -59.50 56.39
C ARG O 17 48.29 -60.29 56.22
N VAL O 18 47.18 -59.57 56.07
CA VAL O 18 45.88 -60.17 55.88
C VAL O 18 45.43 -59.92 54.44
N THR O 19 44.48 -60.74 53.98
CA THR O 19 43.94 -60.63 52.64
C THR O 19 42.43 -60.43 52.70
N ILE O 20 41.92 -59.56 51.84
CA ILE O 20 40.50 -59.26 51.76
C ILE O 20 40.05 -59.58 50.33
N SER O 21 39.34 -60.69 50.17
CA SER O 21 38.86 -61.10 48.86
C SER O 21 37.45 -60.57 48.61
N CYS O 22 37.15 -60.34 47.32
CA CYS O 22 35.83 -59.83 46.93
C CYS O 22 35.51 -60.44 45.57
N SER O 23 34.77 -61.55 45.58
CA SER O 23 34.44 -62.26 44.36
C SER O 23 33.19 -61.67 43.71
N GLY O 24 32.96 -62.06 42.46
CA GLY O 24 31.80 -61.59 41.73
C GLY O 24 31.60 -62.41 40.48
N SER O 25 30.61 -62.01 39.69
CA SER O 25 30.30 -62.69 38.44
C SER O 25 31.34 -62.36 37.38
N SER O 26 31.28 -63.09 36.27
CA SER O 26 32.20 -62.90 35.16
C SER O 26 31.80 -61.75 34.24
N SER O 27 30.78 -60.98 34.62
CA SER O 27 30.33 -59.86 33.80
C SER O 27 30.79 -58.50 34.29
N ASN O 28 31.24 -58.41 35.55
CA ASN O 28 31.69 -57.15 36.13
C ASN O 28 33.13 -57.20 36.60
N ILE O 29 33.58 -58.32 37.17
CA ILE O 29 34.97 -58.43 37.62
C ILE O 29 35.83 -59.10 36.55
N GLY O 30 35.34 -60.17 35.93
CA GLY O 30 36.12 -60.85 34.91
C GLY O 30 36.30 -60.07 33.64
N SER O 31 35.46 -59.05 33.40
CA SER O 31 35.55 -58.23 32.20
C SER O 31 36.04 -56.82 32.46
N ASN O 32 36.10 -56.39 33.72
CA ASN O 32 36.54 -55.04 34.04
C ASN O 32 37.56 -55.04 35.17
N THR O 33 37.90 -53.86 35.67
CA THR O 33 38.87 -53.73 36.75
C THR O 33 38.18 -53.49 38.08
N VAL O 34 38.83 -53.93 39.16
CA VAL O 34 38.31 -53.80 40.51
C VAL O 34 39.06 -52.66 41.21
N ASN O 35 38.30 -51.82 41.92
CA ASN O 35 38.87 -50.69 42.64
C ASN O 35 38.58 -50.85 44.13
N TRP O 36 39.63 -50.77 44.94
CA TRP O 36 39.52 -50.89 46.39
C TRP O 36 39.46 -49.51 47.02
N TYR O 37 38.63 -49.37 48.05
CA TYR O 37 38.45 -48.11 48.76
C TYR O 37 38.55 -48.34 50.26
N GLN O 38 38.82 -47.26 50.98
CA GLN O 38 38.91 -47.28 52.44
C GLN O 38 38.34 -45.99 52.99
N GLN O 39 37.41 -46.11 53.92
CA GLN O 39 36.72 -44.96 54.52
C GLN O 39 36.82 -45.05 56.03
N LEU O 40 37.59 -44.16 56.64
CA LEU O 40 37.68 -44.11 58.09
C LEU O 40 36.34 -43.67 58.68
N PRO O 41 36.01 -44.10 59.89
CA PRO O 41 34.74 -43.70 60.51
C PRO O 41 34.67 -42.20 60.69
N GLY O 42 33.71 -41.57 60.01
CA GLY O 42 33.49 -40.15 60.09
C GLY O 42 34.19 -39.32 59.03
N THR O 43 34.69 -39.95 57.96
CA THR O 43 35.39 -39.23 56.91
C THR O 43 34.91 -39.70 55.53
N ALA O 44 35.61 -39.27 54.47
CA ALA O 44 35.31 -39.63 53.09
C ALA O 44 36.22 -40.75 52.61
N PRO O 45 35.73 -41.62 51.74
CA PRO O 45 36.56 -42.72 51.23
C PRO O 45 37.69 -42.20 50.35
N LYS O 46 38.54 -43.14 49.93
CA LYS O 46 39.68 -42.82 49.07
C LYS O 46 40.06 -44.06 48.29
N LEU O 47 40.55 -43.86 47.07
CA LEU O 47 40.96 -44.96 46.22
C LEU O 47 42.32 -45.48 46.63
N LEU O 48 42.44 -46.80 46.78
CA LEU O 48 43.68 -47.45 47.20
C LEU O 48 44.37 -48.18 46.06
N ILE O 49 43.67 -49.08 45.38
CA ILE O 49 44.23 -49.86 44.28
C ILE O 49 43.30 -49.73 43.08
N TYR O 50 43.83 -49.25 41.97
CA TYR O 50 43.10 -49.16 40.72
C TYR O 50 43.80 -49.97 39.64
N SER O 51 43.03 -50.45 38.67
CA SER O 51 43.51 -51.30 37.58
C SER O 51 44.10 -52.62 38.09
N ASN O 52 43.84 -52.95 39.36
CA ASN O 52 44.27 -54.21 39.97
C ASN O 52 45.78 -54.33 40.10
N ASN O 53 46.54 -53.41 39.51
CA ASN O 53 47.99 -53.48 39.60
C ASN O 53 48.65 -52.14 39.88
N GLN O 54 47.90 -51.05 40.00
CA GLN O 54 48.46 -49.73 40.23
C GLN O 54 47.91 -49.12 41.50
N ARG O 55 48.64 -48.15 42.04
CA ARG O 55 48.26 -47.41 43.23
C ARG O 55 48.62 -45.94 43.04
N PRO O 56 47.83 -45.03 43.60
CA PRO O 56 48.16 -43.59 43.47
C PRO O 56 49.35 -43.19 44.33
N SER O 57 49.74 -41.92 44.25
CA SER O 57 50.88 -41.44 45.02
C SER O 57 50.54 -41.31 46.51
N GLY O 58 49.27 -41.07 46.83
CA GLY O 58 48.89 -40.91 48.23
C GLY O 58 48.92 -42.23 48.98
N VAL O 59 48.56 -43.32 48.33
CA VAL O 59 48.56 -44.63 48.98
C VAL O 59 49.96 -45.24 48.86
N PRO O 60 50.58 -45.63 49.97
CA PRO O 60 51.92 -46.23 49.89
C PRO O 60 51.87 -47.60 49.24
N ASP O 61 53.07 -48.17 49.04
CA ASP O 61 53.22 -49.48 48.43
C ASP O 61 52.94 -50.62 49.40
N ARG O 62 52.54 -50.32 50.64
CA ARG O 62 52.27 -51.38 51.61
C ARG O 62 51.02 -52.18 51.24
N PHE O 63 50.07 -51.56 50.54
CA PHE O 63 48.86 -52.26 50.11
C PHE O 63 49.14 -53.02 48.82
N SER O 64 48.56 -54.22 48.72
CA SER O 64 48.74 -55.07 47.55
C SER O 64 47.37 -55.51 47.03
N GLY O 65 47.29 -55.68 45.72
CA GLY O 65 46.05 -56.10 45.09
C GLY O 65 46.33 -57.05 43.94
N SER O 66 45.38 -57.95 43.70
CA SER O 66 45.52 -58.93 42.63
C SER O 66 44.13 -59.43 42.25
N LYS O 67 43.91 -59.59 40.94
CA LYS O 67 42.64 -60.07 40.40
C LYS O 67 42.92 -61.35 39.63
N SER O 68 42.42 -62.47 40.16
CA SER O 68 42.61 -63.79 39.57
C SER O 68 41.28 -64.27 39.01
N GLY O 69 41.13 -64.20 37.69
CA GLY O 69 39.91 -64.65 37.04
C GLY O 69 38.72 -63.76 37.30
N THR O 70 37.75 -64.27 38.06
CA THR O 70 36.55 -63.52 38.40
C THR O 70 36.52 -63.10 39.87
N SER O 71 37.67 -63.08 40.53
CA SER O 71 37.77 -62.70 41.93
C SER O 71 39.00 -61.82 42.13
N ALA O 72 38.93 -60.98 43.15
CA ALA O 72 40.02 -60.07 43.49
C ALA O 72 40.44 -60.30 44.94
N SER O 73 41.56 -59.70 45.32
CA SER O 73 42.10 -59.84 46.66
C SER O 73 42.78 -58.54 47.07
N LEU O 74 42.57 -58.14 48.32
CA LEU O 74 43.17 -56.94 48.89
C LEU O 74 44.11 -57.36 50.01
N ALA O 75 45.41 -57.31 49.75
CA ALA O 75 46.43 -57.72 50.71
C ALA O 75 47.02 -56.47 51.36
N ILE O 76 46.94 -56.41 52.69
CA ILE O 76 47.48 -55.29 53.46
C ILE O 76 48.69 -55.82 54.21
N SER O 77 49.88 -55.59 53.66
CA SER O 77 51.11 -56.07 54.27
C SER O 77 51.51 -55.14 55.41
N GLY O 78 51.61 -55.71 56.62
CA GLY O 78 52.01 -54.94 57.79
C GLY O 78 50.98 -53.92 58.21
N LEU O 79 49.81 -54.39 58.65
CA LEU O 79 48.77 -53.48 59.09
C LEU O 79 49.15 -52.82 60.42
N GLN O 80 48.81 -51.55 60.55
CA GLN O 80 49.11 -50.77 61.74
C GLN O 80 47.82 -50.51 62.53
N SER O 81 47.97 -49.74 63.61
CA SER O 81 46.81 -49.42 64.45
C SER O 81 45.85 -48.45 63.77
N GLU O 82 46.30 -47.75 62.72
CA GLU O 82 45.45 -46.81 62.01
C GLU O 82 44.68 -47.46 60.86
N ASP O 83 44.90 -48.75 60.61
CA ASP O 83 44.19 -49.46 59.55
C ASP O 83 42.90 -50.10 60.07
N GLU O 84 42.04 -49.29 60.68
CA GLU O 84 40.76 -49.74 61.22
C GLU O 84 39.67 -48.94 60.51
N ALA O 85 39.13 -49.50 59.44
CA ALA O 85 38.10 -48.84 58.64
C ALA O 85 37.32 -49.91 57.88
N ASP O 86 36.50 -49.48 56.93
CA ASP O 86 35.71 -50.37 56.10
C ASP O 86 36.21 -50.31 54.67
N TYR O 87 36.30 -51.47 54.03
CA TYR O 87 36.78 -51.58 52.65
C TYR O 87 35.64 -52.06 51.76
N TYR O 88 35.42 -51.33 50.67
CA TYR O 88 34.37 -51.66 49.70
C TYR O 88 34.99 -51.96 48.35
N CYS O 89 34.30 -52.80 47.58
CA CYS O 89 34.72 -53.19 46.25
C CYS O 89 34.03 -52.32 45.20
N ALA O 90 34.57 -52.34 43.99
CA ALA O 90 34.02 -51.55 42.90
C ALA O 90 34.18 -52.32 41.59
N ALA O 91 33.10 -52.41 40.83
CA ALA O 91 33.11 -53.09 39.55
C ALA O 91 32.00 -52.53 38.68
N TRP O 92 32.31 -52.31 37.40
CA TRP O 92 31.35 -51.78 36.44
C TRP O 92 30.85 -52.92 35.56
N ASP O 93 29.58 -53.26 35.70
CA ASP O 93 28.99 -54.32 34.91
C ASP O 93 28.62 -53.81 33.52
N ASP O 94 28.46 -54.75 32.58
CA ASP O 94 28.11 -54.40 31.22
C ASP O 94 26.68 -53.90 31.10
N SER O 95 25.87 -54.00 32.14
CA SER O 95 24.50 -53.51 32.14
C SER O 95 24.41 -52.04 32.56
N LEU O 96 25.52 -51.30 32.47
CA LEU O 96 25.56 -49.88 32.79
C LEU O 96 25.12 -49.62 34.23
N ASN O 97 25.89 -50.17 35.17
CA ASN O 97 25.61 -49.98 36.58
C ASN O 97 26.91 -50.15 37.37
N TRP O 98 27.04 -49.38 38.45
CA TRP O 98 28.21 -49.43 39.33
C TRP O 98 27.77 -50.13 40.61
N VAL O 99 28.19 -51.39 40.76
CA VAL O 99 27.85 -52.21 41.92
C VAL O 99 29.03 -52.20 42.89
N PHE O 100 28.73 -51.97 44.18
CA PHE O 100 29.73 -51.97 45.22
C PHE O 100 29.76 -53.33 45.92
N GLY O 101 30.59 -53.45 46.95
CA GLY O 101 30.70 -54.67 47.71
C GLY O 101 29.76 -54.71 48.90
N GLY O 102 30.24 -55.25 50.02
CA GLY O 102 29.44 -55.34 51.23
C GLY O 102 30.06 -54.62 52.40
N GLY O 103 31.38 -54.40 52.35
CA GLY O 103 32.07 -53.74 53.43
C GLY O 103 32.80 -54.69 54.35
N THR O 104 34.08 -54.45 54.59
CA THR O 104 34.91 -55.28 55.45
C THR O 104 35.37 -54.45 56.63
N LYS O 105 34.76 -54.67 57.80
CA LYS O 105 35.11 -53.94 59.01
C LYS O 105 36.39 -54.54 59.59
N LEU O 106 37.52 -54.01 59.12
CA LEU O 106 38.83 -54.48 59.60
C LEU O 106 39.06 -53.96 61.01
N THR O 107 39.11 -54.88 61.98
CA THR O 107 39.31 -54.53 63.38
C THR O 107 40.64 -55.11 63.83
N VAL O 108 41.59 -54.24 64.16
CA VAL O 108 42.91 -54.68 64.63
C VAL O 108 42.80 -55.17 66.07
N LEU O 109 43.71 -56.06 66.44
CA LEU O 109 43.76 -56.64 67.78
C LEU O 109 44.90 -56.05 68.61
N GLY O 110 45.38 -54.86 68.26
CA GLY O 110 46.46 -54.22 68.99
C GLY O 110 46.04 -52.96 69.71
N GLU O 125 44.68 -26.91 45.77
CA GLU O 125 44.46 -28.34 45.85
C GLU O 125 43.08 -28.71 45.30
N VAL O 126 42.81 -30.01 45.21
CA VAL O 126 41.55 -30.51 44.70
C VAL O 126 40.55 -30.61 45.84
N GLN O 127 39.46 -29.86 45.75
CA GLN O 127 38.42 -29.85 46.79
C GLN O 127 37.06 -29.93 46.12
N LEU O 128 36.23 -30.87 46.58
CA LEU O 128 34.88 -31.05 46.07
C LEU O 128 33.91 -30.78 47.21
N VAL O 129 33.35 -29.57 47.25
CA VAL O 129 32.41 -29.15 48.28
C VAL O 129 31.02 -29.09 47.68
N GLU O 130 30.06 -29.72 48.35
CA GLU O 130 28.67 -29.74 47.90
C GLU O 130 27.77 -29.26 49.04
N SER O 131 26.64 -28.68 48.65
CA SER O 131 25.67 -28.15 49.59
C SER O 131 24.27 -28.59 49.18
N GLY O 132 23.27 -28.15 49.95
CA GLY O 132 21.89 -28.50 49.68
C GLY O 132 21.35 -29.54 50.63
N GLY O 133 20.57 -29.10 51.61
CA GLY O 133 20.01 -30.02 52.57
C GLY O 133 18.91 -29.37 53.39
N GLY O 134 18.55 -30.04 54.47
CA GLY O 134 17.52 -29.54 55.36
C GLY O 134 16.16 -30.14 55.02
N VAL O 135 15.23 -29.29 54.61
CA VAL O 135 13.89 -29.75 54.23
C VAL O 135 14.02 -30.57 52.94
N VAL O 136 13.76 -31.87 53.03
CA VAL O 136 13.84 -32.73 51.86
C VAL O 136 12.53 -32.74 51.07
N GLN O 137 11.39 -32.60 51.77
CA GLN O 137 10.06 -32.64 51.17
C GLN O 137 9.88 -33.90 50.33
N PRO O 138 9.76 -35.08 50.96
CA PRO O 138 9.60 -36.31 50.18
C PRO O 138 8.30 -36.33 49.40
N GLY O 139 8.33 -35.77 48.19
CA GLY O 139 7.13 -35.68 47.37
C GLY O 139 7.03 -34.37 46.64
N GLY O 140 7.97 -33.46 46.91
CA GLY O 140 8.04 -32.19 46.24
C GLY O 140 9.25 -32.05 45.34
N SER O 141 10.25 -31.30 45.80
CA SER O 141 11.46 -31.09 45.02
C SER O 141 12.60 -30.70 45.95
N LEU O 142 13.82 -30.98 45.51
CA LEU O 142 15.02 -30.66 46.27
C LEU O 142 16.18 -30.47 45.30
N ARG O 143 16.98 -29.44 45.53
CA ARG O 143 18.11 -29.10 44.67
C ARG O 143 19.42 -29.48 45.37
N LEU O 144 20.30 -30.15 44.64
CA LEU O 144 21.59 -30.58 45.15
C LEU O 144 22.67 -30.12 44.18
N SER O 145 23.63 -29.35 44.67
CA SER O 145 24.72 -28.84 43.86
C SER O 145 26.05 -29.23 44.47
N CYS O 146 27.07 -29.32 43.61
CA CYS O 146 28.42 -29.68 44.03
C CYS O 146 29.41 -28.77 43.33
N ALA O 147 30.20 -28.02 44.11
CA ALA O 147 31.19 -27.13 43.53
C ALA O 147 32.44 -27.91 43.12
N ALA O 148 33.18 -27.34 42.18
CA ALA O 148 34.39 -27.98 41.66
C ALA O 148 35.30 -26.92 41.07
N SER O 149 36.55 -26.90 41.51
CA SER O 149 37.53 -25.92 41.02
C SER O 149 38.91 -26.36 41.43
N GLY O 150 39.86 -26.32 40.49
CA GLY O 150 41.24 -26.60 40.77
C GLY O 150 41.76 -27.95 40.30
N PHE O 151 41.00 -28.68 39.48
CA PHE O 151 41.47 -29.97 38.99
C PHE O 151 41.12 -30.22 37.53
N ARG O 152 40.95 -29.15 36.73
CA ARG O 152 40.61 -29.26 35.31
C ARG O 152 39.30 -30.04 35.13
N PHE O 153 38.22 -29.42 35.60
CA PHE O 153 36.91 -30.06 35.58
C PHE O 153 36.48 -30.44 34.18
N ASP O 154 36.96 -29.73 33.16
CA ASP O 154 36.56 -30.01 31.79
C ASP O 154 37.15 -31.32 31.27
N ASP O 155 38.16 -31.87 31.94
CA ASP O 155 38.78 -33.13 31.51
C ASP O 155 38.36 -34.33 32.35
N HIS O 156 38.13 -34.14 33.64
CA HIS O 156 37.76 -35.24 34.51
C HIS O 156 36.25 -35.38 34.62
N ALA O 157 35.80 -36.59 34.92
CA ALA O 157 34.38 -36.90 35.08
C ALA O 157 34.00 -36.87 36.55
N MET O 158 32.71 -37.05 36.81
CA MET O 158 32.18 -37.01 38.17
C MET O 158 31.27 -38.21 38.39
N HIS O 159 30.97 -38.47 39.66
CA HIS O 159 30.09 -39.57 40.06
C HIS O 159 29.19 -39.10 41.20
N TRP O 160 28.32 -40.00 41.65
CA TRP O 160 27.43 -39.74 42.78
C TRP O 160 27.28 -41.05 43.55
N VAL O 161 27.87 -41.11 44.74
CA VAL O 161 27.82 -42.29 45.58
C VAL O 161 27.19 -41.89 46.92
N ARG O 162 26.04 -42.48 47.23
CA ARG O 162 25.36 -42.22 48.49
C ARG O 162 25.64 -43.35 49.47
N GLN O 163 25.56 -43.01 50.77
CA GLN O 163 25.84 -43.97 51.84
C GLN O 163 24.84 -43.74 52.96
N ALA O 164 23.96 -44.72 53.17
CA ALA O 164 23.00 -44.61 54.25
C ALA O 164 23.69 -44.80 55.61
N PRO O 165 23.17 -44.18 56.67
CA PRO O 165 23.78 -44.35 58.00
C PRO O 165 23.72 -45.80 58.48
N GLY O 166 24.88 -46.43 58.60
CA GLY O 166 24.96 -47.81 59.00
C GLY O 166 24.94 -48.81 57.86
N LYS O 167 24.94 -48.35 56.61
CA LYS O 167 24.93 -49.21 55.44
C LYS O 167 26.18 -48.96 54.61
N GLY O 168 26.23 -49.58 53.43
CA GLY O 168 27.36 -49.45 52.53
C GLY O 168 27.18 -48.34 51.52
N LEU O 169 28.07 -48.34 50.53
CA LEU O 169 28.02 -47.34 49.48
C LEU O 169 27.05 -47.75 48.38
N GLU O 170 26.42 -46.76 47.77
CA GLU O 170 25.44 -46.99 46.70
C GLU O 170 25.64 -45.95 45.62
N TRP O 171 25.87 -46.41 44.39
CA TRP O 171 26.05 -45.50 43.27
C TRP O 171 24.71 -44.95 42.80
N VAL O 172 24.72 -43.67 42.42
CA VAL O 172 23.51 -42.96 42.01
C VAL O 172 23.50 -42.71 40.50
N SER O 173 24.47 -41.95 40.01
CA SER O 173 24.53 -41.60 38.59
C SER O 173 25.98 -41.28 38.22
N VAL O 174 26.20 -41.12 36.92
CA VAL O 174 27.53 -40.82 36.38
C VAL O 174 27.37 -39.85 35.22
N ILE O 175 28.33 -38.95 35.07
CA ILE O 175 28.34 -37.98 33.98
C ILE O 175 29.72 -38.01 33.33
N SER O 176 29.74 -38.07 32.01
CA SER O 176 30.99 -38.11 31.28
C SER O 176 31.68 -36.74 31.30
N GLY O 177 32.96 -36.75 30.94
CA GLY O 177 33.72 -35.50 30.91
C GLY O 177 33.25 -34.55 29.83
N ASP O 178 32.69 -35.07 28.75
CA ASP O 178 32.18 -34.24 27.65
C ASP O 178 30.74 -33.80 27.87
N GLY O 179 30.07 -34.28 28.92
CA GLY O 179 28.69 -33.91 29.15
C GLY O 179 27.71 -34.52 28.18
N GLY O 180 28.01 -35.69 27.64
CA GLY O 180 27.14 -36.33 26.67
C GLY O 180 26.31 -37.46 27.26
N SER O 181 26.73 -38.69 27.01
CA SER O 181 26.00 -39.85 27.50
C SER O 181 26.12 -39.96 29.02
N THR O 182 24.99 -40.22 29.67
CA THR O 182 24.94 -40.39 31.11
C THR O 182 24.14 -41.65 31.45
N TYR O 183 24.36 -42.15 32.66
CA TYR O 183 23.70 -43.37 33.13
C TYR O 183 23.18 -43.17 34.55
N TYR O 184 22.18 -43.97 34.90
CA TYR O 184 21.56 -43.91 36.21
C TYR O 184 21.45 -45.32 36.78
N ALA O 185 21.22 -45.40 38.09
CA ALA O 185 21.06 -46.68 38.75
C ALA O 185 19.71 -47.29 38.40
N ASP O 186 19.58 -48.58 38.70
CA ASP O 186 18.34 -49.30 38.39
C ASP O 186 17.17 -48.88 39.27
N SER O 187 17.45 -48.36 40.47
CA SER O 187 16.40 -47.97 41.40
C SER O 187 16.03 -46.50 41.32
N VAL O 188 16.82 -45.69 40.63
CA VAL O 188 16.56 -44.25 40.50
C VAL O 188 16.44 -43.81 39.05
N LYS O 189 16.31 -44.75 38.13
CA LYS O 189 16.22 -44.41 36.71
C LYS O 189 14.86 -43.80 36.41
N GLY O 190 14.87 -42.66 35.70
CA GLY O 190 13.65 -42.00 35.30
C GLY O 190 13.20 -40.87 36.21
N ARG O 191 13.83 -40.71 37.37
CA ARG O 191 13.45 -39.68 38.33
C ARG O 191 14.50 -38.60 38.50
N PHE O 192 15.78 -38.96 38.51
CA PHE O 192 16.85 -38.01 38.71
C PHE O 192 17.28 -37.38 37.38
N SER O 193 17.90 -36.21 37.47
CA SER O 193 18.41 -35.48 36.31
C SER O 193 19.76 -34.89 36.68
N ILE O 194 20.83 -35.43 36.08
CA ILE O 194 22.20 -35.00 36.36
C ILE O 194 22.70 -34.16 35.21
N SER O 195 23.44 -33.10 35.53
CA SER O 195 24.00 -32.20 34.53
C SER O 195 25.17 -31.46 35.14
N ARG O 196 25.94 -30.80 34.28
CA ARG O 196 27.10 -30.04 34.70
C ARG O 196 27.17 -28.74 33.90
N ASP O 197 28.00 -27.81 34.38
CA ASP O 197 28.19 -26.52 33.74
C ASP O 197 29.69 -26.31 33.59
N ASP O 198 30.19 -26.44 32.35
CA ASP O 198 31.61 -26.26 32.09
C ASP O 198 32.05 -24.81 32.23
N SER O 199 31.11 -23.86 32.16
CA SER O 199 31.47 -22.45 32.30
C SER O 199 31.55 -22.04 33.77
N LYS O 200 30.62 -22.51 34.59
CA LYS O 200 30.59 -22.17 36.01
C LYS O 200 31.36 -23.16 36.87
N ASN O 201 31.75 -24.32 36.32
CA ASN O 201 32.50 -25.34 37.04
C ASN O 201 31.74 -25.80 38.29
N SER O 202 30.57 -26.37 38.06
CA SER O 202 29.72 -26.85 39.15
C SER O 202 28.95 -28.08 38.68
N LEU O 203 28.65 -28.96 39.63
CA LEU O 203 27.92 -30.19 39.36
C LEU O 203 26.56 -30.13 40.04
N TYR O 204 25.51 -30.43 39.29
CA TYR O 204 24.14 -30.38 39.79
C TYR O 204 23.52 -31.77 39.74
N LEU O 205 22.45 -31.94 40.53
CA LEU O 205 21.73 -33.21 40.57
C LEU O 205 20.28 -32.89 40.99
N GLN O 206 19.38 -32.88 40.02
CA GLN O 206 17.98 -32.58 40.30
C GLN O 206 17.26 -33.86 40.74
N MET O 207 16.90 -33.93 42.02
CA MET O 207 16.21 -35.08 42.57
C MET O 207 14.72 -34.77 42.66
N ASN O 208 13.88 -35.71 42.23
CA ASN O 208 12.44 -35.55 42.24
C ASN O 208 11.78 -36.81 42.80
N SER O 209 10.75 -36.60 43.61
CA SER O 209 9.97 -37.68 44.22
C SER O 209 10.86 -38.61 45.04
N LEU O 210 11.51 -38.04 46.05
CA LEU O 210 12.37 -38.81 46.94
C LEU O 210 11.53 -39.60 47.92
N ARG O 211 11.85 -40.89 48.07
CA ARG O 211 11.12 -41.76 48.98
C ARG O 211 11.75 -41.72 50.37
N THR O 212 11.17 -42.48 51.29
CA THR O 212 11.66 -42.54 52.67
C THR O 212 12.88 -43.45 52.83
N GLU O 213 13.27 -44.17 51.78
CA GLU O 213 14.42 -45.07 51.85
C GLU O 213 15.67 -44.48 51.18
N ASP O 214 15.68 -43.17 50.94
CA ASP O 214 16.80 -42.49 50.31
C ASP O 214 17.55 -41.60 51.31
N THR O 215 17.66 -42.06 52.56
CA THR O 215 18.37 -41.31 53.60
C THR O 215 19.86 -41.61 53.47
N ALA O 216 20.63 -40.65 52.97
CA ALA O 216 22.06 -40.81 52.78
C ALA O 216 22.70 -39.43 52.71
N LEU O 217 23.97 -39.38 52.34
CA LEU O 217 24.71 -38.12 52.25
C LEU O 217 24.96 -37.67 50.82
N TYR O 218 24.92 -38.57 49.84
CA TYR O 218 25.13 -38.24 48.43
C TYR O 218 26.49 -37.57 48.22
N TYR O 219 27.55 -38.33 48.48
CA TYR O 219 28.90 -37.82 48.33
C TYR O 219 29.17 -37.47 46.86
N CYS O 220 29.83 -36.32 46.66
CA CYS O 220 30.19 -35.86 45.32
C CYS O 220 31.56 -36.42 44.98
N ALA O 221 31.58 -37.49 44.18
CA ALA O 221 32.81 -38.19 43.84
C ALA O 221 33.39 -37.65 42.53
N LYS O 222 34.71 -37.57 42.48
CA LYS O 222 35.43 -37.08 41.31
C LYS O 222 36.15 -38.23 40.63
N ASP O 223 35.96 -38.36 39.33
CA ASP O 223 36.59 -39.43 38.55
C ASP O 223 37.92 -38.96 37.98
N ARG O 224 38.82 -39.92 37.77
CA ARG O 224 40.13 -39.64 37.21
C ARG O 224 40.20 -39.86 35.70
N SER O 225 39.20 -40.51 35.11
CA SER O 225 39.17 -40.76 33.68
C SER O 225 38.40 -39.64 32.98
N TYR O 226 38.15 -39.81 31.68
CA TYR O 226 37.44 -38.83 30.87
C TYR O 226 36.06 -39.31 30.45
N GLY O 227 35.99 -40.48 29.80
CA GLY O 227 34.72 -41.01 29.35
C GLY O 227 34.07 -41.88 30.39
N PRO O 228 32.85 -42.34 30.11
CA PRO O 228 32.15 -43.23 31.05
C PRO O 228 32.88 -44.55 31.18
N PRO O 229 32.64 -45.28 32.28
CA PRO O 229 33.35 -46.56 32.49
C PRO O 229 32.99 -47.64 31.47
N ASP O 230 31.98 -47.42 30.63
CA ASP O 230 31.59 -48.44 29.66
C ASP O 230 32.62 -48.58 28.54
N VAL O 231 33.26 -47.48 28.15
CA VAL O 231 34.26 -47.49 27.09
C VAL O 231 35.68 -47.57 27.67
N PHE O 232 35.97 -46.80 28.71
CA PHE O 232 37.28 -46.82 29.37
C PHE O 232 37.16 -47.67 30.62
N ASN O 233 37.27 -48.98 30.43
CA ASN O 233 37.13 -49.95 31.51
C ASN O 233 38.45 -50.32 32.15
N TYR O 234 39.48 -49.47 32.02
CA TYR O 234 40.78 -49.75 32.62
C TYR O 234 41.40 -48.52 33.25
N GLU O 235 40.68 -47.39 33.34
CA GLU O 235 41.21 -46.16 33.89
C GLU O 235 40.28 -45.48 34.88
N TYR O 236 39.02 -45.89 34.96
CA TYR O 236 38.07 -45.24 35.85
C TYR O 236 38.46 -45.46 37.32
N GLY O 237 38.21 -44.43 38.13
CA GLY O 237 38.52 -44.49 39.54
C GLY O 237 38.18 -43.22 40.28
N MET O 238 37.58 -43.35 41.46
CA MET O 238 37.16 -42.21 42.27
C MET O 238 38.30 -41.85 43.21
N ASP O 239 39.12 -40.87 42.81
CA ASP O 239 40.27 -40.50 43.62
C ASP O 239 39.89 -39.54 44.74
N VAL O 240 39.36 -38.37 44.39
CA VAL O 240 39.04 -37.33 45.35
C VAL O 240 37.54 -37.38 45.66
N TRP O 241 37.21 -37.32 46.94
CA TRP O 241 35.83 -37.33 47.41
C TRP O 241 35.51 -36.00 48.08
N GLY O 242 34.30 -35.92 48.64
CA GLY O 242 33.85 -34.72 49.32
C GLY O 242 33.01 -35.06 50.54
N GLN O 243 32.62 -34.01 51.26
CA GLN O 243 31.81 -34.15 52.46
C GLN O 243 30.34 -34.05 52.07
N GLY O 244 29.64 -35.18 52.09
CA GLY O 244 28.24 -35.19 51.71
C GLY O 244 27.36 -34.49 52.72
N THR O 245 26.13 -34.19 52.28
CA THR O 245 25.14 -33.53 53.11
C THR O 245 24.08 -34.55 53.52
N THR O 246 23.97 -34.78 54.83
CA THR O 246 23.01 -35.74 55.34
C THR O 246 21.59 -35.20 55.19
N VAL O 247 20.74 -35.95 54.49
CA VAL O 247 19.36 -35.53 54.31
C VAL O 247 18.52 -35.94 55.52
N THR O 248 17.38 -35.28 55.68
CA THR O 248 16.46 -35.52 56.79
C THR O 248 15.07 -35.86 56.27
N VAL O 249 15.01 -36.74 55.28
CA VAL O 249 13.73 -37.13 54.69
C VAL O 249 12.95 -37.98 55.69
N SER O 250 11.76 -37.53 56.04
CA SER O 250 10.91 -38.25 56.99
C SER O 250 9.47 -37.87 56.72
N SER O 251 8.57 -38.39 57.56
CA SER O 251 7.14 -38.11 57.42
C SER O 251 6.82 -36.70 57.89
N GLU P 1 48.62 -13.77 -11.27
CA GLU P 1 48.97 -13.42 -12.66
C GLU P 1 47.73 -13.02 -13.44
N ILE P 2 46.56 -13.39 -12.93
CA ILE P 2 45.29 -13.07 -13.59
C ILE P 2 44.88 -11.68 -13.16
N VAL P 3 44.95 -10.73 -14.09
CA VAL P 3 44.59 -9.34 -13.81
C VAL P 3 43.14 -9.12 -14.18
N LEU P 4 42.35 -8.64 -13.23
CA LEU P 4 40.93 -8.35 -13.42
C LEU P 4 40.74 -6.84 -13.46
N THR P 5 40.25 -6.33 -14.58
CA THR P 5 40.03 -4.90 -14.77
C THR P 5 38.57 -4.65 -15.11
N GLN P 6 38.03 -3.54 -14.62
CA GLN P 6 36.66 -3.14 -14.87
C GLN P 6 36.62 -2.11 -16.00
N SER P 7 35.62 -2.23 -16.87
CA SER P 7 35.47 -1.31 -18.00
C SER P 7 34.87 0.02 -17.55
N PRO P 8 33.78 0.05 -16.77
CA PRO P 8 33.28 1.35 -16.31
C PRO P 8 34.19 1.97 -15.27
N ALA P 9 34.30 3.29 -15.32
CA ALA P 9 35.13 4.06 -14.39
C ALA P 9 34.30 4.94 -13.47
N THR P 10 33.46 5.81 -14.03
CA THR P 10 32.61 6.70 -13.25
C THR P 10 31.21 6.67 -13.85
N LEU P 11 30.33 5.86 -13.26
CA LEU P 11 28.95 5.73 -13.72
C LEU P 11 28.09 6.73 -12.96
N SER P 12 27.73 7.83 -13.62
CA SER P 12 26.89 8.87 -13.03
C SER P 12 25.45 8.77 -13.52
N LEU P 13 24.96 7.56 -13.77
CA LEU P 13 23.60 7.37 -14.26
C LEU P 13 22.58 7.72 -13.18
N SER P 14 21.50 8.39 -13.59
CA SER P 14 20.44 8.74 -12.67
C SER P 14 19.67 7.49 -12.23
N PRO P 15 19.08 7.50 -11.05
CA PRO P 15 18.31 6.34 -10.60
C PRO P 15 17.09 6.11 -11.48
N GLY P 16 16.64 4.86 -11.52
CA GLY P 16 15.53 4.49 -12.36
C GLY P 16 15.93 4.06 -13.75
N GLU P 17 17.14 3.55 -13.93
CA GLU P 17 17.64 3.11 -15.23
C GLU P 17 18.40 1.80 -15.03
N ARG P 18 19.14 1.39 -16.06
CA ARG P 18 19.92 0.17 -16.01
C ARG P 18 21.35 0.49 -15.59
N ALA P 19 22.14 -0.57 -15.40
CA ALA P 19 23.53 -0.43 -14.99
C ALA P 19 24.28 -1.70 -15.36
N THR P 20 25.49 -1.55 -15.88
CA THR P 20 26.32 -2.66 -16.30
C THR P 20 27.74 -2.49 -15.76
N LEU P 21 28.37 -3.61 -15.41
CA LEU P 21 29.73 -3.61 -14.88
C LEU P 21 30.48 -4.75 -15.56
N SER P 22 31.29 -4.42 -16.56
CA SER P 22 32.04 -5.41 -17.32
C SER P 22 33.36 -5.70 -16.63
N CYS P 23 33.73 -6.99 -16.59
CA CYS P 23 34.97 -7.44 -15.96
C CYS P 23 35.57 -8.53 -16.82
N ARG P 24 36.76 -8.27 -17.37
CA ARG P 24 37.46 -9.23 -18.20
C ARG P 24 38.61 -9.88 -17.42
N ALA P 25 39.24 -10.86 -18.06
CA ALA P 25 40.36 -11.57 -17.45
C ALA P 25 41.22 -12.17 -18.55
N SER P 26 42.53 -12.17 -18.33
CA SER P 26 43.46 -12.72 -19.31
C SER P 26 43.33 -14.23 -19.41
N GLN P 27 43.54 -14.93 -18.29
CA GLN P 27 43.44 -16.38 -18.26
C GLN P 27 41.98 -16.81 -18.21
N SER P 28 41.68 -17.92 -18.89
CA SER P 28 40.31 -18.44 -18.94
C SER P 28 39.94 -18.99 -17.58
N VAL P 29 39.18 -18.22 -16.81
CA VAL P 29 38.77 -18.60 -15.46
C VAL P 29 37.36 -19.16 -15.52
N SER P 30 37.07 -20.10 -14.63
CA SER P 30 35.75 -20.70 -14.54
C SER P 30 34.82 -19.77 -13.77
N SER P 31 33.64 -20.26 -13.41
CA SER P 31 32.66 -19.45 -12.70
C SER P 31 33.08 -19.21 -11.25
N TYR P 32 34.10 -18.39 -11.06
CA TYR P 32 34.62 -18.06 -9.73
C TYR P 32 34.69 -16.55 -9.54
N LEU P 33 33.64 -15.84 -9.94
CA LEU P 33 33.57 -14.39 -9.85
C LEU P 33 32.69 -14.00 -8.67
N ALA P 34 33.21 -13.13 -7.81
CA ALA P 34 32.49 -12.67 -6.63
C ALA P 34 32.34 -11.16 -6.69
N TRP P 35 31.11 -10.68 -6.55
CA TRP P 35 30.80 -9.25 -6.56
C TRP P 35 30.67 -8.73 -5.14
N TYR P 36 31.15 -7.51 -4.93
CA TYR P 36 31.12 -6.88 -3.61
C TYR P 36 30.56 -5.47 -3.73
N GLN P 37 30.03 -4.97 -2.61
CA GLN P 37 29.59 -3.59 -2.49
C GLN P 37 30.09 -3.04 -1.17
N GLN P 38 30.95 -2.03 -1.24
CA GLN P 38 31.59 -1.46 -0.06
C GLN P 38 31.14 -0.01 0.08
N LYS P 39 30.35 0.28 1.10
CA LYS P 39 29.98 1.65 1.40
C LYS P 39 31.20 2.43 1.85
N PRO P 40 31.25 3.74 1.56
CA PRO P 40 32.42 4.54 1.97
C PRO P 40 32.56 4.62 3.47
N GLY P 41 33.60 4.00 4.02
CA GLY P 41 33.82 3.99 5.45
C GLY P 41 33.50 2.65 6.09
N GLN P 42 32.43 2.00 5.61
CA GLN P 42 32.00 0.73 6.17
C GLN P 42 32.79 -0.41 5.55
N ALA P 43 32.42 -1.65 5.91
CA ALA P 43 33.06 -2.87 5.43
C ALA P 43 32.40 -3.36 4.15
N PRO P 44 33.16 -3.98 3.26
CA PRO P 44 32.57 -4.51 2.02
C PRO P 44 31.59 -5.64 2.31
N ARG P 45 30.55 -5.72 1.47
CA ARG P 45 29.55 -6.76 1.58
C ARG P 45 29.40 -7.43 0.22
N LEU P 46 29.48 -8.77 0.21
CA LEU P 46 29.38 -9.52 -1.03
C LEU P 46 27.93 -9.56 -1.50
N LEU P 47 27.73 -9.30 -2.79
CA LEU P 47 26.40 -9.33 -3.39
C LEU P 47 26.15 -10.63 -4.15
N ILE P 48 27.00 -10.97 -5.10
CA ILE P 48 26.86 -12.17 -5.91
C ILE P 48 28.15 -12.97 -5.82
N TYR P 49 28.02 -14.25 -5.51
CA TYR P 49 29.15 -15.16 -5.46
C TYR P 49 29.03 -16.19 -6.59
N ASP P 50 30.16 -16.55 -7.18
CA ASP P 50 30.26 -17.48 -8.30
C ASP P 50 29.51 -17.00 -9.53
N ALA P 51 29.07 -15.74 -9.55
CA ALA P 51 28.36 -15.12 -10.67
C ALA P 51 27.10 -15.90 -11.06
N SER P 52 26.55 -16.70 -10.16
CA SER P 52 25.36 -17.49 -10.46
C SER P 52 24.30 -17.35 -9.37
N ASN P 53 24.72 -17.05 -8.15
CA ASN P 53 23.83 -16.95 -7.01
C ASN P 53 24.12 -15.69 -6.22
N ARG P 54 23.06 -15.05 -5.73
CA ARG P 54 23.18 -13.84 -4.94
C ARG P 54 23.32 -14.17 -3.46
N ALA P 55 23.67 -13.16 -2.67
CA ALA P 55 23.84 -13.32 -1.24
C ALA P 55 22.47 -13.32 -0.55
N THR P 56 22.47 -13.29 0.78
CA THR P 56 21.26 -13.29 1.58
C THR P 56 21.21 -12.00 2.38
N GLY P 57 20.27 -11.12 2.03
CA GLY P 57 20.11 -9.86 2.73
C GLY P 57 19.99 -8.68 1.79
N ILE P 58 20.63 -8.77 0.63
CA ILE P 58 20.61 -7.69 -0.36
C ILE P 58 19.36 -7.84 -1.21
N PRO P 59 18.88 -6.78 -1.84
CA PRO P 59 17.68 -6.90 -2.70
C PRO P 59 17.96 -7.80 -3.90
N ALA P 60 16.87 -8.17 -4.58
CA ALA P 60 16.94 -9.06 -5.72
C ALA P 60 17.32 -8.35 -7.01
N ARG P 61 17.60 -7.04 -6.96
CA ARG P 61 17.96 -6.28 -8.16
C ARG P 61 19.47 -6.31 -8.41
N PHE P 62 20.05 -7.52 -8.43
CA PHE P 62 21.47 -7.69 -8.70
C PHE P 62 21.72 -8.92 -9.56
N SER P 63 20.79 -9.25 -10.45
CA SER P 63 20.92 -10.43 -11.31
C SER P 63 22.07 -10.22 -12.29
N GLY P 64 23.13 -11.03 -12.14
CA GLY P 64 24.28 -10.95 -13.01
C GLY P 64 24.44 -12.22 -13.83
N SER P 65 25.37 -12.17 -14.77
CA SER P 65 25.65 -13.29 -15.65
C SER P 65 27.09 -13.20 -16.12
N GLY P 66 27.45 -14.01 -17.10
CA GLY P 66 28.81 -14.01 -17.63
C GLY P 66 29.62 -15.19 -17.15
N SER P 67 30.43 -15.76 -18.03
CA SER P 67 31.27 -16.89 -17.68
C SER P 67 32.42 -16.99 -18.68
N GLY P 68 33.57 -17.45 -18.18
CA GLY P 68 34.74 -17.59 -19.03
C GLY P 68 35.73 -16.46 -18.89
N THR P 69 35.81 -15.61 -19.90
CA THR P 69 36.75 -14.49 -19.91
C THR P 69 36.07 -13.14 -19.72
N ASP P 70 34.76 -13.11 -19.52
CA ASP P 70 34.02 -11.86 -19.34
C ASP P 70 32.88 -12.08 -18.36
N PHE P 71 32.66 -11.08 -17.51
CA PHE P 71 31.57 -11.11 -16.54
C PHE P 71 30.86 -9.76 -16.55
N THR P 72 29.57 -9.78 -16.24
CA THR P 72 28.76 -8.58 -16.23
C THR P 72 27.70 -8.67 -15.14
N LEU P 73 27.24 -7.50 -14.68
CA LEU P 73 26.19 -7.39 -13.69
C LEU P 73 25.09 -6.51 -14.26
N THR P 74 23.88 -7.06 -14.35
CA THR P 74 22.74 -6.36 -14.96
C THR P 74 21.82 -5.87 -13.85
N ILE P 75 22.03 -4.63 -13.42
CA ILE P 75 21.18 -3.99 -12.43
C ILE P 75 20.16 -3.16 -13.21
N SER P 76 19.02 -3.78 -13.54
CA SER P 76 17.98 -3.16 -14.35
C SER P 76 16.90 -2.50 -13.50
N SER P 77 17.24 -2.07 -12.29
CA SER P 77 16.30 -1.42 -11.38
C SER P 77 16.90 -0.11 -10.89
N LEU P 78 16.12 0.60 -10.09
CA LEU P 78 16.56 1.88 -9.54
C LEU P 78 17.68 1.68 -8.52
N GLU P 79 18.32 2.79 -8.15
CA GLU P 79 19.43 2.80 -7.20
C GLU P 79 19.03 3.65 -6.00
N PRO P 80 18.32 3.06 -5.02
CA PRO P 80 17.92 3.83 -3.84
C PRO P 80 19.11 4.27 -3.00
N GLU P 81 19.97 3.32 -2.63
CA GLU P 81 21.15 3.60 -1.81
C GLU P 81 22.35 2.86 -2.36
N ASP P 82 22.53 2.88 -3.68
CA ASP P 82 23.63 2.20 -4.34
C ASP P 82 24.89 3.06 -4.43
N PHE P 83 25.01 4.08 -3.57
CA PHE P 83 26.20 4.93 -3.57
C PHE P 83 27.37 4.20 -2.93
N ALA P 84 28.09 3.42 -3.73
CA ALA P 84 29.23 2.66 -3.24
C ALA P 84 30.07 2.23 -4.44
N VAL P 85 31.23 1.64 -4.13
CA VAL P 85 32.14 1.13 -5.15
C VAL P 85 32.01 -0.37 -5.22
N TYR P 86 31.84 -0.90 -6.43
CA TYR P 86 31.64 -2.32 -6.66
C TYR P 86 32.95 -2.92 -7.16
N TYR P 87 33.58 -3.76 -6.34
CA TYR P 87 34.83 -4.41 -6.69
C TYR P 87 34.56 -5.82 -7.21
N CYS P 88 35.63 -6.52 -7.56
CA CYS P 88 35.54 -7.88 -8.04
C CYS P 88 36.68 -8.70 -7.44
N GLN P 89 36.46 -10.01 -7.33
CA GLN P 89 37.44 -10.91 -6.77
C GLN P 89 37.26 -12.29 -7.36
N GLN P 90 38.33 -12.88 -7.87
CA GLN P 90 38.31 -14.22 -8.43
C GLN P 90 38.43 -15.25 -7.31
N ARG P 91 37.74 -16.37 -7.46
CA ARG P 91 37.74 -17.42 -6.45
C ARG P 91 38.45 -18.69 -6.93
N SER P 92 39.08 -18.65 -8.11
CA SER P 92 39.78 -19.83 -8.61
C SER P 92 41.09 -20.05 -7.88
N ASN P 93 41.99 -19.06 -7.92
CA ASN P 93 43.27 -19.15 -7.24
C ASN P 93 43.06 -18.96 -5.74
N TRP P 94 43.22 -20.03 -4.97
CA TRP P 94 43.01 -19.93 -3.53
C TRP P 94 44.09 -19.09 -2.84
N PRO P 95 45.38 -19.33 -3.04
CA PRO P 95 46.39 -18.48 -2.38
C PRO P 95 46.76 -17.22 -3.13
N GLN P 96 46.03 -16.85 -4.19
CA GLN P 96 46.36 -15.70 -5.01
C GLN P 96 45.12 -14.86 -5.28
N TYR P 97 44.36 -14.56 -4.22
CA TYR P 97 43.19 -13.70 -4.34
C TYR P 97 43.59 -12.29 -4.79
N THR P 98 43.16 -11.90 -5.99
CA THR P 98 43.48 -10.60 -6.55
C THR P 98 42.20 -9.82 -6.81
N PHE P 99 42.23 -8.53 -6.47
CA PHE P 99 41.10 -7.64 -6.67
C PHE P 99 41.34 -6.77 -7.90
N GLY P 100 40.43 -5.82 -8.13
CA GLY P 100 40.55 -4.92 -9.26
C GLY P 100 40.04 -3.53 -8.89
N GLN P 101 40.31 -2.59 -9.80
CA GLN P 101 39.90 -1.19 -9.61
C GLN P 101 38.39 -1.11 -9.81
N GLY P 102 37.66 -1.06 -8.70
CA GLY P 102 36.21 -1.01 -8.77
C GLY P 102 35.70 0.31 -9.32
N THR P 103 34.45 0.27 -9.79
CA THR P 103 33.80 1.43 -10.37
C THR P 103 33.03 2.19 -9.29
N LYS P 104 33.21 3.50 -9.25
CA LYS P 104 32.54 4.35 -8.27
C LYS P 104 31.20 4.79 -8.83
N LEU P 105 30.12 4.23 -8.29
CA LEU P 105 28.77 4.56 -8.71
C LEU P 105 28.16 5.58 -7.77
N GLU P 106 27.48 6.58 -8.34
CA GLU P 106 26.82 7.62 -7.58
C GLU P 106 25.39 7.78 -8.09
N ILE P 107 24.65 8.71 -7.48
CA ILE P 107 23.26 8.93 -7.85
C ILE P 107 23.15 9.93 -9.01
N LYS P 108 23.86 11.05 -8.92
CA LYS P 108 23.80 12.07 -9.96
C LYS P 108 25.14 12.80 -9.99
N GLY P 109 25.21 13.88 -10.76
CA GLY P 109 26.42 14.66 -10.87
C GLY P 109 26.39 15.66 -12.00
N SER P 123 22.13 -11.69 12.87
CA SER P 123 23.55 -11.62 12.54
C SER P 123 24.41 -11.76 13.79
N GLU P 124 24.44 -12.96 14.37
CA GLU P 124 25.24 -13.20 15.56
C GLU P 124 26.73 -13.24 15.27
N VAL P 125 27.11 -13.46 14.02
CA VAL P 125 28.53 -13.50 13.65
C VAL P 125 29.07 -12.07 13.62
N GLN P 126 30.05 -11.79 14.48
CA GLN P 126 30.65 -10.47 14.55
C GLN P 126 32.09 -10.60 15.04
N LEU P 127 33.00 -9.89 14.38
CA LEU P 127 34.41 -9.92 14.72
C LEU P 127 35.01 -8.54 14.48
N VAL P 128 35.71 -8.02 15.49
CA VAL P 128 36.33 -6.70 15.41
C VAL P 128 37.85 -6.87 15.47
N GLU P 129 38.55 -5.75 15.32
CA GLU P 129 40.00 -5.72 15.37
C GLU P 129 40.46 -4.67 16.37
N SER P 130 41.77 -4.63 16.61
CA SER P 130 42.36 -3.69 17.55
C SER P 130 43.82 -3.49 17.19
N GLY P 131 44.37 -2.36 17.61
CA GLY P 131 45.76 -2.05 17.36
C GLY P 131 45.97 -1.18 16.13
N GLY P 132 46.63 -0.03 16.31
CA GLY P 132 46.87 0.86 15.20
C GLY P 132 47.54 2.14 15.69
N GLY P 133 47.68 3.08 14.77
CA GLY P 133 48.29 4.36 15.07
C GLY P 133 49.58 4.59 14.32
N LEU P 134 50.50 5.35 14.93
CA LEU P 134 51.78 5.61 14.30
C LEU P 134 52.61 4.33 14.21
N VAL P 135 53.45 4.26 13.18
CA VAL P 135 54.27 3.08 12.94
C VAL P 135 55.75 3.40 12.76
N LYS P 136 56.14 4.64 12.46
CA LYS P 136 57.56 4.94 12.26
C LYS P 136 58.38 4.73 13.53
N PRO P 137 57.99 5.22 14.70
CA PRO P 137 58.73 4.86 15.92
C PRO P 137 58.32 3.46 16.37
N GLY P 138 59.31 2.58 16.53
CA GLY P 138 59.04 1.22 16.94
C GLY P 138 58.37 0.41 15.84
N ARG P 139 59.12 0.07 14.80
CA ARG P 139 58.56 -0.64 13.65
C ARG P 139 58.25 -2.10 13.99
N SER P 140 57.28 -2.30 14.89
CA SER P 140 56.86 -3.65 15.26
C SER P 140 55.42 -3.55 15.79
N LEU P 141 54.46 -3.93 14.97
CA LEU P 141 53.05 -3.89 15.34
C LEU P 141 52.54 -5.29 15.63
N ARG P 142 51.43 -5.35 16.36
CA ARG P 142 50.79 -6.61 16.70
C ARG P 142 49.29 -6.35 16.82
N LEU P 143 48.55 -6.63 15.74
CA LEU P 143 47.13 -6.42 15.71
C LEU P 143 46.40 -7.67 16.23
N SER P 144 45.07 -7.58 16.32
CA SER P 144 44.26 -8.68 16.81
C SER P 144 42.98 -8.78 16.00
N CYS P 145 42.34 -9.95 16.08
CA CYS P 145 41.08 -10.20 15.40
C CYS P 145 40.27 -11.15 16.30
N THR P 146 39.42 -10.56 17.14
CA THR P 146 38.64 -11.31 18.11
C THR P 146 37.22 -11.51 17.58
N ALA P 147 36.78 -12.77 17.53
CA ALA P 147 35.45 -13.12 17.07
C ALA P 147 34.63 -13.68 18.21
N SER P 148 33.31 -13.42 18.18
CA SER P 148 32.39 -13.92 19.18
C SER P 148 31.20 -14.64 18.56
N GLY P 149 31.23 -14.91 17.26
CA GLY P 149 30.13 -15.58 16.59
C GLY P 149 30.40 -17.04 16.32
N PHE P 150 30.80 -17.34 15.08
CA PHE P 150 31.09 -18.71 14.69
C PHE P 150 32.17 -19.33 15.58
N THR P 151 32.15 -20.66 15.68
CA THR P 151 33.12 -21.38 16.48
C THR P 151 34.50 -21.27 15.84
N PHE P 152 35.41 -20.55 16.50
CA PHE P 152 36.76 -20.38 15.97
C PHE P 152 37.55 -21.68 16.10
N GLY P 153 38.13 -22.12 15.00
CA GLY P 153 38.92 -23.35 15.00
C GLY P 153 38.67 -24.22 13.79
N ASP P 154 37.45 -24.14 13.24
CA ASP P 154 37.08 -24.90 12.05
C ASP P 154 37.06 -24.05 10.79
N TYR P 155 37.52 -22.80 10.88
CA TYR P 155 37.55 -21.90 9.73
C TYR P 155 38.91 -21.22 9.66
N ALA P 156 39.38 -20.99 8.44
CA ALA P 156 40.64 -20.30 8.22
C ALA P 156 40.42 -18.80 8.19
N MET P 157 41.48 -18.05 8.55
CA MET P 157 41.42 -16.60 8.64
C MET P 157 42.22 -16.00 7.49
N SER P 158 41.55 -15.16 6.70
CA SER P 158 42.18 -14.44 5.60
C SER P 158 42.24 -12.95 5.93
N TRP P 159 43.28 -12.28 5.42
CA TRP P 159 43.50 -10.87 5.67
C TRP P 159 43.53 -10.10 4.36
N PHE P 160 42.90 -8.93 4.35
CA PHE P 160 42.87 -8.06 3.19
C PHE P 160 43.09 -6.63 3.63
N ARG P 161 43.94 -5.91 2.92
CA ARG P 161 44.23 -4.51 3.20
C ARG P 161 43.59 -3.63 2.14
N GLN P 162 43.27 -2.40 2.52
CA GLN P 162 42.60 -1.44 1.65
C GLN P 162 43.40 -0.13 1.67
N ALA P 163 44.18 0.10 0.61
CA ALA P 163 44.94 1.33 0.51
C ALA P 163 44.03 2.49 0.15
N PRO P 164 44.34 3.70 0.62
CA PRO P 164 43.49 4.86 0.30
C PRO P 164 43.48 5.15 -1.19
N GLY P 165 42.31 5.03 -1.80
CA GLY P 165 42.17 5.31 -3.22
C GLY P 165 42.88 4.34 -4.14
N LYS P 166 43.06 3.10 -3.71
CA LYS P 166 43.71 2.10 -4.54
C LYS P 166 42.87 0.83 -4.63
N GLY P 167 42.12 0.54 -3.58
CA GLY P 167 41.27 -0.63 -3.54
C GLY P 167 41.80 -1.68 -2.58
N LEU P 168 41.17 -2.85 -2.63
CA LEU P 168 41.55 -3.96 -1.77
C LEU P 168 42.81 -4.64 -2.30
N GLU P 169 43.54 -5.28 -1.40
CA GLU P 169 44.79 -5.95 -1.76
C GLU P 169 44.97 -7.17 -0.86
N TRP P 170 45.68 -8.16 -1.40
CA TRP P 170 45.92 -9.41 -0.69
C TRP P 170 47.03 -9.25 0.33
N VAL P 171 46.87 -9.93 1.47
CA VAL P 171 47.86 -9.89 2.55
C VAL P 171 48.37 -11.29 2.82
N GLY P 172 47.47 -12.19 3.20
CA GLY P 172 47.85 -13.55 3.51
C GLY P 172 46.73 -14.26 4.24
N PHE P 173 46.99 -15.53 4.57
CA PHE P 173 46.01 -16.34 5.27
C PHE P 173 46.74 -17.49 5.95
N ILE P 174 46.06 -18.07 6.95
CA ILE P 174 46.55 -19.23 7.67
C ILE P 174 45.52 -20.34 7.53
N ARG P 175 45.96 -21.50 7.07
CA ARG P 175 45.06 -22.63 6.85
C ARG P 175 44.52 -23.14 8.18
N SER P 176 43.39 -23.83 8.11
CA SER P 176 42.75 -24.37 9.30
C SER P 176 43.59 -25.50 9.89
N LYS P 177 43.24 -25.88 11.13
CA LYS P 177 43.98 -26.94 11.81
C LYS P 177 43.82 -28.28 11.10
N ALA P 178 42.70 -28.49 10.41
CA ALA P 178 42.47 -29.75 9.72
C ALA P 178 43.35 -29.87 8.47
N TYR P 179 43.38 -28.81 7.67
CA TYR P 179 44.14 -28.83 6.41
C TYR P 179 45.55 -28.29 6.59
N GLY P 180 46.28 -28.83 7.56
CA GLY P 180 47.67 -28.47 7.75
C GLY P 180 47.88 -27.09 8.37
N GLY P 181 48.95 -26.94 9.14
CA GLY P 181 49.25 -25.67 9.77
C GLY P 181 50.27 -24.86 9.01
N THR P 182 50.28 -24.98 7.69
CA THR P 182 51.22 -24.26 6.86
C THR P 182 50.73 -22.83 6.62
N THR P 183 51.51 -22.07 5.86
CA THR P 183 51.18 -20.68 5.54
C THR P 183 51.61 -20.38 4.12
N GLU P 184 51.07 -19.29 3.57
CA GLU P 184 51.39 -18.87 2.21
C GLU P 184 51.12 -17.37 2.11
N TYR P 185 52.16 -16.59 1.88
CA TYR P 185 52.04 -15.14 1.75
C TYR P 185 52.18 -14.73 0.28
N ALA P 186 52.15 -13.43 0.04
CA ALA P 186 52.26 -12.89 -1.30
C ALA P 186 53.73 -12.63 -1.63
N ALA P 187 53.98 -11.96 -2.75
CA ALA P 187 55.34 -11.65 -3.17
C ALA P 187 55.90 -10.39 -2.53
N SER P 188 55.05 -9.40 -2.27
CA SER P 188 55.48 -8.15 -1.65
C SER P 188 55.50 -8.21 -0.14
N VAL P 189 54.99 -9.28 0.47
CA VAL P 189 54.96 -9.43 1.92
C VAL P 189 55.69 -10.69 2.37
N LYS P 190 56.43 -11.34 1.48
CA LYS P 190 57.15 -12.55 1.84
C LYS P 190 58.35 -12.21 2.71
N GLY P 191 58.45 -12.85 3.87
CA GLY P 191 59.55 -12.61 4.79
C GLY P 191 59.40 -11.38 5.66
N ARG P 192 58.27 -10.68 5.58
CA ARG P 192 58.04 -9.47 6.36
C ARG P 192 56.91 -9.63 7.37
N PHE P 193 55.76 -10.14 6.94
CA PHE P 193 54.60 -10.31 7.80
C PHE P 193 54.43 -11.79 8.16
N THR P 194 54.33 -12.06 9.46
CA THR P 194 54.11 -13.41 9.96
C THR P 194 52.80 -13.46 10.72
N ILE P 195 51.88 -14.30 10.26
CA ILE P 195 50.55 -14.42 10.85
C ILE P 195 50.48 -15.71 11.65
N SER P 196 49.92 -15.61 12.86
CA SER P 196 49.76 -16.76 13.74
C SER P 196 48.36 -16.75 14.31
N ARG P 197 47.90 -17.93 14.73
CA ARG P 197 46.57 -18.09 15.28
C ARG P 197 46.64 -18.49 16.74
N ASP P 198 45.55 -18.21 17.47
CA ASP P 198 45.43 -18.46 18.90
C ASP P 198 44.10 -19.13 19.19
N ASP P 199 43.79 -20.20 18.44
CA ASP P 199 42.52 -20.89 18.53
C ASP P 199 42.13 -21.26 19.96
N SER P 200 43.10 -21.37 20.87
CA SER P 200 42.77 -21.60 22.27
C SER P 200 42.03 -20.40 22.87
N LYS P 201 42.29 -19.20 22.36
CA LYS P 201 41.64 -17.99 22.82
C LYS P 201 40.72 -17.36 21.78
N SER P 202 40.61 -17.97 20.59
CA SER P 202 39.75 -17.48 19.52
C SER P 202 40.10 -16.03 19.14
N ILE P 203 41.39 -15.78 18.97
CA ILE P 203 41.90 -14.47 18.57
C ILE P 203 42.95 -14.68 17.49
N ALA P 204 42.85 -13.92 16.40
CA ALA P 204 43.79 -13.99 15.29
C ALA P 204 44.69 -12.76 15.33
N TYR P 205 46.00 -12.99 15.37
CA TYR P 205 46.99 -11.92 15.44
C TYR P 205 47.67 -11.76 14.08
N LEU P 206 48.49 -10.71 13.98
CA LEU P 206 49.21 -10.42 12.74
C LEU P 206 50.43 -9.58 13.11
N GLN P 207 51.62 -10.15 12.94
CA GLN P 207 52.86 -9.41 13.19
C GLN P 207 53.22 -8.57 11.97
N MET P 208 53.72 -7.37 12.23
CA MET P 208 54.01 -6.40 11.18
C MET P 208 55.45 -5.90 11.30
N ASN P 209 56.38 -6.84 11.44
CA ASN P 209 57.79 -6.48 11.49
C ASN P 209 58.27 -5.97 10.13
N SER P 210 59.28 -5.11 10.16
CA SER P 210 59.86 -4.51 8.96
C SER P 210 58.80 -3.76 8.16
N LEU P 211 58.22 -2.75 8.79
CA LEU P 211 57.17 -1.94 8.19
C LEU P 211 57.77 -0.79 7.41
N LYS P 212 57.14 -0.47 6.28
CA LYS P 212 57.60 0.60 5.40
C LYS P 212 56.50 1.67 5.30
N THR P 213 56.73 2.65 4.43
CA THR P 213 55.78 3.74 4.25
C THR P 213 54.62 3.38 3.33
N GLU P 214 54.73 2.28 2.59
CA GLU P 214 53.67 1.89 1.67
C GLU P 214 52.61 1.02 2.32
N ASP P 215 52.91 0.43 3.47
CA ASP P 215 51.97 -0.46 4.16
C ASP P 215 51.17 0.31 5.22
N THR P 216 50.37 1.26 4.74
CA THR P 216 49.52 2.07 5.62
C THR P 216 48.06 1.93 5.23
N ALA P 217 47.62 0.71 4.97
CA ALA P 217 46.26 0.44 4.51
C ALA P 217 45.37 0.05 5.68
N VAL P 218 44.11 -0.23 5.39
CA VAL P 218 43.12 -0.63 6.39
C VAL P 218 42.92 -2.14 6.26
N TYR P 219 43.34 -2.88 7.29
CA TYR P 219 43.30 -4.33 7.25
C TYR P 219 41.98 -4.86 7.76
N TYR P 220 41.57 -6.00 7.21
CA TYR P 220 40.34 -6.69 7.61
C TYR P 220 40.62 -8.18 7.72
N CYS P 221 39.99 -8.82 8.70
CA CYS P 221 40.07 -10.27 8.86
C CYS P 221 38.71 -10.87 8.55
N THR P 222 38.70 -11.84 7.63
CA THR P 222 37.48 -12.50 7.19
C THR P 222 37.62 -14.01 7.39
N ARG P 223 36.56 -14.73 7.02
CA ARG P 223 36.57 -16.18 7.11
C ARG P 223 37.01 -16.80 5.78
N ASP P 224 37.04 -18.13 5.74
CA ASP P 224 37.44 -18.86 4.55
C ASP P 224 36.52 -20.08 4.41
N ARG P 225 36.92 -21.01 3.56
CA ARG P 225 36.12 -22.20 3.33
C ARG P 225 35.98 -23.03 4.61
N TYR P 226 34.88 -23.76 4.70
CA TYR P 226 34.59 -24.58 5.87
C TYR P 226 35.47 -25.83 5.85
N ALA P 227 36.24 -26.04 6.93
CA ALA P 227 37.07 -27.23 7.01
C ALA P 227 36.23 -28.50 7.13
N ARG P 228 35.04 -28.40 7.73
CA ARG P 228 34.14 -29.54 7.87
C ARG P 228 33.16 -29.50 6.69
N TYR P 229 33.51 -30.23 5.63
CA TYR P 229 32.71 -30.26 4.41
C TYR P 229 31.59 -31.29 4.45
N ASP P 230 31.31 -31.86 5.62
CA ASP P 230 30.24 -32.86 5.73
C ASP P 230 28.88 -32.23 5.49
N ILE P 231 28.64 -31.05 6.08
CA ILE P 231 27.35 -30.39 5.91
C ILE P 231 27.18 -29.81 4.52
N LEU P 232 28.28 -29.54 3.82
CA LEU P 232 28.22 -28.97 2.47
C LEU P 232 27.82 -29.98 1.41
N THR P 233 27.56 -31.23 1.78
CA THR P 233 27.18 -32.26 0.81
C THR P 233 25.69 -32.19 0.50
N GLY P 234 24.84 -32.35 1.52
CA GLY P 234 23.41 -32.27 1.31
C GLY P 234 22.91 -30.87 1.05
N LEU P 235 23.61 -29.87 1.59
CA LEU P 235 23.22 -28.47 1.40
C LEU P 235 23.72 -27.98 0.05
N SER P 236 22.81 -27.48 -0.77
CA SER P 236 23.19 -26.99 -2.10
C SER P 236 23.68 -25.54 -2.00
N PRO P 237 24.74 -25.18 -2.71
CA PRO P 237 25.25 -23.80 -2.65
C PRO P 237 24.35 -22.82 -3.39
N ALA P 238 23.06 -22.78 -3.01
CA ALA P 238 22.12 -21.85 -3.64
C ALA P 238 21.17 -21.20 -2.65
N GLY P 239 21.31 -21.44 -1.35
CA GLY P 239 20.42 -20.85 -0.37
C GLY P 239 21.13 -20.04 0.68
N ALA P 240 20.41 -19.64 1.73
CA ALA P 240 20.99 -18.85 2.80
C ALA P 240 21.87 -19.67 3.73
N ASP P 241 21.65 -20.99 3.81
CA ASP P 241 22.46 -21.83 4.68
C ASP P 241 23.90 -21.88 4.22
N TYR P 242 24.13 -22.00 2.91
CA TYR P 242 25.50 -22.02 2.39
C TYR P 242 26.18 -20.67 2.58
N PHE P 243 25.43 -19.57 2.48
CA PHE P 243 26.01 -18.25 2.69
C PHE P 243 26.23 -17.96 4.17
N TYR P 244 25.54 -18.66 5.06
CA TYR P 244 25.70 -18.43 6.49
C TYR P 244 26.77 -19.31 7.12
N TYR P 245 26.88 -20.57 6.68
CA TYR P 245 27.82 -21.51 7.28
C TYR P 245 29.20 -21.43 6.64
N ALA P 246 29.27 -21.66 5.32
CA ALA P 246 30.54 -21.70 4.60
C ALA P 246 30.62 -20.47 3.70
N MET P 247 31.11 -19.37 4.25
CA MET P 247 31.28 -18.13 3.52
C MET P 247 32.11 -17.17 4.37
N ASP P 248 32.72 -16.20 3.70
CA ASP P 248 33.54 -15.20 4.38
C ASP P 248 32.67 -14.07 4.91
N VAL P 249 33.06 -13.54 6.06
CA VAL P 249 32.33 -12.45 6.72
C VAL P 249 33.33 -11.34 7.02
N TRP P 250 33.08 -10.15 6.48
CA TRP P 250 33.96 -9.02 6.70
C TRP P 250 33.72 -8.40 8.07
N GLY P 251 34.75 -7.74 8.59
CA GLY P 251 34.67 -7.10 9.88
C GLY P 251 35.11 -5.65 9.86
N GLN P 252 35.54 -5.13 11.00
CA GLN P 252 36.00 -3.75 11.09
C GLN P 252 37.46 -3.66 10.66
N GLY P 253 37.95 -2.43 10.55
CA GLY P 253 39.32 -2.20 10.14
C GLY P 253 40.01 -1.10 10.92
N THR P 254 41.31 -1.28 11.19
CA THR P 254 42.08 -0.31 11.93
C THR P 254 42.75 0.68 10.98
N THR P 255 43.47 1.65 11.54
CA THR P 255 44.14 2.68 10.78
C THR P 255 45.64 2.60 11.05
N VAL P 256 46.43 2.73 9.98
CA VAL P 256 47.89 2.72 10.05
C VAL P 256 48.40 4.06 9.57
N THR P 257 49.18 4.74 10.41
CA THR P 257 49.73 6.05 10.10
C THR P 257 51.25 5.99 10.11
N VAL P 258 51.87 6.65 9.13
CA VAL P 258 53.31 6.71 9.00
C VAL P 258 53.75 8.17 8.93
N SER P 259 54.99 8.42 9.34
CA SER P 259 55.55 9.76 9.34
C SER P 259 57.05 9.66 9.06
N SER P 260 57.76 10.77 9.29
CA SER P 260 59.19 10.80 9.06
C SER P 260 59.96 10.59 10.36
N VAL Q 3 -46.56 58.90 -16.32
CA VAL Q 3 -48.01 59.14 -16.30
C VAL Q 3 -48.47 59.66 -17.66
N LEU Q 4 -49.53 59.05 -18.20
CA LEU Q 4 -50.10 59.41 -19.49
C LEU Q 4 -51.42 60.13 -19.26
N THR Q 5 -51.49 61.40 -19.67
CA THR Q 5 -52.71 62.18 -19.51
C THR Q 5 -53.76 61.70 -20.51
N GLN Q 6 -54.96 61.40 -20.00
CA GLN Q 6 -56.04 60.90 -20.81
C GLN Q 6 -57.36 61.36 -20.21
N PRO Q 7 -58.31 61.82 -21.03
CA PRO Q 7 -59.60 62.22 -20.49
C PRO Q 7 -60.31 61.04 -19.86
N PRO Q 8 -61.12 61.28 -18.83
CA PRO Q 8 -61.78 60.16 -18.15
C PRO Q 8 -62.87 59.50 -18.98
N SER Q 9 -63.63 60.29 -19.75
CA SER Q 9 -64.72 59.74 -20.55
C SER Q 9 -65.05 60.71 -21.67
N ALA Q 10 -65.45 60.16 -22.80
CA ALA Q 10 -65.84 60.94 -23.97
C ALA Q 10 -67.23 60.50 -24.43
N SER Q 11 -67.79 61.28 -25.36
CA SER Q 11 -69.11 61.01 -25.89
C SER Q 11 -69.12 61.25 -27.40
N GLY Q 12 -70.12 60.69 -28.06
CA GLY Q 12 -70.24 60.84 -29.50
C GLY Q 12 -71.53 60.24 -30.00
N THR Q 13 -71.99 60.77 -31.14
CA THR Q 13 -73.22 60.33 -31.78
C THR Q 13 -72.92 59.37 -32.92
N PRO Q 14 -73.81 58.39 -33.16
CA PRO Q 14 -73.58 57.44 -34.26
C PRO Q 14 -73.70 58.10 -35.62
N GLY Q 15 -72.58 58.24 -36.32
CA GLY Q 15 -72.56 58.87 -37.62
C GLY Q 15 -71.47 59.91 -37.76
N GLN Q 16 -70.90 60.33 -36.63
CA GLN Q 16 -69.84 61.31 -36.59
C GLN Q 16 -68.54 60.66 -36.13
N ARG Q 17 -67.43 61.33 -36.41
CA ARG Q 17 -66.10 60.84 -36.04
C ARG Q 17 -65.61 61.63 -34.82
N VAL Q 18 -65.11 60.90 -33.82
CA VAL Q 18 -64.58 61.51 -32.61
C VAL Q 18 -63.09 61.21 -32.52
N THR Q 19 -62.40 62.00 -31.69
CA THR Q 19 -60.97 61.86 -31.48
C THR Q 19 -60.69 61.64 -30.01
N ILE Q 20 -59.73 60.79 -29.71
CA ILE Q 20 -59.33 60.49 -28.34
C ILE Q 20 -57.82 60.73 -28.25
N SER Q 21 -57.43 61.81 -27.59
CA SER Q 21 -56.04 62.17 -27.44
C SER Q 21 -55.48 61.63 -26.13
N CYS Q 22 -54.17 61.34 -26.13
CA CYS Q 22 -53.50 60.85 -24.94
C CYS Q 22 -52.08 61.40 -24.95
N SER Q 23 -51.88 62.52 -24.25
CA SER Q 23 -50.58 63.18 -24.25
C SER Q 23 -49.66 62.57 -23.19
N GLY Q 24 -48.39 62.93 -23.27
CA GLY Q 24 -47.40 62.44 -22.33
C GLY Q 24 -46.12 63.23 -22.43
N SER Q 25 -45.14 62.83 -21.63
CA SER Q 25 -43.85 63.49 -21.64
C SER Q 25 -43.03 63.09 -22.86
N SER Q 26 -41.90 63.76 -23.04
CA SER Q 26 -41.02 63.51 -24.16
C SER Q 26 -40.09 62.31 -23.93
N SER Q 27 -40.28 61.58 -22.84
CA SER Q 27 -39.45 60.43 -22.53
C SER Q 27 -40.11 59.09 -22.83
N ASN Q 28 -41.43 59.06 -22.98
CA ASN Q 28 -42.17 57.84 -23.25
C ASN Q 28 -42.90 57.85 -24.58
N ILE Q 29 -43.55 58.96 -24.94
CA ILE Q 29 -44.27 59.03 -26.21
C ILE Q 29 -43.39 59.63 -27.30
N GLY Q 30 -42.62 60.67 -26.98
CA GLY Q 30 -41.79 61.31 -27.99
C GLY Q 30 -40.65 60.45 -28.51
N SER Q 31 -40.29 59.39 -27.77
CA SER Q 31 -39.20 58.51 -28.17
C SER Q 31 -39.66 57.11 -28.52
N ASN Q 32 -40.92 56.77 -28.27
CA ASN Q 32 -41.42 55.42 -28.56
C ASN Q 32 -42.75 55.47 -29.30
N THR Q 33 -43.37 54.31 -29.49
CA THR Q 33 -44.65 54.21 -30.18
C THR Q 33 -45.79 54.06 -29.17
N VAL Q 34 -46.95 54.57 -29.55
CA VAL Q 34 -48.16 54.50 -28.72
C VAL Q 34 -49.05 53.39 -29.23
N ASN Q 35 -49.54 52.55 -28.31
CA ASN Q 35 -50.42 51.45 -28.65
C ASN Q 35 -51.78 51.67 -28.01
N TRP Q 36 -52.82 51.60 -28.83
CA TRP Q 36 -54.20 51.80 -28.37
C TRP Q 36 -54.86 50.44 -28.13
N TYR Q 37 -55.65 50.37 -27.06
CA TYR Q 37 -56.33 49.14 -26.69
C TYR Q 37 -57.80 49.44 -26.44
N GLN Q 38 -58.62 48.38 -26.48
CA GLN Q 38 -60.06 48.49 -26.23
C GLN Q 38 -60.52 47.23 -25.52
N GLN Q 39 -61.19 47.41 -24.39
CA GLN Q 39 -61.67 46.30 -23.57
C GLN Q 39 -63.16 46.47 -23.33
N LEU Q 40 -63.97 45.56 -23.88
CA LEU Q 40 -65.40 45.59 -23.64
C LEU Q 40 -65.68 45.19 -22.18
N PRO Q 41 -66.78 45.68 -21.61
CA PRO Q 41 -67.10 45.33 -20.22
C PRO Q 41 -67.31 43.83 -20.06
N GLY Q 42 -66.45 43.19 -19.27
CA GLY Q 42 -66.52 41.78 -19.01
C GLY Q 42 -65.68 40.90 -19.92
N THR Q 43 -64.74 41.47 -20.67
CA THR Q 43 -63.89 40.70 -21.55
C THR Q 43 -62.44 41.12 -21.43
N ALA Q 44 -61.58 40.64 -22.35
CA ALA Q 44 -60.16 40.95 -22.37
C ALA Q 44 -59.86 42.03 -23.40
N PRO Q 45 -58.87 42.87 -23.15
CA PRO Q 45 -58.53 43.93 -24.11
C PRO Q 45 -57.96 43.35 -25.40
N LYS Q 46 -57.75 44.23 -26.37
CA LYS Q 46 -57.18 43.86 -27.65
C LYS Q 46 -56.47 45.06 -28.26
N LEU Q 47 -55.40 44.79 -29.01
CA LEU Q 47 -54.64 45.85 -29.64
C LEU Q 47 -55.35 46.35 -30.88
N LEU Q 48 -55.48 47.68 -30.99
CA LEU Q 48 -56.15 48.31 -32.13
C LEU Q 48 -55.18 48.97 -33.10
N ILE Q 49 -54.31 49.86 -32.61
CA ILE Q 49 -53.35 50.56 -33.45
C ILE Q 49 -51.98 50.41 -32.83
N TYR Q 50 -51.04 49.86 -33.60
CA TYR Q 50 -49.65 49.72 -33.17
C TYR Q 50 -48.74 50.46 -34.14
N SER Q 51 -47.60 50.91 -33.63
CA SER Q 51 -46.62 51.69 -34.39
C SER Q 51 -47.19 53.01 -34.89
N ASN Q 52 -48.34 53.43 -34.35
CA ASN Q 52 -48.98 54.71 -34.67
C ASN Q 52 -49.45 54.81 -36.12
N ASN Q 53 -49.09 53.84 -36.96
CA ASN Q 53 -49.50 53.88 -38.35
C ASN Q 53 -49.99 52.54 -38.88
N GLN Q 54 -49.97 51.47 -38.08
CA GLN Q 54 -50.38 50.15 -38.54
C GLN Q 54 -51.53 49.62 -37.69
N ARG Q 55 -52.27 48.69 -38.26
CA ARG Q 55 -53.39 48.03 -37.58
C ARG Q 55 -53.38 46.55 -37.95
N PRO Q 56 -53.75 45.68 -37.01
CA PRO Q 56 -53.78 44.24 -37.32
C PRO Q 56 -54.92 43.87 -38.26
N SER Q 57 -54.97 42.60 -38.68
CA SER Q 57 -56.03 42.17 -39.59
C SER Q 57 -57.38 42.10 -38.90
N GLY Q 58 -57.39 41.91 -37.58
CA GLY Q 58 -58.66 41.81 -36.87
C GLY Q 58 -59.36 43.16 -36.75
N VAL Q 59 -58.60 44.21 -36.54
CA VAL Q 59 -59.17 45.56 -36.40
C VAL Q 59 -59.39 46.14 -37.80
N PRO Q 60 -60.60 46.58 -38.13
CA PRO Q 60 -60.85 47.16 -39.46
C PRO Q 60 -60.14 48.50 -39.62
N ASP Q 61 -60.22 49.03 -40.84
CA ASP Q 61 -59.61 50.31 -41.17
C ASP Q 61 -60.42 51.50 -40.69
N ARG Q 62 -61.54 51.27 -39.99
CA ARG Q 62 -62.36 52.38 -39.51
C ARG Q 62 -61.68 53.17 -38.40
N PHE Q 63 -60.75 52.56 -37.67
CA PHE Q 63 -60.01 53.25 -36.62
C PHE Q 63 -58.78 53.94 -37.21
N SER Q 64 -58.51 55.15 -36.75
CA SER Q 64 -57.37 55.93 -37.20
C SER Q 64 -56.48 56.30 -36.02
N GLY Q 65 -55.19 56.41 -36.28
CA GLY Q 65 -54.23 56.78 -35.26
C GLY Q 65 -53.13 57.64 -35.83
N SER Q 66 -52.62 58.53 -34.98
CA SER Q 66 -51.56 59.44 -35.38
C SER Q 66 -50.85 59.96 -34.14
N LYS Q 67 -49.52 60.05 -34.22
CA LYS Q 67 -48.69 60.53 -33.12
C LYS Q 67 -47.91 61.75 -33.62
N SER Q 68 -48.21 62.92 -33.08
CA SER Q 68 -47.58 64.17 -33.47
C SER Q 68 -46.75 64.68 -32.29
N GLY Q 69 -45.43 64.53 -32.39
CA GLY Q 69 -44.54 65.00 -31.35
C GLY Q 69 -44.56 64.15 -30.10
N THR Q 70 -45.09 64.70 -29.01
CA THR Q 70 -45.19 64.00 -27.73
C THR Q 70 -46.63 63.67 -27.36
N SER Q 71 -47.53 63.67 -28.33
CA SER Q 71 -48.93 63.36 -28.08
C SER Q 71 -49.47 62.49 -29.21
N ALA Q 72 -50.51 61.72 -28.90
CA ALA Q 72 -51.15 60.83 -29.85
C ALA Q 72 -52.64 61.15 -29.93
N SER Q 73 -53.31 60.53 -30.90
CA SER Q 73 -54.73 60.75 -31.12
C SER Q 73 -55.35 59.48 -31.65
N LEU Q 74 -56.55 59.16 -31.16
CA LEU Q 74 -57.31 57.98 -31.58
C LEU Q 74 -58.60 58.46 -32.23
N ALA Q 75 -58.65 58.39 -33.55
CA ALA Q 75 -59.81 58.82 -34.32
C ALA Q 75 -60.64 57.61 -34.72
N ILE Q 76 -61.90 57.59 -34.30
CA ILE Q 76 -62.83 56.51 -34.61
C ILE Q 76 -63.84 57.07 -35.60
N SER Q 77 -63.62 56.82 -36.88
CA SER Q 77 -64.51 57.31 -37.93
C SER Q 77 -65.74 56.42 -38.02
N GLY Q 78 -66.92 57.02 -37.85
CA GLY Q 78 -68.16 56.28 -37.93
C GLY Q 78 -68.36 55.30 -36.79
N LEU Q 79 -68.50 55.80 -35.58
CA LEU Q 79 -68.70 54.94 -34.43
C LEU Q 79 -70.09 54.32 -34.47
N GLN Q 80 -70.17 53.05 -34.09
CA GLN Q 80 -71.42 52.29 -34.08
C GLN Q 80 -71.90 52.11 -32.64
N SER Q 81 -72.99 51.36 -32.50
CA SER Q 81 -73.55 51.12 -31.17
C SER Q 81 -72.71 50.13 -30.37
N GLU Q 82 -71.84 49.37 -31.02
CA GLU Q 82 -70.96 48.41 -30.34
C GLU Q 82 -69.65 49.03 -29.89
N ASP Q 83 -69.41 50.30 -30.18
CA ASP Q 83 -68.18 50.97 -29.78
C ASP Q 83 -68.33 51.66 -28.42
N GLU Q 84 -68.75 50.89 -27.41
CA GLU Q 84 -68.93 51.37 -26.05
C GLU Q 84 -68.01 50.54 -25.16
N ALA Q 85 -66.82 51.08 -24.89
CA ALA Q 85 -65.82 50.40 -24.07
C ALA Q 85 -64.87 51.44 -23.51
N ASP Q 86 -63.75 50.97 -22.95
CA ASP Q 86 -62.73 51.84 -22.38
C ASP Q 86 -61.45 51.70 -23.19
N TYR Q 87 -60.81 52.83 -23.49
CA TYR Q 87 -59.59 52.86 -24.28
C TYR Q 87 -58.43 53.30 -23.40
N TYR Q 88 -57.35 52.53 -23.42
CA TYR Q 88 -56.16 52.82 -22.64
C TYR Q 88 -54.97 53.06 -23.57
N CYS Q 89 -54.03 53.88 -23.09
CA CYS Q 89 -52.82 54.20 -23.84
C CYS Q 89 -51.67 53.30 -23.39
N ALA Q 90 -50.62 53.26 -24.21
CA ALA Q 90 -49.46 52.43 -23.90
C ALA Q 90 -48.20 53.14 -24.37
N ALA Q 91 -47.21 53.20 -23.50
CA ALA Q 91 -45.94 53.83 -23.83
C ALA Q 91 -44.86 53.23 -22.93
N TRP Q 92 -43.69 52.97 -23.53
CA TRP Q 92 -42.56 52.40 -22.82
C TRP Q 92 -41.52 53.50 -22.59
N ASP Q 93 -41.41 53.96 -21.34
CA ASP Q 93 -40.45 55.00 -21.01
C ASP Q 93 -39.03 54.43 -21.01
N ASP Q 94 -38.06 55.33 -21.11
CA ASP Q 94 -36.66 54.93 -21.11
C ASP Q 94 -36.18 54.44 -19.75
N SER Q 95 -36.98 54.61 -18.70
CA SER Q 95 -36.64 54.13 -17.36
C SER Q 95 -37.04 52.68 -17.13
N LEU Q 96 -37.24 51.91 -18.21
CA LEU Q 96 -37.58 50.49 -18.13
C LEU Q 96 -38.88 50.29 -17.35
N ASN Q 97 -39.97 50.84 -17.90
CA ASN Q 97 -41.28 50.71 -17.29
C ASN Q 97 -42.35 50.90 -18.36
N TRP Q 98 -43.46 50.20 -18.18
CA TRP Q 98 -44.61 50.28 -19.09
C TRP Q 98 -45.72 51.05 -18.38
N VAL Q 99 -45.94 52.30 -18.80
CA VAL Q 99 -46.95 53.16 -18.20
C VAL Q 99 -48.18 53.18 -19.11
N PHE Q 100 -49.36 53.03 -18.50
CA PHE Q 100 -50.62 53.06 -19.22
C PHE Q 100 -51.25 54.46 -19.09
N GLY Q 101 -52.44 54.59 -19.68
CA GLY Q 101 -53.15 55.85 -19.63
C GLY Q 101 -54.09 55.96 -18.44
N GLY Q 102 -55.26 56.54 -18.65
CA GLY Q 102 -56.23 56.68 -17.59
C GLY Q 102 -57.56 56.01 -17.90
N GLY Q 103 -57.84 55.80 -19.18
CA GLY Q 103 -59.08 55.18 -19.60
C GLY Q 103 -60.12 56.17 -20.09
N THR Q 104 -60.67 55.92 -21.27
CA THR Q 104 -61.69 56.79 -21.87
C THR Q 104 -62.97 55.98 -22.01
N LYS Q 105 -63.96 56.27 -21.16
CA LYS Q 105 -65.24 55.57 -21.18
C LYS Q 105 -66.08 56.16 -22.31
N LEU Q 106 -65.93 55.60 -23.51
CA LEU Q 106 -66.69 56.06 -24.67
C LEU Q 106 -68.14 55.61 -24.53
N THR Q 107 -69.05 56.57 -24.36
CA THR Q 107 -70.47 56.29 -24.21
C THR Q 107 -71.21 56.87 -25.41
N VAL Q 108 -71.81 56.00 -26.21
CA VAL Q 108 -72.55 56.44 -27.39
C VAL Q 108 -73.91 56.98 -26.96
N LEU Q 109 -74.48 57.85 -27.80
CA LEU Q 109 -75.77 58.46 -27.56
C LEU Q 109 -76.85 57.89 -28.47
N GLY Q 110 -76.65 56.69 -29.00
CA GLY Q 110 -77.62 56.07 -29.87
C GLY Q 110 -78.23 54.81 -29.30
N GLU Q 125 -56.00 27.60 -32.91
CA GLU Q 125 -55.91 29.05 -32.74
C GLU Q 125 -55.01 29.41 -31.56
N VAL Q 126 -54.80 30.71 -31.36
CA VAL Q 126 -53.95 31.19 -30.28
C VAL Q 126 -54.82 31.39 -29.04
N GLN Q 127 -54.47 30.68 -27.97
CA GLN Q 127 -55.21 30.76 -26.71
C GLN Q 127 -54.23 30.87 -25.55
N LEU Q 128 -54.44 31.86 -24.70
CA LEU Q 128 -53.61 32.08 -23.51
C LEU Q 128 -54.50 31.90 -22.28
N VAL Q 129 -54.40 30.74 -21.64
CA VAL Q 129 -55.20 30.40 -20.47
C VAL Q 129 -54.26 30.33 -19.26
N GLU Q 130 -54.64 31.00 -18.18
CA GLU Q 130 -53.87 30.99 -16.95
C GLU Q 130 -54.78 30.67 -15.77
N SER Q 131 -54.19 30.06 -14.74
CA SER Q 131 -54.92 29.64 -13.56
C SER Q 131 -54.16 30.10 -12.32
N GLY Q 132 -54.67 29.72 -11.15
CA GLY Q 132 -54.06 30.09 -9.90
C GLY Q 132 -54.81 31.17 -9.16
N GLY Q 133 -55.57 30.79 -8.15
CA GLY Q 133 -56.33 31.77 -7.39
C GLY Q 133 -56.86 31.17 -6.11
N GLY Q 134 -57.80 31.89 -5.50
CA GLY Q 134 -58.41 31.45 -4.26
C GLY Q 134 -57.76 32.11 -3.05
N VAL Q 135 -57.22 31.29 -2.16
CA VAL Q 135 -56.53 31.80 -0.98
C VAL Q 135 -55.24 32.49 -1.42
N VAL Q 136 -55.18 33.81 -1.23
CA VAL Q 136 -53.99 34.55 -1.63
C VAL Q 136 -52.91 34.52 -0.55
N GLN Q 137 -53.31 34.46 0.73
CA GLN Q 137 -52.41 34.48 1.88
C GLN Q 137 -51.47 35.68 1.80
N PRO Q 138 -51.98 36.90 2.02
CA PRO Q 138 -51.12 38.08 1.92
C PRO Q 138 -50.03 38.08 2.99
N GLY Q 139 -48.90 37.46 2.69
CA GLY Q 139 -47.80 37.38 3.63
C GLY Q 139 -47.13 36.02 3.61
N GLY Q 140 -47.66 35.11 2.79
CA GLY Q 140 -47.06 33.79 2.63
C GLY Q 140 -46.45 33.59 1.27
N SER Q 141 -47.14 32.84 0.40
CA SER Q 141 -46.64 32.58 -0.94
C SER Q 141 -47.82 32.24 -1.84
N LEU Q 142 -47.62 32.45 -3.14
CA LEU Q 142 -48.65 32.17 -4.13
C LEU Q 142 -47.98 31.92 -5.48
N ARG Q 143 -48.47 30.90 -6.17
CA ARG Q 143 -47.91 30.49 -7.47
C ARG Q 143 -48.93 30.79 -8.56
N LEU Q 144 -48.46 31.41 -9.65
CA LEU Q 144 -49.31 31.75 -10.78
C LEU Q 144 -48.64 31.27 -12.06
N SER Q 145 -49.37 30.50 -12.86
CA SER Q 145 -48.87 29.95 -14.10
C SER Q 145 -49.79 30.34 -15.26
N CYS Q 146 -49.20 30.45 -16.44
CA CYS Q 146 -49.94 30.79 -17.66
C CYS Q 146 -49.54 29.82 -18.76
N ALA Q 147 -50.52 29.10 -19.30
CA ALA Q 147 -50.25 28.15 -20.37
C ALA Q 147 -50.15 28.87 -21.71
N ALA Q 148 -49.41 28.24 -22.64
CA ALA Q 148 -49.19 28.83 -23.94
C ALA Q 148 -48.80 27.74 -24.92
N SER Q 149 -49.54 27.62 -26.01
CA SER Q 149 -49.27 26.61 -27.02
C SER Q 149 -50.00 26.95 -28.30
N GLY Q 150 -49.28 26.96 -29.43
CA GLY Q 150 -49.88 27.17 -30.72
C GLY Q 150 -49.56 28.49 -31.40
N PHE Q 151 -48.62 29.27 -30.86
CA PHE Q 151 -48.27 30.54 -31.48
C PHE Q 151 -46.76 30.78 -31.46
N ARG Q 152 -45.97 29.70 -31.46
CA ARG Q 152 -44.51 29.78 -31.43
C ARG Q 152 -44.02 30.56 -30.20
N PHE Q 153 -44.31 29.97 -29.04
CA PHE Q 153 -43.99 30.60 -27.77
C PHE Q 153 -42.50 30.88 -27.62
N ASP Q 154 -41.65 30.09 -28.28
CA ASP Q 154 -40.21 30.28 -28.17
C ASP Q 154 -39.72 31.57 -28.83
N ASP Q 155 -40.53 32.19 -29.68
CA ASP Q 155 -40.15 33.41 -30.36
C ASP Q 155 -40.83 34.65 -29.79
N HIS Q 156 -42.14 34.60 -29.55
CA HIS Q 156 -42.88 35.75 -29.06
C HIS Q 156 -42.64 35.95 -27.57
N ALA Q 157 -42.57 37.21 -27.15
CA ALA Q 157 -42.37 37.54 -25.76
C ALA Q 157 -43.71 37.54 -25.01
N MET Q 158 -43.65 37.77 -23.71
CA MET Q 158 -44.83 37.77 -22.86
C MET Q 158 -44.82 39.01 -21.97
N HIS Q 159 -46.00 39.34 -21.43
CA HIS Q 159 -46.17 40.48 -20.55
C HIS Q 159 -47.08 40.06 -19.39
N TRP Q 160 -47.29 41.00 -18.46
CA TRP Q 160 -48.20 40.78 -17.34
C TRP Q 160 -48.86 42.11 -17.02
N VAL Q 161 -50.16 42.21 -17.30
CA VAL Q 161 -50.94 43.42 -17.08
C VAL Q 161 -52.08 43.09 -16.13
N ARG Q 162 -52.09 43.71 -14.96
CA ARG Q 162 -53.15 43.52 -13.98
C ARG Q 162 -54.13 44.68 -14.04
N GLN Q 163 -55.36 44.41 -13.62
CA GLN Q 163 -56.43 45.41 -13.65
C GLN Q 163 -57.29 45.23 -12.41
N ALA Q 164 -57.27 46.22 -11.53
CA ALA Q 164 -58.10 46.17 -10.33
C ALA Q 164 -59.57 46.38 -10.71
N PRO Q 165 -60.50 45.81 -9.93
CA PRO Q 165 -61.93 46.02 -10.22
C PRO Q 165 -62.34 47.47 -10.08
N GLY Q 166 -62.71 48.09 -11.21
CA GLY Q 166 -63.07 49.49 -11.23
C GLY Q 166 -61.93 50.44 -11.51
N LYS Q 167 -60.74 49.93 -11.79
CA LYS Q 167 -59.56 50.74 -12.07
C LYS Q 167 -59.05 50.44 -13.48
N GLY Q 168 -57.91 51.04 -13.82
CA GLY Q 168 -57.32 50.86 -15.14
C GLY Q 168 -56.33 49.70 -15.17
N LEU Q 169 -55.59 49.64 -16.27
CA LEU Q 169 -54.59 48.60 -16.47
C LEU Q 169 -53.28 48.99 -15.81
N GLU Q 170 -52.56 47.99 -15.30
CA GLU Q 170 -51.29 48.21 -14.63
C GLU Q 170 -50.31 47.12 -15.03
N TRP Q 171 -49.14 47.53 -15.53
CA TRP Q 171 -48.12 46.59 -15.95
C TRP Q 171 -47.39 46.01 -14.74
N VAL Q 172 -47.07 44.72 -14.81
CA VAL Q 172 -46.43 43.99 -13.73
C VAL Q 172 -44.97 43.68 -14.05
N SER Q 173 -44.73 42.91 -15.11
CA SER Q 173 -43.37 42.52 -15.47
C SER Q 173 -43.35 42.17 -16.96
N VAL Q 174 -42.14 41.92 -17.46
CA VAL Q 174 -41.93 41.59 -18.86
C VAL Q 174 -40.78 40.61 -18.96
N ILE Q 175 -40.85 39.71 -19.95
CA ILE Q 175 -39.82 38.72 -20.21
C ILE Q 175 -39.55 38.69 -21.70
N SER Q 176 -38.26 38.67 -22.06
CA SER Q 176 -37.89 38.65 -23.47
C SER Q 176 -38.12 37.26 -24.06
N GLY Q 177 -38.11 37.20 -25.40
CA GLY Q 177 -38.32 35.95 -26.09
C GLY Q 177 -37.18 34.96 -25.91
N ASP Q 178 -35.97 35.44 -25.63
CA ASP Q 178 -34.83 34.57 -25.41
C ASP Q 178 -34.67 34.16 -23.95
N GLY Q 179 -35.48 34.69 -23.05
CA GLY Q 179 -35.36 34.36 -21.65
C GLY Q 179 -34.16 34.96 -20.95
N GLY Q 180 -33.71 36.13 -21.40
CA GLY Q 180 -32.56 36.78 -20.82
C GLY Q 180 -32.91 37.92 -19.88
N SER Q 181 -32.77 39.15 -20.36
CA SER Q 181 -33.04 40.32 -19.54
C SER Q 181 -34.53 40.46 -19.27
N THR Q 182 -34.88 40.78 -18.03
CA THR Q 182 -36.26 40.99 -17.63
C THR Q 182 -36.36 42.28 -16.81
N TYR Q 183 -37.57 42.83 -16.76
CA TYR Q 183 -37.81 44.08 -16.06
C TYR Q 183 -39.09 43.96 -15.23
N TYR Q 184 -39.17 44.78 -14.18
CA TYR Q 184 -40.31 44.80 -13.28
C TYR Q 184 -40.78 46.23 -13.09
N ALA Q 185 -41.97 46.38 -12.53
CA ALA Q 185 -42.51 47.70 -12.25
C ALA Q 185 -41.83 48.33 -11.03
N ASP Q 186 -42.06 49.63 -10.86
CA ASP Q 186 -41.45 50.35 -9.76
C ASP Q 186 -42.04 49.97 -8.40
N SER Q 187 -43.28 49.48 -8.36
CA SER Q 187 -43.94 49.13 -7.12
C SER Q 187 -43.80 47.66 -6.76
N VAL Q 188 -43.34 46.81 -7.68
CA VAL Q 188 -43.20 45.38 -7.44
C VAL Q 188 -41.77 44.90 -7.67
N LYS Q 189 -40.81 45.82 -7.77
CA LYS Q 189 -39.43 45.44 -8.01
C LYS Q 189 -38.82 44.82 -6.76
N GLY Q 190 -38.21 43.65 -6.93
CA GLY Q 190 -37.56 42.96 -5.83
C GLY Q 190 -38.39 41.91 -5.14
N ARG Q 191 -39.68 41.81 -5.45
CA ARG Q 191 -40.56 40.83 -4.82
C ARG Q 191 -41.04 39.74 -5.77
N PHE Q 192 -41.20 40.04 -7.06
CA PHE Q 192 -41.68 39.06 -8.01
C PHE Q 192 -40.52 38.38 -8.74
N SER Q 193 -40.79 37.19 -9.26
CA SER Q 193 -39.81 36.42 -10.01
C SER Q 193 -40.52 35.80 -11.21
N ILE Q 194 -40.21 36.29 -12.41
CA ILE Q 194 -40.85 35.84 -13.64
C ILE Q 194 -39.88 34.94 -14.40
N SER Q 195 -40.40 33.87 -14.99
CA SER Q 195 -39.59 32.94 -15.77
C SER Q 195 -40.49 32.19 -16.72
N ARG Q 196 -39.87 31.50 -17.68
CA ARG Q 196 -40.59 30.72 -18.67
C ARG Q 196 -39.90 29.38 -18.86
N ASP Q 197 -40.60 28.45 -19.49
CA ASP Q 197 -40.09 27.11 -19.76
C ASP Q 197 -40.29 26.83 -21.26
N ASP Q 198 -39.21 26.91 -22.03
CA ASP Q 198 -39.29 26.67 -23.46
C ASP Q 198 -39.58 25.21 -23.79
N SER Q 199 -39.30 24.28 -22.87
CA SER Q 199 -39.55 22.87 -23.12
C SER Q 199 -41.00 22.51 -22.83
N LYS Q 200 -41.57 23.03 -21.75
CA LYS Q 200 -42.96 22.75 -21.38
C LYS Q 200 -43.95 23.73 -21.96
N ASN Q 201 -43.47 24.85 -22.53
CA ASN Q 201 -44.33 25.88 -23.12
C ASN Q 201 -45.34 26.41 -22.10
N SER Q 202 -44.80 27.01 -21.04
CA SER Q 202 -45.62 27.57 -19.97
C SER Q 202 -44.93 28.80 -19.40
N LEU Q 203 -45.74 29.73 -18.90
CA LEU Q 203 -45.25 30.97 -18.31
C LEU Q 203 -45.57 30.98 -16.82
N TYR Q 204 -44.57 31.26 -16.00
CA TYR Q 204 -44.73 31.28 -14.56
C TYR Q 204 -44.49 32.69 -14.02
N LEU Q 205 -45.04 32.95 -12.83
CA LEU Q 205 -44.88 34.24 -12.17
C LEU Q 205 -44.91 33.99 -10.66
N GLN Q 206 -43.73 33.93 -10.05
CA GLN Q 206 -43.61 33.69 -8.61
C GLN Q 206 -43.82 35.01 -7.87
N MET Q 207 -44.93 35.11 -7.15
CA MET Q 207 -45.26 36.29 -6.36
C MET Q 207 -45.05 36.00 -4.89
N ASN Q 208 -44.44 36.96 -4.18
CA ASN Q 208 -44.17 36.81 -2.76
C ASN Q 208 -44.51 38.11 -2.04
N SER Q 209 -45.03 37.97 -0.82
CA SER Q 209 -45.39 39.09 0.05
C SER Q 209 -46.37 40.04 -0.66
N LEU Q 210 -47.49 39.48 -1.07
CA LEU Q 210 -48.54 40.27 -1.71
C LEU Q 210 -49.25 41.13 -0.68
N ARG Q 211 -49.43 42.41 -1.01
CA ARG Q 211 -50.09 43.34 -0.12
C ARG Q 211 -51.61 43.31 -0.35
N THR Q 212 -52.33 44.11 0.43
CA THR Q 212 -53.78 44.19 0.32
C THR Q 212 -54.25 45.08 -0.83
N GLU Q 213 -53.34 45.72 -1.54
CA GLU Q 213 -53.68 46.59 -2.66
C GLU Q 213 -53.39 45.94 -4.01
N ASP Q 214 -53.16 44.62 -4.03
CA ASP Q 214 -52.87 43.89 -5.26
C ASP Q 214 -54.06 43.07 -5.73
N THR Q 215 -55.28 43.60 -5.54
CA THR Q 215 -56.49 42.92 -5.97
C THR Q 215 -56.71 43.18 -7.45
N ALA Q 216 -56.44 42.18 -8.29
CA ALA Q 216 -56.58 42.31 -9.73
C ALA Q 216 -56.71 40.91 -10.32
N LEU Q 217 -56.64 40.84 -11.66
CA LEU Q 217 -56.79 39.56 -12.36
C LEU Q 217 -55.47 39.04 -12.92
N TYR Q 218 -54.48 39.91 -13.14
CA TYR Q 218 -53.18 39.51 -13.68
C TYR Q 218 -53.32 38.81 -15.03
N TYR Q 219 -53.80 39.57 -16.01
CA TYR Q 219 -53.99 39.04 -17.35
C TYR Q 219 -52.66 38.63 -17.96
N CYS Q 220 -52.64 37.47 -18.61
CA CYS Q 220 -51.46 36.95 -19.27
C CYS Q 220 -51.44 37.47 -20.70
N ALA Q 221 -50.61 38.48 -20.96
CA ALA Q 221 -50.55 39.15 -22.26
C ALA Q 221 -49.46 38.54 -23.12
N LYS Q 222 -49.72 38.44 -24.41
CA LYS Q 222 -48.79 37.88 -25.39
C LYS Q 222 -48.25 39.00 -26.27
N ASP Q 223 -46.93 39.08 -26.38
CA ASP Q 223 -46.27 40.09 -27.20
C ASP Q 223 -46.08 39.59 -28.62
N ARG Q 224 -46.00 40.52 -29.56
CA ARG Q 224 -45.79 40.21 -30.96
C ARG Q 224 -44.34 40.38 -31.39
N SER Q 225 -43.50 41.02 -30.57
CA SER Q 225 -42.11 41.23 -30.90
C SER Q 225 -41.27 40.09 -30.32
N TYR Q 226 -39.95 40.22 -30.39
CA TYR Q 226 -39.03 39.21 -29.87
C TYR Q 226 -38.27 39.70 -28.64
N GLY Q 227 -37.59 40.84 -28.74
CA GLY Q 227 -36.82 41.35 -27.63
C GLY Q 227 -37.64 42.27 -26.74
N PRO Q 228 -37.04 42.75 -25.66
CA PRO Q 228 -37.73 43.67 -24.76
C PRO Q 228 -38.02 44.99 -25.45
N PRO Q 229 -38.99 45.77 -24.96
CA PRO Q 229 -39.32 47.04 -25.61
C PRO Q 229 -38.21 48.08 -25.56
N ASP Q 230 -37.16 47.86 -24.78
CA ASP Q 230 -36.08 48.83 -24.69
C ASP Q 230 -35.23 48.88 -25.96
N VAL Q 231 -35.08 47.75 -26.65
CA VAL Q 231 -34.32 47.68 -27.88
C VAL Q 231 -35.22 47.75 -29.11
N PHE Q 232 -36.33 47.01 -29.09
CA PHE Q 232 -37.29 47.03 -30.19
C PHE Q 232 -38.45 47.95 -29.81
N ASN Q 233 -38.23 49.25 -30.02
CA ASN Q 233 -39.20 50.27 -29.65
C ASN Q 233 -40.11 50.65 -30.81
N TYR Q 234 -40.26 49.77 -31.81
CA TYR Q 234 -41.15 50.03 -32.93
C TYR Q 234 -41.97 48.82 -33.35
N GLU Q 235 -41.90 47.71 -32.61
CA GLU Q 235 -42.65 46.50 -32.95
C GLU Q 235 -43.41 45.91 -31.79
N TYR Q 236 -43.14 46.31 -30.54
CA TYR Q 236 -43.81 45.72 -29.40
C TYR Q 236 -45.31 46.00 -29.44
N GLY Q 237 -46.07 45.03 -28.93
CA GLY Q 237 -47.52 45.16 -28.90
C GLY Q 237 -48.20 43.91 -28.37
N MET Q 238 -49.22 44.09 -27.53
CA MET Q 238 -49.93 42.98 -26.92
C MET Q 238 -51.14 42.65 -27.79
N ASP Q 239 -50.98 41.65 -28.66
CA ASP Q 239 -52.05 41.30 -29.59
C ASP Q 239 -53.08 40.39 -28.92
N VAL Q 240 -52.65 39.21 -28.46
CA VAL Q 240 -53.54 38.21 -27.88
C VAL Q 240 -53.48 38.33 -26.36
N TRP Q 241 -54.65 38.36 -25.73
CA TRP Q 241 -54.78 38.44 -24.28
C TRP Q 241 -55.40 37.16 -23.75
N GLY Q 242 -55.65 37.13 -22.44
CA GLY Q 242 -56.23 35.97 -21.80
C GLY Q 242 -57.18 36.38 -20.69
N GLN Q 243 -57.85 35.37 -20.13
CA GLN Q 243 -58.81 35.56 -19.05
C GLN Q 243 -58.08 35.42 -17.72
N GLY Q 244 -57.84 36.55 -17.06
CA GLY Q 244 -57.13 36.52 -15.79
C GLY Q 244 -57.96 35.90 -14.67
N THR Q 245 -57.27 35.61 -13.57
CA THR Q 245 -57.88 35.01 -12.39
C THR Q 245 -57.99 36.07 -11.30
N THR Q 246 -59.23 36.36 -10.89
CA THR Q 246 -59.47 37.38 -9.87
C THR Q 246 -59.01 36.86 -8.51
N VAL Q 247 -58.07 37.59 -7.89
CA VAL Q 247 -57.59 37.21 -6.57
C VAL Q 247 -58.54 37.75 -5.50
N THR Q 248 -58.46 37.14 -4.32
CA THR Q 248 -59.32 37.49 -3.18
C THR Q 248 -58.46 37.81 -1.96
N VAL Q 249 -57.45 38.64 -2.15
CA VAL Q 249 -56.56 39.02 -1.06
C VAL Q 249 -57.30 39.94 -0.10
N SER Q 250 -57.39 39.54 1.16
CA SER Q 250 -58.08 40.32 2.18
C SER Q 250 -57.50 39.95 3.54
N SER Q 251 -58.07 40.53 4.58
CA SER Q 251 -57.63 40.27 5.95
C SER Q 251 -58.06 38.89 6.41
N GLU R 1 33.39 35.08 27.31
CA GLU R 1 33.54 34.98 28.76
C GLU R 1 32.42 34.12 29.36
N ILE R 2 31.35 33.94 28.59
CA ILE R 2 30.21 33.15 29.04
C ILE R 2 30.50 31.68 28.73
N VAL R 3 30.74 30.89 29.75
CA VAL R 3 31.05 29.47 29.60
C VAL R 3 29.75 28.67 29.71
N LEU R 4 29.47 27.86 28.69
CA LEU R 4 28.28 27.02 28.65
C LEU R 4 28.71 25.57 28.83
N THR R 5 28.23 24.94 29.89
CA THR R 5 28.57 23.55 30.21
C THR R 5 27.30 22.72 30.30
N GLN R 6 27.39 21.48 29.84
CA GLN R 6 26.28 20.54 29.88
C GLN R 6 26.38 19.66 31.12
N SER R 7 25.24 19.41 31.76
CA SER R 7 25.21 18.58 32.96
C SER R 7 25.31 17.09 32.63
N PRO R 8 24.54 16.56 31.67
CA PRO R 8 24.71 15.14 31.32
C PRO R 8 26.02 14.89 30.61
N ALA R 9 26.61 13.73 30.89
CA ALA R 9 27.87 13.33 30.29
C ALA R 9 27.72 12.12 29.38
N THR R 10 27.16 11.02 29.88
CA THR R 10 26.97 9.81 29.10
C THR R 10 25.55 9.30 29.37
N LEU R 11 24.64 9.58 28.45
CA LEU R 11 23.24 9.16 28.57
C LEU R 11 23.07 7.86 27.80
N SER R 12 23.04 6.75 28.52
CA SER R 12 22.86 5.42 27.95
C SER R 12 21.44 4.91 28.10
N LEU R 13 20.45 5.80 28.04
CA LEU R 13 19.07 5.41 28.22
C LEU R 13 18.58 4.61 27.02
N SER R 14 17.77 3.59 27.30
CA SER R 14 17.22 2.77 26.22
C SER R 14 16.16 3.56 25.45
N PRO R 15 15.96 3.23 24.17
CA PRO R 15 14.92 3.93 23.39
C PRO R 15 13.53 3.68 23.95
N GLY R 16 12.67 4.67 23.76
CA GLY R 16 11.32 4.58 24.31
C GLY R 16 11.15 5.23 25.66
N GLU R 17 11.99 6.21 25.99
CA GLU R 17 11.94 6.89 27.28
C GLU R 17 12.13 8.39 27.03
N ARG R 18 12.37 9.13 28.10
CA ARG R 18 12.58 10.57 28.03
C ARG R 18 14.07 10.88 27.99
N ALA R 19 14.39 12.16 27.81
CA ALA R 19 15.77 12.61 27.75
C ALA R 19 15.82 14.10 28.08
N THR R 20 16.80 14.49 28.88
CA THR R 20 16.95 15.88 29.29
C THR R 20 18.40 16.31 29.11
N LEU R 21 18.59 17.57 28.73
CA LEU R 21 19.92 18.15 28.53
C LEU R 21 19.93 19.54 29.14
N SER R 22 20.65 19.69 30.25
CA SER R 22 20.73 20.97 30.96
C SER R 22 21.95 21.76 30.50
N CYS R 23 21.77 23.07 30.37
CA CYS R 23 22.85 23.97 29.95
C CYS R 23 22.72 25.26 30.74
N ARG R 24 23.70 25.53 31.59
CA ARG R 24 23.73 26.74 32.41
C ARG R 24 24.67 27.78 31.81
N ALA R 25 24.68 28.96 32.42
CA ALA R 25 25.53 30.05 31.98
C ALA R 25 25.75 31.00 33.14
N SER R 26 26.97 31.56 33.21
CA SER R 26 27.29 32.49 34.29
C SER R 26 26.55 33.81 34.11
N GLN R 27 26.75 34.48 32.98
CA GLN R 27 26.09 35.74 32.72
C GLN R 27 24.64 35.50 32.32
N SER R 28 23.76 36.41 32.73
CA SER R 28 22.33 36.30 32.43
C SER R 28 22.11 36.55 30.95
N VAL R 29 21.96 35.48 30.18
CA VAL R 29 21.76 35.56 28.74
C VAL R 29 20.27 35.47 28.44
N SER R 30 19.86 36.17 27.38
CA SER R 30 18.46 36.14 26.95
C SER R 30 18.20 34.87 26.15
N SER R 31 17.04 34.81 25.49
CA SER R 31 16.68 33.62 24.72
C SER R 31 17.49 33.53 23.43
N TYR R 32 18.78 33.20 23.56
CA TYR R 32 19.68 33.05 22.43
C TYR R 32 20.38 31.70 22.48
N LEU R 33 19.62 30.66 22.76
CA LEU R 33 20.14 29.30 22.87
C LEU R 33 19.82 28.53 21.60
N ALA R 34 20.84 27.90 21.01
CA ALA R 34 20.71 27.12 19.79
C ALA R 34 21.22 25.71 20.03
N TRP R 35 20.39 24.72 19.71
CA TRP R 35 20.75 23.32 19.87
C TRP R 35 21.22 22.75 18.54
N TYR R 36 22.20 21.86 18.60
CA TYR R 36 22.78 21.24 17.42
C TYR R 36 22.88 19.73 17.62
N GLN R 37 22.87 19.01 16.50
CA GLN R 37 23.06 17.57 16.49
C GLN R 37 24.06 17.22 15.40
N GLN R 38 25.13 16.51 15.77
CA GLN R 38 26.21 16.16 14.86
C GLN R 38 26.40 14.65 14.87
N LYS R 39 26.10 14.00 13.75
CA LYS R 39 26.38 12.58 13.62
C LYS R 39 27.89 12.37 13.52
N PRO R 40 28.38 11.22 13.99
CA PRO R 40 29.83 10.95 13.91
C PRO R 40 30.31 10.84 12.47
N GLY R 41 31.12 11.80 12.04
CA GLY R 41 31.62 11.81 10.68
C GLY R 41 30.94 12.86 9.81
N GLN R 42 29.66 13.08 10.06
CA GLN R 42 28.88 14.04 9.28
C GLN R 42 29.01 15.44 9.88
N ALA R 43 28.27 16.40 9.29
CA ALA R 43 28.26 17.80 9.70
C ALA R 43 27.17 18.05 10.74
N PRO R 44 27.40 18.99 11.65
CA PRO R 44 26.37 19.31 12.65
C PRO R 44 25.13 19.91 12.00
N ARG R 45 23.98 19.67 12.63
CA ARG R 45 22.70 20.18 12.16
C ARG R 45 21.97 20.82 13.32
N LEU R 46 21.47 22.03 13.12
CA LEU R 46 20.75 22.74 14.18
C LEU R 46 19.34 22.19 14.32
N LEU R 47 18.94 21.94 15.56
CA LEU R 47 17.61 21.40 15.86
C LEU R 47 16.64 22.49 16.32
N ILE R 48 17.00 23.22 17.38
CA ILE R 48 16.16 24.26 17.93
C ILE R 48 16.96 25.55 17.98
N TYR R 49 16.38 26.64 17.47
CA TYR R 49 17.00 27.96 17.51
C TYR R 49 16.19 28.86 18.44
N ASP R 50 16.91 29.71 19.18
CA ASP R 50 16.35 30.64 20.17
C ASP R 50 15.60 29.94 21.29
N ALA R 51 15.69 28.62 21.39
CA ALA R 51 15.06 27.82 22.43
C ALA R 51 13.55 28.01 22.49
N SER R 52 12.93 28.47 21.39
CA SER R 52 11.50 28.70 21.37
C SER R 52 10.85 28.09 20.13
N ASN R 53 11.62 27.96 19.06
CA ASN R 53 11.11 27.45 17.79
C ASN R 53 12.06 26.38 17.25
N ARG R 54 11.47 25.35 16.64
CA ARG R 54 12.24 24.26 16.05
C ARG R 54 12.57 24.56 14.58
N ALA R 55 13.53 23.81 14.06
CA ALA R 55 13.96 23.97 12.68
C ALA R 55 12.96 23.28 11.74
N THR R 56 13.30 23.22 10.45
CA THR R 56 12.46 22.59 9.45
C THR R 56 13.21 21.41 8.85
N GLY R 57 12.71 20.20 9.08
CA GLY R 57 13.33 19.01 8.57
C GLY R 57 13.49 17.92 9.61
N ILE R 58 13.67 18.31 10.87
CA ILE R 58 13.82 17.38 11.96
C ILE R 58 12.44 17.01 12.49
N PRO R 59 12.27 15.87 13.16
CA PRO R 59 10.95 15.52 13.71
C PRO R 59 10.53 16.49 14.79
N ALA R 60 9.25 16.40 15.15
CA ALA R 60 8.66 17.29 16.16
C ALA R 60 8.96 16.85 17.59
N ARG R 61 9.75 15.80 17.79
CA ARG R 61 10.08 15.31 19.12
C ARG R 61 11.32 15.99 19.68
N PHE R 62 11.33 17.32 19.65
CA PHE R 62 12.45 18.10 20.18
C PHE R 62 11.96 19.36 20.90
N SER R 63 10.80 19.29 21.54
CA SER R 63 10.22 20.43 22.22
C SER R 63 11.06 20.77 23.46
N GLY R 64 11.71 21.92 23.45
CA GLY R 64 12.53 22.37 24.55
C GLY R 64 11.97 23.63 25.19
N SER R 65 12.58 24.02 26.30
CA SER R 65 12.16 25.20 27.04
C SER R 65 13.36 25.75 27.79
N GLY R 66 13.11 26.69 28.70
CA GLY R 66 14.17 27.29 29.48
C GLY R 66 14.56 28.68 28.99
N SER R 67 14.82 29.58 29.93
CA SER R 67 15.21 30.95 29.59
C SER R 67 15.95 31.56 30.76
N GLY R 68 16.90 32.42 30.45
CA GLY R 68 17.69 33.09 31.47
C GLY R 68 19.04 32.46 31.72
N THR R 69 19.19 31.77 32.85
CA THR R 69 20.45 31.14 33.21
C THR R 69 20.40 29.62 33.11
N ASP R 70 19.26 29.04 32.72
CA ASP R 70 19.12 27.60 32.61
C ASP R 70 18.28 27.26 31.38
N PHE R 71 18.71 26.24 30.64
CA PHE R 71 18.00 25.76 29.48
C PHE R 71 17.88 24.24 29.55
N THR R 72 16.83 23.71 28.93
CA THR R 72 16.58 22.28 28.95
C THR R 72 15.90 21.86 27.65
N LEU R 73 16.11 20.59 27.30
CA LEU R 73 15.49 19.99 26.12
C LEU R 73 14.76 18.73 26.55
N THR R 74 13.45 18.70 26.30
CA THR R 74 12.59 17.60 26.74
C THR R 74 12.24 16.74 25.52
N ILE R 75 13.01 15.67 25.32
CA ILE R 75 12.74 14.71 24.26
C ILE R 75 11.98 13.56 24.90
N SER R 76 10.65 13.67 24.90
CA SER R 76 9.77 12.70 25.54
C SER R 76 9.34 11.59 24.58
N SER R 77 10.10 11.34 23.53
CA SER R 77 9.78 10.30 22.55
C SER R 77 10.97 9.33 22.43
N LEU R 78 10.78 8.30 21.61
CA LEU R 78 11.82 7.31 21.40
C LEU R 78 12.97 7.91 20.57
N GLU R 79 14.09 7.19 20.57
CA GLU R 79 15.30 7.60 19.85
C GLU R 79 15.64 6.54 18.81
N PRO R 80 15.03 6.63 17.62
CA PRO R 80 15.33 5.63 16.58
C PRO R 80 16.76 5.69 16.09
N GLU R 81 17.22 6.88 15.68
CA GLU R 81 18.57 7.07 15.19
C GLU R 81 19.18 8.33 15.77
N ASP R 82 18.99 8.54 17.07
CA ASP R 82 19.52 9.71 17.77
C ASP R 82 20.94 9.50 18.30
N PHE R 83 21.69 8.57 17.70
CA PHE R 83 23.06 8.30 18.12
C PHE R 83 23.95 9.42 17.60
N ALA R 84 24.08 10.47 18.40
CA ALA R 84 24.88 11.64 18.03
C ALA R 84 25.18 12.44 19.29
N VAL R 85 26.00 13.48 19.14
CA VAL R 85 26.37 14.36 20.23
C VAL R 85 25.62 15.68 20.07
N TYR R 86 25.00 16.14 21.15
CA TYR R 86 24.21 17.37 21.14
C TYR R 86 25.00 18.46 21.83
N TYR R 87 25.43 19.47 21.07
CA TYR R 87 26.17 20.59 21.59
C TYR R 87 25.24 21.76 21.84
N CYS R 88 25.81 22.87 22.31
CA CYS R 88 25.06 24.09 22.57
C CYS R 88 25.88 25.29 22.11
N GLN R 89 25.18 26.38 21.78
CA GLN R 89 25.82 27.60 21.33
C GLN R 89 24.93 28.78 21.66
N GLN R 90 25.53 29.82 22.25
CA GLN R 90 24.81 31.04 22.56
C GLN R 90 24.83 31.99 21.35
N ARG R 91 23.73 32.73 21.18
CA ARG R 91 23.59 33.64 20.06
C ARG R 91 23.58 35.11 20.50
N SER R 92 23.91 35.39 21.76
CA SER R 92 23.94 36.77 22.23
C SER R 92 25.17 37.50 21.73
N ASN R 93 26.36 37.01 22.08
CA ASN R 93 27.61 37.62 21.65
C ASN R 93 27.85 37.29 20.19
N TRP R 94 27.76 38.31 19.32
CA TRP R 94 27.96 38.07 17.89
C TRP R 94 29.41 37.73 17.56
N PRO R 95 30.42 38.50 17.98
CA PRO R 95 31.81 38.12 17.66
C PRO R 95 32.46 37.17 18.64
N GLN R 96 31.72 36.58 19.57
CA GLN R 96 32.27 35.70 20.60
C GLN R 96 31.44 34.44 20.73
N TYR R 97 31.14 33.80 19.60
CA TYR R 97 30.42 32.54 19.62
C TYR R 97 31.26 31.46 20.29
N THR R 98 30.78 30.98 21.44
CA THR R 98 31.47 29.95 22.21
C THR R 98 30.58 28.72 22.34
N PHE R 99 31.19 27.54 22.21
CA PHE R 99 30.50 26.27 22.30
C PHE R 99 30.76 25.63 23.66
N GLY R 100 30.28 24.40 23.85
CA GLY R 100 30.48 23.69 25.08
C GLY R 100 30.64 22.20 24.82
N GLN R 101 31.09 21.50 25.86
CA GLN R 101 31.30 20.05 25.79
C GLN R 101 29.94 19.35 25.77
N GLY R 102 29.51 18.94 24.59
CA GLY R 102 28.21 18.30 24.45
C GLY R 102 28.17 16.92 25.06
N THR R 103 26.96 16.41 25.22
CA THR R 103 26.73 15.09 25.80
C THR R 103 26.64 14.05 24.70
N LYS R 104 27.32 12.93 24.89
CA LYS R 104 27.32 11.84 23.91
C LYS R 104 26.21 10.85 24.27
N LEU R 105 25.14 10.86 23.49
CA LEU R 105 24.01 9.98 23.71
C LEU R 105 24.10 8.75 22.80
N GLU R 106 23.74 7.59 23.34
CA GLU R 106 23.76 6.33 22.62
C GLU R 106 22.43 5.62 22.82
N ILE R 107 22.26 4.50 22.11
CA ILE R 107 21.03 3.73 22.19
C ILE R 107 21.02 2.81 23.40
N LYS R 108 22.10 2.07 23.61
CA LYS R 108 22.20 1.15 24.73
C LYS R 108 23.67 1.06 25.15
N GLY R 109 23.97 0.12 26.04
CA GLY R 109 25.32 -0.05 26.54
C GLY R 109 25.40 -0.92 27.78
N SER R 123 16.70 21.09 -1.20
CA SER R 123 17.95 21.48 -0.55
C SER R 123 18.99 21.89 -1.58
N GLU R 124 18.69 22.95 -2.34
CA GLU R 124 19.62 23.42 -3.36
C GLU R 124 20.82 24.15 -2.76
N VAL R 125 20.72 24.58 -1.51
CA VAL R 125 21.84 25.26 -0.85
C VAL R 125 22.88 24.23 -0.46
N GLN R 126 24.08 24.37 -0.99
CA GLN R 126 25.16 23.43 -0.71
C GLN R 126 26.50 24.13 -0.94
N LEU R 127 27.43 23.93 -0.02
CA LEU R 127 28.76 24.53 -0.11
C LEU R 127 29.79 23.52 0.38
N VAL R 128 30.88 23.38 -0.37
CA VAL R 128 31.93 22.42 -0.05
C VAL R 128 33.23 23.17 0.22
N GLU R 129 34.25 22.42 0.62
CA GLU R 129 35.57 22.98 0.91
C GLU R 129 36.63 22.15 0.20
N SER R 130 37.87 22.63 0.27
CA SER R 130 38.99 21.94 -0.35
C SER R 130 40.28 22.38 0.35
N GLY R 131 41.32 21.57 0.16
CA GLY R 131 42.62 21.87 0.75
C GLY R 131 42.86 21.16 2.07
N GLY R 132 43.96 20.43 2.15
CA GLY R 132 44.28 19.72 3.37
C GLY R 132 45.56 18.92 3.21
N GLY R 133 45.86 18.12 4.23
CA GLY R 133 47.04 17.29 4.23
C GLY R 133 48.05 17.67 5.29
N LEU R 134 49.33 17.37 5.04
CA LEU R 134 50.37 17.72 5.98
C LEU R 134 50.55 19.23 6.07
N VAL R 135 50.99 19.70 7.23
CA VAL R 135 51.16 21.13 7.46
C VAL R 135 52.55 21.49 7.99
N LYS R 136 53.32 20.55 8.53
CA LYS R 136 54.64 20.90 9.07
C LYS R 136 55.59 21.40 7.99
N PRO R 137 55.74 20.74 6.83
CA PRO R 137 56.55 21.34 5.76
C PRO R 137 55.75 22.41 5.04
N GLY R 138 56.32 23.61 4.96
CA GLY R 138 55.61 24.71 4.31
C GLY R 138 54.44 25.21 5.12
N ARG R 139 54.70 25.89 6.23
CA ARG R 139 53.65 26.35 7.12
C ARG R 139 52.88 27.52 6.53
N SER R 140 52.17 27.27 5.43
CA SER R 140 51.35 28.30 4.79
C SER R 140 50.27 27.59 3.99
N LEU R 141 49.05 27.55 4.53
CA LEU R 141 47.92 26.91 3.88
C LEU R 141 46.95 27.97 3.36
N ARG R 142 46.05 27.53 2.47
CA ARG R 142 45.03 28.41 1.91
C ARG R 142 43.86 27.52 1.50
N LEU R 143 42.82 27.49 2.33
CA LEU R 143 41.65 26.68 2.07
C LEU R 143 40.64 27.45 1.22
N SER R 144 39.54 26.78 0.87
CA SER R 144 38.51 27.38 0.04
C SER R 144 37.14 26.99 0.57
N CYS R 145 36.14 27.82 0.23
CA CYS R 145 34.76 27.57 0.62
C CYS R 145 33.87 28.09 -0.52
N THR R 146 33.52 27.19 -1.43
CA THR R 146 32.74 27.54 -2.62
C THR R 146 31.29 27.11 -2.44
N ALA R 147 30.37 28.04 -2.65
CA ALA R 147 28.95 27.78 -2.53
C ALA R 147 28.27 27.90 -3.89
N SER R 148 27.22 27.10 -4.08
CA SER R 148 26.45 27.12 -5.32
C SER R 148 24.96 27.29 -5.07
N GLY R 149 24.54 27.57 -3.84
CA GLY R 149 23.15 27.72 -3.50
C GLY R 149 22.73 29.17 -3.35
N PHE R 150 22.67 29.64 -2.11
CA PHE R 150 22.28 31.01 -1.82
C PHE R 150 23.19 32.00 -2.55
N THR R 151 22.64 33.18 -2.82
CA THR R 151 23.39 34.24 -3.51
C THR R 151 24.52 34.73 -2.60
N PHE R 152 25.75 34.45 -2.99
CA PHE R 152 26.90 34.86 -2.19
C PHE R 152 27.12 36.36 -2.31
N GLY R 153 27.25 37.03 -1.17
CA GLY R 153 27.45 38.47 -1.15
C GLY R 153 26.57 39.19 -0.16
N ASP R 154 25.37 38.67 0.06
CA ASP R 154 24.41 39.24 1.00
C ASP R 154 24.47 38.57 2.37
N TYR R 155 25.37 37.61 2.57
CA TYR R 155 25.50 36.92 3.84
C TYR R 155 26.98 36.88 4.25
N ALA R 156 27.21 36.94 5.56
CA ALA R 156 28.55 36.87 6.11
C ALA R 156 28.97 35.43 6.31
N MET R 157 30.27 35.18 6.18
CA MET R 157 30.83 33.83 6.28
C MET R 157 31.53 33.69 7.62
N SER R 158 31.07 32.73 8.43
CA SER R 158 31.66 32.43 9.72
C SER R 158 32.36 31.09 9.66
N TRP R 159 33.48 30.98 10.38
CA TRP R 159 34.30 29.78 10.38
C TRP R 159 34.30 29.16 11.78
N PHE R 160 34.23 27.83 11.83
CA PHE R 160 34.25 27.08 13.08
C PHE R 160 35.13 25.85 12.90
N ARG R 161 36.02 25.62 13.86
CA ARG R 161 36.90 24.45 13.83
C ARG R 161 36.43 23.43 14.88
N GLN R 162 36.74 22.16 14.61
CA GLN R 162 36.31 21.05 15.45
C GLN R 162 37.53 20.20 15.79
N ALA R 163 38.06 20.36 17.01
CA ALA R 163 39.18 19.56 17.44
C ALA R 163 38.74 18.13 17.73
N PRO R 164 39.60 17.14 17.48
CA PRO R 164 39.22 15.75 17.74
C PRO R 164 38.95 15.50 19.22
N GLY R 165 37.70 15.14 19.53
CA GLY R 165 37.33 14.84 20.89
C GLY R 165 37.33 16.04 21.82
N LYS R 166 37.12 17.23 21.29
CA LYS R 166 37.08 18.43 22.12
C LYS R 166 35.82 19.25 21.85
N GLY R 167 35.32 19.20 20.63
CA GLY R 167 34.12 19.91 20.24
C GLY R 167 34.43 21.05 19.28
N LEU R 168 33.42 21.86 19.04
CA LEU R 168 33.54 22.99 18.13
C LEU R 168 34.26 24.16 18.81
N GLU R 169 34.86 25.02 18.00
CA GLU R 169 35.60 26.15 18.50
C GLU R 169 35.52 27.30 17.49
N TRP R 170 35.58 28.52 18.01
CA TRP R 170 35.47 29.71 17.17
C TRP R 170 36.77 29.99 16.43
N VAL R 171 36.64 30.48 15.19
CA VAL R 171 37.79 30.82 14.37
C VAL R 171 37.73 32.30 14.01
N GLY R 172 36.68 32.70 13.31
CA GLY R 172 36.53 34.07 12.89
C GLY R 172 35.42 34.20 11.87
N PHE R 173 35.21 35.44 11.42
CA PHE R 173 34.18 35.73 10.45
C PHE R 173 34.50 37.04 9.75
N ILE R 174 33.94 37.19 8.55
CA ILE R 174 34.07 38.42 7.77
C ILE R 174 32.67 38.98 7.54
N ARG R 175 32.48 40.24 7.92
CA ARG R 175 31.18 40.88 7.77
C ARG R 175 30.80 41.03 6.30
N SER R 176 29.51 41.16 6.05
CA SER R 176 29.01 41.31 4.69
C SER R 176 29.44 42.65 4.10
N LYS R 177 29.31 42.77 2.78
CA LYS R 177 29.69 44.00 2.10
C LYS R 177 28.82 45.17 2.53
N ALA R 178 27.59 44.91 2.94
CA ALA R 178 26.69 45.99 3.34
C ALA R 178 27.13 46.60 4.67
N TYR R 179 27.33 45.77 5.69
CA TYR R 179 27.68 46.24 7.02
C TYR R 179 29.19 46.31 7.23
N GLY R 180 29.89 46.98 6.33
CA GLY R 180 31.32 47.19 6.48
C GLY R 180 32.17 45.97 6.18
N GLY R 181 33.37 46.19 5.66
CA GLY R 181 34.26 45.10 5.33
C GLY R 181 35.33 44.85 6.39
N THR R 182 34.98 45.09 7.65
CA THR R 182 35.91 44.89 8.75
C THR R 182 36.01 43.40 9.10
N THR R 183 36.83 43.11 10.11
CA THR R 183 37.04 41.74 10.55
C THR R 183 37.20 41.72 12.07
N GLU R 184 37.04 40.53 12.64
CA GLU R 184 37.18 40.36 14.09
C GLU R 184 37.51 38.90 14.35
N TYR R 185 38.68 38.65 14.93
CA TYR R 185 39.12 37.30 15.23
C TYR R 185 39.05 37.04 16.74
N ALA R 186 39.49 35.85 17.14
CA ALA R 186 39.47 35.46 18.54
C ALA R 186 40.78 35.87 19.20
N ALA R 187 41.01 35.41 20.43
CA ALA R 187 42.22 35.74 21.16
C ALA R 187 43.38 34.83 20.84
N SER R 188 43.11 33.56 20.53
CA SER R 188 44.16 32.60 20.21
C SER R 188 44.52 32.57 18.74
N VAL R 189 43.77 33.28 17.89
CA VAL R 189 44.04 33.33 16.45
C VAL R 189 44.29 34.76 15.97
N LYS R 190 44.46 35.71 16.89
CA LYS R 190 44.71 37.08 16.50
C LYS R 190 46.14 37.24 16.00
N GLY R 191 46.28 37.83 14.81
CA GLY R 191 47.59 38.02 14.21
C GLY R 191 48.16 36.81 13.51
N ARG R 192 47.43 35.71 13.46
CA ARG R 192 47.90 34.48 12.82
C ARG R 192 47.06 34.10 11.61
N PHE R 193 45.74 34.10 11.73
CA PHE R 193 44.85 33.72 10.65
C PHE R 193 44.16 34.95 10.08
N THR R 194 44.25 35.12 8.76
CA THR R 194 43.61 36.21 8.06
C THR R 194 42.62 35.64 7.05
N ILE R 195 41.37 36.11 7.13
CA ILE R 195 40.29 35.61 6.29
C ILE R 195 39.93 36.69 5.28
N SER R 196 39.77 36.29 4.02
CA SER R 196 39.40 37.19 2.94
C SER R 196 38.32 36.53 2.09
N ARG R 197 37.54 37.37 1.41
CA ARG R 197 36.44 36.90 0.59
C ARG R 197 36.68 37.26 -0.87
N ASP R 198 35.99 36.54 -1.75
CA ASP R 198 36.10 36.69 -3.20
C ASP R 198 34.71 36.74 -3.82
N ASP R 199 33.85 37.59 -3.25
CA ASP R 199 32.45 37.70 -3.69
C ASP R 199 32.30 37.85 -5.20
N SER R 200 33.31 38.36 -5.89
CA SER R 200 33.26 38.41 -7.35
C SER R 200 33.21 37.01 -7.94
N LYS R 201 33.78 36.02 -7.26
CA LYS R 201 33.77 34.63 -7.70
C LYS R 201 32.96 33.73 -6.78
N SER R 202 32.34 34.28 -5.72
CA SER R 202 31.52 33.52 -4.79
C SER R 202 32.31 32.37 -4.15
N ILE R 203 33.52 32.68 -3.71
CA ILE R 203 34.39 31.72 -3.05
C ILE R 203 34.99 32.38 -1.83
N ALA R 204 35.00 31.66 -0.71
CA ALA R 204 35.59 32.14 0.53
C ALA R 204 36.89 31.41 0.81
N TYR R 205 37.91 32.17 1.23
CA TYR R 205 39.23 31.62 1.51
C TYR R 205 39.59 31.85 2.97
N LEU R 206 40.72 31.27 3.38
CA LEU R 206 41.19 31.41 4.75
C LEU R 206 42.70 31.15 4.76
N GLN R 207 43.48 32.17 5.06
CA GLN R 207 44.92 32.02 5.17
C GLN R 207 45.29 31.45 6.53
N MET R 208 46.26 30.54 6.55
CA MET R 208 46.67 29.83 7.75
C MET R 208 48.16 29.96 7.99
N ASN R 209 48.67 31.18 7.91
CA ASN R 209 50.07 31.43 8.19
C ASN R 209 50.36 31.23 9.67
N SER R 210 51.61 30.89 9.98
CA SER R 210 52.09 30.63 11.34
C SER R 210 51.26 29.53 12.00
N LEU R 211 51.32 28.34 11.40
CA LEU R 211 50.57 27.19 11.88
C LEU R 211 51.38 26.44 12.94
N LYS R 212 50.68 25.94 13.95
CA LYS R 212 51.29 25.19 15.05
C LYS R 212 50.74 23.76 15.07
N THR R 213 51.12 23.01 16.10
CA THR R 213 50.67 21.62 16.23
C THR R 213 49.27 21.52 16.82
N GLU R 214 48.79 22.55 17.52
CA GLU R 214 47.47 22.49 18.13
C GLU R 214 46.36 22.86 17.17
N ASP R 215 46.68 23.47 16.03
CA ASP R 215 45.67 23.89 15.05
C ASP R 215 45.51 22.82 13.97
N THR R 216 45.03 21.65 14.38
CA THR R 216 44.78 20.52 13.51
C THR R 216 43.33 20.08 13.60
N ALA R 217 42.41 21.03 13.60
CA ALA R 217 40.99 20.76 13.75
C ALA R 217 40.32 20.70 12.38
N VAL R 218 39.03 20.39 12.39
CA VAL R 218 38.22 20.29 11.19
C VAL R 218 37.42 21.58 11.05
N TYR R 219 37.75 22.38 10.05
CA TYR R 219 37.13 23.68 9.85
C TYR R 219 35.85 23.56 9.04
N TYR R 220 34.91 24.46 9.31
CA TYR R 220 33.63 24.52 8.61
C TYR R 220 33.28 25.98 8.34
N CYS R 221 32.73 26.25 7.16
CA CYS R 221 32.25 27.57 6.79
C CYS R 221 30.73 27.54 6.69
N THR R 222 30.08 28.45 7.40
CA THR R 222 28.63 28.54 7.45
C THR R 222 28.18 29.96 7.09
N ARG R 223 26.88 30.20 7.19
CA ARG R 223 26.33 31.51 6.89
C ARG R 223 26.12 32.31 8.18
N ASP R 224 25.60 33.52 8.03
CA ASP R 224 25.35 34.41 9.16
C ASP R 224 24.02 35.12 8.92
N ARG R 225 23.77 36.18 9.67
CA ARG R 225 22.52 36.92 9.54
C ARG R 225 22.39 37.54 8.16
N TYR R 226 21.14 37.74 7.73
CA TYR R 226 20.86 38.33 6.43
C TYR R 226 21.07 39.84 6.50
N ALA R 227 21.93 40.36 5.63
CA ALA R 227 22.18 41.80 5.61
C ALA R 227 20.96 42.58 5.14
N ARG R 228 20.09 41.94 4.34
CA ARG R 228 18.87 42.58 3.85
C ARG R 228 17.72 42.19 4.78
N TYR R 229 17.44 43.05 5.75
CA TYR R 229 16.39 42.80 6.72
C TYR R 229 15.01 43.22 6.24
N ASP R 230 14.85 43.49 4.94
CA ASP R 230 13.54 43.90 4.42
C ASP R 230 12.55 42.75 4.47
N ILE R 231 12.95 41.57 3.99
CA ILE R 231 12.06 40.41 3.99
C ILE R 231 11.87 39.87 5.40
N LEU R 232 12.79 40.14 6.32
CA LEU R 232 12.68 39.67 7.69
C LEU R 232 11.68 40.47 8.53
N THR R 233 11.00 41.46 7.94
CA THR R 233 10.03 42.25 8.67
C THR R 233 8.65 41.60 8.68
N GLY R 234 8.10 41.35 7.50
CA GLY R 234 6.80 40.69 7.43
C GLY R 234 6.85 39.21 7.76
N LEU R 235 8.00 38.58 7.52
CA LEU R 235 8.17 37.17 7.81
C LEU R 235 8.50 37.00 9.29
N SER R 236 7.70 36.18 9.98
CA SER R 236 7.92 35.96 11.41
C SER R 236 8.96 34.85 11.61
N PRO R 237 9.85 35.01 12.60
CA PRO R 237 10.88 33.98 12.84
C PRO R 237 10.31 32.73 13.49
N ALA R 238 9.27 32.15 12.90
CA ALA R 238 8.67 30.93 13.43
C ALA R 238 8.30 29.91 12.36
N GLY R 239 8.63 30.15 11.09
CA GLY R 239 8.30 29.23 10.03
C GLY R 239 9.52 28.73 9.26
N ALA R 240 9.27 28.00 8.18
CA ALA R 240 10.38 27.47 7.37
C ALA R 240 11.04 28.55 6.52
N ASP R 241 10.33 29.63 6.21
CA ASP R 241 10.92 30.69 5.38
C ASP R 241 12.06 31.39 6.11
N TYR R 242 11.88 31.67 7.40
CA TYR R 242 12.94 32.31 8.17
C TYR R 242 14.15 31.40 8.32
N PHE R 243 13.92 30.08 8.44
CA PHE R 243 15.02 29.14 8.54
C PHE R 243 15.70 28.90 7.19
N TYR R 244 15.00 29.16 6.08
CA TYR R 244 15.57 28.95 4.76
C TYR R 244 16.31 30.18 4.24
N TYR R 245 15.83 31.38 4.56
CA TYR R 245 16.44 32.60 4.05
C TYR R 245 17.58 33.09 4.94
N ALA R 246 17.29 33.36 6.21
CA ALA R 246 18.26 33.92 7.14
C ALA R 246 18.58 32.88 8.21
N MET R 247 19.59 32.06 7.93
CA MET R 247 20.05 31.03 8.87
C MET R 247 21.38 30.49 8.37
N ASP R 248 22.14 29.91 9.28
CA ASP R 248 23.42 29.33 8.94
C ASP R 248 23.24 27.91 8.41
N VAL R 249 24.10 27.55 7.46
CA VAL R 249 24.08 26.23 6.82
C VAL R 249 25.47 25.62 6.93
N TRP R 250 25.55 24.44 7.53
CA TRP R 250 26.83 23.77 7.69
C TRP R 250 27.21 23.01 6.41
N GLY R 251 28.51 22.84 6.22
CA GLY R 251 29.02 22.15 5.06
C GLY R 251 30.01 21.06 5.41
N GLN R 252 30.86 20.69 4.45
CA GLN R 252 31.86 19.66 4.68
C GLN R 252 33.06 20.24 5.44
N GLY R 253 33.96 19.36 5.84
CA GLY R 253 35.14 19.76 6.58
C GLY R 253 36.38 19.07 6.06
N THR R 254 37.50 19.79 6.11
CA THR R 254 38.78 19.26 5.65
C THR R 254 39.54 18.64 6.83
N THR R 255 40.72 18.11 6.53
CA THR R 255 41.57 17.47 7.52
C THR R 255 42.94 18.13 7.54
N VAL R 256 43.48 18.34 8.75
CA VAL R 256 44.78 18.95 8.94
C VAL R 256 45.65 17.95 9.70
N THR R 257 46.78 17.58 9.11
CA THR R 257 47.71 16.63 9.71
C THR R 257 49.03 17.31 10.02
N VAL R 258 49.58 17.04 11.20
CA VAL R 258 50.83 17.61 11.64
C VAL R 258 51.79 16.49 12.00
N SER R 259 53.08 16.76 11.88
CA SER R 259 54.12 15.78 12.19
C SER R 259 55.34 16.52 12.73
N SER R 260 56.47 15.81 12.81
CA SER R 260 57.70 16.40 13.31
C SER R 260 58.58 16.86 12.16
#